data_4XR7
#
_entry.id   4XR7
#
_cell.length_a   131.443
_cell.length_b   205.298
_cell.length_c   234.410
_cell.angle_alpha   90.00
_cell.angle_beta   94.10
_cell.angle_gamma   90.00
#
_symmetry.space_group_name_H-M   'P 1 21 1'
#
loop_
_entity.id
_entity.type
_entity.pdbx_description
1 polymer 'PAB-dependent poly(A)-specific ribonuclease subunit PAN2'
2 polymer 'PAB-dependent poly(A)-specific ribonuclease subunit PAN3'
#
loop_
_entity_poly.entity_id
_entity_poly.type
_entity_poly.pdbx_seq_one_letter_code
_entity_poly.pdbx_strand_id
1 'polypeptide(L)'
;MLAYPDYFNDITSDGPISVDDETYPLSSVGMPYYLDKLLSAWPPVVFKSEGTIPQLTGKSPLPSSGKLKSNLAVISSQNE
KLSTQEFPLLRYDRTKYGMRNAIPDYVCLRDIRKQITSGLETSDIQTYTSINKYEVPPAYSRLPLTSGRFGTDNFDFTPF
NNTEYSGLDPDVDNHYTNAIIQLYRFIPEMFNFVVGCLKDENFETTLLTDLGYLFDMMERSHGKICSSSNFQASLKSLTD
KRQLENGEPQEHLEEYLESLCIRESIEDFNSSESIKRNMPQKFNRFLLSQLIKEEAQTVNHNITLNQCFGLETEIRTECS
CDHYDTTVKLLPSLSISGINKTVIKQLNKKSNGQNILPYIEYAMKNVTQKNSICPTCGKTETITQECTVKNLPSVLSLEL
SLLDTEFSNIRSSKNWLTSEFYGSIIKNKAVLRSTASELKGTSHIFKYELNGYVAKITDNNNETRLVTYVKKYNPKENCF
KWLMFNDYLVVEITEEEALKMTYPWKTPEIIIYCDAEELRKPFFSVDTYSINYDILFRDYFANGIRDTARREYKLLTHDE
APKSGTLVAIDAEFVSLQSELCEIDHQGIRSIIRPKRTALARISIIRGEEGELYGVPFVDDYVVNTNHIEDYLTRYSGIL
PGDLDPEKSTKRLVRRNVVYRKVWLLMQLGCVFVGHGLNNDFKHININVPRNQIRDTAIYFLQGKRYLSLRYLAYVLLGM
NIQEGNHDSIEDAHTALILYKKYLHLKEKAIFEKVLNSVYEEGRAHNFKVPETSKG
;
G,D,J,A
2 'polypeptide(L)'
;MHSLLQYHLYAPEQPSSLKSLLKPNERSADQLFIPNNIREDLTKKNLSILQVFPSSGKVIPSIVQDYFNLVPLNFNNNDF
LNKTTLFKVFSNYDGKAYVLKRLPNIDKSMNPNKISKIYQIWSKINCTNLIKFRDIFQTTKFGDLSICLVFDYYPNSLSL
YDYHFVNFPKFPITNNYLWIYLVQLTNVINSIHSQNLSIGNTLNWRKVLITGDPGRIKLSHCNFMDLLFNDDTDTVVSSG
GSTIEGQQQLDYKYLGELLFNLSINIENSNNNTAPKEYRLEEITPQSIDDMRQIDDKFKDVLKYLISDNGDSKKSIHDLT
SHFYDKMFMVLESSQTYTEYMESVLSRELENGRLFRLVNKLNCIFGRIESRIDINWSESGTKFPIILFYDYVFHQVDSNG
KPIMDLTHVLRCLNKLDAGIQEKLMLVTPDELNCIIISYKELKDLIESTFRSITQHHHHHHHHHH
;
L,K,E,F,H,I,C,B
#
# COMPACT_ATOMS: atom_id res chain seq x y z
N MET A 1 -71.42 6.02 65.48
CA MET A 1 -70.30 5.22 64.99
C MET A 1 -69.38 6.02 64.08
N LEU A 2 -69.85 6.30 62.87
CA LEU A 2 -69.01 6.93 61.86
C LEU A 2 -68.75 8.37 62.21
N ALA A 3 -69.60 8.89 63.10
CA ALA A 3 -69.57 10.30 63.46
C ALA A 3 -68.24 10.68 64.09
N TYR A 4 -67.81 11.93 63.86
CA TYR A 4 -66.49 12.37 64.28
C TYR A 4 -66.34 12.40 65.79
N PRO A 5 -65.20 11.91 66.31
CA PRO A 5 -64.19 11.20 65.51
C PRO A 5 -64.50 9.71 65.31
N ASP A 6 -64.34 9.20 64.09
CA ASP A 6 -64.39 7.75 63.87
C ASP A 6 -63.06 7.15 64.28
N TYR A 7 -63.03 5.85 64.55
CA TYR A 7 -61.77 5.19 64.88
C TYR A 7 -60.99 4.87 63.62
N PHE A 8 -61.68 4.82 62.49
CA PHE A 8 -61.05 4.42 61.23
C PHE A 8 -60.04 5.47 60.74
N ASN A 9 -60.50 6.70 60.55
CA ASN A 9 -59.68 7.76 59.98
C ASN A 9 -59.22 8.83 60.96
N ASP A 10 -60.16 9.37 61.74
CA ASP A 10 -59.93 10.54 62.58
C ASP A 10 -59.02 10.31 63.79
N ILE A 11 -58.75 9.05 64.09
CA ILE A 11 -58.06 8.67 65.32
C ILE A 11 -56.73 9.42 65.52
N THR A 12 -56.09 9.84 64.43
CA THR A 12 -54.83 10.57 64.50
C THR A 12 -55.00 12.04 64.87
N SER A 13 -56.11 12.64 64.45
CA SER A 13 -56.34 14.08 64.58
C SER A 13 -56.92 14.43 65.96
N ASP A 14 -56.32 15.39 66.65
CA ASP A 14 -56.79 15.80 67.96
C ASP A 14 -57.98 16.74 67.93
N GLY A 15 -58.04 17.59 66.90
CA GLY A 15 -59.16 18.51 66.76
C GLY A 15 -59.32 18.86 65.31
N PRO A 16 -60.54 19.28 64.90
CA PRO A 16 -60.74 19.53 63.48
C PRO A 16 -60.10 20.81 62.98
N ILE A 17 -59.41 20.72 61.85
CA ILE A 17 -58.99 21.90 61.10
C ILE A 17 -60.13 22.30 60.18
N SER A 18 -60.43 23.59 60.15
CA SER A 18 -61.53 24.07 59.32
C SER A 18 -61.08 24.15 57.88
N VAL A 19 -62.02 23.95 56.96
CA VAL A 19 -61.71 23.93 55.53
C VAL A 19 -61.19 25.30 55.07
N ASP A 20 -61.50 26.34 55.83
CA ASP A 20 -61.17 27.70 55.43
C ASP A 20 -59.78 28.14 55.87
N ASP A 21 -58.99 27.21 56.41
CA ASP A 21 -57.66 27.53 56.91
C ASP A 21 -56.61 27.45 55.79
N GLU A 22 -55.97 28.57 55.51
CA GLU A 22 -54.95 28.64 54.45
C GLU A 22 -53.57 28.26 54.96
N THR A 23 -53.41 28.25 56.28
CA THR A 23 -52.14 27.90 56.91
C THR A 23 -51.89 26.41 56.80
N TYR A 24 -52.98 25.64 56.76
CA TYR A 24 -52.92 24.19 56.70
C TYR A 24 -52.91 23.72 55.24
N PRO A 25 -51.76 23.24 54.77
CA PRO A 25 -51.59 22.79 53.38
C PRO A 25 -52.24 21.44 53.12
N LEU A 26 -52.72 21.25 51.90
CA LEU A 26 -53.38 20.01 51.51
C LEU A 26 -52.40 18.85 51.45
N SER A 27 -51.12 19.16 51.34
CA SER A 27 -50.09 18.14 51.25
C SER A 27 -49.87 17.45 52.60
N SER A 28 -50.56 17.92 53.63
CA SER A 28 -50.31 17.50 55.01
C SER A 28 -50.46 16.00 55.27
N VAL A 29 -51.33 15.33 54.52
CA VAL A 29 -51.46 13.88 54.64
C VAL A 29 -51.14 13.19 53.32
N GLY A 30 -50.02 12.49 53.29
CA GLY A 30 -49.54 11.87 52.06
C GLY A 30 -50.34 10.63 51.69
N MET A 31 -50.44 10.36 50.39
CA MET A 31 -51.05 9.12 49.95
C MET A 31 -50.13 7.97 50.29
N PRO A 32 -50.70 6.80 50.63
CA PRO A 32 -49.88 5.62 50.87
C PRO A 32 -49.36 5.08 49.53
N TYR A 33 -48.63 3.97 49.56
CA TYR A 33 -48.08 3.39 48.35
C TYR A 33 -49.21 2.81 47.50
N TYR A 34 -49.17 3.07 46.21
CA TYR A 34 -50.20 2.57 45.30
C TYR A 34 -49.62 1.76 44.14
N LEU A 35 -50.17 0.58 43.91
CA LEU A 35 -49.70 -0.32 42.86
C LEU A 35 -50.55 -0.17 41.59
N ASP A 36 -51.59 0.66 41.66
CA ASP A 36 -52.54 0.78 40.57
C ASP A 36 -52.80 2.25 40.22
N LYS A 37 -53.38 2.49 39.05
CA LYS A 37 -53.67 3.84 38.59
C LYS A 37 -54.60 4.58 39.56
N LEU A 38 -54.36 5.87 39.73
CA LEU A 38 -55.20 6.69 40.60
C LEU A 38 -56.58 6.93 39.98
N LEU A 39 -57.55 7.17 40.85
CA LEU A 39 -58.88 7.53 40.39
C LEU A 39 -58.81 8.91 39.79
N SER A 40 -58.01 9.77 40.43
CA SER A 40 -57.86 11.16 40.02
C SER A 40 -57.28 11.30 38.61
N ALA A 41 -56.70 10.24 38.09
CA ALA A 41 -56.27 10.25 36.69
C ALA A 41 -57.47 10.53 35.82
N TRP A 42 -57.30 11.41 34.84
CA TRP A 42 -58.42 11.84 34.01
C TRP A 42 -58.34 11.30 32.60
N PRO A 43 -59.42 10.66 32.15
CA PRO A 43 -59.50 10.04 30.81
C PRO A 43 -59.31 11.07 29.70
N PRO A 44 -58.80 10.64 28.54
CA PRO A 44 -58.51 11.50 27.40
C PRO A 44 -59.74 12.12 26.75
N VAL A 45 -60.32 13.12 27.41
CA VAL A 45 -61.49 13.81 26.88
C VAL A 45 -61.10 15.21 26.40
N VAL A 46 -61.56 15.60 25.22
CA VAL A 46 -61.33 16.95 24.72
C VAL A 46 -62.30 17.92 25.39
N PHE A 47 -61.89 19.17 25.57
CA PHE A 47 -62.74 20.16 26.22
C PHE A 47 -63.10 21.30 25.28
N LYS A 48 -64.35 21.34 24.84
CA LYS A 48 -64.79 22.31 23.86
C LYS A 48 -65.55 23.50 24.45
N SER A 49 -65.72 23.50 25.77
CA SER A 49 -66.65 24.45 26.41
C SER A 49 -66.12 25.88 26.57
N GLU A 50 -64.82 26.03 26.83
CA GLU A 50 -64.27 27.35 27.12
C GLU A 50 -64.25 28.23 25.88
N GLY A 51 -64.39 29.53 26.10
CA GLY A 51 -64.44 30.51 25.02
C GLY A 51 -65.71 30.38 24.21
N THR A 52 -66.73 29.79 24.82
CA THR A 52 -68.04 29.75 24.21
C THR A 52 -68.67 31.14 24.29
N ILE A 53 -69.22 31.61 23.18
CA ILE A 53 -69.81 32.93 23.15
C ILE A 53 -71.23 32.87 23.70
N PRO A 54 -71.46 33.55 24.82
CA PRO A 54 -72.76 33.49 25.49
C PRO A 54 -73.89 33.96 24.58
N GLN A 55 -75.11 33.50 24.87
CA GLN A 55 -76.30 33.89 24.12
C GLN A 55 -76.13 33.61 22.63
N LEU A 56 -75.67 32.40 22.32
CA LEU A 56 -75.44 31.95 20.94
C LEU A 56 -74.35 32.78 20.26
N VAL A 74 -101.99 29.32 31.68
CA VAL A 74 -103.08 29.69 32.58
C VAL A 74 -102.83 29.19 33.99
N ILE A 75 -101.57 29.02 34.34
CA ILE A 75 -101.18 28.56 35.67
C ILE A 75 -99.92 29.29 36.13
N SER A 76 -99.69 29.33 37.43
CA SER A 76 -98.53 30.04 37.96
C SER A 76 -97.69 29.16 38.87
N SER A 77 -96.48 29.64 39.18
CA SER A 77 -95.55 28.96 40.07
C SER A 77 -95.22 27.51 39.67
N GLN A 78 -95.36 26.60 40.62
CA GLN A 78 -95.05 25.19 40.40
C GLN A 78 -96.06 24.22 41.02
N ASN A 79 -96.01 22.97 40.57
CA ASN A 79 -96.88 21.93 41.10
C ASN A 79 -96.35 21.34 42.42
N GLU A 80 -95.30 20.53 42.30
CA GLU A 80 -94.72 19.82 43.44
C GLU A 80 -93.50 20.54 44.01
N LYS A 81 -93.10 21.62 43.35
CA LYS A 81 -91.93 22.40 43.74
C LYS A 81 -92.31 23.52 44.70
N LEU A 82 -93.52 23.46 45.22
CA LEU A 82 -94.18 24.62 45.84
C LEU A 82 -93.54 25.10 47.13
N SER A 83 -92.49 24.44 47.60
CA SER A 83 -91.73 25.00 48.71
C SER A 83 -90.66 25.92 48.13
N THR A 84 -90.85 27.22 48.30
CA THR A 84 -89.99 28.23 47.69
C THR A 84 -89.61 29.35 48.64
N GLN A 85 -88.50 30.02 48.34
CA GLN A 85 -88.13 31.24 49.02
C GLN A 85 -88.77 32.41 48.31
N GLU A 86 -88.34 33.62 48.64
CA GLU A 86 -88.84 34.83 48.00
C GLU A 86 -88.43 34.94 46.53
N PHE A 87 -87.38 34.20 46.16
CA PHE A 87 -86.67 34.36 44.89
C PHE A 87 -87.34 34.01 43.55
N PRO A 88 -87.97 32.83 43.44
CA PRO A 88 -88.32 32.29 42.11
C PRO A 88 -89.31 33.04 41.22
N LEU A 89 -89.00 32.99 39.93
CA LEU A 89 -89.90 33.36 38.84
C LEU A 89 -89.86 32.14 37.95
N LEU A 90 -91.02 31.61 37.58
CA LEU A 90 -91.07 30.23 37.11
C LEU A 90 -91.23 29.88 35.63
N ARG A 91 -91.24 30.84 34.73
CA ARG A 91 -91.50 30.50 33.32
C ARG A 91 -90.28 29.86 32.68
N TYR A 92 -90.49 28.84 31.84
CA TYR A 92 -89.36 28.08 31.30
C TYR A 92 -89.65 27.22 30.05
N ASP A 93 -88.73 26.28 29.81
CA ASP A 93 -88.60 25.41 28.63
C ASP A 93 -88.21 26.17 27.37
N ARG A 94 -88.94 25.93 26.28
CA ARG A 94 -88.51 26.24 24.92
C ARG A 94 -87.92 27.63 24.71
N THR A 95 -88.54 28.64 25.32
CA THR A 95 -88.13 30.03 25.17
C THR A 95 -86.66 30.22 25.52
N LYS A 96 -86.26 29.70 26.68
CA LYS A 96 -84.91 29.86 27.16
C LYS A 96 -84.20 28.51 27.34
N TYR A 97 -83.07 28.37 26.66
CA TYR A 97 -82.22 27.18 26.74
C TYR A 97 -82.93 25.88 26.34
N GLY A 98 -82.90 24.91 27.26
CA GLY A 98 -83.38 23.57 26.99
C GLY A 98 -83.26 22.73 28.25
N MET A 99 -83.12 21.42 28.06
CA MET A 99 -82.94 20.49 29.17
C MET A 99 -81.99 21.06 30.22
N ARG A 100 -82.32 20.80 31.48
CA ARG A 100 -81.61 21.37 32.62
C ARG A 100 -80.09 21.24 32.63
N ASN A 101 -79.43 22.40 32.70
CA ASN A 101 -77.99 22.54 32.85
C ASN A 101 -77.13 22.05 31.69
N ALA A 102 -77.74 21.93 30.50
CA ALA A 102 -77.00 21.51 29.32
C ALA A 102 -75.93 22.52 28.95
N ILE A 103 -74.78 22.02 28.49
CA ILE A 103 -73.71 22.90 28.02
C ILE A 103 -73.99 23.36 26.60
N PRO A 104 -73.85 24.67 26.35
CA PRO A 104 -74.08 25.21 25.02
C PRO A 104 -72.97 24.79 24.06
N ASP A 105 -73.34 24.47 22.82
CA ASP A 105 -72.36 24.11 21.81
C ASP A 105 -71.46 25.31 21.53
N TYR A 106 -70.27 25.06 21.01
CA TYR A 106 -69.29 26.13 20.83
C TYR A 106 -69.07 26.45 19.36
N VAL A 107 -69.24 27.73 19.02
CA VAL A 107 -68.98 28.19 17.66
C VAL A 107 -67.96 29.33 17.66
N CYS A 108 -66.99 29.25 16.77
CA CYS A 108 -65.94 30.27 16.66
C CYS A 108 -66.21 31.18 15.47
N LEU A 109 -66.29 32.48 15.75
CA LEU A 109 -66.71 33.46 14.77
C LEU A 109 -65.77 33.52 13.55
N ARG A 110 -64.47 33.40 13.80
CA ARG A 110 -63.46 33.50 12.75
C ARG A 110 -63.72 32.46 11.68
N ASP A 111 -63.97 31.22 12.11
CA ASP A 111 -64.30 30.14 11.19
C ASP A 111 -65.68 30.36 10.58
N ILE A 112 -66.57 31.00 11.33
CA ILE A 112 -67.94 31.21 10.86
C ILE A 112 -68.06 32.16 9.67
N ARG A 113 -67.40 33.32 9.73
CA ARG A 113 -67.61 34.34 8.70
C ARG A 113 -66.71 34.25 7.46
N LYS A 114 -65.68 33.40 7.51
CA LYS A 114 -64.60 33.41 6.52
C LYS A 114 -64.82 32.67 5.19
N GLN A 115 -65.51 31.53 5.26
CA GLN A 115 -65.26 30.39 4.37
C GLN A 115 -65.37 30.49 2.84
N ILE A 116 -66.36 31.21 2.30
CA ILE A 116 -66.71 30.96 0.89
C ILE A 116 -66.49 32.09 -0.12
N THR A 117 -65.96 31.72 -1.29
CA THR A 117 -65.90 32.63 -2.43
C THR A 117 -66.76 31.97 -3.49
N SER A 118 -66.21 30.96 -4.15
CA SER A 118 -67.04 29.98 -4.83
C SER A 118 -67.03 28.73 -3.96
N GLY A 119 -66.24 28.80 -2.88
CA GLY A 119 -65.96 27.63 -2.06
C GLY A 119 -64.68 27.00 -2.57
N LEU A 120 -64.31 27.45 -3.78
CA LEU A 120 -63.13 27.07 -4.59
C LEU A 120 -63.63 25.96 -5.51
N GLU A 121 -64.86 25.56 -5.25
CA GLU A 121 -65.52 24.51 -5.99
C GLU A 121 -66.78 25.05 -6.69
N THR A 122 -67.00 24.63 -7.92
CA THR A 122 -68.20 24.98 -8.67
C THR A 122 -69.07 23.77 -8.95
N SER A 123 -68.46 22.73 -9.49
CA SER A 123 -69.21 21.57 -9.96
C SER A 123 -69.50 20.58 -8.83
N ASP A 124 -68.56 20.40 -7.91
CA ASP A 124 -68.76 19.37 -6.90
C ASP A 124 -69.65 19.81 -5.73
N ILE A 125 -70.15 21.04 -5.78
CA ILE A 125 -70.93 21.59 -4.66
C ILE A 125 -72.34 21.01 -4.56
N GLN A 126 -72.82 20.42 -5.65
CA GLN A 126 -74.19 19.92 -5.69
C GLN A 126 -74.30 18.49 -5.22
N THR A 127 -73.22 17.94 -4.67
CA THR A 127 -73.21 16.56 -4.21
C THR A 127 -73.76 16.51 -2.79
N TYR A 128 -74.89 15.84 -2.64
CA TYR A 128 -75.60 15.77 -1.36
C TYR A 128 -75.16 14.62 -0.47
N THR A 129 -74.39 13.68 -1.02
CA THR A 129 -73.95 12.52 -0.27
C THR A 129 -72.44 12.54 -0.01
N SER A 130 -72.04 12.16 1.20
CA SER A 130 -70.63 12.04 1.55
C SER A 130 -70.34 10.66 2.14
N ILE A 131 -69.18 10.11 1.82
CA ILE A 131 -68.82 8.76 2.22
C ILE A 131 -68.75 8.63 3.75
N ASN A 132 -68.26 9.66 4.42
CA ASN A 132 -68.23 9.65 5.88
C ASN A 132 -69.64 9.89 6.42
N LYS A 133 -70.01 9.10 7.42
CA LYS A 133 -71.32 9.26 8.05
C LYS A 133 -71.41 10.58 8.78
N TYR A 134 -70.37 10.93 9.52
CA TYR A 134 -70.37 12.13 10.35
C TYR A 134 -70.16 13.42 9.56
N GLU A 135 -69.44 13.33 8.45
CA GLU A 135 -69.10 14.51 7.64
C GLU A 135 -70.31 15.14 6.97
N VAL A 136 -70.36 16.48 7.01
CA VAL A 136 -71.45 17.22 6.40
C VAL A 136 -71.17 17.55 4.94
N PRO A 137 -72.01 17.05 4.03
CA PRO A 137 -71.86 17.20 2.58
C PRO A 137 -71.82 18.67 2.17
N PRO A 138 -71.20 18.98 1.02
CA PRO A 138 -71.01 20.35 0.54
C PRO A 138 -72.32 21.11 0.34
N ALA A 139 -73.34 20.42 -0.15
CA ALA A 139 -74.64 21.05 -0.41
C ALA A 139 -75.23 21.67 0.85
N TYR A 140 -75.05 21.02 1.99
CA TYR A 140 -75.61 21.52 3.24
C TYR A 140 -74.77 22.63 3.85
N SER A 141 -73.54 22.77 3.38
CA SER A 141 -72.63 23.78 3.93
C SER A 141 -73.15 25.18 3.66
N ARG A 142 -72.75 26.13 4.50
CA ARG A 142 -73.20 27.51 4.36
C ARG A 142 -72.76 28.10 3.02
N LEU A 143 -73.71 28.71 2.31
CA LEU A 143 -73.44 29.30 1.00
C LEU A 143 -72.96 30.72 1.20
N PRO A 144 -72.13 31.23 0.28
CA PRO A 144 -71.61 32.60 0.42
C PRO A 144 -72.71 33.66 0.36
N LEU A 145 -72.48 34.78 1.04
CA LEU A 145 -73.42 35.89 1.02
C LEU A 145 -73.45 36.55 -0.35
N THR A 146 -74.52 37.29 -0.63
CA THR A 146 -74.67 37.94 -1.93
C THR A 146 -75.61 39.14 -1.83
N ASP A 153 -72.13 44.76 -5.62
CA ASP A 153 -72.65 44.86 -6.98
C ASP A 153 -73.55 43.68 -7.31
N ASN A 154 -73.64 43.36 -8.59
CA ASN A 154 -74.44 42.23 -9.05
C ASN A 154 -73.55 41.04 -9.38
N PHE A 155 -73.96 39.86 -8.93
CA PHE A 155 -73.25 38.63 -9.21
C PHE A 155 -74.25 37.56 -9.64
N ASP A 156 -73.92 36.86 -10.73
CA ASP A 156 -74.81 35.85 -11.27
C ASP A 156 -74.34 34.45 -10.91
N PHE A 157 -75.05 33.83 -9.98
CA PHE A 157 -74.67 32.48 -9.56
C PHE A 157 -75.40 31.44 -10.41
N THR A 158 -74.73 31.01 -11.47
CA THR A 158 -75.25 29.95 -12.34
C THR A 158 -75.21 28.51 -11.80
N PRO A 159 -74.02 28.04 -11.35
CA PRO A 159 -73.83 26.60 -11.14
C PRO A 159 -74.63 25.96 -10.02
N PHE A 160 -75.17 26.76 -9.10
CA PHE A 160 -75.82 26.22 -7.92
C PHE A 160 -77.15 25.51 -8.20
N ASN A 161 -77.89 25.96 -9.20
CA ASN A 161 -79.19 25.35 -9.46
C ASN A 161 -79.39 25.00 -10.93
N ASN A 162 -79.53 23.70 -11.20
CA ASN A 162 -79.86 23.21 -12.54
C ASN A 162 -81.34 22.91 -12.76
N THR A 163 -82.13 23.01 -11.69
CA THR A 163 -83.55 22.70 -11.79
C THR A 163 -84.34 23.86 -12.37
N GLU A 164 -85.63 23.64 -12.57
CA GLU A 164 -86.51 24.66 -13.12
C GLU A 164 -87.23 25.41 -11.99
N TYR A 165 -86.99 25.02 -10.75
CA TYR A 165 -87.69 25.61 -9.62
C TYR A 165 -86.76 26.58 -8.89
N SER A 166 -87.26 27.78 -8.63
CA SER A 166 -86.45 28.87 -8.10
C SER A 166 -86.01 28.68 -6.66
N GLY A 167 -84.83 29.22 -6.33
CA GLY A 167 -84.35 29.25 -4.96
C GLY A 167 -84.51 30.64 -4.38
N LEU A 168 -84.29 30.79 -3.07
CA LEU A 168 -84.47 32.07 -2.40
C LEU A 168 -83.16 32.70 -1.94
N ASP A 169 -83.13 34.03 -1.94
CA ASP A 169 -81.95 34.77 -1.49
C ASP A 169 -81.81 34.72 0.03
N PRO A 170 -80.59 34.44 0.51
CA PRO A 170 -80.27 34.32 1.95
C PRO A 170 -80.29 35.65 2.69
N ASP A 171 -80.28 36.77 1.98
CA ASP A 171 -80.22 38.05 2.65
C ASP A 171 -81.61 38.68 2.77
N VAL A 172 -82.14 38.60 3.99
CA VAL A 172 -83.39 39.23 4.42
C VAL A 172 -83.18 39.46 5.90
N ASP A 173 -84.19 39.99 6.61
CA ASP A 173 -84.00 40.28 8.02
C ASP A 173 -83.73 39.01 8.83
N ASN A 174 -84.55 37.98 8.64
CA ASN A 174 -84.23 36.65 9.15
C ASN A 174 -84.50 35.59 8.07
N HIS A 175 -83.45 34.95 7.60
CA HIS A 175 -83.57 34.11 6.40
C HIS A 175 -84.19 32.73 6.62
N TYR A 176 -84.12 32.19 7.84
CA TYR A 176 -84.53 30.81 8.09
C TYR A 176 -85.96 30.55 7.60
N THR A 177 -86.79 31.60 7.67
CA THR A 177 -88.19 31.53 7.26
C THR A 177 -88.34 30.96 5.86
N ASN A 178 -87.39 31.30 4.98
CA ASN A 178 -87.39 30.83 3.60
C ASN A 178 -87.62 29.34 3.55
N ALA A 179 -86.86 28.61 4.38
CA ALA A 179 -86.92 27.16 4.42
C ALA A 179 -88.37 26.72 4.57
N ILE A 180 -89.06 27.31 5.54
CA ILE A 180 -90.45 27.01 5.77
C ILE A 180 -91.32 27.36 4.57
N ILE A 181 -91.17 28.58 4.06
CA ILE A 181 -92.07 29.06 3.00
C ILE A 181 -92.01 28.13 1.79
N GLN A 182 -90.81 27.77 1.35
CA GLN A 182 -90.64 26.93 0.17
C GLN A 182 -91.44 25.66 0.33
N LEU A 183 -91.42 25.12 1.55
CA LEU A 183 -92.14 23.89 1.86
C LEU A 183 -93.61 24.12 1.52
N TYR A 184 -94.19 25.15 2.12
CA TYR A 184 -95.61 25.41 1.96
C TYR A 184 -95.94 25.67 0.50
N ARG A 185 -94.95 26.13 -0.26
CA ARG A 185 -95.16 26.44 -1.67
C ARG A 185 -95.63 25.20 -2.45
N PHE A 186 -95.13 24.03 -2.07
CA PHE A 186 -95.44 22.82 -2.82
C PHE A 186 -96.71 22.10 -2.38
N ILE A 187 -97.33 22.60 -1.32
CA ILE A 187 -98.64 22.09 -0.95
C ILE A 187 -99.66 22.66 -1.93
N PRO A 188 -100.24 21.80 -2.78
CA PRO A 188 -101.09 22.22 -3.89
C PRO A 188 -102.26 23.11 -3.45
N GLU A 189 -102.94 22.68 -2.39
CA GLU A 189 -104.07 23.43 -1.85
C GLU A 189 -103.63 24.83 -1.44
N MET A 190 -102.58 24.87 -0.62
CA MET A 190 -102.03 26.12 -0.11
C MET A 190 -101.64 27.08 -1.22
N PHE A 191 -100.77 26.61 -2.11
CA PHE A 191 -100.27 27.42 -3.20
C PHE A 191 -101.42 27.94 -4.05
N ASN A 192 -102.20 27.01 -4.60
CA ASN A 192 -103.29 27.38 -5.49
C ASN A 192 -104.28 28.34 -4.84
N PHE A 193 -104.55 28.15 -3.55
CA PHE A 193 -105.44 29.05 -2.83
C PHE A 193 -104.84 30.45 -2.73
N VAL A 194 -103.63 30.55 -2.19
CA VAL A 194 -103.03 31.85 -1.90
C VAL A 194 -102.82 32.64 -3.19
N VAL A 195 -102.30 31.97 -4.21
CA VAL A 195 -102.15 32.57 -5.54
C VAL A 195 -103.53 32.94 -6.09
N GLY A 196 -104.53 32.14 -5.72
CA GLY A 196 -105.90 32.40 -6.11
C GLY A 196 -106.41 33.71 -5.55
N CYS A 197 -106.07 33.99 -4.30
CA CYS A 197 -106.56 35.17 -3.61
C CYS A 197 -105.99 36.46 -4.18
N LEU A 198 -105.01 36.33 -5.07
CA LEU A 198 -104.48 37.49 -5.78
C LEU A 198 -105.52 38.07 -6.73
N LYS A 199 -106.47 37.24 -7.16
CA LYS A 199 -107.50 37.67 -8.09
C LYS A 199 -108.27 38.88 -7.58
N ASP A 200 -108.57 38.90 -6.29
CA ASP A 200 -109.27 40.04 -5.70
C ASP A 200 -108.29 40.99 -5.01
N GLU A 201 -108.79 42.13 -4.55
CA GLU A 201 -107.95 43.13 -3.90
C GLU A 201 -107.29 42.62 -2.61
N ASN A 202 -108.11 42.45 -1.58
CA ASN A 202 -107.67 41.93 -0.28
C ASN A 202 -106.49 42.68 0.31
N PHE A 203 -106.47 44.00 0.15
CA PHE A 203 -105.34 44.83 0.58
C PHE A 203 -105.17 44.86 2.10
N GLU A 204 -106.25 44.61 2.82
CA GLU A 204 -106.21 44.68 4.28
C GLU A 204 -105.35 43.56 4.86
N THR A 205 -105.26 42.44 4.15
CA THR A 205 -104.48 41.31 4.62
C THR A 205 -103.07 41.37 4.06
N THR A 206 -102.12 41.70 4.92
CA THR A 206 -100.74 41.90 4.52
C THR A 206 -100.04 40.58 4.16
N LEU A 207 -100.04 39.66 5.12
CA LEU A 207 -99.28 38.42 5.00
C LEU A 207 -99.76 37.55 3.84
N LEU A 208 -101.07 37.31 3.79
CA LEU A 208 -101.65 36.44 2.77
C LEU A 208 -101.33 36.96 1.38
N THR A 209 -101.53 38.26 1.18
CA THR A 209 -101.28 38.87 -0.12
C THR A 209 -99.81 38.81 -0.48
N ASP A 210 -98.95 39.33 0.40
CA ASP A 210 -97.52 39.39 0.12
C ASP A 210 -96.97 38.00 -0.17
N LEU A 211 -97.41 37.02 0.62
CA LEU A 211 -97.07 35.62 0.39
C LEU A 211 -97.56 35.17 -0.97
N GLY A 212 -98.72 35.67 -1.38
CA GLY A 212 -99.25 35.38 -2.70
C GLY A 212 -98.35 35.86 -3.82
N TYR A 213 -97.87 37.10 -3.68
CA TYR A 213 -96.97 37.69 -4.66
C TYR A 213 -95.65 36.91 -4.71
N LEU A 214 -95.16 36.53 -3.53
CA LEU A 214 -93.91 35.78 -3.40
C LEU A 214 -94.06 34.45 -4.16
N PHE A 215 -95.21 33.83 -3.91
CA PHE A 215 -95.59 32.59 -4.58
C PHE A 215 -95.58 32.80 -6.07
N ASP A 216 -96.13 33.93 -6.51
CA ASP A 216 -96.16 34.26 -7.92
C ASP A 216 -94.73 34.39 -8.46
N MET A 217 -93.81 34.90 -7.64
CA MET A 217 -92.42 35.02 -8.07
C MET A 217 -91.82 33.64 -8.30
N MET A 218 -91.88 32.80 -7.26
CA MET A 218 -91.26 31.47 -7.34
C MET A 218 -91.88 30.60 -8.43
N GLU A 219 -93.19 30.76 -8.63
CA GLU A 219 -93.90 30.05 -9.68
C GLU A 219 -93.57 30.54 -11.08
N ARG A 220 -93.63 31.86 -11.26
CA ARG A 220 -93.52 32.47 -12.58
C ARG A 220 -92.18 32.20 -13.22
N SER A 221 -91.13 32.38 -12.44
CA SER A 221 -89.82 32.20 -12.99
C SER A 221 -89.37 30.76 -12.89
N HIS A 222 -89.39 30.08 -14.03
CA HIS A 222 -88.95 28.70 -14.04
C HIS A 222 -87.50 29.07 -14.25
N GLY A 223 -86.69 29.03 -13.19
CA GLY A 223 -85.45 29.74 -13.34
C GLY A 223 -84.92 30.38 -12.08
N LYS A 224 -84.34 31.56 -12.28
CA LYS A 224 -83.53 32.29 -11.32
C LYS A 224 -84.31 32.71 -10.07
N ILE A 225 -83.56 33.07 -9.04
CA ILE A 225 -84.03 33.28 -7.68
C ILE A 225 -84.99 34.44 -7.43
N CYS A 226 -85.70 34.33 -6.31
CA CYS A 226 -86.66 35.32 -5.86
C CYS A 226 -86.40 35.60 -4.38
N SER A 227 -86.72 36.82 -3.94
CA SER A 227 -86.47 37.22 -2.57
C SER A 227 -87.75 37.37 -1.75
N SER A 228 -87.65 37.11 -0.45
CA SER A 228 -88.79 37.17 0.46
C SER A 228 -88.92 38.52 1.14
N SER A 229 -88.10 39.47 0.73
CA SER A 229 -87.92 40.74 1.43
C SER A 229 -89.22 41.46 1.82
N ASN A 230 -90.13 41.64 0.86
CA ASN A 230 -91.39 42.33 1.15
C ASN A 230 -92.21 41.59 2.21
N PHE A 231 -92.23 40.27 2.11
CA PHE A 231 -92.91 39.42 3.09
C PHE A 231 -92.35 39.69 4.48
N GLN A 232 -91.04 39.54 4.62
CA GLN A 232 -90.35 39.74 5.90
C GLN A 232 -90.63 41.13 6.47
N ALA A 233 -90.58 42.13 5.61
CA ALA A 233 -90.85 43.52 6.00
C ALA A 233 -92.26 43.67 6.54
N SER A 234 -93.22 43.13 5.82
CA SER A 234 -94.63 43.21 6.22
C SER A 234 -94.84 42.54 7.57
N LEU A 235 -94.22 41.37 7.73
CA LEU A 235 -94.32 40.63 8.97
C LEU A 235 -93.75 41.43 10.13
N LYS A 236 -92.58 42.01 9.90
CA LYS A 236 -91.93 42.82 10.93
C LYS A 236 -92.78 44.02 11.30
N SER A 237 -93.46 44.58 10.30
CA SER A 237 -94.36 45.70 10.53
C SER A 237 -95.58 45.29 11.34
N LEU A 238 -96.04 44.06 11.11
CA LEU A 238 -97.24 43.56 11.77
C LEU A 238 -97.04 43.36 13.27
N THR A 239 -95.85 42.93 13.65
CA THR A 239 -95.56 42.61 15.05
C THR A 239 -95.41 43.84 15.92
N ASP A 240 -95.41 45.01 15.30
CA ASP A 240 -95.23 46.27 16.00
C ASP A 240 -96.31 46.49 17.07
N LEU A 257 -104.31 36.10 20.14
CA LEU A 257 -103.70 35.13 21.04
C LEU A 257 -102.39 34.59 20.47
N GLU A 258 -102.35 34.42 19.16
CA GLU A 258 -101.14 33.92 18.50
C GLU A 258 -100.06 35.00 18.45
N SER A 259 -100.49 36.24 18.28
CA SER A 259 -99.57 37.37 18.26
C SER A 259 -98.89 37.49 19.61
N LEU A 260 -99.65 37.23 20.67
CA LEU A 260 -99.11 37.23 22.01
C LEU A 260 -98.07 36.12 22.17
N CYS A 261 -98.30 35.00 21.53
CA CYS A 261 -97.38 33.86 21.61
C CYS A 261 -96.06 34.16 20.91
N ILE A 262 -96.12 34.56 19.65
CA ILE A 262 -94.90 34.86 18.90
C ILE A 262 -94.16 36.06 19.52
N ARG A 263 -94.91 37.01 20.06
CA ARG A 263 -94.31 38.15 20.75
C ARG A 263 -93.62 37.68 22.02
N GLU A 264 -94.22 36.70 22.69
CA GLU A 264 -93.65 36.12 23.90
C GLU A 264 -92.32 35.43 23.60
N SER A 265 -92.29 34.67 22.51
CA SER A 265 -91.07 34.00 22.10
C SER A 265 -90.00 35.01 21.69
N ILE A 266 -90.45 36.14 21.16
CA ILE A 266 -89.54 37.19 20.73
C ILE A 266 -88.81 37.81 21.92
N GLU A 267 -87.64 38.37 21.66
CA GLU A 267 -86.82 38.98 22.71
C GLU A 267 -87.54 40.17 23.33
N SER A 271 -75.73 36.34 17.57
CA SER A 271 -75.76 37.02 16.28
C SER A 271 -77.19 37.39 15.90
N SER A 272 -77.32 38.25 14.89
CA SER A 272 -78.63 38.67 14.40
C SER A 272 -79.42 37.49 13.84
N GLU A 273 -78.79 36.74 12.95
CA GLU A 273 -79.39 35.60 12.27
C GLU A 273 -79.39 34.30 13.08
N SER A 274 -78.44 34.19 14.01
CA SER A 274 -78.13 32.95 14.71
C SER A 274 -79.29 32.13 15.30
N ILE A 275 -80.26 32.76 15.94
CA ILE A 275 -81.09 31.98 16.84
C ILE A 275 -82.31 31.37 16.16
N LYS A 276 -82.17 30.07 15.93
CA LYS A 276 -83.22 29.15 15.53
C LYS A 276 -83.71 28.39 16.76
N ARG A 277 -83.22 28.80 17.94
CA ARG A 277 -83.33 28.02 19.18
C ARG A 277 -84.60 27.19 19.29
N ASN A 278 -85.74 27.77 19.70
CA ASN A 278 -87.01 27.16 19.32
C ASN A 278 -87.87 27.88 18.27
N MET A 279 -87.38 28.94 17.65
CA MET A 279 -88.26 29.83 16.87
C MET A 279 -89.05 29.25 15.68
N PRO A 280 -88.43 28.46 14.79
CA PRO A 280 -89.17 28.05 13.58
C PRO A 280 -90.49 27.33 13.83
N GLN A 281 -90.56 26.48 14.86
CA GLN A 281 -91.81 25.80 15.21
C GLN A 281 -92.93 26.82 15.47
N LYS A 282 -92.59 27.77 16.34
CA LYS A 282 -93.49 28.84 16.74
C LYS A 282 -93.93 29.61 15.52
N PHE A 283 -92.98 29.91 14.65
CA PHE A 283 -93.28 30.64 13.44
C PHE A 283 -94.29 29.88 12.60
N ASN A 284 -94.12 28.55 12.53
CA ASN A 284 -95.07 27.73 11.79
C ASN A 284 -96.47 27.99 12.33
N ARG A 285 -96.61 27.83 13.64
CA ARG A 285 -97.93 28.05 14.25
C ARG A 285 -98.47 29.45 13.93
N PHE A 286 -97.66 30.47 14.17
CA PHE A 286 -98.06 31.85 13.96
C PHE A 286 -98.50 32.11 12.53
N LEU A 287 -97.70 31.68 11.57
CA LEU A 287 -98.01 31.89 10.15
C LEU A 287 -99.33 31.24 9.82
N LEU A 288 -99.44 29.94 10.12
CA LEU A 288 -100.65 29.21 9.75
C LEU A 288 -101.88 29.89 10.35
N SER A 289 -101.86 30.05 11.67
CA SER A 289 -102.99 30.62 12.39
C SER A 289 -103.34 32.02 11.89
N GLN A 290 -102.34 32.86 11.72
CA GLN A 290 -102.52 34.22 11.24
C GLN A 290 -103.18 34.22 9.87
N LEU A 291 -102.71 33.33 9.00
CA LEU A 291 -103.27 33.22 7.66
C LEU A 291 -104.73 32.83 7.71
N ILE A 292 -105.07 31.93 8.64
CA ILE A 292 -106.48 31.58 8.81
C ILE A 292 -107.27 32.81 9.25
N LYS A 293 -106.72 33.53 10.22
CA LYS A 293 -107.35 34.77 10.68
C LYS A 293 -107.56 35.79 9.58
N GLU A 294 -106.62 35.87 8.65
CA GLU A 294 -106.66 36.83 7.54
C GLU A 294 -107.58 36.40 6.41
N GLU A 295 -107.69 35.10 6.18
CA GLU A 295 -108.52 34.59 5.10
C GLU A 295 -110.00 34.84 5.40
N ALA A 296 -110.30 35.13 6.67
CA ALA A 296 -111.62 35.58 7.06
C ALA A 296 -111.91 36.94 6.44
N GLN A 297 -110.91 37.82 6.45
CA GLN A 297 -111.07 39.21 6.03
C GLN A 297 -111.26 39.38 4.52
N THR A 298 -110.97 38.34 3.74
CA THR A 298 -111.12 38.44 2.29
C THR A 298 -112.60 38.60 1.93
N VAL A 299 -112.87 39.11 0.73
CA VAL A 299 -114.24 39.41 0.32
C VAL A 299 -115.17 38.19 0.38
N ASN A 300 -114.72 37.08 -0.16
CA ASN A 300 -115.55 35.87 -0.21
C ASN A 300 -115.62 35.13 1.11
N HIS A 301 -114.68 35.42 2.01
CA HIS A 301 -114.59 34.73 3.29
C HIS A 301 -114.43 33.23 3.06
N ASN A 302 -113.56 32.88 2.12
CA ASN A 302 -113.45 31.52 1.60
C ASN A 302 -113.16 30.46 2.66
N ILE A 303 -112.34 30.83 3.64
CA ILE A 303 -111.93 29.98 4.78
C ILE A 303 -111.53 28.55 4.38
N THR A 304 -110.92 28.41 3.21
CA THR A 304 -110.51 27.11 2.71
C THR A 304 -109.42 26.52 3.59
N LEU A 305 -108.51 27.38 4.06
CA LEU A 305 -107.45 26.95 4.98
C LEU A 305 -108.05 26.36 6.25
N ASN A 306 -109.13 26.97 6.72
CA ASN A 306 -109.82 26.51 7.92
C ASN A 306 -110.26 25.04 7.77
N GLN A 307 -110.66 24.67 6.57
CA GLN A 307 -111.01 23.29 6.26
C GLN A 307 -109.79 22.40 6.08
N CYS A 308 -108.79 22.92 5.36
CA CYS A 308 -107.65 22.12 4.93
C CYS A 308 -106.66 21.81 6.05
N PHE A 309 -106.27 22.83 6.82
CA PHE A 309 -105.33 22.64 7.92
C PHE A 309 -106.05 22.47 9.24
N GLY A 310 -107.36 22.61 9.20
CA GLY A 310 -108.17 22.64 10.41
C GLY A 310 -108.22 21.34 11.17
N LEU A 311 -108.01 21.42 12.47
CA LEU A 311 -108.18 20.29 13.37
C LEU A 311 -109.13 20.64 14.51
N GLU A 312 -110.23 19.92 14.62
CA GLU A 312 -111.15 20.18 15.72
C GLU A 312 -110.52 19.54 16.95
N THR A 313 -110.19 20.37 17.93
CA THR A 313 -109.53 19.90 19.13
C THR A 313 -110.49 19.98 20.30
N GLU A 314 -110.79 18.81 20.88
CA GLU A 314 -111.72 18.73 21.99
C GLU A 314 -110.99 18.52 23.31
N ILE A 315 -111.03 19.52 24.17
CA ILE A 315 -110.34 19.45 25.45
C ILE A 315 -111.34 19.42 26.60
N ARG A 316 -111.23 18.37 27.41
CA ARG A 316 -112.10 18.20 28.57
C ARG A 316 -111.31 18.29 29.87
N THR A 317 -111.74 19.15 30.78
CA THR A 317 -111.04 19.29 32.05
C THR A 317 -111.83 18.61 33.15
N GLU A 318 -111.16 17.80 33.96
CA GLU A 318 -111.85 17.16 35.07
C GLU A 318 -111.21 17.51 36.41
N CYS A 319 -112.01 18.14 37.24
CA CYS A 319 -111.59 18.70 38.52
C CYS A 319 -112.83 19.30 39.17
N SER A 320 -112.66 19.87 40.35
CA SER A 320 -113.78 20.59 40.96
C SER A 320 -113.42 22.07 40.96
N CYS A 321 -114.35 22.90 41.43
CA CYS A 321 -114.22 24.36 41.51
C CYS A 321 -114.14 25.01 40.12
N ASP A 322 -113.92 24.20 39.10
CA ASP A 322 -114.08 24.61 37.71
C ASP A 322 -115.48 24.26 37.25
N HIS A 323 -116.25 23.68 38.17
CA HIS A 323 -117.50 23.01 37.83
C HIS A 323 -117.12 21.91 36.85
N TYR A 324 -117.62 22.00 35.62
CA TYR A 324 -117.11 21.19 34.54
C TYR A 324 -116.80 22.08 33.34
N ASP A 325 -115.73 21.79 32.61
CA ASP A 325 -115.43 22.59 31.44
C ASP A 325 -114.95 21.74 30.27
N THR A 326 -115.59 21.97 29.13
CA THR A 326 -115.25 21.31 27.88
C THR A 326 -115.20 22.34 26.77
N THR A 327 -114.12 22.33 25.99
CA THR A 327 -113.98 23.30 24.93
C THR A 327 -113.60 22.61 23.62
N VAL A 328 -113.96 23.23 22.50
CA VAL A 328 -113.53 22.73 21.20
C VAL A 328 -113.00 23.88 20.36
N LYS A 329 -111.78 23.74 19.87
CA LYS A 329 -111.15 24.80 19.10
C LYS A 329 -110.42 24.27 17.88
N LEU A 330 -110.48 25.01 16.78
CA LEU A 330 -109.82 24.60 15.56
C LEU A 330 -108.36 25.04 15.59
N LEU A 331 -107.45 24.09 15.42
CA LEU A 331 -106.03 24.38 15.44
C LEU A 331 -105.40 23.95 14.12
N PRO A 332 -104.47 24.78 13.61
CA PRO A 332 -103.78 24.56 12.35
C PRO A 332 -102.75 23.42 12.38
N SER A 333 -102.04 23.28 13.49
CA SER A 333 -100.95 22.33 13.59
C SER A 333 -100.91 21.64 14.95
N LEU A 334 -100.32 20.45 14.99
CA LEU A 334 -100.20 19.73 16.25
C LEU A 334 -98.73 19.64 16.64
N SER A 335 -98.44 19.89 17.91
CA SER A 335 -97.09 19.83 18.42
C SER A 335 -96.84 18.46 19.04
N ILE A 336 -95.75 17.82 18.66
CA ILE A 336 -95.52 16.47 19.11
C ILE A 336 -94.52 16.37 20.25
N SER A 337 -94.91 15.67 21.30
CA SER A 337 -94.04 15.30 22.40
C SER A 337 -94.40 13.87 22.73
N GLY A 338 -93.78 13.29 23.75
CA GLY A 338 -94.17 11.94 24.13
C GLY A 338 -93.30 11.11 25.05
N ILE A 339 -93.88 9.99 25.45
CA ILE A 339 -93.20 8.92 26.17
C ILE A 339 -93.64 7.63 25.48
N ASN A 340 -92.81 6.59 25.55
CA ASN A 340 -93.21 5.34 24.94
C ASN A 340 -94.08 4.55 25.91
N LYS A 341 -95.34 4.39 25.55
CA LYS A 341 -96.35 3.80 26.42
C LYS A 341 -97.70 3.78 25.71
N GLY A 353 -90.02 4.01 19.58
CA GLY A 353 -90.93 2.97 19.13
C GLY A 353 -90.59 2.49 17.72
N GLN A 354 -91.48 1.70 17.13
CA GLN A 354 -91.25 1.11 15.82
C GLN A 354 -90.96 2.17 14.76
N ASN A 355 -91.70 3.28 14.83
CA ASN A 355 -91.60 4.37 13.87
C ASN A 355 -92.37 5.60 14.36
N ILE A 356 -92.49 6.60 13.51
CA ILE A 356 -93.08 7.88 13.89
C ILE A 356 -94.58 7.85 14.25
N LEU A 357 -95.36 6.98 13.60
CA LEU A 357 -96.82 7.01 13.71
C LEU A 357 -97.41 7.08 15.13
N PRO A 358 -96.93 6.25 16.08
CA PRO A 358 -97.48 6.35 17.43
C PRO A 358 -97.42 7.76 18.03
N TYR A 359 -96.33 8.47 17.76
CA TYR A 359 -96.20 9.86 18.20
C TYR A 359 -97.38 10.69 17.70
N ILE A 360 -97.69 10.57 16.42
CA ILE A 360 -98.81 11.27 15.80
C ILE A 360 -100.12 10.90 16.48
N GLU A 361 -100.33 9.60 16.65
CA GLU A 361 -101.55 9.08 17.27
C GLU A 361 -101.73 9.70 18.65
N TYR A 362 -100.68 9.68 19.46
CA TYR A 362 -100.72 10.28 20.79
C TYR A 362 -100.99 11.77 20.73
N ALA A 363 -100.43 12.43 19.73
CA ALA A 363 -100.64 13.85 19.55
C ALA A 363 -102.12 14.13 19.30
N MET A 364 -102.75 13.24 18.55
CA MET A 364 -104.14 13.42 18.19
C MET A 364 -105.09 13.09 19.34
N LYS A 365 -104.73 12.10 20.15
CA LYS A 365 -105.49 11.79 21.36
C LYS A 365 -104.57 11.59 22.55
N ASN A 366 -104.64 12.49 23.52
CA ASN A 366 -103.81 12.37 24.72
C ASN A 366 -104.44 12.98 25.96
N VAL A 367 -104.15 12.38 27.12
CA VAL A 367 -104.57 12.96 28.39
C VAL A 367 -103.35 13.32 29.23
N THR A 368 -103.27 14.59 29.61
CA THR A 368 -102.14 15.06 30.41
C THR A 368 -102.61 15.79 31.67
N GLN A 369 -101.77 15.79 32.69
CA GLN A 369 -102.10 16.43 33.97
C GLN A 369 -101.17 17.60 34.29
N LYS A 370 -101.75 18.79 34.35
CA LYS A 370 -100.99 19.99 34.64
C LYS A 370 -101.60 20.66 35.86
N ASN A 371 -100.79 21.28 36.72
CA ASN A 371 -101.35 21.97 37.87
C ASN A 371 -101.84 23.37 37.51
N SER A 372 -103.14 23.58 37.64
CA SER A 372 -103.75 24.85 37.28
C SER A 372 -104.60 25.52 38.37
N ILE A 373 -104.62 26.85 38.30
CA ILE A 373 -105.58 27.67 39.03
C ILE A 373 -106.72 28.08 38.09
N CYS A 374 -107.96 27.74 38.46
CA CYS A 374 -109.11 28.05 37.62
C CYS A 374 -109.74 29.39 37.99
N PRO A 375 -110.13 30.18 36.97
CA PRO A 375 -110.88 31.41 37.18
C PRO A 375 -112.28 31.19 37.74
N THR A 376 -112.86 30.02 37.50
CA THR A 376 -114.19 29.70 38.03
C THR A 376 -114.14 29.86 39.54
N CYS A 377 -113.56 28.88 40.23
CA CYS A 377 -113.28 29.04 41.66
C CYS A 377 -111.77 28.99 41.83
N GLY A 378 -111.24 29.85 42.68
CA GLY A 378 -109.81 30.05 42.81
C GLY A 378 -108.94 28.92 43.33
N LYS A 379 -109.54 27.76 43.64
CA LYS A 379 -108.77 26.63 44.11
C LYS A 379 -107.70 26.25 43.09
N THR A 380 -106.44 26.25 43.54
CA THR A 380 -105.33 25.91 42.67
C THR A 380 -104.89 24.49 42.96
N GLU A 381 -104.95 23.63 41.95
CA GLU A 381 -104.62 22.22 42.14
C GLU A 381 -104.21 21.54 40.86
N THR A 382 -103.59 20.37 40.99
CA THR A 382 -103.27 19.57 39.82
C THR A 382 -104.57 19.18 39.15
N ILE A 383 -104.68 19.49 37.85
CA ILE A 383 -105.89 19.19 37.11
C ILE A 383 -105.56 18.28 35.94
N THR A 384 -106.54 17.49 35.53
CA THR A 384 -106.35 16.57 34.43
C THR A 384 -107.16 16.99 33.22
N GLN A 385 -106.48 17.13 32.08
CA GLN A 385 -107.13 17.50 30.84
C GLN A 385 -106.96 16.37 29.81
N GLU A 386 -108.04 16.08 29.10
CA GLU A 386 -107.99 15.07 28.07
C GLU A 386 -108.43 15.67 26.75
N CYS A 387 -107.54 15.62 25.76
CA CYS A 387 -107.85 16.22 24.47
C CYS A 387 -107.75 15.21 23.33
N THR A 388 -108.79 15.22 22.50
CA THR A 388 -108.84 14.36 21.33
C THR A 388 -109.31 15.15 20.11
N VAL A 389 -108.80 14.80 18.92
CA VAL A 389 -109.20 15.50 17.71
C VAL A 389 -110.18 14.67 16.90
N LYS A 390 -111.23 15.32 16.43
CA LYS A 390 -112.33 14.64 15.74
C LYS A 390 -112.00 14.29 14.29
N ASN A 391 -111.30 15.18 13.60
CA ASN A 391 -111.18 15.07 12.15
C ASN A 391 -109.76 14.90 11.62
N LEU A 392 -109.67 14.35 10.41
CA LEU A 392 -108.41 14.24 9.69
C LEU A 392 -108.39 15.16 8.48
N PRO A 393 -107.54 16.19 8.54
CA PRO A 393 -107.47 17.26 7.53
C PRO A 393 -106.97 16.75 6.18
N SER A 394 -107.16 17.55 5.14
CA SER A 394 -106.60 17.24 3.83
C SER A 394 -105.09 17.33 3.91
N VAL A 395 -104.60 18.30 4.66
CA VAL A 395 -103.17 18.46 4.89
C VAL A 395 -102.90 18.74 6.36
N LEU A 396 -101.93 18.03 6.95
CA LEU A 396 -101.60 18.25 8.34
C LEU A 396 -100.11 18.57 8.52
N SER A 397 -99.85 19.48 9.45
CA SER A 397 -98.50 19.96 9.74
C SER A 397 -98.05 19.57 11.14
N LEU A 398 -96.84 19.06 11.23
CA LEU A 398 -96.28 18.50 12.45
C LEU A 398 -95.15 19.36 12.99
N GLU A 399 -95.29 19.80 14.23
CA GLU A 399 -94.25 20.58 14.89
C GLU A 399 -93.55 19.72 15.92
N LEU A 400 -92.25 19.51 15.73
CA LEU A 400 -91.51 18.61 16.59
C LEU A 400 -90.82 19.34 17.73
N SER A 401 -91.33 19.14 18.94
CA SER A 401 -90.64 19.58 20.13
C SER A 401 -90.38 18.36 21.01
N LEU A 402 -89.13 17.93 21.08
CA LEU A 402 -88.78 16.72 21.79
C LEU A 402 -87.55 16.87 22.65
N LEU A 403 -87.41 16.00 23.64
CA LEU A 403 -86.17 15.87 24.36
C LEU A 403 -85.14 15.35 23.37
N ASP A 404 -83.95 15.93 23.40
CA ASP A 404 -82.92 15.64 22.40
C ASP A 404 -82.57 14.15 22.40
N THR A 405 -82.76 13.51 23.55
CA THR A 405 -82.57 12.07 23.67
C THR A 405 -83.45 11.34 22.67
N GLU A 406 -84.70 11.76 22.56
CA GLU A 406 -85.62 11.19 21.58
C GLU A 406 -85.13 11.42 20.17
N PHE A 407 -84.49 12.56 19.92
CA PHE A 407 -83.90 12.80 18.61
C PHE A 407 -82.82 11.78 18.34
N SER A 408 -82.02 11.48 19.37
CA SER A 408 -81.00 10.44 19.26
C SER A 408 -81.62 9.09 18.92
N ASN A 409 -82.65 8.72 19.67
CA ASN A 409 -83.34 7.45 19.47
C ASN A 409 -83.93 7.35 18.07
N ILE A 410 -84.38 8.49 17.55
CA ILE A 410 -84.92 8.56 16.21
C ILE A 410 -83.82 8.34 15.19
N ARG A 411 -82.66 8.95 15.44
CA ARG A 411 -81.51 8.78 14.56
C ARG A 411 -81.08 7.31 14.54
N SER A 412 -81.23 6.64 15.67
CA SER A 412 -80.89 5.23 15.79
C SER A 412 -81.78 4.32 14.93
N SER A 413 -83.08 4.63 14.89
CA SER A 413 -84.02 3.78 14.17
C SER A 413 -83.87 3.89 12.66
N LYS A 414 -84.33 2.86 11.96
CA LYS A 414 -84.26 2.87 10.50
C LYS A 414 -85.60 3.28 9.91
N ASN A 415 -85.54 4.13 8.89
CA ASN A 415 -86.72 4.65 8.19
C ASN A 415 -87.82 5.08 9.18
N TRP A 416 -87.39 5.76 10.24
CA TRP A 416 -88.27 6.22 11.31
C TRP A 416 -89.40 7.07 10.76
N LEU A 417 -89.07 7.87 9.76
CA LEU A 417 -90.08 8.64 9.07
C LEU A 417 -90.69 7.78 7.98
N THR A 418 -92.01 7.68 7.99
CA THR A 418 -92.69 6.81 7.05
C THR A 418 -93.08 7.61 5.82
N SER A 419 -92.71 7.10 4.65
CA SER A 419 -93.01 7.75 3.38
C SER A 419 -94.51 7.98 3.24
N GLU A 420 -95.29 6.95 3.55
CA GLU A 420 -96.74 7.04 3.44
C GLU A 420 -97.40 6.24 4.54
N PHE A 421 -98.60 6.65 4.92
CA PHE A 421 -99.39 5.90 5.90
C PHE A 421 -100.88 6.08 5.66
N TYR A 422 -101.66 5.17 6.20
CA TYR A 422 -103.11 5.21 6.06
C TYR A 422 -103.72 5.51 7.41
N GLY A 423 -104.78 6.30 7.45
CA GLY A 423 -105.37 6.59 8.74
C GLY A 423 -106.85 6.87 8.71
N SER A 424 -107.49 6.62 9.84
CA SER A 424 -108.92 6.84 9.98
C SER A 424 -109.25 6.98 11.45
N ILE A 425 -110.44 7.45 11.76
CA ILE A 425 -110.82 7.57 13.16
C ILE A 425 -111.78 6.44 13.53
N ILE A 426 -111.59 5.83 14.70
CA ILE A 426 -112.58 4.88 15.20
C ILE A 426 -112.82 5.17 16.67
N LYS A 427 -114.04 4.86 17.14
CA LYS A 427 -114.53 5.41 18.40
C LYS A 427 -114.41 6.92 18.28
N ASN A 428 -113.93 7.60 19.31
CA ASN A 428 -113.61 9.01 19.16
C ASN A 428 -112.12 9.19 18.91
N LYS A 429 -111.43 8.05 18.79
CA LYS A 429 -109.97 7.96 18.75
C LYS A 429 -109.36 7.78 17.35
N ALA A 430 -108.71 8.83 16.87
CA ALA A 430 -107.93 8.75 15.63
C ALA A 430 -106.90 7.62 15.70
N VAL A 431 -106.88 6.79 14.67
CA VAL A 431 -105.88 5.71 14.55
C VAL A 431 -105.14 5.80 13.21
N LEU A 432 -103.83 5.58 13.25
CA LEU A 432 -103.00 5.68 12.05
C LEU A 432 -102.06 4.47 11.93
N ARG A 433 -102.16 3.76 10.83
CA ARG A 433 -101.34 2.56 10.63
C ARG A 433 -100.75 2.51 9.22
N SER A 434 -99.74 1.67 9.03
CA SER A 434 -98.97 1.68 7.79
C SER A 434 -99.70 1.02 6.61
N THR A 435 -100.66 0.15 6.91
CA THR A 435 -101.36 -0.59 5.87
C THR A 435 -102.86 -0.65 6.13
N ALA A 436 -103.64 -0.67 5.05
CA ALA A 436 -105.10 -0.66 5.15
C ALA A 436 -105.64 -1.82 5.97
N SER A 437 -105.20 -3.05 5.68
CA SER A 437 -105.69 -4.23 6.39
C SER A 437 -105.32 -4.24 7.88
N GLU A 438 -104.19 -3.64 8.22
CA GLU A 438 -103.71 -3.67 9.61
C GLU A 438 -104.69 -3.00 10.55
N LEU A 439 -105.57 -2.17 10.00
CA LEU A 439 -106.63 -1.60 10.79
C LEU A 439 -107.96 -2.08 10.23
N LYS A 440 -108.87 -2.38 11.14
CA LYS A 440 -110.18 -2.90 10.77
C LYS A 440 -111.15 -1.93 11.40
N GLY A 441 -112.26 -1.70 10.72
CA GLY A 441 -113.12 -0.59 11.08
C GLY A 441 -114.01 -0.25 9.90
N THR A 442 -114.37 1.03 9.80
CA THR A 442 -115.30 1.50 8.78
C THR A 442 -114.76 1.38 7.35
N SER A 443 -113.46 1.13 7.21
CA SER A 443 -112.80 1.11 5.90
C SER A 443 -113.00 2.41 5.15
N HIS A 444 -113.22 3.47 5.91
CA HIS A 444 -113.20 4.79 5.34
C HIS A 444 -111.84 5.28 5.79
N ILE A 445 -110.89 5.26 4.85
CA ILE A 445 -109.51 5.56 5.18
C ILE A 445 -108.92 6.62 4.29
N PHE A 446 -108.04 7.43 4.87
CA PHE A 446 -107.42 8.50 4.14
C PHE A 446 -105.95 8.13 3.96
N LYS A 447 -105.46 8.31 2.74
CA LYS A 447 -104.08 8.01 2.42
C LYS A 447 -103.27 9.27 2.55
N TYR A 448 -102.29 9.25 3.44
CA TYR A 448 -101.43 10.40 3.63
C TYR A 448 -100.03 10.06 3.14
N GLU A 449 -99.51 10.91 2.27
CA GLU A 449 -98.16 10.74 1.73
C GLU A 449 -97.31 11.88 2.25
N LEU A 450 -95.99 11.70 2.30
CA LEU A 450 -95.17 12.78 2.78
C LEU A 450 -95.02 13.82 1.70
N ASN A 451 -95.53 15.02 1.99
CA ASN A 451 -95.42 16.14 1.07
C ASN A 451 -94.04 16.76 1.18
N GLY A 452 -93.58 16.96 2.41
CA GLY A 452 -92.25 17.50 2.61
C GLY A 452 -91.90 17.72 4.05
N TYR A 453 -90.67 18.13 4.35
CA TYR A 453 -90.31 18.53 5.71
C TYR A 453 -89.11 19.47 5.75
N VAL A 454 -89.06 20.31 6.78
CA VAL A 454 -87.96 21.22 7.00
C VAL A 454 -87.10 20.73 8.15
N ALA A 455 -85.81 20.63 7.88
CA ALA A 455 -84.85 20.07 8.82
C ALA A 455 -83.74 21.06 9.19
N LYS A 456 -83.40 21.07 10.48
CA LYS A 456 -82.27 21.84 10.97
C LYS A 456 -80.96 21.09 10.76
N ILE A 457 -79.94 21.81 10.30
CA ILE A 457 -78.62 21.23 10.10
C ILE A 457 -77.59 21.96 10.96
N THR A 458 -76.83 21.19 11.73
CA THR A 458 -75.73 21.72 12.52
C THR A 458 -74.43 21.13 12.00
N ASP A 459 -73.61 21.96 11.36
CA ASP A 459 -72.38 21.48 10.74
C ASP A 459 -71.28 21.27 11.76
N ASN A 460 -70.13 20.82 11.28
CA ASN A 460 -68.97 20.55 12.13
C ASN A 460 -68.47 21.76 12.93
N ASN A 461 -68.73 22.96 12.42
CA ASN A 461 -68.37 24.18 13.14
C ASN A 461 -69.42 24.48 14.22
N ASN A 462 -70.46 23.65 14.24
CA ASN A 462 -71.58 23.73 15.18
C ASN A 462 -72.42 24.98 15.02
N GLU A 463 -72.35 25.61 13.85
CA GLU A 463 -73.27 26.67 13.50
C GLU A 463 -74.55 26.02 13.00
N THR A 464 -75.66 26.75 13.04
CA THR A 464 -76.97 26.18 12.68
C THR A 464 -77.61 26.86 11.48
N ARG A 465 -78.09 26.03 10.56
CA ARG A 465 -78.79 26.50 9.37
C ARG A 465 -80.04 25.66 9.15
N LEU A 466 -80.95 26.11 8.29
CA LEU A 466 -82.15 25.34 7.99
C LEU A 466 -82.24 24.96 6.53
N VAL A 467 -82.81 23.79 6.24
CA VAL A 467 -82.89 23.30 4.87
C VAL A 467 -84.25 22.63 4.64
N THR A 468 -84.72 22.61 3.38
CA THR A 468 -86.04 22.07 3.07
C THR A 468 -86.01 20.86 2.14
N TYR A 469 -86.68 19.80 2.55
CA TYR A 469 -86.89 18.62 1.71
C TYR A 469 -88.32 18.67 1.19
N VAL A 470 -88.50 18.37 -0.09
CA VAL A 470 -89.84 18.44 -0.66
C VAL A 470 -90.07 17.39 -1.76
N LYS A 471 -91.34 17.13 -2.05
CA LYS A 471 -91.76 16.16 -3.06
C LYS A 471 -92.69 16.81 -4.06
N LYS A 472 -92.44 16.61 -5.34
CA LYS A 472 -93.30 17.16 -6.37
C LYS A 472 -93.81 16.06 -7.30
N TYR A 473 -95.08 16.17 -7.68
CA TYR A 473 -95.69 15.25 -8.63
C TYR A 473 -95.33 15.60 -10.06
N ASN A 474 -94.95 14.60 -10.84
CA ASN A 474 -94.88 14.74 -12.28
C ASN A 474 -96.01 13.91 -12.88
N PRO A 475 -96.99 14.60 -13.48
CA PRO A 475 -98.20 14.00 -14.04
C PRO A 475 -97.86 12.98 -15.12
N LYS A 476 -96.95 13.34 -16.01
CA LYS A 476 -96.46 12.39 -16.99
C LYS A 476 -95.54 11.40 -16.27
N GLU A 477 -95.60 10.15 -16.71
CA GLU A 477 -94.86 9.03 -16.11
C GLU A 477 -95.43 8.67 -14.74
N ASN A 478 -96.37 9.48 -14.25
CA ASN A 478 -97.02 9.27 -12.96
C ASN A 478 -95.97 9.12 -11.86
N CYS A 479 -95.05 10.06 -11.77
CA CYS A 479 -93.87 9.89 -10.94
C CYS A 479 -93.73 10.94 -9.84
N PHE A 480 -92.90 10.64 -8.84
CA PHE A 480 -92.57 11.60 -7.79
C PHE A 480 -91.10 11.98 -7.84
N LYS A 481 -90.81 13.26 -7.66
CA LYS A 481 -89.42 13.70 -7.58
C LYS A 481 -89.13 14.39 -6.24
N TRP A 482 -87.94 14.15 -5.70
CA TRP A 482 -87.54 14.73 -4.43
C TRP A 482 -86.51 15.83 -4.62
N LEU A 483 -86.70 16.93 -3.91
CA LEU A 483 -85.80 18.07 -4.03
C LEU A 483 -85.34 18.60 -2.67
N MET A 484 -84.11 19.11 -2.63
CA MET A 484 -83.63 19.82 -1.46
C MET A 484 -83.35 21.28 -1.78
N PHE A 485 -83.82 22.16 -0.92
CA PHE A 485 -83.60 23.60 -1.04
C PHE A 485 -82.83 24.12 0.17
N ASN A 486 -81.60 24.54 -0.06
CA ASN A 486 -80.90 25.33 0.93
C ASN A 486 -80.63 26.71 0.35
N ASP A 487 -81.39 27.71 0.82
CA ASP A 487 -81.29 29.07 0.31
C ASP A 487 -81.41 29.11 -1.22
N TYR A 488 -80.36 29.55 -1.91
CA TYR A 488 -80.40 29.65 -3.38
C TYR A 488 -79.86 28.40 -4.06
N LEU A 489 -79.59 27.37 -3.26
CA LEU A 489 -79.14 26.09 -3.78
C LEU A 489 -80.28 25.10 -3.87
N VAL A 490 -80.46 24.52 -5.05
CA VAL A 490 -81.51 23.53 -5.30
C VAL A 490 -80.94 22.25 -5.90
N VAL A 491 -81.28 21.11 -5.31
CA VAL A 491 -80.75 19.84 -5.82
C VAL A 491 -81.82 18.76 -5.94
N GLU A 492 -81.89 18.12 -7.11
CA GLU A 492 -82.74 16.95 -7.26
C GLU A 492 -82.05 15.77 -6.62
N ILE A 493 -82.75 15.07 -5.73
CA ILE A 493 -82.13 14.04 -4.90
C ILE A 493 -82.95 12.74 -4.89
N THR A 494 -82.29 11.64 -4.57
CA THR A 494 -82.93 10.33 -4.49
C THR A 494 -83.73 10.13 -3.21
N GLU A 495 -84.74 9.28 -3.31
CA GLU A 495 -85.67 9.02 -2.22
C GLU A 495 -84.98 8.48 -0.98
N GLU A 496 -84.08 7.52 -1.19
CA GLU A 496 -83.38 6.85 -0.10
C GLU A 496 -82.65 7.86 0.78
N GLU A 497 -82.01 8.83 0.14
CA GLU A 497 -81.33 9.89 0.85
C GLU A 497 -82.35 10.81 1.53
N ALA A 498 -83.48 11.03 0.87
CA ALA A 498 -84.50 11.92 1.39
C ALA A 498 -85.07 11.44 2.72
N LEU A 499 -85.31 10.13 2.82
CA LEU A 499 -85.94 9.60 4.03
C LEU A 499 -84.93 9.26 5.13
N LYS A 500 -83.65 9.17 4.77
CA LYS A 500 -82.64 8.71 5.71
C LYS A 500 -82.52 9.70 6.87
N MET A 501 -82.71 9.20 8.09
CA MET A 501 -82.56 10.00 9.29
C MET A 501 -81.24 9.76 10.02
N THR A 502 -80.44 8.85 9.48
CA THR A 502 -79.24 8.35 10.18
C THR A 502 -78.21 9.45 10.48
N TYR A 503 -78.14 10.47 9.63
CA TYR A 503 -77.14 11.52 9.79
C TYR A 503 -77.32 12.26 11.10
N PRO A 504 -76.21 12.46 11.82
CA PRO A 504 -76.18 13.11 13.13
C PRO A 504 -76.42 14.62 13.12
N TRP A 505 -76.07 15.31 12.03
CA TRP A 505 -76.23 16.76 12.02
C TRP A 505 -77.68 17.13 11.78
N LYS A 506 -78.35 16.33 10.95
CA LYS A 506 -79.73 16.59 10.60
C LYS A 506 -80.68 16.27 11.74
N THR A 507 -81.54 17.22 12.04
CA THR A 507 -82.60 17.00 13.01
C THR A 507 -83.88 17.46 12.36
N PRO A 508 -84.97 16.69 12.53
CA PRO A 508 -86.21 17.14 11.92
C PRO A 508 -86.79 18.29 12.73
N GLU A 509 -87.40 19.24 12.06
CA GLU A 509 -88.04 20.36 12.74
C GLU A 509 -89.52 20.38 12.44
N ILE A 510 -89.86 20.50 11.17
CA ILE A 510 -91.26 20.59 10.78
C ILE A 510 -91.57 19.53 9.73
N ILE A 511 -92.68 18.82 9.87
CA ILE A 511 -93.01 17.79 8.88
C ILE A 511 -94.40 17.99 8.34
N ILE A 512 -94.54 18.02 7.02
CA ILE A 512 -95.85 18.25 6.42
C ILE A 512 -96.33 17.09 5.55
N TYR A 513 -97.49 16.58 5.95
CA TYR A 513 -98.16 15.43 5.34
C TYR A 513 -99.41 15.89 4.60
N CYS A 514 -99.68 15.28 3.46
CA CYS A 514 -100.83 15.69 2.66
C CYS A 514 -101.60 14.48 2.15
N ASP A 515 -102.86 14.70 1.76
CA ASP A 515 -103.70 13.64 1.24
C ASP A 515 -103.22 13.24 -0.16
N ALA A 516 -103.16 11.94 -0.40
CA ALA A 516 -102.61 11.40 -1.63
C ALA A 516 -103.35 11.93 -2.87
N GLU A 517 -104.67 11.81 -2.85
CA GLU A 517 -105.48 12.26 -3.97
C GLU A 517 -105.35 13.76 -4.20
N GLU A 518 -105.33 14.55 -3.12
CA GLU A 518 -105.25 16.00 -3.23
C GLU A 518 -103.86 16.47 -3.68
N LEU A 519 -102.83 15.75 -3.25
CA LEU A 519 -101.45 16.13 -3.57
C LEU A 519 -101.23 16.01 -5.07
N ARG A 520 -101.78 14.96 -5.66
CA ARG A 520 -101.56 14.68 -7.08
C ARG A 520 -102.31 15.65 -7.98
N LYS A 521 -103.16 16.48 -7.39
CA LYS A 521 -103.85 17.52 -8.17
C LYS A 521 -102.79 18.51 -8.65
N PRO A 522 -102.98 19.06 -9.86
CA PRO A 522 -101.95 19.90 -10.47
C PRO A 522 -101.86 21.31 -9.87
N PHE A 523 -100.72 21.96 -10.09
CA PHE A 523 -100.53 23.34 -9.66
C PHE A 523 -101.11 24.27 -10.70
N PHE A 524 -101.73 25.34 -10.24
CA PHE A 524 -102.38 26.29 -11.13
C PHE A 524 -101.89 27.71 -10.91
N SER A 525 -101.33 28.31 -11.96
CA SER A 525 -100.90 29.70 -11.91
C SER A 525 -102.11 30.64 -11.93
N VAL A 526 -101.92 31.87 -11.48
CA VAL A 526 -103.02 32.83 -11.37
C VAL A 526 -103.64 33.16 -12.73
N ASP A 527 -102.91 32.86 -13.80
CA ASP A 527 -103.34 33.21 -15.16
C ASP A 527 -104.68 32.61 -15.56
N THR A 528 -105.03 31.46 -14.97
CA THR A 528 -106.29 30.81 -15.29
C THR A 528 -107.50 31.63 -14.82
N TYR A 529 -107.35 32.33 -13.70
CA TYR A 529 -108.42 33.15 -13.17
C TYR A 529 -108.52 34.49 -13.88
N SER A 530 -109.71 35.07 -13.91
CA SER A 530 -109.88 36.43 -14.40
C SER A 530 -109.45 37.36 -13.27
N ILE A 531 -108.68 38.39 -13.62
CA ILE A 531 -108.02 39.20 -12.60
C ILE A 531 -108.59 40.62 -12.50
N ASN A 532 -108.68 41.13 -11.28
CA ASN A 532 -109.17 42.49 -11.06
C ASN A 532 -108.10 43.55 -11.36
N TYR A 533 -108.37 44.39 -12.34
CA TYR A 533 -107.43 45.43 -12.76
C TYR A 533 -107.76 46.81 -12.20
N ASP A 534 -108.79 46.91 -11.37
CA ASP A 534 -109.36 48.20 -10.96
C ASP A 534 -108.37 49.22 -10.43
N ILE A 535 -107.38 48.77 -9.65
CA ILE A 535 -106.44 49.68 -9.02
C ILE A 535 -105.62 50.41 -10.08
N LEU A 536 -105.44 49.78 -11.23
CA LEU A 536 -104.78 50.42 -12.35
C LEU A 536 -105.64 51.58 -12.85
N PHE A 537 -106.94 51.35 -12.97
CA PHE A 537 -107.84 52.33 -13.56
C PHE A 537 -108.36 53.37 -12.56
N ARG A 538 -108.20 53.12 -11.26
CA ARG A 538 -108.70 54.07 -10.28
C ARG A 538 -107.59 54.49 -9.31
N ASP A 539 -107.95 55.30 -8.31
CA ASP A 539 -106.96 55.78 -7.35
C ASP A 539 -107.33 55.38 -5.91
N TYR A 540 -106.36 54.79 -5.21
CA TYR A 540 -106.45 54.60 -3.76
C TYR A 540 -105.27 55.19 -3.01
N PHE A 541 -105.55 56.20 -2.20
CA PHE A 541 -104.52 56.86 -1.42
C PHE A 541 -104.97 56.93 0.04
N ALA A 542 -104.24 56.23 0.91
CA ALA A 542 -104.52 56.24 2.33
C ALA A 542 -103.62 57.24 3.06
N ALA A 549 -97.68 67.69 -1.84
CA ALA A 549 -98.61 67.10 -2.81
C ALA A 549 -98.00 67.10 -4.21
N ARG A 550 -98.28 66.05 -4.97
CA ARG A 550 -97.79 65.95 -6.35
C ARG A 550 -98.59 66.88 -7.26
N ARG A 551 -97.92 67.43 -8.25
CA ARG A 551 -98.55 68.39 -9.15
C ARG A 551 -99.63 67.77 -10.03
N GLU A 552 -99.27 66.77 -10.82
CA GLU A 552 -100.26 66.15 -11.72
C GLU A 552 -99.89 64.77 -12.25
N TYR A 553 -100.92 64.09 -12.78
CA TYR A 553 -100.83 62.79 -13.41
C TYR A 553 -102.23 62.41 -13.91
N LYS A 554 -102.29 61.48 -14.86
CA LYS A 554 -103.57 61.05 -15.42
C LYS A 554 -103.81 59.55 -15.32
N LEU A 555 -104.88 59.17 -14.64
CA LEU A 555 -105.23 57.77 -14.49
C LEU A 555 -105.60 57.17 -15.86
N LEU A 556 -105.45 55.86 -16.00
CA LEU A 556 -105.76 55.20 -17.26
C LEU A 556 -107.27 55.09 -17.47
N THR A 557 -107.67 54.94 -18.73
CA THR A 557 -109.04 54.67 -19.11
C THR A 557 -109.14 53.31 -19.80
N HIS A 558 -110.35 52.89 -20.14
CA HIS A 558 -110.54 51.59 -20.75
C HIS A 558 -110.12 51.52 -22.23
N ASP A 559 -109.99 52.67 -22.86
CA ASP A 559 -109.60 52.77 -24.27
C ASP A 559 -108.19 52.33 -24.69
N GLU A 560 -107.17 52.87 -24.01
CA GLU A 560 -105.77 52.59 -24.31
C GLU A 560 -105.44 51.08 -24.35
N ALA A 561 -106.16 50.33 -23.54
CA ALA A 561 -106.02 48.87 -23.43
C ALA A 561 -104.59 48.37 -23.32
N PRO A 562 -103.94 48.58 -22.16
CA PRO A 562 -102.60 48.00 -22.03
C PRO A 562 -102.65 46.48 -22.13
N LYS A 563 -101.82 45.92 -22.99
CA LYS A 563 -101.82 44.48 -23.22
C LYS A 563 -100.42 44.02 -23.65
N SER A 564 -100.32 42.76 -24.05
CA SER A 564 -99.05 42.22 -24.51
C SER A 564 -98.53 43.08 -25.66
N GLY A 565 -97.32 43.61 -25.52
CA GLY A 565 -96.77 44.50 -26.53
C GLY A 565 -96.80 45.96 -26.15
N THR A 566 -97.67 46.32 -25.20
CA THR A 566 -97.85 47.70 -24.79
C THR A 566 -96.53 48.20 -24.23
N LEU A 567 -96.28 49.51 -24.34
CA LEU A 567 -95.03 50.04 -23.83
C LEU A 567 -95.30 51.00 -22.68
N VAL A 568 -94.58 50.84 -21.58
CA VAL A 568 -94.69 51.77 -20.47
C VAL A 568 -93.30 52.09 -19.95
N ALA A 569 -93.19 53.20 -19.22
CA ALA A 569 -91.90 53.62 -18.66
C ALA A 569 -92.00 53.68 -17.14
N ILE A 570 -90.87 53.46 -16.48
CA ILE A 570 -90.85 53.41 -15.02
C ILE A 570 -89.49 53.81 -14.45
N ASP A 571 -89.52 54.42 -13.27
CA ASP A 571 -88.33 54.62 -12.47
C ASP A 571 -88.73 54.64 -11.00
N ALA A 572 -87.81 54.29 -10.13
CA ALA A 572 -88.10 54.22 -8.70
C ALA A 572 -86.97 54.83 -7.90
N GLU A 573 -87.29 55.26 -6.69
CA GLU A 573 -86.32 55.86 -5.80
C GLU A 573 -86.44 55.22 -4.42
N PHE A 574 -85.30 55.02 -3.77
CA PHE A 574 -85.25 54.23 -2.55
C PHE A 574 -84.69 55.00 -1.38
N VAL A 575 -85.00 54.54 -0.18
CA VAL A 575 -84.43 55.09 1.03
C VAL A 575 -83.79 53.97 1.85
N SER A 576 -82.61 54.24 2.42
CA SER A 576 -81.89 53.22 3.16
C SER A 576 -82.36 53.10 4.61
N LEU A 577 -82.79 51.91 4.99
CA LEU A 577 -83.24 51.66 6.35
C LEU A 577 -82.05 51.32 7.25
N GLN A 578 -80.97 50.86 6.63
CA GLN A 578 -79.75 50.48 7.33
C GLN A 578 -78.54 50.75 6.44
N SER A 579 -77.41 51.02 7.08
CA SER A 579 -76.16 51.23 6.36
C SER A 579 -75.32 49.96 6.42
N GLU A 580 -74.63 49.65 5.33
CA GLU A 580 -73.73 48.51 5.33
C GLU A 580 -72.50 48.81 6.19
N LEU A 581 -72.19 47.89 7.10
CA LEU A 581 -71.09 48.07 8.05
C LEU A 581 -70.07 46.97 7.90
N CYS A 582 -68.80 47.35 7.80
CA CYS A 582 -67.75 46.38 7.58
C CYS A 582 -66.83 46.30 8.77
N GLU A 583 -66.20 45.15 8.92
CA GLU A 583 -65.16 44.99 9.92
C GLU A 583 -63.93 44.43 9.19
N ILE A 584 -62.75 44.98 9.49
CA ILE A 584 -61.56 44.50 8.80
C ILE A 584 -60.51 44.00 9.78
N ASP A 585 -60.24 42.71 9.69
CA ASP A 585 -59.15 42.10 10.44
C ASP A 585 -57.85 42.26 9.69
N HIS A 586 -56.82 41.55 10.15
CA HIS A 586 -55.55 41.51 9.43
C HIS A 586 -55.78 40.82 8.08
N GLN A 587 -54.81 40.98 7.18
CA GLN A 587 -54.75 40.29 5.89
C GLN A 587 -55.92 40.63 4.96
N GLY A 588 -56.51 41.80 5.20
CA GLY A 588 -57.45 42.39 4.26
C GLY A 588 -58.66 41.54 3.90
N ILE A 589 -59.44 41.17 4.90
CA ILE A 589 -60.67 40.43 4.64
C ILE A 589 -61.85 41.31 5.00
N ARG A 590 -62.73 41.57 4.04
CA ARG A 590 -63.87 42.42 4.32
C ARG A 590 -64.97 41.58 4.94
N SER A 591 -65.23 41.82 6.21
CA SER A 591 -66.31 41.15 6.91
C SER A 591 -67.51 42.09 6.96
N ILE A 592 -68.58 41.71 6.29
CA ILE A 592 -69.75 42.56 6.33
C ILE A 592 -70.73 42.08 7.39
N ILE A 593 -70.82 42.87 8.45
CA ILE A 593 -71.73 42.61 9.55
C ILE A 593 -72.84 43.63 9.39
N ARG A 594 -74.07 43.29 9.79
CA ARG A 594 -75.20 44.21 9.63
C ARG A 594 -75.35 44.66 8.17
N PRO A 595 -75.95 43.80 7.33
CA PRO A 595 -76.07 44.07 5.90
C PRO A 595 -76.99 45.26 5.62
N LYS A 596 -76.91 45.83 4.43
CA LYS A 596 -77.72 47.00 4.10
C LYS A 596 -79.19 46.62 3.98
N ARG A 597 -80.05 47.39 4.63
CA ARG A 597 -81.49 47.23 4.50
C ARG A 597 -82.08 48.44 3.81
N THR A 598 -82.62 48.21 2.61
CA THR A 598 -83.18 49.29 1.81
C THR A 598 -84.66 49.09 1.60
N ALA A 599 -85.41 50.18 1.62
CA ALA A 599 -86.85 50.12 1.45
C ALA A 599 -87.28 51.02 0.30
N LEU A 600 -88.43 50.70 -0.29
CA LEU A 600 -88.98 51.50 -1.38
C LEU A 600 -89.39 52.85 -0.82
N ALA A 601 -89.24 53.90 -1.63
CA ALA A 601 -89.58 55.25 -1.21
C ALA A 601 -90.60 55.85 -2.16
N ARG A 602 -90.21 55.98 -3.43
CA ARG A 602 -91.10 56.55 -4.43
C ARG A 602 -91.11 55.68 -5.67
N ILE A 603 -92.27 55.55 -6.31
CA ILE A 603 -92.32 54.85 -7.58
C ILE A 603 -93.07 55.70 -8.61
N SER A 604 -92.54 55.75 -9.82
CA SER A 604 -93.17 56.54 -10.88
C SER A 604 -93.20 55.80 -12.20
N ILE A 605 -94.40 55.73 -12.77
CA ILE A 605 -94.64 55.07 -14.04
C ILE A 605 -95.40 55.99 -14.97
N ILE A 606 -94.90 56.11 -16.19
CA ILE A 606 -95.42 57.06 -17.16
C ILE A 606 -95.74 56.32 -18.45
N ARG A 607 -96.60 56.90 -19.27
CA ARG A 607 -97.09 56.21 -20.46
C ARG A 607 -96.06 56.12 -21.59
N GLY A 608 -96.05 54.96 -22.22
CA GLY A 608 -95.16 54.67 -23.34
C GLY A 608 -95.90 54.42 -24.63
N GLU A 609 -97.21 54.65 -24.62
CA GLU A 609 -98.01 54.40 -25.81
C GLU A 609 -97.64 55.39 -26.90
N GLU A 610 -97.87 54.99 -28.15
CA GLU A 610 -97.62 55.80 -29.34
C GLU A 610 -96.21 56.40 -29.31
N GLY A 611 -95.24 55.63 -28.83
CA GLY A 611 -93.90 56.19 -28.73
C GLY A 611 -93.92 57.04 -27.47
N GLU A 612 -93.37 58.24 -27.57
CA GLU A 612 -93.33 59.14 -26.45
C GLU A 612 -94.76 59.51 -26.07
N LEU A 613 -95.44 60.20 -27.01
CA LEU A 613 -96.85 60.59 -26.89
C LEU A 613 -97.20 61.40 -25.66
N TYR A 614 -98.17 60.91 -24.90
CA TYR A 614 -98.60 61.53 -23.66
C TYR A 614 -97.49 61.57 -22.62
N GLY A 615 -97.38 62.70 -21.94
CA GLY A 615 -96.40 62.91 -20.90
C GLY A 615 -96.97 62.64 -19.53
N VAL A 616 -98.24 62.27 -19.48
CA VAL A 616 -98.92 62.00 -18.23
C VAL A 616 -98.56 60.63 -17.65
N PRO A 617 -98.18 60.60 -16.37
CA PRO A 617 -97.76 59.41 -15.64
C PRO A 617 -98.92 58.43 -15.50
N PHE A 618 -98.65 57.15 -15.66
CA PHE A 618 -99.68 56.15 -15.42
C PHE A 618 -99.99 56.16 -13.93
N VAL A 619 -98.95 56.10 -13.12
CA VAL A 619 -99.09 56.29 -11.68
C VAL A 619 -97.86 56.98 -11.11
N ASP A 620 -98.05 57.90 -10.17
CA ASP A 620 -96.90 58.44 -9.44
C ASP A 620 -97.24 58.39 -7.96
N ASP A 621 -96.51 57.54 -7.25
CA ASP A 621 -96.88 57.19 -5.89
C ASP A 621 -95.75 57.23 -4.86
N TYR A 622 -96.11 57.63 -3.64
CA TYR A 622 -95.24 57.55 -2.48
C TYR A 622 -95.74 56.38 -1.62
N VAL A 623 -94.82 55.62 -1.05
CA VAL A 623 -95.18 54.38 -0.35
C VAL A 623 -95.39 54.50 1.17
N VAL A 624 -94.89 55.59 1.77
CA VAL A 624 -95.11 55.86 3.19
C VAL A 624 -94.88 54.67 4.12
N ASN A 625 -93.62 54.24 4.27
CA ASN A 625 -93.29 53.15 5.18
C ASN A 625 -92.40 53.65 6.32
N THR A 626 -92.78 53.38 7.57
CA THR A 626 -91.99 53.91 8.68
C THR A 626 -91.28 52.86 9.53
N ASN A 627 -90.00 52.66 9.25
CA ASN A 627 -89.11 51.78 10.01
C ASN A 627 -88.04 52.53 10.82
N HIS A 628 -88.15 53.86 10.89
CA HIS A 628 -87.15 54.73 11.53
C HIS A 628 -85.84 54.69 10.76
N ILE A 629 -85.88 55.30 9.57
CA ILE A 629 -84.75 55.46 8.67
C ILE A 629 -83.47 56.06 9.26
N GLU A 630 -82.33 55.54 8.82
CA GLU A 630 -81.03 56.10 9.16
C GLU A 630 -80.68 57.32 8.32
N ASP A 631 -80.76 57.17 6.99
CA ASP A 631 -80.54 58.31 6.08
C ASP A 631 -81.45 58.23 4.87
N TYR A 632 -81.93 59.38 4.42
CA TYR A 632 -82.96 59.43 3.38
C TYR A 632 -82.40 59.51 1.96
N LEU A 633 -81.09 59.64 1.84
CA LEU A 633 -80.43 59.79 0.54
C LEU A 633 -81.03 60.93 -0.28
N THR A 634 -81.29 62.05 0.39
CA THR A 634 -81.95 63.21 -0.21
C THR A 634 -81.19 63.77 -1.41
N ARG A 635 -79.87 63.73 -1.36
CA ARG A 635 -79.04 64.26 -2.43
C ARG A 635 -79.21 63.47 -3.74
N TYR A 636 -79.00 62.16 -3.66
CA TYR A 636 -79.08 61.31 -4.84
C TYR A 636 -80.51 61.16 -5.36
N SER A 637 -81.47 61.23 -4.45
CA SER A 637 -82.88 61.27 -4.82
C SER A 637 -83.70 62.16 -3.90
N GLY A 638 -84.57 62.98 -4.48
CA GLY A 638 -85.40 63.86 -3.69
C GLY A 638 -86.37 63.07 -2.85
N ILE A 639 -86.30 63.27 -1.54
CA ILE A 639 -87.20 62.64 -0.59
C ILE A 639 -87.56 63.70 0.45
N LEU A 640 -88.76 63.61 1.03
CA LEU A 640 -89.39 64.76 1.68
C LEU A 640 -88.52 65.40 2.78
N PRO A 641 -88.19 64.68 3.88
CA PRO A 641 -88.61 63.43 4.53
C PRO A 641 -89.89 63.66 5.32
N GLY A 642 -90.35 62.67 6.07
CA GLY A 642 -91.63 62.76 6.74
C GLY A 642 -92.80 62.29 5.89
N ASP A 643 -92.55 61.30 5.04
CA ASP A 643 -93.60 60.68 4.23
C ASP A 643 -94.54 59.81 5.06
N LEU A 644 -94.28 59.73 6.37
CA LEU A 644 -95.09 58.96 7.30
C LEU A 644 -96.58 59.28 7.16
N ASP A 645 -97.39 58.23 7.21
CA ASP A 645 -98.83 58.34 6.96
C ASP A 645 -99.54 59.51 7.65
N PRO A 646 -99.34 59.70 8.97
CA PRO A 646 -100.19 60.74 9.59
C PRO A 646 -99.98 62.18 9.08
N GLU A 647 -98.73 62.62 8.97
CA GLU A 647 -98.37 63.97 8.52
C GLU A 647 -97.90 64.18 7.07
N LYS A 648 -98.15 63.24 6.17
CA LYS A 648 -97.55 63.35 4.84
C LYS A 648 -98.38 64.01 3.75
N SER A 649 -97.89 65.17 3.28
CA SER A 649 -98.56 65.87 2.20
C SER A 649 -97.98 65.40 0.90
N THR A 650 -98.71 64.47 0.28
CA THR A 650 -98.39 63.83 -0.98
C THR A 650 -99.50 62.80 -1.12
N LYS A 651 -99.66 62.21 -2.30
CA LYS A 651 -100.59 61.10 -2.35
C LYS A 651 -99.80 60.00 -1.68
N ARG A 652 -100.26 59.55 -0.50
CA ARG A 652 -99.56 58.48 0.21
C ARG A 652 -100.38 57.22 0.29
N LEU A 653 -99.83 56.14 -0.24
CA LEU A 653 -100.46 54.83 -0.17
C LEU A 653 -99.56 53.82 0.54
N VAL A 654 -100.14 53.11 1.49
CA VAL A 654 -99.44 52.00 2.11
C VAL A 654 -99.21 51.07 0.93
N ARG A 655 -97.99 50.57 0.76
CA ARG A 655 -97.70 49.87 -0.48
C ARG A 655 -98.64 48.72 -0.64
N ARG A 656 -98.82 47.95 0.44
CA ARG A 656 -99.85 46.91 0.54
C ARG A 656 -100.01 46.21 -0.80
N ASN A 657 -98.86 46.05 -1.46
CA ASN A 657 -98.78 45.47 -2.80
C ASN A 657 -99.32 46.38 -3.89
N VAL A 658 -99.96 47.50 -3.54
CA VAL A 658 -100.84 48.18 -4.48
C VAL A 658 -100.02 48.74 -5.67
N VAL A 659 -98.92 49.43 -5.39
CA VAL A 659 -98.05 49.91 -6.46
C VAL A 659 -97.46 48.68 -7.12
N TYR A 660 -97.08 47.74 -6.26
CA TYR A 660 -96.52 46.46 -6.66
C TYR A 660 -97.57 45.75 -7.51
N ARG A 661 -98.84 45.90 -7.15
CA ARG A 661 -99.94 45.31 -7.89
C ARG A 661 -100.06 45.93 -9.27
N LYS A 662 -99.83 47.24 -9.34
CA LYS A 662 -99.90 47.94 -10.61
C LYS A 662 -98.84 47.38 -11.55
N VAL A 663 -97.61 47.38 -11.05
CA VAL A 663 -96.48 46.87 -11.82
C VAL A 663 -96.65 45.40 -12.18
N TRP A 664 -97.17 44.61 -11.24
CA TRP A 664 -97.34 43.18 -11.44
C TRP A 664 -98.43 42.84 -12.45
N LEU A 665 -99.58 43.49 -12.34
CA LEU A 665 -100.65 43.28 -13.29
C LEU A 665 -100.16 43.73 -14.66
N LEU A 666 -99.35 44.79 -14.66
CA LEU A 666 -98.74 45.29 -15.87
C LEU A 666 -97.88 44.21 -16.53
N MET A 667 -96.93 43.68 -15.76
CA MET A 667 -95.99 42.68 -16.28
C MET A 667 -96.71 41.40 -16.67
N GLN A 668 -97.82 41.11 -15.99
CA GLN A 668 -98.62 39.93 -16.32
C GLN A 668 -99.25 40.10 -17.68
N LEU A 669 -99.76 41.30 -17.90
CA LEU A 669 -100.35 41.64 -19.18
C LEU A 669 -99.28 41.65 -20.27
N GLY A 670 -98.04 41.81 -19.84
CA GLY A 670 -96.90 41.70 -20.73
C GLY A 670 -96.46 42.99 -21.39
N CYS A 671 -96.84 44.12 -20.82
CA CYS A 671 -96.41 45.41 -21.35
C CYS A 671 -94.94 45.64 -21.02
N VAL A 672 -94.16 46.06 -22.03
CA VAL A 672 -92.72 46.25 -21.87
C VAL A 672 -92.41 47.44 -20.95
N PHE A 673 -91.31 47.34 -20.22
CA PHE A 673 -90.89 48.38 -19.28
C PHE A 673 -89.68 49.14 -19.81
N VAL A 674 -89.64 50.44 -19.54
CA VAL A 674 -88.51 51.29 -19.91
C VAL A 674 -87.89 51.95 -18.68
N GLY A 675 -86.57 52.15 -18.68
CA GLY A 675 -85.90 52.76 -17.54
C GLY A 675 -84.41 52.97 -17.77
N HIS A 676 -83.76 53.66 -16.84
CA HIS A 676 -82.33 53.93 -16.95
C HIS A 676 -81.61 52.62 -16.68
N GLY A 677 -82.14 51.86 -15.73
CA GLY A 677 -81.82 50.45 -15.64
C GLY A 677 -82.95 49.79 -14.88
N LEU A 678 -83.30 48.59 -15.30
CA LEU A 678 -84.43 47.89 -14.69
C LEU A 678 -84.03 47.11 -13.44
N ASN A 679 -82.86 46.48 -13.54
CA ASN A 679 -82.43 45.49 -12.57
C ASN A 679 -82.30 45.92 -11.12
N ASN A 680 -81.61 47.03 -10.87
CA ASN A 680 -81.45 47.51 -9.50
C ASN A 680 -82.80 47.84 -8.88
N ASP A 681 -83.58 48.60 -9.64
CA ASP A 681 -84.87 49.08 -9.18
C ASP A 681 -85.78 47.90 -8.89
N PHE A 682 -85.99 47.06 -9.89
CA PHE A 682 -86.82 45.87 -9.74
C PHE A 682 -86.35 44.96 -8.61
N LYS A 683 -85.03 44.87 -8.45
CA LYS A 683 -84.47 44.05 -7.38
C LYS A 683 -84.89 44.59 -6.03
N HIS A 684 -84.95 45.92 -5.89
CA HIS A 684 -85.36 46.48 -4.61
C HIS A 684 -86.89 46.59 -4.48
N ILE A 685 -87.60 46.47 -5.60
CA ILE A 685 -89.06 46.39 -5.59
C ILE A 685 -89.50 44.98 -5.19
N ASN A 686 -88.54 44.06 -5.21
CA ASN A 686 -88.77 42.65 -4.89
C ASN A 686 -89.66 42.01 -5.95
N ILE A 687 -89.42 42.36 -7.21
CA ILE A 687 -90.07 41.67 -8.32
C ILE A 687 -89.06 41.51 -9.47
N ASN A 688 -89.19 40.42 -10.21
CA ASN A 688 -88.39 40.21 -11.40
C ASN A 688 -89.28 40.03 -12.62
N VAL A 689 -88.82 40.53 -13.76
CA VAL A 689 -89.63 40.50 -14.97
C VAL A 689 -88.79 39.88 -16.09
N PRO A 690 -89.44 39.13 -17.00
CA PRO A 690 -88.69 38.50 -18.09
C PRO A 690 -87.98 39.51 -18.99
N ARG A 691 -86.97 39.02 -19.70
CA ARG A 691 -86.15 39.88 -20.56
C ARG A 691 -86.96 40.52 -21.68
N ASN A 692 -88.10 39.92 -22.01
CA ASN A 692 -89.00 40.48 -23.00
C ASN A 692 -89.47 41.90 -22.63
N GLN A 693 -89.78 42.10 -21.35
CA GLN A 693 -90.22 43.41 -20.86
C GLN A 693 -89.04 44.32 -20.51
N ILE A 694 -87.87 43.71 -20.40
CA ILE A 694 -86.68 44.28 -19.76
C ILE A 694 -86.06 45.54 -20.38
N ARG A 695 -86.14 45.68 -21.70
CA ARG A 695 -85.35 46.67 -22.44
C ARG A 695 -85.26 48.06 -21.83
N ASP A 696 -84.02 48.52 -21.70
CA ASP A 696 -83.70 49.77 -21.03
C ASP A 696 -82.62 50.52 -21.79
N THR A 697 -82.45 51.79 -21.43
CA THR A 697 -81.59 52.71 -22.15
C THR A 697 -80.11 52.37 -22.07
N ALA A 698 -79.65 52.05 -20.86
CA ALA A 698 -78.23 51.90 -20.61
C ALA A 698 -77.63 50.86 -21.53
N ILE A 699 -76.48 51.21 -22.10
CA ILE A 699 -75.82 50.40 -23.12
C ILE A 699 -74.48 49.89 -22.63
N TYR A 700 -73.94 48.91 -23.35
CA TYR A 700 -72.69 48.28 -22.96
C TYR A 700 -71.52 49.27 -23.01
N PHE A 701 -70.82 49.36 -21.89
CA PHE A 701 -69.68 50.25 -21.72
C PHE A 701 -68.68 49.65 -20.74
N LEU A 702 -67.40 49.96 -20.96
CA LEU A 702 -66.28 49.48 -20.14
C LEU A 702 -66.61 49.21 -18.67
N ARG A 706 -69.68 47.12 -16.50
CA ARG A 706 -70.27 47.71 -15.31
C ARG A 706 -71.62 48.33 -15.59
N TYR A 707 -71.62 49.63 -15.88
CA TYR A 707 -72.86 50.36 -16.13
C TYR A 707 -72.60 51.65 -16.89
N LEU A 708 -73.69 52.35 -17.19
CA LEU A 708 -73.64 53.68 -17.80
C LEU A 708 -74.57 54.59 -17.02
N SER A 709 -74.19 55.86 -16.89
CA SER A 709 -74.96 56.80 -16.09
C SER A 709 -75.82 57.68 -16.99
N LEU A 710 -77.08 57.80 -16.60
CA LEU A 710 -78.11 58.46 -17.40
C LEU A 710 -77.88 59.97 -17.55
N ARG A 711 -77.64 60.65 -16.44
CA ARG A 711 -77.48 62.11 -16.47
C ARG A 711 -76.30 62.49 -17.35
N TYR A 712 -75.27 61.65 -17.33
CA TYR A 712 -74.09 61.81 -18.16
C TYR A 712 -74.48 61.71 -19.63
N LEU A 713 -75.20 60.65 -19.95
CA LEU A 713 -75.66 60.35 -21.31
C LEU A 713 -76.62 61.39 -21.89
N ALA A 714 -77.41 62.02 -21.02
CA ALA A 714 -78.38 63.03 -21.43
C ALA A 714 -77.72 64.21 -22.16
N TYR A 715 -76.69 64.77 -21.55
CA TYR A 715 -75.95 65.87 -22.16
C TYR A 715 -75.34 65.46 -23.50
N VAL A 716 -74.89 64.21 -23.57
CA VAL A 716 -74.31 63.67 -24.80
C VAL A 716 -75.37 63.53 -25.88
N LEU A 717 -76.60 63.22 -25.48
CA LEU A 717 -77.71 63.09 -26.41
C LEU A 717 -78.55 64.37 -26.42
N LEU A 718 -78.09 65.37 -25.67
CA LEU A 718 -78.69 66.70 -25.67
C LEU A 718 -80.14 66.65 -25.19
N ILE A 722 -80.71 70.96 -19.66
CA ILE A 722 -79.87 69.84 -20.05
C ILE A 722 -79.84 68.78 -18.96
N GLN A 723 -79.25 69.12 -17.82
CA GLN A 723 -79.19 68.21 -16.67
C GLN A 723 -79.17 69.00 -15.36
N GLU A 724 -79.63 68.38 -14.30
CA GLU A 724 -79.71 69.05 -13.00
C GLU A 724 -79.34 68.13 -11.84
N GLY A 725 -79.04 68.72 -10.70
CA GLY A 725 -78.56 67.98 -9.53
C GLY A 725 -79.60 67.09 -8.89
N ASN A 726 -80.78 67.64 -8.59
CA ASN A 726 -81.87 66.85 -8.03
C ASN A 726 -82.84 66.47 -9.13
N HIS A 727 -82.99 65.17 -9.37
CA HIS A 727 -83.76 64.69 -10.51
C HIS A 727 -84.98 63.88 -10.13
N ASP A 728 -86.14 64.39 -10.51
CA ASP A 728 -87.41 63.71 -10.30
C ASP A 728 -87.31 62.39 -11.06
N SER A 729 -88.07 61.39 -10.65
CA SER A 729 -87.94 60.07 -11.24
C SER A 729 -88.55 60.10 -12.63
N ILE A 730 -89.72 60.74 -12.74
CA ILE A 730 -90.44 60.88 -14.00
C ILE A 730 -89.54 61.49 -15.06
N GLU A 731 -88.72 62.45 -14.66
CA GLU A 731 -87.75 63.05 -15.57
C GLU A 731 -86.81 62.01 -16.17
N ASP A 732 -86.23 61.19 -15.30
CA ASP A 732 -85.30 60.14 -15.72
C ASP A 732 -86.00 59.15 -16.65
N ALA A 733 -87.23 58.79 -16.28
CA ALA A 733 -88.03 57.86 -17.08
C ALA A 733 -88.33 58.41 -18.47
N HIS A 734 -88.74 59.67 -18.52
CA HIS A 734 -89.08 60.36 -19.76
C HIS A 734 -87.88 60.43 -20.69
N THR A 735 -86.79 60.98 -20.17
CA THR A 735 -85.53 61.07 -20.91
C THR A 735 -85.09 59.70 -21.39
N ALA A 736 -85.32 58.70 -20.54
CA ALA A 736 -85.01 57.32 -20.86
C ALA A 736 -85.80 56.84 -22.07
N LEU A 737 -87.10 57.12 -22.04
CA LEU A 737 -88.00 56.69 -23.10
C LEU A 737 -87.51 57.28 -24.42
N ILE A 738 -87.20 58.57 -24.39
CA ILE A 738 -86.69 59.25 -25.57
C ILE A 738 -85.39 58.59 -26.05
N LEU A 739 -84.52 58.27 -25.10
CA LEU A 739 -83.26 57.60 -25.42
C LEU A 739 -83.46 56.25 -26.11
N TYR A 740 -84.48 55.50 -25.66
CA TYR A 740 -84.81 54.23 -26.30
C TYR A 740 -85.27 54.49 -27.73
N LYS A 741 -86.08 55.52 -27.89
CA LYS A 741 -86.56 55.90 -29.23
C LYS A 741 -85.38 56.19 -30.14
N LYS A 742 -84.35 56.84 -29.59
CA LYS A 742 -83.12 57.10 -30.34
C LYS A 742 -82.40 55.79 -30.70
N TYR A 743 -82.31 54.90 -29.71
CA TYR A 743 -81.64 53.62 -29.86
C TYR A 743 -82.23 52.73 -30.95
N LEU A 744 -83.55 52.78 -31.12
CA LEU A 744 -84.18 51.95 -32.15
C LEU A 744 -83.78 52.40 -33.56
N HIS A 745 -84.02 53.66 -33.87
CA HIS A 745 -83.74 54.23 -35.19
C HIS A 745 -82.24 54.33 -35.49
N LEU A 746 -81.41 54.40 -34.45
CA LEU A 746 -79.97 54.54 -34.67
C LEU A 746 -79.38 53.29 -35.31
N LYS A 747 -79.98 52.13 -35.03
CA LYS A 747 -79.63 50.88 -35.71
C LYS A 747 -78.13 50.59 -35.68
N GLU A 748 -77.52 50.55 -36.86
CA GLU A 748 -76.08 50.36 -36.98
C GLU A 748 -75.29 51.48 -36.28
N LEU B 4 -63.46 -25.96 -9.41
CA LEU B 4 -62.08 -26.04 -8.95
C LEU B 4 -61.85 -25.13 -7.74
N LEU B 5 -62.93 -24.61 -7.18
CA LEU B 5 -62.87 -23.74 -6.01
C LEU B 5 -61.94 -22.55 -6.23
N GLN B 6 -62.11 -21.88 -7.38
CA GLN B 6 -61.23 -20.80 -7.78
C GLN B 6 -61.15 -19.72 -6.71
N TYR B 7 -62.29 -19.38 -6.12
CA TYR B 7 -62.36 -18.48 -4.96
C TYR B 7 -61.59 -17.18 -5.25
N HIS B 8 -61.62 -16.77 -6.51
CA HIS B 8 -60.90 -15.58 -6.96
C HIS B 8 -59.39 -15.72 -6.72
N LEU B 9 -58.91 -16.94 -6.55
CA LEU B 9 -57.47 -17.15 -6.34
C LEU B 9 -56.83 -17.15 -7.71
N TYR B 10 -57.68 -17.13 -8.72
CA TYR B 10 -57.27 -17.01 -10.11
C TYR B 10 -56.65 -15.63 -10.30
N ALA B 11 -57.40 -14.62 -9.89
CA ALA B 11 -56.92 -13.24 -9.82
C ALA B 11 -57.59 -12.52 -8.66
N PRO B 12 -56.95 -12.52 -7.48
CA PRO B 12 -57.56 -11.84 -6.34
C PRO B 12 -57.63 -10.33 -6.55
N GLU B 13 -58.78 -9.76 -6.27
CA GLU B 13 -59.00 -8.33 -6.49
C GLU B 13 -58.24 -7.47 -5.49
N GLN B 14 -57.77 -6.32 -5.94
CA GLN B 14 -57.11 -5.35 -5.08
C GLN B 14 -58.07 -4.85 -4.02
N PRO B 15 -57.56 -4.49 -2.84
CA PRO B 15 -58.39 -4.00 -1.73
C PRO B 15 -59.30 -2.83 -2.13
N SER B 16 -60.49 -2.79 -1.55
CA SER B 16 -61.49 -1.79 -1.90
C SER B 16 -60.99 -0.38 -1.59
N SER B 17 -60.26 -0.25 -0.47
CA SER B 17 -59.70 1.03 -0.07
C SER B 17 -58.77 1.58 -1.14
N LEU B 18 -57.93 0.71 -1.69
CA LEU B 18 -57.02 1.10 -2.75
C LEU B 18 -57.79 1.60 -3.97
N LYS B 19 -58.81 0.85 -4.37
CA LYS B 19 -59.66 1.22 -5.50
C LYS B 19 -60.32 2.57 -5.27
N SER B 20 -60.66 2.85 -4.01
CA SER B 20 -61.26 4.13 -3.64
C SER B 20 -60.26 5.28 -3.75
N LEU B 21 -59.03 5.05 -3.29
CA LEU B 21 -58.01 6.10 -3.26
C LEU B 21 -57.49 6.51 -4.64
N LEU B 22 -57.64 5.63 -5.62
CA LEU B 22 -57.09 5.86 -6.96
C LEU B 22 -57.59 7.16 -7.61
N LYS B 23 -56.66 7.91 -8.19
CA LYS B 23 -57.02 9.10 -8.94
C LYS B 23 -57.44 8.62 -10.34
N PRO B 24 -58.22 9.44 -11.07
CA PRO B 24 -58.87 8.95 -12.30
C PRO B 24 -57.92 8.40 -13.36
N ASN B 25 -56.81 9.08 -13.61
CA ASN B 25 -55.85 8.61 -14.60
C ASN B 25 -55.21 7.28 -14.25
N GLU B 26 -55.00 7.03 -12.97
CA GLU B 26 -54.34 5.79 -12.56
C GLU B 26 -55.23 4.59 -12.89
N ARG B 27 -54.60 3.42 -12.93
CA ARG B 27 -55.30 2.17 -13.22
C ARG B 27 -54.83 1.07 -12.29
N SER B 28 -55.55 -0.04 -12.31
CA SER B 28 -55.22 -1.21 -11.51
C SER B 28 -55.32 -2.44 -12.40
N ALA B 29 -54.71 -3.53 -11.97
CA ALA B 29 -54.57 -4.71 -12.81
C ALA B 29 -55.94 -5.28 -13.15
N ASP B 30 -56.87 -5.16 -12.21
CA ASP B 30 -58.22 -5.66 -12.42
C ASP B 30 -58.99 -4.90 -13.47
N GLN B 31 -58.67 -3.62 -13.65
CA GLN B 31 -59.48 -2.80 -14.54
C GLN B 31 -59.10 -2.99 -16.00
N LEU B 32 -57.85 -3.37 -16.22
CA LEU B 32 -57.35 -3.63 -17.57
C LEU B 32 -57.99 -4.88 -18.16
N PHE B 33 -58.24 -5.86 -17.29
CA PHE B 33 -58.74 -7.16 -17.72
C PHE B 33 -60.22 -7.40 -17.47
N ILE B 34 -60.69 -8.57 -17.91
CA ILE B 34 -62.06 -9.02 -17.67
C ILE B 34 -62.31 -9.16 -16.17
N PRO B 35 -63.44 -8.63 -15.69
CA PRO B 35 -63.68 -8.76 -14.25
C PRO B 35 -63.97 -10.22 -13.88
N ASN B 36 -63.75 -10.56 -12.62
CA ASN B 36 -63.78 -11.94 -12.16
C ASN B 36 -65.13 -12.64 -12.28
N ASN B 37 -66.19 -11.99 -11.83
CA ASN B 37 -67.53 -12.59 -11.91
C ASN B 37 -67.91 -13.12 -13.31
N ILE B 38 -67.61 -12.33 -14.34
CA ILE B 38 -68.00 -12.70 -15.69
C ILE B 38 -67.21 -13.91 -16.16
N ARG B 39 -65.89 -13.86 -15.94
CA ARG B 39 -64.99 -14.91 -16.37
C ARG B 39 -65.28 -16.21 -15.64
N GLU B 40 -65.56 -16.10 -14.35
CA GLU B 40 -65.85 -17.26 -13.51
C GLU B 40 -67.15 -17.91 -13.98
N ASP B 41 -68.16 -17.08 -14.18
CA ASP B 41 -69.46 -17.55 -14.64
C ASP B 41 -69.33 -18.29 -15.96
N LEU B 42 -68.71 -17.62 -16.92
CA LEU B 42 -68.52 -18.18 -18.26
C LEU B 42 -67.69 -19.46 -18.23
N THR B 43 -66.69 -19.49 -17.36
CA THR B 43 -65.84 -20.67 -17.21
C THR B 43 -66.66 -21.86 -16.71
N LYS B 44 -67.45 -21.63 -15.67
CA LYS B 44 -68.31 -22.67 -15.14
C LYS B 44 -69.28 -23.16 -16.21
N LYS B 45 -69.79 -22.22 -17.00
CA LYS B 45 -70.69 -22.55 -18.10
C LYS B 45 -69.99 -23.46 -19.12
N ASN B 46 -68.79 -23.06 -19.54
CA ASN B 46 -68.04 -23.81 -20.54
C ASN B 46 -67.71 -25.22 -20.07
N LEU B 47 -67.27 -25.32 -18.82
CA LEU B 47 -66.96 -26.61 -18.22
C LEU B 47 -68.20 -27.48 -18.19
N SER B 48 -69.31 -26.89 -17.77
CA SER B 48 -70.56 -27.62 -17.66
C SER B 48 -71.04 -28.13 -19.02
N ILE B 49 -70.84 -27.33 -20.07
CA ILE B 49 -71.22 -27.75 -21.41
C ILE B 49 -70.32 -28.87 -21.92
N LEU B 50 -69.02 -28.69 -21.74
CA LEU B 50 -68.02 -29.59 -22.31
C LEU B 50 -67.91 -30.93 -21.61
N GLN B 51 -68.25 -30.99 -20.33
CA GLN B 51 -67.96 -32.18 -19.53
C GLN B 51 -68.68 -33.40 -20.10
N VAL B 52 -67.91 -34.46 -20.33
CA VAL B 52 -68.46 -35.71 -20.84
C VAL B 52 -68.17 -36.87 -19.91
N PHE B 53 -69.21 -37.67 -19.64
CA PHE B 53 -69.09 -38.76 -18.68
C PHE B 53 -69.15 -40.10 -19.38
N PRO B 54 -68.38 -41.07 -18.88
CA PRO B 54 -68.38 -42.40 -19.48
C PRO B 54 -69.66 -43.15 -19.08
N SER B 55 -70.03 -44.15 -19.86
CA SER B 55 -71.31 -44.80 -19.66
C SER B 55 -71.19 -46.29 -19.94
N SER B 56 -72.19 -47.05 -19.56
CA SER B 56 -72.17 -48.49 -19.79
C SER B 56 -72.74 -48.84 -21.15
N GLY B 57 -73.79 -48.14 -21.53
CA GLY B 57 -74.47 -48.34 -22.80
C GLY B 57 -75.62 -49.29 -22.56
N LYS B 58 -75.42 -50.20 -21.62
CA LYS B 58 -76.51 -51.06 -21.26
C LYS B 58 -77.39 -50.35 -20.25
N VAL B 59 -76.80 -49.43 -19.49
CA VAL B 59 -77.57 -48.69 -18.49
C VAL B 59 -78.32 -47.47 -19.04
N ILE B 60 -77.70 -46.85 -20.05
CA ILE B 60 -78.11 -45.55 -20.56
C ILE B 60 -77.83 -45.63 -22.04
N PRO B 61 -78.69 -45.01 -22.87
CA PRO B 61 -78.52 -45.20 -24.30
C PRO B 61 -77.18 -44.65 -24.82
N SER B 62 -76.52 -45.46 -25.64
CA SER B 62 -75.24 -45.09 -26.23
C SER B 62 -75.41 -43.85 -27.09
N ILE B 63 -76.34 -43.93 -28.04
CA ILE B 63 -76.63 -42.80 -28.91
C ILE B 63 -78.13 -42.75 -29.16
N VAL B 64 -78.70 -41.56 -29.25
CA VAL B 64 -80.11 -41.40 -29.57
C VAL B 64 -80.31 -40.41 -30.71
N GLN B 65 -80.98 -40.86 -31.76
CA GLN B 65 -81.21 -40.06 -32.96
C GLN B 65 -79.91 -39.38 -33.43
N ASP B 66 -79.85 -38.06 -33.35
CA ASP B 66 -78.66 -37.29 -33.67
C ASP B 66 -77.89 -36.92 -32.43
N TYR B 67 -78.32 -37.44 -31.29
CA TYR B 67 -77.72 -37.00 -30.05
C TYR B 67 -76.92 -38.13 -29.42
N PHE B 68 -75.79 -37.79 -28.82
CA PHE B 68 -74.95 -38.80 -28.20
C PHE B 68 -74.12 -38.20 -27.08
N ASN B 69 -73.34 -39.05 -26.42
CA ASN B 69 -72.54 -38.66 -25.27
C ASN B 69 -73.45 -37.91 -24.31
N LEU B 70 -74.66 -38.42 -24.17
CA LEU B 70 -75.64 -37.79 -23.32
C LEU B 70 -75.24 -38.02 -21.87
N VAL B 71 -75.46 -37.00 -21.05
CA VAL B 71 -75.24 -37.15 -19.63
C VAL B 71 -76.44 -36.62 -18.88
N PRO B 72 -76.86 -37.37 -17.86
CA PRO B 72 -78.03 -37.02 -17.07
C PRO B 72 -77.74 -35.88 -16.13
N LEU B 73 -78.79 -35.13 -15.78
CA LEU B 73 -78.67 -34.16 -14.72
C LEU B 73 -79.55 -34.74 -13.65
N ASN B 74 -78.94 -35.32 -12.64
CA ASN B 74 -79.66 -36.13 -11.67
C ASN B 74 -80.50 -35.27 -10.75
N PHE B 75 -80.05 -34.04 -10.58
CA PHE B 75 -80.59 -33.15 -9.57
C PHE B 75 -81.91 -32.48 -9.96
N ASN B 76 -82.13 -32.24 -11.26
CA ASN B 76 -83.44 -31.69 -11.60
C ASN B 76 -84.40 -32.81 -11.92
N ASN B 77 -85.22 -33.15 -10.95
CA ASN B 77 -86.35 -34.04 -11.17
C ASN B 77 -87.45 -33.67 -10.18
N ASN B 78 -88.69 -33.55 -10.63
CA ASN B 78 -89.76 -33.38 -9.66
C ASN B 78 -90.49 -34.69 -9.31
N ASP B 79 -90.43 -35.69 -10.19
CA ASP B 79 -91.06 -36.98 -9.92
C ASP B 79 -90.04 -37.82 -9.16
N PHE B 80 -90.28 -38.04 -7.88
CA PHE B 80 -89.28 -38.71 -7.05
C PHE B 80 -89.22 -40.22 -7.27
N LEU B 81 -90.20 -40.76 -7.98
CA LEU B 81 -90.31 -42.20 -8.21
C LEU B 81 -89.33 -42.67 -9.28
N ASN B 82 -89.28 -41.94 -10.39
CA ASN B 82 -88.46 -42.36 -11.52
C ASN B 82 -87.15 -41.59 -11.68
N LYS B 83 -86.16 -42.23 -12.28
CA LYS B 83 -84.87 -41.63 -12.60
C LYS B 83 -85.07 -40.45 -13.55
N THR B 84 -84.14 -39.50 -13.53
CA THR B 84 -84.32 -38.20 -14.17
C THR B 84 -84.78 -38.20 -15.62
N THR B 85 -85.74 -37.33 -15.90
CA THR B 85 -86.34 -37.17 -17.22
C THR B 85 -85.43 -36.42 -18.20
N LEU B 86 -84.75 -35.40 -17.73
CA LEU B 86 -83.99 -34.53 -18.64
C LEU B 86 -82.48 -34.71 -18.54
N PHE B 87 -81.84 -34.71 -19.71
CA PHE B 87 -80.42 -35.01 -19.87
C PHE B 87 -79.70 -33.97 -20.73
N LYS B 88 -78.40 -33.85 -20.56
CA LYS B 88 -77.60 -33.01 -21.44
C LYS B 88 -77.10 -33.89 -22.57
N VAL B 89 -77.17 -33.39 -23.81
CA VAL B 89 -76.85 -34.20 -24.97
C VAL B 89 -76.00 -33.44 -25.98
N PHE B 90 -75.15 -34.16 -26.69
CA PHE B 90 -74.41 -33.60 -27.82
C PHE B 90 -75.09 -34.02 -29.12
N SER B 91 -75.45 -33.03 -29.94
CA SER B 91 -76.06 -33.31 -31.23
C SER B 91 -75.00 -33.83 -32.17
N ASN B 92 -75.39 -34.53 -33.24
CA ASN B 92 -74.37 -35.07 -34.12
C ASN B 92 -73.82 -34.10 -35.14
N TYR B 93 -74.63 -33.66 -36.11
CA TYR B 93 -74.04 -32.78 -37.12
C TYR B 93 -73.95 -31.35 -36.61
N ASP B 94 -74.92 -30.97 -35.78
CA ASP B 94 -74.97 -29.63 -35.20
C ASP B 94 -73.71 -29.31 -34.38
N GLY B 95 -73.32 -30.26 -33.53
CA GLY B 95 -72.20 -30.04 -32.62
C GLY B 95 -72.49 -29.19 -31.40
N LYS B 96 -73.63 -28.51 -31.41
CA LYS B 96 -74.03 -27.67 -30.29
C LYS B 96 -74.86 -28.40 -29.24
N ALA B 97 -74.28 -28.57 -28.05
CA ALA B 97 -74.95 -29.21 -26.92
C ALA B 97 -76.37 -28.69 -26.72
N TYR B 98 -77.29 -29.61 -26.42
CA TYR B 98 -78.69 -29.31 -26.19
C TYR B 98 -79.21 -30.09 -24.99
N VAL B 99 -80.43 -29.79 -24.55
CA VAL B 99 -81.06 -30.55 -23.49
C VAL B 99 -82.21 -31.38 -24.03
N LEU B 100 -82.45 -32.53 -23.41
CA LEU B 100 -83.51 -33.44 -23.84
C LEU B 100 -84.40 -33.76 -22.67
N LYS B 101 -85.72 -33.70 -22.84
CA LYS B 101 -86.62 -34.09 -21.76
C LYS B 101 -87.43 -35.33 -22.10
N ARG B 102 -87.32 -36.34 -21.25
CA ARG B 102 -87.96 -37.64 -21.47
C ARG B 102 -89.36 -37.75 -20.87
N LEU B 103 -90.28 -38.29 -21.67
CA LEU B 103 -91.60 -38.66 -21.19
C LEU B 103 -91.74 -40.17 -21.33
N PRO B 104 -91.57 -40.90 -20.21
CA PRO B 104 -91.43 -42.35 -20.20
C PRO B 104 -92.73 -43.14 -20.36
N ASN B 105 -92.59 -44.39 -20.82
CA ASN B 105 -93.67 -45.37 -20.87
C ASN B 105 -95.00 -44.89 -21.47
N ILE B 106 -95.07 -44.78 -22.79
CA ILE B 106 -96.30 -44.33 -23.45
C ILE B 106 -97.09 -45.44 -24.12
N ASP B 107 -98.20 -45.81 -23.50
CA ASP B 107 -99.14 -46.79 -24.06
C ASP B 107 -99.56 -46.49 -25.50
N LYS B 108 -99.64 -45.22 -25.85
CA LYS B 108 -100.27 -44.79 -27.10
C LYS B 108 -99.44 -44.86 -28.38
N SER B 109 -98.16 -44.48 -28.34
CA SER B 109 -97.28 -44.59 -29.51
C SER B 109 -97.89 -43.83 -30.69
N MET B 110 -97.87 -42.50 -30.59
CA MET B 110 -98.49 -41.59 -31.55
C MET B 110 -98.03 -41.72 -33.01
N ASN B 111 -98.99 -41.54 -33.91
CA ASN B 111 -98.74 -41.59 -35.36
C ASN B 111 -97.83 -40.42 -35.76
N PRO B 112 -96.99 -40.63 -36.78
CA PRO B 112 -96.03 -39.63 -37.26
C PRO B 112 -96.66 -38.30 -37.71
N ASN B 113 -97.85 -38.33 -38.28
CA ASN B 113 -98.52 -37.11 -38.71
C ASN B 113 -98.64 -36.12 -37.57
N LYS B 114 -98.98 -36.63 -36.39
CA LYS B 114 -99.07 -35.79 -35.20
C LYS B 114 -97.71 -35.17 -34.89
N ILE B 115 -96.64 -35.96 -35.02
CA ILE B 115 -95.30 -35.44 -34.78
C ILE B 115 -95.02 -34.29 -35.73
N SER B 116 -95.37 -34.45 -37.00
CA SER B 116 -95.18 -33.38 -37.97
C SER B 116 -95.96 -32.14 -37.55
N LYS B 117 -97.19 -32.34 -37.08
CA LYS B 117 -98.03 -31.24 -36.65
C LYS B 117 -97.43 -30.45 -35.48
N ILE B 118 -97.07 -31.18 -34.42
CA ILE B 118 -96.47 -30.58 -33.23
C ILE B 118 -95.19 -29.85 -33.56
N TYR B 119 -94.33 -30.52 -34.34
CA TYR B 119 -93.05 -29.95 -34.72
C TYR B 119 -93.28 -28.64 -35.47
N GLN B 120 -94.12 -28.66 -36.50
CA GLN B 120 -94.39 -27.45 -37.26
C GLN B 120 -94.91 -26.32 -36.36
N ILE B 121 -95.86 -26.65 -35.50
CA ILE B 121 -96.49 -25.65 -34.64
C ILE B 121 -95.49 -25.02 -33.68
N TRP B 122 -94.68 -25.84 -33.02
CA TRP B 122 -93.79 -25.34 -31.98
C TRP B 122 -92.51 -24.75 -32.55
N SER B 123 -92.13 -25.20 -33.73
CA SER B 123 -90.94 -24.68 -34.42
C SER B 123 -91.21 -23.33 -35.04
N LYS B 124 -92.42 -23.15 -35.56
CA LYS B 124 -92.79 -21.91 -36.25
C LYS B 124 -92.58 -20.68 -35.37
N ILE B 125 -92.94 -20.80 -34.09
CA ILE B 125 -92.85 -19.68 -33.16
C ILE B 125 -91.41 -19.38 -32.74
N ASN B 126 -91.03 -18.11 -32.81
CA ASN B 126 -89.70 -17.69 -32.37
C ASN B 126 -89.73 -16.51 -31.39
N CYS B 127 -89.19 -16.73 -30.20
CA CYS B 127 -89.06 -15.66 -29.21
C CYS B 127 -87.73 -15.82 -28.48
N THR B 128 -87.07 -14.71 -28.19
CA THR B 128 -85.81 -14.74 -27.45
C THR B 128 -85.98 -15.22 -26.01
N ASN B 129 -86.98 -14.67 -25.33
CA ASN B 129 -87.16 -14.91 -23.91
C ASN B 129 -87.88 -16.23 -23.63
N LEU B 130 -88.21 -16.95 -24.69
CA LEU B 130 -88.71 -18.32 -24.53
C LEU B 130 -87.69 -19.23 -25.17
N ILE B 131 -87.15 -20.15 -24.39
CA ILE B 131 -86.13 -21.08 -24.89
C ILE B 131 -86.65 -21.84 -26.08
N LYS B 132 -85.92 -21.77 -27.18
CA LYS B 132 -86.37 -22.33 -28.46
C LYS B 132 -86.54 -23.84 -28.39
N PHE B 133 -87.57 -24.34 -29.06
CA PHE B 133 -87.82 -25.77 -29.12
C PHE B 133 -87.35 -26.27 -30.47
N ARG B 134 -86.30 -27.08 -30.46
CA ARG B 134 -85.69 -27.48 -31.73
C ARG B 134 -86.06 -28.85 -32.29
N ASP B 135 -86.46 -29.81 -31.45
CA ASP B 135 -86.78 -31.13 -31.99
C ASP B 135 -87.73 -31.95 -31.11
N ILE B 136 -88.73 -32.57 -31.70
CA ILE B 136 -89.57 -33.55 -31.02
C ILE B 136 -89.27 -34.93 -31.61
N PHE B 137 -89.25 -35.97 -30.78
CA PHE B 137 -88.95 -37.29 -31.32
C PHE B 137 -89.56 -38.41 -30.49
N GLN B 138 -89.76 -39.56 -31.13
CA GLN B 138 -90.29 -40.74 -30.44
C GLN B 138 -89.25 -41.86 -30.53
N THR B 139 -88.82 -42.40 -29.39
CA THR B 139 -87.78 -43.42 -29.43
C THR B 139 -87.99 -44.59 -28.45
N THR B 140 -87.47 -45.75 -28.82
CA THR B 140 -87.56 -46.94 -27.99
C THR B 140 -86.30 -47.24 -27.19
N LYS B 141 -85.27 -46.42 -27.35
CA LYS B 141 -83.96 -46.79 -26.81
C LYS B 141 -83.95 -46.87 -25.29
N PHE B 142 -84.79 -46.09 -24.63
CA PHE B 142 -85.04 -46.28 -23.21
C PHE B 142 -85.91 -47.51 -23.11
N GLY B 143 -85.60 -48.50 -22.27
CA GLY B 143 -86.68 -49.21 -21.60
C GLY B 143 -87.74 -49.73 -22.55
N ASP B 144 -88.94 -49.22 -22.33
CA ASP B 144 -90.08 -49.39 -23.22
C ASP B 144 -90.25 -48.03 -23.90
N LEU B 145 -91.32 -47.83 -24.67
CA LEU B 145 -91.47 -46.61 -25.45
C LEU B 145 -91.27 -45.33 -24.62
N SER B 146 -90.48 -44.40 -25.15
CA SER B 146 -90.29 -43.10 -24.53
C SER B 146 -90.38 -42.00 -25.57
N ILE B 147 -91.01 -40.87 -25.24
CA ILE B 147 -91.07 -39.76 -26.19
C ILE B 147 -90.30 -38.56 -25.64
N CYS B 148 -89.50 -37.92 -26.50
CA CYS B 148 -88.58 -36.91 -26.01
C CYS B 148 -88.68 -35.57 -26.72
N LEU B 149 -88.40 -34.52 -25.95
CA LEU B 149 -88.42 -33.16 -26.44
C LEU B 149 -87.01 -32.61 -26.37
N VAL B 150 -86.68 -31.62 -27.19
CA VAL B 150 -85.36 -31.03 -27.15
C VAL B 150 -85.40 -29.51 -27.02
N PHE B 151 -84.60 -29.00 -26.08
CA PHE B 151 -84.57 -27.58 -25.76
C PHE B 151 -83.13 -27.06 -25.87
N ASP B 152 -82.99 -25.75 -26.01
CA ASP B 152 -81.68 -25.11 -25.92
C ASP B 152 -81.16 -25.26 -24.50
N TYR B 153 -79.84 -25.20 -24.34
CA TYR B 153 -79.24 -25.51 -23.04
C TYR B 153 -79.32 -24.34 -22.07
N TYR B 154 -78.61 -23.25 -22.37
CA TYR B 154 -78.60 -22.06 -21.52
C TYR B 154 -78.19 -22.43 -20.10
N PRO B 155 -76.89 -22.70 -19.90
CA PRO B 155 -76.25 -23.27 -18.71
C PRO B 155 -76.31 -22.45 -17.43
N ASN B 156 -76.26 -23.15 -16.30
CA ASN B 156 -76.24 -22.54 -14.97
C ASN B 156 -77.40 -21.57 -14.78
N SER B 157 -78.49 -21.87 -15.46
CA SER B 157 -79.69 -21.08 -15.34
C SER B 157 -80.40 -21.50 -14.07
N LEU B 158 -80.79 -20.53 -13.26
CA LEU B 158 -81.47 -20.80 -12.01
C LEU B 158 -82.91 -20.31 -12.08
N SER B 159 -83.80 -21.00 -11.36
CA SER B 159 -85.17 -20.55 -11.27
C SER B 159 -85.17 -19.30 -10.42
N LEU B 160 -86.11 -18.41 -10.67
CA LEU B 160 -86.19 -17.16 -9.93
C LEU B 160 -86.23 -17.44 -8.43
N TYR B 161 -87.03 -18.45 -8.07
CA TYR B 161 -87.14 -18.92 -6.69
C TYR B 161 -85.75 -19.29 -6.18
N ASP B 162 -85.04 -20.10 -6.95
CA ASP B 162 -83.71 -20.53 -6.55
C ASP B 162 -82.74 -19.36 -6.57
N TYR B 163 -82.93 -18.47 -7.54
CA TYR B 163 -82.04 -17.34 -7.73
C TYR B 163 -82.02 -16.43 -6.51
N HIS B 164 -83.20 -15.97 -6.13
CA HIS B 164 -83.31 -14.98 -5.08
C HIS B 164 -83.27 -15.54 -3.65
N PHE B 165 -83.94 -16.67 -3.44
CA PHE B 165 -84.15 -17.18 -2.08
C PHE B 165 -83.18 -18.27 -1.60
N VAL B 166 -83.06 -19.38 -2.33
CA VAL B 166 -82.31 -20.53 -1.80
C VAL B 166 -80.80 -20.44 -2.09
N ASN B 167 -80.40 -19.99 -3.28
CA ASN B 167 -79.02 -20.14 -3.71
C ASN B 167 -78.12 -19.27 -2.83
N PHE B 168 -76.80 -19.46 -2.94
CA PHE B 168 -75.87 -18.90 -1.96
C PHE B 168 -75.68 -17.38 -1.96
N PRO B 169 -75.28 -16.76 -3.09
CA PRO B 169 -75.37 -15.30 -2.93
C PRO B 169 -76.81 -14.83 -3.05
N LYS B 170 -77.58 -14.96 -1.97
CA LYS B 170 -78.99 -14.60 -2.00
C LYS B 170 -79.10 -13.16 -2.52
N PHE B 171 -79.71 -13.01 -3.69
CA PHE B 171 -79.79 -11.72 -4.34
C PHE B 171 -81.05 -10.96 -3.95
N PRO B 172 -80.93 -9.63 -3.80
CA PRO B 172 -81.87 -8.78 -3.06
C PRO B 172 -83.24 -8.64 -3.69
N ILE B 173 -83.41 -9.09 -4.94
CA ILE B 173 -84.66 -8.98 -5.69
C ILE B 173 -85.16 -7.55 -5.53
N THR B 174 -84.43 -6.66 -6.19
CA THR B 174 -84.70 -5.22 -6.15
C THR B 174 -85.78 -4.82 -7.14
N ASN B 175 -86.52 -3.78 -6.76
CA ASN B 175 -87.69 -3.28 -7.49
C ASN B 175 -87.40 -3.08 -8.97
N ASN B 176 -86.24 -2.49 -9.27
CA ASN B 176 -85.81 -2.25 -10.65
C ASN B 176 -85.87 -3.52 -11.49
N TYR B 177 -85.30 -4.61 -10.96
CA TYR B 177 -85.29 -5.90 -11.63
C TYR B 177 -86.69 -6.40 -11.97
N LEU B 178 -87.62 -6.17 -11.04
CA LEU B 178 -89.02 -6.59 -11.21
C LEU B 178 -89.62 -6.06 -12.51
N TRP B 179 -89.39 -4.78 -12.80
CA TRP B 179 -89.85 -4.16 -14.03
C TRP B 179 -89.34 -4.94 -15.26
N ILE B 180 -88.06 -5.27 -15.23
CA ILE B 180 -87.42 -6.01 -16.31
C ILE B 180 -88.11 -7.35 -16.50
N TYR B 181 -88.34 -8.03 -15.37
CA TYR B 181 -89.08 -9.29 -15.37
C TYR B 181 -90.40 -9.11 -16.13
N LEU B 182 -91.15 -8.09 -15.73
CA LEU B 182 -92.46 -7.80 -16.33
C LEU B 182 -92.38 -7.59 -17.83
N VAL B 183 -91.42 -6.78 -18.26
CA VAL B 183 -91.27 -6.47 -19.68
C VAL B 183 -90.97 -7.76 -20.46
N GLN B 184 -90.03 -8.56 -19.96
CA GLN B 184 -89.64 -9.77 -20.68
C GLN B 184 -90.78 -10.80 -20.78
N LEU B 185 -91.46 -11.04 -19.65
CA LEU B 185 -92.61 -11.94 -19.67
C LEU B 185 -93.71 -11.40 -20.58
N THR B 186 -93.87 -10.08 -20.60
CA THR B 186 -94.84 -9.47 -21.49
C THR B 186 -94.47 -9.81 -22.92
N ASN B 187 -93.16 -9.80 -23.21
CA ASN B 187 -92.68 -10.17 -24.52
C ASN B 187 -93.04 -11.62 -24.87
N VAL B 188 -92.75 -12.57 -23.99
CA VAL B 188 -93.09 -13.96 -24.34
C VAL B 188 -94.60 -14.15 -24.49
N ILE B 189 -95.38 -13.53 -23.63
CA ILE B 189 -96.84 -13.62 -23.73
C ILE B 189 -97.32 -13.09 -25.08
N ASN B 190 -96.84 -11.90 -25.44
CA ASN B 190 -97.23 -11.30 -26.71
C ASN B 190 -96.84 -12.19 -27.89
N SER B 191 -95.63 -12.73 -27.84
CA SER B 191 -95.12 -13.56 -28.93
C SER B 191 -95.96 -14.84 -29.08
N ILE B 192 -96.35 -15.42 -27.94
CA ILE B 192 -97.14 -16.65 -27.96
C ILE B 192 -98.56 -16.38 -28.46
N HIS B 193 -99.17 -15.31 -27.95
CA HIS B 193 -100.54 -14.98 -28.32
C HIS B 193 -100.63 -14.52 -29.78
N SER B 194 -99.54 -13.96 -30.29
CA SER B 194 -99.46 -13.51 -31.68
C SER B 194 -99.60 -14.68 -32.65
N GLN B 195 -99.19 -15.86 -32.21
CA GLN B 195 -99.30 -17.08 -33.00
C GLN B 195 -100.55 -17.87 -32.64
N ASN B 196 -101.47 -17.19 -31.96
CA ASN B 196 -102.77 -17.75 -31.59
C ASN B 196 -102.64 -19.00 -30.73
N LEU B 197 -101.57 -19.05 -29.94
CA LEU B 197 -101.37 -20.14 -29.00
C LEU B 197 -101.43 -19.61 -27.57
N SER B 198 -101.78 -20.48 -26.63
CA SER B 198 -101.83 -20.10 -25.24
C SER B 198 -100.63 -20.60 -24.44
N ILE B 199 -100.11 -19.77 -23.54
CA ILE B 199 -99.03 -20.16 -22.66
C ILE B 199 -99.67 -21.00 -21.54
N GLY B 200 -98.91 -21.91 -20.95
CA GLY B 200 -99.46 -22.78 -19.92
C GLY B 200 -99.35 -22.30 -18.48
N ASN B 201 -99.43 -23.26 -17.57
CA ASN B 201 -99.43 -23.01 -16.13
C ASN B 201 -98.01 -23.12 -15.58
N THR B 202 -97.04 -22.99 -16.48
CA THR B 202 -95.63 -23.05 -16.12
C THR B 202 -95.11 -21.66 -15.76
N LEU B 203 -96.01 -20.69 -15.74
CA LEU B 203 -95.65 -19.29 -15.56
C LEU B 203 -95.22 -18.99 -14.11
N ASN B 204 -95.33 -19.98 -13.23
CA ASN B 204 -94.95 -19.86 -11.81
C ASN B 204 -93.44 -19.71 -11.62
N TRP B 205 -92.98 -19.60 -10.37
CA TRP B 205 -91.58 -19.25 -10.08
C TRP B 205 -90.64 -20.21 -10.77
N ARG B 206 -90.86 -21.49 -10.51
CA ARG B 206 -90.08 -22.56 -11.10
C ARG B 206 -90.36 -22.60 -12.60
N LYS B 207 -89.47 -23.23 -13.36
CA LYS B 207 -89.59 -23.34 -14.82
C LYS B 207 -89.39 -21.99 -15.51
N VAL B 208 -89.33 -20.92 -14.73
CA VAL B 208 -88.92 -19.62 -15.26
C VAL B 208 -87.47 -19.48 -14.85
N LEU B 209 -86.60 -19.50 -15.86
CA LEU B 209 -85.16 -19.52 -15.63
C LEU B 209 -84.52 -18.17 -15.88
N ILE B 210 -83.40 -17.95 -15.21
CA ILE B 210 -82.64 -16.73 -15.39
C ILE B 210 -81.38 -17.05 -16.20
N THR B 211 -80.64 -16.02 -16.58
CA THR B 211 -79.42 -16.18 -17.34
C THR B 211 -78.56 -14.99 -16.94
N GLY B 212 -77.39 -14.83 -17.54
CA GLY B 212 -76.48 -13.74 -17.19
C GLY B 212 -77.21 -12.42 -17.10
N ASP B 213 -76.99 -11.70 -16.00
CA ASP B 213 -77.72 -10.47 -15.70
C ASP B 213 -77.54 -9.35 -16.74
N PRO B 214 -78.22 -8.19 -16.58
CA PRO B 214 -79.31 -7.88 -15.65
C PRO B 214 -80.57 -8.62 -16.02
N GLY B 215 -81.14 -9.32 -15.05
CA GLY B 215 -82.40 -10.01 -15.22
C GLY B 215 -82.72 -10.60 -16.59
N ARG B 216 -81.84 -11.40 -17.20
CA ARG B 216 -82.29 -11.94 -18.47
C ARG B 216 -83.12 -13.15 -18.14
N ILE B 217 -84.41 -13.01 -18.42
CA ILE B 217 -85.37 -14.04 -18.09
C ILE B 217 -85.73 -14.82 -19.34
N LYS B 218 -85.91 -16.12 -19.16
CA LYS B 218 -86.36 -16.99 -20.23
C LYS B 218 -87.22 -18.07 -19.62
N LEU B 219 -88.25 -18.48 -20.35
CA LEU B 219 -89.16 -19.48 -19.84
C LEU B 219 -88.79 -20.82 -20.44
N SER B 220 -89.05 -21.88 -19.69
CA SER B 220 -88.59 -23.20 -20.10
C SER B 220 -89.53 -23.75 -21.16
N HIS B 221 -90.73 -24.13 -20.76
CA HIS B 221 -91.68 -24.74 -21.67
C HIS B 221 -93.06 -24.04 -21.61
N CYS B 222 -93.79 -24.09 -22.72
CA CYS B 222 -95.11 -23.44 -22.80
C CYS B 222 -96.29 -24.37 -22.49
N ASN B 223 -95.99 -25.56 -21.97
CA ASN B 223 -97.01 -26.52 -21.54
C ASN B 223 -98.06 -26.93 -22.58
N PHE B 224 -97.60 -27.29 -23.77
CA PHE B 224 -98.45 -27.90 -24.79
C PHE B 224 -98.66 -29.39 -24.50
N MET B 225 -98.07 -29.86 -23.40
CA MET B 225 -98.03 -31.27 -23.08
C MET B 225 -99.39 -31.95 -23.18
N ASP B 226 -100.46 -31.23 -22.88
CA ASP B 226 -101.80 -31.78 -23.03
C ASP B 226 -102.08 -32.16 -24.49
N LEU B 227 -101.64 -31.31 -25.41
CA LEU B 227 -101.82 -31.52 -26.85
C LEU B 227 -101.13 -32.80 -27.35
N LEU B 228 -100.14 -33.26 -26.59
CA LEU B 228 -99.41 -34.47 -26.95
C LEU B 228 -100.27 -35.71 -26.74
N PHE B 229 -100.58 -36.00 -25.48
CA PHE B 229 -101.28 -37.22 -25.10
C PHE B 229 -102.59 -37.47 -25.83
N ASN B 230 -103.36 -36.42 -26.11
CA ASN B 230 -104.65 -36.61 -26.78
C ASN B 230 -105.07 -35.45 -27.68
N ASP B 231 -105.78 -35.78 -28.76
CA ASP B 231 -106.27 -34.79 -29.71
C ASP B 231 -107.35 -35.40 -30.60
N THR B 243 -112.58 -20.78 -25.30
CA THR B 243 -111.63 -21.89 -25.21
C THR B 243 -110.20 -21.39 -25.24
N ILE B 244 -109.68 -21.15 -26.44
CA ILE B 244 -108.32 -20.65 -26.60
C ILE B 244 -108.22 -19.28 -25.97
N GLU B 245 -109.21 -18.45 -26.25
CA GLU B 245 -109.29 -17.11 -25.67
C GLU B 245 -109.29 -17.18 -24.15
N GLY B 246 -110.05 -18.12 -23.60
CA GLY B 246 -110.15 -18.28 -22.16
C GLY B 246 -108.81 -18.52 -21.50
N GLN B 247 -108.03 -19.45 -22.04
CA GLN B 247 -106.70 -19.71 -21.53
C GLN B 247 -105.82 -18.49 -21.70
N GLN B 248 -105.98 -17.87 -22.88
CA GLN B 248 -105.22 -16.72 -23.30
C GLN B 248 -105.35 -15.57 -22.29
N GLN B 249 -106.56 -15.38 -21.77
CA GLN B 249 -106.79 -14.41 -20.71
C GLN B 249 -106.35 -14.94 -19.34
N LEU B 250 -106.56 -16.23 -19.12
CA LEU B 250 -106.26 -16.87 -17.84
C LEU B 250 -104.81 -16.76 -17.41
N ASP B 251 -103.89 -16.89 -18.37
CA ASP B 251 -102.46 -16.83 -18.07
C ASP B 251 -101.99 -15.50 -17.46
N TYR B 252 -102.63 -14.40 -17.87
CA TYR B 252 -102.33 -13.08 -17.32
C TYR B 252 -102.34 -13.18 -15.80
N LYS B 253 -103.37 -13.82 -15.28
CA LYS B 253 -103.51 -14.04 -13.85
C LYS B 253 -102.31 -14.80 -13.29
N TYR B 254 -101.81 -15.78 -14.04
CA TYR B 254 -100.66 -16.56 -13.60
C TYR B 254 -99.43 -15.65 -13.43
N LEU B 255 -99.20 -14.78 -14.42
CA LEU B 255 -98.10 -13.84 -14.33
C LEU B 255 -98.28 -12.99 -13.09
N GLY B 256 -99.53 -12.56 -12.88
CA GLY B 256 -99.89 -11.77 -11.72
C GLY B 256 -99.49 -12.50 -10.45
N GLU B 257 -99.73 -13.80 -10.43
CA GLU B 257 -99.41 -14.64 -9.27
C GLU B 257 -97.91 -14.57 -9.02
N LEU B 258 -97.13 -14.78 -10.09
CA LEU B 258 -95.68 -14.75 -10.00
C LEU B 258 -95.20 -13.44 -9.38
N LEU B 259 -95.45 -12.35 -10.10
CA LEU B 259 -94.98 -11.03 -9.68
C LEU B 259 -95.47 -10.64 -8.30
N PHE B 260 -96.70 -11.04 -7.97
CA PHE B 260 -97.25 -10.78 -6.64
C PHE B 260 -96.33 -11.46 -5.63
N ASN B 261 -96.09 -12.76 -5.83
CA ASN B 261 -95.25 -13.49 -4.88
C ASN B 261 -93.87 -12.85 -4.69
N LEU B 262 -93.22 -12.46 -5.79
CA LEU B 262 -91.95 -11.75 -5.65
C LEU B 262 -92.13 -10.47 -4.82
N SER B 263 -93.13 -9.69 -5.21
CA SER B 263 -93.39 -8.39 -4.62
C SER B 263 -93.59 -8.48 -3.12
N ILE B 264 -94.30 -9.52 -2.66
CA ILE B 264 -94.57 -9.65 -1.24
C ILE B 264 -93.35 -10.22 -0.53
N ASN B 265 -92.63 -11.10 -1.21
CA ASN B 265 -91.48 -11.76 -0.58
C ASN B 265 -90.16 -10.99 -0.63
N ILE B 266 -90.18 -9.78 -1.20
CA ILE B 266 -88.98 -8.95 -1.26
C ILE B 266 -88.32 -8.78 0.12
N GLU B 267 -89.13 -8.46 1.13
CA GLU B 267 -88.65 -8.25 2.49
C GLU B 267 -88.06 -9.53 3.04
N ASN B 268 -88.72 -10.64 2.72
CA ASN B 268 -88.23 -11.96 3.11
C ASN B 268 -86.88 -12.26 2.48
N SER B 269 -86.63 -11.69 1.31
CA SER B 269 -85.35 -11.87 0.65
C SER B 269 -84.28 -11.02 1.31
N ASN B 270 -84.63 -9.78 1.64
CA ASN B 270 -83.67 -8.86 2.26
C ASN B 270 -83.17 -9.38 3.60
N ASN B 271 -84.09 -9.91 4.40
CA ASN B 271 -83.75 -10.56 5.67
C ASN B 271 -83.34 -12.01 5.50
N ASN B 272 -83.27 -12.46 4.24
CA ASN B 272 -82.97 -13.85 3.88
C ASN B 272 -83.71 -14.88 4.73
N THR B 273 -85.03 -14.72 4.80
CA THR B 273 -85.86 -15.63 5.55
C THR B 273 -86.74 -16.39 4.57
N ALA B 274 -87.24 -17.55 4.98
CA ALA B 274 -88.01 -18.39 4.06
C ALA B 274 -89.25 -17.67 3.54
N PRO B 275 -89.55 -17.87 2.25
CA PRO B 275 -90.67 -17.22 1.56
C PRO B 275 -92.02 -17.88 1.82
N LYS B 276 -93.09 -17.12 1.59
CA LYS B 276 -94.43 -17.69 1.57
C LYS B 276 -94.94 -17.70 0.14
N GLU B 277 -95.70 -18.72 -0.22
CA GLU B 277 -96.23 -18.81 -1.56
C GLU B 277 -97.74 -18.65 -1.52
N TYR B 278 -98.30 -18.02 -2.54
CA TYR B 278 -99.73 -17.73 -2.56
C TYR B 278 -100.35 -18.12 -3.89
N ARG B 279 -101.54 -18.71 -3.84
CA ARG B 279 -102.27 -19.05 -5.06
C ARG B 279 -103.07 -17.83 -5.50
N LEU B 280 -103.43 -17.79 -6.78
CA LEU B 280 -104.13 -16.63 -7.34
C LEU B 280 -105.46 -16.34 -6.65
N GLU B 281 -106.00 -17.36 -5.99
CA GLU B 281 -107.23 -17.22 -5.21
C GLU B 281 -106.99 -16.37 -3.97
N GLU B 282 -105.80 -16.51 -3.37
CA GLU B 282 -105.50 -15.82 -2.13
C GLU B 282 -105.28 -14.34 -2.34
N ILE B 283 -104.97 -13.97 -3.58
CA ILE B 283 -104.62 -12.62 -3.94
C ILE B 283 -105.78 -11.62 -3.80
N THR B 284 -105.51 -10.54 -3.09
CA THR B 284 -106.49 -9.45 -2.91
C THR B 284 -105.89 -8.11 -3.32
N PRO B 285 -106.67 -7.31 -4.06
CA PRO B 285 -106.22 -5.99 -4.52
C PRO B 285 -105.87 -5.06 -3.36
N GLN B 286 -106.64 -5.14 -2.28
CA GLN B 286 -106.37 -4.35 -1.09
C GLN B 286 -105.02 -4.75 -0.51
N SER B 287 -104.76 -6.05 -0.53
CA SER B 287 -103.48 -6.58 -0.05
C SER B 287 -102.34 -6.07 -0.92
N ILE B 288 -102.61 -5.94 -2.22
CA ILE B 288 -101.64 -5.38 -3.15
C ILE B 288 -101.35 -3.94 -2.78
N ASP B 289 -102.39 -3.17 -2.52
CA ASP B 289 -102.24 -1.78 -2.08
C ASP B 289 -101.47 -1.70 -0.77
N ASP B 290 -101.57 -2.75 0.04
CA ASP B 290 -100.95 -2.75 1.37
C ASP B 290 -99.44 -2.89 1.34
N MET B 291 -98.92 -3.77 0.48
CA MET B 291 -97.49 -4.04 0.46
C MET B 291 -96.67 -2.82 0.08
N ARG B 292 -95.44 -2.77 0.55
CA ARG B 292 -94.57 -1.63 0.28
C ARG B 292 -93.33 -2.01 -0.53
N GLN B 293 -92.44 -1.02 -0.69
CA GLN B 293 -91.15 -1.15 -1.38
C GLN B 293 -91.32 -1.23 -2.90
N ILE B 294 -92.56 -1.20 -3.37
CA ILE B 294 -92.85 -1.28 -4.79
C ILE B 294 -93.43 0.04 -5.32
N ASP B 295 -93.14 0.34 -6.58
CA ASP B 295 -93.70 1.50 -7.25
C ASP B 295 -95.21 1.36 -7.41
N ASP B 296 -95.95 2.34 -6.89
CA ASP B 296 -97.42 2.35 -6.93
C ASP B 296 -97.93 2.01 -8.36
N LYS B 297 -97.12 2.31 -9.37
CA LYS B 297 -97.44 1.93 -10.73
C LYS B 297 -97.48 0.42 -10.89
N PHE B 298 -96.51 -0.25 -10.30
CA PHE B 298 -96.44 -1.70 -10.38
C PHE B 298 -97.61 -2.33 -9.62
N LYS B 299 -98.04 -1.65 -8.55
CA LYS B 299 -99.20 -2.09 -7.81
C LYS B 299 -100.43 -1.98 -8.70
N ASP B 300 -100.49 -0.90 -9.47
CA ASP B 300 -101.57 -0.71 -10.42
C ASP B 300 -101.57 -1.81 -11.48
N VAL B 301 -100.37 -2.21 -11.91
CA VAL B 301 -100.22 -3.28 -12.89
C VAL B 301 -100.75 -4.61 -12.34
N LEU B 302 -100.29 -4.96 -11.14
CA LEU B 302 -100.74 -6.18 -10.48
C LEU B 302 -102.26 -6.15 -10.35
N LYS B 303 -102.77 -4.96 -10.00
CA LYS B 303 -104.20 -4.76 -9.89
C LYS B 303 -104.89 -5.08 -11.22
N TYR B 304 -104.32 -4.61 -12.33
CA TYR B 304 -104.87 -4.90 -13.64
C TYR B 304 -104.90 -6.38 -13.96
N LEU B 305 -103.81 -7.08 -13.67
CA LEU B 305 -103.74 -8.49 -14.00
C LEU B 305 -104.70 -9.30 -13.14
N ILE B 306 -104.68 -9.04 -11.84
CA ILE B 306 -105.47 -9.82 -10.91
C ILE B 306 -106.95 -9.46 -11.07
N SER B 307 -107.23 -8.26 -11.59
CA SER B 307 -108.62 -7.77 -11.68
C SER B 307 -109.46 -8.83 -12.39
N ASP B 308 -110.64 -9.12 -11.86
CA ASP B 308 -111.48 -10.18 -12.42
C ASP B 308 -112.66 -9.82 -13.30
N ASN B 309 -112.72 -10.48 -14.45
CA ASN B 309 -113.88 -10.52 -15.34
C ASN B 309 -114.68 -9.25 -15.59
N GLY B 310 -114.02 -8.09 -15.71
CA GLY B 310 -114.73 -6.91 -16.13
C GLY B 310 -115.04 -7.35 -17.55
N ASP B 311 -116.16 -6.97 -18.16
CA ASP B 311 -116.24 -7.43 -19.53
C ASP B 311 -115.40 -6.49 -20.36
N SER B 312 -114.17 -6.95 -20.52
CA SER B 312 -113.18 -6.44 -21.43
C SER B 312 -112.27 -7.63 -21.60
N LYS B 313 -111.84 -7.93 -22.81
CA LYS B 313 -110.92 -9.03 -22.96
C LYS B 313 -109.54 -8.43 -22.78
N LYS B 314 -108.76 -8.97 -21.84
CA LYS B 314 -107.47 -8.38 -21.52
C LYS B 314 -106.54 -8.45 -22.71
N SER B 315 -106.03 -7.29 -23.10
CA SER B 315 -105.15 -7.22 -24.25
C SER B 315 -103.77 -6.76 -23.80
N ILE B 316 -102.76 -7.19 -24.55
CA ILE B 316 -101.38 -6.76 -24.33
C ILE B 316 -101.28 -5.24 -24.44
N HIS B 317 -102.10 -4.66 -25.30
CA HIS B 317 -102.09 -3.22 -25.55
C HIS B 317 -102.26 -2.41 -24.27
N ASP B 318 -103.28 -2.72 -23.48
CA ASP B 318 -103.54 -1.99 -22.24
C ASP B 318 -102.43 -2.18 -21.20
N LEU B 319 -101.98 -3.42 -21.07
CA LEU B 319 -100.95 -3.77 -20.09
C LEU B 319 -99.69 -2.99 -20.36
N THR B 320 -99.27 -3.00 -21.63
CA THR B 320 -98.10 -2.24 -22.05
C THR B 320 -98.38 -0.75 -21.92
N SER B 321 -99.64 -0.38 -22.12
CA SER B 321 -100.07 1.00 -22.01
C SER B 321 -99.88 1.54 -20.61
N HIS B 322 -99.92 0.67 -19.61
CA HIS B 322 -99.67 1.15 -18.25
C HIS B 322 -98.24 1.63 -18.06
N PHE B 323 -97.25 0.84 -18.50
CA PHE B 323 -95.87 1.27 -18.34
C PHE B 323 -95.16 1.44 -19.68
N TYR B 324 -95.03 2.68 -20.14
CA TYR B 324 -94.17 2.93 -21.30
C TYR B 324 -92.76 3.31 -20.87
N ASP B 325 -92.65 4.19 -19.88
CA ASP B 325 -91.36 4.73 -19.48
C ASP B 325 -90.42 3.63 -19.00
N LYS B 326 -90.96 2.75 -18.18
CA LYS B 326 -90.17 1.71 -17.55
C LYS B 326 -89.66 0.75 -18.62
N MET B 327 -90.45 0.60 -19.69
CA MET B 327 -90.05 -0.19 -20.84
C MET B 327 -88.78 0.36 -21.48
N PHE B 328 -88.78 1.68 -21.70
CA PHE B 328 -87.59 2.39 -22.15
C PHE B 328 -86.43 2.19 -21.18
N MET B 329 -86.73 2.19 -19.89
CA MET B 329 -85.71 1.96 -18.87
C MET B 329 -85.03 0.60 -19.05
N VAL B 330 -85.85 -0.43 -19.21
CA VAL B 330 -85.36 -1.80 -19.39
C VAL B 330 -84.48 -1.84 -20.64
N LEU B 331 -84.96 -1.24 -21.72
CA LEU B 331 -84.19 -1.15 -22.96
C LEU B 331 -82.84 -0.48 -22.68
N GLU B 332 -82.88 0.58 -21.88
CA GLU B 332 -81.69 1.34 -21.51
C GLU B 332 -80.67 0.40 -20.89
N SER B 333 -81.14 -0.41 -19.94
CA SER B 333 -80.24 -1.33 -19.24
C SER B 333 -79.64 -2.36 -20.20
N SER B 334 -80.50 -2.96 -21.01
CA SER B 334 -80.07 -3.98 -21.96
C SER B 334 -78.98 -3.46 -22.92
N GLN B 335 -79.25 -2.30 -23.52
CA GLN B 335 -78.30 -1.70 -24.46
C GLN B 335 -76.99 -1.33 -23.76
N THR B 336 -77.11 -0.74 -22.57
CA THR B 336 -75.95 -0.35 -21.79
C THR B 336 -75.00 -1.52 -21.52
N TYR B 337 -75.54 -2.61 -20.99
CA TYR B 337 -74.70 -3.78 -20.73
C TYR B 337 -74.17 -4.29 -22.06
N THR B 338 -74.98 -4.22 -23.12
CA THR B 338 -74.50 -4.66 -24.42
C THR B 338 -73.18 -3.95 -24.75
N GLU B 339 -73.16 -2.64 -24.56
CA GLU B 339 -71.91 -1.90 -24.76
C GLU B 339 -70.81 -2.37 -23.83
N TYR B 340 -71.15 -2.59 -22.57
CA TYR B 340 -70.17 -3.05 -21.59
C TYR B 340 -69.46 -4.33 -22.05
N MET B 341 -70.28 -5.32 -22.43
CA MET B 341 -69.80 -6.61 -22.89
C MET B 341 -68.94 -6.45 -24.14
N GLU B 342 -69.36 -5.56 -25.03
CA GLU B 342 -68.54 -5.28 -26.22
C GLU B 342 -67.16 -4.80 -25.78
N SER B 343 -67.14 -3.90 -24.80
CA SER B 343 -65.89 -3.34 -24.30
C SER B 343 -64.97 -4.41 -23.75
N VAL B 344 -65.47 -5.23 -22.82
CA VAL B 344 -64.63 -6.24 -22.20
C VAL B 344 -64.14 -7.27 -23.24
N LEU B 345 -65.01 -7.66 -24.15
CA LEU B 345 -64.61 -8.63 -25.19
C LEU B 345 -63.51 -8.05 -26.05
N SER B 346 -63.67 -6.78 -26.43
CA SER B 346 -62.68 -6.10 -27.26
C SER B 346 -61.33 -6.11 -26.56
N ARG B 347 -61.38 -5.75 -25.29
CA ARG B 347 -60.18 -5.66 -24.48
C ARG B 347 -59.47 -7.02 -24.38
N GLU B 348 -60.23 -8.09 -24.17
CA GLU B 348 -59.59 -9.38 -23.95
C GLU B 348 -59.11 -9.99 -25.25
N LEU B 349 -59.82 -9.73 -26.34
CA LEU B 349 -59.44 -10.26 -27.64
C LEU B 349 -58.10 -9.61 -27.94
N GLU B 350 -58.02 -8.32 -27.59
CA GLU B 350 -56.82 -7.54 -27.80
C GLU B 350 -55.72 -8.18 -26.99
N ASN B 351 -56.07 -8.55 -25.76
CA ASN B 351 -55.07 -9.14 -24.85
C ASN B 351 -54.49 -10.39 -25.46
N GLY B 352 -55.35 -11.19 -26.08
CA GLY B 352 -54.92 -12.41 -26.75
C GLY B 352 -53.96 -12.18 -27.90
N ARG B 353 -54.37 -11.30 -28.82
CA ARG B 353 -53.52 -10.99 -29.98
C ARG B 353 -52.16 -10.46 -29.51
N LEU B 354 -52.19 -9.47 -28.61
CA LEU B 354 -50.96 -8.93 -28.03
C LEU B 354 -50.13 -10.02 -27.38
N PHE B 355 -50.78 -10.99 -26.74
CA PHE B 355 -50.07 -12.11 -26.14
C PHE B 355 -49.29 -12.87 -27.20
N ARG B 356 -49.98 -13.24 -28.30
CA ARG B 356 -49.31 -13.93 -29.40
C ARG B 356 -48.09 -13.10 -29.82
N LEU B 357 -48.29 -11.79 -29.91
CA LEU B 357 -47.22 -10.88 -30.32
C LEU B 357 -46.03 -10.97 -29.37
N VAL B 358 -46.30 -10.91 -28.06
CA VAL B 358 -45.26 -10.99 -27.04
C VAL B 358 -44.51 -12.30 -27.12
N ASN B 359 -45.20 -13.38 -27.47
CA ASN B 359 -44.53 -14.67 -27.63
C ASN B 359 -43.56 -14.58 -28.80
N LYS B 360 -44.05 -14.00 -29.89
CA LYS B 360 -43.26 -13.83 -31.10
C LYS B 360 -41.99 -13.01 -30.86
N LEU B 361 -42.18 -11.87 -30.22
CA LEU B 361 -41.09 -10.96 -29.88
C LEU B 361 -40.10 -11.65 -28.96
N ASN B 362 -40.65 -12.41 -28.01
CA ASN B 362 -39.85 -13.15 -27.04
C ASN B 362 -38.98 -14.21 -27.68
N CYS B 363 -39.46 -14.82 -28.77
CA CYS B 363 -38.70 -15.85 -29.44
C CYS B 363 -37.31 -15.37 -29.82
N ILE B 364 -37.23 -14.16 -30.35
CA ILE B 364 -35.96 -13.62 -30.82
C ILE B 364 -35.01 -13.30 -29.66
N PHE B 365 -35.55 -12.71 -28.60
CA PHE B 365 -34.73 -12.18 -27.50
C PHE B 365 -34.07 -13.26 -26.65
N GLY B 366 -32.96 -12.90 -26.01
CA GLY B 366 -32.28 -13.77 -25.07
C GLY B 366 -31.77 -15.14 -25.50
N ARG B 367 -31.68 -15.40 -26.80
CA ARG B 367 -31.16 -16.69 -27.27
C ARG B 367 -29.79 -16.95 -26.70
N ILE B 368 -29.54 -18.20 -26.37
CA ILE B 368 -28.31 -18.58 -25.69
C ILE B 368 -27.05 -18.16 -26.45
N GLU B 369 -27.04 -18.39 -27.75
CA GLU B 369 -25.90 -18.00 -28.58
C GLU B 369 -25.69 -16.50 -28.52
N SER B 370 -26.78 -15.80 -28.27
CA SER B 370 -26.79 -14.34 -28.24
C SER B 370 -26.25 -13.77 -26.92
N ARG B 371 -26.10 -14.61 -25.90
CA ARG B 371 -25.77 -14.14 -24.55
C ARG B 371 -24.28 -13.83 -24.34
N ILE B 372 -23.50 -13.79 -25.41
CA ILE B 372 -22.05 -13.67 -25.32
C ILE B 372 -21.47 -12.25 -25.39
N ASP B 373 -22.30 -11.23 -25.26
CA ASP B 373 -21.82 -9.86 -25.19
C ASP B 373 -22.57 -9.10 -24.10
N ILE B 374 -22.00 -8.00 -23.59
CA ILE B 374 -22.64 -7.27 -22.49
C ILE B 374 -24.02 -6.76 -22.91
N ASN B 375 -24.17 -6.30 -24.14
CA ASN B 375 -25.50 -6.16 -24.72
C ASN B 375 -25.74 -7.51 -25.36
N TRP B 376 -26.97 -8.00 -25.39
CA TRP B 376 -27.17 -9.40 -25.78
C TRP B 376 -27.40 -9.69 -27.26
N SER B 377 -27.22 -8.72 -28.15
CA SER B 377 -27.43 -9.01 -29.57
C SER B 377 -26.19 -9.56 -30.27
N GLU B 378 -26.31 -10.74 -30.86
CA GLU B 378 -25.21 -11.35 -31.60
C GLU B 378 -24.93 -10.56 -32.88
N SER B 379 -25.97 -10.23 -33.63
CA SER B 379 -25.84 -9.49 -34.88
C SER B 379 -26.31 -8.05 -34.72
N GLY B 380 -26.22 -7.27 -35.79
CA GLY B 380 -26.65 -5.89 -35.75
C GLY B 380 -28.08 -5.66 -36.19
N THR B 381 -28.61 -6.57 -37.02
CA THR B 381 -29.97 -6.44 -37.50
C THR B 381 -31.00 -6.67 -36.40
N LYS B 382 -30.74 -7.65 -35.53
CA LYS B 382 -31.67 -7.99 -34.47
C LYS B 382 -31.57 -7.03 -33.28
N PHE B 383 -30.45 -6.30 -33.20
CA PHE B 383 -30.18 -5.42 -32.06
C PHE B 383 -31.31 -4.44 -31.70
N PRO B 384 -31.89 -3.75 -32.70
CA PRO B 384 -32.93 -2.77 -32.33
C PRO B 384 -34.14 -3.38 -31.61
N ILE B 385 -34.61 -4.54 -32.06
CA ILE B 385 -35.77 -5.16 -31.41
C ILE B 385 -35.43 -5.53 -29.97
N ILE B 386 -34.24 -6.07 -29.75
CA ILE B 386 -33.77 -6.44 -28.42
C ILE B 386 -33.72 -5.22 -27.51
N LEU B 387 -33.18 -4.14 -28.03
CA LEU B 387 -33.12 -2.87 -27.32
C LEU B 387 -34.54 -2.44 -26.94
N PHE B 388 -35.45 -2.60 -27.90
CA PHE B 388 -36.86 -2.28 -27.68
C PHE B 388 -37.45 -3.12 -26.55
N TYR B 389 -37.08 -4.40 -26.53
CA TYR B 389 -37.52 -5.35 -25.50
C TYR B 389 -37.13 -4.80 -24.14
N ASP B 390 -35.86 -4.41 -24.04
CA ASP B 390 -35.36 -3.77 -22.83
C ASP B 390 -36.20 -2.54 -22.48
N TYR B 391 -36.53 -1.75 -23.49
CA TYR B 391 -37.31 -0.53 -23.29
C TYR B 391 -38.70 -0.78 -22.69
N VAL B 392 -39.43 -1.74 -23.27
CA VAL B 392 -40.80 -2.00 -22.83
C VAL B 392 -40.90 -2.79 -21.53
N PHE B 393 -40.19 -3.92 -21.44
CA PHE B 393 -40.35 -4.84 -20.31
C PHE B 393 -39.50 -4.55 -19.07
N HIS B 394 -38.35 -3.93 -19.25
CA HIS B 394 -37.38 -3.73 -18.18
C HIS B 394 -37.49 -2.41 -17.45
N GLN B 395 -38.66 -1.80 -17.54
CA GLN B 395 -38.93 -0.45 -17.05
C GLN B 395 -38.30 -0.18 -15.68
N VAL B 396 -37.76 1.03 -15.55
CA VAL B 396 -37.20 1.50 -14.29
C VAL B 396 -37.90 2.79 -13.88
N ASP B 397 -38.20 2.92 -12.60
CA ASP B 397 -38.86 4.10 -12.08
C ASP B 397 -37.91 5.30 -12.14
N SER B 398 -38.44 6.52 -12.03
CA SER B 398 -37.57 7.68 -11.84
C SER B 398 -36.94 7.51 -10.47
N ASN B 399 -35.85 8.23 -10.21
CA ASN B 399 -35.02 7.92 -9.05
C ASN B 399 -34.82 6.42 -9.10
N GLY B 400 -34.12 5.96 -10.13
CA GLY B 400 -34.24 4.57 -10.56
C GLY B 400 -34.07 3.39 -9.62
N LYS B 401 -35.20 2.69 -9.53
CA LYS B 401 -35.35 1.37 -8.96
C LYS B 401 -36.35 0.71 -9.89
N PRO B 402 -36.22 -0.60 -10.14
CA PRO B 402 -37.13 -1.15 -11.14
C PRO B 402 -38.58 -1.27 -10.67
N ILE B 403 -39.49 -1.10 -11.62
CA ILE B 403 -40.92 -1.22 -11.38
C ILE B 403 -41.57 -1.78 -12.64
N MET B 404 -42.68 -2.50 -12.47
CA MET B 404 -43.41 -2.97 -13.64
C MET B 404 -44.79 -2.37 -13.74
N ASP B 405 -44.95 -1.48 -14.71
CA ASP B 405 -46.25 -0.92 -15.02
C ASP B 405 -46.76 -1.58 -16.30
N LEU B 406 -48.02 -2.00 -16.29
CA LEU B 406 -48.60 -2.65 -17.47
C LEU B 406 -49.05 -1.73 -18.58
N THR B 407 -49.71 -0.62 -18.25
CA THR B 407 -50.30 0.23 -19.28
C THR B 407 -49.26 0.73 -20.29
N HIS B 408 -48.04 1.00 -19.83
CA HIS B 408 -46.93 1.28 -20.74
C HIS B 408 -46.79 0.16 -21.75
N VAL B 409 -46.76 -1.07 -21.23
CA VAL B 409 -46.57 -2.27 -22.04
C VAL B 409 -47.71 -2.41 -23.06
N LEU B 410 -48.94 -2.22 -22.58
CA LEU B 410 -50.10 -2.30 -23.46
C LEU B 410 -50.03 -1.24 -24.56
N ARG B 411 -49.64 -0.03 -24.20
CA ARG B 411 -49.56 1.04 -25.20
C ARG B 411 -48.51 0.68 -26.26
N CYS B 412 -47.31 0.34 -25.82
CA CYS B 412 -46.24 0.02 -26.76
C CYS B 412 -46.58 -1.17 -27.66
N LEU B 413 -47.10 -2.23 -27.07
CA LEU B 413 -47.44 -3.43 -27.82
C LEU B 413 -48.57 -3.17 -28.81
N ASN B 414 -49.60 -2.45 -28.35
CA ASN B 414 -50.75 -2.13 -29.19
C ASN B 414 -50.31 -1.29 -30.37
N LYS B 415 -49.56 -0.24 -30.06
CA LYS B 415 -49.02 0.66 -31.06
C LYS B 415 -48.13 -0.09 -32.05
N LEU B 416 -47.38 -1.08 -31.54
CA LEU B 416 -46.50 -1.89 -32.38
C LEU B 416 -47.33 -2.73 -33.33
N ASP B 417 -48.44 -3.23 -32.82
CA ASP B 417 -49.32 -4.07 -33.61
C ASP B 417 -49.81 -3.26 -34.80
N ALA B 418 -50.21 -2.03 -34.54
CA ALA B 418 -50.62 -1.16 -35.64
C ALA B 418 -49.43 -0.65 -36.43
N GLY B 419 -49.72 0.00 -37.55
CA GLY B 419 -48.67 0.49 -38.42
C GLY B 419 -48.23 1.90 -38.10
N ILE B 420 -48.59 2.41 -36.93
CA ILE B 420 -48.44 3.84 -36.66
C ILE B 420 -47.03 4.38 -36.82
N GLN B 421 -46.96 5.64 -37.27
CA GLN B 421 -45.71 6.25 -37.70
C GLN B 421 -44.90 6.91 -36.58
N GLU B 422 -45.40 6.88 -35.34
CA GLU B 422 -44.67 7.49 -34.24
C GLU B 422 -43.30 6.83 -34.03
N LYS B 423 -42.29 7.66 -33.81
CA LYS B 423 -40.93 7.16 -33.66
C LYS B 423 -40.47 7.34 -32.23
N LEU B 424 -39.69 6.40 -31.71
CA LEU B 424 -39.16 6.52 -30.36
C LEU B 424 -37.65 6.28 -30.33
N MET B 425 -37.00 6.97 -29.41
CA MET B 425 -35.56 6.85 -29.22
C MET B 425 -35.22 5.76 -28.21
N LEU B 426 -34.54 4.72 -28.67
CA LEU B 426 -34.17 3.60 -27.83
C LEU B 426 -32.73 3.79 -27.38
N VAL B 427 -32.44 3.43 -26.13
CA VAL B 427 -31.12 3.71 -25.60
C VAL B 427 -30.26 2.46 -25.39
N THR B 428 -28.98 2.61 -25.72
CA THR B 428 -28.02 1.52 -25.68
C THR B 428 -27.73 1.32 -24.20
N PRO B 429 -27.33 0.11 -23.78
CA PRO B 429 -27.05 0.01 -22.34
C PRO B 429 -25.77 0.72 -21.90
N ASP B 430 -25.00 1.25 -22.86
CA ASP B 430 -23.87 2.10 -22.52
C ASP B 430 -24.34 3.48 -22.08
N GLU B 431 -25.52 3.86 -22.56
CA GLU B 431 -26.05 5.24 -22.55
C GLU B 431 -25.32 6.16 -23.52
N LEU B 432 -24.28 5.66 -24.17
CA LEU B 432 -23.51 6.46 -25.13
C LEU B 432 -24.26 6.69 -26.44
N ASN B 433 -24.91 5.64 -26.93
CA ASN B 433 -25.59 5.68 -28.22
C ASN B 433 -27.09 5.45 -28.13
N CYS B 434 -27.79 5.83 -29.19
CA CYS B 434 -29.24 5.63 -29.26
C CYS B 434 -29.66 5.19 -30.67
N ILE B 435 -30.90 4.73 -30.78
CA ILE B 435 -31.45 4.30 -32.07
C ILE B 435 -32.78 5.00 -32.30
N ILE B 436 -32.96 5.52 -33.51
CA ILE B 436 -34.21 6.16 -33.88
C ILE B 436 -34.99 5.24 -34.80
N ILE B 437 -36.21 4.90 -34.39
CA ILE B 437 -37.03 3.95 -35.14
C ILE B 437 -38.53 4.26 -35.04
N SER B 438 -39.25 4.04 -36.14
CA SER B 438 -40.69 4.26 -36.18
C SER B 438 -41.36 2.89 -36.13
N TYR B 439 -42.51 2.81 -35.48
CA TYR B 439 -43.18 1.53 -35.26
C TYR B 439 -43.45 0.66 -36.49
N LYS B 440 -43.78 1.26 -37.63
CA LYS B 440 -44.05 0.46 -38.83
C LYS B 440 -42.88 -0.40 -39.27
N GLU B 441 -41.72 0.22 -39.46
CA GLU B 441 -40.52 -0.51 -39.86
C GLU B 441 -40.09 -1.47 -38.77
N LEU B 442 -40.36 -1.12 -37.52
CA LEU B 442 -40.05 -1.96 -36.38
C LEU B 442 -40.89 -3.25 -36.44
N LYS B 443 -42.17 -3.09 -36.76
CA LYS B 443 -43.08 -4.20 -36.91
C LYS B 443 -42.64 -5.10 -38.06
N ASP B 444 -42.36 -4.48 -39.20
CA ASP B 444 -41.95 -5.23 -40.37
C ASP B 444 -40.68 -6.02 -40.07
N LEU B 445 -39.76 -5.37 -39.36
CA LEU B 445 -38.48 -5.97 -39.00
C LEU B 445 -38.73 -7.17 -38.09
N ILE B 446 -39.59 -6.98 -37.08
CA ILE B 446 -39.89 -8.04 -36.13
C ILE B 446 -40.49 -9.26 -36.83
N GLU B 447 -41.49 -9.03 -37.66
CA GLU B 447 -42.12 -10.15 -38.37
C GLU B 447 -41.15 -10.85 -39.30
N SER B 448 -40.37 -10.07 -40.05
CA SER B 448 -39.41 -10.65 -40.99
C SER B 448 -38.36 -11.48 -40.26
N THR B 449 -37.82 -10.92 -39.19
CA THR B 449 -36.82 -11.57 -38.37
C THR B 449 -37.38 -12.85 -37.76
N PHE B 450 -38.59 -12.76 -37.22
CA PHE B 450 -39.24 -13.90 -36.61
C PHE B 450 -39.36 -15.03 -37.61
N ARG B 451 -39.82 -14.69 -38.81
CA ARG B 451 -39.96 -15.68 -39.87
C ARG B 451 -38.61 -16.28 -40.22
N SER B 452 -37.57 -15.44 -40.27
CA SER B 452 -36.23 -15.90 -40.61
C SER B 452 -35.72 -16.91 -39.59
N ILE B 453 -35.96 -16.62 -38.32
CA ILE B 453 -35.55 -17.51 -37.24
C ILE B 453 -36.34 -18.81 -37.28
N THR B 454 -37.64 -18.70 -37.52
CA THR B 454 -38.52 -19.86 -37.44
C THR B 454 -38.33 -20.85 -38.59
N GLN B 455 -37.82 -20.37 -39.72
CA GLN B 455 -37.59 -21.26 -40.86
C GLN B 455 -36.39 -22.15 -40.59
N HIS C 8 -61.19 -25.87 -18.62
CA HIS C 8 -60.92 -24.55 -19.14
C HIS C 8 -60.87 -24.54 -20.66
N LEU C 9 -60.96 -25.72 -21.26
CA LEU C 9 -60.86 -25.86 -22.70
C LEU C 9 -61.92 -25.03 -23.43
N TYR C 10 -61.55 -24.50 -24.59
CA TYR C 10 -62.44 -23.69 -25.41
C TYR C 10 -63.70 -24.47 -25.76
N ALA C 11 -64.86 -23.85 -25.52
CA ALA C 11 -66.12 -24.49 -25.84
C ALA C 11 -66.20 -24.78 -27.33
N PRO C 12 -66.49 -26.03 -27.68
CA PRO C 12 -66.54 -26.43 -29.07
C PRO C 12 -67.98 -26.37 -29.58
N GLU C 13 -68.22 -25.44 -30.50
CA GLU C 13 -69.53 -25.26 -31.09
C GLU C 13 -69.66 -26.02 -32.40
N SER C 20 -75.89 -18.96 -39.21
CA SER C 20 -75.44 -19.21 -40.58
C SER C 20 -74.10 -18.54 -40.84
N LEU C 21 -73.87 -18.16 -42.09
CA LEU C 21 -72.62 -17.50 -42.48
C LEU C 21 -72.87 -16.40 -43.51
N LEU C 22 -72.10 -15.31 -43.40
CA LEU C 22 -72.20 -14.17 -44.30
C LEU C 22 -73.64 -13.65 -44.40
N LYS C 23 -74.10 -13.03 -43.32
CA LYS C 23 -75.51 -12.63 -43.19
C LYS C 23 -75.85 -11.35 -43.95
N PRO C 24 -76.75 -11.46 -44.95
CA PRO C 24 -77.32 -10.36 -45.74
C PRO C 24 -78.35 -9.55 -44.96
N ASN C 25 -79.05 -8.66 -45.67
CA ASN C 25 -79.97 -7.72 -45.05
C ASN C 25 -81.30 -8.34 -44.63
N GLU C 26 -81.75 -9.35 -45.36
CA GLU C 26 -83.10 -9.91 -45.17
C GLU C 26 -83.27 -10.80 -43.95
N ARG C 27 -82.20 -11.47 -43.55
CA ARG C 27 -82.30 -12.76 -42.86
C ARG C 27 -83.14 -12.92 -41.59
N SER C 28 -82.74 -12.36 -40.46
CA SER C 28 -83.54 -12.65 -39.26
C SER C 28 -83.97 -11.49 -38.38
N ALA C 29 -85.06 -11.72 -37.66
CA ALA C 29 -85.71 -10.72 -36.83
C ALA C 29 -84.97 -10.56 -35.50
N ASP C 30 -84.54 -11.69 -34.94
CA ASP C 30 -83.78 -11.73 -33.70
C ASP C 30 -82.32 -11.29 -33.87
N GLN C 31 -81.78 -11.52 -35.05
CA GLN C 31 -80.36 -11.34 -35.35
C GLN C 31 -79.97 -9.93 -35.77
N LEU C 32 -80.88 -8.98 -35.59
CA LEU C 32 -80.70 -7.60 -36.00
C LEU C 32 -79.38 -6.99 -35.52
N PHE C 33 -78.93 -7.36 -34.32
CA PHE C 33 -77.67 -6.81 -33.82
C PHE C 33 -76.49 -7.72 -34.04
N ILE C 34 -76.71 -8.88 -34.65
CA ILE C 34 -75.60 -9.76 -35.00
C ILE C 34 -74.82 -9.24 -36.21
N PRO C 35 -73.56 -8.84 -35.98
CA PRO C 35 -72.68 -8.29 -37.02
C PRO C 35 -72.06 -9.38 -37.89
N ASN C 36 -71.60 -9.01 -39.08
CA ASN C 36 -71.13 -9.98 -40.05
C ASN C 36 -69.88 -10.72 -39.57
N ASN C 37 -68.83 -9.97 -39.24
CA ASN C 37 -67.64 -10.52 -38.62
C ASN C 37 -67.10 -9.65 -37.48
N ILE C 38 -67.14 -10.17 -36.25
CA ILE C 38 -66.76 -9.38 -35.08
C ILE C 38 -65.26 -9.21 -34.94
N ARG C 39 -64.53 -10.29 -35.19
CA ARG C 39 -63.10 -10.34 -34.94
C ARG C 39 -62.40 -9.26 -35.75
N GLU C 40 -62.82 -9.13 -37.00
CA GLU C 40 -62.26 -8.13 -37.91
C GLU C 40 -62.63 -6.70 -37.49
N ASP C 41 -63.91 -6.50 -37.24
CA ASP C 41 -64.45 -5.19 -36.88
C ASP C 41 -63.86 -4.58 -35.63
N LEU C 42 -63.92 -5.32 -34.52
CA LEU C 42 -63.44 -4.81 -33.24
C LEU C 42 -61.94 -4.50 -33.29
N THR C 43 -61.21 -5.35 -33.99
CA THR C 43 -59.77 -5.17 -34.15
C THR C 43 -59.54 -3.87 -34.91
N LYS C 44 -60.31 -3.69 -35.98
CA LYS C 44 -60.23 -2.46 -36.77
C LYS C 44 -60.52 -1.23 -35.89
N LYS C 45 -61.49 -1.36 -34.98
CA LYS C 45 -61.81 -0.28 -34.06
C LYS C 45 -60.63 0.07 -33.16
N ASN C 46 -60.04 -0.94 -32.53
CA ASN C 46 -58.91 -0.73 -31.63
C ASN C 46 -57.76 -0.07 -32.38
N LEU C 47 -57.52 -0.55 -33.60
CA LEU C 47 -56.49 0.01 -34.45
C LEU C 47 -56.78 1.48 -34.70
N SER C 48 -58.04 1.77 -35.02
CA SER C 48 -58.46 3.13 -35.33
C SER C 48 -58.27 4.09 -34.15
N ILE C 49 -58.55 3.63 -32.93
CA ILE C 49 -58.32 4.49 -31.76
C ILE C 49 -56.83 4.67 -31.53
N LEU C 50 -56.05 3.61 -31.81
CA LEU C 50 -54.62 3.65 -31.56
C LEU C 50 -53.90 4.53 -32.58
N GLN C 51 -54.57 4.78 -33.69
CA GLN C 51 -53.97 5.43 -34.85
C GLN C 51 -53.58 6.88 -34.56
N VAL C 52 -52.32 7.24 -34.81
CA VAL C 52 -51.95 8.64 -34.78
C VAL C 52 -51.35 9.10 -36.10
N PHE C 53 -52.15 9.87 -36.84
CA PHE C 53 -51.72 10.57 -38.05
C PHE C 53 -50.87 11.83 -37.83
N PRO C 54 -51.34 12.77 -36.99
CA PRO C 54 -50.86 14.15 -37.08
C PRO C 54 -49.44 14.43 -36.60
N SER C 55 -48.83 15.39 -37.28
CA SER C 55 -47.52 15.90 -36.91
C SER C 55 -47.76 17.31 -36.42
N SER C 56 -46.70 18.04 -36.07
CA SER C 56 -46.93 19.35 -35.48
C SER C 56 -46.92 20.51 -36.48
N GLY C 57 -48.11 21.01 -36.75
CA GLY C 57 -48.29 22.24 -37.51
C GLY C 57 -48.86 23.16 -36.45
N LYS C 58 -49.07 24.44 -36.75
CA LYS C 58 -49.76 25.25 -35.75
C LYS C 58 -51.27 25.07 -35.88
N VAL C 59 -51.69 24.65 -37.07
CA VAL C 59 -53.11 24.44 -37.35
C VAL C 59 -53.68 23.40 -36.38
N ILE C 60 -52.95 22.31 -36.21
CA ILE C 60 -53.28 21.38 -35.14
C ILE C 60 -52.26 21.59 -34.02
N PRO C 61 -52.72 22.16 -32.90
CA PRO C 61 -51.85 22.58 -31.80
C PRO C 61 -51.37 21.42 -30.95
N SER C 62 -50.29 21.63 -30.20
CA SER C 62 -49.71 20.58 -29.38
C SER C 62 -50.70 20.11 -28.32
N ILE C 63 -51.15 21.02 -27.47
CA ILE C 63 -52.13 20.69 -26.43
C ILE C 63 -53.17 21.78 -26.19
N VAL C 64 -54.40 21.37 -25.93
CA VAL C 64 -55.47 22.28 -25.53
C VAL C 64 -56.23 21.74 -24.31
N GLN C 65 -56.32 22.53 -23.25
CA GLN C 65 -57.00 22.17 -22.01
C GLN C 65 -56.83 20.69 -21.67
N ASP C 66 -55.60 20.30 -21.35
CA ASP C 66 -55.22 18.93 -20.94
C ASP C 66 -55.59 17.88 -21.99
N TYR C 67 -55.81 18.31 -23.23
CA TYR C 67 -56.05 17.36 -24.33
C TYR C 67 -54.89 17.46 -25.30
N PHE C 68 -54.52 16.34 -25.91
CA PHE C 68 -53.40 16.34 -26.84
C PHE C 68 -53.48 15.25 -27.90
N ASN C 69 -52.47 15.23 -28.78
CA ASN C 69 -52.41 14.32 -29.91
C ASN C 69 -53.70 14.40 -30.71
N LEU C 70 -54.13 15.62 -31.02
CA LEU C 70 -55.38 15.82 -31.74
C LEU C 70 -55.19 15.35 -33.17
N VAL C 71 -56.17 14.64 -33.71
CA VAL C 71 -56.12 14.23 -35.10
C VAL C 71 -57.46 14.46 -35.78
N PRO C 72 -57.41 14.99 -37.01
CA PRO C 72 -58.62 15.30 -37.77
C PRO C 72 -59.31 14.07 -38.37
N LEU C 73 -60.62 14.16 -38.54
CA LEU C 73 -61.40 13.14 -39.24
C LEU C 73 -62.02 13.72 -40.51
N PHE C 80 -57.29 15.52 -49.02
CA PHE C 80 -56.97 16.92 -49.31
C PHE C 80 -58.11 17.86 -48.89
N LEU C 81 -57.83 18.68 -47.89
CA LEU C 81 -58.69 19.77 -47.43
C LEU C 81 -59.93 19.33 -46.63
N ASN C 82 -60.13 18.03 -46.46
CA ASN C 82 -61.33 17.53 -45.78
C ASN C 82 -61.20 17.39 -44.26
N LYS C 83 -59.99 17.55 -43.75
CA LYS C 83 -59.67 17.19 -42.36
C LYS C 83 -59.93 18.24 -41.24
N THR C 84 -59.65 19.50 -41.53
CA THR C 84 -59.51 20.59 -40.53
C THR C 84 -60.49 20.78 -39.34
N THR C 85 -61.80 20.67 -39.53
CA THR C 85 -62.72 21.05 -38.45
C THR C 85 -62.89 20.13 -37.22
N LEU C 86 -62.96 18.82 -37.43
CA LEU C 86 -63.29 17.89 -36.34
C LEU C 86 -62.09 17.05 -35.93
N PHE C 87 -61.89 16.85 -34.63
CA PHE C 87 -60.69 16.13 -34.19
C PHE C 87 -60.92 14.96 -33.23
N LYS C 88 -60.03 13.97 -33.33
CA LYS C 88 -59.95 12.89 -32.36
C LYS C 88 -58.82 13.25 -31.41
N VAL C 89 -59.02 13.09 -30.11
CA VAL C 89 -58.02 13.55 -29.15
C VAL C 89 -57.80 12.54 -28.01
N PHE C 90 -56.58 12.50 -27.48
CA PHE C 90 -56.30 11.72 -26.27
C PHE C 90 -56.30 12.64 -25.06
N SER C 91 -57.15 12.34 -24.09
CA SER C 91 -57.25 13.14 -22.87
C SER C 91 -56.12 12.87 -21.88
N ASN C 92 -55.86 13.85 -21.02
CA ASN C 92 -54.87 13.72 -19.94
C ASN C 92 -55.46 13.12 -18.69
N TYR C 93 -56.51 13.78 -18.17
CA TYR C 93 -57.12 13.44 -16.90
C TYR C 93 -57.58 11.99 -16.94
N ASP C 94 -58.61 11.72 -17.75
CA ASP C 94 -59.06 10.35 -17.98
C ASP C 94 -57.99 9.43 -18.58
N GLY C 95 -57.26 9.94 -19.56
CA GLY C 95 -56.35 9.12 -20.35
C GLY C 95 -57.04 8.37 -21.47
N LYS C 96 -58.36 8.21 -21.36
CA LYS C 96 -59.14 7.58 -22.42
C LYS C 96 -59.37 8.55 -23.57
N ALA C 97 -59.63 8.00 -24.76
CA ALA C 97 -59.85 8.81 -25.96
C ALA C 97 -61.20 9.52 -26.01
N TYR C 98 -61.19 10.74 -26.51
CA TYR C 98 -62.41 11.53 -26.71
C TYR C 98 -62.37 12.28 -28.04
N VAL C 99 -63.48 12.86 -28.47
CA VAL C 99 -63.50 13.70 -29.66
C VAL C 99 -63.79 15.17 -29.35
N LEU C 100 -63.24 16.05 -30.17
CA LEU C 100 -63.40 17.49 -29.99
C LEU C 100 -63.95 18.18 -31.23
N LYS C 101 -64.92 19.06 -31.00
CA LYS C 101 -65.54 19.90 -32.04
C LYS C 101 -65.17 21.35 -31.77
N ARG C 102 -64.67 22.04 -32.79
CA ARG C 102 -64.04 23.34 -32.62
C ARG C 102 -64.88 24.62 -32.52
N LEU C 103 -65.89 24.82 -33.37
CA LEU C 103 -66.74 26.03 -33.32
C LEU C 103 -65.82 27.26 -33.29
N PRO C 104 -65.30 27.63 -34.47
CA PRO C 104 -64.13 28.50 -34.71
C PRO C 104 -64.16 30.02 -34.48
N ASN C 105 -65.23 30.77 -34.75
CA ASN C 105 -65.19 32.21 -34.48
C ASN C 105 -66.23 32.77 -33.51
N ILE C 106 -65.77 33.22 -32.35
CA ILE C 106 -66.63 33.74 -31.29
C ILE C 106 -66.63 35.26 -31.16
N ASP C 107 -67.79 35.83 -30.80
CA ASP C 107 -67.89 37.26 -30.50
C ASP C 107 -66.99 37.50 -29.28
N LYS C 108 -66.50 38.73 -29.14
CA LYS C 108 -65.45 39.05 -28.17
C LYS C 108 -65.63 38.50 -26.74
N SER C 109 -66.85 38.49 -26.21
CA SER C 109 -67.08 37.92 -24.89
C SER C 109 -68.12 36.80 -24.86
N MET C 110 -67.71 35.62 -24.40
CA MET C 110 -68.59 34.47 -24.37
C MET C 110 -69.45 34.39 -23.10
N ASN C 111 -69.09 35.21 -22.10
CA ASN C 111 -69.80 35.23 -20.81
C ASN C 111 -69.85 33.82 -20.22
N PRO C 112 -68.75 33.41 -19.57
CA PRO C 112 -68.42 32.04 -19.12
C PRO C 112 -69.49 31.30 -18.34
N ASN C 113 -70.30 31.98 -17.54
CA ASN C 113 -71.35 31.32 -16.78
C ASN C 113 -72.27 30.48 -17.67
N LYS C 114 -72.61 31.00 -18.83
CA LYS C 114 -73.46 30.29 -19.77
C LYS C 114 -72.83 28.96 -20.14
N ILE C 115 -71.52 28.99 -20.38
CA ILE C 115 -70.79 27.77 -20.71
C ILE C 115 -70.98 26.77 -19.60
N SER C 116 -70.81 27.24 -18.36
CA SER C 116 -70.96 26.38 -17.19
C SER C 116 -72.35 25.77 -17.20
N LYS C 117 -73.33 26.61 -17.54
CA LYS C 117 -74.70 26.14 -17.56
C LYS C 117 -74.82 24.98 -18.50
N ILE C 118 -74.27 25.13 -19.71
CA ILE C 118 -74.37 24.07 -20.69
C ILE C 118 -73.84 22.81 -20.07
N TYR C 119 -72.65 22.91 -19.47
CA TYR C 119 -72.00 21.76 -18.87
C TYR C 119 -72.95 21.18 -17.86
N GLN C 120 -73.34 22.03 -16.92
CA GLN C 120 -74.19 21.62 -15.81
C GLN C 120 -75.46 20.98 -16.34
N ILE C 121 -76.04 21.58 -17.36
CA ILE C 121 -77.30 21.05 -17.84
C ILE C 121 -77.10 19.65 -18.43
N TRP C 122 -76.11 19.51 -19.31
CA TRP C 122 -75.97 18.26 -20.06
C TRP C 122 -75.11 17.17 -19.43
N SER C 123 -74.37 17.50 -18.38
CA SER C 123 -73.54 16.51 -17.71
C SER C 123 -74.41 15.48 -17.01
N LYS C 124 -75.57 15.93 -16.54
CA LYS C 124 -76.49 15.07 -15.80
C LYS C 124 -77.17 14.06 -16.72
N ILE C 125 -77.37 14.45 -17.98
CA ILE C 125 -78.09 13.61 -18.92
C ILE C 125 -77.32 12.34 -19.27
N ASN C 126 -77.98 11.20 -19.12
CA ASN C 126 -77.42 9.91 -19.49
C ASN C 126 -78.40 9.16 -20.38
N CYS C 127 -77.97 8.83 -21.58
CA CYS C 127 -78.81 8.06 -22.50
C CYS C 127 -77.99 7.07 -23.32
N THR C 128 -78.57 5.90 -23.57
CA THR C 128 -77.91 4.90 -24.40
C THR C 128 -77.72 5.36 -25.83
N ASN C 129 -78.77 5.91 -26.41
CA ASN C 129 -78.76 6.27 -27.82
C ASN C 129 -78.22 7.67 -28.09
N LEU C 130 -77.84 8.38 -27.03
CA LEU C 130 -77.21 9.70 -27.18
C LEU C 130 -75.77 9.74 -26.66
N ILE C 131 -74.85 10.10 -27.54
CA ILE C 131 -73.43 10.21 -27.18
C ILE C 131 -73.24 11.19 -26.03
N LYS C 132 -72.59 10.72 -24.96
CA LYS C 132 -72.44 11.49 -23.74
C LYS C 132 -71.59 12.75 -23.95
N PHE C 133 -71.98 13.83 -23.28
CA PHE C 133 -71.22 15.08 -23.35
C PHE C 133 -70.41 15.26 -22.08
N ARG C 134 -69.09 15.15 -22.19
CA ARG C 134 -68.23 15.23 -21.01
C ARG C 134 -67.56 16.58 -20.69
N ASP C 135 -67.18 17.38 -21.68
CA ASP C 135 -66.54 18.66 -21.38
C ASP C 135 -66.71 19.76 -22.43
N ILE C 136 -67.10 20.96 -22.01
CA ILE C 136 -67.09 22.15 -22.88
C ILE C 136 -66.02 23.12 -22.38
N PHE C 137 -65.31 23.78 -23.28
CA PHE C 137 -64.31 24.75 -22.82
C PHE C 137 -64.03 25.80 -23.89
N GLN C 138 -63.45 26.93 -23.50
CA GLN C 138 -63.12 27.97 -24.48
C GLN C 138 -61.61 28.17 -24.58
N THR C 139 -61.07 28.08 -25.79
CA THR C 139 -59.64 28.24 -25.97
C THR C 139 -59.28 29.08 -27.21
N THR C 140 -58.19 29.82 -27.06
CA THR C 140 -57.62 30.68 -28.09
C THR C 140 -56.38 30.12 -28.81
N LYS C 141 -55.96 28.90 -28.44
CA LYS C 141 -54.67 28.35 -28.87
C LYS C 141 -54.57 28.26 -30.39
N PHE C 142 -55.73 28.23 -31.04
CA PHE C 142 -55.85 28.26 -32.49
C PHE C 142 -55.45 29.60 -33.07
N GLY C 143 -55.05 30.53 -32.19
CA GLY C 143 -54.79 31.89 -32.58
C GLY C 143 -56.05 32.53 -33.12
N ASP C 144 -57.17 32.14 -32.53
CA ASP C 144 -58.45 32.83 -32.64
C ASP C 144 -59.32 32.36 -31.48
N LEU C 145 -60.47 33.00 -31.27
CA LEU C 145 -61.32 32.61 -30.15
C LEU C 145 -62.27 31.48 -30.54
N SER C 146 -61.97 30.28 -30.07
CA SER C 146 -62.78 29.12 -30.45
C SER C 146 -63.31 28.47 -29.18
N ILE C 147 -64.56 28.01 -29.21
CA ILE C 147 -65.09 27.27 -28.08
C ILE C 147 -65.38 25.85 -28.52
N CYS C 148 -64.97 24.89 -27.70
CA CYS C 148 -64.94 23.51 -28.13
C CYS C 148 -65.72 22.57 -27.23
N LEU C 149 -66.26 21.53 -27.86
CA LEU C 149 -67.06 20.53 -27.18
C LEU C 149 -66.31 19.21 -27.21
N VAL C 150 -66.56 18.37 -26.22
CA VAL C 150 -65.92 17.06 -26.15
C VAL C 150 -66.95 15.96 -25.95
N PHE C 151 -66.85 14.92 -26.76
CA PHE C 151 -67.80 13.81 -26.75
C PHE C 151 -67.03 12.50 -26.58
N ASP C 152 -67.71 11.45 -26.15
CA ASP C 152 -67.10 10.12 -26.09
C ASP C 152 -66.83 9.61 -27.51
N TYR C 153 -65.76 8.81 -27.67
CA TYR C 153 -65.37 8.34 -28.99
C TYR C 153 -66.06 7.04 -29.40
N TYR C 154 -66.73 7.09 -30.54
CA TYR C 154 -67.37 5.91 -31.13
C TYR C 154 -66.77 5.68 -32.50
N PRO C 155 -65.58 5.06 -32.55
CA PRO C 155 -64.74 4.96 -33.76
C PRO C 155 -65.40 4.17 -34.89
N ASN C 156 -65.00 4.50 -36.12
CA ASN C 156 -65.50 3.87 -37.34
C ASN C 156 -67.01 3.89 -37.45
N SER C 157 -67.62 4.90 -36.84
CA SER C 157 -69.05 5.13 -36.92
C SER C 157 -69.39 5.91 -38.18
N LEU C 158 -70.41 5.45 -38.91
CA LEU C 158 -70.83 6.11 -40.13
C LEU C 158 -72.23 6.71 -39.97
N SER C 159 -72.49 7.82 -40.64
CA SER C 159 -73.83 8.40 -40.63
C SER C 159 -74.77 7.56 -41.47
N LEU C 160 -76.05 7.54 -41.10
CA LEU C 160 -77.05 6.76 -41.84
C LEU C 160 -77.05 7.14 -43.31
N TYR C 161 -76.94 8.45 -43.52
CA TYR C 161 -76.86 9.07 -44.84
C TYR C 161 -75.74 8.43 -45.65
N ASP C 162 -74.55 8.39 -45.07
CA ASP C 162 -73.40 7.77 -45.71
C ASP C 162 -73.53 6.25 -45.75
N TYR C 163 -74.10 5.69 -44.68
CA TYR C 163 -74.15 4.24 -44.50
C TYR C 163 -74.96 3.52 -45.56
N HIS C 164 -76.22 3.91 -45.73
CA HIS C 164 -77.10 3.18 -46.62
C HIS C 164 -76.97 3.56 -48.09
N PHE C 165 -76.87 4.86 -48.34
CA PHE C 165 -76.91 5.41 -49.68
C PHE C 165 -75.55 5.58 -50.35
N VAL C 166 -74.56 6.03 -49.60
CA VAL C 166 -73.29 6.44 -50.19
C VAL C 166 -72.28 5.30 -50.25
N ASN C 167 -71.95 4.73 -49.10
CA ASN C 167 -70.84 3.78 -49.02
C ASN C 167 -71.14 2.47 -49.73
N PHE C 168 -70.09 1.74 -50.13
CA PHE C 168 -70.27 0.45 -50.77
C PHE C 168 -69.33 -0.59 -50.16
N PRO C 169 -69.82 -1.84 -49.99
CA PRO C 169 -71.22 -2.24 -50.22
C PRO C 169 -72.16 -1.71 -49.14
N LYS C 170 -73.38 -1.36 -49.54
CA LYS C 170 -74.35 -0.76 -48.64
C LYS C 170 -75.41 -1.73 -48.14
N PHE C 171 -75.69 -1.67 -46.84
CA PHE C 171 -76.78 -2.46 -46.27
C PHE C 171 -78.08 -1.67 -46.44
N PRO C 172 -79.00 -2.20 -47.26
CA PRO C 172 -80.26 -1.54 -47.63
C PRO C 172 -81.27 -1.46 -46.48
N ILE C 173 -82.22 -0.52 -46.59
CA ILE C 173 -83.20 -0.31 -45.53
C ILE C 173 -84.31 -1.34 -45.51
N THR C 174 -84.27 -2.18 -44.50
CA THR C 174 -85.33 -3.14 -44.23
C THR C 174 -86.29 -2.53 -43.21
N ASN C 175 -87.58 -2.88 -43.30
CA ASN C 175 -88.59 -2.34 -42.40
C ASN C 175 -88.17 -2.46 -40.95
N ASN C 176 -87.60 -3.63 -40.62
CA ASN C 176 -87.13 -3.89 -39.26
C ASN C 176 -86.17 -2.80 -38.76
N TYR C 177 -85.16 -2.52 -39.57
CA TYR C 177 -84.17 -1.50 -39.23
C TYR C 177 -84.82 -0.14 -39.02
N LEU C 178 -85.76 0.20 -39.89
CA LEU C 178 -86.49 1.45 -39.77
C LEU C 178 -87.18 1.52 -38.41
N TRP C 179 -87.85 0.43 -38.05
CA TRP C 179 -88.53 0.34 -36.77
C TRP C 179 -87.53 0.60 -35.63
N ILE C 180 -86.38 -0.05 -35.70
CA ILE C 180 -85.34 0.10 -34.66
C ILE C 180 -84.88 1.54 -34.54
N TYR C 181 -84.55 2.13 -35.69
CA TYR C 181 -84.13 3.52 -35.78
C TYR C 181 -85.13 4.38 -35.03
N LEU C 182 -86.40 4.19 -35.40
CA LEU C 182 -87.50 4.95 -34.84
C LEU C 182 -87.56 4.80 -33.33
N VAL C 183 -87.45 3.57 -32.84
CA VAL C 183 -87.50 3.29 -31.41
C VAL C 183 -86.38 3.99 -30.64
N GLN C 184 -85.15 3.86 -31.11
CA GLN C 184 -84.02 4.46 -30.39
C GLN C 184 -84.08 6.00 -30.41
N LEU C 185 -84.40 6.55 -31.57
CA LEU C 185 -84.54 8.00 -31.68
C LEU C 185 -85.65 8.47 -30.74
N THR C 186 -86.70 7.66 -30.63
CA THR C 186 -87.77 7.94 -29.68
C THR C 186 -87.22 7.92 -28.27
N ASN C 187 -86.29 7.00 -28.00
CA ASN C 187 -85.66 6.91 -26.70
C ASN C 187 -84.92 8.20 -26.35
N VAL C 188 -84.09 8.70 -27.25
CA VAL C 188 -83.37 9.96 -26.94
C VAL C 188 -84.39 11.08 -26.77
N ILE C 189 -85.44 11.08 -27.59
CA ILE C 189 -86.49 12.09 -27.46
C ILE C 189 -87.11 12.08 -26.05
N ASN C 190 -87.47 10.90 -25.58
CA ASN C 190 -88.06 10.75 -24.26
C ASN C 190 -87.11 11.21 -23.16
N SER C 191 -85.86 10.75 -23.22
CA SER C 191 -84.89 11.06 -22.17
C SER C 191 -84.58 12.56 -22.11
N ILE C 192 -84.47 13.19 -23.29
CA ILE C 192 -84.18 14.62 -23.39
C ILE C 192 -85.37 15.47 -22.94
N HIS C 193 -86.56 15.16 -23.45
CA HIS C 193 -87.75 15.93 -23.13
C HIS C 193 -88.15 15.79 -21.67
N SER C 194 -87.88 14.62 -21.09
CA SER C 194 -88.15 14.38 -19.67
C SER C 194 -87.33 15.34 -18.80
N GLN C 195 -86.20 15.79 -19.35
CA GLN C 195 -85.34 16.76 -18.69
C GLN C 195 -85.62 18.17 -19.18
N ASN C 196 -86.78 18.34 -19.81
CA ASN C 196 -87.27 19.62 -20.29
C ASN C 196 -86.34 20.29 -21.29
N LEU C 197 -85.66 19.48 -22.10
CA LEU C 197 -84.83 20.03 -23.18
C LEU C 197 -85.34 19.62 -24.55
N SER C 198 -85.01 20.43 -25.55
CA SER C 198 -85.34 20.12 -26.93
C SER C 198 -84.10 19.59 -27.63
N ILE C 199 -84.26 18.61 -28.50
CA ILE C 199 -83.12 18.07 -29.25
C ILE C 199 -82.73 19.04 -30.35
N GLY C 200 -83.60 20.01 -30.62
CA GLY C 200 -83.38 21.02 -31.66
C GLY C 200 -83.20 20.32 -32.99
N ASN C 201 -82.64 20.98 -33.99
CA ASN C 201 -82.49 20.24 -35.24
C ASN C 201 -81.09 19.68 -35.43
N THR C 202 -80.87 18.50 -34.86
CA THR C 202 -79.70 17.70 -35.16
C THR C 202 -80.22 16.43 -35.81
N LEU C 203 -81.54 16.35 -35.90
CA LEU C 203 -82.21 15.09 -36.21
C LEU C 203 -82.04 14.65 -37.64
N ASN C 204 -81.43 15.48 -38.48
CA ASN C 204 -81.19 15.06 -39.84
C ASN C 204 -80.19 13.91 -39.85
N TRP C 205 -80.23 13.13 -40.92
CA TRP C 205 -79.46 11.90 -41.03
C TRP C 205 -77.94 12.10 -40.91
N ARG C 206 -77.42 13.15 -41.52
CA ARG C 206 -75.98 13.38 -41.52
C ARG C 206 -75.39 13.55 -40.11
N LYS C 207 -76.19 14.06 -39.17
CA LYS C 207 -75.69 14.28 -37.82
C LYS C 207 -75.97 13.14 -36.83
N VAL C 208 -76.78 12.18 -37.25
CA VAL C 208 -77.03 10.98 -36.44
C VAL C 208 -76.18 9.81 -36.94
N LEU C 209 -75.28 9.35 -36.09
CA LEU C 209 -74.31 8.34 -36.46
C LEU C 209 -74.70 6.97 -35.92
N ILE C 210 -74.26 5.92 -36.61
CA ILE C 210 -74.49 4.56 -36.13
C ILE C 210 -73.19 4.00 -35.59
N THR C 211 -73.32 3.16 -34.60
CA THR C 211 -72.20 2.48 -34.01
C THR C 211 -72.45 0.99 -34.15
N GLY C 212 -71.48 0.33 -34.77
CA GLY C 212 -71.58 -1.08 -35.06
C GLY C 212 -72.33 -1.27 -36.35
N ASP C 213 -71.84 -2.18 -37.18
CA ASP C 213 -72.46 -2.44 -38.49
C ASP C 213 -73.91 -2.95 -38.40
N PRO C 214 -74.25 -3.76 -37.37
CA PRO C 214 -75.67 -4.13 -37.23
C PRO C 214 -76.59 -2.95 -36.92
N GLY C 215 -76.02 -1.77 -36.70
CA GLY C 215 -76.82 -0.59 -36.44
C GLY C 215 -77.32 -0.20 -35.06
N ARG C 216 -76.42 -0.12 -34.10
CA ARG C 216 -76.81 0.42 -32.81
C ARG C 216 -76.71 1.93 -32.96
N ILE C 217 -77.83 2.65 -32.85
CA ILE C 217 -77.85 4.05 -33.28
C ILE C 217 -77.52 5.05 -32.16
N LYS C 218 -76.86 6.14 -32.55
CA LYS C 218 -76.46 7.18 -31.62
C LYS C 218 -76.59 8.58 -32.22
N LEU C 219 -77.00 9.53 -31.38
CA LEU C 219 -77.16 10.90 -31.82
C LEU C 219 -75.97 11.73 -31.34
N SER C 220 -75.77 12.91 -31.92
CA SER C 220 -74.60 13.70 -31.58
C SER C 220 -74.79 15.19 -31.85
N HIS C 221 -74.10 16.02 -31.06
CA HIS C 221 -74.13 17.49 -31.06
C HIS C 221 -75.42 18.12 -30.49
N CYS C 222 -76.52 17.38 -30.60
CA CYS C 222 -77.83 17.74 -30.07
C CYS C 222 -78.25 19.23 -30.22
N ASN C 223 -77.78 19.90 -31.27
CA ASN C 223 -78.15 21.30 -31.58
C ASN C 223 -77.94 22.34 -30.47
N PHE C 224 -76.71 22.45 -29.96
CA PHE C 224 -76.39 23.45 -28.94
C PHE C 224 -76.22 24.91 -29.38
N MET C 225 -76.12 25.16 -30.67
CA MET C 225 -75.79 26.50 -31.15
C MET C 225 -76.81 27.56 -30.69
N ASP C 226 -78.08 27.16 -30.74
CA ASP C 226 -79.21 28.01 -30.36
C ASP C 226 -79.16 28.42 -28.90
N LEU C 227 -79.09 27.43 -28.02
CA LEU C 227 -79.05 27.68 -26.59
C LEU C 227 -77.84 28.50 -26.24
N LEU C 228 -76.72 28.21 -26.90
CA LEU C 228 -75.50 28.93 -26.63
C LEU C 228 -75.58 30.42 -26.96
N PHE C 229 -75.59 30.74 -28.26
CA PHE C 229 -75.54 32.15 -28.70
C PHE C 229 -76.67 33.10 -28.32
N ASN C 230 -77.86 32.59 -28.00
CA ASN C 230 -79.01 33.46 -27.74
C ASN C 230 -79.33 33.68 -26.26
N ASP C 231 -79.80 34.89 -25.94
CA ASP C 231 -80.09 35.26 -24.56
C ASP C 231 -81.59 35.17 -24.29
N ASP C 232 -81.99 34.18 -23.50
CA ASP C 232 -83.39 34.03 -23.10
C ASP C 232 -83.52 33.46 -21.69
N THR C 233 -84.42 34.04 -20.91
CA THR C 233 -84.68 33.58 -19.55
C THR C 233 -86.14 33.14 -19.46
N ASP C 234 -86.41 32.09 -18.72
CA ASP C 234 -87.79 31.64 -18.52
C ASP C 234 -88.46 32.36 -17.36
N THR C 235 -89.71 32.76 -17.59
CA THR C 235 -90.46 33.62 -16.67
C THR C 235 -91.90 33.77 -17.15
N SER C 242 -91.28 28.82 -21.48
CA SER C 242 -92.56 28.19 -21.73
C SER C 242 -92.81 28.02 -23.23
N THR C 243 -91.88 28.53 -24.04
CA THR C 243 -91.99 28.41 -25.49
C THR C 243 -91.19 27.18 -25.94
N ILE C 244 -90.54 26.57 -24.97
CA ILE C 244 -89.69 25.40 -25.16
C ILE C 244 -90.50 24.18 -25.65
N GLU C 245 -91.71 24.01 -25.12
CA GLU C 245 -92.60 22.91 -25.48
C GLU C 245 -92.82 22.85 -26.99
N GLY C 246 -93.02 24.02 -27.60
CA GLY C 246 -93.21 24.14 -29.02
C GLY C 246 -92.03 23.53 -29.76
N GLN C 247 -90.84 23.85 -29.27
CA GLN C 247 -89.60 23.32 -29.81
C GLN C 247 -89.62 21.80 -29.67
N GLN C 248 -90.09 21.33 -28.52
CA GLN C 248 -90.18 19.89 -28.27
C GLN C 248 -91.06 19.21 -29.32
N GLN C 249 -92.12 19.88 -29.74
CA GLN C 249 -92.98 19.33 -30.79
C GLN C 249 -92.26 19.37 -32.14
N LEU C 250 -91.48 20.44 -32.32
CA LEU C 250 -90.73 20.63 -33.54
C LEU C 250 -89.80 19.43 -33.73
N ASP C 251 -89.26 18.94 -32.62
CA ASP C 251 -88.38 17.79 -32.66
C ASP C 251 -89.10 16.56 -33.21
N TYR C 252 -90.35 16.38 -32.79
CA TYR C 252 -91.20 15.32 -33.33
C TYR C 252 -91.26 15.44 -34.84
N LYS C 253 -91.50 16.67 -35.29
CA LYS C 253 -91.55 16.93 -36.73
C LYS C 253 -90.25 16.54 -37.43
N TYR C 254 -89.12 16.86 -36.81
CA TYR C 254 -87.82 16.56 -37.39
C TYR C 254 -87.61 15.05 -37.53
N LEU C 255 -87.99 14.31 -36.49
CA LEU C 255 -87.93 12.85 -36.55
C LEU C 255 -88.76 12.32 -37.70
N GLY C 256 -89.97 12.88 -37.86
CA GLY C 256 -90.83 12.49 -38.96
C GLY C 256 -90.14 12.69 -40.29
N GLU C 257 -89.47 13.83 -40.44
CA GLU C 257 -88.77 14.14 -41.68
C GLU C 257 -87.70 13.09 -41.97
N LEU C 258 -86.86 12.83 -40.97
CA LEU C 258 -85.78 11.85 -41.08
C LEU C 258 -86.29 10.49 -41.53
N LEU C 259 -87.17 9.92 -40.71
CA LEU C 259 -87.70 8.59 -40.97
C LEU C 259 -88.34 8.55 -42.35
N PHE C 260 -88.98 9.64 -42.74
CA PHE C 260 -89.57 9.71 -44.06
C PHE C 260 -88.48 9.56 -45.12
N ASN C 261 -87.43 10.38 -45.03
CA ASN C 261 -86.37 10.37 -46.03
C ASN C 261 -85.80 8.97 -46.21
N LEU C 262 -85.54 8.31 -45.10
CA LEU C 262 -85.05 6.94 -45.15
C LEU C 262 -86.04 6.02 -45.88
N SER C 263 -87.29 6.05 -45.43
CA SER C 263 -88.31 5.16 -45.97
C SER C 263 -88.53 5.32 -47.47
N ILE C 264 -88.49 6.56 -47.95
CA ILE C 264 -88.77 6.82 -49.37
C ILE C 264 -87.53 6.48 -50.21
N ASN C 265 -86.35 6.76 -49.69
CA ASN C 265 -85.11 6.53 -50.44
C ASN C 265 -84.64 5.07 -50.37
N ILE C 266 -85.33 4.27 -49.56
CA ILE C 266 -84.99 2.86 -49.38
C ILE C 266 -85.06 2.04 -50.68
N GLU C 267 -85.75 2.53 -51.69
CA GLU C 267 -85.72 1.86 -52.99
C GLU C 267 -84.43 2.20 -53.69
N ASN C 268 -84.03 3.46 -53.56
CA ASN C 268 -82.79 3.99 -54.09
C ASN C 268 -81.57 3.33 -53.46
N SER C 269 -81.75 2.75 -52.27
CA SER C 269 -80.66 2.11 -51.56
C SER C 269 -80.18 0.80 -52.21
N ASN C 270 -81.11 -0.02 -52.68
CA ASN C 270 -80.76 -1.33 -53.23
C ASN C 270 -79.83 -1.25 -54.43
N ASN C 271 -80.19 -0.42 -55.41
CA ASN C 271 -79.37 -0.24 -56.59
C ASN C 271 -78.28 0.81 -56.33
N ASN C 272 -77.60 1.21 -57.40
CA ASN C 272 -76.56 2.23 -57.31
C ASN C 272 -77.13 3.63 -57.43
N THR C 273 -78.46 3.71 -57.47
CA THR C 273 -79.15 4.99 -57.65
C THR C 273 -78.84 5.95 -56.51
N ALA C 274 -78.95 7.24 -56.79
CA ALA C 274 -78.67 8.30 -55.83
C ALA C 274 -79.92 8.64 -55.04
N PRO C 275 -79.76 9.01 -53.77
CA PRO C 275 -80.96 9.31 -53.00
C PRO C 275 -81.48 10.69 -53.37
N LYS C 276 -82.77 10.93 -53.14
CA LYS C 276 -83.32 12.25 -53.37
C LYS C 276 -83.84 12.78 -52.05
N GLU C 277 -83.56 14.06 -51.79
CA GLU C 277 -83.89 14.65 -50.51
C GLU C 277 -85.22 15.38 -50.51
N TYR C 278 -85.90 15.30 -49.38
CA TYR C 278 -87.17 15.99 -49.20
C TYR C 278 -87.17 16.73 -47.88
N ARG C 279 -87.64 17.96 -47.89
CA ARG C 279 -87.73 18.77 -46.68
C ARG C 279 -89.16 18.74 -46.14
N LEU C 280 -89.35 19.33 -44.98
CA LEU C 280 -90.64 19.28 -44.28
C LEU C 280 -91.80 19.81 -45.11
N GLU C 281 -91.48 20.66 -46.09
CA GLU C 281 -92.51 21.27 -46.91
C GLU C 281 -93.21 20.31 -47.88
N GLU C 282 -92.47 19.44 -48.56
CA GLU C 282 -93.11 18.55 -49.53
C GLU C 282 -94.09 17.61 -48.80
N ILE C 283 -93.56 16.80 -47.88
CA ILE C 283 -94.34 16.08 -46.87
C ILE C 283 -95.70 15.57 -47.34
N THR C 284 -95.79 15.04 -48.55
CA THR C 284 -97.12 14.75 -49.08
C THR C 284 -97.76 13.61 -48.31
N PRO C 285 -98.92 13.87 -47.69
CA PRO C 285 -99.67 12.84 -46.97
C PRO C 285 -100.11 11.80 -47.97
N GLN C 286 -100.47 12.34 -49.14
CA GLN C 286 -100.93 11.54 -50.26
C GLN C 286 -99.83 10.60 -50.73
N SER C 287 -98.62 11.13 -50.89
CA SER C 287 -97.50 10.30 -51.34
C SER C 287 -97.05 9.34 -50.24
N ILE C 288 -97.05 9.83 -49.00
CA ILE C 288 -96.69 9.01 -47.85
C ILE C 288 -97.60 7.79 -47.77
N ASP C 289 -98.88 7.98 -48.08
CA ASP C 289 -99.82 6.88 -48.14
C ASP C 289 -99.68 6.10 -49.46
N ASP C 290 -99.15 6.78 -50.48
CA ASP C 290 -98.98 6.19 -51.81
C ASP C 290 -97.83 5.20 -51.87
N MET C 291 -96.74 5.50 -51.15
CA MET C 291 -95.56 4.64 -51.23
C MET C 291 -95.92 3.24 -50.76
N ARG C 292 -95.55 2.26 -51.55
CA ARG C 292 -96.04 0.89 -51.41
C ARG C 292 -95.35 0.07 -50.32
N GLN C 293 -94.05 0.30 -50.15
CA GLN C 293 -93.19 -0.68 -49.49
C GLN C 293 -93.13 -0.60 -47.97
N ILE C 294 -93.88 0.33 -47.37
CA ILE C 294 -93.88 0.45 -45.92
C ILE C 294 -95.21 -0.02 -45.33
N ASP C 295 -95.14 -0.62 -44.14
CA ASP C 295 -96.33 -1.10 -43.45
C ASP C 295 -97.24 0.04 -43.01
N ASP C 296 -98.52 -0.06 -43.37
CA ASP C 296 -99.53 0.95 -43.07
C ASP C 296 -99.47 1.48 -41.63
N LYS C 297 -99.01 0.65 -40.70
CA LYS C 297 -98.80 1.07 -39.32
C LYS C 297 -97.72 2.14 -39.25
N PHE C 298 -96.64 1.90 -39.97
CA PHE C 298 -95.51 2.81 -40.02
C PHE C 298 -95.91 4.10 -40.71
N LYS C 299 -96.81 3.96 -41.69
CA LYS C 299 -97.37 5.10 -42.38
C LYS C 299 -98.20 5.94 -41.41
N ASP C 300 -98.95 5.24 -40.56
CA ASP C 300 -99.74 5.91 -39.52
C ASP C 300 -98.83 6.65 -38.55
N VAL C 301 -97.69 6.04 -38.24
CA VAL C 301 -96.73 6.67 -37.34
C VAL C 301 -96.19 7.96 -37.94
N LEU C 302 -95.69 7.87 -39.17
CA LEU C 302 -95.15 9.04 -39.87
C LEU C 302 -96.21 10.13 -39.97
N LYS C 303 -97.44 9.72 -40.27
CA LYS C 303 -98.57 10.63 -40.33
C LYS C 303 -98.76 11.34 -39.00
N TYR C 304 -98.65 10.59 -37.91
CA TYR C 304 -98.78 11.17 -36.58
C TYR C 304 -97.70 12.22 -36.33
N LEU C 305 -96.47 11.91 -36.74
CA LEU C 305 -95.36 12.83 -36.49
C LEU C 305 -95.46 14.12 -37.30
N ILE C 306 -95.73 14.01 -38.60
CA ILE C 306 -95.67 15.19 -39.48
C ILE C 306 -96.84 16.17 -39.30
N SER C 307 -97.98 15.67 -38.84
CA SER C 307 -99.22 16.44 -38.82
C SER C 307 -99.43 17.40 -37.64
N ASP C 308 -99.93 18.59 -37.96
CA ASP C 308 -100.33 19.59 -36.97
C ASP C 308 -101.86 19.55 -36.82
N ASN C 309 -102.38 19.53 -35.60
CA ASN C 309 -103.82 19.58 -35.44
C ASN C 309 -104.24 20.47 -34.25
N GLY C 310 -105.55 20.65 -34.07
CA GLY C 310 -106.10 21.42 -32.97
C GLY C 310 -105.51 21.15 -31.60
N ASP C 311 -105.53 19.89 -31.20
CA ASP C 311 -104.75 19.46 -30.05
C ASP C 311 -103.69 18.47 -30.51
N SER C 312 -102.44 18.93 -30.55
CA SER C 312 -101.35 18.07 -30.97
C SER C 312 -101.09 17.10 -29.84
N LYS C 313 -100.82 17.67 -28.66
CA LYS C 313 -100.56 16.95 -27.42
C LYS C 313 -99.62 15.77 -27.68
N LYS C 314 -98.59 15.99 -28.50
CA LYS C 314 -97.73 14.88 -28.84
C LYS C 314 -96.99 14.46 -27.59
N SER C 315 -97.20 13.21 -27.20
CA SER C 315 -96.61 12.65 -26.01
C SER C 315 -95.79 11.43 -26.34
N ILE C 316 -94.81 11.14 -25.49
CA ILE C 316 -94.09 9.88 -25.62
C ILE C 316 -95.11 8.76 -25.55
N HIS C 317 -96.12 8.94 -24.72
CA HIS C 317 -97.19 7.96 -24.52
C HIS C 317 -97.95 7.57 -25.79
N ASP C 318 -98.46 8.56 -26.52
CA ASP C 318 -99.26 8.26 -27.71
C ASP C 318 -98.43 7.62 -28.81
N LEU C 319 -97.27 8.22 -29.06
CA LEU C 319 -96.36 7.77 -30.10
C LEU C 319 -95.90 6.35 -29.82
N THR C 320 -95.48 6.12 -28.58
CA THR C 320 -95.04 4.79 -28.18
C THR C 320 -96.21 3.83 -28.23
N SER C 321 -97.42 4.33 -27.97
CA SER C 321 -98.61 3.49 -28.05
C SER C 321 -98.78 3.02 -29.48
N HIS C 322 -98.34 3.87 -30.43
CA HIS C 322 -98.31 3.48 -31.83
C HIS C 322 -97.22 2.44 -32.05
N PHE C 323 -96.07 2.66 -31.42
CA PHE C 323 -94.92 1.76 -31.59
C PHE C 323 -95.19 0.34 -31.14
N TYR C 324 -95.69 0.21 -29.91
CA TYR C 324 -96.15 -1.07 -29.39
C TYR C 324 -95.04 -2.12 -29.35
N ASP C 325 -95.26 -3.19 -30.11
CA ASP C 325 -94.43 -4.40 -30.10
C ASP C 325 -92.94 -4.23 -30.43
N LYS C 326 -92.60 -3.35 -31.38
CA LYS C 326 -91.22 -3.27 -31.90
C LYS C 326 -90.14 -3.02 -30.83
N MET C 327 -90.54 -2.42 -29.70
CA MET C 327 -89.61 -2.27 -28.58
C MET C 327 -89.09 -3.64 -28.15
N PHE C 328 -90.00 -4.62 -28.08
CA PHE C 328 -89.64 -6.00 -27.82
C PHE C 328 -88.61 -6.50 -28.83
N MET C 329 -88.78 -6.12 -30.09
CA MET C 329 -87.84 -6.49 -31.13
C MET C 329 -86.44 -5.98 -30.79
N VAL C 330 -86.37 -4.70 -30.45
CA VAL C 330 -85.09 -4.08 -30.11
C VAL C 330 -84.44 -4.76 -28.92
N LEU C 331 -85.21 -4.98 -27.85
CA LEU C 331 -84.72 -5.66 -26.66
C LEU C 331 -84.20 -7.06 -26.97
N GLU C 332 -85.01 -7.82 -27.72
CA GLU C 332 -84.67 -9.19 -28.09
C GLU C 332 -83.35 -9.25 -28.84
N SER C 333 -83.21 -8.37 -29.83
CA SER C 333 -82.00 -8.33 -30.63
C SER C 333 -80.81 -8.00 -29.74
N SER C 334 -80.99 -7.02 -28.85
CA SER C 334 -79.94 -6.61 -27.93
C SER C 334 -79.43 -7.76 -27.06
N GLN C 335 -80.37 -8.48 -26.44
CA GLN C 335 -80.03 -9.60 -25.59
C GLN C 335 -79.33 -10.70 -26.40
N THR C 336 -79.86 -10.96 -27.59
CA THR C 336 -79.26 -11.95 -28.48
C THR C 336 -77.80 -11.62 -28.75
N TYR C 337 -77.53 -10.37 -29.09
CA TYR C 337 -76.16 -9.93 -29.35
C TYR C 337 -75.28 -10.09 -28.12
N THR C 338 -75.84 -9.73 -26.96
CA THR C 338 -75.13 -9.88 -25.70
C THR C 338 -74.70 -11.34 -25.50
N GLU C 339 -75.64 -12.24 -25.73
CA GLU C 339 -75.39 -13.67 -25.60
C GLU C 339 -74.31 -14.14 -26.54
N TYR C 340 -74.39 -13.69 -27.79
CA TYR C 340 -73.41 -14.03 -28.82
C TYR C 340 -72.02 -13.64 -28.35
N MET C 341 -71.91 -12.39 -27.91
CA MET C 341 -70.64 -11.87 -27.42
C MET C 341 -70.13 -12.68 -26.24
N GLU C 342 -71.04 -13.06 -25.34
CA GLU C 342 -70.64 -13.90 -24.21
C GLU C 342 -70.04 -15.22 -24.72
N SER C 343 -70.71 -15.80 -25.70
CA SER C 343 -70.30 -17.08 -26.27
C SER C 343 -68.90 -16.99 -26.87
N VAL C 344 -68.69 -16.04 -27.77
CA VAL C 344 -67.38 -15.90 -28.42
C VAL C 344 -66.31 -15.53 -27.39
N LEU C 345 -66.67 -14.70 -26.42
CA LEU C 345 -65.75 -14.27 -25.36
C LEU C 345 -65.25 -15.48 -24.59
N SER C 346 -66.14 -16.45 -24.38
CA SER C 346 -65.81 -17.65 -23.61
C SER C 346 -64.55 -18.32 -24.14
N ARG C 347 -64.44 -18.42 -25.47
CA ARG C 347 -63.28 -19.02 -26.10
C ARG C 347 -61.99 -18.26 -25.74
N GLU C 348 -62.09 -16.93 -25.78
CA GLU C 348 -60.96 -16.02 -25.58
C GLU C 348 -60.52 -15.72 -24.13
N LEU C 349 -61.41 -15.93 -23.16
CA LEU C 349 -61.22 -15.44 -21.79
C LEU C 349 -59.90 -15.79 -21.09
N GLU C 350 -59.35 -16.97 -21.38
CA GLU C 350 -58.16 -17.46 -20.69
C GLU C 350 -56.91 -16.58 -20.85
N ASN C 351 -56.76 -15.97 -22.03
CA ASN C 351 -55.53 -15.26 -22.42
C ASN C 351 -54.96 -14.12 -21.54
N GLY C 352 -55.82 -13.33 -20.91
CA GLY C 352 -55.38 -12.22 -20.09
C GLY C 352 -54.39 -12.64 -19.02
N ARG C 353 -54.75 -13.71 -18.32
CA ARG C 353 -53.91 -14.30 -17.30
C ARG C 353 -52.53 -14.58 -17.87
N LEU C 354 -52.54 -15.25 -19.02
CA LEU C 354 -51.33 -15.62 -19.73
C LEU C 354 -50.47 -14.39 -20.00
N PHE C 355 -51.14 -13.29 -20.35
CA PHE C 355 -50.47 -12.02 -20.61
C PHE C 355 -49.72 -11.62 -19.35
N ARG C 356 -50.42 -11.66 -18.22
CA ARG C 356 -49.78 -11.36 -16.94
C ARG C 356 -48.55 -12.21 -16.69
N LEU C 357 -48.69 -13.52 -16.90
CA LEU C 357 -47.59 -14.46 -16.63
C LEU C 357 -46.35 -14.17 -17.48
N VAL C 358 -46.53 -14.10 -18.79
CA VAL C 358 -45.40 -13.83 -19.68
C VAL C 358 -44.82 -12.47 -19.36
N ASN C 359 -45.67 -11.54 -18.93
CA ASN C 359 -45.18 -10.22 -18.56
C ASN C 359 -44.23 -10.30 -17.38
N LYS C 360 -44.63 -11.02 -16.33
CA LYS C 360 -43.75 -11.14 -15.17
C LYS C 360 -42.45 -11.89 -15.49
N LEU C 361 -42.57 -13.01 -16.18
CA LEU C 361 -41.40 -13.81 -16.53
C LEU C 361 -40.41 -12.95 -17.34
N ASN C 362 -40.96 -12.22 -18.30
CA ASN C 362 -40.17 -11.34 -19.14
C ASN C 362 -39.52 -10.26 -18.29
N CYS C 363 -40.26 -9.80 -17.29
CA CYS C 363 -39.76 -8.78 -16.38
C CYS C 363 -38.51 -9.27 -15.68
N ILE C 364 -38.57 -10.50 -15.17
CA ILE C 364 -37.46 -11.06 -14.42
C ILE C 364 -36.24 -11.41 -15.27
N PHE C 365 -36.46 -11.97 -16.46
CA PHE C 365 -35.34 -12.58 -17.20
C PHE C 365 -34.19 -11.71 -17.73
N GLY C 366 -34.51 -10.76 -18.59
CA GLY C 366 -33.48 -10.00 -19.28
C GLY C 366 -32.88 -8.75 -18.66
N ARG C 367 -33.05 -8.58 -17.35
CA ARG C 367 -32.57 -7.37 -16.68
C ARG C 367 -31.09 -7.12 -16.93
N ILE C 368 -30.75 -5.86 -17.22
CA ILE C 368 -29.37 -5.48 -17.52
C ILE C 368 -28.48 -5.75 -16.31
N GLU C 369 -28.99 -5.39 -15.14
CA GLU C 369 -28.30 -5.60 -13.87
C GLU C 369 -28.11 -7.09 -13.64
N SER C 370 -29.03 -7.87 -14.19
CA SER C 370 -29.05 -9.31 -14.06
C SER C 370 -28.12 -10.04 -15.01
N ARG C 371 -27.58 -9.33 -15.99
CA ARG C 371 -26.85 -9.98 -17.07
C ARG C 371 -25.48 -10.44 -16.57
N ILE C 372 -24.77 -9.56 -15.88
CA ILE C 372 -23.46 -9.86 -15.37
C ILE C 372 -23.48 -10.24 -13.89
N ASP C 373 -24.66 -10.51 -13.35
CA ASP C 373 -24.74 -10.94 -11.96
C ASP C 373 -24.18 -12.35 -11.76
N ILE C 374 -23.53 -12.53 -10.61
CA ILE C 374 -22.90 -13.80 -10.24
C ILE C 374 -23.88 -14.91 -9.90
N ASN C 375 -25.05 -14.54 -9.39
CA ASN C 375 -26.10 -15.51 -9.09
C ASN C 375 -26.83 -15.94 -10.34
N TRP C 376 -26.73 -15.13 -11.39
CA TRP C 376 -27.42 -15.40 -12.64
C TRP C 376 -26.50 -16.19 -13.57
N SER C 377 -25.38 -16.61 -13.02
CA SER C 377 -24.37 -17.34 -13.77
C SER C 377 -24.73 -18.82 -13.84
N GLU C 378 -23.87 -19.60 -14.47
CA GLU C 378 -24.10 -21.03 -14.65
C GLU C 378 -24.16 -21.76 -13.32
N SER C 379 -23.29 -21.37 -12.40
CA SER C 379 -23.20 -22.00 -11.09
C SER C 379 -23.99 -21.23 -10.04
N GLY C 380 -24.77 -20.25 -10.47
CA GLY C 380 -25.56 -19.44 -9.56
C GLY C 380 -26.97 -19.95 -9.31
N THR C 381 -27.64 -19.34 -8.33
CA THR C 381 -28.98 -19.74 -7.92
C THR C 381 -30.10 -19.44 -8.92
N LYS C 382 -30.01 -18.30 -9.59
CA LYS C 382 -31.07 -17.84 -10.48
C LYS C 382 -31.06 -18.57 -11.83
N PHE C 383 -29.93 -19.22 -12.13
CA PHE C 383 -29.68 -19.82 -13.43
C PHE C 383 -30.83 -20.66 -14.01
N PRO C 384 -31.50 -21.51 -13.19
CA PRO C 384 -32.56 -22.34 -13.79
C PRO C 384 -33.59 -21.51 -14.54
N ILE C 385 -33.90 -20.30 -14.06
CA ILE C 385 -34.92 -19.51 -14.72
C ILE C 385 -34.55 -19.35 -16.17
N ILE C 386 -33.31 -18.95 -16.40
CA ILE C 386 -32.85 -18.74 -17.76
C ILE C 386 -33.02 -20.01 -18.55
N LEU C 387 -32.56 -21.11 -17.97
CA LEU C 387 -32.68 -22.39 -18.64
C LEU C 387 -34.13 -22.68 -18.97
N PHE C 388 -35.00 -22.52 -17.97
CA PHE C 388 -36.40 -22.80 -18.17
C PHE C 388 -36.97 -21.90 -19.25
N TYR C 389 -36.58 -20.63 -19.18
CA TYR C 389 -37.08 -19.69 -20.16
C TYR C 389 -36.60 -20.18 -21.52
N ASP C 390 -35.31 -20.48 -21.61
CA ASP C 390 -34.76 -21.02 -22.85
C ASP C 390 -35.56 -22.23 -23.27
N TYR C 391 -35.89 -23.07 -22.30
CA TYR C 391 -36.63 -24.28 -22.60
C TYR C 391 -37.99 -23.96 -23.24
N VAL C 392 -38.72 -23.00 -22.70
CA VAL C 392 -40.07 -22.80 -23.22
C VAL C 392 -40.11 -22.09 -24.59
N PHE C 393 -39.52 -20.92 -24.71
CA PHE C 393 -39.63 -20.16 -25.95
C PHE C 393 -38.55 -20.54 -26.97
N HIS C 394 -37.33 -20.81 -26.50
CA HIS C 394 -36.25 -21.06 -27.43
C HIS C 394 -35.97 -22.55 -27.57
N GLN C 395 -36.63 -23.16 -28.55
CA GLN C 395 -36.56 -24.58 -28.80
C GLN C 395 -35.81 -24.86 -30.10
N VAL C 396 -35.16 -26.01 -30.18
CA VAL C 396 -34.54 -26.40 -31.43
C VAL C 396 -35.24 -27.66 -31.91
N ASP C 397 -35.77 -27.64 -33.14
CA ASP C 397 -36.40 -28.82 -33.69
C ASP C 397 -35.32 -29.75 -34.22
N SER C 398 -35.22 -30.94 -33.62
CA SER C 398 -34.08 -31.82 -33.87
C SER C 398 -32.79 -31.04 -33.68
N ASN C 399 -32.03 -30.92 -34.77
CA ASN C 399 -30.70 -30.34 -34.70
C ASN C 399 -30.51 -29.13 -35.59
N GLY C 400 -30.06 -28.03 -34.99
CA GLY C 400 -29.88 -26.77 -35.68
C GLY C 400 -31.02 -25.91 -36.20
N LYS C 401 -32.29 -26.23 -35.92
CA LYS C 401 -33.31 -25.24 -36.25
C LYS C 401 -34.37 -25.05 -35.17
N PRO C 402 -34.72 -23.78 -34.90
CA PRO C 402 -35.71 -23.35 -33.91
C PRO C 402 -37.15 -23.43 -34.39
N ILE C 403 -38.08 -23.69 -33.48
CA ILE C 403 -39.50 -23.66 -33.76
C ILE C 403 -40.24 -23.23 -32.49
N MET C 404 -41.38 -22.60 -32.68
CA MET C 404 -42.25 -22.26 -31.56
C MET C 404 -43.56 -23.01 -31.71
N ASP C 405 -43.79 -23.95 -30.80
CA ASP C 405 -45.05 -24.65 -30.78
C ASP C 405 -45.87 -23.90 -29.74
N LEU C 406 -47.13 -23.61 -30.08
CA LEU C 406 -47.97 -22.82 -29.20
C LEU C 406 -48.41 -23.68 -28.04
N THR C 407 -48.79 -24.91 -28.36
CA THR C 407 -49.28 -25.85 -27.36
C THR C 407 -48.22 -26.12 -26.29
N HIS C 408 -46.96 -26.22 -26.72
CA HIS C 408 -45.84 -26.32 -25.81
C HIS C 408 -45.80 -25.15 -24.83
N VAL C 409 -45.87 -23.94 -25.36
CA VAL C 409 -45.79 -22.73 -24.55
C VAL C 409 -46.93 -22.69 -23.54
N LEU C 410 -48.12 -22.99 -24.04
CA LEU C 410 -49.32 -22.99 -23.23
C LEU C 410 -49.23 -24.00 -22.10
N ARG C 411 -48.72 -25.18 -22.43
CA ARG C 411 -48.59 -26.28 -21.51
C ARG C 411 -47.63 -25.92 -20.38
N CYS C 412 -46.45 -25.45 -20.78
CA CYS C 412 -45.41 -25.08 -19.84
C CYS C 412 -45.87 -23.97 -18.92
N LEU C 413 -46.47 -22.93 -19.50
CA LEU C 413 -46.92 -21.79 -18.72
C LEU C 413 -48.01 -22.20 -17.74
N ASN C 414 -48.95 -23.01 -18.21
CA ASN C 414 -50.04 -23.46 -17.35
C ASN C 414 -49.49 -24.27 -16.17
N LYS C 415 -48.63 -25.24 -16.48
CA LYS C 415 -48.01 -26.04 -15.42
C LYS C 415 -47.26 -25.16 -14.45
N LEU C 416 -46.62 -24.10 -14.96
CA LEU C 416 -45.89 -23.17 -14.10
C LEU C 416 -46.84 -22.41 -13.19
N ASP C 417 -47.97 -22.00 -13.75
CA ASP C 417 -48.96 -21.20 -13.02
C ASP C 417 -49.54 -22.01 -11.88
N ALA C 418 -49.89 -23.27 -12.17
CA ALA C 418 -50.46 -24.13 -11.14
C ALA C 418 -49.42 -24.52 -10.10
N GLY C 419 -48.17 -24.60 -10.53
CA GLY C 419 -47.11 -25.05 -9.66
C GLY C 419 -47.31 -26.53 -9.36
N ILE C 420 -47.82 -27.24 -10.36
CA ILE C 420 -48.11 -28.65 -10.25
C ILE C 420 -46.87 -29.44 -9.88
N GLN C 421 -47.05 -30.56 -9.18
CA GLN C 421 -45.87 -31.32 -8.79
C GLN C 421 -45.58 -32.37 -9.85
N GLU C 422 -44.57 -32.04 -10.64
CA GLU C 422 -44.07 -32.86 -11.72
C GLU C 422 -42.62 -32.45 -11.89
N LYS C 423 -41.73 -33.36 -12.29
CA LYS C 423 -40.32 -33.00 -12.33
C LYS C 423 -39.92 -32.73 -13.77
N LEU C 424 -39.02 -31.75 -13.93
CA LEU C 424 -38.53 -31.38 -15.25
C LEU C 424 -37.01 -31.42 -15.25
N MET C 425 -36.46 -31.97 -16.33
CA MET C 425 -35.02 -32.08 -16.52
C MET C 425 -34.42 -31.03 -17.46
N LEU C 426 -33.61 -30.14 -16.89
CA LEU C 426 -32.95 -29.07 -17.62
C LEU C 426 -31.46 -29.31 -17.87
N VAL C 427 -31.00 -28.83 -19.03
CA VAL C 427 -29.63 -28.99 -19.49
C VAL C 427 -28.90 -27.66 -19.35
N THR C 428 -27.60 -27.74 -19.09
CA THR C 428 -26.79 -26.60 -18.60
C THR C 428 -26.52 -25.36 -19.47
N PRO C 429 -26.36 -25.47 -20.81
CA PRO C 429 -26.25 -26.43 -21.92
C PRO C 429 -24.93 -27.20 -22.13
N ASP C 430 -23.84 -26.93 -21.43
CA ASP C 430 -22.69 -27.80 -21.64
C ASP C 430 -23.04 -29.15 -21.02
N GLU C 431 -23.01 -30.16 -21.86
CA GLU C 431 -23.71 -31.43 -21.64
C GLU C 431 -23.30 -32.30 -20.45
N LEU C 432 -22.27 -31.94 -19.70
CA LEU C 432 -21.89 -32.79 -18.58
C LEU C 432 -22.86 -32.74 -17.39
N ASN C 433 -23.18 -31.52 -16.93
CA ASN C 433 -24.05 -31.34 -15.76
C ASN C 433 -25.54 -31.32 -16.10
N CYS C 434 -26.39 -31.58 -15.10
CA CYS C 434 -27.85 -31.50 -15.28
C CYS C 434 -28.57 -30.89 -14.09
N ILE C 435 -29.82 -30.48 -14.30
CA ILE C 435 -30.62 -29.96 -13.20
C ILE C 435 -32.03 -30.55 -13.19
N ILE C 436 -32.49 -31.04 -12.04
CA ILE C 436 -33.86 -31.53 -11.90
C ILE C 436 -34.66 -30.56 -11.03
N ILE C 437 -35.79 -30.08 -11.53
CA ILE C 437 -36.56 -29.08 -10.80
C ILE C 437 -38.07 -29.29 -10.98
N SER C 438 -38.83 -29.01 -9.93
CA SER C 438 -40.27 -29.18 -9.95
C SER C 438 -40.93 -27.84 -10.17
N TYR C 439 -42.05 -27.87 -10.90
CA TYR C 439 -42.74 -26.66 -11.33
C TYR C 439 -43.05 -25.74 -10.15
N LYS C 440 -43.38 -26.34 -9.01
CA LYS C 440 -43.64 -25.58 -7.79
C LYS C 440 -42.43 -24.77 -7.37
N GLU C 441 -41.27 -25.41 -7.35
CA GLU C 441 -40.03 -24.75 -6.97
C GLU C 441 -39.71 -23.62 -7.93
N LEU C 442 -40.04 -23.83 -9.21
CA LEU C 442 -39.84 -22.80 -10.22
C LEU C 442 -40.74 -21.61 -9.94
N LYS C 443 -41.99 -21.89 -9.61
CA LYS C 443 -42.97 -20.84 -9.33
C LYS C 443 -42.54 -20.00 -8.13
N ASP C 444 -42.23 -20.68 -7.03
CA ASP C 444 -41.77 -19.99 -5.83
C ASP C 444 -40.51 -19.18 -6.10
N LEU C 445 -39.57 -19.76 -6.83
CA LEU C 445 -38.30 -19.10 -7.10
C LEU C 445 -38.52 -17.84 -7.94
N ILE C 446 -39.24 -18.00 -9.04
CA ILE C 446 -39.49 -16.89 -9.96
C ILE C 446 -40.27 -15.77 -9.26
N GLU C 447 -41.31 -16.14 -8.52
CA GLU C 447 -42.12 -15.15 -7.81
C GLU C 447 -41.26 -14.41 -6.79
N SER C 448 -40.42 -15.16 -6.09
CA SER C 448 -39.53 -14.58 -5.08
C SER C 448 -38.58 -13.58 -5.72
N THR C 449 -38.00 -13.98 -6.84
CA THR C 449 -37.07 -13.14 -7.58
C THR C 449 -37.79 -11.87 -8.02
N PHE C 450 -38.99 -12.04 -8.58
CA PHE C 450 -39.80 -10.94 -9.05
C PHE C 450 -40.04 -9.95 -7.94
N ARG C 451 -40.45 -10.48 -6.80
CA ARG C 451 -40.74 -9.69 -5.62
C ARG C 451 -39.50 -8.93 -5.18
N SER C 452 -38.35 -9.59 -5.25
CA SER C 452 -37.09 -8.97 -4.86
C SER C 452 -36.78 -7.79 -5.77
N ILE C 453 -37.02 -7.97 -7.07
CA ILE C 453 -36.78 -6.93 -8.05
C ILE C 453 -37.72 -5.73 -7.93
N THR C 454 -39.01 -6.01 -7.76
CA THR C 454 -40.03 -4.97 -7.76
C THR C 454 -40.08 -4.18 -6.46
N GLN C 455 -39.82 -4.86 -5.35
CA GLN C 455 -39.81 -4.19 -4.04
C GLN C 455 -38.84 -3.03 -4.05
N HIS C 456 -39.29 -1.88 -3.55
CA HIS C 456 -38.54 -0.63 -3.62
C HIS C 456 -38.22 -0.28 -5.08
N SER D 28 60.09 -58.72 -48.43
CA SER D 28 59.61 -57.83 -47.39
C SER D 28 59.54 -58.53 -46.04
N ALA D 29 60.61 -59.23 -45.68
CA ALA D 29 60.64 -59.98 -44.42
C ALA D 29 61.09 -59.11 -43.25
N ASP D 30 62.39 -58.84 -43.20
CA ASP D 30 62.98 -58.08 -42.11
C ASP D 30 63.02 -56.58 -42.38
N GLN D 31 62.40 -56.16 -43.47
CA GLN D 31 62.31 -54.72 -43.78
C GLN D 31 60.98 -54.06 -43.41
N LEU D 32 60.08 -54.80 -42.77
CA LEU D 32 58.65 -54.46 -42.73
C LEU D 32 58.37 -52.98 -42.44
N PHE D 33 59.16 -52.38 -41.56
CA PHE D 33 59.02 -50.95 -41.25
C PHE D 33 59.68 -49.99 -42.24
N ILE D 34 60.31 -50.52 -43.29
CA ILE D 34 60.90 -49.66 -44.31
C ILE D 34 59.81 -49.00 -45.15
N PRO D 35 59.73 -47.66 -45.08
CA PRO D 35 58.69 -46.90 -45.79
C PRO D 35 58.99 -46.75 -47.28
N ASN D 36 57.96 -46.49 -48.07
CA ASN D 36 58.10 -46.48 -49.52
C ASN D 36 59.03 -45.35 -49.97
N ASN D 37 58.67 -44.11 -49.61
CA ASN D 37 59.57 -42.98 -49.76
C ASN D 37 59.49 -42.12 -48.50
N ILE D 38 60.58 -42.08 -47.75
CA ILE D 38 60.56 -41.40 -46.46
C ILE D 38 60.67 -39.88 -46.56
N ARG D 39 61.52 -39.40 -47.47
CA ARG D 39 61.83 -37.97 -47.56
C ARG D 39 60.58 -37.12 -47.75
N GLU D 40 59.83 -37.41 -48.81
CA GLU D 40 58.68 -36.61 -49.18
C GLU D 40 57.57 -36.70 -48.14
N ASP D 41 57.27 -37.94 -47.73
CA ASP D 41 56.22 -38.20 -46.73
C ASP D 41 56.49 -37.50 -45.41
N LEU D 42 57.69 -37.73 -44.87
CA LEU D 42 58.10 -37.14 -43.61
C LEU D 42 58.11 -35.62 -43.73
N THR D 43 58.51 -35.12 -44.90
CA THR D 43 58.51 -33.69 -45.17
C THR D 43 57.07 -33.19 -45.06
N LYS D 44 56.16 -33.95 -45.65
CA LYS D 44 54.74 -33.65 -45.63
C LYS D 44 54.18 -33.55 -44.21
N LYS D 45 54.64 -34.42 -43.31
CA LYS D 45 54.13 -34.39 -41.94
C LYS D 45 54.32 -33.05 -41.21
N ASN D 46 55.56 -32.54 -41.18
CA ASN D 46 55.80 -31.28 -40.46
C ASN D 46 55.04 -30.12 -41.09
N LEU D 47 54.82 -30.22 -42.40
CA LEU D 47 54.01 -29.24 -43.12
C LEU D 47 52.57 -29.29 -42.61
N SER D 48 52.05 -30.51 -42.46
CA SER D 48 50.71 -30.71 -41.92
C SER D 48 50.58 -30.17 -40.51
N ILE D 49 51.67 -30.28 -39.75
CA ILE D 49 51.71 -29.79 -38.38
C ILE D 49 51.59 -28.27 -38.30
N LEU D 50 52.17 -27.60 -39.29
CA LEU D 50 52.27 -26.14 -39.31
C LEU D 50 50.95 -25.38 -39.54
N GLN D 51 49.91 -26.05 -40.02
CA GLN D 51 48.72 -25.36 -40.53
C GLN D 51 47.96 -24.53 -39.48
N VAL D 52 47.79 -23.23 -39.77
CA VAL D 52 47.00 -22.29 -38.96
C VAL D 52 45.75 -21.84 -39.73
N PHE D 53 45.55 -22.39 -40.94
CA PHE D 53 44.56 -21.86 -41.89
C PHE D 53 43.16 -21.45 -41.38
N PRO D 54 42.50 -22.24 -40.50
CA PRO D 54 41.18 -21.74 -40.10
C PRO D 54 41.30 -20.56 -39.15
N SER D 55 40.41 -19.57 -39.25
CA SER D 55 40.43 -18.44 -38.33
C SER D 55 39.16 -17.59 -38.41
N SER D 56 39.16 -16.52 -37.63
CA SER D 56 38.03 -15.60 -37.54
C SER D 56 36.67 -16.28 -37.39
N GLY D 57 36.45 -16.92 -36.23
CA GLY D 57 35.16 -17.51 -35.94
C GLY D 57 34.93 -17.78 -34.46
N LYS D 58 33.67 -17.75 -34.04
CA LYS D 58 33.32 -18.12 -32.67
C LYS D 58 33.13 -19.63 -32.55
N VAL D 59 32.99 -20.28 -33.70
CA VAL D 59 32.81 -21.74 -33.74
C VAL D 59 34.03 -22.40 -33.13
N ILE D 60 35.20 -21.93 -33.54
CA ILE D 60 36.44 -22.32 -32.89
C ILE D 60 37.05 -21.07 -32.27
N PRO D 61 37.07 -21.00 -30.93
CA PRO D 61 37.52 -19.79 -30.24
C PRO D 61 39.04 -19.65 -30.28
N SER D 62 39.54 -18.45 -30.01
CA SER D 62 40.96 -18.17 -30.13
C SER D 62 41.80 -19.03 -29.20
N ILE D 63 41.43 -19.06 -27.92
CA ILE D 63 42.22 -19.77 -26.93
C ILE D 63 41.35 -20.48 -25.89
N VAL D 64 41.65 -21.75 -25.64
CA VAL D 64 40.92 -22.50 -24.63
C VAL D 64 41.84 -23.14 -23.59
N GLN D 65 41.77 -22.62 -22.37
CA GLN D 65 42.44 -23.21 -21.21
C GLN D 65 43.91 -23.54 -21.45
N ASP D 66 44.68 -22.55 -21.88
CA ASP D 66 46.13 -22.62 -22.12
C ASP D 66 46.46 -23.17 -23.51
N TYR D 67 45.43 -23.48 -24.30
CA TYR D 67 45.63 -24.04 -25.64
C TYR D 67 45.10 -23.08 -26.71
N PHE D 68 45.75 -23.04 -27.88
CA PHE D 68 45.32 -22.12 -28.95
C PHE D 68 45.66 -22.61 -30.35
N ASN D 69 45.31 -21.80 -31.35
CA ASN D 69 45.47 -22.15 -32.76
C ASN D 69 44.80 -23.45 -33.13
N LEU D 70 43.53 -23.57 -32.76
CA LEU D 70 42.75 -24.77 -32.99
C LEU D 70 42.50 -24.89 -34.50
N VAL D 71 42.65 -26.09 -35.07
CA VAL D 71 42.35 -26.33 -36.49
C VAL D 71 41.57 -27.62 -36.69
N PRO D 72 40.52 -27.60 -37.54
CA PRO D 72 39.72 -28.83 -37.69
C PRO D 72 40.36 -29.93 -38.53
N LEU D 73 40.02 -31.18 -38.19
CA LEU D 73 40.40 -32.33 -38.98
C LEU D 73 39.48 -33.52 -38.70
N ASN D 74 39.51 -34.51 -39.59
CA ASN D 74 38.66 -35.69 -39.47
C ASN D 74 39.23 -36.84 -40.30
N THR D 84 34.07 -29.20 -34.78
CA THR D 84 34.02 -30.50 -35.45
C THR D 84 34.16 -31.63 -34.43
N THR D 85 34.11 -31.26 -33.16
CA THR D 85 34.27 -32.14 -31.99
C THR D 85 35.70 -32.69 -31.80
N LEU D 86 36.51 -32.65 -32.85
CA LEU D 86 37.88 -33.17 -32.74
C LEU D 86 38.78 -32.34 -33.63
N PHE D 87 39.91 -31.87 -33.11
CA PHE D 87 40.79 -31.00 -33.90
C PHE D 87 42.10 -30.58 -33.20
N LYS D 88 43.06 -30.15 -34.02
CA LYS D 88 44.45 -29.92 -33.64
C LYS D 88 44.78 -28.55 -33.06
N VAL D 89 45.61 -28.54 -32.02
CA VAL D 89 45.87 -27.35 -31.23
C VAL D 89 47.37 -27.15 -30.93
N PHE D 90 47.81 -25.90 -30.81
CA PHE D 90 49.16 -25.61 -30.31
C PHE D 90 49.07 -25.22 -28.84
N SER D 91 49.77 -25.93 -27.97
CA SER D 91 49.74 -25.59 -26.54
C SER D 91 50.63 -24.40 -26.20
N ASN D 92 50.28 -23.69 -25.14
CA ASN D 92 51.07 -22.57 -24.63
C ASN D 92 52.21 -23.05 -23.73
N TYR D 93 51.87 -23.91 -22.78
CA TYR D 93 52.80 -24.36 -21.76
C TYR D 93 53.96 -25.13 -22.41
N ASP D 94 53.69 -26.30 -22.96
CA ASP D 94 54.71 -27.05 -23.70
C ASP D 94 55.31 -26.25 -24.85
N GLY D 95 54.45 -25.56 -25.58
CA GLY D 95 54.83 -24.91 -26.82
C GLY D 95 54.77 -25.80 -28.05
N LYS D 96 54.92 -27.11 -27.87
CA LYS D 96 54.76 -28.04 -29.00
C LYS D 96 53.26 -28.18 -29.31
N ALA D 97 52.91 -29.01 -30.29
CA ALA D 97 51.50 -29.16 -30.61
C ALA D 97 50.88 -30.38 -29.94
N TYR D 98 49.56 -30.49 -30.05
CA TYR D 98 48.78 -31.59 -29.51
C TYR D 98 47.44 -31.70 -30.26
N VAL D 99 46.67 -32.74 -29.96
CA VAL D 99 45.32 -32.85 -30.51
C VAL D 99 44.29 -32.72 -29.37
N LEU D 100 43.14 -32.14 -29.69
CA LEU D 100 42.12 -31.91 -28.67
C LEU D 100 40.80 -32.55 -29.10
N LYS D 101 40.18 -33.25 -28.15
CA LYS D 101 38.89 -33.88 -28.36
C LYS D 101 37.85 -33.23 -27.44
N ARG D 102 36.70 -32.89 -28.01
CA ARG D 102 35.67 -32.04 -27.40
C ARG D 102 34.71 -32.56 -26.34
N LEU D 103 34.05 -33.68 -26.60
CA LEU D 103 33.09 -34.26 -25.65
C LEU D 103 32.08 -33.22 -25.14
N PRO D 104 31.14 -32.82 -26.00
CA PRO D 104 30.26 -31.69 -25.71
C PRO D 104 29.11 -32.07 -24.78
N ASN D 105 28.23 -31.11 -24.49
CA ASN D 105 26.99 -31.36 -23.77
C ASN D 105 27.19 -32.22 -22.52
N ILE D 106 27.73 -31.63 -21.47
CA ILE D 106 28.03 -32.36 -20.25
C ILE D 106 26.96 -32.12 -19.18
N ASP D 107 25.93 -31.36 -19.56
CA ASP D 107 24.81 -30.99 -18.69
C ASP D 107 25.35 -30.43 -17.37
N LYS D 108 25.15 -31.11 -16.25
CA LYS D 108 25.51 -30.49 -14.97
C LYS D 108 26.80 -30.95 -14.31
N SER D 109 27.80 -30.07 -14.34
CA SER D 109 28.89 -30.03 -13.37
C SER D 109 29.52 -31.36 -12.92
N MET D 110 30.37 -31.96 -13.74
CA MET D 110 30.93 -33.25 -13.35
C MET D 110 31.96 -33.04 -12.25
N ASN D 111 31.89 -33.89 -11.23
CA ASN D 111 32.73 -33.79 -10.04
C ASN D 111 34.21 -33.76 -10.34
N PRO D 112 34.86 -32.61 -10.09
CA PRO D 112 36.26 -32.35 -10.45
C PRO D 112 37.19 -33.42 -9.90
N ASN D 113 36.86 -33.97 -8.74
CA ASN D 113 37.64 -35.05 -8.15
C ASN D 113 37.76 -36.22 -9.12
N LYS D 114 36.67 -36.54 -9.81
CA LYS D 114 36.67 -37.59 -10.82
C LYS D 114 37.66 -37.25 -11.94
N ILE D 115 37.66 -35.98 -12.35
CA ILE D 115 38.57 -35.50 -13.38
C ILE D 115 40.00 -35.76 -12.92
N SER D 116 40.25 -35.44 -11.66
CA SER D 116 41.55 -35.68 -11.05
C SER D 116 41.87 -37.16 -11.12
N LYS D 117 40.87 -38.01 -10.89
CA LYS D 117 41.07 -39.45 -10.96
C LYS D 117 41.52 -39.86 -12.35
N ILE D 118 40.81 -39.39 -13.37
CA ILE D 118 41.17 -39.76 -14.74
C ILE D 118 42.59 -39.34 -15.05
N TYR D 119 42.92 -38.08 -14.73
CA TYR D 119 44.27 -37.57 -15.00
C TYR D 119 45.34 -38.37 -14.28
N GLN D 120 45.20 -38.49 -12.96
CA GLN D 120 46.19 -39.21 -12.16
C GLN D 120 46.37 -40.63 -12.66
N ILE D 121 45.27 -41.30 -12.96
CA ILE D 121 45.34 -42.69 -13.38
C ILE D 121 46.07 -42.83 -14.72
N TRP D 122 45.67 -42.06 -15.72
CA TRP D 122 46.22 -42.26 -17.06
C TRP D 122 47.50 -41.49 -17.43
N SER D 123 47.86 -40.48 -16.64
CA SER D 123 49.06 -39.70 -16.94
C SER D 123 50.33 -40.51 -16.72
N LYS D 124 50.31 -41.40 -15.74
CA LYS D 124 51.49 -42.20 -15.42
C LYS D 124 51.75 -43.26 -16.49
N ILE D 125 50.68 -43.71 -17.15
CA ILE D 125 50.80 -44.78 -18.13
C ILE D 125 51.61 -44.32 -19.34
N ASN D 126 52.63 -45.11 -19.67
CA ASN D 126 53.44 -44.86 -20.85
C ASN D 126 53.56 -46.09 -21.72
N CYS D 127 53.12 -45.98 -22.97
CA CYS D 127 53.25 -47.07 -23.92
C CYS D 127 53.57 -46.54 -25.31
N THR D 128 54.43 -47.25 -26.04
CA THR D 128 54.78 -46.86 -27.39
C THR D 128 53.60 -46.91 -28.34
N ASN D 129 52.78 -47.92 -28.13
CA ASN D 129 51.68 -48.30 -28.99
C ASN D 129 50.34 -47.69 -28.58
N LEU D 130 50.37 -46.95 -27.49
CA LEU D 130 49.20 -46.22 -27.03
C LEU D 130 49.44 -44.72 -27.07
N ILE D 131 48.60 -44.00 -27.81
CA ILE D 131 48.73 -42.55 -27.91
C ILE D 131 48.67 -41.96 -26.49
N LYS D 132 49.69 -41.20 -26.14
CA LYS D 132 49.85 -40.71 -24.78
C LYS D 132 48.76 -39.72 -24.35
N PHE D 133 48.36 -39.83 -23.09
CA PHE D 133 47.38 -38.94 -22.49
C PHE D 133 48.05 -37.92 -21.57
N ARG D 134 47.98 -36.65 -21.92
CA ARG D 134 48.67 -35.62 -21.16
C ARG D 134 47.80 -34.72 -20.29
N ASP D 135 46.74 -34.12 -20.84
CA ASP D 135 45.92 -33.19 -20.06
C ASP D 135 44.42 -33.18 -20.38
N ILE D 136 43.63 -33.26 -19.32
CA ILE D 136 42.17 -33.14 -19.37
C ILE D 136 41.75 -31.83 -18.73
N PHE D 137 40.73 -31.16 -19.30
CA PHE D 137 40.24 -29.95 -18.65
C PHE D 137 38.77 -29.73 -19.02
N GLN D 138 38.04 -28.99 -18.20
CA GLN D 138 36.65 -28.70 -18.51
C GLN D 138 36.43 -27.21 -18.72
N THR D 139 35.85 -26.83 -19.85
CA THR D 139 35.64 -25.43 -20.16
C THR D 139 34.27 -25.13 -20.78
N THR D 140 33.79 -23.93 -20.52
CA THR D 140 32.51 -23.43 -21.05
C THR D 140 32.71 -22.51 -22.25
N LYS D 141 33.97 -22.31 -22.65
CA LYS D 141 34.34 -21.29 -23.62
C LYS D 141 33.68 -21.47 -24.98
N PHE D 142 33.33 -22.71 -25.29
CA PHE D 142 32.58 -23.04 -26.49
C PHE D 142 31.14 -22.54 -26.39
N GLY D 143 30.78 -21.97 -25.26
CA GLY D 143 29.40 -21.53 -25.06
C GLY D 143 28.44 -22.61 -24.64
N ASP D 144 28.94 -23.82 -24.44
CA ASP D 144 28.24 -24.86 -23.68
C ASP D 144 29.25 -25.54 -22.78
N LEU D 145 28.78 -26.32 -21.80
CA LEU D 145 29.72 -26.92 -20.87
C LEU D 145 30.33 -28.17 -21.48
N SER D 146 31.62 -28.10 -21.79
CA SER D 146 32.32 -29.20 -22.46
C SER D 146 33.55 -29.68 -21.68
N ILE D 147 33.81 -30.98 -21.68
CA ILE D 147 35.03 -31.48 -21.05
C ILE D 147 35.92 -32.03 -22.17
N CYS D 148 37.19 -31.70 -22.13
CA CYS D 148 38.07 -31.95 -23.27
C CYS D 148 39.32 -32.73 -22.89
N LEU D 149 39.78 -33.53 -23.84
CA LEU D 149 40.94 -34.38 -23.65
C LEU D 149 42.04 -33.89 -24.58
N VAL D 150 43.30 -34.06 -24.20
CA VAL D 150 44.37 -33.68 -25.11
C VAL D 150 45.40 -34.82 -25.24
N PHE D 151 45.80 -35.11 -26.47
CA PHE D 151 46.73 -36.21 -26.74
C PHE D 151 47.94 -35.69 -27.53
N ASP D 152 49.04 -36.45 -27.52
CA ASP D 152 50.18 -36.09 -28.36
C ASP D 152 49.83 -36.21 -29.84
N TYR D 153 50.49 -35.39 -30.66
CA TYR D 153 50.17 -35.34 -32.08
C TYR D 153 50.93 -36.39 -32.89
N TYR D 154 50.18 -37.11 -33.71
CA TYR D 154 50.74 -38.09 -34.63
C TYR D 154 50.16 -37.82 -36.01
N PRO D 155 50.71 -36.83 -36.70
CA PRO D 155 50.16 -36.28 -37.94
C PRO D 155 50.05 -37.30 -39.07
N ASN D 156 49.11 -37.06 -39.98
CA ASN D 156 48.86 -37.91 -41.15
C ASN D 156 48.62 -39.36 -40.76
N SER D 157 48.11 -39.58 -39.55
CA SER D 157 47.75 -40.93 -39.12
C SER D 157 46.37 -41.30 -39.64
N LEU D 158 46.26 -42.48 -40.22
CA LEU D 158 45.00 -42.98 -40.72
C LEU D 158 44.57 -44.21 -39.95
N SER D 159 43.26 -44.41 -39.84
CA SER D 159 42.73 -45.61 -39.19
C SER D 159 42.97 -46.83 -40.07
N LEU D 160 43.09 -47.99 -39.44
CA LEU D 160 43.32 -49.24 -40.16
C LEU D 160 42.27 -49.42 -41.24
N TYR D 161 41.03 -49.08 -40.88
CA TYR D 161 39.90 -49.12 -41.79
C TYR D 161 40.18 -48.34 -43.06
N ASP D 162 40.60 -47.08 -42.90
CA ASP D 162 40.87 -46.24 -44.06
C ASP D 162 42.12 -46.72 -44.80
N TYR D 163 43.11 -47.18 -44.05
CA TYR D 163 44.39 -47.58 -44.62
C TYR D 163 44.22 -48.75 -45.57
N HIS D 164 43.63 -49.83 -45.05
CA HIS D 164 43.52 -51.07 -45.79
C HIS D 164 42.33 -51.09 -46.75
N PHE D 165 41.21 -50.56 -46.29
CA PHE D 165 39.94 -50.67 -47.01
C PHE D 165 39.59 -49.46 -47.87
N VAL D 166 39.63 -48.26 -47.29
CA VAL D 166 39.09 -47.08 -47.95
C VAL D 166 40.10 -46.31 -48.80
N ASN D 167 41.19 -45.83 -48.21
CA ASN D 167 42.08 -44.89 -48.91
C ASN D 167 42.80 -45.57 -50.07
N PHE D 168 43.27 -44.76 -51.02
CA PHE D 168 43.96 -45.30 -52.19
C PHE D 168 45.28 -44.59 -52.45
N PRO D 169 46.31 -45.34 -52.88
CA PRO D 169 46.27 -46.80 -53.03
C PRO D 169 46.26 -47.52 -51.69
N LYS D 170 45.57 -48.64 -51.62
CA LYS D 170 45.45 -49.36 -50.36
C LYS D 170 46.50 -50.47 -50.33
N PHE D 171 47.19 -50.58 -49.21
CA PHE D 171 48.17 -51.64 -49.01
C PHE D 171 47.47 -52.89 -48.54
N PRO D 172 47.50 -53.95 -49.36
CA PRO D 172 46.79 -55.19 -49.03
C PRO D 172 47.39 -55.81 -47.80
N ILE D 173 46.59 -56.56 -47.05
CA ILE D 173 47.06 -57.13 -45.81
C ILE D 173 47.80 -58.44 -45.97
N THR D 174 49.10 -58.35 -45.71
CA THR D 174 49.98 -59.51 -45.70
C THR D 174 49.92 -60.11 -44.31
N ASN D 175 50.03 -61.43 -44.24
CA ASN D 175 49.92 -62.17 -42.99
C ASN D 175 50.87 -61.58 -41.94
N ASN D 176 52.08 -61.26 -42.40
CA ASN D 176 53.09 -60.65 -41.54
C ASN D 176 52.55 -59.42 -40.82
N TYR D 177 51.91 -58.53 -41.57
CA TYR D 177 51.32 -57.32 -41.00
C TYR D 177 50.30 -57.68 -39.91
N LEU D 178 49.48 -58.70 -40.14
CA LEU D 178 48.54 -59.14 -39.12
C LEU D 178 49.29 -59.50 -37.86
N TRP D 179 50.37 -60.29 -38.03
CA TRP D 179 51.19 -60.66 -36.88
C TRP D 179 51.72 -59.45 -36.12
N ILE D 180 52.27 -58.48 -36.85
CA ILE D 180 52.85 -57.28 -36.23
C ILE D 180 51.81 -56.46 -35.48
N TYR D 181 50.68 -56.20 -36.14
CA TYR D 181 49.54 -55.52 -35.52
C TYR D 181 49.22 -56.21 -34.21
N LEU D 182 49.09 -57.52 -34.30
CA LEU D 182 48.75 -58.37 -33.15
C LEU D 182 49.74 -58.23 -32.00
N VAL D 183 51.03 -58.30 -32.30
CA VAL D 183 52.06 -58.20 -31.28
C VAL D 183 51.97 -56.84 -30.58
N GLN D 184 51.85 -55.76 -31.36
CA GLN D 184 51.81 -54.43 -30.78
C GLN D 184 50.56 -54.20 -29.91
N LEU D 185 49.41 -54.63 -30.43
CA LEU D 185 48.17 -54.52 -29.71
C LEU D 185 48.26 -55.32 -28.42
N THR D 186 48.95 -56.46 -28.49
CA THR D 186 49.21 -57.27 -27.32
C THR D 186 50.05 -56.46 -26.34
N ASN D 187 50.98 -55.68 -26.87
CA ASN D 187 51.80 -54.81 -26.02
C ASN D 187 50.93 -53.82 -25.25
N VAL D 188 50.02 -53.12 -25.93
CA VAL D 188 49.16 -52.18 -25.20
C VAL D 188 48.30 -52.93 -24.19
N ILE D 189 47.84 -54.13 -24.56
CA ILE D 189 47.05 -54.95 -23.64
C ILE D 189 47.83 -55.23 -22.36
N ASN D 190 49.07 -55.68 -22.50
CA ASN D 190 49.93 -55.97 -21.37
C ASN D 190 50.21 -54.75 -20.51
N SER D 191 50.57 -53.64 -21.16
CA SER D 191 50.95 -52.43 -20.45
C SER D 191 49.78 -51.85 -19.66
N ILE D 192 48.59 -51.89 -20.26
CA ILE D 192 47.39 -51.39 -19.60
C ILE D 192 46.96 -52.30 -18.47
N HIS D 193 46.91 -53.60 -18.75
CA HIS D 193 46.45 -54.56 -17.75
C HIS D 193 47.39 -54.68 -16.55
N SER D 194 48.68 -54.48 -16.78
CA SER D 194 49.68 -54.51 -15.72
C SER D 194 49.39 -53.46 -14.66
N GLN D 195 48.74 -52.38 -15.08
CA GLN D 195 48.31 -51.30 -14.19
C GLN D 195 46.85 -51.48 -13.83
N ASN D 196 46.34 -52.70 -14.02
CA ASN D 196 45.00 -53.17 -13.62
C ASN D 196 43.88 -52.31 -14.19
N LEU D 197 44.09 -51.79 -15.39
CA LEU D 197 43.05 -51.02 -16.08
C LEU D 197 42.61 -51.76 -17.34
N SER D 198 41.40 -51.48 -17.78
CA SER D 198 40.88 -52.07 -19.01
C SER D 198 40.94 -51.07 -20.16
N ILE D 199 41.27 -51.54 -21.35
CA ILE D 199 41.34 -50.66 -22.51
C ILE D 199 39.93 -50.35 -23.01
N GLY D 200 38.98 -51.25 -22.74
CA GLY D 200 37.61 -51.01 -23.14
C GLY D 200 37.25 -51.42 -24.54
N ASN D 201 36.21 -50.78 -25.06
CA ASN D 201 35.63 -51.08 -26.36
C ASN D 201 36.22 -50.22 -27.47
N THR D 202 37.41 -49.67 -27.21
CA THR D 202 38.08 -48.83 -28.20
C THR D 202 38.95 -49.66 -29.14
N LEU D 203 38.96 -50.98 -28.94
CA LEU D 203 39.85 -51.85 -29.70
C LEU D 203 39.45 -52.01 -31.16
N ASN D 204 38.28 -51.48 -31.54
CA ASN D 204 37.84 -51.59 -32.93
C ASN D 204 38.75 -50.78 -33.85
N TRP D 205 38.75 -51.13 -35.14
CA TRP D 205 39.70 -50.53 -36.07
C TRP D 205 39.62 -49.01 -36.18
N ARG D 206 38.41 -48.46 -36.23
CA ARG D 206 38.23 -47.03 -36.47
C ARG D 206 38.88 -46.16 -35.40
N LYS D 207 38.96 -46.68 -34.18
CA LYS D 207 39.54 -45.91 -33.08
C LYS D 207 41.03 -46.17 -32.92
N VAL D 208 41.53 -47.16 -33.66
CA VAL D 208 42.96 -47.44 -33.70
C VAL D 208 43.61 -46.92 -34.98
N LEU D 209 44.51 -45.96 -34.82
CA LEU D 209 45.17 -45.33 -35.97
C LEU D 209 46.61 -45.83 -36.12
N ILE D 210 47.11 -45.79 -37.36
CA ILE D 210 48.48 -46.18 -37.60
C ILE D 210 49.34 -44.96 -37.86
N THR D 211 50.60 -45.07 -37.46
CA THR D 211 51.58 -44.03 -37.69
C THR D 211 52.71 -44.64 -38.48
N GLY D 212 53.09 -43.94 -39.54
CA GLY D 212 54.09 -44.39 -40.47
C GLY D 212 53.43 -45.29 -41.49
N ASP D 213 53.80 -45.11 -42.76
CA ASP D 213 53.21 -45.88 -43.85
C ASP D 213 53.46 -47.40 -43.76
N PRO D 214 54.64 -47.84 -43.27
CA PRO D 214 54.84 -49.27 -43.05
C PRO D 214 53.93 -49.85 -41.95
N GLY D 215 53.18 -49.00 -41.26
CA GLY D 215 52.26 -49.48 -40.24
C GLY D 215 52.66 -49.72 -38.80
N ARG D 216 53.25 -48.72 -38.16
CA ARG D 216 53.53 -48.85 -36.73
C ARG D 216 52.19 -48.47 -36.09
N ILE D 217 51.55 -49.41 -35.41
CA ILE D 217 50.15 -49.19 -34.99
C ILE D 217 50.00 -48.64 -33.58
N LYS D 218 49.00 -47.78 -33.40
CA LYS D 218 48.71 -47.16 -32.10
C LYS D 218 47.21 -46.90 -31.86
N LEU D 219 46.75 -47.05 -30.63
CA LEU D 219 45.34 -46.78 -30.35
C LEU D 219 45.20 -45.42 -29.66
N SER D 220 44.06 -44.76 -29.85
CA SER D 220 43.91 -43.38 -29.42
C SER D 220 43.06 -43.13 -28.17
N HIS D 221 41.74 -43.08 -28.33
CA HIS D 221 40.83 -42.62 -27.27
C HIS D 221 40.87 -43.48 -26.01
N CYS D 222 40.84 -44.80 -26.19
CA CYS D 222 40.95 -45.77 -25.09
C CYS D 222 39.78 -45.81 -24.08
N ASN D 223 38.58 -45.39 -24.51
CA ASN D 223 37.36 -45.53 -23.70
C ASN D 223 37.33 -44.91 -22.31
N PHE D 224 37.58 -43.59 -22.21
CA PHE D 224 37.49 -42.94 -20.91
C PHE D 224 36.04 -42.72 -20.45
N MET D 225 35.10 -42.86 -21.37
CA MET D 225 33.70 -42.51 -21.10
C MET D 225 33.11 -43.28 -19.91
N ASP D 226 33.48 -44.56 -19.82
CA ASP D 226 33.03 -45.45 -18.75
C ASP D 226 33.47 -44.95 -17.38
N LEU D 227 34.77 -44.74 -17.23
CA LEU D 227 35.36 -44.25 -16.00
C LEU D 227 34.78 -42.89 -15.64
N LEU D 228 34.52 -42.09 -16.67
CA LEU D 228 33.97 -40.75 -16.47
C LEU D 228 32.56 -40.76 -15.87
N PHE D 229 31.60 -41.32 -16.59
CA PHE D 229 30.19 -41.18 -16.24
C PHE D 229 29.53 -42.22 -15.32
N ASN D 230 30.20 -43.32 -14.99
CA ASN D 230 29.62 -44.26 -14.04
C ASN D 230 30.31 -44.29 -12.68
N ASP D 231 29.52 -44.47 -11.62
CA ASP D 231 30.05 -44.51 -10.26
C ASP D 231 30.44 -45.93 -9.81
N ASP D 232 31.74 -46.15 -9.63
CA ASP D 232 32.25 -47.41 -9.08
C ASP D 232 33.57 -47.12 -8.36
N THR D 233 33.79 -47.71 -7.18
CA THR D 233 35.05 -47.46 -6.49
C THR D 233 35.52 -48.51 -5.49
N ASP D 234 36.84 -48.63 -5.39
CA ASP D 234 37.53 -49.38 -4.33
C ASP D 234 37.10 -50.81 -4.03
N THR D 235 36.58 -50.99 -2.82
CA THR D 235 36.37 -52.28 -2.17
C THR D 235 35.60 -53.31 -2.99
N VAL D 236 35.92 -54.58 -2.75
CA VAL D 236 35.35 -55.68 -3.52
C VAL D 236 34.61 -56.66 -2.60
N VAL D 237 33.74 -57.47 -3.21
CA VAL D 237 32.90 -58.42 -2.47
C VAL D 237 33.73 -59.47 -1.76
N THR D 243 33.21 -57.42 -12.65
CA THR D 243 34.14 -56.44 -12.10
C THR D 243 35.22 -56.09 -13.13
N ILE D 244 36.38 -55.69 -12.65
CA ILE D 244 37.48 -55.29 -13.50
C ILE D 244 37.98 -56.43 -14.39
N GLU D 245 38.09 -57.63 -13.82
CA GLU D 245 38.54 -58.81 -14.56
C GLU D 245 37.67 -59.06 -15.78
N GLY D 246 36.35 -58.93 -15.60
CA GLY D 246 35.39 -59.11 -16.66
C GLY D 246 35.71 -58.18 -17.81
N GLN D 247 36.01 -56.94 -17.46
CA GLN D 247 36.39 -55.94 -18.45
C GLN D 247 37.66 -56.38 -19.16
N GLN D 248 38.61 -56.93 -18.40
CA GLN D 248 39.88 -57.40 -18.96
C GLN D 248 39.66 -58.49 -20.02
N GLN D 249 38.74 -59.39 -19.73
CA GLN D 249 38.44 -60.47 -20.66
C GLN D 249 37.71 -59.88 -21.86
N LEU D 250 36.89 -58.88 -21.60
CA LEU D 250 36.16 -58.19 -22.65
C LEU D 250 37.18 -57.61 -23.63
N ASP D 251 38.26 -57.07 -23.08
CA ASP D 251 39.32 -56.52 -23.92
C ASP D 251 39.98 -57.61 -24.76
N TYR D 252 40.23 -58.77 -24.15
CA TYR D 252 40.77 -59.89 -24.93
C TYR D 252 39.87 -60.21 -26.13
N LYS D 253 38.58 -60.35 -25.84
CA LYS D 253 37.58 -60.65 -26.85
C LYS D 253 37.54 -59.60 -27.94
N TYR D 254 37.64 -58.33 -27.55
CA TYR D 254 37.59 -57.23 -28.50
C TYR D 254 38.78 -57.27 -29.45
N LEU D 255 39.96 -57.56 -28.90
CA LEU D 255 41.15 -57.72 -29.75
C LEU D 255 40.87 -58.83 -30.76
N GLY D 256 40.30 -59.92 -30.27
CA GLY D 256 39.93 -61.02 -31.12
C GLY D 256 39.00 -60.58 -32.24
N GLU D 257 38.03 -59.74 -31.89
CA GLU D 257 37.06 -59.22 -32.84
C GLU D 257 37.75 -58.43 -33.94
N LEU D 258 38.61 -57.50 -33.53
CA LEU D 258 39.36 -56.67 -34.47
C LEU D 258 40.10 -57.55 -35.47
N LEU D 259 40.96 -58.41 -34.92
CA LEU D 259 41.77 -59.29 -35.76
C LEU D 259 40.91 -60.13 -36.69
N PHE D 260 39.78 -60.56 -36.17
CA PHE D 260 38.84 -61.38 -36.91
C PHE D 260 38.39 -60.60 -38.12
N ASN D 261 37.90 -59.39 -37.87
CA ASN D 261 37.41 -58.52 -38.92
C ASN D 261 38.44 -58.26 -40.01
N LEU D 262 39.66 -57.95 -39.58
CA LEU D 262 40.77 -57.73 -40.52
C LEU D 262 40.98 -58.97 -41.38
N SER D 263 41.12 -60.12 -40.72
CA SER D 263 41.38 -61.37 -41.40
C SER D 263 40.25 -61.72 -42.38
N ILE D 264 39.02 -61.40 -42.01
CA ILE D 264 37.85 -61.78 -42.79
C ILE D 264 37.63 -60.87 -44.00
N ASN D 265 37.28 -59.62 -43.75
CA ASN D 265 36.80 -58.77 -44.84
C ASN D 265 37.96 -58.26 -45.68
N ILE D 266 39.10 -58.08 -45.03
CA ILE D 266 40.24 -57.44 -45.66
C ILE D 266 41.27 -58.40 -46.24
N GLU D 267 41.03 -59.70 -46.10
CA GLU D 267 41.87 -60.68 -46.79
C GLU D 267 41.49 -60.72 -48.26
N ASN D 268 40.19 -60.82 -48.51
CA ASN D 268 39.67 -60.81 -49.87
C ASN D 268 39.81 -59.41 -50.46
N SER D 269 40.14 -58.45 -49.61
CA SER D 269 40.46 -57.11 -50.07
C SER D 269 41.64 -57.19 -51.03
N ASN D 270 41.44 -56.62 -52.20
CA ASN D 270 42.37 -56.72 -53.32
C ASN D 270 42.27 -55.41 -54.07
N ASN D 271 42.77 -55.38 -55.31
CA ASN D 271 42.71 -54.16 -56.11
C ASN D 271 41.26 -53.69 -56.30
N ASN D 272 40.30 -54.54 -55.93
CA ASN D 272 38.89 -54.20 -55.94
C ASN D 272 38.27 -54.80 -54.68
N THR D 273 37.68 -53.97 -53.81
CA THR D 273 37.15 -54.51 -52.56
C THR D 273 36.11 -53.65 -51.82
N ALA D 274 35.36 -54.31 -50.96
CA ALA D 274 34.35 -53.68 -50.12
C ALA D 274 34.38 -54.35 -48.76
N PRO D 275 34.18 -53.58 -47.68
CA PRO D 275 34.27 -54.19 -46.35
C PRO D 275 33.01 -54.93 -45.90
N LYS D 276 33.21 -55.93 -45.04
CA LYS D 276 32.09 -56.59 -44.37
C LYS D 276 32.31 -56.54 -42.86
N GLU D 277 31.27 -56.21 -42.11
CA GLU D 277 31.43 -56.06 -40.67
C GLU D 277 31.00 -57.31 -39.91
N TYR D 278 31.73 -57.63 -38.84
CA TYR D 278 31.36 -58.75 -37.99
C TYR D 278 31.45 -58.33 -36.53
N ARG D 279 30.72 -59.02 -35.66
CA ARG D 279 30.73 -58.69 -34.24
C ARG D 279 30.39 -59.90 -33.37
N LEU D 280 30.70 -59.79 -32.08
CA LEU D 280 30.02 -60.58 -31.04
C LEU D 280 29.86 -62.07 -31.38
N GLU D 281 28.64 -62.55 -31.22
CA GLU D 281 28.30 -63.95 -31.48
C GLU D 281 28.35 -64.28 -32.97
N GLU D 282 28.17 -63.26 -33.81
CA GLU D 282 28.17 -63.43 -35.27
C GLU D 282 29.43 -64.14 -35.75
N ILE D 283 30.58 -63.73 -35.23
CA ILE D 283 31.82 -64.48 -35.42
C ILE D 283 31.63 -65.93 -35.02
N THR D 284 31.94 -66.83 -35.94
CA THR D 284 31.68 -68.25 -35.75
C THR D 284 32.94 -69.08 -35.96
N PRO D 285 33.13 -70.11 -35.12
CA PRO D 285 34.31 -70.97 -35.18
C PRO D 285 34.38 -71.70 -36.52
N GLN D 286 33.22 -72.08 -37.05
CA GLN D 286 33.13 -72.70 -38.37
C GLN D 286 33.82 -71.85 -39.42
N SER D 287 33.57 -70.54 -39.38
CA SER D 287 34.15 -69.60 -40.33
C SER D 287 35.61 -69.32 -40.00
N ILE D 288 35.91 -69.22 -38.71
CA ILE D 288 37.28 -68.98 -38.25
C ILE D 288 38.22 -70.08 -38.73
N ASP D 289 37.73 -71.31 -38.75
CA ASP D 289 38.48 -72.44 -39.31
C ASP D 289 38.41 -72.44 -40.84
N ASP D 290 37.37 -71.80 -41.38
CA ASP D 290 37.13 -71.77 -42.81
C ASP D 290 37.86 -70.62 -43.50
N MET D 291 38.70 -69.92 -42.75
CA MET D 291 39.51 -68.83 -43.29
C MET D 291 40.28 -69.28 -44.52
N ARG D 292 40.29 -68.44 -45.56
CA ARG D 292 40.82 -68.89 -46.84
C ARG D 292 42.33 -68.91 -46.75
N GLN D 293 42.95 -67.74 -46.70
CA GLN D 293 44.40 -67.70 -46.56
C GLN D 293 44.77 -67.15 -45.19
N ILE D 294 45.14 -68.04 -44.28
CA ILE D 294 45.65 -67.67 -42.96
C ILE D 294 46.54 -68.78 -42.42
N ASP D 295 47.61 -68.44 -41.72
CA ASP D 295 48.43 -69.45 -41.05
C ASP D 295 47.68 -70.03 -39.87
N ASP D 296 47.44 -71.33 -39.92
CA ASP D 296 46.70 -72.04 -38.87
C ASP D 296 47.08 -71.68 -37.44
N LYS D 297 48.32 -71.28 -37.21
CA LYS D 297 48.72 -70.81 -35.88
C LYS D 297 47.98 -69.52 -35.52
N PHE D 298 47.89 -68.60 -36.46
CA PHE D 298 47.18 -67.35 -36.24
C PHE D 298 45.70 -67.64 -36.07
N LYS D 299 45.24 -68.68 -36.75
CA LYS D 299 43.86 -69.12 -36.61
C LYS D 299 43.63 -69.60 -35.19
N ASP D 300 44.61 -70.31 -34.65
CA ASP D 300 44.58 -70.77 -33.27
C ASP D 300 44.56 -69.58 -32.32
N VAL D 301 45.31 -68.54 -32.67
CA VAL D 301 45.34 -67.33 -31.86
C VAL D 301 43.96 -66.68 -31.81
N LEU D 302 43.36 -66.50 -32.99
CA LEU D 302 42.03 -65.93 -33.08
C LEU D 302 41.02 -66.77 -32.29
N LYS D 303 41.15 -68.08 -32.42
CA LYS D 303 40.30 -69.01 -31.67
C LYS D 303 40.43 -68.83 -30.18
N TYR D 304 41.66 -68.71 -29.69
CA TYR D 304 41.90 -68.49 -28.27
C TYR D 304 41.28 -67.18 -27.81
N LEU D 305 41.44 -66.15 -28.64
CA LEU D 305 40.95 -64.83 -28.29
C LEU D 305 39.42 -64.74 -28.24
N ILE D 306 38.76 -65.24 -29.27
CA ILE D 306 37.30 -65.09 -29.36
C ILE D 306 36.54 -66.01 -28.41
N SER D 307 37.13 -67.16 -28.10
CA SER D 307 36.44 -68.20 -27.34
C SER D 307 36.49 -67.98 -25.83
N ASP D 308 35.38 -68.29 -25.16
CA ASP D 308 35.33 -68.23 -23.71
C ASP D 308 35.49 -69.63 -23.13
N ASN D 309 36.37 -69.77 -22.15
CA ASN D 309 36.60 -71.03 -21.47
C ASN D 309 35.87 -71.04 -20.13
N GLY D 310 35.25 -72.17 -19.77
CA GLY D 310 34.54 -72.32 -18.51
C GLY D 310 35.32 -71.68 -17.38
N ASP D 311 36.62 -71.97 -17.30
CA ASP D 311 37.51 -71.11 -16.56
C ASP D 311 38.48 -70.56 -17.60
N SER D 312 38.32 -69.29 -17.96
CA SER D 312 39.16 -68.69 -18.99
C SER D 312 40.55 -68.40 -18.50
N LYS D 313 40.63 -67.58 -17.45
CA LYS D 313 41.88 -67.15 -16.86
C LYS D 313 42.87 -66.71 -17.94
N LYS D 314 42.38 -65.99 -18.94
CA LYS D 314 43.24 -65.60 -20.05
C LYS D 314 44.28 -64.62 -19.56
N SER D 315 45.55 -64.99 -19.75
CA SER D 315 46.67 -64.19 -19.31
C SER D 315 47.51 -63.77 -20.50
N ILE D 316 48.25 -62.67 -20.33
CA ILE D 316 49.20 -62.24 -21.33
C ILE D 316 50.20 -63.36 -21.59
N HIS D 317 50.53 -64.11 -20.55
CA HIS D 317 51.49 -65.20 -20.63
C HIS D 317 51.12 -66.27 -21.67
N ASP D 318 49.89 -66.78 -21.60
CA ASP D 318 49.45 -67.83 -22.53
C ASP D 318 49.34 -67.33 -23.96
N LEU D 319 48.74 -66.16 -24.12
CA LEU D 319 48.55 -65.56 -25.44
C LEU D 319 49.92 -65.35 -26.09
N THR D 320 50.84 -64.81 -25.30
CA THR D 320 52.21 -64.60 -25.75
C THR D 320 52.87 -65.94 -26.04
N SER D 321 52.48 -66.97 -25.30
CA SER D 321 53.01 -68.30 -25.54
C SER D 321 52.56 -68.75 -26.94
N HIS D 322 51.39 -68.29 -27.35
CA HIS D 322 50.93 -68.54 -28.71
C HIS D 322 51.77 -67.74 -29.71
N PHE D 323 52.06 -66.50 -29.35
CA PHE D 323 52.76 -65.58 -30.25
C PHE D 323 54.19 -65.99 -30.54
N TYR D 324 54.97 -66.15 -29.47
CA TYR D 324 56.32 -66.69 -29.58
C TYR D 324 57.20 -65.87 -30.54
N ASP D 325 57.57 -66.48 -31.64
CA ASP D 325 58.57 -65.94 -32.57
C ASP D 325 58.25 -64.55 -33.18
N LYS D 326 56.99 -64.26 -33.49
CA LYS D 326 56.63 -63.04 -34.23
C LYS D 326 57.10 -61.73 -33.57
N MET D 327 57.27 -61.76 -32.26
CA MET D 327 57.87 -60.62 -31.55
C MET D 327 59.26 -60.34 -32.12
N PHE D 328 60.00 -61.40 -32.42
CA PHE D 328 61.26 -61.26 -33.14
C PHE D 328 61.04 -60.51 -34.46
N MET D 329 59.94 -60.81 -35.16
CA MET D 329 59.64 -60.09 -36.41
C MET D 329 59.51 -58.59 -36.19
N VAL D 330 58.65 -58.19 -35.26
CA VAL D 330 58.45 -56.76 -35.02
C VAL D 330 59.74 -56.10 -34.55
N LEU D 331 60.46 -56.73 -33.61
CA LEU D 331 61.72 -56.18 -33.13
C LEU D 331 62.75 -56.02 -34.27
N GLU D 332 62.92 -57.07 -35.07
CA GLU D 332 63.86 -57.04 -36.19
C GLU D 332 63.54 -55.90 -37.15
N SER D 333 62.25 -55.79 -37.49
CA SER D 333 61.82 -54.75 -38.41
C SER D 333 62.12 -53.38 -37.82
N SER D 334 61.84 -53.22 -36.53
CA SER D 334 62.09 -51.96 -35.84
C SER D 334 63.57 -51.57 -35.93
N GLN D 335 64.46 -52.50 -35.60
CA GLN D 335 65.89 -52.22 -35.67
C GLN D 335 66.32 -51.89 -37.10
N THR D 336 65.81 -52.65 -38.06
CA THR D 336 66.11 -52.42 -39.46
C THR D 336 65.76 -50.99 -39.85
N TYR D 337 64.56 -50.56 -39.49
CA TYR D 337 64.11 -49.21 -39.80
C TYR D 337 64.98 -48.16 -39.13
N THR D 338 65.34 -48.41 -37.88
CA THR D 338 66.23 -47.52 -37.15
C THR D 338 67.55 -47.34 -37.89
N GLU D 339 68.11 -48.46 -38.35
CA GLU D 339 69.36 -48.44 -39.09
C GLU D 339 69.24 -47.67 -40.40
N TYR D 340 68.15 -47.91 -41.12
CA TYR D 340 67.88 -47.21 -42.36
C TYR D 340 67.86 -45.71 -42.15
N MET D 341 67.07 -45.28 -41.16
CA MET D 341 66.96 -43.86 -40.84
C MET D 341 68.32 -43.29 -40.47
N GLU D 342 69.11 -44.05 -39.73
CA GLU D 342 70.46 -43.63 -39.38
C GLU D 342 71.28 -43.39 -40.65
N SER D 343 71.16 -44.32 -41.59
CA SER D 343 71.87 -44.27 -42.85
C SER D 343 71.54 -43.01 -43.65
N VAL D 344 70.26 -42.77 -43.88
CA VAL D 344 69.85 -41.61 -44.67
C VAL D 344 70.24 -40.32 -43.93
N LEU D 345 70.10 -40.33 -42.61
CA LEU D 345 70.43 -39.18 -41.76
C LEU D 345 71.91 -38.79 -41.90
N SER D 346 72.77 -39.81 -42.05
CA SER D 346 74.21 -39.57 -42.16
C SER D 346 74.55 -38.55 -43.24
N ARG D 347 73.91 -38.68 -44.41
CA ARG D 347 74.12 -37.75 -45.51
C ARG D 347 73.74 -36.33 -45.10
N GLU D 348 72.64 -36.24 -44.37
CA GLU D 348 72.02 -34.98 -43.96
C GLU D 348 72.72 -34.27 -42.79
N LEU D 349 73.61 -34.98 -42.11
CA LEU D 349 74.21 -34.51 -40.85
C LEU D 349 74.80 -33.09 -40.78
N GLU D 350 75.48 -32.66 -41.84
CA GLU D 350 76.17 -31.37 -41.85
C GLU D 350 75.30 -30.09 -41.77
N ASN D 351 74.11 -30.12 -42.37
CA ASN D 351 73.30 -28.91 -42.58
C ASN D 351 72.94 -28.01 -41.39
N GLY D 352 72.70 -28.58 -40.21
CA GLY D 352 72.34 -27.80 -39.03
C GLY D 352 73.38 -26.73 -38.73
N ARG D 353 74.64 -27.15 -38.74
CA ARG D 353 75.77 -26.26 -38.54
C ARG D 353 75.73 -25.09 -39.52
N LEU D 354 75.52 -25.41 -40.80
CA LEU D 354 75.42 -24.38 -41.83
C LEU D 354 74.31 -23.41 -41.50
N PHE D 355 73.19 -23.94 -41.02
CA PHE D 355 72.03 -23.11 -40.66
C PHE D 355 72.45 -22.11 -39.59
N ARG D 356 73.11 -22.60 -38.54
CA ARG D 356 73.61 -21.70 -37.51
C ARG D 356 74.50 -20.60 -38.08
N LEU D 357 75.41 -21.01 -38.96
CA LEU D 357 76.38 -20.06 -39.54
C LEU D 357 75.70 -18.94 -40.33
N VAL D 358 74.85 -19.32 -41.27
CA VAL D 358 74.14 -18.33 -42.08
C VAL D 358 73.24 -17.49 -41.19
N ASN D 359 72.73 -18.07 -40.11
CA ASN D 359 71.92 -17.30 -39.19
C ASN D 359 72.71 -16.17 -38.53
N LYS D 360 73.89 -16.48 -38.02
CA LYS D 360 74.72 -15.46 -37.37
C LYS D 360 75.17 -14.39 -38.37
N LEU D 361 75.67 -14.86 -39.51
CA LEU D 361 76.16 -14.01 -40.58
C LEU D 361 75.06 -13.05 -41.05
N ASN D 362 73.87 -13.60 -41.22
CA ASN D 362 72.71 -12.82 -41.61
C ASN D 362 72.35 -11.82 -40.53
N CYS D 363 72.50 -12.24 -39.28
CA CYS D 363 72.18 -11.37 -38.16
C CYS D 363 73.04 -10.11 -38.21
N ILE D 364 74.34 -10.29 -38.41
CA ILE D 364 75.24 -9.14 -38.43
C ILE D 364 75.12 -8.28 -39.68
N PHE D 365 74.88 -8.90 -40.84
CA PHE D 365 75.05 -8.20 -42.12
C PHE D 365 74.19 -6.94 -42.42
N GLY D 366 72.88 -7.12 -42.57
CA GLY D 366 72.01 -6.04 -43.01
C GLY D 366 71.32 -5.08 -42.04
N ARG D 367 71.80 -5.00 -40.81
CA ARG D 367 71.13 -4.18 -39.77
C ARG D 367 70.91 -2.72 -40.16
N ILE D 368 69.74 -2.20 -39.77
CA ILE D 368 69.35 -0.84 -40.10
C ILE D 368 70.35 0.17 -39.53
N GLU D 369 70.74 -0.04 -38.27
CA GLU D 369 71.73 0.80 -37.60
C GLU D 369 73.07 0.71 -38.32
N SER D 370 73.29 -0.45 -38.94
CA SER D 370 74.52 -0.77 -39.64
C SER D 370 74.61 -0.13 -41.02
N ARG D 371 73.49 0.40 -41.49
CA ARG D 371 73.37 0.86 -42.85
C ARG D 371 74.11 2.19 -43.04
N ILE D 372 73.88 3.10 -42.12
CA ILE D 372 74.45 4.45 -42.19
C ILE D 372 75.70 4.70 -41.32
N ASP D 373 76.33 3.66 -40.78
CA ASP D 373 77.54 3.90 -40.01
C ASP D 373 78.81 4.00 -40.86
N ILE D 374 79.72 4.86 -40.42
CA ILE D 374 80.98 5.08 -41.12
C ILE D 374 81.91 3.88 -40.99
N ASN D 375 81.79 3.16 -39.88
CA ASN D 375 82.52 1.93 -39.69
C ASN D 375 82.14 0.93 -40.77
N TRP D 376 80.89 0.97 -41.19
CA TRP D 376 80.38 0.01 -42.15
C TRP D 376 80.50 0.59 -43.57
N SER D 377 81.16 1.75 -43.66
CA SER D 377 81.33 2.45 -44.93
C SER D 377 82.52 1.93 -45.75
N GLU D 378 82.88 2.67 -46.79
CA GLU D 378 83.99 2.28 -47.66
C GLU D 378 85.34 2.29 -46.93
N SER D 379 85.48 3.19 -45.97
CA SER D 379 86.62 3.15 -45.08
C SER D 379 86.13 2.87 -43.66
N GLY D 380 86.34 1.64 -43.22
CA GLY D 380 85.87 1.21 -41.91
C GLY D 380 86.32 -0.19 -41.56
N THR D 381 86.19 -0.55 -40.30
CA THR D 381 86.57 -1.87 -39.82
C THR D 381 85.61 -2.96 -40.30
N LYS D 382 84.32 -2.65 -40.34
CA LYS D 382 83.28 -3.63 -40.65
C LYS D 382 83.12 -3.94 -42.15
N PHE D 383 83.64 -3.06 -43.00
CA PHE D 383 83.47 -3.14 -44.46
C PHE D 383 83.75 -4.54 -45.09
N PRO D 384 84.85 -5.20 -44.68
CA PRO D 384 85.14 -6.52 -45.25
C PRO D 384 83.98 -7.51 -45.10
N ILE D 385 83.20 -7.40 -44.03
CA ILE D 385 82.05 -8.29 -43.86
C ILE D 385 81.09 -8.14 -45.02
N ILE D 386 80.75 -6.90 -45.36
CA ILE D 386 79.86 -6.64 -46.47
C ILE D 386 80.46 -7.17 -47.76
N LEU D 387 81.75 -6.89 -47.96
CA LEU D 387 82.40 -7.37 -49.17
C LEU D 387 82.34 -8.90 -49.31
N PHE D 388 82.65 -9.61 -48.23
CA PHE D 388 82.61 -11.07 -48.19
C PHE D 388 81.21 -11.62 -48.42
N TYR D 389 80.23 -10.97 -47.79
CA TYR D 389 78.83 -11.37 -47.91
C TYR D 389 78.47 -11.31 -49.39
N ASP D 390 78.80 -10.18 -50.01
CA ASP D 390 78.60 -10.02 -51.44
C ASP D 390 79.31 -11.12 -52.21
N TYR D 391 80.54 -11.43 -51.82
CA TYR D 391 81.33 -12.44 -52.51
C TYR D 391 80.67 -13.80 -52.52
N VAL D 392 80.17 -14.23 -51.36
CA VAL D 392 79.58 -15.55 -51.26
C VAL D 392 78.21 -15.58 -51.92
N PHE D 393 77.36 -14.66 -51.50
CA PHE D 393 75.97 -14.67 -51.94
C PHE D 393 75.72 -13.94 -53.28
N HIS D 394 76.35 -12.78 -53.46
CA HIS D 394 76.08 -12.01 -54.66
C HIS D 394 77.20 -12.10 -55.70
N GLN D 395 77.06 -13.05 -56.61
CA GLN D 395 78.07 -13.30 -57.64
C GLN D 395 77.56 -12.88 -59.00
N VAL D 396 78.45 -12.47 -59.89
CA VAL D 396 78.06 -12.16 -61.26
C VAL D 396 78.78 -13.14 -62.18
N ASP D 397 78.02 -13.88 -62.99
CA ASP D 397 78.65 -14.79 -63.92
C ASP D 397 79.15 -14.04 -65.14
N SER D 398 80.42 -14.27 -65.46
CA SER D 398 81.12 -13.64 -66.57
C SER D 398 80.74 -12.17 -66.80
N ASN D 399 81.14 -11.31 -65.86
CA ASN D 399 80.87 -9.87 -65.92
C ASN D 399 79.39 -9.43 -65.92
N GLY D 400 78.70 -9.58 -64.79
CA GLY D 400 77.37 -8.98 -64.67
C GLY D 400 76.09 -9.77 -64.80
N LYS D 401 76.14 -11.09 -64.72
CA LYS D 401 74.91 -11.88 -64.65
C LYS D 401 74.92 -12.72 -63.37
N PRO D 402 73.98 -12.44 -62.46
CA PRO D 402 74.07 -13.18 -61.19
C PRO D 402 73.62 -14.63 -61.29
N ILE D 403 74.29 -15.48 -60.52
CA ILE D 403 73.97 -16.89 -60.39
C ILE D 403 74.36 -17.30 -58.98
N MET D 404 73.68 -18.31 -58.45
CA MET D 404 74.06 -18.83 -57.15
C MET D 404 74.54 -20.27 -57.31
N ASP D 405 75.84 -20.47 -57.07
CA ASP D 405 76.44 -21.78 -57.12
C ASP D 405 76.42 -22.23 -55.68
N LEU D 406 75.98 -23.45 -55.44
CA LEU D 406 75.84 -23.93 -54.06
C LEU D 406 77.21 -24.31 -53.50
N THR D 407 78.01 -24.99 -54.33
CA THR D 407 79.31 -25.48 -53.91
C THR D 407 80.22 -24.33 -53.47
N HIS D 408 80.12 -23.22 -54.19
CA HIS D 408 80.77 -21.98 -53.82
C HIS D 408 80.37 -21.54 -52.41
N VAL D 409 79.06 -21.52 -52.16
CA VAL D 409 78.53 -21.07 -50.88
C VAL D 409 79.03 -21.94 -49.74
N LEU D 410 78.91 -23.25 -49.91
CA LEU D 410 79.39 -24.18 -48.88
C LEU D 410 80.89 -24.08 -48.65
N ARG D 411 81.66 -23.97 -49.72
CA ARG D 411 83.10 -23.87 -49.56
C ARG D 411 83.46 -22.62 -48.78
N CYS D 412 82.90 -21.49 -49.18
CA CYS D 412 83.18 -20.24 -48.49
C CYS D 412 82.77 -20.31 -47.02
N LEU D 413 81.58 -20.83 -46.76
CA LEU D 413 81.08 -20.93 -45.40
C LEU D 413 81.95 -21.85 -44.54
N ASN D 414 82.31 -23.00 -45.10
CA ASN D 414 83.12 -23.97 -44.39
C ASN D 414 84.50 -23.41 -44.07
N LYS D 415 85.15 -22.85 -45.09
CA LYS D 415 86.46 -22.22 -44.92
C LYS D 415 86.37 -21.12 -43.86
N LEU D 416 85.24 -20.43 -43.84
CA LEU D 416 85.01 -19.38 -42.85
C LEU D 416 84.91 -19.98 -41.46
N ASP D 417 84.24 -21.11 -41.35
CA ASP D 417 84.02 -21.78 -40.07
C ASP D 417 85.32 -22.28 -39.48
N ALA D 418 86.15 -22.87 -40.33
CA ALA D 418 87.45 -23.39 -39.88
C ALA D 418 88.41 -22.27 -39.55
N GLY D 419 88.30 -21.17 -40.29
CA GLY D 419 89.21 -20.05 -40.12
C GLY D 419 90.63 -20.46 -40.47
N ILE D 420 90.79 -20.98 -41.68
CA ILE D 420 92.06 -21.55 -42.10
C ILE D 420 92.92 -20.42 -42.64
N GLN D 421 94.23 -20.52 -42.48
CA GLN D 421 95.05 -19.42 -42.96
C GLN D 421 95.28 -19.63 -44.44
N GLU D 422 94.52 -18.86 -45.20
CA GLU D 422 94.51 -18.84 -46.64
C GLU D 422 94.03 -17.44 -46.97
N LYS D 423 94.48 -16.86 -48.07
CA LYS D 423 94.20 -15.45 -48.30
C LYS D 423 93.11 -15.23 -49.35
N LEU D 424 92.35 -14.16 -49.16
CA LEU D 424 91.27 -13.81 -50.08
C LEU D 424 91.46 -12.40 -50.60
N MET D 425 91.20 -12.25 -51.90
CA MET D 425 91.28 -10.98 -52.62
C MET D 425 89.91 -10.32 -52.73
N LEU D 426 89.70 -9.20 -52.03
CA LEU D 426 88.42 -8.51 -52.09
C LEU D 426 88.45 -7.15 -52.80
N VAL D 427 87.39 -6.85 -53.53
CA VAL D 427 87.24 -5.64 -54.34
C VAL D 427 86.26 -4.71 -53.62
N THR D 428 86.44 -3.39 -53.78
CA THR D 428 85.76 -2.40 -52.94
C THR D 428 84.22 -2.31 -53.07
N PRO D 429 83.65 -2.52 -54.26
CA PRO D 429 84.17 -2.49 -55.63
C PRO D 429 84.15 -1.15 -56.37
N ASP D 430 84.55 0.00 -55.82
CA ASP D 430 84.81 1.05 -56.79
C ASP D 430 86.18 0.55 -57.21
N GLU D 431 86.33 0.21 -58.48
CA GLU D 431 87.42 -0.67 -58.91
C GLU D 431 88.83 -0.09 -58.64
N LEU D 432 88.90 1.08 -58.03
CA LEU D 432 90.17 1.70 -57.66
C LEU D 432 90.95 1.01 -56.49
N ASN D 433 90.26 0.55 -55.45
CA ASN D 433 90.96 -0.03 -54.26
C ASN D 433 90.66 -1.50 -53.94
N CYS D 434 91.55 -2.13 -53.16
CA CYS D 434 91.39 -3.54 -52.73
C CYS D 434 91.81 -3.88 -51.30
N ILE D 435 91.35 -5.04 -50.83
CA ILE D 435 91.78 -5.55 -49.52
C ILE D 435 92.13 -7.04 -49.54
N ILE D 436 93.23 -7.41 -48.89
CA ILE D 436 93.63 -8.82 -48.73
C ILE D 436 93.32 -9.27 -47.32
N ILE D 437 92.55 -10.34 -47.18
CA ILE D 437 92.15 -10.77 -45.85
C ILE D 437 92.02 -12.29 -45.74
N SER D 438 92.35 -12.83 -44.57
CA SER D 438 92.35 -14.27 -44.34
C SER D 438 91.12 -14.74 -43.58
N TYR D 439 90.68 -15.95 -43.90
CA TYR D 439 89.43 -16.52 -43.37
C TYR D 439 89.40 -16.47 -41.84
N LYS D 440 90.56 -16.66 -41.23
CA LYS D 440 90.69 -16.57 -39.78
C LYS D 440 90.31 -15.18 -39.28
N GLU D 441 90.86 -14.16 -39.94
CA GLU D 441 90.57 -12.77 -39.60
C GLU D 441 89.09 -12.49 -39.77
N LEU D 442 88.48 -13.14 -40.75
CA LEU D 442 87.04 -13.01 -40.96
C LEU D 442 86.26 -13.63 -39.82
N LYS D 443 86.68 -14.80 -39.38
CA LYS D 443 86.00 -15.47 -38.28
C LYS D 443 86.08 -14.63 -37.02
N ASP D 444 87.30 -14.20 -36.69
CA ASP D 444 87.50 -13.40 -35.50
C ASP D 444 86.70 -12.10 -35.57
N LEU D 445 86.73 -11.45 -36.72
CA LEU D 445 86.07 -10.16 -36.89
C LEU D 445 84.56 -10.36 -36.75
N ILE D 446 84.03 -11.36 -37.45
CA ILE D 446 82.61 -11.67 -37.45
C ILE D 446 82.11 -12.00 -36.05
N GLU D 447 82.84 -12.86 -35.36
CA GLU D 447 82.48 -13.22 -34.00
C GLU D 447 82.51 -11.98 -33.10
N SER D 448 83.53 -11.14 -33.30
CA SER D 448 83.65 -9.92 -32.49
C SER D 448 82.45 -9.02 -32.70
N THR D 449 82.08 -8.81 -33.96
CA THR D 449 80.95 -7.96 -34.31
C THR D 449 79.65 -8.51 -33.75
N PHE D 450 79.41 -9.80 -33.98
CA PHE D 450 78.20 -10.47 -33.53
C PHE D 450 78.06 -10.36 -32.02
N ARG D 451 79.16 -10.63 -31.32
CA ARG D 451 79.19 -10.55 -29.88
C ARG D 451 78.90 -9.12 -29.43
N SER D 452 79.48 -8.16 -30.15
CA SER D 452 79.32 -6.74 -29.83
C SER D 452 77.87 -6.28 -29.97
N ILE D 453 77.19 -6.74 -31.02
CA ILE D 453 75.80 -6.36 -31.26
C ILE D 453 74.93 -6.92 -30.14
N THR D 454 75.15 -8.18 -29.80
CA THR D 454 74.37 -8.82 -28.75
C THR D 454 74.98 -8.35 -27.42
N GLN D 455 74.55 -8.94 -26.30
CA GLN D 455 75.00 -8.65 -24.94
C GLN D 455 75.73 -7.31 -24.74
N LEU E 4 89.54 -36.08 -34.61
CA LEU E 4 90.66 -35.24 -35.04
C LEU E 4 90.89 -34.11 -34.05
N LEU E 5 91.45 -34.46 -32.90
CA LEU E 5 91.64 -33.53 -31.79
C LEU E 5 90.37 -32.74 -31.57
N GLN E 6 89.25 -33.45 -31.65
CA GLN E 6 87.91 -32.85 -31.59
C GLN E 6 87.65 -32.06 -30.32
N TYR E 7 87.61 -32.77 -29.19
CA TYR E 7 87.37 -32.18 -27.89
C TYR E 7 86.02 -31.46 -27.87
N HIS E 8 85.06 -32.00 -28.63
CA HIS E 8 83.69 -31.51 -28.68
C HIS E 8 83.54 -30.10 -29.26
N LEU E 9 84.53 -29.68 -30.06
CA LEU E 9 84.50 -28.33 -30.63
C LEU E 9 83.64 -28.16 -31.88
N TYR E 10 83.03 -29.23 -32.37
CA TYR E 10 82.13 -29.08 -33.52
C TYR E 10 80.94 -28.24 -33.07
N ALA E 11 80.31 -28.66 -31.99
CA ALA E 11 79.26 -27.88 -31.34
C ALA E 11 79.25 -28.15 -29.84
N PRO E 12 79.99 -27.35 -29.06
CA PRO E 12 80.00 -27.56 -27.62
C PRO E 12 78.64 -27.27 -26.98
N GLU E 13 78.17 -28.19 -26.15
CA GLU E 13 76.86 -28.08 -25.51
C GLU E 13 76.81 -27.03 -24.40
N GLN E 14 75.66 -26.37 -24.26
CA GLN E 14 75.47 -25.40 -23.19
C GLN E 14 75.48 -26.08 -21.82
N PRO E 15 75.91 -25.36 -20.78
CA PRO E 15 76.02 -25.89 -19.41
C PRO E 15 74.74 -26.52 -18.89
N SER E 16 74.91 -27.58 -18.09
CA SER E 16 73.80 -28.36 -17.56
C SER E 16 72.91 -27.53 -16.63
N SER E 17 73.52 -26.63 -15.87
CA SER E 17 72.79 -25.76 -14.94
C SER E 17 71.74 -24.93 -15.69
N LEU E 18 72.14 -24.43 -16.86
CA LEU E 18 71.25 -23.67 -17.71
C LEU E 18 70.05 -24.53 -18.09
N LYS E 19 70.33 -25.75 -18.51
CA LYS E 19 69.29 -26.71 -18.88
C LYS E 19 68.35 -26.99 -17.72
N SER E 20 68.89 -26.97 -16.51
CA SER E 20 68.09 -27.17 -15.31
C SER E 20 67.15 -25.99 -15.09
N LEU E 21 67.68 -24.78 -15.29
CA LEU E 21 66.91 -23.56 -15.04
C LEU E 21 65.79 -23.32 -16.06
N LEU E 22 65.90 -23.95 -17.23
CA LEU E 22 64.95 -23.74 -18.32
C LEU E 22 63.50 -24.07 -18.00
N LYS E 23 62.61 -23.16 -18.39
CA LYS E 23 61.18 -23.39 -18.27
C LYS E 23 60.73 -24.26 -19.46
N PRO E 24 59.57 -24.94 -19.34
CA PRO E 24 59.23 -25.96 -20.34
C PRO E 24 59.16 -25.46 -21.78
N ASN E 25 58.51 -24.32 -22.00
CA ASN E 25 58.42 -23.74 -23.34
C ASN E 25 59.80 -23.34 -23.87
N GLU E 26 60.67 -22.93 -22.95
CA GLU E 26 61.99 -22.43 -23.31
C GLU E 26 62.86 -23.52 -23.93
N ARG E 27 63.53 -23.17 -25.01
CA ARG E 27 64.38 -24.08 -25.76
C ARG E 27 65.84 -23.65 -25.65
N SER E 28 66.75 -24.55 -26.01
CA SER E 28 68.16 -24.26 -25.97
C SER E 28 68.72 -24.62 -27.33
N ALA E 29 69.87 -24.06 -27.68
CA ALA E 29 70.34 -24.13 -29.05
C ALA E 29 70.64 -25.56 -29.50
N ASP E 30 71.18 -26.37 -28.60
CA ASP E 30 71.46 -27.76 -28.93
C ASP E 30 70.16 -28.56 -29.11
N GLN E 31 69.09 -28.11 -28.48
CA GLN E 31 67.87 -28.92 -28.50
C GLN E 31 67.12 -28.74 -29.80
N LEU E 32 67.42 -27.66 -30.51
CA LEU E 32 66.82 -27.40 -31.80
C LEU E 32 67.36 -28.38 -32.84
N PHE E 33 68.65 -28.68 -32.70
CA PHE E 33 69.35 -29.52 -33.66
C PHE E 33 69.61 -30.95 -33.19
N ILE E 34 70.27 -31.72 -34.04
CA ILE E 34 70.69 -33.08 -33.72
C ILE E 34 71.69 -33.06 -32.56
N PRO E 35 71.50 -33.95 -31.56
CA PRO E 35 72.44 -33.91 -30.44
C PRO E 35 73.84 -34.39 -30.84
N ASN E 36 74.82 -34.00 -30.03
CA ASN E 36 76.23 -34.17 -30.36
C ASN E 36 76.66 -35.62 -30.50
N ASN E 37 76.30 -36.44 -29.51
CA ASN E 37 76.66 -37.84 -29.46
C ASN E 37 76.44 -38.58 -30.79
N ILE E 38 75.19 -38.59 -31.23
CA ILE E 38 74.79 -39.33 -32.42
C ILE E 38 75.45 -38.75 -33.67
N ARG E 39 75.49 -37.42 -33.77
CA ARG E 39 76.05 -36.80 -34.97
C ARG E 39 77.53 -37.14 -35.10
N GLU E 40 78.26 -37.10 -33.99
CA GLU E 40 79.67 -37.43 -34.00
C GLU E 40 79.88 -38.91 -34.33
N ASP E 41 79.11 -39.78 -33.68
CA ASP E 41 79.26 -41.21 -33.91
C ASP E 41 79.05 -41.53 -35.40
N LEU E 42 77.93 -41.07 -35.93
CA LEU E 42 77.58 -41.29 -37.33
C LEU E 42 78.63 -40.68 -38.26
N THR E 43 79.17 -39.51 -37.87
CA THR E 43 80.21 -38.86 -38.65
C THR E 43 81.43 -39.76 -38.72
N LYS E 44 81.81 -40.30 -37.57
CA LYS E 44 82.93 -41.25 -37.48
C LYS E 44 82.67 -42.44 -38.39
N LYS E 45 81.43 -42.90 -38.41
CA LYS E 45 81.03 -44.00 -39.28
C LYS E 45 81.26 -43.65 -40.74
N ASN E 46 80.77 -42.48 -41.14
CA ASN E 46 80.87 -42.04 -42.53
C ASN E 46 82.32 -41.92 -42.96
N LEU E 47 83.14 -41.31 -42.09
CA LEU E 47 84.55 -41.14 -42.36
C LEU E 47 85.22 -42.50 -42.50
N SER E 48 84.93 -43.41 -41.58
CA SER E 48 85.52 -44.74 -41.58
C SER E 48 85.16 -45.51 -42.84
N ILE E 49 83.94 -45.34 -43.30
CA ILE E 49 83.49 -45.99 -44.54
C ILE E 49 84.19 -45.40 -45.76
N LEU E 50 84.27 -44.08 -45.80
CA LEU E 50 84.75 -43.39 -46.98
C LEU E 50 86.25 -43.50 -47.23
N GLN E 51 87.06 -43.68 -46.19
CA GLN E 51 88.51 -43.56 -46.36
C GLN E 51 89.06 -44.62 -47.32
N VAL E 52 89.77 -44.13 -48.33
CA VAL E 52 90.43 -44.97 -49.31
C VAL E 52 91.93 -44.68 -49.40
N PHE E 53 92.74 -45.63 -48.98
CA PHE E 53 94.18 -45.42 -48.91
C PHE E 53 94.86 -45.90 -50.20
N PRO E 54 95.98 -45.26 -50.59
CA PRO E 54 96.66 -45.65 -51.83
C PRO E 54 97.40 -46.97 -51.69
N SER E 55 97.78 -47.59 -52.81
CA SER E 55 98.33 -48.93 -52.78
C SER E 55 99.33 -49.14 -53.90
N SER E 56 100.10 -50.20 -53.80
CA SER E 56 101.12 -50.54 -54.81
C SER E 56 100.56 -51.41 -55.93
N GLY E 57 99.72 -52.37 -55.51
CA GLY E 57 99.12 -53.33 -56.40
C GLY E 57 99.97 -54.57 -56.38
N LYS E 58 101.27 -54.37 -56.16
CA LYS E 58 102.18 -55.51 -55.97
C LYS E 58 102.21 -56.00 -54.53
N VAL E 59 101.93 -55.11 -53.59
CA VAL E 59 101.93 -55.47 -52.18
C VAL E 59 100.58 -56.05 -51.78
N ILE E 60 99.55 -55.54 -52.45
CA ILE E 60 98.16 -55.79 -52.09
C ILE E 60 97.42 -55.91 -53.41
N PRO E 61 96.40 -56.78 -53.49
CA PRO E 61 95.74 -56.98 -54.78
C PRO E 61 95.11 -55.69 -55.30
N SER E 62 95.26 -55.42 -56.59
CA SER E 62 94.68 -54.23 -57.18
C SER E 62 93.16 -54.30 -57.03
N ILE E 63 92.57 -55.39 -57.54
CA ILE E 63 91.14 -55.62 -57.45
C ILE E 63 90.90 -57.12 -57.23
N VAL E 64 89.86 -57.47 -56.49
CA VAL E 64 89.51 -58.87 -56.31
C VAL E 64 88.06 -59.11 -56.68
N GLN E 65 87.84 -60.03 -57.61
CA GLN E 65 86.50 -60.39 -58.10
C GLN E 65 85.60 -59.17 -58.42
N ASP E 66 84.55 -59.00 -57.63
CA ASP E 66 83.65 -57.87 -57.77
C ASP E 66 84.09 -56.69 -56.90
N TYR E 67 85.24 -56.86 -56.26
CA TYR E 67 85.70 -55.91 -55.26
C TYR E 67 86.97 -55.15 -55.59
N PHE E 68 87.06 -53.91 -55.13
CA PHE E 68 88.24 -53.07 -55.36
C PHE E 68 88.37 -52.02 -54.26
N ASN E 69 89.40 -51.19 -54.39
CA ASN E 69 89.73 -50.16 -53.41
C ASN E 69 89.87 -50.75 -52.01
N LEU E 70 90.61 -51.84 -51.92
CA LEU E 70 90.77 -52.54 -50.66
C LEU E 70 91.62 -51.73 -49.69
N VAL E 71 91.22 -51.74 -48.43
CA VAL E 71 92.06 -51.21 -47.38
C VAL E 71 92.02 -52.20 -46.24
N PRO E 72 93.19 -52.49 -45.67
CA PRO E 72 93.31 -53.45 -44.57
C PRO E 72 92.87 -52.87 -43.24
N LEU E 73 92.41 -53.71 -42.33
CA LEU E 73 92.24 -53.26 -40.97
C LEU E 73 93.29 -54.03 -40.21
N ASN E 74 94.37 -53.35 -39.85
CA ASN E 74 95.53 -54.02 -39.30
C ASN E 74 95.27 -54.48 -37.88
N PHE E 75 94.33 -53.79 -37.25
CA PHE E 75 94.08 -53.93 -35.82
C PHE E 75 93.25 -55.13 -35.42
N ASN E 76 92.34 -55.59 -36.27
CA ASN E 76 91.63 -56.79 -35.90
C ASN E 76 92.42 -57.96 -36.48
N ASN E 77 93.22 -58.58 -35.63
CA ASN E 77 93.91 -59.81 -35.98
C ASN E 77 94.14 -60.67 -34.73
N ASN E 78 93.81 -61.95 -34.81
CA ASN E 78 94.12 -62.91 -33.76
C ASN E 78 95.38 -63.75 -34.04
N ASP E 79 95.81 -63.75 -35.28
CA ASP E 79 96.88 -64.62 -35.77
C ASP E 79 98.31 -64.22 -35.36
N PHE E 80 98.63 -62.94 -35.47
CA PHE E 80 99.94 -62.39 -35.09
C PHE E 80 101.09 -62.84 -35.99
N LEU E 81 100.92 -63.95 -36.69
CA LEU E 81 102.05 -64.50 -37.42
C LEU E 81 102.28 -63.83 -38.76
N ASN E 82 101.21 -63.72 -39.52
CA ASN E 82 101.24 -63.14 -40.85
C ASN E 82 100.52 -61.80 -40.89
N LYS E 83 100.38 -61.26 -42.08
CA LYS E 83 99.61 -60.04 -42.30
C LYS E 83 98.12 -60.27 -42.02
N THR E 84 97.39 -59.18 -41.81
CA THR E 84 95.98 -59.21 -41.42
C THR E 84 95.04 -60.07 -42.27
N THR E 85 94.14 -60.78 -41.60
CA THR E 85 93.18 -61.67 -42.23
C THR E 85 92.04 -60.91 -42.91
N LEU E 86 91.51 -59.87 -42.26
CA LEU E 86 90.33 -59.18 -42.78
C LEU E 86 90.62 -57.78 -43.31
N PHE E 87 89.98 -57.44 -44.42
CA PHE E 87 90.19 -56.18 -45.12
C PHE E 87 88.87 -55.48 -45.37
N LYS E 88 88.93 -54.16 -45.51
CA LYS E 88 87.77 -53.35 -45.84
C LYS E 88 87.70 -53.21 -47.36
N VAL E 89 86.50 -53.33 -47.90
CA VAL E 89 86.32 -53.42 -49.34
C VAL E 89 85.21 -52.57 -49.93
N PHE E 90 85.43 -52.07 -51.14
CA PHE E 90 84.39 -51.41 -51.92
C PHE E 90 83.86 -52.35 -52.99
N SER E 91 82.55 -52.54 -53.03
CA SER E 91 81.90 -53.37 -54.04
C SER E 91 81.97 -52.60 -55.35
N ASN E 92 81.79 -53.28 -56.48
CA ASN E 92 81.89 -52.57 -57.75
C ASN E 92 80.63 -51.79 -58.13
N TYR E 93 79.56 -52.49 -58.51
CA TYR E 93 78.34 -51.79 -58.89
C TYR E 93 77.51 -51.33 -57.68
N ASP E 94 77.62 -52.06 -56.58
CA ASP E 94 76.87 -51.71 -55.36
C ASP E 94 77.50 -50.60 -54.53
N GLY E 95 78.82 -50.66 -54.32
CA GLY E 95 79.45 -49.77 -53.37
C GLY E 95 79.12 -50.29 -51.98
N LYS E 96 78.63 -49.42 -51.12
CA LYS E 96 78.16 -49.77 -49.77
C LYS E 96 79.26 -50.25 -48.81
N ALA E 97 80.47 -50.39 -49.33
CA ALA E 97 81.64 -50.79 -48.54
C ALA E 97 81.46 -52.10 -47.75
N TYR E 98 81.43 -53.22 -48.46
CA TYR E 98 81.35 -54.53 -47.81
C TYR E 98 82.70 -54.89 -47.17
N VAL E 99 82.72 -55.91 -46.32
CA VAL E 99 83.98 -56.38 -45.73
C VAL E 99 84.37 -57.75 -46.25
N LEU E 100 85.66 -57.99 -46.33
CA LEU E 100 86.16 -59.27 -46.84
C LEU E 100 87.08 -59.90 -45.82
N LYS E 101 86.89 -61.20 -45.56
CA LYS E 101 87.82 -61.89 -44.68
C LYS E 101 88.60 -62.94 -45.44
N ARG E 102 89.92 -62.79 -45.38
CA ARG E 102 90.86 -63.67 -46.06
C ARG E 102 91.21 -64.85 -45.19
N LEU E 103 91.21 -66.05 -45.74
CA LEU E 103 91.96 -67.06 -45.03
C LEU E 103 92.94 -67.63 -46.04
N PRO E 104 94.22 -67.65 -45.64
CA PRO E 104 95.35 -67.90 -46.53
C PRO E 104 95.75 -69.35 -46.63
N ASN E 105 96.67 -69.59 -47.55
CA ASN E 105 97.42 -70.83 -47.69
C ASN E 105 96.60 -72.11 -47.53
N ILE E 106 95.75 -72.43 -48.49
CA ILE E 106 94.99 -73.67 -48.40
C ILE E 106 95.53 -74.68 -49.42
N ASP E 107 96.25 -75.67 -48.90
CA ASP E 107 96.83 -76.74 -49.72
C ASP E 107 95.85 -77.35 -50.74
N LYS E 108 94.59 -77.49 -50.34
CA LYS E 108 93.62 -78.19 -51.17
C LYS E 108 92.62 -77.21 -51.79
N SER E 109 92.40 -77.32 -53.10
CA SER E 109 91.36 -76.54 -53.75
C SER E 109 89.98 -77.09 -53.43
N MET E 110 88.95 -76.42 -53.93
CA MET E 110 87.57 -76.79 -53.68
C MET E 110 86.75 -76.78 -54.97
N ASN E 111 85.89 -77.79 -55.13
CA ASN E 111 85.04 -77.85 -56.31
C ASN E 111 84.03 -76.71 -56.30
N PRO E 112 83.69 -76.18 -57.48
CA PRO E 112 82.72 -75.09 -57.59
C PRO E 112 81.36 -75.46 -57.01
N ASN E 113 80.99 -76.74 -57.16
CA ASN E 113 79.74 -77.23 -56.61
C ASN E 113 79.68 -76.93 -55.12
N LYS E 114 80.80 -77.14 -54.44
CA LYS E 114 80.86 -76.87 -53.00
C LYS E 114 80.62 -75.42 -52.65
N ILE E 115 81.27 -74.50 -53.36
CA ILE E 115 81.08 -73.07 -53.09
C ILE E 115 79.62 -72.73 -53.33
N SER E 116 79.03 -73.27 -54.40
CA SER E 116 77.63 -73.03 -54.67
C SER E 116 76.75 -73.51 -53.51
N LYS E 117 77.06 -74.68 -52.98
CA LYS E 117 76.31 -75.24 -51.86
C LYS E 117 76.39 -74.37 -50.60
N ILE E 118 77.61 -74.03 -50.21
CA ILE E 118 77.86 -73.22 -49.02
C ILE E 118 77.16 -71.88 -49.16
N TYR E 119 77.33 -71.27 -50.33
CA TYR E 119 76.75 -69.97 -50.63
C TYR E 119 75.25 -70.04 -50.44
N GLN E 120 74.60 -71.02 -51.07
CA GLN E 120 73.16 -71.17 -50.93
C GLN E 120 72.77 -71.29 -49.46
N ILE E 121 73.53 -72.11 -48.73
CA ILE E 121 73.23 -72.40 -47.34
C ILE E 121 73.25 -71.14 -46.48
N TRP E 122 74.31 -70.34 -46.56
CA TRP E 122 74.39 -69.18 -45.66
C TRP E 122 73.62 -67.98 -46.20
N SER E 123 73.37 -67.98 -47.51
CA SER E 123 72.61 -66.89 -48.11
C SER E 123 71.13 -67.02 -47.74
N LYS E 124 70.67 -68.26 -47.66
CA LYS E 124 69.26 -68.55 -47.37
C LYS E 124 68.79 -67.88 -46.08
N ILE E 125 69.64 -67.92 -45.04
CA ILE E 125 69.28 -67.37 -43.74
C ILE E 125 69.33 -65.83 -43.75
N ASN E 126 68.28 -65.21 -43.22
CA ASN E 126 68.24 -63.75 -43.08
C ASN E 126 67.92 -63.33 -41.65
N CYS E 127 68.87 -62.65 -41.01
CA CYS E 127 68.67 -62.13 -39.66
C CYS E 127 69.38 -60.79 -39.43
N THR E 128 68.73 -59.93 -38.67
CA THR E 128 69.37 -58.70 -38.21
C THR E 128 70.55 -59.10 -37.33
N ASN E 129 70.22 -59.63 -36.17
CA ASN E 129 71.18 -59.96 -35.11
C ASN E 129 72.38 -60.81 -35.53
N LEU E 130 72.36 -61.31 -36.77
CA LEU E 130 73.52 -61.98 -37.33
C LEU E 130 73.98 -61.21 -38.56
N ILE E 131 75.23 -60.76 -38.55
CA ILE E 131 75.75 -60.01 -39.69
C ILE E 131 75.62 -60.85 -40.96
N LYS E 132 74.97 -60.28 -41.96
CA LYS E 132 74.60 -61.02 -43.15
C LYS E 132 75.83 -61.51 -43.91
N PHE E 133 75.71 -62.69 -44.49
CA PHE E 133 76.79 -63.28 -45.27
C PHE E 133 76.49 -63.06 -46.75
N ARG E 134 77.40 -62.38 -47.43
CA ARG E 134 77.13 -61.94 -48.80
C ARG E 134 77.72 -62.83 -49.89
N ASP E 135 79.04 -63.03 -49.91
CA ASP E 135 79.61 -63.88 -50.94
C ASP E 135 80.92 -64.56 -50.54
N ILE E 136 81.01 -65.86 -50.82
CA ILE E 136 82.25 -66.60 -50.64
C ILE E 136 82.87 -67.01 -51.97
N PHE E 137 84.20 -66.89 -52.08
CA PHE E 137 84.88 -67.35 -53.29
C PHE E 137 86.36 -67.60 -53.01
N GLN E 138 87.00 -68.38 -53.87
CA GLN E 138 88.42 -68.69 -53.71
C GLN E 138 89.27 -68.09 -54.81
N THR E 139 90.28 -67.31 -54.43
CA THR E 139 91.12 -66.62 -55.40
C THR E 139 92.62 -66.65 -55.06
N THR E 140 93.44 -66.58 -56.09
CA THR E 140 94.90 -66.58 -55.96
C THR E 140 95.51 -65.17 -56.04
N LYS E 141 94.65 -64.16 -56.16
CA LYS E 141 95.12 -62.80 -56.44
C LYS E 141 96.04 -62.27 -55.34
N PHE E 142 95.90 -62.81 -54.13
CA PHE E 142 96.82 -62.52 -53.03
C PHE E 142 98.20 -63.14 -53.28
N GLY E 143 98.31 -63.97 -54.30
CA GLY E 143 99.54 -64.68 -54.60
C GLY E 143 99.59 -66.14 -54.18
N ASP E 144 98.85 -66.47 -53.14
CA ASP E 144 98.68 -67.86 -52.75
C ASP E 144 97.21 -68.20 -52.87
N LEU E 145 96.90 -69.49 -53.01
CA LEU E 145 95.49 -69.87 -53.13
C LEU E 145 94.83 -69.59 -51.80
N SER E 146 93.98 -68.57 -51.78
CA SER E 146 93.34 -68.11 -50.56
C SER E 146 91.83 -68.12 -50.75
N ILE E 147 91.08 -68.48 -49.72
CA ILE E 147 89.63 -68.40 -49.87
C ILE E 147 89.05 -67.35 -48.93
N CYS E 148 88.14 -66.55 -49.47
CA CYS E 148 87.66 -65.37 -48.80
C CYS E 148 86.13 -65.28 -48.71
N LEU E 149 85.68 -64.65 -47.63
CA LEU E 149 84.27 -64.48 -47.31
C LEU E 149 83.89 -63.01 -47.34
N VAL E 150 82.61 -62.71 -47.55
CA VAL E 150 82.19 -61.30 -47.52
C VAL E 150 81.00 -61.06 -46.58
N PHE E 151 81.15 -60.02 -45.76
CA PHE E 151 80.18 -59.67 -44.72
C PHE E 151 79.73 -58.21 -44.85
N ASP E 152 78.61 -57.91 -44.21
CA ASP E 152 78.16 -56.52 -44.05
C ASP E 152 79.19 -55.81 -43.17
N TYR E 153 79.32 -54.50 -43.31
CA TYR E 153 80.40 -53.79 -42.63
C TYR E 153 80.13 -53.46 -41.17
N TYR E 154 79.15 -52.59 -40.94
CA TYR E 154 78.77 -52.15 -39.60
C TYR E 154 79.96 -51.51 -38.88
N PRO E 155 80.31 -50.28 -39.27
CA PRO E 155 81.50 -49.55 -38.85
C PRO E 155 81.51 -49.20 -37.37
N ASN E 156 82.70 -49.03 -36.81
CA ASN E 156 82.89 -48.64 -35.42
C ASN E 156 82.17 -49.58 -34.45
N SER E 157 82.02 -50.84 -34.86
CA SER E 157 81.42 -51.85 -34.01
C SER E 157 82.47 -52.39 -33.04
N LEU E 158 82.11 -52.44 -31.77
CA LEU E 158 83.01 -52.98 -30.76
C LEU E 158 82.43 -54.25 -30.16
N SER E 159 83.31 -55.17 -29.76
CA SER E 159 82.88 -56.37 -29.06
C SER E 159 82.45 -55.96 -27.66
N LEU E 160 81.52 -56.70 -27.07
CA LEU E 160 81.04 -56.38 -25.73
C LEU E 160 82.19 -56.29 -24.74
N TYR E 161 83.13 -57.21 -24.85
CA TYR E 161 84.35 -57.14 -24.05
C TYR E 161 85.03 -55.80 -24.23
N ASP E 162 85.23 -55.39 -25.47
CA ASP E 162 85.89 -54.12 -25.73
C ASP E 162 84.99 -52.97 -25.29
N TYR E 163 83.69 -53.18 -25.47
CA TYR E 163 82.70 -52.15 -25.20
C TYR E 163 82.69 -51.75 -23.72
N HIS E 164 82.55 -52.72 -22.81
CA HIS E 164 82.44 -52.38 -21.39
C HIS E 164 83.76 -52.15 -20.65
N PHE E 165 84.75 -53.02 -20.87
CA PHE E 165 85.97 -52.96 -20.07
C PHE E 165 87.14 -52.19 -20.69
N VAL E 166 87.08 -51.96 -22.00
CA VAL E 166 88.22 -51.42 -22.75
C VAL E 166 88.20 -49.93 -23.12
N ASN E 167 87.13 -49.51 -23.80
CA ASN E 167 87.11 -48.24 -24.53
C ASN E 167 87.16 -47.01 -23.61
N PHE E 168 87.09 -45.81 -24.18
CA PHE E 168 87.39 -44.60 -23.41
C PHE E 168 86.32 -44.37 -22.33
N PRO E 169 85.04 -44.18 -22.71
CA PRO E 169 84.11 -44.39 -21.61
C PRO E 169 83.92 -45.88 -21.36
N LYS E 170 83.70 -46.25 -20.11
CA LYS E 170 83.48 -47.64 -19.78
C LYS E 170 82.00 -47.72 -19.46
N PHE E 171 81.20 -48.37 -20.30
CA PHE E 171 79.77 -48.31 -20.06
C PHE E 171 79.40 -49.42 -19.09
N PRO E 172 78.65 -49.04 -18.04
CA PRO E 172 78.61 -49.89 -16.86
C PRO E 172 77.64 -51.08 -16.90
N ILE E 173 77.52 -51.79 -18.02
CA ILE E 173 76.73 -53.03 -18.10
C ILE E 173 75.49 -52.99 -17.18
N THR E 174 74.45 -52.25 -17.57
CA THR E 174 73.30 -52.17 -16.70
C THR E 174 72.44 -53.40 -16.85
N ASN E 175 71.84 -53.80 -15.74
CA ASN E 175 71.05 -55.02 -15.66
C ASN E 175 70.01 -55.03 -16.77
N ASN E 176 69.39 -53.86 -16.97
CA ASN E 176 68.38 -53.65 -17.99
C ASN E 176 68.86 -54.04 -19.41
N TYR E 177 70.03 -53.54 -19.80
CA TYR E 177 70.62 -53.85 -21.11
C TYR E 177 70.82 -55.34 -21.34
N LEU E 178 71.25 -56.04 -20.29
CA LEU E 178 71.54 -57.45 -20.34
C LEU E 178 70.34 -58.24 -20.89
N TRP E 179 69.15 -57.91 -20.42
CA TRP E 179 67.93 -58.52 -20.93
C TRP E 179 67.81 -58.37 -22.44
N ILE E 180 68.07 -57.15 -22.92
CA ILE E 180 68.01 -56.86 -24.35
C ILE E 180 68.98 -57.75 -25.09
N TYR E 181 70.20 -57.82 -24.57
CA TYR E 181 71.21 -58.71 -25.13
C TYR E 181 70.65 -60.12 -25.30
N LEU E 182 70.11 -60.63 -24.19
CA LEU E 182 69.59 -61.99 -24.11
C LEU E 182 68.53 -62.23 -25.17
N VAL E 183 67.59 -61.28 -25.28
CA VAL E 183 66.52 -61.38 -26.25
C VAL E 183 67.07 -61.46 -27.67
N GLN E 184 68.01 -60.59 -27.98
CA GLN E 184 68.56 -60.56 -29.34
C GLN E 184 69.30 -61.86 -29.70
N LEU E 185 70.16 -62.33 -28.80
CA LEU E 185 70.85 -63.60 -29.03
C LEU E 185 69.85 -64.73 -29.15
N THR E 186 68.78 -64.67 -28.37
CA THR E 186 67.72 -65.67 -28.46
C THR E 186 67.14 -65.64 -29.86
N ASN E 187 66.99 -64.44 -30.41
CA ASN E 187 66.49 -64.30 -31.77
C ASN E 187 67.39 -64.97 -32.79
N VAL E 188 68.69 -64.67 -32.76
CA VAL E 188 69.59 -65.27 -33.74
C VAL E 188 69.65 -66.80 -33.57
N ILE E 189 69.67 -67.26 -32.32
CA ILE E 189 69.66 -68.70 -32.05
C ILE E 189 68.43 -69.39 -32.62
N ASN E 190 67.26 -68.84 -32.33
CA ASN E 190 66.01 -69.41 -32.81
C ASN E 190 66.00 -69.42 -34.33
N SER E 191 66.41 -68.31 -34.94
CA SER E 191 66.39 -68.20 -36.39
C SER E 191 67.36 -69.17 -37.08
N ILE E 192 68.54 -69.34 -36.51
CA ILE E 192 69.54 -70.23 -37.09
C ILE E 192 69.10 -71.69 -36.94
N HIS E 193 68.66 -72.03 -35.74
CA HIS E 193 68.19 -73.37 -35.42
C HIS E 193 66.89 -73.73 -36.13
N SER E 194 66.16 -72.71 -36.56
CA SER E 194 64.87 -72.93 -37.21
C SER E 194 65.01 -73.85 -38.42
N GLN E 195 66.16 -73.83 -39.10
CA GLN E 195 66.37 -74.90 -40.06
C GLN E 195 67.78 -75.49 -39.93
N ASN E 196 67.86 -76.60 -39.21
CA ASN E 196 69.01 -77.52 -39.18
C ASN E 196 70.43 -76.92 -39.14
N LEU E 197 70.63 -75.75 -38.54
CA LEU E 197 72.00 -75.22 -38.46
C LEU E 197 72.54 -75.07 -37.04
N SER E 198 73.87 -75.13 -36.91
CA SER E 198 74.52 -74.91 -35.62
C SER E 198 75.16 -73.51 -35.58
N ILE E 199 75.04 -72.82 -34.47
CA ILE E 199 75.61 -71.48 -34.31
C ILE E 199 77.11 -71.42 -33.97
N GLY E 200 77.68 -72.53 -33.50
CA GLY E 200 79.11 -72.58 -33.23
C GLY E 200 79.73 -72.01 -31.97
N ASN E 201 81.04 -71.76 -32.07
CA ASN E 201 81.89 -71.35 -30.95
C ASN E 201 82.12 -69.83 -30.81
N THR E 202 81.40 -69.02 -31.59
CA THR E 202 81.62 -67.57 -31.52
C THR E 202 80.77 -66.79 -30.53
N LEU E 203 79.93 -67.48 -29.78
CA LEU E 203 78.97 -66.80 -28.90
C LEU E 203 79.65 -66.18 -27.68
N ASN E 204 80.96 -66.37 -27.57
CA ASN E 204 81.74 -65.81 -26.47
C ASN E 204 81.82 -64.28 -26.60
N TRP E 205 82.52 -63.62 -25.69
CA TRP E 205 82.53 -62.16 -25.63
C TRP E 205 82.89 -61.60 -26.99
N ARG E 206 84.01 -62.09 -27.51
CA ARG E 206 84.53 -61.69 -28.81
C ARG E 206 83.59 -62.20 -29.90
N LYS E 207 83.71 -61.61 -31.09
CA LYS E 207 82.90 -61.97 -32.26
C LYS E 207 81.42 -61.58 -32.09
N VAL E 208 81.03 -61.17 -30.89
CA VAL E 208 79.71 -60.60 -30.71
C VAL E 208 79.89 -59.10 -30.67
N LEU E 209 79.41 -58.43 -31.71
CA LEU E 209 79.63 -57.00 -31.86
C LEU E 209 78.38 -56.21 -31.52
N ILE E 210 78.61 -54.98 -31.08
CA ILE E 210 77.52 -54.08 -30.75
C ILE E 210 77.38 -53.01 -31.81
N THR E 211 76.15 -52.57 -32.04
CA THR E 211 75.87 -51.49 -32.95
C THR E 211 75.09 -50.48 -32.13
N GLY E 212 74.72 -49.35 -32.72
CA GLY E 212 74.16 -48.21 -32.01
C GLY E 212 73.07 -48.45 -30.97
N ASP E 213 73.33 -47.89 -29.79
CA ASP E 213 72.50 -48.06 -28.60
C ASP E 213 71.07 -47.53 -28.71
N PRO E 214 70.11 -48.16 -28.01
CA PRO E 214 70.26 -49.22 -26.99
C PRO E 214 70.82 -50.47 -27.63
N GLY E 215 71.85 -51.03 -27.02
CA GLY E 215 72.87 -51.73 -27.77
C GLY E 215 72.29 -52.76 -28.70
N ARG E 216 72.54 -52.61 -29.99
CA ARG E 216 72.03 -53.57 -30.94
C ARG E 216 73.00 -54.71 -31.05
N ILE E 217 72.57 -55.91 -30.71
CA ILE E 217 73.52 -57.00 -30.73
C ILE E 217 73.48 -57.63 -32.09
N LYS E 218 74.67 -57.93 -32.59
CA LYS E 218 74.82 -58.66 -33.83
C LYS E 218 76.03 -59.53 -33.69
N LEU E 219 75.92 -60.71 -34.24
CA LEU E 219 76.98 -61.68 -34.16
C LEU E 219 77.71 -61.66 -35.48
N SER E 220 79.01 -61.96 -35.46
CA SER E 220 79.80 -61.79 -36.66
C SER E 220 79.65 -63.05 -37.49
N HIS E 221 80.44 -64.06 -37.16
CA HIS E 221 80.44 -65.30 -37.90
C HIS E 221 79.97 -66.42 -36.95
N CYS E 222 79.26 -67.41 -37.48
CA CYS E 222 78.75 -68.49 -36.65
C CYS E 222 79.74 -69.64 -36.55
N ASN E 223 80.96 -69.40 -37.00
CA ASN E 223 82.05 -70.38 -36.95
C ASN E 223 81.62 -71.72 -37.50
N PHE E 224 80.86 -71.67 -38.59
CA PHE E 224 80.51 -72.85 -39.33
C PHE E 224 81.64 -73.18 -40.29
N MET E 225 82.69 -72.35 -40.24
CA MET E 225 83.80 -72.41 -41.20
C MET E 225 84.37 -73.81 -41.40
N ASP E 226 84.24 -74.67 -40.39
CA ASP E 226 84.71 -76.04 -40.46
C ASP E 226 84.12 -76.77 -41.68
N LEU E 227 82.89 -76.44 -42.05
CA LEU E 227 82.24 -77.06 -43.21
C LEU E 227 83.01 -76.84 -44.51
N LEU E 228 83.94 -75.89 -44.53
CA LEU E 228 84.76 -75.67 -45.72
C LEU E 228 85.63 -76.90 -45.93
N PHE E 229 85.88 -77.63 -44.85
CA PHE E 229 86.62 -78.88 -44.90
C PHE E 229 85.83 -79.83 -45.81
N ASN E 230 86.52 -80.83 -46.37
CA ASN E 230 85.86 -81.88 -47.15
C ASN E 230 84.73 -82.54 -46.34
N ASP E 231 83.69 -82.99 -47.02
CA ASP E 231 82.55 -83.59 -46.33
C ASP E 231 82.85 -85.03 -45.97
N ASP E 232 82.89 -85.30 -44.67
CA ASP E 232 83.14 -86.64 -44.14
C ASP E 232 82.07 -87.63 -44.58
N THR E 243 74.45 -85.45 -33.28
CA THR E 243 75.40 -84.59 -33.97
C THR E 243 74.87 -83.16 -34.08
N ILE E 244 74.03 -82.90 -35.08
CA ILE E 244 73.49 -81.57 -35.28
C ILE E 244 72.64 -81.14 -34.08
N GLU E 245 71.76 -82.03 -33.64
CA GLU E 245 70.92 -81.77 -32.47
C GLU E 245 71.80 -81.50 -31.25
N GLY E 246 72.84 -82.32 -31.12
CA GLY E 246 73.77 -82.20 -30.01
C GLY E 246 74.43 -80.84 -29.93
N GLN E 247 74.91 -80.35 -31.08
CA GLN E 247 75.50 -79.02 -31.14
C GLN E 247 74.45 -77.96 -30.83
N GLN E 248 73.25 -78.15 -31.39
CA GLN E 248 72.15 -77.22 -31.21
C GLN E 248 71.81 -77.04 -29.74
N GLN E 249 71.84 -78.12 -28.96
CA GLN E 249 71.64 -77.99 -27.53
C GLN E 249 72.90 -77.45 -26.84
N LEU E 250 74.06 -77.86 -27.34
CA LEU E 250 75.35 -77.49 -26.76
C LEU E 250 75.60 -75.98 -26.71
N ASP E 251 75.20 -75.26 -27.75
CA ASP E 251 75.43 -73.82 -27.82
C ASP E 251 74.70 -73.05 -26.71
N TYR E 252 73.55 -73.57 -26.27
CA TYR E 252 72.79 -72.98 -25.17
C TYR E 252 73.74 -72.71 -24.01
N LYS E 253 74.57 -73.71 -23.71
CA LYS E 253 75.57 -73.59 -22.66
C LYS E 253 76.52 -72.43 -22.93
N TYR E 254 76.90 -72.24 -24.19
CA TYR E 254 77.81 -71.16 -24.57
C TYR E 254 77.19 -69.80 -24.28
N LEU E 255 75.92 -69.66 -24.63
CA LEU E 255 75.17 -68.45 -24.31
C LEU E 255 75.18 -68.23 -22.81
N GLY E 256 74.98 -69.32 -22.08
CA GLY E 256 75.04 -69.30 -20.63
C GLY E 256 76.36 -68.75 -20.17
N GLU E 257 77.45 -69.17 -20.82
CA GLU E 257 78.79 -68.72 -20.47
C GLU E 257 78.91 -67.22 -20.63
N LEU E 258 78.54 -66.73 -21.82
CA LEU E 258 78.60 -65.30 -22.12
C LEU E 258 77.84 -64.49 -21.09
N LEU E 259 76.55 -64.76 -21.01
CA LEU E 259 75.64 -64.02 -20.15
C LEU E 259 76.12 -64.09 -18.70
N PHE E 260 76.64 -65.25 -18.31
CA PHE E 260 77.18 -65.44 -16.97
C PHE E 260 78.30 -64.47 -16.72
N ASN E 261 79.29 -64.51 -17.61
CA ASN E 261 80.47 -63.67 -17.47
C ASN E 261 80.11 -62.19 -17.35
N LEU E 262 79.17 -61.75 -18.18
CA LEU E 262 78.69 -60.37 -18.07
C LEU E 262 78.15 -60.15 -16.66
N SER E 263 77.26 -61.06 -16.25
CA SER E 263 76.56 -60.96 -14.98
C SER E 263 77.51 -60.88 -13.79
N ILE E 264 78.59 -61.65 -13.82
CA ILE E 264 79.52 -61.68 -12.70
C ILE E 264 80.46 -60.47 -12.76
N ASN E 265 80.81 -60.06 -13.98
CA ASN E 265 81.77 -58.97 -14.14
C ASN E 265 81.15 -57.58 -14.08
N ILE E 266 79.85 -57.50 -13.84
CA ILE E 266 79.18 -56.20 -13.72
C ILE E 266 79.85 -55.27 -12.68
N GLU E 267 80.14 -55.80 -11.51
CA GLU E 267 80.75 -55.01 -10.45
C GLU E 267 82.13 -54.54 -10.86
N ASN E 268 82.87 -55.42 -11.53
CA ASN E 268 84.18 -55.07 -12.07
C ASN E 268 84.04 -53.97 -13.13
N SER E 269 82.87 -53.91 -13.76
CA SER E 269 82.59 -52.90 -14.76
C SER E 269 82.26 -51.52 -14.18
N ASN E 270 81.48 -51.47 -13.09
CA ASN E 270 81.06 -50.16 -12.58
C ASN E 270 82.24 -49.29 -12.16
N ASN E 271 83.06 -49.77 -11.26
CA ASN E 271 84.36 -49.14 -10.99
C ASN E 271 85.32 -49.85 -11.93
N ASN E 272 85.96 -49.13 -12.85
CA ASN E 272 86.78 -49.79 -13.86
C ASN E 272 87.86 -50.64 -13.19
N THR E 273 87.84 -51.92 -13.53
CA THR E 273 88.71 -52.94 -12.95
C THR E 273 88.78 -54.05 -13.99
N ALA E 274 89.75 -54.94 -13.89
CA ALA E 274 89.89 -55.96 -14.92
C ALA E 274 88.92 -57.10 -14.65
N PRO E 275 88.34 -57.65 -15.73
CA PRO E 275 87.33 -58.70 -15.66
C PRO E 275 87.92 -60.08 -15.42
N LYS E 276 87.10 -61.01 -14.95
CA LYS E 276 87.51 -62.40 -14.87
C LYS E 276 86.74 -63.23 -15.89
N GLU E 277 87.42 -64.22 -16.47
CA GLU E 277 86.79 -65.09 -17.43
C GLU E 277 86.70 -66.49 -16.85
N TYR E 278 85.60 -67.16 -17.15
CA TYR E 278 85.33 -68.50 -16.65
C TYR E 278 84.89 -69.38 -17.80
N ARG E 279 85.36 -70.63 -17.83
CA ARG E 279 84.94 -71.55 -18.87
C ARG E 279 83.63 -72.22 -18.44
N LEU E 280 82.89 -72.74 -19.42
CA LEU E 280 81.59 -73.33 -19.14
C LEU E 280 81.68 -74.51 -18.18
N GLU E 281 82.86 -75.10 -18.10
CA GLU E 281 83.14 -76.20 -17.18
C GLU E 281 83.18 -75.74 -15.73
N GLU E 282 83.74 -74.55 -15.52
CA GLU E 282 83.93 -74.02 -14.18
C GLU E 282 82.61 -73.53 -13.57
N ILE E 283 81.62 -73.34 -14.42
CA ILE E 283 80.34 -72.75 -14.03
C ILE E 283 79.57 -73.64 -13.05
N THR E 284 79.14 -73.04 -11.94
CA THR E 284 78.34 -73.74 -10.94
C THR E 284 77.05 -72.98 -10.64
N PRO E 285 75.93 -73.71 -10.54
CA PRO E 285 74.63 -73.09 -10.24
C PRO E 285 74.65 -72.34 -8.91
N GLN E 286 75.38 -72.89 -7.94
CA GLN E 286 75.50 -72.26 -6.64
C GLN E 286 76.14 -70.89 -6.78
N SER E 287 77.14 -70.80 -7.66
CA SER E 287 77.81 -69.54 -7.94
C SER E 287 76.82 -68.55 -8.56
N ILE E 288 75.92 -69.08 -9.39
CA ILE E 288 74.86 -68.26 -9.97
C ILE E 288 74.00 -67.68 -8.85
N ASP E 289 73.61 -68.54 -7.92
CA ASP E 289 72.83 -68.12 -6.77
C ASP E 289 73.60 -67.11 -5.91
N ASP E 290 74.92 -67.18 -5.96
CA ASP E 290 75.77 -66.33 -5.12
C ASP E 290 75.80 -64.87 -5.58
N MET E 291 75.91 -64.66 -6.89
CA MET E 291 76.02 -63.30 -7.41
C MET E 291 74.76 -62.49 -7.14
N ARG E 292 74.93 -61.18 -7.01
CA ARG E 292 73.82 -60.28 -6.75
C ARG E 292 73.64 -59.26 -7.86
N GLN E 293 72.71 -58.32 -7.64
CA GLN E 293 72.43 -57.21 -8.56
C GLN E 293 71.68 -57.67 -9.81
N ILE E 294 71.39 -58.97 -9.90
CA ILE E 294 70.68 -59.52 -11.06
C ILE E 294 69.26 -59.93 -10.67
N ASP E 295 68.36 -59.82 -11.64
CA ASP E 295 66.97 -60.20 -11.48
C ASP E 295 66.83 -61.72 -11.29
N ASP E 296 66.24 -62.12 -10.18
CA ASP E 296 66.02 -63.53 -9.82
C ASP E 296 65.56 -64.38 -11.01
N LYS E 297 64.76 -63.77 -11.87
CA LYS E 297 64.31 -64.43 -13.09
C LYS E 297 65.48 -64.75 -13.99
N PHE E 298 66.38 -63.79 -14.12
CA PHE E 298 67.58 -63.96 -14.95
C PHE E 298 68.55 -64.99 -14.37
N LYS E 299 68.60 -65.08 -13.05
CA LYS E 299 69.41 -66.11 -12.40
C LYS E 299 68.85 -67.47 -12.74
N ASP E 300 67.51 -67.55 -12.70
CA ASP E 300 66.82 -68.77 -13.06
C ASP E 300 67.09 -69.12 -14.52
N VAL E 301 67.16 -68.11 -15.37
CA VAL E 301 67.46 -68.31 -16.79
C VAL E 301 68.85 -68.89 -16.98
N LEU E 302 69.86 -68.29 -16.35
CA LEU E 302 71.22 -68.78 -16.46
C LEU E 302 71.28 -70.23 -15.99
N LYS E 303 70.58 -70.49 -14.90
CA LYS E 303 70.47 -71.84 -14.35
C LYS E 303 69.89 -72.79 -15.39
N TYR E 304 68.86 -72.34 -16.11
CA TYR E 304 68.26 -73.16 -17.15
C TYR E 304 69.26 -73.49 -18.24
N LEU E 305 70.02 -72.49 -18.67
CA LEU E 305 70.96 -72.69 -19.76
C LEU E 305 72.14 -73.60 -19.44
N ILE E 306 72.79 -73.37 -18.30
CA ILE E 306 74.03 -74.08 -17.99
C ILE E 306 73.82 -75.55 -17.60
N SER E 307 72.62 -75.88 -17.15
CA SER E 307 72.34 -77.17 -16.53
C SER E 307 72.15 -78.30 -17.55
N ASP E 308 72.63 -79.50 -17.20
CA ASP E 308 72.44 -80.67 -18.05
C ASP E 308 71.22 -81.45 -17.59
N ASN E 309 70.38 -81.82 -18.54
CA ASN E 309 69.16 -82.59 -18.29
C ASN E 309 69.16 -83.97 -18.94
N GLY E 310 68.74 -84.99 -18.20
CA GLY E 310 68.60 -86.29 -18.84
C GLY E 310 67.51 -86.18 -19.88
N ASP E 311 67.91 -86.36 -21.14
CA ASP E 311 67.03 -86.52 -22.30
C ASP E 311 65.81 -85.59 -22.36
N SER E 312 65.98 -84.33 -21.98
CA SER E 312 64.94 -83.33 -22.21
C SER E 312 65.47 -82.26 -23.15
N LYS E 313 65.07 -82.29 -24.41
CA LYS E 313 65.56 -81.29 -25.35
C LYS E 313 65.33 -79.86 -24.89
N LYS E 314 66.41 -79.09 -24.72
CA LYS E 314 66.25 -77.69 -24.35
C LYS E 314 65.64 -77.01 -25.55
N SER E 315 64.50 -76.36 -25.37
CA SER E 315 63.85 -75.73 -26.50
C SER E 315 63.87 -74.23 -26.35
N ILE E 316 63.88 -73.55 -27.47
CA ILE E 316 63.79 -72.10 -27.50
C ILE E 316 62.49 -71.70 -26.81
N HIS E 317 61.46 -72.54 -26.99
CA HIS E 317 60.15 -72.32 -26.38
C HIS E 317 60.26 -72.20 -24.87
N ASP E 318 60.95 -73.15 -24.24
CA ASP E 318 61.10 -73.18 -22.80
C ASP E 318 61.86 -71.95 -22.31
N LEU E 319 62.95 -71.65 -23.00
CA LEU E 319 63.81 -70.52 -22.63
C LEU E 319 63.05 -69.18 -22.70
N THR E 320 62.38 -68.95 -23.82
CA THR E 320 61.60 -67.73 -24.02
C THR E 320 60.42 -67.66 -23.06
N SER E 321 59.88 -68.82 -22.72
CA SER E 321 58.74 -68.91 -21.82
C SER E 321 59.01 -68.34 -20.44
N HIS E 322 60.28 -68.32 -20.03
CA HIS E 322 60.63 -67.75 -18.74
C HIS E 322 60.38 -66.25 -18.72
N PHE E 323 60.84 -65.54 -19.75
CA PHE E 323 60.62 -64.10 -19.77
C PHE E 323 59.73 -63.68 -20.92
N TYR E 324 58.46 -63.44 -20.64
CA TYR E 324 57.62 -62.80 -21.65
C TYR E 324 57.61 -61.29 -21.48
N ASP E 325 57.47 -60.83 -20.24
CA ASP E 325 57.34 -59.40 -19.96
C ASP E 325 58.59 -58.62 -20.39
N LYS E 326 59.75 -59.14 -20.02
CA LYS E 326 61.00 -58.45 -20.28
C LYS E 326 61.24 -58.33 -21.78
N MET E 327 60.74 -59.32 -22.51
CA MET E 327 60.78 -59.32 -23.97
C MET E 327 59.97 -58.13 -24.51
N PHE E 328 58.78 -57.94 -23.96
CA PHE E 328 57.97 -56.75 -24.26
C PHE E 328 58.70 -55.47 -23.90
N MET E 329 59.45 -55.50 -22.80
CA MET E 329 60.26 -54.35 -22.40
C MET E 329 61.24 -53.99 -23.50
N VAL E 330 61.94 -55.00 -24.00
CA VAL E 330 62.94 -54.83 -25.04
C VAL E 330 62.28 -54.28 -26.30
N LEU E 331 61.14 -54.85 -26.67
CA LEU E 331 60.39 -54.37 -27.84
C LEU E 331 60.05 -52.88 -27.67
N GLU E 332 59.58 -52.55 -26.47
CA GLU E 332 59.21 -51.20 -26.10
C GLU E 332 60.39 -50.25 -26.30
N SER E 333 61.55 -50.65 -25.80
CA SER E 333 62.75 -49.82 -25.89
C SER E 333 63.12 -49.59 -27.35
N SER E 334 63.10 -50.67 -28.13
CA SER E 334 63.42 -50.58 -29.55
C SER E 334 62.52 -49.59 -30.26
N GLN E 335 61.23 -49.72 -30.03
CA GLN E 335 60.26 -48.82 -30.67
C GLN E 335 60.44 -47.37 -30.24
N THR E 336 60.65 -47.14 -28.94
CA THR E 336 60.90 -45.79 -28.44
C THR E 336 62.08 -45.15 -29.13
N TYR E 337 63.18 -45.89 -29.21
CA TYR E 337 64.38 -45.36 -29.83
C TYR E 337 64.11 -45.07 -31.29
N THR E 338 63.37 -45.96 -31.94
CA THR E 338 62.97 -45.76 -33.32
C THR E 338 62.27 -44.42 -33.52
N GLU E 339 61.30 -44.13 -32.64
CA GLU E 339 60.59 -42.87 -32.71
C GLU E 339 61.55 -41.69 -32.52
N TYR E 340 62.46 -41.84 -31.57
CA TYR E 340 63.45 -40.81 -31.28
C TYR E 340 64.25 -40.46 -32.54
N MET E 341 64.77 -41.52 -33.18
CA MET E 341 65.56 -41.38 -34.39
C MET E 341 64.76 -40.72 -35.52
N GLU E 342 63.48 -41.12 -35.64
CA GLU E 342 62.60 -40.51 -36.62
C GLU E 342 62.50 -39.01 -36.37
N SER E 343 62.36 -38.65 -35.10
CA SER E 343 62.24 -37.25 -34.71
C SER E 343 63.48 -36.46 -35.15
N VAL E 344 64.65 -36.96 -34.78
CA VAL E 344 65.90 -36.27 -35.09
C VAL E 344 66.11 -36.13 -36.61
N LEU E 345 65.80 -37.20 -37.34
CA LEU E 345 65.89 -37.17 -38.80
C LEU E 345 64.96 -36.12 -39.38
N SER E 346 63.75 -36.05 -38.84
CA SER E 346 62.75 -35.10 -39.29
C SER E 346 63.24 -33.67 -39.14
N ARG E 347 63.73 -33.40 -37.93
CA ARG E 347 64.20 -32.06 -37.60
C ARG E 347 65.37 -31.66 -38.50
N GLU E 348 66.31 -32.57 -38.75
CA GLU E 348 67.48 -32.14 -39.50
C GLU E 348 67.18 -32.05 -41.00
N LEU E 349 66.26 -32.88 -41.49
CA LEU E 349 65.89 -32.83 -42.90
C LEU E 349 65.28 -31.45 -43.10
N GLU E 350 64.49 -31.07 -42.10
CA GLU E 350 63.81 -29.79 -42.13
C GLU E 350 64.87 -28.69 -42.17
N ASN E 351 65.90 -28.88 -41.36
CA ASN E 351 66.96 -27.90 -41.25
C ASN E 351 67.63 -27.68 -42.61
N GLY E 352 67.84 -28.77 -43.34
CA GLY E 352 68.43 -28.68 -44.66
C GLY E 352 67.58 -27.87 -45.62
N ARG E 353 66.30 -28.23 -45.71
CA ARG E 353 65.39 -27.51 -46.59
C ARG E 353 65.36 -26.02 -46.27
N LEU E 354 65.15 -25.71 -45.00
CA LEU E 354 65.16 -24.33 -44.55
C LEU E 354 66.48 -23.66 -44.91
N PHE E 355 67.58 -24.38 -44.81
CA PHE E 355 68.87 -23.79 -45.17
C PHE E 355 68.87 -23.32 -46.60
N ARG E 356 68.48 -24.21 -47.50
CA ARG E 356 68.41 -23.83 -48.92
C ARG E 356 67.55 -22.58 -49.12
N LEU E 357 66.41 -22.57 -48.44
CA LEU E 357 65.47 -21.46 -48.57
C LEU E 357 66.18 -20.16 -48.17
N VAL E 358 66.85 -20.22 -47.02
CA VAL E 358 67.60 -19.09 -46.49
C VAL E 358 68.70 -18.65 -47.45
N ASN E 359 69.26 -19.60 -48.20
CA ASN E 359 70.27 -19.27 -49.19
C ASN E 359 69.68 -18.43 -50.32
N LYS E 360 68.52 -18.84 -50.83
CA LYS E 360 67.86 -18.06 -51.88
C LYS E 360 67.46 -16.67 -51.38
N LEU E 361 66.86 -16.67 -50.20
CA LEU E 361 66.37 -15.46 -49.54
C LEU E 361 67.53 -14.49 -49.39
N ASN E 362 68.68 -15.04 -49.00
CA ASN E 362 69.91 -14.27 -48.89
C ASN E 362 70.37 -13.76 -50.24
N CYS E 363 70.18 -14.56 -51.27
CA CYS E 363 70.58 -14.16 -52.61
C CYS E 363 69.88 -12.87 -52.99
N ILE E 364 68.57 -12.79 -52.71
CA ILE E 364 67.85 -11.58 -53.10
C ILE E 364 68.24 -10.35 -52.25
N PHE E 365 68.39 -10.55 -50.94
CA PHE E 365 68.58 -9.44 -50.00
C PHE E 365 69.93 -8.72 -50.13
N GLY E 366 69.94 -7.44 -49.75
CA GLY E 366 71.16 -6.65 -49.69
C GLY E 366 72.04 -6.46 -50.91
N ARG E 367 71.49 -6.68 -52.10
CA ARG E 367 72.27 -6.55 -53.33
C ARG E 367 72.90 -5.16 -53.40
N ILE E 368 74.11 -5.08 -53.94
CA ILE E 368 74.87 -3.83 -53.94
C ILE E 368 74.15 -2.65 -54.58
N GLU E 369 73.53 -2.87 -55.72
CA GLU E 369 72.80 -1.81 -56.42
C GLU E 369 71.70 -1.26 -55.52
N SER E 370 71.20 -2.12 -54.64
CA SER E 370 70.12 -1.78 -53.74
C SER E 370 70.54 -0.95 -52.52
N ARG E 371 71.84 -0.86 -52.27
CA ARG E 371 72.32 -0.27 -51.02
C ARG E 371 72.35 1.26 -50.92
N ILE E 372 71.91 1.97 -51.96
CA ILE E 372 72.03 3.43 -51.96
C ILE E 372 70.80 4.22 -51.48
N ASP E 373 69.82 3.52 -50.91
CA ASP E 373 68.68 4.18 -50.26
C ASP E 373 68.71 3.89 -48.76
N ILE E 374 68.08 4.74 -47.95
CA ILE E 374 68.11 4.55 -46.50
C ILE E 374 67.48 3.21 -46.13
N ASN E 375 66.45 2.80 -46.86
CA ASN E 375 65.98 1.42 -46.82
C ASN E 375 66.64 0.75 -48.01
N TRP E 376 66.93 -0.55 -47.92
CA TRP E 376 67.77 -1.19 -48.92
C TRP E 376 67.13 -1.79 -50.16
N SER E 377 65.85 -1.55 -50.40
CA SER E 377 65.22 -2.12 -51.59
C SER E 377 65.48 -1.27 -52.84
N GLU E 378 66.12 -1.88 -53.85
CA GLU E 378 66.41 -1.17 -55.09
C GLU E 378 65.15 -0.82 -55.86
N SER E 379 64.29 -1.82 -56.04
CA SER E 379 63.03 -1.63 -56.75
C SER E 379 61.88 -1.61 -55.76
N GLY E 380 60.66 -1.49 -56.26
CA GLY E 380 59.51 -1.48 -55.39
C GLY E 380 58.91 -2.87 -55.23
N THR E 381 59.16 -3.73 -56.21
CA THR E 381 58.64 -5.09 -56.19
C THR E 381 59.34 -5.95 -55.13
N LYS E 382 60.64 -5.74 -54.97
CA LYS E 382 61.45 -6.55 -54.06
C LYS E 382 61.31 -6.14 -52.59
N PHE E 383 60.81 -4.94 -52.34
CA PHE E 383 60.74 -4.37 -50.99
C PHE E 383 60.12 -5.28 -49.91
N PRO E 384 58.96 -5.92 -50.18
CA PRO E 384 58.36 -6.71 -49.11
C PRO E 384 59.24 -7.84 -48.57
N ILE E 385 59.91 -8.58 -49.45
CA ILE E 385 60.77 -9.66 -49.01
C ILE E 385 61.96 -9.17 -48.18
N ILE E 386 62.64 -8.12 -48.63
CA ILE E 386 63.76 -7.57 -47.87
C ILE E 386 63.26 -7.12 -46.49
N LEU E 387 62.09 -6.48 -46.47
CA LEU E 387 61.49 -6.06 -45.21
C LEU E 387 61.30 -7.29 -44.32
N PHE E 388 60.81 -8.37 -44.92
CA PHE E 388 60.62 -9.62 -44.20
C PHE E 388 61.95 -10.11 -43.64
N TYR E 389 63.00 -9.95 -44.43
CA TYR E 389 64.35 -10.34 -44.05
C TYR E 389 64.71 -9.63 -42.76
N ASP E 390 64.50 -8.31 -42.76
CA ASP E 390 64.71 -7.51 -41.57
C ASP E 390 63.92 -8.08 -40.40
N TYR E 391 62.66 -8.45 -40.66
CA TYR E 391 61.79 -8.98 -39.62
C TYR E 391 62.32 -10.28 -38.98
N VAL E 392 62.71 -11.23 -39.81
CA VAL E 392 63.13 -12.54 -39.33
C VAL E 392 64.55 -12.57 -38.76
N PHE E 393 65.50 -12.06 -39.52
CA PHE E 393 66.91 -12.16 -39.14
C PHE E 393 67.33 -11.09 -38.16
N HIS E 394 66.76 -9.89 -38.30
CA HIS E 394 67.16 -8.82 -37.41
C HIS E 394 66.12 -8.69 -36.34
N GLN E 395 66.40 -9.29 -35.20
CA GLN E 395 65.42 -9.32 -34.14
C GLN E 395 65.83 -8.28 -33.11
N VAL E 396 64.85 -7.59 -32.56
CA VAL E 396 65.12 -6.64 -31.49
C VAL E 396 64.31 -7.06 -30.29
N ASP E 397 64.93 -7.07 -29.11
CA ASP E 397 64.19 -7.43 -27.92
C ASP E 397 63.26 -6.27 -27.55
N SER E 398 62.23 -6.53 -26.74
CA SER E 398 61.49 -5.42 -26.14
C SER E 398 62.44 -4.77 -25.17
N ASN E 399 62.15 -3.56 -24.69
CA ASN E 399 63.17 -2.80 -23.97
C ASN E 399 64.38 -2.89 -24.87
N GLY E 400 64.28 -2.28 -26.05
CA GLY E 400 65.12 -2.66 -27.16
C GLY E 400 66.64 -2.75 -27.04
N LYS E 401 67.08 -3.98 -27.23
CA LYS E 401 68.46 -4.36 -27.44
C LYS E 401 68.42 -5.45 -28.51
N PRO E 402 69.40 -5.48 -29.42
CA PRO E 402 69.26 -6.55 -30.40
C PRO E 402 69.55 -7.92 -29.81
N ILE E 403 68.81 -8.92 -30.26
CA ILE E 403 69.00 -10.29 -29.83
C ILE E 403 68.58 -11.21 -30.97
N MET E 404 69.15 -12.40 -31.03
CA MET E 404 68.71 -13.37 -32.02
C MET E 404 68.09 -14.60 -31.40
N ASP E 405 66.78 -14.74 -31.61
CA ASP E 405 66.10 -15.94 -31.18
C ASP E 405 66.02 -16.83 -32.41
N LEU E 406 66.46 -18.08 -32.26
CA LEU E 406 66.50 -19.01 -33.38
C LEU E 406 65.15 -19.64 -33.69
N THR E 407 64.45 -20.08 -32.64
CA THR E 407 63.20 -20.81 -32.82
C THR E 407 62.18 -19.94 -33.57
N HIS E 408 62.20 -18.63 -33.30
CA HIS E 408 61.42 -17.68 -34.09
C HIS E 408 61.74 -17.84 -35.58
N VAL E 409 63.04 -17.86 -35.88
CA VAL E 409 63.52 -17.95 -37.26
C VAL E 409 63.00 -19.24 -37.89
N LEU E 410 63.10 -20.34 -37.15
CA LEU E 410 62.60 -21.62 -37.63
C LEU E 410 61.09 -21.54 -37.90
N ARG E 411 60.36 -20.86 -37.02
CA ARG E 411 58.93 -20.71 -37.18
C ARG E 411 58.57 -19.96 -38.46
N CYS E 412 59.15 -18.77 -38.62
CA CYS E 412 58.87 -17.93 -39.79
C CYS E 412 59.25 -18.64 -41.09
N LEU E 413 60.45 -19.21 -41.12
CA LEU E 413 60.93 -19.90 -42.32
C LEU E 413 60.10 -21.12 -42.65
N ASN E 414 59.78 -21.92 -41.63
CA ASN E 414 58.99 -23.13 -41.83
C ASN E 414 57.63 -22.78 -42.39
N LYS E 415 56.97 -21.82 -41.75
CA LYS E 415 55.68 -21.34 -42.21
C LYS E 415 55.77 -20.77 -43.63
N LEU E 416 56.87 -20.11 -43.94
CA LEU E 416 57.09 -19.52 -45.25
C LEU E 416 57.22 -20.60 -46.32
N ASP E 417 57.89 -21.69 -45.97
CA ASP E 417 58.09 -22.76 -46.93
C ASP E 417 56.73 -23.28 -47.33
N ALA E 418 55.83 -23.44 -46.37
CA ALA E 418 54.47 -23.85 -46.69
C ALA E 418 53.64 -22.71 -47.29
N GLY E 419 52.47 -23.06 -47.79
CA GLY E 419 51.61 -22.09 -48.43
C GLY E 419 50.62 -21.43 -47.50
N ILE E 420 50.92 -21.40 -46.20
CA ILE E 420 49.88 -21.06 -45.23
C ILE E 420 49.42 -19.61 -45.31
N GLN E 421 48.13 -19.41 -45.02
CA GLN E 421 47.44 -18.15 -45.27
C GLN E 421 47.55 -17.09 -44.18
N GLU E 422 48.26 -17.39 -43.09
CA GLU E 422 48.39 -16.40 -42.02
C GLU E 422 49.05 -15.14 -42.59
N LYS E 423 48.56 -13.98 -42.18
CA LYS E 423 49.05 -12.73 -42.75
C LYS E 423 49.91 -12.03 -41.71
N LEU E 424 50.92 -11.30 -42.19
CA LEU E 424 51.82 -10.62 -41.29
C LEU E 424 51.92 -9.12 -41.55
N MET E 425 52.06 -8.35 -40.48
CA MET E 425 52.22 -6.91 -40.60
C MET E 425 53.71 -6.63 -40.60
N LEU E 426 54.23 -6.16 -41.73
CA LEU E 426 55.66 -5.88 -41.84
C LEU E 426 55.89 -4.40 -41.73
N VAL E 427 56.94 -4.01 -41.01
CA VAL E 427 57.17 -2.59 -40.77
C VAL E 427 58.40 -2.03 -41.46
N THR E 428 58.24 -0.80 -41.96
CA THR E 428 59.28 -0.11 -42.70
C THR E 428 60.34 0.36 -41.72
N PRO E 429 61.53 0.70 -42.22
CA PRO E 429 62.55 1.20 -41.28
C PRO E 429 62.26 2.60 -40.75
N ASP E 430 61.27 3.28 -41.32
CA ASP E 430 60.83 4.57 -40.79
C ASP E 430 60.01 4.41 -39.52
N GLU E 431 59.34 3.26 -39.44
CA GLU E 431 58.24 3.01 -38.49
C GLU E 431 56.96 3.78 -38.84
N LEU E 432 56.98 4.60 -39.88
CA LEU E 432 55.79 5.36 -40.26
C LEU E 432 54.67 4.53 -40.91
N ASN E 433 55.02 3.74 -41.91
CA ASN E 433 54.02 2.93 -42.64
C ASN E 433 54.34 1.44 -42.62
N CYS E 434 53.36 0.62 -42.98
CA CYS E 434 53.52 -0.83 -42.98
C CYS E 434 52.92 -1.54 -44.20
N ILE E 435 53.26 -2.81 -44.37
CA ILE E 435 52.73 -3.61 -45.48
C ILE E 435 52.15 -4.93 -44.99
N ILE E 436 50.97 -5.28 -45.52
CA ILE E 436 50.31 -6.54 -45.18
C ILE E 436 50.44 -7.57 -46.30
N ILE E 437 50.96 -8.73 -45.95
CA ILE E 437 51.20 -9.79 -46.92
C ILE E 437 50.99 -11.17 -46.29
N SER E 438 50.53 -12.12 -47.10
CA SER E 438 50.25 -13.48 -46.64
C SER E 438 51.39 -14.41 -47.05
N TYR E 439 51.70 -15.40 -46.22
CA TYR E 439 52.82 -16.29 -46.47
C TYR E 439 52.76 -16.99 -47.82
N LYS E 440 51.58 -17.36 -48.29
CA LYS E 440 51.46 -18.01 -49.61
C LYS E 440 51.97 -17.11 -50.74
N GLU E 441 51.43 -15.89 -50.79
CA GLU E 441 51.86 -14.90 -51.79
C GLU E 441 53.32 -14.51 -51.56
N LEU E 442 53.75 -14.54 -50.30
CA LEU E 442 55.14 -14.23 -49.97
C LEU E 442 56.07 -15.28 -50.56
N LYS E 443 55.71 -16.54 -50.40
CA LYS E 443 56.49 -17.64 -50.92
C LYS E 443 56.53 -17.55 -52.44
N ASP E 444 55.36 -17.33 -53.02
CA ASP E 444 55.24 -17.24 -54.46
C ASP E 444 56.15 -16.12 -54.97
N LEU E 445 56.12 -15.00 -54.26
CA LEU E 445 56.87 -13.80 -54.64
C LEU E 445 58.37 -14.10 -54.55
N ILE E 446 58.78 -14.73 -53.45
CA ILE E 446 60.19 -15.04 -53.21
C ILE E 446 60.75 -15.96 -54.30
N GLU E 447 60.02 -17.04 -54.57
CA GLU E 447 60.46 -17.98 -55.60
C GLU E 447 60.51 -17.32 -56.97
N SER E 448 59.48 -16.55 -57.30
CA SER E 448 59.42 -15.88 -58.59
C SER E 448 60.57 -14.89 -58.76
N THR E 449 60.78 -14.07 -57.73
CA THR E 449 61.82 -13.06 -57.74
C THR E 449 63.21 -13.67 -57.85
N PHE E 450 63.51 -14.64 -56.99
CA PHE E 450 64.80 -15.35 -57.04
C PHE E 450 65.02 -15.96 -58.43
N ARG E 451 63.97 -16.58 -58.98
CA ARG E 451 64.08 -17.17 -60.32
C ARG E 451 64.42 -16.09 -61.34
N SER E 452 63.79 -14.93 -61.18
CA SER E 452 64.03 -13.79 -62.07
C SER E 452 65.48 -13.31 -61.98
N ILE E 453 66.00 -13.25 -60.76
CA ILE E 453 67.37 -12.80 -60.52
C ILE E 453 68.39 -13.77 -61.10
N THR E 454 68.16 -15.07 -60.90
CA THR E 454 69.12 -16.07 -61.33
C THR E 454 69.08 -16.26 -62.84
N GLN E 455 68.01 -15.78 -63.46
CA GLN E 455 67.82 -15.86 -64.92
C GLN E 455 68.00 -17.28 -65.46
N MET F 1 86.98 -9.80 -61.27
CA MET F 1 87.94 -10.80 -60.85
C MET F 1 87.25 -12.00 -60.18
N LEU F 2 86.77 -11.79 -58.97
CA LEU F 2 86.22 -12.87 -58.15
C LEU F 2 84.86 -13.34 -58.64
N ALA F 3 84.41 -12.78 -59.76
CA ALA F 3 83.08 -13.08 -60.26
C ALA F 3 83.12 -14.49 -60.81
N TYR F 4 81.99 -15.19 -60.78
CA TYR F 4 81.99 -16.61 -61.12
C TYR F 4 82.41 -16.78 -62.55
N PRO F 5 83.25 -17.78 -62.84
CA PRO F 5 83.97 -18.77 -62.02
C PRO F 5 85.30 -18.26 -61.47
N ASP F 6 85.34 -17.71 -60.26
CA ASP F 6 86.63 -17.24 -59.72
C ASP F 6 87.56 -18.42 -59.47
N TYR F 7 88.85 -18.11 -59.39
CA TYR F 7 89.87 -19.12 -59.25
C TYR F 7 90.03 -19.66 -57.83
N PHE F 8 89.62 -18.87 -56.84
CA PHE F 8 89.87 -19.28 -55.46
C PHE F 8 89.04 -20.50 -55.03
N ASN F 9 87.72 -20.34 -55.09
CA ASN F 9 86.80 -21.39 -54.67
C ASN F 9 86.23 -22.28 -55.79
N ASP F 10 85.93 -21.67 -56.94
CA ASP F 10 85.25 -22.37 -58.02
C ASP F 10 86.09 -23.36 -58.82
N ILE F 11 87.41 -23.28 -58.68
CA ILE F 11 88.32 -24.03 -59.55
C ILE F 11 88.03 -25.55 -59.55
N THR F 12 87.46 -26.06 -58.46
CA THR F 12 87.12 -27.47 -58.37
C THR F 12 85.85 -27.82 -59.14
N SER F 13 84.87 -26.91 -59.11
CA SER F 13 83.54 -27.16 -59.70
C SER F 13 83.48 -26.75 -61.17
N ASP F 14 83.09 -27.67 -62.04
CA ASP F 14 82.98 -27.36 -63.47
C ASP F 14 81.61 -26.79 -63.85
N GLY F 15 80.72 -26.68 -62.87
CA GLY F 15 79.41 -26.11 -63.13
C GLY F 15 78.59 -26.02 -61.86
N PRO F 16 77.63 -25.10 -61.84
CA PRO F 16 76.85 -24.84 -60.63
C PRO F 16 75.84 -25.92 -60.31
N ILE F 17 75.82 -26.35 -59.05
CA ILE F 17 74.70 -27.10 -58.53
C ILE F 17 73.67 -26.09 -58.04
N SER F 18 72.40 -26.30 -58.38
CA SER F 18 71.38 -25.34 -58.00
C SER F 18 71.00 -25.54 -56.54
N VAL F 19 70.56 -24.46 -55.90
CA VAL F 19 70.21 -24.51 -54.48
C VAL F 19 69.05 -25.48 -54.24
N ASP F 20 68.07 -25.42 -55.12
CA ASP F 20 66.84 -26.19 -54.96
C ASP F 20 67.00 -27.69 -55.16
N ASP F 21 68.24 -28.14 -55.37
CA ASP F 21 68.48 -29.55 -55.67
C ASP F 21 68.53 -30.39 -54.39
N GLU F 22 67.62 -31.35 -54.28
CA GLU F 22 67.55 -32.22 -53.11
C GLU F 22 68.44 -33.44 -53.25
N THR F 23 68.86 -33.73 -54.47
CA THR F 23 69.73 -34.86 -54.76
C THR F 23 71.15 -34.59 -54.26
N TYR F 24 71.51 -33.31 -54.24
CA TYR F 24 72.85 -32.89 -53.86
C TYR F 24 72.89 -32.63 -52.36
N PRO F 25 73.59 -33.49 -51.62
CA PRO F 25 73.67 -33.36 -50.16
C PRO F 25 74.60 -32.23 -49.76
N LEU F 26 74.29 -31.58 -48.65
CA LEU F 26 75.08 -30.47 -48.14
C LEU F 26 76.43 -30.95 -47.63
N SER F 27 76.51 -32.24 -47.32
CA SER F 27 77.74 -32.81 -46.79
C SER F 27 78.82 -32.91 -47.87
N SER F 28 78.46 -32.56 -49.11
CA SER F 28 79.33 -32.74 -50.27
C SER F 28 80.68 -32.03 -50.17
N VAL F 29 80.72 -30.95 -49.39
CA VAL F 29 81.98 -30.23 -49.18
C VAL F 29 82.39 -30.32 -47.73
N GLY F 30 83.44 -31.09 -47.48
CA GLY F 30 83.89 -31.38 -46.14
C GLY F 30 84.58 -30.21 -45.46
N MET F 31 84.48 -30.18 -44.13
CA MET F 31 85.19 -29.19 -43.36
C MET F 31 86.69 -29.41 -43.43
N PRO F 32 87.46 -28.32 -43.40
CA PRO F 32 88.92 -28.39 -43.36
C PRO F 32 89.38 -28.91 -42.00
N TYR F 33 90.68 -28.95 -41.77
CA TYR F 33 91.16 -29.44 -40.49
C TYR F 33 91.09 -28.24 -39.56
N TYR F 34 90.51 -28.43 -38.39
CA TYR F 34 90.34 -27.30 -37.48
C TYR F 34 90.87 -27.51 -36.07
N LEU F 35 91.72 -26.57 -35.64
CA LEU F 35 92.32 -26.61 -34.31
C LEU F 35 91.60 -25.68 -33.34
N ASP F 36 90.62 -24.93 -33.83
CA ASP F 36 89.99 -23.88 -33.02
C ASP F 36 88.47 -23.93 -33.06
N LYS F 37 87.85 -23.26 -32.07
CA LYS F 37 86.40 -23.25 -31.91
C LYS F 37 85.69 -22.74 -33.16
N LEU F 38 84.67 -23.45 -33.59
CA LEU F 38 83.93 -23.10 -34.81
C LEU F 38 83.10 -21.85 -34.62
N LEU F 39 82.86 -21.14 -35.72
CA LEU F 39 81.98 -19.97 -35.71
C LEU F 39 80.54 -20.41 -35.50
N SER F 40 80.17 -21.50 -36.17
CA SER F 40 78.81 -22.02 -36.12
C SER F 40 78.38 -22.47 -34.73
N ALA F 41 79.36 -22.67 -33.86
CA ALA F 41 79.06 -22.98 -32.47
C ALA F 41 78.24 -21.86 -31.87
N TRP F 42 77.21 -22.23 -31.11
CA TRP F 42 76.28 -21.25 -30.59
C TRP F 42 76.45 -21.03 -29.10
N PRO F 43 76.63 -19.77 -28.71
CA PRO F 43 76.79 -19.31 -27.33
C PRO F 43 75.54 -19.63 -26.52
N PRO F 44 75.67 -19.76 -25.20
CA PRO F 44 74.49 -20.09 -24.39
C PRO F 44 73.44 -18.99 -24.46
N VAL F 45 72.21 -19.38 -24.77
CA VAL F 45 71.09 -18.45 -24.89
C VAL F 45 69.80 -19.11 -24.42
N VAL F 46 68.94 -18.32 -23.77
CA VAL F 46 67.69 -18.82 -23.21
C VAL F 46 66.59 -19.15 -24.22
N PHE F 47 66.43 -18.35 -25.27
CA PHE F 47 65.39 -18.56 -26.27
C PHE F 47 64.01 -18.68 -25.64
N LYS F 48 63.45 -17.54 -25.22
CA LYS F 48 62.21 -17.52 -24.45
C LYS F 48 60.95 -17.30 -25.29
N SER F 49 61.12 -17.26 -26.62
CA SER F 49 60.07 -16.79 -27.52
C SER F 49 58.94 -17.77 -27.82
N GLU F 50 59.24 -19.06 -27.81
CA GLU F 50 58.28 -20.06 -28.29
C GLU F 50 57.06 -20.17 -27.38
N GLY F 51 55.91 -20.50 -27.99
CA GLY F 51 54.65 -20.62 -27.30
C GLY F 51 54.07 -19.31 -26.77
N THR F 52 54.49 -18.20 -27.35
CA THR F 52 53.89 -16.90 -27.06
C THR F 52 52.53 -16.79 -27.73
N ILE F 53 51.51 -16.35 -26.97
CA ILE F 53 50.17 -16.24 -27.52
C ILE F 53 49.96 -14.90 -28.23
N PRO F 54 49.75 -14.96 -29.55
CA PRO F 54 49.60 -13.79 -30.42
C PRO F 54 48.42 -12.91 -30.02
N GLN F 55 47.38 -13.55 -29.49
CA GLN F 55 46.13 -12.89 -29.10
C GLN F 55 45.44 -12.28 -30.32
N SER F 76 47.66 9.60 -44.78
CA SER F 76 48.76 9.74 -45.73
C SER F 76 49.74 8.59 -45.59
N SER F 77 50.64 8.45 -46.56
CA SER F 77 51.62 7.37 -46.50
C SER F 77 52.87 7.61 -47.36
N GLN F 78 53.91 6.83 -47.07
CA GLN F 78 55.16 6.83 -47.84
C GLN F 78 55.92 8.14 -47.97
N ASN F 79 56.28 8.77 -46.86
CA ASN F 79 57.10 9.99 -46.93
C ASN F 79 58.54 9.53 -47.15
N GLU F 80 59.12 9.90 -48.29
CA GLU F 80 60.45 9.42 -48.72
C GLU F 80 60.45 7.91 -48.98
N LYS F 81 59.33 7.28 -48.66
CA LYS F 81 59.11 5.85 -48.84
C LYS F 81 58.43 5.67 -50.18
N LEU F 82 58.46 6.74 -50.98
CA LEU F 82 57.57 6.95 -52.11
C LEU F 82 57.74 5.91 -53.21
N SER F 83 58.66 4.97 -53.03
CA SER F 83 58.71 3.85 -53.95
C SER F 83 57.71 2.86 -53.42
N THR F 84 56.62 2.71 -54.18
CA THR F 84 55.44 2.01 -53.69
C THR F 84 54.79 1.17 -54.76
N GLN F 85 54.66 -0.12 -54.47
CA GLN F 85 53.86 -1.01 -55.30
C GLN F 85 52.40 -0.88 -54.89
N GLU F 86 51.59 -1.82 -55.33
CA GLU F 86 50.17 -1.83 -55.00
C GLU F 86 49.96 -2.05 -53.48
N PHE F 87 50.92 -2.73 -52.86
CA PHE F 87 50.79 -3.27 -51.49
C PHE F 87 50.74 -2.36 -50.23
N PRO F 88 51.55 -1.28 -50.17
CA PRO F 88 51.65 -0.57 -48.89
C PRO F 88 50.35 0.01 -48.33
N LEU F 89 50.24 -0.04 -47.01
CA LEU F 89 49.15 0.60 -46.27
C LEU F 89 49.69 1.50 -45.17
N LEU F 90 48.82 2.37 -44.64
CA LEU F 90 49.27 3.53 -43.88
C LEU F 90 49.57 3.29 -42.40
N ARG F 91 48.53 2.97 -41.62
CA ARG F 91 48.53 3.11 -40.16
C ARG F 91 49.65 2.39 -39.41
N TYR F 92 50.16 3.02 -38.35
CA TYR F 92 51.28 2.44 -37.61
C TYR F 92 51.45 2.96 -36.15
N ASP F 93 52.66 2.84 -35.63
CA ASP F 93 53.04 2.28 -34.33
C ASP F 93 52.28 2.54 -33.03
N ARG F 94 52.10 3.79 -32.58
CA ARG F 94 51.78 4.02 -31.15
C ARG F 94 50.61 3.15 -30.71
N THR F 95 49.62 3.03 -31.58
CA THR F 95 48.47 2.14 -31.40
C THR F 95 48.86 0.67 -31.51
N LYS F 96 49.59 0.31 -32.57
CA LYS F 96 49.95 -1.09 -32.85
C LYS F 96 51.45 -1.35 -32.89
N TYR F 97 51.94 -2.26 -32.03
CA TYR F 97 53.36 -2.62 -32.01
C TYR F 97 54.19 -1.37 -31.76
N GLY F 98 55.11 -1.09 -32.68
CA GLY F 98 55.96 0.08 -32.56
C GLY F 98 57.44 -0.06 -32.28
N MET F 99 57.89 -1.26 -31.95
CA MET F 99 59.30 -1.44 -31.66
C MET F 99 60.10 -1.96 -32.86
N ARG F 100 59.45 -2.04 -34.03
CA ARG F 100 60.12 -2.48 -35.26
C ARG F 100 60.67 -3.92 -35.13
N ASN F 101 59.80 -4.88 -35.38
CA ASN F 101 60.14 -6.32 -35.41
C ASN F 101 60.44 -6.94 -34.06
N ALA F 102 60.19 -6.20 -32.98
CA ALA F 102 60.44 -6.77 -31.67
C ALA F 102 59.56 -7.99 -31.43
N ILE F 103 60.12 -9.00 -30.79
CA ILE F 103 59.37 -10.17 -30.41
C ILE F 103 58.57 -9.85 -29.15
N PRO F 104 57.29 -10.24 -29.13
CA PRO F 104 56.48 -9.94 -27.95
C PRO F 104 56.94 -10.75 -26.76
N ASP F 105 56.91 -10.16 -25.58
CA ASP F 105 57.32 -10.86 -24.38
C ASP F 105 56.39 -12.05 -24.15
N TYR F 106 56.87 -13.04 -23.41
CA TYR F 106 56.12 -14.29 -23.28
C TYR F 106 55.52 -14.47 -21.89
N VAL F 107 54.22 -14.71 -21.88
CA VAL F 107 53.48 -14.97 -20.65
C VAL F 107 52.77 -16.32 -20.72
N CYS F 108 52.86 -17.10 -19.65
CA CYS F 108 52.25 -18.42 -19.61
C CYS F 108 50.93 -18.39 -18.84
N LEU F 109 49.85 -18.79 -19.52
CA LEU F 109 48.50 -18.71 -18.96
C LEU F 109 48.34 -19.53 -17.70
N ARG F 110 48.87 -20.74 -17.71
CA ARG F 110 48.85 -21.61 -16.54
C ARG F 110 49.58 -20.91 -15.39
N ASP F 111 50.73 -20.34 -15.72
CA ASP F 111 51.49 -19.55 -14.75
C ASP F 111 50.75 -18.26 -14.43
N ILE F 112 49.98 -17.77 -15.39
CA ILE F 112 49.22 -16.53 -15.24
C ILE F 112 48.13 -16.65 -14.18
N ARG F 113 47.51 -17.83 -14.07
CA ARG F 113 46.42 -17.99 -13.10
C ARG F 113 46.94 -17.75 -11.69
N LYS F 114 48.05 -18.43 -11.35
CA LYS F 114 48.83 -18.14 -10.15
C LYS F 114 48.04 -17.77 -8.88
N GLN F 115 47.20 -18.66 -8.38
CA GLN F 115 46.42 -18.32 -7.20
C GLN F 115 47.33 -18.03 -6.01
N ILE F 116 47.12 -16.88 -5.37
CA ILE F 116 47.83 -16.53 -4.15
C ILE F 116 47.15 -17.13 -2.93
N THR F 117 45.81 -17.11 -2.94
CA THR F 117 44.99 -17.37 -1.76
C THR F 117 45.42 -16.46 -0.63
N SER F 118 45.68 -17.02 0.54
CA SER F 118 46.34 -16.28 1.61
C SER F 118 47.54 -17.07 2.12
N GLY F 119 48.75 -16.57 1.85
CA GLY F 119 49.96 -17.21 2.32
C GLY F 119 50.67 -16.39 3.38
N LEU F 120 51.97 -16.64 3.52
CA LEU F 120 52.84 -15.75 4.28
C LEU F 120 53.09 -14.52 3.41
N GLU F 121 52.79 -14.69 2.12
CA GLU F 121 52.78 -13.60 1.15
C GLU F 121 51.89 -12.48 1.67
N THR F 122 50.75 -12.88 2.24
CA THR F 122 49.80 -11.98 2.88
C THR F 122 50.45 -11.14 3.96
N SER F 123 51.37 -11.74 4.71
CA SER F 123 51.95 -11.07 5.87
C SER F 123 53.10 -10.15 5.47
N ASP F 124 53.78 -10.48 4.38
CA ASP F 124 54.85 -9.65 3.86
C ASP F 124 54.39 -8.74 2.72
N ILE F 125 53.09 -8.76 2.42
CA ILE F 125 52.57 -8.12 1.20
C ILE F 125 52.79 -6.61 1.15
N GLN F 126 53.04 -5.99 2.30
CA GLN F 126 53.19 -4.55 2.35
C GLN F 126 54.63 -4.11 2.13
N THR F 127 55.50 -5.04 1.78
CA THR F 127 56.91 -4.71 1.57
C THR F 127 57.16 -4.27 0.14
N TYR F 128 57.50 -2.99 0.00
CA TYR F 128 57.71 -2.39 -1.31
C TYR F 128 59.15 -2.47 -1.81
N THR F 129 60.07 -2.83 -0.92
CA THR F 129 61.49 -2.89 -1.28
C THR F 129 62.05 -4.31 -1.26
N SER F 130 62.85 -4.62 -2.27
CA SER F 130 63.56 -5.89 -2.32
C SER F 130 65.04 -5.62 -2.56
N ILE F 131 65.91 -6.38 -1.90
CA ILE F 131 67.34 -6.15 -2.01
C ILE F 131 67.81 -6.36 -3.45
N ASN F 132 67.21 -7.34 -4.12
CA ASN F 132 67.51 -7.55 -5.53
C ASN F 132 66.77 -6.49 -6.36
N LYS F 133 67.48 -5.90 -7.31
CA LYS F 133 66.90 -4.90 -8.20
C LYS F 133 65.87 -5.52 -9.14
N TYR F 134 66.18 -6.68 -9.67
CA TYR F 134 65.38 -7.31 -10.71
C TYR F 134 64.07 -7.89 -10.18
N GLU F 135 64.08 -8.34 -8.93
CA GLU F 135 62.89 -8.94 -8.34
C GLU F 135 61.80 -7.91 -8.14
N VAL F 136 60.57 -8.27 -8.49
CA VAL F 136 59.43 -7.39 -8.27
C VAL F 136 58.84 -7.65 -6.89
N PRO F 137 58.85 -6.62 -6.03
CA PRO F 137 58.41 -6.72 -4.63
C PRO F 137 56.98 -7.20 -4.49
N PRO F 138 56.63 -7.78 -3.34
CA PRO F 138 55.31 -8.37 -3.10
C PRO F 138 54.17 -7.36 -3.28
N ALA F 139 54.38 -6.13 -2.83
CA ALA F 139 53.37 -5.09 -2.93
C ALA F 139 52.95 -4.86 -4.38
N TYR F 140 53.92 -4.93 -5.27
CA TYR F 140 53.69 -4.70 -6.70
C TYR F 140 53.08 -5.91 -7.39
N SER F 141 53.16 -7.06 -6.74
CA SER F 141 52.67 -8.31 -7.32
C SER F 141 51.16 -8.28 -7.50
N ARG F 142 50.67 -9.06 -8.45
CA ARG F 142 49.24 -9.12 -8.74
C ARG F 142 48.47 -9.64 -7.53
N LEU F 143 47.42 -8.92 -7.14
CA LEU F 143 46.63 -9.29 -5.99
C LEU F 143 45.51 -10.22 -6.43
N PRO F 144 45.09 -11.12 -5.53
CA PRO F 144 44.02 -12.07 -5.88
C PRO F 144 42.68 -11.40 -6.14
N LEU F 145 41.87 -12.05 -6.96
CA LEU F 145 40.52 -11.60 -7.28
C LEU F 145 39.65 -11.70 -6.03
N THR F 146 38.51 -11.01 -6.04
CA THR F 146 37.62 -10.99 -4.89
C THR F 146 36.37 -11.79 -5.19
N SER F 147 35.45 -11.82 -4.23
CA SER F 147 34.15 -12.46 -4.36
C SER F 147 34.22 -13.99 -4.48
N GLY F 148 35.29 -14.60 -4.00
CA GLY F 148 35.21 -16.02 -3.69
C GLY F 148 34.68 -16.19 -2.28
N ARG F 149 33.75 -17.13 -2.10
CA ARG F 149 33.25 -17.53 -0.79
C ARG F 149 32.99 -16.35 0.17
N PHE F 150 32.48 -15.25 -0.34
CA PHE F 150 32.40 -14.03 0.47
C PHE F 150 31.06 -13.31 0.35
N GLY F 151 30.80 -12.40 1.30
CA GLY F 151 29.58 -11.64 1.32
C GLY F 151 29.81 -10.18 0.99
N ASP F 153 31.58 -8.85 7.61
CA ASP F 153 32.32 -8.50 6.40
C ASP F 153 32.61 -9.74 5.55
N ASN F 154 33.11 -10.77 6.23
CA ASN F 154 33.45 -12.08 5.65
C ASN F 154 34.71 -12.02 4.79
N PHE F 155 35.10 -10.81 4.38
CA PHE F 155 36.37 -10.60 3.68
C PHE F 155 37.00 -9.35 4.28
N ASP F 156 38.22 -9.49 4.74
CA ASP F 156 38.94 -8.36 5.33
C ASP F 156 40.11 -7.89 4.48
N PHE F 157 40.06 -6.64 4.05
CA PHE F 157 41.13 -6.04 3.28
C PHE F 157 42.14 -5.40 4.26
N THR F 158 42.04 -5.82 5.51
CA THR F 158 42.87 -5.29 6.58
C THR F 158 44.39 -5.44 6.36
N PRO F 159 44.87 -6.64 6.00
CA PRO F 159 46.35 -6.68 5.96
C PRO F 159 46.89 -5.85 4.79
N PHE F 160 46.03 -5.59 3.81
CA PHE F 160 46.43 -4.84 2.63
C PHE F 160 46.54 -3.35 2.90
N ASN F 161 45.66 -2.82 3.76
CA ASN F 161 45.68 -1.39 3.99
C ASN F 161 45.65 -0.98 5.46
N ASN F 162 46.74 -0.38 5.93
CA ASN F 162 46.75 0.22 7.26
C ASN F 162 46.55 1.74 7.16
N THR F 163 46.51 2.25 5.93
CA THR F 163 46.39 3.68 5.70
C THR F 163 44.94 4.15 5.84
N GLU F 164 44.74 5.46 5.73
CA GLU F 164 43.42 6.06 5.86
C GLU F 164 42.68 6.28 4.54
N TYR F 165 43.36 6.01 3.42
CA TYR F 165 42.83 6.34 2.10
C TYR F 165 42.40 5.10 1.32
N SER F 166 41.22 5.18 0.69
CA SER F 166 40.58 4.03 0.07
C SER F 166 41.32 3.49 -1.16
N GLY F 167 41.23 2.18 -1.34
CA GLY F 167 41.72 1.51 -2.53
C GLY F 167 40.55 1.13 -3.42
N LEU F 168 40.84 0.67 -4.63
CA LEU F 168 39.78 0.32 -5.57
C LEU F 168 39.69 -1.18 -5.80
N ASP F 169 38.47 -1.66 -6.06
CA ASP F 169 38.25 -3.08 -6.31
C ASP F 169 38.78 -3.49 -7.68
N PRO F 170 39.51 -4.60 -7.73
CA PRO F 170 40.11 -5.09 -8.97
C PRO F 170 39.10 -5.66 -9.96
N ASP F 171 37.87 -5.91 -9.53
CA ASP F 171 36.94 -6.51 -10.47
C ASP F 171 36.05 -5.44 -11.07
N VAL F 172 36.40 -5.08 -12.31
CA VAL F 172 35.65 -4.17 -13.17
C VAL F 172 35.99 -4.55 -14.60
N ASP F 173 35.39 -3.87 -15.57
CA ASP F 173 35.65 -4.16 -16.97
C ASP F 173 37.08 -3.83 -17.40
N ASN F 174 37.60 -2.70 -16.94
CA ASN F 174 39.00 -2.32 -17.18
C ASN F 174 39.77 -1.92 -15.94
N HIS F 175 40.78 -2.70 -15.56
CA HIS F 175 41.45 -2.51 -14.28
C HIS F 175 42.33 -1.28 -14.27
N TYR F 176 42.94 -0.99 -15.43
CA TYR F 176 43.91 0.09 -15.54
C TYR F 176 43.32 1.45 -15.19
N THR F 177 42.05 1.63 -15.51
CA THR F 177 41.35 2.89 -15.25
C THR F 177 41.44 3.30 -13.78
N ASN F 178 41.36 2.30 -12.90
CA ASN F 178 41.45 2.50 -11.46
C ASN F 178 42.66 3.34 -11.07
N ALA F 179 43.81 2.98 -11.63
CA ALA F 179 45.06 3.68 -11.34
C ALA F 179 44.93 5.17 -11.63
N ILE F 180 44.43 5.49 -12.83
CA ILE F 180 44.26 6.87 -13.25
C ILE F 180 43.29 7.61 -12.33
N ILE F 181 42.15 6.99 -12.04
CA ILE F 181 41.15 7.63 -11.20
C ILE F 181 41.77 7.97 -9.84
N GLN F 182 42.40 6.97 -9.25
CA GLN F 182 43.04 7.09 -7.95
C GLN F 182 44.05 8.24 -7.99
N LEU F 183 44.76 8.35 -9.11
CA LEU F 183 45.71 9.43 -9.31
C LEU F 183 44.99 10.77 -9.22
N TYR F 184 43.97 10.93 -10.06
CA TYR F 184 43.26 12.19 -10.21
C TYR F 184 42.55 12.64 -8.94
N ARG F 185 42.19 11.70 -8.07
CA ARG F 185 41.47 12.04 -6.85
C ARG F 185 42.24 13.00 -5.95
N PHE F 186 43.56 12.88 -5.93
CA PHE F 186 44.38 13.68 -5.03
C PHE F 186 44.75 15.06 -5.57
N ILE F 187 44.39 15.34 -6.82
CA ILE F 187 44.55 16.70 -7.33
C ILE F 187 43.45 17.60 -6.77
N PRO F 188 43.84 18.57 -5.93
CA PRO F 188 42.90 19.40 -5.15
C PRO F 188 41.84 20.09 -6.02
N GLU F 189 42.27 20.72 -7.10
CA GLU F 189 41.33 21.39 -8.02
C GLU F 189 40.32 20.43 -8.57
N MET F 190 40.83 19.34 -9.15
CA MET F 190 40.00 18.33 -9.78
C MET F 190 38.97 17.77 -8.80
N PHE F 191 39.45 17.26 -7.67
CA PHE F 191 38.58 16.67 -6.67
C PHE F 191 37.55 17.66 -6.16
N ASN F 192 38.03 18.78 -5.64
CA ASN F 192 37.13 19.76 -5.05
C ASN F 192 36.08 20.24 -6.04
N PHE F 193 36.47 20.41 -7.31
CA PHE F 193 35.48 20.77 -8.31
C PHE F 193 34.46 19.67 -8.56
N VAL F 194 34.93 18.47 -8.89
CA VAL F 194 34.01 17.41 -9.30
C VAL F 194 33.06 17.05 -8.16
N VAL F 195 33.61 16.91 -6.96
CA VAL F 195 32.78 16.67 -5.78
C VAL F 195 31.86 17.87 -5.51
N GLY F 196 32.36 19.06 -5.81
CA GLY F 196 31.59 20.28 -5.63
C GLY F 196 30.36 20.42 -6.50
N CYS F 197 30.50 20.13 -7.79
CA CYS F 197 29.42 20.30 -8.76
C CYS F 197 28.31 19.28 -8.56
N LEU F 198 28.58 18.30 -7.70
CA LEU F 198 27.57 17.31 -7.33
C LEU F 198 26.42 17.96 -6.56
N LYS F 199 26.70 19.11 -5.93
CA LYS F 199 25.69 19.82 -5.13
C LYS F 199 24.43 20.11 -5.96
N ASP F 200 24.60 20.38 -7.25
CA ASP F 200 23.46 20.64 -8.11
C ASP F 200 23.04 19.35 -8.81
N GLU F 201 21.94 19.40 -9.54
CA GLU F 201 21.42 18.22 -10.22
C GLU F 201 22.41 17.66 -11.24
N ASN F 202 22.57 18.40 -12.34
CA ASN F 202 23.52 18.07 -13.40
C ASN F 202 23.38 16.63 -13.90
N PHE F 203 22.15 16.14 -13.99
CA PHE F 203 21.91 14.74 -14.35
C PHE F 203 22.32 14.43 -15.79
N GLU F 204 22.35 15.45 -16.62
CA GLU F 204 22.64 15.29 -18.04
C GLU F 204 24.08 14.85 -18.31
N THR F 205 24.99 15.25 -17.43
CA THR F 205 26.40 14.90 -17.59
C THR F 205 26.73 13.63 -16.82
N THR F 206 26.96 12.55 -17.56
CA THR F 206 27.18 11.24 -16.95
C THR F 206 28.52 11.12 -16.24
N LEU F 207 29.60 11.37 -16.98
CA LEU F 207 30.95 11.12 -16.45
C LEU F 207 31.28 12.00 -15.27
N LEU F 208 31.04 13.30 -15.38
CA LEU F 208 31.36 14.23 -14.30
C LEU F 208 30.64 13.83 -13.02
N THR F 209 29.36 13.52 -13.13
CA THR F 209 28.56 13.12 -11.97
C THR F 209 29.03 11.80 -11.37
N ASP F 210 29.13 10.76 -12.18
CA ASP F 210 29.54 9.45 -11.68
C ASP F 210 30.92 9.50 -11.05
N LEU F 211 31.85 10.19 -11.72
CA LEU F 211 33.18 10.40 -11.19
C LEU F 211 33.13 11.18 -9.89
N GLY F 212 32.16 12.09 -9.79
CA GLY F 212 31.92 12.83 -8.57
C GLY F 212 31.53 11.91 -7.43
N TYR F 213 30.64 10.97 -7.75
CA TYR F 213 30.19 9.98 -6.80
C TYR F 213 31.35 9.12 -6.34
N LEU F 214 32.19 8.73 -7.29
CA LEU F 214 33.33 7.87 -7.02
C LEU F 214 34.32 8.59 -6.09
N PHE F 215 34.67 9.83 -6.42
CA PHE F 215 35.58 10.62 -5.58
C PHE F 215 34.99 10.82 -4.20
N ASP F 216 33.71 11.15 -4.16
CA ASP F 216 33.02 11.37 -2.89
C ASP F 216 33.05 10.12 -2.04
N MET F 217 32.97 8.96 -2.68
CA MET F 217 33.05 7.68 -1.99
C MET F 217 34.43 7.48 -1.40
N MET F 218 35.44 7.57 -2.26
CA MET F 218 36.81 7.31 -1.83
C MET F 218 37.23 8.26 -0.73
N GLU F 219 36.72 9.50 -0.74
CA GLU F 219 36.99 10.41 0.35
C GLU F 219 36.23 9.97 1.59
N ARG F 220 34.91 9.82 1.44
CA ARG F 220 34.02 9.47 2.56
C ARG F 220 34.27 8.08 3.09
N SER F 221 34.34 7.08 2.21
CA SER F 221 34.61 5.74 2.70
C SER F 221 36.09 5.80 2.72
N HIS F 222 36.65 5.87 3.92
CA HIS F 222 38.08 6.09 4.08
C HIS F 222 38.96 4.86 3.84
N GLY F 223 38.64 3.75 4.49
CA GLY F 223 39.50 2.58 4.44
C GLY F 223 38.93 1.38 3.69
N LYS F 224 37.65 1.47 3.33
CA LYS F 224 37.00 0.39 2.60
C LYS F 224 37.27 0.44 1.11
N ILE F 225 37.25 -0.72 0.46
CA ILE F 225 37.38 -0.75 -0.98
C ILE F 225 36.12 -0.15 -1.60
N CYS F 226 36.27 0.41 -2.79
CA CYS F 226 35.15 0.99 -3.51
C CYS F 226 35.22 0.57 -4.96
N SER F 227 34.06 0.47 -5.61
CA SER F 227 34.04 0.01 -6.99
C SER F 227 33.68 1.12 -7.97
N SER F 228 34.25 1.03 -9.16
CA SER F 228 34.03 1.99 -10.22
C SER F 228 32.92 1.54 -11.17
N SER F 229 32.25 0.46 -10.78
CA SER F 229 31.34 -0.28 -11.66
C SER F 229 30.35 0.63 -12.39
N ASN F 230 29.65 1.48 -11.66
CA ASN F 230 28.71 2.40 -12.29
C ASN F 230 29.40 3.35 -13.26
N PHE F 231 30.57 3.84 -12.87
CA PHE F 231 31.39 4.69 -13.73
C PHE F 231 31.70 3.97 -15.03
N GLN F 232 32.27 2.77 -14.91
CA GLN F 232 32.63 1.96 -16.07
C GLN F 232 31.42 1.72 -16.97
N ALA F 233 30.28 1.45 -16.35
CA ALA F 233 29.03 1.25 -17.09
C ALA F 233 28.67 2.49 -17.89
N SER F 234 28.74 3.65 -17.25
CA SER F 234 28.41 4.91 -17.90
C SER F 234 29.34 5.18 -19.08
N LEU F 235 30.63 4.95 -18.87
CA LEU F 235 31.62 5.15 -19.91
C LEU F 235 31.36 4.23 -21.10
N LYS F 236 31.13 2.96 -20.81
CA LYS F 236 30.86 1.96 -21.83
C LYS F 236 29.59 2.28 -22.61
N SER F 237 28.60 2.80 -21.90
CA SER F 237 27.35 3.21 -22.54
C SER F 237 27.63 4.42 -23.43
N LEU F 238 28.56 5.26 -22.99
CA LEU F 238 28.90 6.47 -23.71
C LEU F 238 29.60 6.10 -25.02
N THR F 239 30.39 5.03 -24.97
CA THR F 239 31.18 4.59 -26.12
C THR F 239 30.32 3.95 -27.22
N ASP F 240 29.03 3.78 -26.94
CA ASP F 240 28.11 3.14 -27.88
C ASP F 240 28.05 3.87 -29.21
N LYS F 241 28.12 5.21 -29.16
CA LYS F 241 28.08 6.04 -30.35
C LYS F 241 29.11 5.62 -31.40
N LEU F 257 34.82 14.53 -31.66
CA LEU F 257 36.13 14.33 -32.28
C LEU F 257 37.02 13.48 -31.40
N GLU F 258 36.91 13.66 -30.09
CA GLU F 258 37.68 12.90 -29.12
C GLU F 258 37.20 11.45 -28.98
N SER F 259 35.89 11.25 -29.08
CA SER F 259 35.32 9.91 -29.00
C SER F 259 35.84 9.07 -30.16
N LEU F 260 35.98 9.70 -31.31
CA LEU F 260 36.55 9.07 -32.49
C LEU F 260 38.01 8.70 -32.23
N CYS F 261 38.72 9.59 -31.54
CA CYS F 261 40.10 9.34 -31.15
C CYS F 261 40.22 8.07 -30.30
N ILE F 262 39.58 8.06 -29.13
CA ILE F 262 39.70 6.91 -28.23
C ILE F 262 39.14 5.63 -28.85
N ARG F 263 38.07 5.75 -29.65
CA ARG F 263 37.52 4.58 -30.31
C ARG F 263 38.48 4.02 -31.33
N GLU F 264 39.20 4.91 -32.02
CA GLU F 264 40.21 4.50 -32.98
C GLU F 264 41.39 3.84 -32.28
N SER F 265 41.68 4.31 -31.08
CA SER F 265 42.79 3.77 -30.30
C SER F 265 42.50 2.34 -29.83
N ILE F 266 41.32 2.13 -29.26
CA ILE F 266 40.93 0.82 -28.74
C ILE F 266 40.61 -0.16 -29.87
N GLU F 267 40.84 -1.44 -29.63
CA GLU F 267 40.53 -2.48 -30.59
C GLU F 267 39.73 -3.60 -29.93
N ASN F 270 36.08 -7.68 -26.11
CA ASN F 270 35.97 -9.01 -26.68
C ASN F 270 36.62 -10.05 -25.77
N SER F 271 37.82 -10.48 -26.15
CA SER F 271 38.61 -11.41 -25.34
C SER F 271 39.12 -10.73 -24.08
N SER F 272 39.55 -11.53 -23.10
CA SER F 272 39.93 -11.04 -21.78
C SER F 272 40.94 -9.89 -21.85
N GLU F 273 40.72 -8.88 -20.99
CA GLU F 273 41.43 -7.62 -21.08
C GLU F 273 42.92 -7.66 -20.72
N SER F 274 43.71 -7.04 -21.59
CA SER F 274 45.15 -6.96 -21.47
C SER F 274 45.51 -5.55 -21.93
N ILE F 275 46.33 -4.84 -21.16
CA ILE F 275 46.59 -3.43 -21.43
C ILE F 275 47.15 -3.21 -22.84
N LYS F 276 47.84 -4.22 -23.37
CA LYS F 276 48.30 -4.23 -24.75
C LYS F 276 49.19 -3.03 -25.11
N ARG F 277 48.69 -2.21 -26.02
CA ARG F 277 49.38 -1.02 -26.49
C ARG F 277 49.29 0.03 -25.40
N ASN F 278 49.61 1.29 -25.68
CA ASN F 278 49.45 2.21 -24.57
C ASN F 278 48.07 2.84 -24.64
N MET F 279 47.16 2.18 -23.93
CA MET F 279 45.78 2.59 -23.77
C MET F 279 45.64 3.81 -22.84
N PRO F 280 46.26 3.74 -21.64
CA PRO F 280 46.06 4.80 -20.64
C PRO F 280 46.42 6.17 -21.19
N GLN F 281 47.42 6.24 -22.06
CA GLN F 281 47.76 7.48 -22.71
C GLN F 281 46.51 8.06 -23.37
N LYS F 282 45.84 7.25 -24.19
CA LYS F 282 44.61 7.65 -24.87
C LYS F 282 43.45 7.97 -23.92
N PHE F 283 43.25 7.07 -22.96
CA PHE F 283 42.16 7.20 -22.00
C PHE F 283 42.26 8.48 -21.20
N ASN F 284 43.47 8.84 -20.79
CA ASN F 284 43.69 10.06 -20.02
C ASN F 284 43.13 11.24 -20.79
N ARG F 285 43.58 11.37 -22.03
CA ARG F 285 43.15 12.44 -22.94
C ARG F 285 41.64 12.45 -23.08
N PHE F 286 41.07 11.29 -23.41
CA PHE F 286 39.63 11.18 -23.59
C PHE F 286 38.86 11.64 -22.37
N LEU F 287 39.27 11.15 -21.21
CA LEU F 287 38.63 11.47 -19.94
C LEU F 287 38.66 12.98 -19.71
N LEU F 288 39.85 13.55 -19.78
CA LEU F 288 40.03 14.96 -19.49
C LEU F 288 39.15 15.81 -20.44
N SER F 289 39.35 15.62 -21.74
CA SER F 289 38.64 16.39 -22.75
C SER F 289 37.12 16.26 -22.59
N GLN F 290 36.65 15.03 -22.43
CA GLN F 290 35.22 14.77 -22.24
C GLN F 290 34.71 15.49 -21.01
N LEU F 291 35.49 15.43 -19.94
CA LEU F 291 35.11 16.04 -18.68
C LEU F 291 34.95 17.55 -18.83
N ILE F 292 35.85 18.17 -19.58
CA ILE F 292 35.71 19.61 -19.84
C ILE F 292 34.46 19.88 -20.69
N LYS F 293 34.30 19.07 -21.73
CA LYS F 293 33.15 19.17 -22.63
C LYS F 293 31.84 19.10 -21.85
N GLU F 294 31.81 18.25 -20.84
CA GLU F 294 30.62 18.07 -20.01
C GLU F 294 30.49 19.18 -18.95
N GLU F 295 31.62 19.67 -18.45
CA GLU F 295 31.57 20.72 -17.44
C GLU F 295 31.06 22.01 -18.09
N ALA F 296 31.14 22.07 -19.41
CA ALA F 296 30.53 23.18 -20.13
C ALA F 296 29.01 23.15 -19.97
N GLN F 297 28.42 21.96 -20.12
CA GLN F 297 26.97 21.80 -20.12
C GLN F 297 26.31 21.94 -18.76
N THR F 298 27.09 21.92 -17.69
CA THR F 298 26.53 22.03 -16.35
C THR F 298 25.91 23.41 -16.14
N VAL F 299 25.02 23.52 -15.15
CA VAL F 299 24.22 24.73 -14.94
C VAL F 299 25.00 26.02 -14.76
N ASN F 300 26.04 26.00 -13.93
CA ASN F 300 26.79 27.22 -13.62
C ASN F 300 27.75 27.66 -14.73
N HIS F 301 28.04 26.76 -15.65
CA HIS F 301 29.00 27.01 -16.74
C HIS F 301 30.39 27.38 -16.23
N ASN F 302 30.85 26.69 -15.18
CA ASN F 302 32.08 27.07 -14.48
C ASN F 302 33.35 27.04 -15.33
N ILE F 303 33.45 26.01 -16.17
CA ILE F 303 34.57 25.76 -17.10
C ILE F 303 35.96 25.99 -16.46
N THR F 304 36.08 25.70 -15.17
CA THR F 304 37.33 25.88 -14.45
C THR F 304 38.44 24.94 -14.92
N LEU F 305 38.08 23.70 -15.27
CA LEU F 305 39.05 22.71 -15.74
C LEU F 305 39.78 23.20 -16.99
N ASN F 306 39.03 23.84 -17.87
CA ASN F 306 39.57 24.38 -19.11
C ASN F 306 40.71 25.36 -18.81
N GLN F 307 40.58 26.10 -17.72
CA GLN F 307 41.66 26.98 -17.26
C GLN F 307 42.77 26.18 -16.54
N CYS F 308 42.37 25.19 -15.74
CA CYS F 308 43.30 24.50 -14.85
C CYS F 308 44.21 23.53 -15.59
N PHE F 309 43.61 22.71 -16.46
CA PHE F 309 44.36 21.73 -17.24
C PHE F 309 44.68 22.27 -18.62
N GLY F 310 44.16 23.46 -18.91
CA GLY F 310 44.22 24.02 -20.25
C GLY F 310 45.58 24.42 -20.75
N LEU F 311 45.87 24.00 -21.99
CA LEU F 311 47.06 24.43 -22.68
C LEU F 311 46.69 25.06 -24.00
N GLU F 312 47.05 26.34 -24.16
CA GLU F 312 46.79 27.01 -25.42
C GLU F 312 47.86 26.53 -26.38
N THR F 313 47.44 25.86 -27.45
CA THR F 313 48.40 25.30 -28.39
C THR F 313 48.35 26.06 -29.70
N GLU F 314 49.48 26.68 -30.02
CA GLU F 314 49.59 27.48 -31.23
C GLU F 314 50.40 26.71 -32.26
N ILE F 315 49.73 26.31 -33.34
CA ILE F 315 50.38 25.54 -34.38
C ILE F 315 50.47 26.34 -35.66
N ARG F 316 51.70 26.50 -36.15
CA ARG F 316 51.91 27.24 -37.39
C ARG F 316 52.40 26.27 -38.47
N THR F 317 51.71 26.23 -39.60
CA THR F 317 52.06 25.34 -40.68
C THR F 317 52.68 26.05 -41.87
N GLU F 318 53.81 25.55 -42.36
CA GLU F 318 54.41 26.11 -43.56
C GLU F 318 54.52 25.03 -44.64
N CYS F 319 53.98 25.41 -45.80
CA CYS F 319 53.78 24.56 -46.98
C CYS F 319 53.41 25.47 -48.14
N SER F 320 53.09 24.89 -49.30
CA SER F 320 52.68 25.70 -50.45
C SER F 320 51.20 25.54 -50.79
N CYS F 321 50.78 26.23 -51.84
CA CYS F 321 49.39 26.30 -52.32
C CYS F 321 48.46 27.09 -51.40
N ASP F 322 48.95 27.38 -50.19
CA ASP F 322 48.35 28.39 -49.31
C ASP F 322 49.48 29.02 -48.54
N HIS F 323 49.40 30.34 -48.36
CA HIS F 323 50.53 31.10 -47.80
C HIS F 323 50.90 30.58 -46.42
N TYR F 324 49.87 30.16 -45.68
CA TYR F 324 50.05 29.55 -44.36
C TYR F 324 48.71 29.12 -43.78
N ASP F 325 48.77 28.23 -42.80
CA ASP F 325 47.63 28.00 -41.91
C ASP F 325 48.12 28.08 -40.48
N THR F 326 47.37 28.78 -39.64
CA THR F 326 47.72 28.90 -38.24
C THR F 326 46.51 28.57 -37.39
N THR F 327 46.69 27.72 -36.40
CA THR F 327 45.58 27.27 -35.59
C THR F 327 45.88 27.40 -34.10
N VAL F 328 44.84 27.55 -33.30
CA VAL F 328 44.98 27.56 -31.86
C VAL F 328 43.95 26.63 -31.25
N LYS F 329 44.42 25.70 -30.42
CA LYS F 329 43.52 24.74 -29.81
C LYS F 329 43.83 24.50 -28.34
N LEU F 330 42.79 24.35 -27.53
CA LEU F 330 42.96 24.10 -26.12
C LEU F 330 43.13 22.60 -25.89
N LEU F 331 44.25 22.20 -25.29
CA LEU F 331 44.48 20.79 -25.04
C LEU F 331 44.69 20.51 -23.56
N PRO F 332 44.09 19.43 -23.05
CA PRO F 332 44.17 19.01 -21.65
C PRO F 332 45.53 18.46 -21.22
N SER F 333 46.19 17.72 -22.12
CA SER F 333 47.43 17.03 -21.77
C SER F 333 48.44 17.09 -22.91
N LEU F 334 49.73 16.97 -22.57
CA LEU F 334 50.77 17.01 -23.59
C LEU F 334 51.51 15.68 -23.74
N SER F 335 51.74 15.28 -24.99
CA SER F 335 52.43 14.04 -25.30
C SER F 335 53.91 14.31 -25.53
N ILE F 336 54.78 13.53 -24.88
CA ILE F 336 56.21 13.79 -24.89
C ILE F 336 57.01 12.92 -25.87
N SER F 337 57.97 13.53 -26.55
CA SER F 337 58.90 12.79 -27.41
C SER F 337 60.34 13.21 -27.19
N GLY F 338 61.26 12.57 -27.91
CA GLY F 338 62.69 12.81 -27.82
C GLY F 338 63.37 13.60 -28.93
N ILE F 339 64.62 13.19 -29.20
CA ILE F 339 65.46 13.59 -30.36
C ILE F 339 65.60 15.09 -30.67
N ASN F 340 66.38 15.79 -29.85
CA ASN F 340 66.69 17.19 -30.07
C ASN F 340 68.02 17.58 -29.43
N LYS F 341 68.21 18.88 -29.20
CA LYS F 341 69.45 19.37 -28.64
C LYS F 341 69.22 19.60 -27.17
N THR F 342 70.22 19.31 -26.36
CA THR F 342 70.10 19.38 -24.91
C THR F 342 69.77 20.79 -24.44
N ASN F 352 73.58 19.67 -18.88
CA ASN F 352 72.77 18.89 -17.95
C ASN F 352 71.48 18.43 -18.61
N GLY F 353 71.60 17.52 -19.57
CA GLY F 353 70.44 16.98 -20.28
C GLY F 353 70.04 15.62 -19.74
N GLN F 354 70.43 15.34 -18.50
CA GLN F 354 70.23 14.04 -17.90
C GLN F 354 68.77 13.80 -17.46
N ASN F 355 68.12 14.83 -16.96
CA ASN F 355 66.77 14.69 -16.43
C ASN F 355 65.63 14.98 -17.40
N ILE F 356 64.40 14.94 -16.86
CA ILE F 356 63.16 15.03 -17.64
C ILE F 356 62.88 16.40 -18.30
N LEU F 357 63.27 17.48 -17.64
CA LEU F 357 62.86 18.83 -18.04
C LEU F 357 62.99 19.17 -19.55
N PRO F 358 64.14 18.88 -20.17
CA PRO F 358 64.27 19.17 -21.60
C PRO F 358 63.17 18.52 -22.46
N TYR F 359 62.77 17.30 -22.13
CA TYR F 359 61.66 16.63 -22.81
C TYR F 359 60.38 17.46 -22.76
N ILE F 360 60.02 17.92 -21.56
CA ILE F 360 58.83 18.73 -21.38
C ILE F 360 58.95 20.01 -22.20
N GLU F 361 60.11 20.67 -22.12
CA GLU F 361 60.35 21.88 -22.88
C GLU F 361 60.11 21.64 -24.37
N TYR F 362 60.68 20.56 -24.90
CA TYR F 362 60.51 20.23 -26.30
C TYR F 362 59.05 19.99 -26.61
N ALA F 363 58.32 19.39 -25.68
CA ALA F 363 56.90 19.18 -25.88
C ALA F 363 56.18 20.52 -25.99
N MET F 364 56.64 21.49 -25.20
CA MET F 364 56.01 22.80 -25.16
C MET F 364 56.39 23.66 -26.36
N LYS F 365 57.63 23.51 -26.83
CA LYS F 365 58.06 24.20 -28.04
C LYS F 365 58.74 23.20 -28.98
N ASN F 366 58.11 22.91 -30.11
CA ASN F 366 58.75 22.01 -31.05
C ASN F 366 58.38 22.25 -32.50
N VAL F 367 59.35 21.99 -33.38
CA VAL F 367 59.09 22.03 -34.81
C VAL F 367 59.32 20.64 -35.37
N THR F 368 58.30 20.11 -36.03
CA THR F 368 58.37 18.77 -36.60
C THR F 368 58.00 18.84 -38.07
N GLN F 369 58.48 17.86 -38.83
CA GLN F 369 58.23 17.83 -40.26
C GLN F 369 57.33 16.65 -40.61
N LYS F 370 56.14 16.98 -41.09
CA LYS F 370 55.14 15.97 -41.42
C LYS F 370 54.67 16.07 -42.86
N ASN F 371 54.38 14.93 -43.48
CA ASN F 371 53.83 14.94 -44.83
C ASN F 371 52.32 15.14 -44.76
N SER F 372 51.83 16.26 -45.27
CA SER F 372 50.38 16.51 -45.23
C SER F 372 49.79 16.91 -46.58
N ILE F 373 48.55 16.47 -46.81
CA ILE F 373 47.73 16.98 -47.91
C ILE F 373 46.72 18.01 -47.40
N CYS F 374 46.81 19.25 -47.86
CA CYS F 374 45.86 20.28 -47.42
C CYS F 374 44.71 20.46 -48.42
N PRO F 375 43.48 20.52 -47.91
CA PRO F 375 42.34 20.91 -48.75
C PRO F 375 42.42 22.39 -49.15
N THR F 376 42.81 23.24 -48.21
CA THR F 376 42.90 24.67 -48.45
C THR F 376 44.10 24.96 -49.34
N CYS F 377 45.15 24.17 -49.18
CA CYS F 377 46.31 24.28 -50.05
C CYS F 377 46.46 23.03 -50.89
N GLY F 378 45.99 23.07 -52.13
CA GLY F 378 46.04 21.88 -52.95
C GLY F 378 47.48 21.53 -53.29
N LYS F 379 47.94 20.39 -52.77
CA LYS F 379 49.26 19.82 -53.06
C LYS F 379 49.48 18.59 -52.19
N THR F 380 50.48 17.78 -52.55
CA THR F 380 50.98 16.76 -51.64
C THR F 380 52.49 16.89 -51.53
N GLU F 381 52.96 17.33 -50.36
CA GLU F 381 54.39 17.48 -50.15
C GLU F 381 54.71 17.51 -48.65
N THR F 382 55.96 17.27 -48.32
CA THR F 382 56.40 17.38 -46.94
C THR F 382 56.29 18.82 -46.48
N ILE F 383 55.57 19.03 -45.39
CA ILE F 383 55.34 20.36 -44.84
C ILE F 383 55.87 20.40 -43.43
N THR F 384 56.29 21.58 -42.96
CA THR F 384 56.81 21.62 -41.60
C THR F 384 55.90 22.44 -40.70
N GLN F 385 55.58 21.86 -39.54
CA GLN F 385 54.72 22.51 -38.57
C GLN F 385 55.50 22.80 -37.30
N GLU F 386 55.32 24.00 -36.77
CA GLU F 386 55.97 24.37 -35.52
C GLU F 386 54.91 24.82 -34.54
N CYS F 387 54.85 24.14 -33.40
CA CYS F 387 53.86 24.43 -32.39
C CYS F 387 54.49 24.80 -31.05
N THR F 388 53.97 25.87 -30.47
CA THR F 388 54.39 26.35 -29.16
C THR F 388 53.16 26.62 -28.30
N VAL F 389 53.29 26.40 -26.99
CA VAL F 389 52.16 26.60 -26.09
C VAL F 389 52.33 27.90 -25.31
N LYS F 390 51.23 28.66 -25.21
CA LYS F 390 51.25 29.99 -24.64
C LYS F 390 51.28 30.01 -23.12
N ASN F 391 50.55 29.10 -22.49
CA ASN F 391 50.31 29.21 -21.05
C ASN F 391 50.84 28.05 -20.21
N LEU F 392 51.04 28.33 -18.93
CA LEU F 392 51.43 27.32 -17.96
C LEU F 392 50.26 27.06 -17.02
N PRO F 393 49.66 25.87 -17.13
CA PRO F 393 48.45 25.53 -16.37
C PRO F 393 48.69 25.45 -14.87
N SER F 394 47.60 25.47 -14.11
CA SER F 394 47.68 25.27 -12.66
C SER F 394 48.10 23.83 -12.40
N VAL F 395 47.60 22.92 -13.24
CA VAL F 395 47.94 21.51 -13.17
C VAL F 395 48.27 21.04 -14.59
N LEU F 396 49.35 20.27 -14.72
CA LEU F 396 49.80 19.81 -16.02
C LEU F 396 49.85 18.30 -16.11
N SER F 397 49.42 17.78 -17.26
CA SER F 397 49.39 16.35 -17.50
C SER F 397 50.34 15.96 -18.62
N LEU F 398 51.20 14.99 -18.31
CA LEU F 398 52.22 14.52 -19.23
C LEU F 398 51.96 13.07 -19.62
N GLU F 399 51.81 12.84 -20.91
CA GLU F 399 51.63 11.50 -21.43
C GLU F 399 52.88 11.03 -22.16
N LEU F 400 53.49 9.97 -21.66
CA LEU F 400 54.75 9.49 -22.18
C LEU F 400 54.55 8.41 -23.23
N SER F 401 54.85 8.76 -24.47
CA SER F 401 54.94 7.77 -25.53
C SER F 401 56.35 7.85 -26.06
N LEU F 402 57.15 6.84 -25.75
CA LEU F 402 58.56 6.82 -26.10
C LEU F 402 59.00 5.46 -26.61
N LEU F 403 60.07 5.45 -27.39
CA LEU F 403 60.76 4.21 -27.73
C LEU F 403 61.39 3.64 -26.47
N ASP F 404 61.26 2.33 -26.26
CA ASP F 404 61.66 1.69 -25.01
C ASP F 404 63.14 1.91 -24.69
N THR F 405 63.94 2.11 -25.73
CA THR F 405 65.36 2.42 -25.57
C THR F 405 65.52 3.69 -24.72
N GLU F 406 64.69 4.69 -24.99
CA GLU F 406 64.69 5.92 -24.20
C GLU F 406 64.35 5.64 -22.75
N PHE F 407 63.43 4.70 -22.53
CA PHE F 407 63.06 4.28 -21.18
C PHE F 407 64.26 3.68 -20.48
N SER F 408 65.01 2.87 -21.23
CA SER F 408 66.24 2.26 -20.73
C SER F 408 67.23 3.35 -20.30
N ASN F 409 67.44 4.32 -21.18
CA ASN F 409 68.37 5.42 -20.91
C ASN F 409 67.94 6.20 -19.68
N ILE F 410 66.63 6.34 -19.49
CA ILE F 410 66.09 7.02 -18.32
C ILE F 410 66.39 6.22 -17.06
N ARG F 411 66.22 4.89 -17.17
CA ARG F 411 66.51 3.98 -16.07
C ARG F 411 67.98 4.02 -15.68
N SER F 412 68.85 4.23 -16.67
CA SER F 412 70.28 4.35 -16.41
C SER F 412 70.57 5.59 -15.57
N SER F 413 69.89 6.68 -15.86
CA SER F 413 70.11 7.95 -15.17
C SER F 413 69.54 7.92 -13.76
N LYS F 414 70.03 8.80 -12.89
CA LYS F 414 69.56 8.88 -11.51
C LYS F 414 68.56 10.03 -11.40
N ASN F 415 67.46 9.80 -10.66
CA ASN F 415 66.40 10.81 -10.45
C ASN F 415 65.97 11.49 -11.74
N TRP F 416 65.77 10.69 -12.77
CA TRP F 416 65.43 11.19 -14.09
C TRP F 416 64.23 12.12 -14.10
N LEU F 417 63.20 11.80 -13.33
CA LEU F 417 62.08 12.72 -13.18
C LEU F 417 62.35 13.62 -11.99
N THR F 418 62.19 14.92 -12.17
CA THR F 418 62.55 15.87 -11.13
C THR F 418 61.36 16.11 -10.21
N SER F 419 61.61 15.99 -8.91
CA SER F 419 60.58 16.15 -7.89
C SER F 419 59.86 17.49 -7.99
N GLU F 420 60.63 18.56 -8.14
CA GLU F 420 60.05 19.89 -8.25
C GLU F 420 60.85 20.70 -9.25
N PHE F 421 60.18 21.63 -9.92
CA PHE F 421 60.87 22.50 -10.85
C PHE F 421 60.19 23.85 -11.00
N TYR F 422 60.94 24.82 -11.47
CA TYR F 422 60.45 26.17 -11.68
C TYR F 422 60.41 26.45 -13.17
N GLY F 423 59.38 27.14 -13.62
CA GLY F 423 59.28 27.41 -15.05
C GLY F 423 58.58 28.71 -15.36
N SER F 424 58.90 29.27 -16.53
CA SER F 424 58.31 30.50 -16.97
C SER F 424 58.38 30.64 -18.48
N ILE F 425 57.62 31.59 -19.02
CA ILE F 425 57.66 31.84 -20.44
C ILE F 425 58.43 33.10 -20.75
N ILE F 426 59.32 33.01 -21.74
CA ILE F 426 59.95 34.17 -22.31
C ILE F 426 59.95 33.92 -23.80
N LYS F 427 59.80 34.99 -24.59
CA LYS F 427 59.52 34.85 -26.00
C LYS F 427 58.33 33.91 -26.18
N ASN F 428 58.45 33.01 -27.16
CA ASN F 428 57.50 31.92 -27.33
C ASN F 428 57.94 30.57 -26.78
N LYS F 429 59.08 30.52 -26.09
CA LYS F 429 59.73 29.23 -25.82
C LYS F 429 59.44 28.51 -24.50
N ALA F 430 58.79 29.16 -23.54
CA ALA F 430 58.37 28.49 -22.30
C ALA F 430 59.50 27.66 -21.65
N VAL F 431 60.47 28.35 -21.05
CA VAL F 431 61.62 27.70 -20.40
C VAL F 431 61.33 27.09 -19.02
N LEU F 432 61.89 25.90 -18.76
CA LEU F 432 61.72 25.20 -17.49
C LEU F 432 63.08 24.73 -16.93
N ARG F 433 63.39 25.16 -15.71
CA ARG F 433 64.65 24.80 -15.08
C ARG F 433 64.44 24.39 -13.63
N SER F 434 65.43 23.70 -13.05
CA SER F 434 65.22 23.08 -11.74
C SER F 434 65.25 24.09 -10.59
N THR F 435 65.91 25.21 -10.82
CA THR F 435 66.09 26.22 -9.79
C THR F 435 65.90 27.63 -10.33
N ALA F 436 65.44 28.53 -9.47
CA ALA F 436 65.16 29.92 -9.84
C ALA F 436 66.36 30.61 -10.49
N SER F 437 67.54 30.47 -9.89
CA SER F 437 68.74 31.11 -10.40
C SER F 437 69.11 30.63 -11.80
N GLU F 438 68.73 29.40 -12.12
CA GLU F 438 69.06 28.78 -13.40
C GLU F 438 68.46 29.53 -14.60
N LEU F 439 67.45 30.35 -14.33
CA LEU F 439 66.85 31.17 -15.37
C LEU F 439 67.05 32.65 -15.06
N LYS F 440 67.35 33.43 -16.10
CA LYS F 440 67.66 34.84 -15.93
C LYS F 440 66.87 35.75 -16.87
N GLY F 441 66.55 36.94 -16.39
CA GLY F 441 65.71 37.87 -17.11
C GLY F 441 64.25 37.47 -17.23
N THR F 442 63.67 37.01 -16.12
CA THR F 442 62.26 36.61 -16.10
C THR F 442 61.49 37.28 -14.96
N SER F 443 61.85 36.90 -13.73
CA SER F 443 61.24 37.43 -12.50
C SER F 443 59.78 37.02 -12.32
N HIS F 444 59.17 36.46 -13.35
CA HIS F 444 57.84 35.92 -13.24
C HIS F 444 57.96 34.41 -13.38
N ILE F 445 57.89 33.70 -12.26
CA ILE F 445 58.15 32.27 -12.26
C ILE F 445 57.09 31.45 -11.54
N PHE F 446 56.82 30.26 -12.06
CA PHE F 446 55.84 29.38 -11.48
C PHE F 446 56.51 28.15 -10.89
N LYS F 447 56.10 27.79 -9.68
CA LYS F 447 56.65 26.63 -9.00
C LYS F 447 55.75 25.42 -9.22
N TYR F 448 56.31 24.37 -9.83
CA TYR F 448 55.57 23.14 -10.05
C TYR F 448 56.15 22.03 -9.18
N GLU F 449 55.25 21.35 -8.46
CA GLU F 449 55.62 20.25 -7.59
C GLU F 449 55.07 18.99 -8.20
N LEU F 450 55.68 17.84 -7.93
CA LEU F 450 55.16 16.61 -8.49
C LEU F 450 53.97 16.18 -7.64
N ASN F 451 52.79 16.16 -8.26
CA ASN F 451 51.60 15.74 -7.57
C ASN F 451 51.53 14.22 -7.55
N GLY F 452 51.81 13.61 -8.69
CA GLY F 452 51.81 12.16 -8.74
C GLY F 452 52.13 11.60 -10.10
N TYR F 453 52.22 10.27 -10.21
CA TYR F 453 52.35 9.64 -11.52
C TYR F 453 51.86 8.20 -11.52
N VAL F 454 51.41 7.73 -12.68
CA VAL F 454 50.97 6.36 -12.85
C VAL F 454 52.01 5.60 -13.65
N ALA F 455 52.44 4.46 -13.11
CA ALA F 455 53.50 3.67 -13.71
C ALA F 455 53.06 2.24 -14.02
N LYS F 456 53.46 1.77 -15.20
CA LYS F 456 53.25 0.38 -15.60
C LYS F 456 54.37 -0.52 -15.09
N ILE F 457 53.99 -1.68 -14.56
CA ILE F 457 54.96 -2.67 -14.09
C ILE F 457 54.76 -4.01 -14.79
N THR F 458 55.88 -4.56 -15.29
CA THR F 458 55.89 -5.88 -15.90
C THR F 458 56.77 -6.82 -15.08
N ASP F 459 56.14 -7.81 -14.45
CA ASP F 459 56.83 -8.71 -13.53
C ASP F 459 57.62 -9.81 -14.25
N ASN F 460 58.31 -10.63 -13.46
CA ASN F 460 59.11 -11.73 -13.98
C ASN F 460 58.27 -12.74 -14.76
N ASN F 461 56.99 -12.81 -14.42
CA ASN F 461 56.05 -13.67 -15.13
C ASN F 461 55.60 -13.03 -16.43
N ASN F 462 56.07 -11.80 -16.64
CA ASN F 462 55.77 -10.99 -17.82
C ASN F 462 54.31 -10.60 -17.89
N GLU F 463 53.64 -10.58 -16.75
CA GLU F 463 52.30 -10.00 -16.67
C GLU F 463 52.43 -8.49 -16.59
N THR F 464 51.38 -7.78 -17.01
CA THR F 464 51.44 -6.33 -16.99
C THR F 464 50.35 -5.75 -16.10
N ARG F 465 50.74 -4.85 -15.20
CA ARG F 465 49.79 -4.17 -14.33
C ARG F 465 50.12 -2.70 -14.24
N LEU F 466 49.19 -1.90 -13.74
CA LEU F 466 49.45 -0.48 -13.54
C LEU F 466 49.30 -0.12 -12.07
N VAL F 467 50.10 0.82 -11.60
CA VAL F 467 50.09 1.21 -10.21
C VAL F 467 50.23 2.73 -10.10
N THR F 468 49.73 3.31 -9.02
CA THR F 468 49.75 4.76 -8.89
C THR F 468 50.57 5.26 -7.71
N TYR F 469 51.48 6.18 -7.99
CA TYR F 469 52.21 6.88 -6.94
C TYR F 469 51.61 8.27 -6.81
N VAL F 470 51.39 8.71 -5.58
CA VAL F 470 50.82 10.03 -5.38
C VAL F 470 51.36 10.65 -4.09
N LYS F 471 51.28 11.97 -3.99
CA LYS F 471 51.73 12.67 -2.81
C LYS F 471 50.63 13.59 -2.31
N LYS F 472 50.37 13.52 -1.01
CA LYS F 472 49.35 14.37 -0.42
C LYS F 472 49.93 15.21 0.71
N TYR F 473 49.43 16.43 0.82
CA TYR F 473 49.86 17.37 1.85
C TYR F 473 49.27 17.05 3.20
N ASN F 474 50.11 17.12 4.23
CA ASN F 474 49.67 17.11 5.61
C ASN F 474 49.87 18.52 6.16
N PRO F 475 48.76 19.21 6.43
CA PRO F 475 48.69 20.61 6.87
C PRO F 475 49.47 20.86 8.16
N LYS F 476 49.31 19.98 9.14
CA LYS F 476 50.12 20.08 10.34
C LYS F 476 51.54 19.63 10.02
N GLU F 477 52.51 20.29 10.65
CA GLU F 477 53.94 20.05 10.42
C GLU F 477 54.41 20.51 9.04
N ASN F 478 53.46 20.94 8.21
CA ASN F 478 53.76 21.37 6.85
C ASN F 478 54.52 20.29 6.10
N CYS F 479 53.97 19.08 6.08
CA CYS F 479 54.73 17.92 5.63
C CYS F 479 54.11 17.27 4.41
N PHE F 480 54.89 16.45 3.71
CA PHE F 480 54.40 15.72 2.56
C PHE F 480 54.37 14.23 2.83
N LYS F 481 53.32 13.56 2.38
CA LYS F 481 53.25 12.11 2.52
C LYS F 481 53.12 11.45 1.15
N TRP F 482 53.81 10.33 0.98
CA TRP F 482 53.77 9.60 -0.29
C TRP F 482 53.01 8.29 -0.15
N LEU F 483 52.16 7.99 -1.13
CA LEU F 483 51.39 6.76 -1.11
C LEU F 483 51.44 6.04 -2.44
N MET F 484 51.41 4.70 -2.36
CA MET F 484 51.29 3.85 -3.52
C MET F 484 49.97 3.08 -3.50
N PHE F 485 49.26 3.11 -4.62
CA PHE F 485 48.01 2.39 -4.76
C PHE F 485 48.09 1.36 -5.88
N ASN F 486 48.07 0.08 -5.52
CA ASN F 486 47.82 -0.98 -6.49
C ASN F 486 46.51 -1.68 -6.15
N ASP F 487 45.48 -1.40 -6.93
CA ASP F 487 44.14 -1.94 -6.68
C ASP F 487 43.68 -1.67 -5.25
N TYR F 488 43.46 -2.72 -4.46
CA TYR F 488 42.97 -2.52 -3.09
C TYR F 488 44.10 -2.45 -2.09
N LEU F 489 45.34 -2.43 -2.58
CA LEU F 489 46.51 -2.31 -1.72
C LEU F 489 47.03 -0.88 -1.69
N VAL F 490 47.19 -0.35 -0.47
CA VAL F 490 47.70 1.00 -0.28
C VAL F 490 48.90 0.98 0.66
N VAL F 491 49.99 1.64 0.27
CA VAL F 491 51.21 1.62 1.08
C VAL F 491 51.82 3.01 1.25
N GLU F 492 52.16 3.37 2.49
CA GLU F 492 52.90 4.59 2.77
C GLU F 492 54.36 4.41 2.35
N ILE F 493 54.90 5.36 1.59
CA ILE F 493 56.19 5.16 0.95
C ILE F 493 57.15 6.32 1.23
N THR F 494 58.45 6.02 1.21
CA THR F 494 59.51 7.00 1.35
C THR F 494 59.76 7.71 0.02
N GLU F 495 60.22 8.95 0.08
CA GLU F 495 60.41 9.74 -1.13
C GLU F 495 61.42 9.11 -2.10
N GLU F 496 62.56 8.67 -1.56
CA GLU F 496 63.64 8.12 -2.38
C GLU F 496 63.17 6.93 -3.22
N GLU F 497 62.39 6.05 -2.60
CA GLU F 497 61.85 4.89 -3.30
C GLU F 497 60.77 5.33 -4.30
N ALA F 498 60.00 6.34 -3.92
CA ALA F 498 58.91 6.83 -4.75
C ALA F 498 59.42 7.38 -6.07
N LEU F 499 60.54 8.09 -6.03
CA LEU F 499 61.08 8.75 -7.22
C LEU F 499 61.99 7.84 -8.06
N LYS F 500 62.42 6.70 -7.52
CA LYS F 500 63.40 5.86 -8.20
C LYS F 500 62.89 5.31 -9.53
N MET F 501 63.66 5.56 -10.59
CA MET F 501 63.40 4.99 -11.91
C MET F 501 64.33 3.81 -12.23
N THR F 502 65.23 3.50 -11.31
CA THR F 502 66.30 2.53 -11.56
C THR F 502 65.80 1.13 -11.92
N TYR F 503 64.66 0.75 -11.37
CA TYR F 503 64.11 -0.59 -11.55
C TYR F 503 63.78 -0.86 -13.02
N PRO F 504 64.20 -2.03 -13.53
CA PRO F 504 64.00 -2.40 -14.93
C PRO F 504 62.55 -2.74 -15.27
N TRP F 505 61.82 -3.26 -14.29
CA TRP F 505 60.43 -3.61 -14.46
C TRP F 505 59.52 -2.39 -14.38
N LYS F 506 59.92 -1.43 -13.55
CA LYS F 506 59.15 -0.19 -13.39
C LYS F 506 59.30 0.69 -14.62
N THR F 507 58.16 1.12 -15.19
CA THR F 507 58.17 2.07 -16.30
C THR F 507 57.17 3.19 -16.06
N PRO F 508 57.56 4.44 -16.37
CA PRO F 508 56.61 5.55 -16.23
C PRO F 508 55.59 5.58 -17.37
N GLU F 509 54.36 5.94 -17.05
CA GLU F 509 53.32 6.09 -18.09
C GLU F 509 52.75 7.50 -18.12
N ILE F 510 52.15 7.91 -17.01
CA ILE F 510 51.50 9.21 -16.95
C ILE F 510 52.06 10.02 -15.80
N ILE F 511 52.32 11.30 -16.02
CA ILE F 511 52.89 12.14 -14.97
C ILE F 511 52.07 13.40 -14.73
N ILE F 512 51.74 13.67 -13.47
CA ILE F 512 50.92 14.83 -13.12
C ILE F 512 51.67 15.79 -12.20
N TYR F 513 51.81 17.02 -12.70
CA TYR F 513 52.53 18.09 -12.02
C TYR F 513 51.58 19.19 -11.58
N CYS F 514 51.81 19.79 -10.42
CA CYS F 514 50.89 20.81 -9.92
C CYS F 514 51.62 22.03 -9.36
N ASP F 515 50.90 23.15 -9.29
CA ASP F 515 51.43 24.38 -8.72
C ASP F 515 51.58 24.24 -7.21
N ALA F 516 52.72 24.69 -6.68
CA ALA F 516 53.04 24.50 -5.27
C ALA F 516 51.98 25.10 -4.35
N GLU F 517 51.66 26.37 -4.60
CA GLU F 517 50.65 27.06 -3.79
C GLU F 517 49.30 26.38 -3.95
N GLU F 518 49.00 25.95 -5.17
CA GLU F 518 47.72 25.32 -5.48
C GLU F 518 47.59 23.91 -4.90
N LEU F 519 48.69 23.16 -4.90
CA LEU F 519 48.67 21.80 -4.38
C LEU F 519 48.43 21.81 -2.89
N ARG F 520 49.06 22.76 -2.21
CA ARG F 520 49.08 22.81 -0.77
C ARG F 520 47.74 23.22 -0.14
N LYS F 521 46.80 23.70 -0.95
CA LYS F 521 45.47 24.02 -0.44
C LYS F 521 44.71 22.75 -0.06
N PRO F 522 43.85 22.83 0.97
CA PRO F 522 43.20 21.64 1.52
C PRO F 522 42.09 21.06 0.66
N PHE F 523 41.75 19.81 0.93
CA PHE F 523 40.66 19.11 0.25
C PHE F 523 39.33 19.44 0.91
N PHE F 524 38.28 19.58 0.11
CA PHE F 524 36.97 19.94 0.64
C PHE F 524 35.91 18.93 0.21
N SER F 525 35.28 18.30 1.20
CA SER F 525 34.17 17.40 0.93
C SER F 525 32.94 18.22 0.57
N VAL F 526 31.97 17.59 -0.07
CA VAL F 526 30.77 18.30 -0.50
C VAL F 526 29.97 18.83 0.69
N ASP F 527 30.25 18.27 1.87
CA ASP F 527 29.51 18.61 3.09
C ASP F 527 29.63 20.09 3.45
N THR F 528 30.73 20.72 3.06
CA THR F 528 30.93 22.13 3.36
C THR F 528 29.93 22.96 2.58
N TYR F 529 29.67 22.53 1.35
CA TYR F 529 28.69 23.19 0.50
C TYR F 529 27.28 22.74 0.84
N SER F 530 26.30 23.61 0.62
CA SER F 530 24.90 23.23 0.77
C SER F 530 24.42 22.46 -0.46
N ILE F 531 23.67 21.39 -0.23
CA ILE F 531 23.32 20.46 -1.29
C ILE F 531 21.84 20.54 -1.65
N ASN F 532 21.54 20.41 -2.95
CA ASN F 532 20.16 20.44 -3.42
C ASN F 532 19.46 19.11 -3.17
N TYR F 533 18.41 19.14 -2.36
CA TYR F 533 17.67 17.94 -1.99
C TYR F 533 16.39 17.72 -2.79
N ASP F 534 16.13 18.59 -3.76
CA ASP F 534 14.84 18.64 -4.46
C ASP F 534 14.39 17.31 -5.05
N ILE F 535 15.34 16.53 -5.57
CA ILE F 535 15.02 15.30 -6.28
C ILE F 535 14.30 14.28 -5.39
N LEU F 536 14.53 14.36 -4.09
CA LEU F 536 13.81 13.53 -3.13
C LEU F 536 12.33 13.90 -3.14
N PHE F 537 12.07 15.20 -3.14
CA PHE F 537 10.71 15.71 -2.99
C PHE F 537 9.95 15.80 -4.32
N ARG F 538 10.67 15.68 -5.44
CA ARG F 538 10.05 15.83 -6.75
C ARG F 538 10.28 14.64 -7.68
N ASP F 539 9.86 14.80 -8.93
CA ASP F 539 9.95 13.74 -9.93
C ASP F 539 10.84 14.18 -11.08
N ARG F 550 -0.21 2.65 -11.65
CA ARG F 550 0.60 1.45 -11.82
C ARG F 550 1.11 0.93 -10.48
N ARG F 551 1.28 1.85 -9.52
CA ARG F 551 1.80 1.50 -8.20
C ARG F 551 1.37 2.54 -7.19
N GLU F 552 1.33 2.16 -5.91
CA GLU F 552 0.93 3.14 -4.90
C GLU F 552 2.07 3.47 -3.95
N TYR F 553 2.67 4.64 -4.18
CA TYR F 553 3.75 5.16 -3.35
C TYR F 553 3.40 6.60 -2.98
N LYS F 554 4.01 7.12 -1.93
CA LYS F 554 3.74 8.50 -1.54
C LYS F 554 4.98 9.38 -1.52
N LEU F 555 4.98 10.40 -2.37
CA LEU F 555 6.08 11.36 -2.42
C LEU F 555 6.12 12.17 -1.14
N LEU F 556 7.30 12.70 -0.84
CA LEU F 556 7.49 13.49 0.37
C LEU F 556 6.90 14.88 0.28
N THR F 557 6.69 15.47 1.45
CA THR F 557 6.35 16.88 1.57
C THR F 557 7.48 17.49 2.38
N HIS F 558 7.57 18.82 2.39
CA HIS F 558 8.62 19.48 3.15
C HIS F 558 8.38 19.38 4.65
N ASP F 559 7.17 18.98 5.04
CA ASP F 559 6.86 18.75 6.44
C ASP F 559 7.69 17.59 6.96
N GLU F 560 7.63 16.45 6.28
CA GLU F 560 8.50 15.34 6.66
C GLU F 560 9.90 15.59 6.08
N ALA F 561 10.86 15.79 6.98
CA ALA F 561 12.24 16.07 6.59
C ALA F 561 13.20 15.00 7.12
N PRO F 562 13.66 14.10 6.24
CA PRO F 562 14.64 13.10 6.67
C PRO F 562 15.91 13.75 7.22
N LYS F 563 16.37 13.27 8.36
CA LYS F 563 17.51 13.87 9.05
C LYS F 563 18.34 12.81 9.76
N SER F 564 19.31 13.27 10.56
CA SER F 564 20.26 12.38 11.23
C SER F 564 19.58 11.29 12.07
N GLY F 565 18.36 11.55 12.53
CA GLY F 565 17.64 10.62 13.37
C GLY F 565 16.66 9.75 12.61
N THR F 566 16.30 10.20 11.41
CA THR F 566 15.26 9.57 10.61
C THR F 566 15.58 8.11 10.27
N LEU F 567 14.54 7.30 10.14
CA LEU F 567 14.69 5.88 9.79
C LEU F 567 13.96 5.58 8.49
N VAL F 568 14.63 4.88 7.59
CA VAL F 568 14.00 4.44 6.35
C VAL F 568 14.31 2.98 6.09
N ALA F 569 13.53 2.36 5.22
CA ALA F 569 13.75 0.96 4.87
C ALA F 569 14.02 0.91 3.37
N ILE F 570 14.78 -0.09 2.93
CA ILE F 570 15.13 -0.14 1.52
C ILE F 570 15.36 -1.58 1.07
N ASP F 571 15.06 -1.85 -0.19
CA ASP F 571 15.48 -3.07 -0.82
C ASP F 571 15.65 -2.81 -2.31
N ALA F 572 16.50 -3.61 -2.93
CA ALA F 572 16.82 -3.45 -4.34
C ALA F 572 16.80 -4.79 -5.02
N GLU F 573 16.58 -4.77 -6.33
CA GLU F 573 16.55 -5.97 -7.12
C GLU F 573 17.38 -5.78 -8.37
N PHE F 574 18.09 -6.82 -8.77
CA PHE F 574 19.12 -6.70 -9.81
C PHE F 574 18.86 -7.59 -11.00
N VAL F 575 19.49 -7.25 -12.13
CA VAL F 575 19.43 -8.07 -13.31
C VAL F 575 20.85 -8.37 -13.80
N SER F 576 21.10 -9.62 -14.21
CA SER F 576 22.43 -10.05 -14.62
C SER F 576 22.75 -9.75 -16.08
N LEU F 577 23.83 -8.99 -16.30
CA LEU F 577 24.29 -8.72 -17.66
C LEU F 577 25.20 -9.85 -18.16
N GLN F 578 25.80 -10.58 -17.23
CA GLN F 578 26.71 -11.66 -17.59
C GLN F 578 26.69 -12.77 -16.55
N SER F 579 26.94 -14.00 -17.00
CA SER F 579 27.10 -15.10 -16.07
C SER F 579 28.59 -15.38 -15.95
N GLU F 580 29.08 -15.64 -14.74
CA GLU F 580 30.48 -16.00 -14.57
C GLU F 580 30.74 -17.43 -15.06
N LEU F 581 31.79 -17.61 -15.86
CA LEU F 581 32.04 -18.93 -16.42
C LEU F 581 33.40 -19.44 -15.98
N CYS F 582 33.44 -20.67 -15.48
CA CYS F 582 34.69 -21.18 -14.96
C CYS F 582 35.18 -22.35 -15.80
N GLU F 583 36.49 -22.54 -15.82
CA GLU F 583 37.06 -23.71 -16.46
C GLU F 583 38.01 -24.41 -15.50
N ILE F 584 37.98 -25.74 -15.54
CA ILE F 584 38.74 -26.56 -14.61
C ILE F 584 39.76 -27.42 -15.34
N ASP F 585 41.02 -27.26 -14.95
CA ASP F 585 42.12 -28.05 -15.50
C ASP F 585 42.14 -29.43 -14.89
N HIS F 586 43.22 -30.16 -15.12
CA HIS F 586 43.39 -31.49 -14.55
C HIS F 586 43.34 -31.42 -13.03
N GLN F 587 43.94 -30.38 -12.46
CA GLN F 587 43.81 -30.10 -11.04
C GLN F 587 42.40 -29.64 -10.71
N GLY F 588 42.03 -29.71 -9.44
CA GLY F 588 40.68 -29.35 -9.03
C GLY F 588 40.46 -27.86 -8.94
N ILE F 589 41.38 -27.09 -9.51
CA ILE F 589 41.26 -25.64 -9.53
C ILE F 589 40.26 -25.18 -10.57
N ARG F 590 39.26 -24.42 -10.12
CA ARG F 590 38.33 -23.76 -11.02
C ARG F 590 38.79 -22.33 -11.27
N SER F 591 39.22 -22.06 -12.49
CA SER F 591 39.67 -20.73 -12.89
C SER F 591 38.50 -19.93 -13.45
N ILE F 592 38.52 -18.62 -13.22
CA ILE F 592 37.41 -17.78 -13.65
C ILE F 592 37.69 -17.02 -14.95
N ILE F 593 36.68 -17.02 -15.82
CA ILE F 593 36.71 -16.26 -17.05
C ILE F 593 35.30 -15.73 -17.33
N ARG F 594 35.24 -14.57 -17.99
CA ARG F 594 33.98 -13.87 -18.17
C ARG F 594 33.31 -13.70 -16.80
N PRO F 595 33.80 -12.76 -15.99
CA PRO F 595 33.29 -12.60 -14.63
C PRO F 595 31.87 -12.05 -14.65
N LYS F 596 31.13 -12.22 -13.56
CA LYS F 596 29.75 -11.76 -13.55
C LYS F 596 29.67 -10.23 -13.51
N ARG F 597 28.89 -9.69 -14.44
CA ARG F 597 28.57 -8.27 -14.45
C ARG F 597 27.08 -8.12 -14.22
N THR F 598 26.71 -7.56 -13.07
CA THR F 598 25.31 -7.38 -12.73
C THR F 598 24.98 -5.91 -12.55
N ALA F 599 23.79 -5.52 -12.99
CA ALA F 599 23.36 -4.14 -12.90
C ALA F 599 22.05 -3.99 -12.15
N LEU F 600 21.83 -2.79 -11.62
CA LEU F 600 20.63 -2.47 -10.87
C LEU F 600 19.38 -2.51 -11.76
N ALA F 601 18.27 -2.95 -11.18
CA ALA F 601 17.00 -3.07 -11.90
C ALA F 601 15.90 -2.26 -11.23
N ARG F 602 15.60 -2.59 -9.99
CA ARG F 602 14.54 -1.90 -9.26
C ARG F 602 15.02 -1.43 -7.89
N ILE F 603 14.53 -0.27 -7.48
CA ILE F 603 14.82 0.26 -6.15
C ILE F 603 13.54 0.63 -5.40
N SER F 604 13.48 0.26 -4.13
CA SER F 604 12.33 0.59 -3.30
C SER F 604 12.78 1.08 -1.93
N ILE F 605 12.32 2.26 -1.56
CA ILE F 605 12.63 2.85 -0.27
C ILE F 605 11.34 3.30 0.38
N ILE F 606 11.15 2.95 1.64
CA ILE F 606 9.90 3.15 2.34
C ILE F 606 10.08 3.83 3.71
N ARG F 607 9.00 4.44 4.20
CA ARG F 607 9.00 5.21 5.44
C ARG F 607 9.06 4.31 6.68
N GLY F 608 9.76 4.80 7.70
CA GLY F 608 9.87 4.08 8.96
C GLY F 608 9.81 5.04 10.13
N GLU F 609 9.58 4.50 11.33
CA GLU F 609 9.36 5.33 12.51
C GLU F 609 10.64 5.94 13.07
N GLU F 610 10.64 7.26 13.23
CA GLU F 610 11.77 7.98 13.81
C GLU F 610 11.37 9.38 14.24
N GLU F 612 2.65 7.91 12.00
CA GLU F 612 1.56 8.01 11.03
C GLU F 612 2.04 7.66 9.63
N LEU F 613 1.23 6.89 8.92
CA LEU F 613 1.50 6.48 7.54
C LEU F 613 2.77 5.65 7.41
N TYR F 614 3.02 4.79 8.39
CA TYR F 614 4.13 3.84 8.34
C TYR F 614 3.94 2.88 7.17
N GLY F 615 5.02 2.56 6.46
CA GLY F 615 4.92 1.63 5.36
C GLY F 615 4.56 2.26 4.04
N VAL F 616 4.33 3.57 4.05
CA VAL F 616 4.03 4.26 2.80
C VAL F 616 5.35 4.45 2.07
N PRO F 617 5.40 4.05 0.79
CA PRO F 617 6.67 4.07 0.07
C PRO F 617 7.22 5.48 -0.16
N PHE F 618 8.51 5.63 0.13
CA PHE F 618 9.25 6.87 -0.12
C PHE F 618 9.47 7.04 -1.62
N VAL F 619 10.06 6.01 -2.24
CA VAL F 619 10.21 5.94 -3.69
C VAL F 619 10.17 4.50 -4.19
N ASP F 620 9.53 4.27 -5.32
CA ASP F 620 9.63 2.97 -5.98
C ASP F 620 9.91 3.20 -7.46
N ASP F 621 11.10 2.83 -7.91
CA ASP F 621 11.55 3.18 -9.25
C ASP F 621 12.13 1.99 -9.98
N TYR F 622 11.88 1.92 -11.29
CA TYR F 622 12.55 0.94 -12.12
C TYR F 622 13.60 1.71 -12.91
N VAL F 623 14.81 1.21 -12.97
CA VAL F 623 15.86 1.94 -13.67
C VAL F 623 16.22 1.25 -14.99
N VAL F 624 16.38 2.03 -16.05
CA VAL F 624 16.56 1.46 -17.38
C VAL F 624 18.01 1.04 -17.52
N ASN F 625 18.22 -0.22 -17.90
CA ASN F 625 19.58 -0.73 -17.94
C ASN F 625 20.16 -0.75 -19.34
N THR F 626 19.32 -0.53 -20.37
CA THR F 626 19.72 -0.56 -21.78
C THR F 626 20.70 -1.72 -21.99
N ASN F 627 21.82 -1.47 -22.66
CA ASN F 627 22.87 -2.48 -22.84
C ASN F 627 22.35 -3.84 -23.32
N HIS F 628 22.79 -4.90 -22.66
CA HIS F 628 22.36 -6.25 -22.98
C HIS F 628 22.20 -7.12 -21.73
N ILE F 629 21.05 -7.77 -21.62
CA ILE F 629 20.78 -8.70 -20.54
C ILE F 629 20.96 -10.16 -20.96
N GLU F 630 21.54 -10.97 -20.08
CA GLU F 630 21.61 -12.41 -20.29
C GLU F 630 20.32 -13.08 -19.80
N ASP F 631 20.05 -12.93 -18.51
CA ASP F 631 18.81 -13.41 -17.92
C ASP F 631 18.37 -12.42 -16.86
N TYR F 632 17.06 -12.22 -16.73
CA TYR F 632 16.54 -11.15 -15.88
C TYR F 632 16.33 -11.59 -14.44
N LEU F 633 16.56 -12.88 -14.18
CA LEU F 633 16.33 -13.46 -12.85
C LEU F 633 14.92 -13.18 -12.36
N THR F 634 13.95 -13.35 -13.27
CA THR F 634 12.55 -13.05 -13.00
C THR F 634 11.99 -13.84 -11.82
N ARG F 635 12.44 -15.08 -11.66
CA ARG F 635 11.96 -15.92 -10.58
C ARG F 635 12.37 -15.40 -9.20
N TYR F 636 13.67 -15.17 -9.01
CA TYR F 636 14.18 -14.73 -7.72
C TYR F 636 13.74 -13.30 -7.41
N SER F 637 13.57 -12.50 -8.46
CA SER F 637 12.97 -11.18 -8.32
C SER F 637 12.11 -10.84 -9.53
N GLY F 638 10.89 -10.37 -9.29
CA GLY F 638 9.99 -10.06 -10.39
C GLY F 638 10.42 -8.88 -11.26
N ILE F 639 10.62 -9.16 -12.54
CA ILE F 639 10.93 -8.15 -13.54
C ILE F 639 10.18 -8.59 -14.82
N LEU F 640 9.77 -7.63 -15.65
CA LEU F 640 8.76 -7.91 -16.68
C LEU F 640 9.17 -9.03 -17.64
N PRO F 641 10.29 -8.90 -18.38
CA PRO F 641 11.29 -7.87 -18.72
C PRO F 641 10.83 -6.86 -19.78
N GLY F 642 11.77 -6.05 -20.25
CA GLY F 642 11.47 -4.93 -21.12
C GLY F 642 11.23 -3.59 -20.45
N ASP F 643 11.91 -3.36 -19.33
CA ASP F 643 11.85 -2.06 -18.67
C ASP F 643 12.58 -1.03 -19.53
N LEU F 644 13.50 -1.51 -20.36
CA LEU F 644 14.31 -0.63 -21.18
C LEU F 644 13.42 -0.03 -22.25
N ASP F 645 13.64 1.25 -22.57
CA ASP F 645 12.77 2.01 -23.46
C ASP F 645 11.39 2.21 -22.81
N PRO F 646 10.64 3.23 -23.25
CA PRO F 646 9.35 3.58 -22.63
C PRO F 646 8.32 2.46 -22.68
N GLU F 647 8.64 1.40 -23.44
CA GLU F 647 7.76 0.26 -23.71
C GLU F 647 6.96 -0.18 -22.50
N LYS F 648 7.57 -0.14 -21.32
CA LYS F 648 6.81 -0.39 -20.10
C LYS F 648 6.41 0.97 -19.55
N SER F 649 5.10 1.24 -19.53
CA SER F 649 4.62 2.49 -18.98
C SER F 649 4.41 2.17 -17.51
N THR F 650 5.36 2.65 -16.74
CA THR F 650 5.52 2.39 -15.33
C THR F 650 6.70 3.28 -15.02
N LYS F 651 7.04 3.50 -13.76
CA LYS F 651 8.14 4.42 -13.51
C LYS F 651 9.52 3.90 -13.94
N ARG F 652 10.08 4.58 -14.94
CA ARG F 652 11.42 4.31 -15.43
C ARG F 652 12.23 5.58 -15.19
N LEU F 653 13.29 5.47 -14.40
CA LEU F 653 14.14 6.62 -14.16
C LEU F 653 15.55 6.29 -14.60
N VAL F 654 16.15 7.19 -15.38
CA VAL F 654 17.54 7.04 -15.78
C VAL F 654 18.41 7.05 -14.53
N ARG F 655 19.30 6.06 -14.43
CA ARG F 655 20.07 5.87 -13.21
C ARG F 655 20.91 7.10 -12.97
N ARG F 656 21.22 7.78 -14.07
CA ARG F 656 22.52 8.42 -14.28
C ARG F 656 23.02 9.05 -13.00
N ASN F 657 22.43 10.15 -12.57
CA ASN F 657 22.53 10.48 -11.16
C ASN F 657 21.33 10.13 -10.26
N VAL F 658 20.18 9.76 -10.81
CA VAL F 658 18.92 9.91 -10.04
C VAL F 658 18.62 9.04 -8.80
N VAL F 659 18.60 7.72 -8.97
CA VAL F 659 18.26 6.83 -7.85
C VAL F 659 19.36 6.90 -6.81
N TYR F 660 20.57 6.88 -7.35
CA TYR F 660 21.78 6.97 -6.57
C TYR F 660 21.76 8.25 -5.77
N ARG F 661 21.26 9.33 -6.37
CA ARG F 661 21.18 10.63 -5.71
C ARG F 661 20.16 10.59 -4.59
N LYS F 662 19.06 9.87 -4.79
CA LYS F 662 18.05 9.78 -3.75
C LYS F 662 18.69 9.11 -2.54
N VAL F 663 19.25 7.94 -2.76
CA VAL F 663 19.89 7.18 -1.69
C VAL F 663 21.06 7.94 -1.06
N TRP F 664 21.84 8.62 -1.89
CA TRP F 664 23.02 9.37 -1.46
C TRP F 664 22.68 10.57 -0.62
N LEU F 665 21.70 11.36 -1.05
CA LEU F 665 21.26 12.50 -0.25
C LEU F 665 20.67 11.99 1.05
N LEU F 666 19.97 10.86 0.98
CA LEU F 666 19.41 10.24 2.18
C LEU F 666 20.50 9.90 3.19
N MET F 667 21.48 9.10 2.74
CA MET F 667 22.56 8.63 3.60
C MET F 667 23.47 9.76 4.06
N GLN F 668 23.60 10.79 3.23
CA GLN F 668 24.39 11.97 3.58
C GLN F 668 23.70 12.70 4.71
N LEU F 669 22.38 12.77 4.64
CA LEU F 669 21.59 13.34 5.73
C LEU F 669 21.71 12.48 6.98
N GLY F 670 22.06 11.21 6.79
CA GLY F 670 22.36 10.32 7.91
C GLY F 670 21.19 9.50 8.44
N CYS F 671 20.13 9.36 7.63
CA CYS F 671 19.00 8.53 8.04
C CYS F 671 19.36 7.05 7.96
N VAL F 672 19.05 6.30 9.01
CA VAL F 672 19.42 4.88 9.08
C VAL F 672 18.62 4.05 8.09
N PHE F 673 19.23 2.97 7.60
CA PHE F 673 18.58 2.09 6.64
C PHE F 673 18.24 0.74 7.26
N VAL F 674 17.08 0.19 6.90
CA VAL F 674 16.72 -1.16 7.33
C VAL F 674 16.38 -2.05 6.13
N GLY F 675 16.87 -3.28 6.14
CA GLY F 675 16.56 -4.23 5.09
C GLY F 675 17.23 -5.58 5.26
N HIS F 676 16.74 -6.57 4.51
CA HIS F 676 17.32 -7.91 4.55
C HIS F 676 18.50 -8.03 3.60
N GLY F 677 19.67 -8.34 4.14
CA GLY F 677 20.83 -8.64 3.33
C GLY F 677 21.20 -7.44 2.48
N LEU F 678 21.47 -6.32 3.14
CA LEU F 678 21.71 -5.05 2.46
C LEU F 678 23.09 -4.98 1.83
N ASN F 679 24.09 -5.61 2.43
CA ASN F 679 25.48 -5.47 1.99
C ASN F 679 25.64 -5.76 0.50
N ASN F 680 25.07 -6.88 0.05
CA ASN F 680 25.11 -7.25 -1.36
C ASN F 680 24.42 -6.17 -2.20
N ASP F 681 23.28 -5.71 -1.71
CA ASP F 681 22.48 -4.73 -2.43
C ASP F 681 23.26 -3.45 -2.65
N PHE F 682 23.74 -2.86 -1.55
CA PHE F 682 24.56 -1.65 -1.58
C PHE F 682 25.79 -1.84 -2.45
N LYS F 683 26.36 -3.03 -2.38
CA LYS F 683 27.54 -3.36 -3.18
C LYS F 683 27.22 -3.27 -4.67
N HIS F 684 26.01 -3.69 -5.03
CA HIS F 684 25.62 -3.67 -6.43
C HIS F 684 25.06 -2.30 -6.84
N ILE F 685 24.71 -1.49 -5.84
CA ILE F 685 24.31 -0.11 -6.07
C ILE F 685 25.56 0.75 -6.26
N ASN F 686 26.70 0.19 -5.89
CA ASN F 686 27.99 0.88 -5.97
C ASN F 686 28.08 2.04 -4.98
N ILE F 687 27.53 1.83 -3.79
CA ILE F 687 27.68 2.76 -2.68
C ILE F 687 27.88 1.98 -1.37
N ASN F 688 28.65 2.56 -0.46
CA ASN F 688 28.86 2.01 0.88
C ASN F 688 28.38 2.98 1.95
N VAL F 689 27.83 2.43 3.03
CA VAL F 689 27.26 3.25 4.10
C VAL F 689 27.87 2.81 5.43
N PRO F 690 28.07 3.77 6.35
CA PRO F 690 28.64 3.42 7.65
C PRO F 690 27.75 2.47 8.46
N ARG F 691 28.35 1.76 9.40
CA ARG F 691 27.66 0.78 10.22
C ARG F 691 26.56 1.37 11.09
N ASN F 692 26.63 2.67 11.37
CA ASN F 692 25.60 3.33 12.16
C ASN F 692 24.21 3.18 11.56
N GLN F 693 24.12 3.31 10.24
CA GLN F 693 22.85 3.16 9.53
C GLN F 693 22.47 1.73 9.16
N ILE F 694 23.42 0.79 9.22
CA ILE F 694 23.20 -0.49 8.55
C ILE F 694 21.98 -1.23 9.12
N ARG F 695 21.95 -1.44 10.44
CA ARG F 695 20.84 -2.13 11.12
C ARG F 695 20.17 -3.26 10.32
N ASP F 696 20.96 -4.20 9.83
CA ASP F 696 20.42 -5.23 8.93
C ASP F 696 19.60 -6.26 9.69
N THR F 697 18.62 -6.85 9.01
CA THR F 697 17.77 -7.90 9.57
C THR F 697 18.54 -9.20 9.70
N ALA F 698 19.30 -9.55 8.67
CA ALA F 698 19.97 -10.84 8.57
C ALA F 698 20.98 -11.06 9.69
N ILE F 699 21.15 -10.07 10.57
CA ILE F 699 22.11 -10.18 11.65
C ILE F 699 21.41 -10.88 12.81
N TYR F 700 20.08 -10.98 12.71
CA TYR F 700 19.29 -11.69 13.71
C TYR F 700 19.63 -13.16 13.59
N PHE F 701 19.59 -13.65 12.35
CA PHE F 701 19.93 -15.04 12.05
C PHE F 701 21.21 -15.05 11.21
N LEU F 702 22.31 -15.47 11.83
CA LEU F 702 23.60 -15.47 11.15
C LEU F 702 23.83 -16.65 10.21
N GLN F 703 24.52 -16.37 9.11
CA GLN F 703 25.02 -17.39 8.19
C GLN F 703 23.92 -18.28 7.62
N GLY F 704 22.87 -17.66 7.10
CA GLY F 704 21.75 -18.41 6.55
C GLY F 704 21.72 -18.33 5.04
N LYS F 705 22.79 -17.81 4.45
CA LYS F 705 22.86 -17.58 3.01
C LYS F 705 22.76 -18.87 2.21
N ARG F 706 23.42 -19.91 2.72
CA ARG F 706 23.47 -21.22 2.06
C ARG F 706 23.99 -21.10 0.63
N LEU F 708 17.22 -18.93 0.31
CA LEU F 708 16.75 -17.66 0.86
C LEU F 708 16.53 -17.77 2.37
N SER F 709 16.91 -16.74 3.10
CA SER F 709 16.69 -16.74 4.54
C SER F 709 15.51 -15.83 4.87
N LEU F 710 15.04 -15.14 3.84
CA LEU F 710 13.97 -14.16 3.96
C LEU F 710 12.58 -14.76 4.20
N ARG F 711 12.18 -15.70 3.33
CA ARG F 711 10.85 -16.30 3.40
C ARG F 711 10.64 -17.11 4.69
N TYR F 712 11.71 -17.75 5.15
CA TYR F 712 11.67 -18.52 6.38
C TYR F 712 11.36 -17.60 7.55
N LEU F 713 12.10 -16.50 7.64
CA LEU F 713 11.89 -15.51 8.69
C LEU F 713 10.50 -14.90 8.57
N ALA F 714 10.02 -14.78 7.34
CA ALA F 714 8.68 -14.27 7.07
C ALA F 714 7.63 -15.18 7.71
N TYR F 715 7.75 -16.48 7.45
CA TYR F 715 6.86 -17.46 8.05
C TYR F 715 6.97 -17.42 9.58
N VAL F 716 8.19 -17.19 10.05
CA VAL F 716 8.47 -17.03 11.47
C VAL F 716 7.85 -15.74 12.00
N LEU F 717 7.75 -14.76 11.11
CA LEU F 717 7.18 -13.44 11.41
C LEU F 717 5.70 -13.39 11.02
N LEU F 718 5.09 -14.57 10.90
CA LEU F 718 3.66 -14.70 10.67
C LEU F 718 3.22 -14.17 9.30
N GLY F 719 4.13 -14.22 8.33
CA GLY F 719 3.79 -13.82 6.98
C GLY F 719 3.41 -15.04 6.16
N MET F 720 2.64 -14.84 5.10
CA MET F 720 2.15 -15.94 4.29
C MET F 720 3.25 -16.59 3.47
N ASP F 728 8.36 -9.59 -4.93
CA ASP F 728 8.44 -8.14 -5.06
C ASP F 728 9.35 -7.57 -3.97
N SER F 729 9.91 -6.39 -4.21
CA SER F 729 10.87 -5.77 -3.30
C SER F 729 10.14 -5.12 -2.11
N ILE F 730 9.08 -4.38 -2.41
CA ILE F 730 8.31 -3.64 -1.41
C ILE F 730 7.86 -4.55 -0.27
N GLU F 731 7.42 -5.75 -0.63
CA GLU F 731 7.03 -6.77 0.34
C GLU F 731 8.19 -7.07 1.29
N ASP F 732 9.36 -7.29 0.69
CA ASP F 732 10.57 -7.59 1.44
C ASP F 732 10.90 -6.47 2.40
N ALA F 733 10.77 -5.24 1.92
CA ALA F 733 11.04 -4.04 2.73
C ALA F 733 10.10 -3.93 3.93
N HIS F 734 8.80 -4.12 3.68
CA HIS F 734 7.79 -4.04 4.73
C HIS F 734 8.07 -5.09 5.80
N THR F 735 8.18 -6.35 5.36
CA THR F 735 8.48 -7.45 6.25
C THR F 735 9.76 -7.18 7.04
N ALA F 736 10.73 -6.56 6.37
CA ALA F 736 11.99 -6.19 7.01
C ALA F 736 11.75 -5.19 8.13
N LEU F 737 10.94 -4.17 7.86
CA LEU F 737 10.63 -3.15 8.85
C LEU F 737 9.99 -3.79 10.08
N ILE F 738 9.00 -4.64 9.82
CA ILE F 738 8.30 -5.34 10.90
C ILE F 738 9.27 -6.20 11.71
N LEU F 739 10.14 -6.92 11.01
CA LEU F 739 11.15 -7.75 11.65
C LEU F 739 12.09 -6.93 12.53
N TYR F 740 12.48 -5.75 12.06
CA TYR F 740 13.32 -4.87 12.85
C TYR F 740 12.57 -4.43 14.09
N LYS F 741 11.28 -4.13 13.94
CA LYS F 741 10.45 -3.77 15.08
C LYS F 741 10.42 -4.91 16.11
N LYS F 742 10.36 -6.14 15.61
CA LYS F 742 10.39 -7.32 16.48
C LYS F 742 11.71 -7.41 17.23
N TYR F 743 12.81 -7.21 16.50
CA TYR F 743 14.14 -7.26 17.10
C TYR F 743 14.30 -6.15 18.14
N LEU F 744 13.64 -5.02 17.89
CA LEU F 744 13.66 -3.86 18.78
C LEU F 744 12.91 -4.12 20.08
N HIS F 745 11.65 -4.54 19.97
CA HIS F 745 10.83 -4.73 21.16
C HIS F 745 11.37 -5.86 22.04
N LEU F 746 11.91 -6.91 21.41
CA LEU F 746 12.54 -7.99 22.16
C LEU F 746 14.02 -7.68 22.33
N LYS F 747 14.45 -7.37 23.54
CA LYS F 747 15.85 -7.03 23.78
C LYS F 747 16.73 -8.25 23.53
N GLU F 748 16.43 -9.34 24.24
CA GLU F 748 17.08 -10.62 24.01
C GLU F 748 16.06 -11.73 24.13
N LYS F 749 15.99 -12.59 23.11
CA LYS F 749 15.04 -13.70 23.10
C LYS F 749 15.49 -14.79 22.16
N GLU G 26 -38.81 48.14 51.29
CA GLU G 26 -37.53 48.05 52.00
C GLU G 26 -36.37 47.94 51.02
N ARG G 27 -35.15 47.97 51.55
CA ARG G 27 -33.95 47.82 50.73
C ARG G 27 -33.29 46.46 51.00
N SER G 28 -32.91 45.78 49.92
CA SER G 28 -32.35 44.43 50.02
C SER G 28 -31.21 44.20 49.03
N ALA G 29 -30.55 43.06 49.15
CA ALA G 29 -29.46 42.69 48.25
C ALA G 29 -30.19 42.14 47.03
N ASP G 30 -29.53 41.48 46.08
CA ASP G 30 -30.38 41.17 44.95
C ASP G 30 -31.12 39.85 45.15
N GLN G 31 -32.25 40.00 45.82
CA GLN G 31 -33.36 39.07 45.93
C GLN G 31 -34.47 39.68 45.07
N LEU G 32 -34.09 40.75 44.38
CA LEU G 32 -34.97 41.86 44.00
C LEU G 32 -36.38 41.52 43.51
N PHE G 33 -36.54 40.42 42.78
CA PHE G 33 -37.88 40.06 42.30
C PHE G 33 -38.78 39.41 43.35
N ILE G 34 -38.30 39.24 44.57
CA ILE G 34 -39.13 38.71 45.65
C ILE G 34 -40.15 39.74 46.16
N PRO G 35 -41.44 39.47 45.94
CA PRO G 35 -42.55 40.34 46.34
C PRO G 35 -42.92 40.18 47.81
N ASN G 36 -43.58 41.18 48.39
CA ASN G 36 -43.85 41.16 49.83
C ASN G 36 -44.80 40.03 50.20
N ASN G 37 -45.96 39.98 49.56
CA ASN G 37 -46.91 38.90 49.80
C ASN G 37 -47.35 38.32 48.45
N ILE G 38 -46.89 37.13 48.12
CA ILE G 38 -47.16 36.55 46.81
C ILE G 38 -48.59 36.04 46.60
N ARG G 39 -49.10 35.30 47.58
CA ARG G 39 -50.41 34.67 47.45
C ARG G 39 -51.51 35.70 47.27
N GLU G 40 -51.43 36.78 48.06
CA GLU G 40 -52.41 37.84 48.01
C GLU G 40 -52.37 38.48 46.63
N ASP G 41 -51.16 38.77 46.17
CA ASP G 41 -50.96 39.40 44.88
C ASP G 41 -51.56 38.58 43.77
N LEU G 42 -51.16 37.32 43.65
CA LEU G 42 -51.66 36.47 42.56
C LEU G 42 -53.17 36.23 42.61
N THR G 43 -53.71 36.00 43.80
CA THR G 43 -55.14 35.76 43.93
C THR G 43 -55.89 37.00 43.48
N LYS G 44 -55.46 38.15 43.97
CA LYS G 44 -56.05 39.43 43.59
C LYS G 44 -55.92 39.62 42.08
N LYS G 45 -54.80 39.18 41.52
CA LYS G 45 -54.58 39.27 40.08
C LYS G 45 -55.60 38.50 39.25
N ASN G 46 -55.73 37.20 39.50
CA ASN G 46 -56.67 36.42 38.71
C ASN G 46 -58.12 36.88 38.96
N LEU G 47 -58.36 37.36 40.18
CA LEU G 47 -59.65 37.92 40.52
C LEU G 47 -59.94 39.13 39.64
N SER G 48 -58.93 40.00 39.51
CA SER G 48 -59.03 41.17 38.66
C SER G 48 -59.23 40.78 37.21
N ILE G 49 -58.65 39.65 36.82
CA ILE G 49 -58.79 39.14 35.47
C ILE G 49 -60.23 38.75 35.20
N LEU G 50 -60.85 38.11 36.18
CA LEU G 50 -62.17 37.53 36.00
C LEU G 50 -63.33 38.54 35.90
N GLN G 51 -63.19 39.69 36.54
CA GLN G 51 -64.29 40.66 36.70
C GLN G 51 -64.79 41.31 35.41
N VAL G 52 -66.10 41.21 35.15
CA VAL G 52 -66.74 42.03 34.11
C VAL G 52 -68.00 42.74 34.63
N PHE G 53 -67.94 44.05 34.82
CA PHE G 53 -69.15 44.82 35.15
C PHE G 53 -70.12 45.14 33.99
N PRO G 54 -69.63 45.82 32.93
CA PRO G 54 -70.62 46.47 32.05
C PRO G 54 -71.39 45.53 31.13
N SER G 55 -72.68 45.75 30.93
CA SER G 55 -73.44 44.96 29.95
C SER G 55 -74.39 45.74 29.03
N SER G 56 -75.46 46.25 29.62
CA SER G 56 -76.60 46.89 28.94
C SER G 56 -76.33 47.82 27.73
N GLY G 57 -75.75 48.99 28.00
CA GLY G 57 -75.44 49.97 26.97
C GLY G 57 -74.57 49.55 25.81
N LYS G 58 -74.83 50.15 24.65
CA LYS G 58 -74.05 49.90 23.44
C LYS G 58 -72.90 50.89 23.31
N VAL G 59 -72.76 51.76 24.33
CA VAL G 59 -71.57 52.59 24.47
C VAL G 59 -70.35 51.68 24.36
N ILE G 60 -70.44 50.54 25.05
CA ILE G 60 -69.49 49.46 24.91
C ILE G 60 -70.25 48.29 24.31
N PRO G 61 -69.91 47.91 23.07
CA PRO G 61 -70.76 46.94 22.38
C PRO G 61 -70.59 45.52 22.93
N SER G 62 -71.59 44.68 22.68
CA SER G 62 -71.62 43.33 23.21
C SER G 62 -70.48 42.46 22.71
N ILE G 63 -70.27 42.46 21.40
CA ILE G 63 -69.28 41.59 20.79
C ILE G 63 -68.56 42.30 19.65
N VAL G 64 -67.24 42.22 19.66
CA VAL G 64 -66.45 42.79 18.58
C VAL G 64 -65.57 41.70 18.00
N GLN G 65 -65.72 41.47 16.70
CA GLN G 65 -64.99 40.43 15.97
C GLN G 65 -64.93 39.13 16.78
N ASP G 66 -63.73 38.73 17.22
CA ASP G 66 -63.55 37.54 18.06
C ASP G 66 -63.55 37.89 19.53
N TYR G 67 -63.82 39.15 19.84
CA TYR G 67 -63.67 39.66 21.19
C TYR G 67 -64.98 40.06 21.86
N PHE G 68 -65.08 39.81 23.16
CA PHE G 68 -66.31 40.12 23.91
C PHE G 68 -66.05 40.32 25.39
N ASN G 69 -67.12 40.54 26.14
CA ASN G 69 -67.07 40.78 27.58
C ASN G 69 -66.14 41.95 27.95
N LEU G 70 -66.32 43.07 27.27
CA LEU G 70 -65.48 44.25 27.45
C LEU G 70 -65.74 44.96 28.78
N VAL G 71 -64.66 45.42 29.42
CA VAL G 71 -64.74 46.24 30.62
C VAL G 71 -63.74 47.40 30.50
N PRO G 72 -64.14 48.61 30.92
CA PRO G 72 -63.22 49.74 30.75
C PRO G 72 -62.06 49.75 31.73
N LEU G 73 -60.94 50.29 31.27
CA LEU G 73 -59.80 50.55 32.13
C LEU G 73 -59.47 52.04 32.17
N THR G 84 -63.77 54.07 27.66
CA THR G 84 -62.72 55.02 27.99
C THR G 84 -61.47 54.81 27.13
N THR G 85 -61.70 54.48 25.85
CA THR G 85 -60.66 54.21 24.87
C THR G 85 -59.85 52.93 25.11
N LEU G 86 -59.98 52.34 26.30
CA LEU G 86 -59.19 51.16 26.64
C LEU G 86 -60.05 50.15 27.41
N PHE G 87 -60.01 48.89 26.99
CA PHE G 87 -60.85 47.84 27.58
C PHE G 87 -60.13 46.53 27.88
N LYS G 88 -60.62 45.78 28.86
CA LYS G 88 -60.14 44.43 29.08
C LYS G 88 -61.14 43.52 28.38
N VAL G 89 -60.67 42.52 27.64
CA VAL G 89 -61.56 41.72 26.81
C VAL G 89 -61.26 40.21 26.89
N PHE G 90 -62.28 39.38 26.78
CA PHE G 90 -62.10 37.94 26.64
C PHE G 90 -62.26 37.54 25.18
N SER G 91 -61.25 36.90 24.62
CA SER G 91 -61.34 36.47 23.23
C SER G 91 -62.22 35.24 23.07
N ASN G 92 -62.79 35.08 21.87
CA ASN G 92 -63.58 33.90 21.54
C ASN G 92 -62.67 32.75 21.14
N TYR G 93 -61.77 33.06 20.22
CA TYR G 93 -60.88 32.07 19.62
C TYR G 93 -60.03 31.42 20.69
N ASP G 94 -59.06 32.18 21.21
CA ASP G 94 -58.24 31.70 22.33
C ASP G 94 -59.02 31.34 23.59
N GLY G 95 -59.95 32.20 23.98
CA GLY G 95 -60.61 32.06 25.27
C GLY G 95 -59.67 32.60 26.34
N LYS G 96 -58.54 33.12 25.88
CA LYS G 96 -57.50 33.71 26.71
C LYS G 96 -57.65 35.24 26.82
N ALA G 97 -57.98 35.72 28.01
CA ALA G 97 -58.14 37.17 28.22
C ALA G 97 -56.97 37.97 27.64
N TYR G 98 -57.32 39.07 26.99
CA TYR G 98 -56.40 40.03 26.38
C TYR G 98 -56.89 41.44 26.63
N VAL G 99 -56.09 42.46 26.31
CA VAL G 99 -56.56 43.85 26.40
C VAL G 99 -56.71 44.48 25.03
N LEU G 100 -57.65 45.40 24.91
CA LEU G 100 -57.95 46.03 23.64
C LEU G 100 -57.83 47.55 23.77
N LYS G 101 -57.18 48.15 22.78
CA LYS G 101 -57.01 49.59 22.71
C LYS G 101 -57.85 50.09 21.55
N ARG G 102 -58.67 51.11 21.82
CA ARG G 102 -59.70 51.53 20.90
C ARG G 102 -59.29 52.43 19.73
N LEU G 103 -58.39 53.39 19.95
CA LEU G 103 -57.91 54.27 18.87
C LEU G 103 -59.17 54.84 18.21
N PRO G 104 -59.75 55.87 18.84
CA PRO G 104 -61.17 56.22 18.71
C PRO G 104 -61.72 56.81 17.41
N ASN G 105 -61.00 57.63 16.65
CA ASN G 105 -61.59 58.06 15.39
C ASN G 105 -60.62 58.06 14.20
N ILE G 106 -61.13 57.66 13.05
CA ILE G 106 -60.36 57.56 11.81
C ILE G 106 -61.02 58.28 10.65
N ASP G 107 -60.25 59.13 9.98
CA ASP G 107 -60.69 59.86 8.79
C ASP G 107 -61.50 58.98 7.83
N LYS G 108 -60.86 57.95 7.29
CA LYS G 108 -61.48 57.13 6.27
C LYS G 108 -61.00 55.68 6.33
N SER G 109 -61.55 54.85 5.45
CA SER G 109 -61.12 53.47 5.25
C SER G 109 -59.61 53.30 5.15
N MET G 110 -59.07 52.42 5.96
CA MET G 110 -57.64 52.16 6.02
C MET G 110 -57.23 51.19 4.93
N ASN G 111 -56.12 51.47 4.26
CA ASN G 111 -55.64 50.57 3.23
C ASN G 111 -55.28 49.25 3.90
N PRO G 112 -56.07 48.20 3.65
CA PRO G 112 -55.96 46.93 4.38
C PRO G 112 -54.55 46.37 4.37
N ASN G 113 -53.84 46.58 3.27
CA ASN G 113 -52.46 46.17 3.14
C ASN G 113 -51.57 46.76 4.23
N LYS G 114 -51.82 48.02 4.59
CA LYS G 114 -51.06 48.66 5.66
C LYS G 114 -51.27 47.94 6.99
N ILE G 115 -52.52 47.59 7.29
CA ILE G 115 -52.85 46.86 8.50
C ILE G 115 -52.12 45.52 8.50
N SER G 116 -52.15 44.88 7.34
CA SER G 116 -51.46 43.61 7.14
C SER G 116 -49.96 43.78 7.43
N LYS G 117 -49.41 44.90 6.97
CA LYS G 117 -48.01 45.22 7.20
C LYS G 117 -47.73 45.33 8.69
N ILE G 118 -48.57 46.07 9.41
CA ILE G 118 -48.39 46.24 10.84
C ILE G 118 -48.39 44.89 11.54
N TYR G 119 -49.40 44.08 11.24
CA TYR G 119 -49.53 42.76 11.84
C TYR G 119 -48.33 41.88 11.55
N GLN G 120 -48.00 41.73 10.27
CA GLN G 120 -46.87 40.90 9.86
C GLN G 120 -45.58 41.34 10.55
N ILE G 121 -45.35 42.65 10.57
CA ILE G 121 -44.11 43.17 11.14
C ILE G 121 -44.00 42.91 12.64
N TRP G 122 -45.02 43.28 13.40
CA TRP G 122 -44.91 43.19 14.86
C TRP G 122 -45.32 41.85 15.49
N SER G 123 -46.03 41.01 14.75
CA SER G 123 -46.44 39.72 15.31
C SER G 123 -45.27 38.77 15.53
N LYS G 124 -44.24 38.89 14.69
CA LYS G 124 -43.10 38.00 14.76
C LYS G 124 -42.19 38.28 15.96
N ILE G 125 -42.11 39.54 16.38
CA ILE G 125 -41.20 39.92 17.46
C ILE G 125 -41.65 39.35 18.81
N ASN G 126 -40.70 38.76 19.54
CA ASN G 126 -40.96 38.24 20.87
C ASN G 126 -39.97 38.78 21.89
N CYS G 127 -40.49 39.43 22.92
CA CYS G 127 -39.66 39.95 23.99
C CYS G 127 -40.32 39.79 25.36
N THR G 128 -39.51 39.48 26.37
CA THR G 128 -40.01 39.36 27.74
C THR G 128 -40.48 40.70 28.29
N ASN G 129 -39.74 41.75 27.96
CA ASN G 129 -39.98 43.06 28.52
C ASN G 129 -40.86 43.94 27.64
N LEU G 130 -41.25 43.40 26.49
CA LEU G 130 -42.20 44.09 25.62
C LEU G 130 -43.48 43.27 25.49
N ILE G 131 -44.61 43.86 25.90
CA ILE G 131 -45.89 43.19 25.81
C ILE G 131 -46.21 42.82 24.36
N LYS G 132 -46.48 41.54 24.13
CA LYS G 132 -46.66 41.02 22.78
C LYS G 132 -47.88 41.58 22.03
N PHE G 133 -47.72 41.75 20.73
CA PHE G 133 -48.77 42.22 19.84
C PHE G 133 -49.40 41.05 19.10
N ARG G 134 -50.69 40.84 19.33
CA ARG G 134 -51.40 39.69 18.79
C ARG G 134 -52.27 39.99 17.58
N ASP G 135 -53.16 40.98 17.67
CA ASP G 135 -54.04 41.28 16.55
C ASP G 135 -54.44 42.76 16.44
N ILE G 136 -54.30 43.31 15.23
CA ILE G 136 -54.78 44.66 14.89
C ILE G 136 -55.96 44.49 13.93
N PHE G 137 -56.99 45.33 14.09
CA PHE G 137 -58.14 45.23 13.18
C PHE G 137 -58.94 46.53 13.07
N GLN G 138 -59.73 46.65 12.02
CA GLN G 138 -60.55 47.85 11.85
C GLN G 138 -62.04 47.50 11.93
N THR G 139 -62.76 48.20 12.79
CA THR G 139 -64.18 47.94 13.01
C THR G 139 -65.05 49.20 13.12
N THR G 140 -66.31 49.04 12.72
CA THR G 140 -67.32 50.10 12.77
C THR G 140 -68.26 49.95 13.97
N LYS G 141 -68.01 48.94 14.80
CA LYS G 141 -68.93 48.53 15.86
C LYS G 141 -69.22 49.62 16.89
N PHE G 142 -68.28 50.54 17.08
CA PHE G 142 -68.51 51.71 17.93
C PHE G 142 -69.48 52.71 17.31
N GLY G 143 -70.00 52.42 16.12
CA GLY G 143 -70.82 53.40 15.42
C GLY G 143 -70.06 54.66 15.06
N ASP G 144 -68.74 54.59 15.22
CA ASP G 144 -67.79 55.51 14.61
C ASP G 144 -66.69 54.64 14.02
N LEU G 145 -65.85 55.18 13.15
CA LEU G 145 -64.86 54.31 12.51
C LEU G 145 -63.61 54.17 13.38
N SER G 146 -63.46 53.01 14.00
CA SER G 146 -62.38 52.80 14.96
C SER G 146 -61.48 51.65 14.56
N ILE G 147 -60.19 51.82 14.78
CA ILE G 147 -59.23 50.77 14.55
C ILE G 147 -58.69 50.36 15.91
N CYS G 148 -58.59 49.06 16.16
CA CYS G 148 -58.30 48.59 17.50
C CYS G 148 -57.11 47.65 17.52
N LEU G 149 -56.38 47.69 18.63
CA LEU G 149 -55.20 46.87 18.83
C LEU G 149 -55.47 45.89 19.97
N VAL G 150 -54.82 44.74 19.96
CA VAL G 150 -54.98 43.84 21.09
C VAL G 150 -53.61 43.37 21.61
N PHE G 151 -53.45 43.40 22.92
CA PHE G 151 -52.18 43.08 23.57
C PHE G 151 -52.43 41.98 24.62
N ASP G 152 -51.39 41.27 25.03
CA ASP G 152 -51.52 40.31 26.11
C ASP G 152 -51.84 40.98 27.45
N TYR G 153 -52.59 40.28 28.30
CA TYR G 153 -53.03 40.87 29.56
C TYR G 153 -52.00 40.68 30.67
N TYR G 154 -51.76 41.75 31.42
CA TYR G 154 -50.89 41.73 32.57
C TYR G 154 -51.60 42.49 33.68
N PRO G 155 -52.51 41.79 34.38
CA PRO G 155 -53.47 42.42 35.30
C PRO G 155 -52.81 43.16 36.47
N ASN G 156 -53.52 44.16 36.96
CA ASN G 156 -53.08 44.99 38.09
C ASN G 156 -51.69 45.59 37.86
N SER G 157 -51.32 45.79 36.60
CA SER G 157 -50.06 46.44 36.27
C SER G 157 -50.18 47.95 36.30
N LEU G 158 -49.25 48.59 36.99
CA LEU G 158 -49.22 50.04 37.10
C LEU G 158 -47.99 50.63 36.41
N SER G 159 -48.12 51.84 35.91
CA SER G 159 -46.99 52.55 35.31
C SER G 159 -46.00 53.00 36.37
N LEU G 160 -44.73 53.10 35.99
CA LEU G 160 -43.67 53.52 36.90
C LEU G 160 -44.02 54.85 37.57
N TYR G 161 -44.62 55.75 36.79
CA TYR G 161 -45.08 57.04 37.30
C TYR G 161 -45.95 56.81 38.52
N ASP G 162 -46.93 55.95 38.34
CA ASP G 162 -47.86 55.64 39.41
C ASP G 162 -47.22 54.83 40.53
N TYR G 163 -46.36 53.89 40.15
CA TYR G 163 -45.77 52.97 41.13
C TYR G 163 -44.87 53.69 42.13
N HIS G 164 -43.89 54.42 41.62
CA HIS G 164 -42.89 55.02 42.49
C HIS G 164 -43.28 56.33 43.16
N PHE G 165 -44.00 57.19 42.45
CA PHE G 165 -44.25 58.52 42.98
C PHE G 165 -45.61 58.71 43.68
N VAL G 166 -46.72 58.46 43.00
CA VAL G 166 -48.02 58.79 43.57
C VAL G 166 -48.64 57.69 44.46
N ASN G 167 -48.70 56.46 43.98
CA ASN G 167 -49.51 55.42 44.62
C ASN G 167 -48.99 54.94 45.99
N PHE G 168 -49.84 55.05 46.99
CA PHE G 168 -49.49 54.72 48.38
C PHE G 168 -49.57 53.21 48.63
N PRO G 169 -48.61 52.65 49.39
CA PRO G 169 -47.30 53.23 49.73
C PRO G 169 -46.35 53.14 48.55
N LYS G 170 -45.46 54.11 48.38
CA LYS G 170 -44.55 54.10 47.26
C LYS G 170 -43.17 53.58 47.65
N PHE G 171 -42.64 52.67 46.83
CA PHE G 171 -41.30 52.15 47.05
C PHE G 171 -40.28 53.07 46.35
N PRO G 172 -39.45 53.76 47.15
CA PRO G 172 -38.49 54.73 46.61
C PRO G 172 -37.37 54.08 45.79
N ILE G 173 -37.19 54.57 44.56
CA ILE G 173 -36.18 54.00 43.66
C ILE G 173 -34.79 53.90 44.30
N THR G 174 -34.35 52.66 44.46
CA THR G 174 -32.99 52.36 44.92
C THR G 174 -32.14 52.18 43.67
N ASN G 175 -30.87 52.56 43.76
CA ASN G 175 -29.99 52.49 42.59
C ASN G 175 -30.04 51.14 41.88
N ASN G 176 -30.04 50.07 42.66
CA ASN G 176 -30.13 48.72 42.12
C ASN G 176 -31.31 48.53 41.19
N TYR G 177 -32.50 48.90 41.68
CA TYR G 177 -33.73 48.79 40.90
C TYR G 177 -33.59 49.57 39.60
N LEU G 178 -33.02 50.77 39.70
CA LEU G 178 -32.80 51.61 38.53
C LEU G 178 -31.95 50.86 37.51
N TRP G 179 -30.88 50.23 38.00
CA TRP G 179 -30.00 49.44 37.15
C TRP G 179 -30.79 48.35 36.43
N ILE G 180 -31.63 47.64 37.17
CA ILE G 180 -32.45 46.57 36.60
C ILE G 180 -33.37 47.11 35.50
N TYR G 181 -34.04 48.22 35.80
CA TYR G 181 -34.90 48.91 34.86
C TYR G 181 -34.12 49.12 33.56
N LEU G 182 -32.94 49.71 33.72
CA LEU G 182 -32.07 50.04 32.60
C LEU G 182 -31.75 48.80 31.78
N VAL G 183 -31.40 47.71 32.46
CA VAL G 183 -31.06 46.46 31.78
C VAL G 183 -32.23 45.93 30.96
N GLN G 184 -33.41 45.85 31.55
CA GLN G 184 -34.55 45.30 30.81
C GLN G 184 -34.96 46.19 29.61
N LEU G 185 -35.01 47.50 29.83
CA LEU G 185 -35.31 48.40 28.72
C LEU G 185 -34.26 48.25 27.62
N THR G 186 -33.01 48.05 28.03
CA THR G 186 -31.93 47.80 27.09
C THR G 186 -32.20 46.53 26.30
N ASN G 187 -32.74 45.52 26.97
CA ASN G 187 -33.10 44.28 26.32
C ASN G 187 -34.11 44.57 25.22
N VAL G 188 -35.12 45.38 25.55
CA VAL G 188 -36.13 45.74 24.56
C VAL G 188 -35.48 46.46 23.39
N ILE G 189 -34.53 47.32 23.70
CA ILE G 189 -33.80 48.06 22.68
C ILE G 189 -33.12 47.10 21.70
N ASN G 190 -32.41 46.13 22.26
CA ASN G 190 -31.69 45.15 21.45
C ASN G 190 -32.65 44.33 20.59
N SER G 191 -33.72 43.82 21.21
CA SER G 191 -34.66 42.94 20.51
C SER G 191 -35.39 43.68 19.38
N ILE G 192 -35.76 44.92 19.63
CA ILE G 192 -36.46 45.71 18.64
C ILE G 192 -35.53 46.13 17.49
N HIS G 193 -34.35 46.63 17.84
CA HIS G 193 -33.42 47.10 16.83
C HIS G 193 -32.86 45.96 15.97
N SER G 194 -32.74 44.78 16.55
CA SER G 194 -32.24 43.61 15.82
C SER G 194 -33.13 43.24 14.64
N GLN G 195 -34.41 43.57 14.73
CA GLN G 195 -35.37 43.34 13.65
C GLN G 195 -35.61 44.59 12.80
N ASN G 196 -34.69 45.54 12.90
CA ASN G 196 -34.68 46.76 12.09
C ASN G 196 -35.89 47.67 12.26
N LEU G 197 -36.47 47.67 13.45
CA LEU G 197 -37.56 48.60 13.79
C LEU G 197 -37.15 49.53 14.92
N SER G 198 -37.80 50.70 14.97
CA SER G 198 -37.57 51.66 16.03
C SER G 198 -38.72 51.62 17.05
N ILE G 199 -38.41 51.80 18.33
CA ILE G 199 -39.44 51.78 19.35
C ILE G 199 -40.25 53.08 19.39
N GLY G 200 -39.60 54.20 19.13
CA GLY G 200 -40.30 55.47 19.12
C GLY G 200 -40.27 56.31 20.38
N ASN G 201 -41.27 57.17 20.52
CA ASN G 201 -41.36 58.15 21.60
C ASN G 201 -42.17 57.63 22.78
N THR G 202 -42.33 56.32 22.85
CA THR G 202 -43.07 55.70 23.93
C THR G 202 -42.19 55.35 25.13
N LEU G 203 -40.90 55.69 25.04
CA LEU G 203 -39.95 55.26 26.06
C LEU G 203 -40.15 56.01 27.37
N ASN G 204 -41.04 56.99 27.39
CA ASN G 204 -41.28 57.71 28.64
C ASN G 204 -41.88 56.74 29.65
N TRP G 205 -41.67 57.04 30.92
CA TRP G 205 -42.00 56.13 32.02
C TRP G 205 -43.50 55.78 32.10
N ARG G 206 -44.36 56.78 31.92
CA ARG G 206 -45.80 56.56 32.05
C ARG G 206 -46.34 55.52 31.06
N LYS G 207 -45.67 55.37 29.92
CA LYS G 207 -46.13 54.42 28.92
C LYS G 207 -45.51 53.03 29.11
N VAL G 208 -44.50 52.93 29.97
CA VAL G 208 -43.93 51.64 30.35
C VAL G 208 -44.43 51.23 31.74
N LEU G 209 -45.15 50.12 31.81
CA LEU G 209 -45.71 49.72 33.09
C LEU G 209 -44.88 48.62 33.72
N ILE G 210 -45.19 48.32 34.99
CA ILE G 210 -44.53 47.23 35.68
C ILE G 210 -45.54 46.10 35.80
N THR G 211 -45.05 44.86 35.75
CA THR G 211 -45.92 43.69 35.87
C THR G 211 -45.43 42.85 37.03
N GLY G 212 -46.27 42.63 38.03
CA GLY G 212 -45.82 41.96 39.22
C GLY G 212 -45.28 43.08 40.09
N ASP G 213 -45.44 42.98 41.40
CA ASP G 213 -45.08 44.11 42.24
C ASP G 213 -43.60 44.54 42.17
N PRO G 214 -42.67 43.68 42.62
CA PRO G 214 -41.36 44.30 42.87
C PRO G 214 -40.51 44.77 41.67
N GLY G 215 -40.08 43.85 40.81
CA GLY G 215 -39.21 44.20 39.70
C GLY G 215 -39.49 43.97 38.22
N ARG G 216 -40.55 43.26 37.84
CA ARG G 216 -40.68 42.96 36.41
C ARG G 216 -41.36 44.02 35.56
N ILE G 217 -40.55 44.55 34.64
CA ILE G 217 -40.90 45.67 33.79
C ILE G 217 -41.36 45.26 32.38
N LYS G 218 -42.34 45.99 31.84
CA LYS G 218 -42.76 45.78 30.46
C LYS G 218 -43.24 47.08 29.83
N LEU G 219 -42.93 47.32 28.57
CA LEU G 219 -43.42 48.53 27.93
C LEU G 219 -44.58 48.15 27.01
N SER G 220 -45.33 49.14 26.56
CA SER G 220 -46.59 48.89 25.88
C SER G 220 -46.75 49.13 24.37
N HIS G 221 -46.98 50.40 24.04
CA HIS G 221 -47.51 50.80 22.75
C HIS G 221 -46.54 50.81 21.56
N CYS G 222 -45.29 51.22 21.79
CA CYS G 222 -44.25 51.21 20.75
C CYS G 222 -44.48 52.11 19.53
N ASN G 223 -45.33 53.13 19.64
CA ASN G 223 -45.51 54.08 18.55
C ASN G 223 -45.85 53.46 17.19
N PHE G 224 -46.92 52.68 17.12
CA PHE G 224 -47.30 52.06 15.86
C PHE G 224 -47.82 53.14 14.90
N MET G 225 -48.10 54.31 15.47
CA MET G 225 -48.70 55.41 14.72
C MET G 225 -47.86 55.86 13.53
N ASP G 226 -46.54 55.77 13.68
CA ASP G 226 -45.64 56.14 12.60
C ASP G 226 -45.87 55.29 11.37
N LEU G 227 -45.76 53.97 11.55
CA LEU G 227 -45.98 53.05 10.44
C LEU G 227 -47.40 53.08 9.91
N LEU G 228 -48.38 53.12 10.81
CA LEU G 228 -49.78 53.15 10.37
C LEU G 228 -50.13 54.50 9.70
N PHE G 229 -49.93 55.63 10.37
CA PHE G 229 -50.30 56.87 9.72
C PHE G 229 -49.09 57.52 9.04
N ASN G 230 -48.88 57.10 7.80
CA ASN G 230 -47.95 57.71 6.86
C ASN G 230 -48.43 57.24 5.49
N ASP G 231 -48.42 58.11 4.50
CA ASP G 231 -48.83 57.67 3.17
C ASP G 231 -47.65 57.00 2.49
N ASP G 232 -46.48 57.59 2.66
CA ASP G 232 -45.27 57.02 2.09
C ASP G 232 -44.24 56.54 3.11
N THR G 233 -44.16 55.21 3.26
CA THR G 233 -42.92 54.55 3.63
C THR G 233 -42.80 53.32 2.72
N ASP G 234 -41.85 53.35 1.78
CA ASP G 234 -41.70 52.23 0.85
C ASP G 234 -40.55 51.29 1.21
N THR G 235 -39.85 51.64 2.29
CA THR G 235 -38.69 50.92 2.83
C THR G 235 -37.63 50.62 1.77
N VAL G 236 -37.59 51.44 0.72
CA VAL G 236 -36.49 51.40 -0.23
C VAL G 236 -35.73 52.73 -0.15
N VAL G 237 -34.57 52.73 0.47
CA VAL G 237 -33.81 53.97 0.64
C VAL G 237 -33.22 54.39 -0.70
N SER G 238 -33.19 55.69 -0.97
CA SER G 238 -32.42 56.19 -2.11
C SER G 238 -30.96 56.27 -1.68
N SER G 239 -30.10 56.86 -2.49
CA SER G 239 -28.69 56.99 -2.11
C SER G 239 -28.53 57.79 -0.84
N GLY G 240 -29.48 58.67 -0.57
CA GLY G 240 -29.49 59.44 0.66
C GLY G 240 -29.49 58.51 1.86
N GLY G 241 -30.25 57.42 1.76
CA GLY G 241 -30.29 56.41 2.80
C GLY G 241 -31.56 56.42 3.62
N SER G 242 -31.70 55.41 4.46
CA SER G 242 -32.91 55.19 5.25
C SER G 242 -33.00 56.14 6.44
N THR G 243 -34.23 56.38 6.90
CA THR G 243 -34.48 57.25 8.03
C THR G 243 -34.63 56.46 9.33
N ILE G 244 -34.51 55.15 9.22
CA ILE G 244 -34.66 54.24 10.34
C ILE G 244 -33.61 54.47 11.43
N GLU G 245 -32.36 54.67 11.01
CA GLU G 245 -31.24 54.88 11.93
C GLU G 245 -31.43 56.06 12.88
N GLY G 246 -31.89 57.20 12.35
CA GLY G 246 -32.07 58.39 13.17
C GLY G 246 -33.01 58.15 14.34
N GLN G 247 -34.16 57.55 14.03
CA GLN G 247 -35.14 57.19 15.05
C GLN G 247 -34.51 56.18 15.99
N GLN G 248 -33.73 55.28 15.41
CA GLN G 248 -33.05 54.23 16.17
C GLN G 248 -32.20 54.85 17.26
N GLN G 249 -31.54 55.96 16.95
CA GLN G 249 -30.77 56.71 17.96
C GLN G 249 -31.70 57.47 18.92
N LEU G 250 -32.80 57.96 18.36
CA LEU G 250 -33.77 58.71 19.14
C LEU G 250 -34.23 57.86 20.32
N ASP G 251 -34.38 56.57 20.09
CA ASP G 251 -34.81 55.67 21.15
C ASP G 251 -33.82 55.69 22.30
N TYR G 252 -32.54 55.69 21.95
CA TYR G 252 -31.48 55.82 22.94
C TYR G 252 -31.70 57.09 23.77
N LYS G 253 -31.94 58.19 23.06
CA LYS G 253 -32.17 59.46 23.74
C LYS G 253 -33.36 59.43 24.70
N TYR G 254 -34.46 58.83 24.25
CA TYR G 254 -35.67 58.76 25.05
C TYR G 254 -35.43 57.93 26.31
N LEU G 255 -34.71 56.82 26.15
CA LEU G 255 -34.32 55.99 27.29
C LEU G 255 -33.57 56.85 28.28
N GLY G 256 -32.68 57.68 27.73
CA GLY G 256 -31.92 58.62 28.55
C GLY G 256 -32.85 59.52 29.34
N GLU G 257 -33.89 60.02 28.68
CA GLU G 257 -34.85 60.91 29.33
C GLU G 257 -35.55 60.23 30.50
N LEU G 258 -36.12 59.05 30.24
CA LEU G 258 -36.83 58.30 31.28
C LEU G 258 -35.93 58.05 32.49
N LEU G 259 -34.81 57.38 32.23
CA LEU G 259 -33.88 57.02 33.30
C LEU G 259 -33.42 58.27 34.05
N PHE G 260 -33.24 59.36 33.32
CA PHE G 260 -32.84 60.62 33.92
C PHE G 260 -33.85 61.09 34.93
N ASN G 261 -35.09 61.21 34.48
CA ASN G 261 -36.18 61.70 35.31
C ASN G 261 -36.37 60.87 36.57
N LEU G 262 -36.36 59.55 36.39
CA LEU G 262 -36.46 58.64 37.53
C LEU G 262 -35.32 58.87 38.51
N SER G 263 -34.09 58.85 37.98
CA SER G 263 -32.89 58.99 38.80
C SER G 263 -32.85 60.29 39.60
N ILE G 264 -33.32 61.37 38.97
CA ILE G 264 -33.27 62.70 39.58
C ILE G 264 -34.36 62.90 40.61
N ASN G 265 -35.53 62.34 40.34
CA ASN G 265 -36.65 62.58 41.22
C ASN G 265 -36.63 61.67 42.46
N ILE G 266 -35.52 60.97 42.65
CA ILE G 266 -35.32 60.06 43.77
C ILE G 266 -35.61 60.68 45.15
N GLU G 267 -35.09 61.88 45.41
CA GLU G 267 -35.32 62.54 46.70
C GLU G 267 -36.79 62.88 46.84
N ASN G 268 -37.40 63.30 45.74
CA ASN G 268 -38.83 63.59 45.69
C ASN G 268 -39.63 62.33 45.96
N SER G 269 -39.05 61.18 45.67
CA SER G 269 -39.66 59.89 45.95
C SER G 269 -39.52 59.49 47.41
N ASN G 270 -38.32 59.66 47.97
CA ASN G 270 -38.03 59.21 49.33
C ASN G 270 -38.90 59.93 50.35
N ASN G 271 -38.92 61.26 50.26
CA ASN G 271 -39.88 62.06 51.00
C ASN G 271 -41.09 62.13 50.09
N ASN G 272 -42.30 62.15 50.62
CA ASN G 272 -43.43 62.12 49.71
C ASN G 272 -43.59 63.52 49.10
N THR G 273 -43.41 63.59 47.79
CA THR G 273 -43.44 64.85 47.07
C THR G 273 -43.68 64.63 45.58
N ALA G 274 -44.08 65.69 44.88
CA ALA G 274 -44.37 65.58 43.46
C ALA G 274 -43.10 65.73 42.64
N PRO G 275 -43.01 64.96 41.54
CA PRO G 275 -41.81 64.93 40.69
C PRO G 275 -41.69 66.13 39.74
N LYS G 276 -40.48 66.32 39.23
CA LYS G 276 -40.22 67.30 38.18
C LYS G 276 -39.98 66.55 36.89
N GLU G 277 -40.41 67.14 35.77
CA GLU G 277 -40.23 66.50 34.48
C GLU G 277 -39.22 67.25 33.65
N TYR G 278 -38.45 66.48 32.88
CA TYR G 278 -37.40 67.01 32.04
C TYR G 278 -37.51 66.41 30.64
N ARG G 279 -36.79 67.01 29.70
CA ARG G 279 -36.79 66.54 28.32
C ARG G 279 -35.38 66.70 27.77
N LEU G 280 -35.14 66.15 26.59
CA LEU G 280 -33.85 66.28 25.94
C LEU G 280 -33.42 67.73 25.89
N GLU G 281 -34.38 68.61 25.61
CA GLU G 281 -34.13 70.04 25.51
C GLU G 281 -33.65 70.57 26.85
N GLU G 282 -34.36 70.13 27.90
CA GLU G 282 -34.12 70.63 29.25
C GLU G 282 -32.92 70.00 29.93
N ILE G 283 -32.58 68.79 29.51
CA ILE G 283 -31.54 68.03 30.17
C ILE G 283 -30.14 68.58 29.88
N THR G 284 -29.40 68.87 30.94
CA THR G 284 -28.02 69.32 30.83
C THR G 284 -27.10 68.43 31.66
N PRO G 285 -25.92 68.09 31.11
CA PRO G 285 -24.92 67.20 31.71
C PRO G 285 -24.35 67.74 33.03
N GLN G 286 -24.20 69.06 33.12
CA GLN G 286 -23.72 69.69 34.35
C GLN G 286 -24.54 69.25 35.56
N SER G 287 -25.83 69.01 35.35
CA SER G 287 -26.73 68.60 36.43
C SER G 287 -26.64 67.11 36.75
N ILE G 288 -26.52 66.27 35.71
CA ILE G 288 -26.35 64.84 35.93
C ILE G 288 -25.04 64.58 36.64
N ASP G 289 -24.08 65.50 36.46
CA ASP G 289 -22.86 65.48 37.23
C ASP G 289 -23.09 66.09 38.61
N ASP G 290 -24.10 66.97 38.70
CA ASP G 290 -24.42 67.63 39.95
C ASP G 290 -25.40 66.80 40.75
N MET G 291 -25.73 65.61 40.24
CA MET G 291 -26.59 64.66 40.95
C MET G 291 -25.94 64.34 42.29
N ARG G 292 -26.74 63.95 43.28
CA ARG G 292 -26.19 63.68 44.59
C ARG G 292 -26.16 62.19 44.90
N GLN G 293 -27.29 61.50 44.96
CA GLN G 293 -27.18 60.06 45.17
C GLN G 293 -27.39 59.30 43.87
N ILE G 294 -26.28 58.93 43.26
CA ILE G 294 -26.26 58.03 42.11
C ILE G 294 -24.86 57.45 41.98
N ASP G 295 -24.76 56.20 41.55
CA ASP G 295 -23.45 55.61 41.26
C ASP G 295 -22.88 56.25 40.01
N ASP G 296 -21.71 56.89 40.14
CA ASP G 296 -21.05 57.58 39.02
C ASP G 296 -21.03 56.77 37.72
N LYS G 297 -21.09 55.44 37.83
CA LYS G 297 -21.20 54.58 36.66
C LYS G 297 -22.52 54.86 35.94
N PHE G 298 -23.59 54.99 36.72
CA PHE G 298 -24.90 55.29 36.16
C PHE G 298 -24.89 56.69 35.56
N LYS G 299 -24.09 57.57 36.15
CA LYS G 299 -23.92 58.91 35.61
C LYS G 299 -23.27 58.84 34.24
N ASP G 300 -22.28 57.96 34.11
CA ASP G 300 -21.62 57.72 32.83
C ASP G 300 -22.59 57.15 31.80
N VAL G 301 -23.45 56.24 32.23
CA VAL G 301 -24.44 55.64 31.35
C VAL G 301 -25.43 56.70 30.85
N LEU G 302 -26.00 57.45 31.79
CA LEU G 302 -26.95 58.51 31.46
C LEU G 302 -26.31 59.51 30.52
N LYS G 303 -25.05 59.84 30.80
CA LYS G 303 -24.29 60.75 29.95
C LYS G 303 -24.16 60.22 28.53
N TYR G 304 -23.87 58.92 28.41
CA TYR G 304 -23.74 58.30 27.10
C TYR G 304 -25.06 58.37 26.34
N LEU G 305 -26.15 58.08 27.07
CA LEU G 305 -27.48 58.05 26.46
C LEU G 305 -27.98 59.42 26.01
N ILE G 306 -27.88 60.41 26.90
CA ILE G 306 -28.46 61.71 26.62
C ILE G 306 -27.68 62.54 25.61
N SER G 307 -26.38 62.29 25.51
CA SER G 307 -25.51 63.13 24.69
C SER G 307 -25.49 62.74 23.22
N ASP G 308 -25.53 63.74 22.33
CA ASP G 308 -25.35 63.50 20.91
C ASP G 308 -23.92 63.89 20.56
N ASN G 309 -23.24 63.03 19.80
CA ASN G 309 -21.88 63.33 19.38
C ASN G 309 -21.76 63.46 17.87
N GLY G 310 -20.73 64.19 17.43
CA GLY G 310 -20.41 64.35 16.02
C GLY G 310 -20.52 63.03 15.28
N ASP G 311 -20.06 61.96 15.91
CA ASP G 311 -20.39 60.62 15.46
C ASP G 311 -20.94 59.82 16.64
N SER G 312 -22.25 59.57 16.62
CA SER G 312 -22.87 58.82 17.69
C SER G 312 -22.62 57.33 17.54
N LYS G 313 -23.12 56.78 16.43
CA LYS G 313 -22.99 55.36 16.12
C LYS G 313 -23.31 54.49 17.31
N LYS G 314 -24.33 54.87 18.07
CA LYS G 314 -24.65 54.16 19.31
C LYS G 314 -25.17 52.76 19.05
N SER G 315 -24.49 51.78 19.64
CA SER G 315 -24.84 50.38 19.50
C SER G 315 -25.20 49.80 20.86
N ILE G 316 -26.01 48.76 20.86
CA ILE G 316 -26.33 48.03 22.08
C ILE G 316 -25.03 47.56 22.74
N HIS G 317 -24.07 47.22 21.90
CA HIS G 317 -22.76 46.73 22.35
C HIS G 317 -22.04 47.67 23.30
N ASP G 318 -21.89 48.93 22.92
CA ASP G 318 -21.16 49.90 23.73
C ASP G 318 -21.85 50.18 25.06
N LEU G 319 -23.16 50.39 24.98
CA LEU G 319 -23.95 50.69 26.15
C LEU G 319 -23.87 49.52 27.12
N THR G 320 -23.99 48.30 26.60
CA THR G 320 -23.87 47.11 27.42
C THR G 320 -22.45 47.00 27.98
N SER G 321 -21.48 47.48 27.22
CA SER G 321 -20.09 47.49 27.68
C SER G 321 -20.02 48.39 28.91
N HIS G 322 -20.89 49.40 28.93
CA HIS G 322 -21.05 50.22 30.12
C HIS G 322 -21.71 49.40 31.22
N PHE G 323 -22.61 48.50 30.82
CA PHE G 323 -23.43 47.75 31.79
C PHE G 323 -22.80 46.56 32.52
N TYR G 324 -22.47 45.48 31.80
CA TYR G 324 -21.82 44.33 32.43
C TYR G 324 -22.60 43.68 33.59
N ASP G 325 -22.03 43.81 34.78
CA ASP G 325 -22.48 43.10 35.97
C ASP G 325 -23.97 43.27 36.28
N LYS G 326 -24.55 44.41 35.93
CA LYS G 326 -25.95 44.67 36.26
C LYS G 326 -26.85 43.59 35.65
N MET G 327 -26.41 43.04 34.51
CA MET G 327 -27.06 41.89 33.89
C MET G 327 -27.03 40.69 34.84
N PHE G 328 -25.87 40.46 35.44
CA PHE G 328 -25.76 39.44 36.47
C PHE G 328 -26.74 39.73 37.59
N MET G 329 -26.93 41.00 37.94
CA MET G 329 -27.91 41.35 38.98
C MET G 329 -29.33 40.91 38.63
N VAL G 330 -29.80 41.33 37.46
CA VAL G 330 -31.17 40.98 37.05
C VAL G 330 -31.34 39.46 36.92
N LEU G 331 -30.39 38.80 36.28
CA LEU G 331 -30.44 37.34 36.15
C LEU G 331 -30.49 36.66 37.52
N GLU G 332 -29.63 37.12 38.43
CA GLU G 332 -29.54 36.61 39.80
C GLU G 332 -30.89 36.71 40.50
N SER G 333 -31.49 37.89 40.42
CA SER G 333 -32.77 38.15 41.05
C SER G 333 -33.81 37.21 40.45
N SER G 334 -33.77 37.08 39.13
CA SER G 334 -34.70 36.23 38.38
C SER G 334 -34.65 34.78 38.88
N GLN G 335 -33.45 34.23 38.97
CA GLN G 335 -33.27 32.86 39.45
C GLN G 335 -33.75 32.73 40.89
N THR G 336 -33.41 33.71 41.71
CA THR G 336 -33.83 33.72 43.11
C THR G 336 -35.35 33.62 43.22
N TYR G 337 -36.05 34.43 42.44
CA TYR G 337 -37.50 34.42 42.43
C TYR G 337 -38.03 33.08 41.97
N THR G 338 -37.40 32.52 40.95
CA THR G 338 -37.78 31.19 40.47
C THR G 338 -37.72 30.16 41.59
N GLU G 339 -36.61 30.18 42.34
CA GLU G 339 -36.41 29.26 43.44
C GLU G 339 -37.48 29.44 44.51
N TYR G 340 -37.76 30.69 44.86
CA TYR G 340 -38.80 30.98 45.85
C TYR G 340 -40.14 30.38 45.42
N MET G 341 -40.53 30.68 44.19
CA MET G 341 -41.79 30.19 43.66
C MET G 341 -41.85 28.67 43.67
N GLU G 342 -40.75 28.02 43.33
CA GLU G 342 -40.68 26.56 43.40
C GLU G 342 -40.97 26.11 44.83
N SER G 343 -40.34 26.80 45.78
CA SER G 343 -40.47 26.47 47.19
C SER G 343 -41.92 26.54 47.66
N VAL G 344 -42.57 27.68 47.42
CA VAL G 344 -43.97 27.84 47.84
C VAL G 344 -44.90 26.87 47.08
N LEU G 345 -44.61 26.64 45.80
CA LEU G 345 -45.37 25.71 44.98
C LEU G 345 -45.35 24.30 45.55
N SER G 346 -44.21 23.90 46.11
CA SER G 346 -44.03 22.56 46.66
C SER G 346 -45.11 22.19 47.67
N ARG G 347 -45.43 23.11 48.58
CA ARG G 347 -46.47 22.87 49.58
C ARG G 347 -47.82 22.61 48.93
N GLU G 348 -48.13 23.43 47.93
CA GLU G 348 -49.44 23.46 47.27
C GLU G 348 -49.72 22.38 46.20
N LEU G 349 -48.69 21.78 45.64
CA LEU G 349 -48.83 20.93 44.44
C LEU G 349 -49.90 19.81 44.47
N GLU G 350 -50.11 19.18 45.63
CA GLU G 350 -51.05 18.07 45.73
C GLU G 350 -52.52 18.40 45.41
N ASN G 351 -52.97 19.61 45.72
CA ASN G 351 -54.39 19.98 45.65
C ASN G 351 -55.12 19.74 44.33
N GLY G 352 -54.44 19.89 43.20
CA GLY G 352 -55.06 19.67 41.91
C GLY G 352 -55.67 18.29 41.82
N ARG G 353 -54.89 17.30 42.21
CA ARG G 353 -55.33 15.90 42.24
C ARG G 353 -56.62 15.77 43.03
N LEU G 354 -56.64 16.34 44.23
CA LEU G 354 -57.81 16.33 45.08
C LEU G 354 -59.01 16.94 44.36
N PHE G 355 -58.75 18.01 43.61
CA PHE G 355 -59.79 18.68 42.84
C PHE G 355 -60.41 17.68 41.88
N ARG G 356 -59.56 17.01 41.12
CA ARG G 356 -60.03 15.99 40.18
C ARG G 356 -60.88 14.94 40.87
N LEU G 357 -60.40 14.44 42.01
CA LEU G 357 -61.10 13.38 42.73
C LEU G 357 -62.51 13.80 43.16
N VAL G 358 -62.60 14.92 43.88
CA VAL G 358 -63.88 15.41 44.34
C VAL G 358 -64.78 15.73 43.16
N ASN G 359 -64.18 16.17 42.06
CA ASN G 359 -64.94 16.46 40.86
C ASN G 359 -65.59 15.21 40.30
N LYS G 360 -64.82 14.14 40.20
CA LYS G 360 -65.36 12.88 39.68
C LYS G 360 -66.46 12.32 40.58
N LEU G 361 -66.16 12.26 41.89
CA LEU G 361 -67.14 11.74 42.85
C LEU G 361 -68.42 12.54 42.77
N ASN G 362 -68.25 13.86 42.69
CA ASN G 362 -69.39 14.77 42.60
C ASN G 362 -70.18 14.51 41.34
N CYS G 363 -69.47 14.21 40.25
CA CYS G 363 -70.11 13.93 38.98
C CYS G 363 -71.03 12.73 39.13
N ILE G 364 -70.50 11.71 39.78
CA ILE G 364 -71.23 10.45 39.94
C ILE G 364 -72.42 10.50 40.91
N PHE G 365 -72.29 11.23 42.01
CA PHE G 365 -73.24 11.11 43.13
C PHE G 365 -74.73 11.49 43.01
N GLY G 366 -75.02 12.75 42.66
CA GLY G 366 -76.39 13.23 42.73
C GLY G 366 -77.29 13.42 41.51
N ARG G 367 -76.97 12.76 40.40
CA ARG G 367 -77.69 12.95 39.15
C ARG G 367 -79.21 12.68 39.33
N ILE G 368 -80.05 13.46 38.66
CA ILE G 368 -81.50 13.37 38.83
C ILE G 368 -82.02 11.97 38.49
N GLU G 369 -81.55 11.40 37.38
CA GLU G 369 -81.95 10.05 36.99
C GLU G 369 -81.51 9.02 38.04
N SER G 370 -80.42 9.33 38.71
CA SER G 370 -79.84 8.43 39.70
C SER G 370 -80.61 8.50 41.01
N ARG G 371 -81.50 9.49 41.11
CA ARG G 371 -82.17 9.76 42.37
C ARG G 371 -83.24 8.71 42.64
N ILE G 372 -84.05 8.41 41.63
CA ILE G 372 -85.14 7.46 41.78
C ILE G 372 -84.84 6.06 41.24
N ASP G 373 -83.59 5.76 40.92
CA ASP G 373 -83.26 4.41 40.46
C ASP G 373 -83.21 3.39 41.58
N ILE G 374 -83.59 2.17 41.25
CA ILE G 374 -83.63 1.06 42.20
C ILE G 374 -82.21 0.65 42.59
N ASN G 375 -81.28 0.82 41.65
CA ASN G 375 -79.87 0.56 41.92
C ASN G 375 -79.30 1.43 43.02
N TRP G 376 -79.77 2.68 43.08
CA TRP G 376 -79.24 3.66 44.01
C TRP G 376 -80.04 3.64 45.31
N SER G 377 -80.92 2.64 45.44
CA SER G 377 -81.78 2.54 46.62
C SER G 377 -81.09 1.85 47.79
N GLU G 378 -81.86 1.56 48.82
CA GLU G 378 -81.32 0.94 50.03
C GLU G 378 -80.78 -0.47 49.78
N SER G 379 -81.41 -1.17 48.85
CA SER G 379 -80.87 -2.42 48.36
C SER G 379 -80.50 -2.25 46.90
N GLY G 380 -79.21 -2.12 46.64
CA GLY G 380 -78.73 -1.87 45.29
C GLY G 380 -77.21 -1.88 45.24
N THR G 381 -76.68 -1.93 44.03
CA THR G 381 -75.25 -1.94 43.82
C THR G 381 -74.60 -0.59 44.15
N LYS G 382 -75.28 0.49 43.79
CA LYS G 382 -74.70 1.84 43.91
C LYS G 382 -74.75 2.45 45.32
N PHE G 383 -75.60 1.89 46.17
CA PHE G 383 -75.86 2.43 47.52
C PHE G 383 -74.60 2.81 48.35
N PRO G 384 -73.55 1.94 48.35
CA PRO G 384 -72.35 2.26 49.12
C PRO G 384 -71.75 3.62 48.74
N ILE G 385 -71.91 4.05 47.50
CA ILE G 385 -71.41 5.36 47.12
C ILE G 385 -72.06 6.46 47.95
N ILE G 386 -73.38 6.42 48.04
CA ILE G 386 -74.11 7.41 48.82
C ILE G 386 -73.69 7.33 50.28
N LEU G 387 -73.64 6.11 50.81
CA LEU G 387 -73.24 5.95 52.20
C LEU G 387 -71.83 6.52 52.49
N PHE G 388 -70.87 6.17 51.63
CA PHE G 388 -69.50 6.65 51.78
C PHE G 388 -69.35 8.15 51.66
N TYR G 389 -70.01 8.73 50.67
CA TYR G 389 -69.95 10.17 50.43
C TYR G 389 -70.51 10.85 51.68
N ASP G 390 -71.66 10.36 52.15
CA ASP G 390 -72.22 10.86 53.41
C ASP G 390 -71.17 10.76 54.51
N TYR G 391 -70.48 9.62 54.57
CA TYR G 391 -69.46 9.39 55.59
C TYR G 391 -68.34 10.43 55.59
N VAL G 392 -67.81 10.73 54.41
CA VAL G 392 -66.67 11.64 54.31
C VAL G 392 -67.11 13.07 54.55
N PHE G 393 -68.11 13.49 53.78
CA PHE G 393 -68.51 14.89 53.80
C PHE G 393 -69.53 15.24 54.89
N HIS G 394 -70.45 14.32 55.18
CA HIS G 394 -71.50 14.61 56.15
C HIS G 394 -71.18 13.97 57.51
N GLN G 395 -70.66 14.80 58.42
CA GLN G 395 -70.21 14.36 59.73
C GLN G 395 -71.21 14.75 60.82
N VAL G 396 -71.31 13.95 61.88
CA VAL G 396 -72.16 14.31 63.00
C VAL G 396 -71.32 14.48 64.28
N ASP G 397 -71.42 15.64 64.92
CA ASP G 397 -70.73 15.81 66.19
C ASP G 397 -71.58 15.22 67.31
N SER G 398 -70.96 14.35 68.10
CA SER G 398 -71.64 13.64 69.20
C SER G 398 -73.02 13.14 68.82
N ASN G 399 -73.19 12.82 67.53
CA ASN G 399 -74.47 12.46 66.95
C ASN G 399 -75.47 13.62 66.94
N GLY G 400 -75.09 14.76 67.50
CA GLY G 400 -75.97 15.91 67.46
C GLY G 400 -75.93 17.00 66.41
N LYS G 401 -74.78 17.31 65.81
CA LYS G 401 -74.80 18.24 64.68
C LYS G 401 -73.70 17.99 63.64
N PRO G 402 -73.77 18.70 62.49
CA PRO G 402 -72.76 18.56 61.46
C PRO G 402 -71.46 19.30 61.77
N ILE G 403 -70.35 18.76 61.30
CA ILE G 403 -69.04 19.39 61.41
C ILE G 403 -68.27 19.00 60.16
N MET G 404 -67.40 19.88 59.68
CA MET G 404 -66.53 19.51 58.58
C MET G 404 -65.07 19.61 59.00
N ASP G 405 -64.44 18.45 59.08
CA ASP G 405 -63.03 18.34 59.38
C ASP G 405 -62.31 18.21 58.06
N LEU G 406 -61.26 18.97 57.86
CA LEU G 406 -60.58 18.96 56.58
C LEU G 406 -59.69 17.72 56.45
N THR G 407 -58.89 17.42 57.48
CA THR G 407 -57.97 16.29 57.45
C THR G 407 -58.75 14.97 57.29
N HIS G 408 -59.94 14.89 57.89
CA HIS G 408 -60.83 13.76 57.64
C HIS G 408 -61.08 13.59 56.15
N VAL G 409 -61.49 14.67 55.50
CA VAL G 409 -61.82 14.63 54.07
C VAL G 409 -60.62 14.21 53.24
N LEU G 410 -59.47 14.83 53.51
CA LEU G 410 -58.25 14.49 52.80
C LEU G 410 -57.83 13.04 53.01
N ARG G 411 -57.95 12.57 54.24
CA ARG G 411 -57.56 11.20 54.58
C ARG G 411 -58.44 10.23 53.79
N CYS G 412 -59.74 10.43 53.87
CA CYS G 412 -60.68 9.55 53.19
C CYS G 412 -60.43 9.54 51.68
N LEU G 413 -60.30 10.74 51.11
CA LEU G 413 -60.10 10.86 49.68
C LEU G 413 -58.78 10.25 49.22
N ASN G 414 -57.71 10.53 49.95
CA ASN G 414 -56.40 10.03 49.59
C ASN G 414 -56.38 8.52 49.64
N LYS G 415 -56.87 7.97 50.75
CA LYS G 415 -56.95 6.53 50.91
C LYS G 415 -57.81 5.89 49.82
N LEU G 416 -58.89 6.56 49.42
CA LEU G 416 -59.71 6.03 48.34
C LEU G 416 -58.97 6.03 47.02
N ASP G 417 -58.26 7.12 46.76
CA ASP G 417 -57.55 7.28 45.50
C ASP G 417 -56.48 6.21 45.38
N ALA G 418 -55.79 5.95 46.49
CA ALA G 418 -54.73 4.95 46.50
C ALA G 418 -55.29 3.54 46.33
N GLY G 419 -56.55 3.34 46.70
CA GLY G 419 -57.17 2.03 46.61
C GLY G 419 -56.54 0.99 47.51
N ILE G 420 -56.51 1.28 48.80
CA ILE G 420 -55.80 0.45 49.77
C ILE G 420 -56.71 -0.66 50.24
N GLN G 421 -56.16 -1.84 50.50
CA GLN G 421 -57.02 -2.89 51.00
C GLN G 421 -57.05 -2.66 52.48
N GLU G 422 -58.15 -2.06 52.89
CA GLU G 422 -58.44 -1.69 54.26
C GLU G 422 -59.95 -1.68 54.33
N LYS G 423 -60.53 -2.05 55.46
CA LYS G 423 -61.97 -2.19 55.47
C LYS G 423 -62.64 -1.02 56.20
N LEU G 424 -63.81 -0.64 55.71
CA LEU G 424 -64.60 0.41 56.32
C LEU G 424 -65.99 -0.15 56.59
N MET G 425 -66.51 0.13 57.76
CA MET G 425 -67.85 -0.29 58.14
C MET G 425 -68.86 0.83 58.00
N LEU G 426 -69.77 0.69 57.05
CA LEU G 426 -70.81 1.69 56.78
C LEU G 426 -72.21 1.28 57.25
N VAL G 427 -72.99 2.28 57.68
CA VAL G 427 -74.33 2.07 58.24
C VAL G 427 -75.39 2.53 57.23
N THR G 428 -76.56 1.89 57.27
CA THR G 428 -77.54 1.95 56.19
C THR G 428 -78.19 3.32 55.87
N PRO G 429 -78.45 4.17 56.86
CA PRO G 429 -78.62 4.02 58.31
C PRO G 429 -80.02 3.69 58.84
N ASP G 430 -80.81 2.76 58.30
CA ASP G 430 -81.87 2.32 59.19
C ASP G 430 -81.02 1.36 60.01
N GLU G 431 -80.88 1.70 61.27
CA GLU G 431 -79.76 1.25 62.10
C GLU G 431 -79.60 -0.25 62.40
N LEU G 432 -80.51 -1.09 61.94
CA LEU G 432 -80.42 -2.53 62.22
C LEU G 432 -79.28 -3.30 61.50
N ASN G 433 -79.09 -3.09 60.20
CA ASN G 433 -78.04 -3.83 59.49
C ASN G 433 -77.00 -2.88 58.87
N CYS G 434 -75.84 -3.43 58.53
CA CYS G 434 -74.74 -2.65 57.96
C CYS G 434 -73.99 -3.33 56.82
N ILE G 435 -73.13 -2.57 56.15
CA ILE G 435 -72.32 -3.09 55.05
C ILE G 435 -70.83 -2.80 55.24
N ILE G 436 -70.01 -3.81 54.99
CA ILE G 436 -68.56 -3.70 55.09
C ILE G 436 -67.93 -3.66 53.70
N ILE G 437 -67.10 -2.64 53.44
CA ILE G 437 -66.54 -2.45 52.10
C ILE G 437 -65.09 -1.96 52.17
N SER G 438 -64.26 -2.42 51.22
CA SER G 438 -62.84 -2.06 51.20
C SER G 438 -62.60 -0.95 50.19
N TYR G 439 -61.67 -0.06 50.53
CA TYR G 439 -61.40 1.14 49.76
C TYR G 439 -61.13 0.85 48.29
N LYS G 440 -60.44 -0.27 48.03
CA LYS G 440 -60.17 -0.71 46.66
C LYS G 440 -61.46 -0.96 45.90
N GLU G 441 -62.37 -1.70 46.53
CA GLU G 441 -63.66 -2.01 45.92
C GLU G 441 -64.47 -0.74 45.67
N LEU G 442 -64.31 0.23 46.56
CA LEU G 442 -64.96 1.53 46.42
C LEU G 442 -64.41 2.24 45.20
N LYS G 443 -63.09 2.17 45.04
CA LYS G 443 -62.40 2.79 43.93
C LYS G 443 -62.86 2.20 42.62
N ASP G 444 -62.83 0.88 42.54
CA ASP G 444 -63.24 0.17 41.34
C ASP G 444 -64.68 0.47 41.01
N LEU G 445 -65.52 0.45 42.02
CA LEU G 445 -66.95 0.66 41.84
C LEU G 445 -67.20 2.07 41.31
N ILE G 446 -66.58 3.06 41.95
CA ILE G 446 -66.78 4.46 41.58
C ILE G 446 -66.32 4.69 40.15
N GLU G 447 -65.13 4.22 39.80
CA GLU G 447 -64.64 4.40 38.44
C GLU G 447 -65.57 3.72 37.44
N SER G 448 -66.05 2.52 37.79
CA SER G 448 -66.95 1.79 36.91
C SER G 448 -68.22 2.60 36.66
N THR G 449 -68.78 3.15 37.73
CA THR G 449 -69.98 3.96 37.62
C THR G 449 -69.73 5.19 36.75
N PHE G 450 -68.64 5.91 37.02
CA PHE G 450 -68.31 7.10 36.25
C PHE G 450 -68.18 6.78 34.76
N ARG G 451 -67.44 5.71 34.45
CA ARG G 451 -67.28 5.29 33.06
C ARG G 451 -68.63 4.95 32.46
N SER G 452 -69.49 4.32 33.25
CA SER G 452 -70.82 3.96 32.79
C SER G 452 -71.64 5.20 32.45
N ILE G 453 -71.54 6.23 33.28
CA ILE G 453 -72.28 7.48 33.03
C ILE G 453 -71.74 8.17 31.79
N THR G 454 -70.42 8.26 31.70
CA THR G 454 -69.78 8.92 30.58
C THR G 454 -69.78 7.91 29.41
N GLN G 455 -69.19 8.29 28.27
CA GLN G 455 -69.09 7.43 27.09
C GLN G 455 -70.42 6.78 26.70
N LEU H 5 -40.96 2.46 45.56
CA LEU H 5 -40.08 3.61 45.76
C LEU H 5 -40.42 4.72 44.78
N GLN H 6 -41.07 4.36 43.67
CA GLN H 6 -41.41 5.32 42.65
C GLN H 6 -42.69 4.93 41.90
N TYR H 7 -43.49 5.93 41.52
CA TYR H 7 -44.72 5.66 40.78
C TYR H 7 -44.97 6.69 39.67
N HIS H 8 -45.13 6.19 38.45
CA HIS H 8 -45.49 7.05 37.31
C HIS H 8 -47.00 7.00 37.06
N LEU H 9 -47.72 6.37 37.98
CA LEU H 9 -49.17 6.17 37.88
C LEU H 9 -49.98 7.37 38.39
N TYR H 10 -49.31 8.44 38.79
CA TYR H 10 -50.00 9.63 39.29
C TYR H 10 -50.98 10.15 38.25
N ALA H 11 -50.51 10.31 37.03
CA ALA H 11 -51.41 10.56 35.90
C ALA H 11 -50.68 10.43 34.57
N PRO H 12 -51.25 9.63 33.68
CA PRO H 12 -50.79 9.41 32.30
C PRO H 12 -51.02 10.63 31.43
N GLU H 13 -50.03 11.03 30.65
CA GLU H 13 -50.22 12.17 29.77
C GLU H 13 -51.16 11.71 28.67
N GLN H 14 -52.03 12.58 28.21
CA GLN H 14 -52.93 12.23 27.13
C GLN H 14 -52.13 11.96 25.86
N PRO H 15 -52.64 11.09 24.98
CA PRO H 15 -51.94 10.73 23.74
C PRO H 15 -51.53 11.95 22.92
N SER H 16 -50.35 11.88 22.30
CA SER H 16 -49.80 13.00 21.56
C SER H 16 -50.67 13.40 20.38
N SER H 17 -51.26 12.40 19.73
CA SER H 17 -52.14 12.64 18.58
C SER H 17 -53.29 13.55 18.94
N LEU H 18 -53.88 13.34 20.12
CA LEU H 18 -54.97 14.17 20.61
C LEU H 18 -54.50 15.61 20.77
N LYS H 19 -53.33 15.77 21.41
CA LYS H 19 -52.74 17.10 21.63
C LYS H 19 -52.48 17.81 20.31
N SER H 20 -52.10 17.05 19.29
CA SER H 20 -51.87 17.62 17.96
C SER H 20 -53.20 18.05 17.35
N LEU H 21 -54.21 17.21 17.52
CA LEU H 21 -55.53 17.44 16.93
C LEU H 21 -56.28 18.59 17.60
N LEU H 22 -55.87 18.94 18.81
CA LEU H 22 -56.58 19.95 19.61
C LEU H 22 -56.70 21.30 18.92
N LYS H 23 -57.91 21.86 18.95
CA LYS H 23 -58.16 23.20 18.43
C LYS H 23 -57.73 24.22 19.48
N PRO H 24 -57.48 25.48 19.07
CA PRO H 24 -56.85 26.43 20.00
C PRO H 24 -57.65 26.64 21.28
N ASN H 25 -58.96 26.83 21.16
CA ASN H 25 -59.82 26.99 22.33
C ASN H 25 -59.88 25.71 23.16
N GLU H 26 -59.82 24.57 22.48
CA GLU H 26 -59.93 23.28 23.15
C GLU H 26 -58.79 22.99 24.10
N ARG H 27 -59.15 22.58 25.31
CA ARG H 27 -58.19 22.29 26.36
C ARG H 27 -58.20 20.80 26.70
N SER H 28 -57.17 20.34 27.40
CA SER H 28 -57.07 18.95 27.83
C SER H 28 -56.78 18.97 29.31
N ALA H 29 -57.04 17.87 29.99
CA ALA H 29 -57.09 17.85 31.45
C ALA H 29 -55.77 18.23 32.09
N ASP H 30 -54.67 17.82 31.48
CA ASP H 30 -53.36 18.15 32.00
C ASP H 30 -53.06 19.64 31.89
N GLN H 31 -53.68 20.31 30.92
CA GLN H 31 -53.30 21.68 30.66
C GLN H 31 -53.94 22.63 31.65
N LEU H 32 -55.00 22.17 32.31
CA LEU H 32 -55.62 22.94 33.38
C LEU H 32 -54.69 22.98 34.58
N PHE H 33 -54.00 21.85 34.77
CA PHE H 33 -53.16 21.66 35.94
C PHE H 33 -51.65 21.77 35.71
N ILE H 34 -50.90 21.58 36.79
CA ILE H 34 -49.44 21.55 36.77
C ILE H 34 -48.93 20.39 35.92
N PRO H 35 -47.96 20.66 35.02
CA PRO H 35 -47.46 19.55 34.22
C PRO H 35 -46.66 18.58 35.09
N ASN H 36 -46.53 17.34 34.63
CA ASN H 36 -45.98 16.27 35.46
C ASN H 36 -44.53 16.41 35.90
N ASN H 37 -43.64 16.74 34.97
CA ASN H 37 -42.22 16.88 35.27
C ASN H 37 -41.88 17.77 36.48
N ILE H 38 -42.49 18.95 36.54
CA ILE H 38 -42.16 19.89 37.59
C ILE H 38 -42.64 19.35 38.93
N ARG H 39 -43.85 18.82 38.94
CA ARG H 39 -44.47 18.30 40.16
C ARG H 39 -43.69 17.09 40.67
N GLU H 40 -43.23 16.24 39.75
CA GLU H 40 -42.46 15.06 40.13
C GLU H 40 -41.14 15.50 40.74
N ASP H 41 -40.48 16.45 40.09
CA ASP H 41 -39.21 16.95 40.59
C ASP H 41 -39.39 17.51 42.00
N LEU H 42 -40.37 18.39 42.16
CA LEU H 42 -40.65 19.03 43.44
C LEU H 42 -41.02 18.00 44.51
N THR H 43 -41.77 16.97 44.11
CA THR H 43 -42.18 15.91 45.02
C THR H 43 -40.98 15.13 45.52
N LYS H 44 -40.10 14.76 44.59
CA LYS H 44 -38.88 14.06 44.94
C LYS H 44 -38.06 14.91 45.89
N LYS H 45 -38.05 16.22 45.63
CA LYS H 45 -37.35 17.16 46.50
C LYS H 45 -37.92 17.11 47.92
N ASN H 46 -39.23 17.20 48.00
CA ASN H 46 -39.92 17.22 49.29
C ASN H 46 -39.65 15.95 50.07
N LEU H 47 -39.77 14.82 49.38
CA LEU H 47 -39.52 13.52 50.02
C LEU H 47 -38.08 13.41 50.49
N SER H 48 -37.15 13.80 49.64
CA SER H 48 -35.73 13.69 49.97
C SER H 48 -35.35 14.58 51.14
N ILE H 49 -35.94 15.76 51.23
CA ILE H 49 -35.69 16.65 52.35
C ILE H 49 -36.31 16.12 53.63
N LEU H 50 -37.57 15.66 53.51
CA LEU H 50 -38.35 15.29 54.68
C LEU H 50 -37.92 13.98 55.34
N GLN H 51 -37.32 13.07 54.57
CA GLN H 51 -37.09 11.72 55.07
C GLN H 51 -36.16 11.73 56.28
N VAL H 52 -36.63 11.10 57.37
CA VAL H 52 -35.86 10.98 58.60
C VAL H 52 -35.69 9.52 59.02
N PHE H 53 -34.45 9.12 59.24
CA PHE H 53 -34.14 7.72 59.56
C PHE H 53 -33.80 7.60 61.04
N PRO H 54 -34.02 6.41 61.62
CA PRO H 54 -33.79 6.26 63.06
C PRO H 54 -32.30 6.27 63.42
N SER H 55 -31.99 6.60 64.67
CA SER H 55 -30.58 6.80 65.02
C SER H 55 -30.16 6.14 66.33
N SER H 56 -28.85 5.91 66.45
CA SER H 56 -28.28 5.37 67.67
C SER H 56 -27.46 6.45 68.34
N GLY H 57 -27.58 6.54 69.65
CA GLY H 57 -26.79 7.51 70.38
C GLY H 57 -25.29 7.34 70.18
N LYS H 58 -24.83 6.10 70.27
CA LYS H 58 -23.41 5.81 70.15
C LYS H 58 -22.80 5.65 68.75
N VAL H 59 -23.61 5.37 67.73
CA VAL H 59 -23.09 5.19 66.36
C VAL H 59 -22.94 6.54 65.64
N ILE H 60 -23.69 7.53 66.12
CA ILE H 60 -23.88 8.78 65.38
C ILE H 60 -24.42 9.82 66.35
N PRO H 61 -23.98 11.08 66.18
CA PRO H 61 -24.30 12.13 67.17
C PRO H 61 -25.78 12.41 67.38
N SER H 62 -26.15 12.50 68.64
CA SER H 62 -27.52 12.83 69.04
C SER H 62 -27.82 14.23 68.54
N ILE H 63 -26.95 15.16 68.91
CA ILE H 63 -27.07 16.54 68.50
C ILE H 63 -25.67 17.10 68.20
N VAL H 64 -25.56 17.94 67.18
CA VAL H 64 -24.29 18.60 66.90
C VAL H 64 -24.56 20.10 66.75
N GLN H 65 -23.86 20.88 67.56
CA GLN H 65 -23.99 22.34 67.59
C GLN H 65 -25.46 22.80 67.60
N ASP H 66 -25.89 23.45 66.53
CA ASP H 66 -27.27 23.89 66.36
C ASP H 66 -28.07 22.90 65.52
N TYR H 67 -27.44 21.78 65.16
CA TYR H 67 -28.03 20.85 64.21
C TYR H 67 -28.39 19.46 64.74
N PHE H 68 -29.44 18.85 64.18
CA PHE H 68 -29.89 17.53 64.62
C PHE H 68 -30.59 16.73 63.51
N ASN H 69 -31.06 15.54 63.88
CA ASN H 69 -31.70 14.60 62.96
C ASN H 69 -30.81 14.30 61.76
N LEU H 70 -29.55 13.98 62.06
CA LEU H 70 -28.56 13.72 61.02
C LEU H 70 -28.82 12.40 60.32
N VAL H 71 -28.66 12.41 59.00
CA VAL H 71 -28.65 11.19 58.23
C VAL H 71 -27.50 11.32 57.25
N PRO H 72 -26.73 10.24 57.07
CA PRO H 72 -25.62 10.33 56.14
C PRO H 72 -26.07 10.26 54.69
N LEU H 73 -25.31 10.84 53.77
CA LEU H 73 -25.59 10.56 52.37
C LEU H 73 -24.44 9.69 51.95
N ASN H 74 -24.72 8.39 51.86
CA ASN H 74 -23.68 7.39 51.69
C ASN H 74 -23.14 7.42 50.28
N PHE H 75 -23.95 7.90 49.35
CA PHE H 75 -23.64 7.78 47.93
C PHE H 75 -22.64 8.81 47.46
N ASN H 76 -22.65 10.01 48.05
CA ASN H 76 -21.63 10.95 47.63
C ASN H 76 -20.43 10.85 48.55
N ASN H 77 -19.42 10.14 48.07
CA ASN H 77 -18.12 10.14 48.70
C ASN H 77 -17.05 9.88 47.64
N ASN H 78 -16.01 10.71 47.65
CA ASN H 78 -14.82 10.45 46.84
C ASN H 78 -13.78 9.85 47.78
N ASP H 79 -14.14 9.78 49.06
CA ASP H 79 -13.21 9.35 50.09
C ASP H 79 -12.96 7.87 50.01
N PHE H 80 -14.01 7.10 49.73
CA PHE H 80 -13.80 5.75 49.24
C PHE H 80 -13.32 4.74 50.29
N LEU H 81 -12.72 5.27 51.34
CA LEU H 81 -12.02 4.51 52.37
C LEU H 81 -12.75 4.60 53.71
N ASN H 82 -13.03 5.83 54.12
CA ASN H 82 -13.63 6.12 55.41
C ASN H 82 -15.12 6.45 55.27
N LYS H 83 -15.86 6.28 56.36
CA LYS H 83 -17.29 6.56 56.37
C LYS H 83 -17.55 7.99 55.92
N THR H 84 -18.72 8.20 55.33
CA THR H 84 -19.03 9.40 54.55
C THR H 84 -18.77 10.74 55.22
N THR H 85 -18.23 11.65 54.43
CA THR H 85 -17.87 13.00 54.85
C THR H 85 -19.11 13.89 55.03
N LEU H 86 -20.08 13.74 54.13
CA LEU H 86 -21.23 14.64 54.09
C LEU H 86 -22.52 14.00 54.59
N PHE H 87 -23.28 14.76 55.37
CA PHE H 87 -24.51 14.31 56.01
C PHE H 87 -25.62 15.31 55.75
N LYS H 88 -26.86 14.84 55.77
CA LYS H 88 -28.01 15.71 55.63
C LYS H 88 -28.46 16.10 57.01
N VAL H 89 -28.80 17.37 57.20
CA VAL H 89 -29.07 17.86 58.54
C VAL H 89 -30.32 18.72 58.66
N PHE H 90 -31.02 18.61 59.77
CA PHE H 90 -32.10 19.53 60.11
C PHE H 90 -31.58 20.52 61.15
N SER H 91 -31.70 21.81 60.87
CA SER H 91 -31.27 22.83 61.83
C SER H 91 -32.28 22.93 62.96
N ASN H 92 -31.86 23.43 64.11
CA ASN H 92 -32.79 23.62 65.22
C ASN H 92 -33.54 24.89 64.88
N TYR H 93 -32.77 25.94 64.64
CA TYR H 93 -33.29 27.23 64.21
C TYR H 93 -33.78 27.17 62.77
N ASP H 94 -35.03 27.58 62.56
CA ASP H 94 -35.65 27.75 61.25
C ASP H 94 -36.05 26.48 60.49
N GLY H 95 -35.36 25.36 60.72
CA GLY H 95 -35.63 24.17 59.93
C GLY H 95 -35.06 24.20 58.52
N LYS H 96 -35.87 23.78 57.55
CA LYS H 96 -35.53 23.86 56.11
C LYS H 96 -34.35 22.97 55.73
N ALA H 97 -33.81 22.32 56.74
CA ALA H 97 -32.63 21.47 56.70
C ALA H 97 -31.42 22.24 56.20
N TYR H 98 -30.39 21.50 55.73
CA TYR H 98 -29.09 21.97 55.21
C TYR H 98 -28.18 20.76 55.00
N VAL H 99 -27.01 20.99 54.41
CA VAL H 99 -25.99 19.94 54.28
C VAL H 99 -24.77 20.22 55.16
N LEU H 100 -24.13 19.17 55.67
CA LEU H 100 -22.95 19.30 56.52
C LEU H 100 -21.81 18.44 55.99
N LYS H 101 -20.59 18.99 55.92
CA LYS H 101 -19.44 18.21 55.51
C LYS H 101 -18.42 18.08 56.65
N ARG H 102 -18.09 16.83 56.99
CA ARG H 102 -17.20 16.52 58.11
C ARG H 102 -15.74 16.48 57.67
N LEU H 103 -14.87 17.07 58.48
CA LEU H 103 -13.42 17.00 58.24
C LEU H 103 -12.72 16.42 59.47
N PRO H 104 -12.54 15.08 59.48
CA PRO H 104 -12.09 14.20 60.58
C PRO H 104 -10.58 14.24 60.88
N ASN H 105 -10.20 13.71 62.05
CA ASN H 105 -8.82 13.44 62.46
C ASN H 105 -7.79 14.55 62.23
N ILE H 106 -8.18 15.79 62.52
CA ILE H 106 -7.28 16.92 62.31
C ILE H 106 -6.10 16.79 63.29
N ASP H 107 -4.90 17.02 62.78
CA ASP H 107 -3.68 16.98 63.60
C ASP H 107 -3.84 17.64 64.98
N LYS H 108 -4.07 18.94 65.01
CA LYS H 108 -4.10 19.70 66.25
C LYS H 108 -5.16 20.80 66.19
N SER H 109 -5.76 21.10 67.33
CA SER H 109 -6.70 22.20 67.47
C SER H 109 -6.23 23.51 66.84
N MET H 110 -7.04 24.03 65.92
CA MET H 110 -6.76 25.29 65.25
C MET H 110 -7.44 26.40 66.05
N ASN H 111 -6.81 27.56 66.17
CA ASN H 111 -7.38 28.64 66.99
C ASN H 111 -8.73 29.15 66.45
N PRO H 112 -9.64 29.52 67.36
CA PRO H 112 -10.96 30.04 67.02
C PRO H 112 -10.91 31.29 66.16
N ASN H 113 -9.90 32.12 66.37
CA ASN H 113 -9.72 33.33 65.57
C ASN H 113 -9.65 33.04 64.08
N LYS H 114 -8.93 31.97 63.73
CA LYS H 114 -8.81 31.54 62.34
C LYS H 114 -10.16 31.15 61.76
N ILE H 115 -10.91 30.37 62.53
CA ILE H 115 -12.24 29.93 62.13
C ILE H 115 -13.17 31.12 61.92
N SER H 116 -13.11 32.07 62.86
CA SER H 116 -13.90 33.29 62.77
C SER H 116 -13.53 34.07 61.51
N LYS H 117 -12.24 34.14 61.20
CA LYS H 117 -11.77 34.84 60.01
C LYS H 117 -12.33 34.20 58.74
N ILE H 118 -12.18 32.88 58.65
CA ILE H 118 -12.68 32.13 57.50
C ILE H 118 -14.17 32.34 57.34
N TYR H 119 -14.89 32.24 58.45
CA TYR H 119 -16.33 32.45 58.44
C TYR H 119 -16.67 33.83 57.92
N GLN H 120 -16.07 34.87 58.49
CA GLN H 120 -16.37 36.23 58.07
C GLN H 120 -16.11 36.44 56.57
N ILE H 121 -14.95 35.98 56.10
CA ILE H 121 -14.60 36.19 54.69
C ILE H 121 -15.56 35.45 53.76
N TRP H 122 -15.89 34.19 54.06
CA TRP H 122 -16.69 33.43 53.10
C TRP H 122 -18.19 33.71 53.27
N SER H 123 -18.58 34.20 54.45
CA SER H 123 -19.96 34.57 54.69
C SER H 123 -20.24 35.89 53.99
N LYS H 124 -19.22 36.76 53.97
CA LYS H 124 -19.35 38.07 53.37
C LYS H 124 -19.81 37.97 51.92
N ILE H 125 -19.23 37.01 51.20
CA ILE H 125 -19.60 36.84 49.79
C ILE H 125 -20.96 36.16 49.67
N ASN H 126 -21.85 36.75 48.89
CA ASN H 126 -23.14 36.14 48.62
C ASN H 126 -23.40 36.11 47.12
N CYS H 127 -23.51 34.93 46.55
CA CYS H 127 -23.84 34.86 45.14
C CYS H 127 -24.70 33.64 44.82
N THR H 128 -25.75 33.82 44.01
CA THR H 128 -26.51 32.67 43.51
C THR H 128 -25.62 32.00 42.49
N ASN H 129 -25.91 30.74 42.18
CA ASN H 129 -25.06 29.91 41.31
C ASN H 129 -23.79 29.53 42.06
N LEU H 130 -23.65 30.06 43.27
CA LEU H 130 -22.63 29.63 44.21
C LEU H 130 -23.40 29.12 45.42
N ILE H 131 -23.20 27.85 45.77
CA ILE H 131 -23.91 27.27 46.90
C ILE H 131 -23.62 28.10 48.15
N LYS H 132 -24.66 28.55 48.84
CA LYS H 132 -24.48 29.47 49.95
C LYS H 132 -23.66 28.77 51.02
N PHE H 133 -22.78 29.52 51.66
CA PHE H 133 -21.93 28.95 52.69
C PHE H 133 -22.41 29.35 54.07
N ARG H 134 -22.78 28.35 54.87
CA ARG H 134 -23.37 28.59 56.18
C ARG H 134 -22.32 28.44 57.28
N ASP H 135 -22.79 28.41 58.52
CA ASP H 135 -21.94 28.31 59.70
C ASP H 135 -20.89 27.20 59.62
N ILE H 136 -19.65 27.57 59.91
CA ILE H 136 -18.55 26.62 60.00
C ILE H 136 -18.18 26.47 61.47
N PHE H 137 -17.94 25.23 61.90
CA PHE H 137 -17.58 25.02 63.31
C PHE H 137 -16.84 23.72 63.60
N GLN H 138 -16.17 23.68 64.75
CA GLN H 138 -15.41 22.51 65.17
C GLN H 138 -16.03 21.84 66.38
N THR H 139 -16.26 20.53 66.28
CA THR H 139 -16.92 19.77 67.32
C THR H 139 -16.24 18.44 67.63
N THR H 140 -16.46 18.00 68.87
CA THR H 140 -15.93 16.76 69.41
C THR H 140 -16.90 15.59 69.38
N LYS H 141 -18.11 15.79 68.82
CA LYS H 141 -19.10 14.72 68.90
C LYS H 141 -18.61 13.48 68.15
N PHE H 142 -17.79 13.71 67.13
CA PHE H 142 -17.07 12.65 66.44
C PHE H 142 -15.92 12.13 67.29
N GLY H 143 -15.47 12.94 68.24
CA GLY H 143 -14.31 12.63 69.06
C GLY H 143 -13.05 12.38 68.25
N ASP H 144 -13.09 12.81 66.99
CA ASP H 144 -11.93 12.80 66.11
C ASP H 144 -11.38 14.20 66.00
N LEU H 145 -11.94 15.12 66.78
CA LEU H 145 -11.55 16.52 66.73
C LEU H 145 -11.88 16.91 65.31
N SER H 146 -13.16 17.12 65.02
CA SER H 146 -13.54 17.29 63.64
C SER H 146 -14.09 18.66 63.36
N ILE H 147 -13.73 19.22 62.21
CA ILE H 147 -14.28 20.51 61.85
C ILE H 147 -15.16 20.35 60.63
N CYS H 148 -16.33 20.97 60.69
CA CYS H 148 -17.35 20.74 59.68
C CYS H 148 -17.89 22.04 59.10
N LEU H 149 -18.30 21.93 57.84
CA LEU H 149 -18.81 23.04 57.07
C LEU H 149 -20.29 22.84 56.81
N VAL H 150 -21.03 23.92 56.62
CA VAL H 150 -22.46 23.80 56.34
C VAL H 150 -22.85 24.57 55.08
N PHE H 151 -23.63 23.90 54.23
CA PHE H 151 -24.04 24.43 52.94
C PHE H 151 -25.56 24.39 52.83
N ASP H 152 -26.11 25.18 51.92
CA ASP H 152 -27.51 25.06 51.55
C ASP H 152 -27.68 23.72 50.86
N TYR H 153 -28.88 23.15 50.89
CA TYR H 153 -29.06 21.78 50.42
C TYR H 153 -29.16 21.68 48.90
N TYR H 154 -30.20 22.27 48.34
CA TYR H 154 -30.43 22.25 46.89
C TYR H 154 -30.53 20.80 46.40
N PRO H 155 -31.66 20.15 46.69
CA PRO H 155 -31.94 18.71 46.54
C PRO H 155 -31.93 18.16 45.12
N ASN H 156 -31.62 16.87 45.02
CA ASN H 156 -31.63 16.13 43.76
C ASN H 156 -30.80 16.81 42.69
N SER H 157 -29.76 17.52 43.10
CA SER H 157 -28.87 18.17 42.16
C SER H 157 -27.89 17.15 41.60
N LEU H 158 -27.75 17.17 40.28
CA LEU H 158 -26.82 16.27 39.62
C LEU H 158 -25.69 17.08 39.01
N SER H 159 -24.50 16.48 38.97
CA SER H 159 -23.36 17.12 38.33
C SER H 159 -23.59 17.12 36.84
N LEU H 160 -23.03 18.11 36.14
CA LEU H 160 -23.21 18.22 34.69
C LEU H 160 -22.81 16.93 34.01
N TYR H 161 -21.69 16.38 34.45
CA TYR H 161 -21.23 15.08 33.99
C TYR H 161 -22.31 14.04 34.18
N ASP H 162 -22.83 13.96 35.40
CA ASP H 162 -23.87 12.99 35.69
C ASP H 162 -25.15 13.39 34.97
N TYR H 163 -25.36 14.70 34.84
CA TYR H 163 -26.60 15.20 34.24
C TYR H 163 -26.76 14.71 32.81
N HIS H 164 -25.75 14.93 31.98
CA HIS H 164 -25.89 14.64 30.55
C HIS H 164 -25.66 13.18 30.15
N PHE H 165 -24.64 12.54 30.72
CA PHE H 165 -24.25 11.23 30.22
C PHE H 165 -24.80 9.98 30.97
N VAL H 166 -25.18 10.11 32.23
CA VAL H 166 -25.49 8.91 33.01
C VAL H 166 -26.77 8.89 33.89
N ASN H 167 -26.91 9.86 34.80
CA ASN H 167 -27.85 9.77 35.92
C ASN H 167 -29.33 9.66 35.54
N PHE H 168 -29.72 10.32 34.46
CA PHE H 168 -31.12 10.40 34.08
C PHE H 168 -31.19 9.71 32.72
N PRO H 169 -32.34 9.74 32.03
CA PRO H 169 -32.06 9.30 30.66
C PRO H 169 -31.23 10.39 29.99
N LYS H 170 -30.18 9.97 29.29
CA LYS H 170 -29.20 10.87 28.70
C LYS H 170 -29.81 12.08 28.01
N PHE H 171 -29.25 13.25 28.27
CA PHE H 171 -29.80 14.50 27.74
C PHE H 171 -28.84 15.09 26.72
N PRO H 172 -29.40 15.70 25.66
CA PRO H 172 -28.69 15.96 24.38
C PRO H 172 -27.60 17.04 24.38
N ILE H 173 -27.51 17.86 25.41
CA ILE H 173 -26.53 18.97 25.51
C ILE H 173 -26.40 19.81 24.22
N THR H 174 -27.39 20.65 23.98
CA THR H 174 -27.33 21.55 22.85
C THR H 174 -26.52 22.78 23.25
N ASN H 175 -25.80 23.32 22.27
CA ASN H 175 -24.91 24.46 22.49
C ASN H 175 -25.58 25.65 23.19
N ASN H 176 -26.86 25.83 22.88
CA ASN H 176 -27.66 26.88 23.47
C ASN H 176 -27.51 26.84 24.99
N TYR H 177 -27.67 25.65 25.58
CA TYR H 177 -27.46 25.46 27.01
C TYR H 177 -26.03 25.83 27.42
N LEU H 178 -25.07 25.45 26.59
CA LEU H 178 -23.66 25.73 26.86
C LEU H 178 -23.46 27.22 27.10
N TRP H 179 -24.11 28.04 26.27
CA TRP H 179 -24.06 29.49 26.45
C TRP H 179 -24.50 29.88 27.86
N ILE H 180 -25.62 29.31 28.32
CA ILE H 180 -26.15 29.60 29.65
C ILE H 180 -25.15 29.21 30.73
N TYR H 181 -24.62 28.00 30.61
CA TYR H 181 -23.57 27.53 31.51
C TYR H 181 -22.46 28.58 31.62
N LEU H 182 -21.98 29.02 30.46
CA LEU H 182 -20.87 29.97 30.38
C LEU H 182 -21.22 31.24 31.15
N VAL H 183 -22.42 31.75 30.90
CA VAL H 183 -22.86 32.99 31.54
C VAL H 183 -22.91 32.85 33.06
N GLN H 184 -23.52 31.78 33.55
CA GLN H 184 -23.66 31.59 34.99
C GLN H 184 -22.30 31.41 35.67
N LEU H 185 -21.44 30.59 35.07
CA LEU H 185 -20.10 30.38 35.59
C LEU H 185 -19.33 31.70 35.61
N THR H 186 -19.56 32.51 34.59
CA THR H 186 -18.95 33.83 34.53
C THR H 186 -19.43 34.66 35.70
N ASN H 187 -20.71 34.53 36.03
CA ASN H 187 -21.28 35.23 37.17
C ASN H 187 -20.61 34.84 38.49
N VAL H 188 -20.49 33.54 38.77
CA VAL H 188 -19.88 33.13 40.03
C VAL H 188 -18.41 33.57 40.07
N ILE H 189 -17.70 33.46 38.95
CA ILE H 189 -16.31 33.90 38.87
C ILE H 189 -16.17 35.39 39.19
N ASN H 190 -16.98 36.21 38.54
CA ASN H 190 -16.95 37.64 38.75
C ASN H 190 -17.26 37.95 40.22
N SER H 191 -18.27 37.26 40.77
CA SER H 191 -18.69 37.52 42.13
C SER H 191 -17.61 37.17 43.15
N ILE H 192 -16.90 36.06 42.95
CA ILE H 192 -15.86 35.67 43.88
C ILE H 192 -14.65 36.61 43.73
N HIS H 193 -14.27 36.94 42.50
CA HIS H 193 -13.14 37.84 42.27
C HIS H 193 -13.42 39.26 42.76
N SER H 194 -14.70 39.62 42.83
CA SER H 194 -15.10 40.93 43.35
C SER H 194 -14.63 41.07 44.80
N GLN H 195 -14.52 39.94 45.48
CA GLN H 195 -13.98 39.90 46.83
C GLN H 195 -12.51 39.49 46.81
N ASN H 196 -11.92 39.52 45.61
CA ASN H 196 -10.50 39.27 45.40
C ASN H 196 -10.07 37.85 45.80
N LEU H 197 -11.02 37.06 46.30
CA LEU H 197 -10.77 35.67 46.63
C LEU H 197 -10.39 34.86 45.39
N SER H 198 -9.69 33.76 45.61
CA SER H 198 -9.27 32.87 44.52
C SER H 198 -10.18 31.66 44.39
N ILE H 199 -10.39 31.24 43.14
CA ILE H 199 -11.23 30.08 42.86
C ILE H 199 -10.48 28.80 43.25
N GLY H 200 -11.22 27.71 43.40
CA GLY H 200 -10.70 26.48 44.01
C GLY H 200 -10.15 25.42 43.06
N ASN H 201 -10.28 25.62 41.76
CA ASN H 201 -9.98 24.59 40.75
C ASN H 201 -10.88 23.37 40.90
N THR H 202 -12.10 23.61 41.38
CA THR H 202 -13.15 22.60 41.48
C THR H 202 -14.03 22.67 40.25
N LEU H 203 -13.62 23.52 39.32
CA LEU H 203 -14.45 23.90 38.16
C LEU H 203 -14.65 22.80 37.11
N ASN H 204 -14.05 21.63 37.32
CA ASN H 204 -14.20 20.52 36.37
C ASN H 204 -15.64 19.99 36.38
N TRP H 205 -15.92 18.97 35.57
CA TRP H 205 -17.30 18.51 35.37
C TRP H 205 -18.01 18.21 36.69
N ARG H 206 -17.37 17.39 37.51
CA ARG H 206 -17.90 17.02 38.81
C ARG H 206 -17.92 18.23 39.72
N LYS H 207 -18.71 18.15 40.80
CA LYS H 207 -18.85 19.22 41.79
C LYS H 207 -19.55 20.46 41.27
N VAL H 208 -19.79 20.51 39.96
CA VAL H 208 -20.61 21.58 39.42
C VAL H 208 -21.98 20.96 39.19
N LEU H 209 -22.95 21.40 39.99
CA LEU H 209 -24.26 20.77 39.93
C LEU H 209 -25.27 21.64 39.21
N ILE H 210 -26.26 21.00 38.58
CA ILE H 210 -27.33 21.74 37.95
C ILE H 210 -28.63 21.57 38.74
N THR H 211 -29.41 22.64 38.80
CA THR H 211 -30.72 22.61 39.42
C THR H 211 -31.64 23.49 38.57
N GLY H 212 -32.94 23.46 38.87
CA GLY H 212 -33.86 24.43 38.32
C GLY H 212 -33.90 24.66 36.82
N ASP H 213 -34.19 23.62 36.04
CA ASP H 213 -34.12 23.74 34.60
C ASP H 213 -35.05 24.85 34.10
N PRO H 214 -34.73 25.48 32.96
CA PRO H 214 -33.54 25.25 32.14
C PRO H 214 -32.21 25.67 32.74
N GLY H 215 -31.27 24.72 32.75
CA GLY H 215 -29.90 24.93 33.15
C GLY H 215 -29.47 25.86 34.28
N ARG H 216 -30.01 25.79 35.49
CA ARG H 216 -29.40 26.69 36.46
C ARG H 216 -28.16 26.00 36.99
N ILE H 217 -27.02 26.58 36.69
CA ILE H 217 -25.76 25.95 37.03
C ILE H 217 -25.25 26.57 38.32
N LYS H 218 -24.65 25.73 39.16
CA LYS H 218 -24.08 26.21 40.42
C LYS H 218 -22.83 25.45 40.80
N LEU H 219 -21.89 26.16 41.41
CA LEU H 219 -20.66 25.53 41.86
C LEU H 219 -20.81 25.32 43.36
N SER H 220 -20.21 24.25 43.86
CA SER H 220 -20.43 23.86 45.25
C SER H 220 -19.24 24.10 46.16
N HIS H 221 -18.28 23.18 46.10
CA HIS H 221 -17.16 23.14 47.01
C HIS H 221 -16.40 24.46 47.14
N CYS H 222 -16.17 25.11 46.00
CA CYS H 222 -15.44 26.38 45.89
C CYS H 222 -14.28 26.51 46.87
N PHE H 224 -10.45 26.13 47.65
CA PHE H 224 -10.14 27.16 48.61
C PHE H 224 -10.04 26.56 50.00
N MET H 225 -10.40 25.29 50.11
CA MET H 225 -10.41 24.57 51.38
C MET H 225 -9.04 24.66 52.06
N ASP H 226 -8.01 24.88 51.26
CA ASP H 226 -6.62 24.98 51.71
C ASP H 226 -6.44 26.01 52.83
N LEU H 227 -7.22 27.08 52.82
CA LEU H 227 -7.11 28.12 53.85
C LEU H 227 -7.33 27.53 55.24
N LEU H 228 -8.04 26.41 55.31
CA LEU H 228 -8.24 25.72 56.57
C LEU H 228 -6.95 25.05 57.02
N PHE H 229 -6.21 24.53 56.05
CA PHE H 229 -4.96 23.80 56.32
C PHE H 229 -3.93 24.68 57.03
N ASN H 230 -2.98 24.04 57.70
CA ASN H 230 -1.94 24.72 58.47
C ASN H 230 -1.29 25.88 57.70
N SER H 242 2.74 31.02 43.77
CA SER H 242 1.95 31.94 42.97
C SER H 242 1.22 32.95 43.85
N THR H 243 0.87 34.08 43.27
CA THR H 243 0.13 35.12 43.99
C THR H 243 -1.36 34.98 43.75
N ILE H 244 -2.14 35.89 44.30
CA ILE H 244 -3.59 35.86 44.15
C ILE H 244 -3.98 36.02 42.67
N GLU H 245 -3.37 37.02 42.04
CA GLU H 245 -3.62 37.32 40.63
C GLU H 245 -3.35 36.13 39.72
N GLY H 246 -2.24 35.43 39.98
CA GLY H 246 -1.86 34.29 39.17
C GLY H 246 -2.93 33.23 39.11
N GLN H 247 -3.46 32.86 40.27
CA GLN H 247 -4.57 31.90 40.35
C GLN H 247 -5.82 32.47 39.70
N GLN H 248 -6.07 33.76 39.97
CA GLN H 248 -7.25 34.44 39.46
C GLN H 248 -7.32 34.36 37.94
N GLN H 249 -6.18 34.50 37.28
CA GLN H 249 -6.12 34.30 35.84
C GLN H 249 -6.12 32.81 35.46
N LEU H 250 -5.45 32.02 36.29
CA LEU H 250 -5.28 30.59 36.04
C LEU H 250 -6.61 29.86 35.85
N ASP H 251 -7.61 30.28 36.61
CA ASP H 251 -8.93 29.64 36.52
C ASP H 251 -9.60 29.72 35.14
N TYR H 252 -9.34 30.80 34.41
CA TYR H 252 -9.91 30.97 33.06
C TYR H 252 -9.66 29.69 32.26
N LYS H 253 -8.43 29.18 32.34
CA LYS H 253 -8.08 27.93 31.69
C LYS H 253 -8.94 26.77 32.17
N TYR H 254 -9.23 26.73 33.47
CA TYR H 254 -10.03 25.66 34.07
C TYR H 254 -11.46 25.66 33.51
N LEU H 255 -12.05 26.85 33.46
CA LEU H 255 -13.38 27.05 32.90
C LEU H 255 -13.35 26.58 31.45
N GLY H 256 -12.26 26.94 30.77
CA GLY H 256 -12.02 26.53 29.41
C GLY H 256 -12.04 25.02 29.27
N GLU H 257 -11.43 24.34 30.23
CA GLU H 257 -11.37 22.89 30.25
C GLU H 257 -12.79 22.36 30.30
N LEU H 258 -13.55 22.91 31.25
CA LEU H 258 -14.95 22.51 31.41
C LEU H 258 -15.73 22.65 30.10
N LEU H 259 -15.83 23.87 29.60
CA LEU H 259 -16.61 24.14 28.39
C LEU H 259 -16.14 23.40 27.15
N PHE H 260 -14.82 23.28 26.97
CA PHE H 260 -14.29 22.54 25.83
C PHE H 260 -14.72 21.10 25.90
N ASN H 261 -14.40 20.49 27.03
CA ASN H 261 -14.68 19.09 27.27
C ASN H 261 -16.16 18.78 27.07
N LEU H 262 -17.02 19.67 27.56
CA LEU H 262 -18.45 19.54 27.29
C LEU H 262 -18.69 19.58 25.78
N SER H 263 -18.09 20.58 25.14
CA SER H 263 -18.27 20.86 23.72
C SER H 263 -17.91 19.68 22.79
N ILE H 264 -16.88 18.91 23.15
CA ILE H 264 -16.42 17.84 22.27
C ILE H 264 -17.32 16.61 22.35
N ASN H 265 -17.87 16.34 23.53
CA ASN H 265 -18.68 15.15 23.76
C ASN H 265 -20.15 15.27 23.37
N ILE H 266 -20.53 16.42 22.81
CA ILE H 266 -21.92 16.65 22.40
C ILE H 266 -22.46 15.53 21.49
N GLU H 267 -21.68 15.15 20.48
CA GLU H 267 -22.07 14.11 19.56
C GLU H 267 -22.16 12.78 20.29
N ASN H 268 -21.21 12.56 21.19
CA ASN H 268 -21.22 11.37 22.04
C ASN H 268 -22.42 11.37 22.98
N SER H 269 -22.91 12.57 23.30
CA SER H 269 -24.07 12.72 24.17
C SER H 269 -25.38 12.39 23.46
N ASN H 270 -25.51 12.85 22.21
CA ASN H 270 -26.77 12.67 21.49
C ASN H 270 -27.13 11.18 21.30
N ASN H 271 -26.13 10.41 20.89
CA ASN H 271 -26.24 8.95 20.75
C ASN H 271 -25.91 8.17 22.02
N ASN H 272 -25.74 8.89 23.13
CA ASN H 272 -25.29 8.42 24.44
C ASN H 272 -24.08 7.48 24.33
N THR H 273 -23.08 7.97 23.62
CA THR H 273 -21.81 7.30 23.40
C THR H 273 -20.95 7.62 24.61
N ALA H 274 -19.91 6.83 24.87
CA ALA H 274 -19.12 7.08 26.06
C ALA H 274 -18.24 8.30 25.81
N PRO H 275 -18.06 9.13 26.84
CA PRO H 275 -17.35 10.40 26.71
C PRO H 275 -15.84 10.27 26.72
N LYS H 276 -15.17 11.29 26.19
CA LYS H 276 -13.74 11.43 26.34
C LYS H 276 -13.48 12.64 27.23
N GLU H 277 -12.49 12.54 28.10
CA GLU H 277 -12.17 13.66 28.97
C GLU H 277 -10.78 14.16 28.62
N TYR H 278 -10.58 15.46 28.69
CA TYR H 278 -9.29 16.04 28.32
C TYR H 278 -8.81 17.04 29.37
N ARG H 279 -7.51 17.00 29.67
CA ARG H 279 -6.92 17.95 30.61
C ARG H 279 -6.48 19.19 29.86
N LEU H 280 -6.32 20.29 30.58
CA LEU H 280 -5.99 21.58 29.98
C LEU H 280 -4.66 21.53 29.22
N GLU H 281 -3.83 20.55 29.57
CA GLU H 281 -2.55 20.33 28.90
C GLU H 281 -2.75 19.83 27.48
N GLU H 282 -3.74 18.97 27.29
CA GLU H 282 -3.99 18.34 26.00
C GLU H 282 -4.62 19.32 25.01
N ILE H 283 -5.15 20.42 25.54
CA ILE H 283 -5.91 21.37 24.72
C ILE H 283 -5.03 22.09 23.70
N THR H 284 -5.47 22.06 22.45
CA THR H 284 -4.80 22.78 21.38
C THR H 284 -5.79 23.70 20.68
N PRO H 285 -5.38 24.94 20.40
CA PRO H 285 -6.25 25.91 19.74
C PRO H 285 -6.69 25.41 18.37
N GLN H 286 -5.79 24.73 17.67
CA GLN H 286 -6.09 24.18 16.36
C GLN H 286 -7.19 23.13 16.49
N SER H 287 -7.12 22.34 17.56
CA SER H 287 -8.13 21.32 17.84
C SER H 287 -9.49 21.96 18.10
N ILE H 288 -9.47 23.11 18.77
CA ILE H 288 -10.69 23.88 19.01
C ILE H 288 -11.28 24.35 17.69
N ASP H 289 -10.42 24.91 16.84
CA ASP H 289 -10.82 25.36 15.50
C ASP H 289 -11.35 24.21 14.65
N ASP H 290 -10.89 23.00 14.96
CA ASP H 290 -11.24 21.81 14.20
C ASP H 290 -12.70 21.40 14.42
N MET H 291 -13.16 21.55 15.66
CA MET H 291 -14.49 21.11 16.07
C MET H 291 -15.63 21.83 15.34
N ARG H 292 -16.75 21.11 15.20
CA ARG H 292 -17.95 21.61 14.53
C ARG H 292 -19.11 21.74 15.51
N GLN H 293 -20.28 22.10 14.97
CA GLN H 293 -21.53 22.17 15.73
C GLN H 293 -21.56 23.33 16.72
N ILE H 294 -20.46 24.09 16.80
CA ILE H 294 -20.35 25.19 17.74
C ILE H 294 -20.33 26.55 17.04
N ASP H 295 -20.95 27.54 17.68
CA ASP H 295 -20.94 28.90 17.16
C ASP H 295 -19.54 29.50 17.25
N ASP H 296 -18.98 29.88 16.10
CA ASP H 296 -17.64 30.45 16.00
C ASP H 296 -17.30 31.49 17.08
N LYS H 297 -18.32 32.19 17.58
CA LYS H 297 -18.12 33.12 18.68
C LYS H 297 -17.68 32.38 19.94
N PHE H 298 -18.37 31.28 20.24
CA PHE H 298 -18.11 30.49 21.42
C PHE H 298 -16.75 29.79 21.30
N LYS H 299 -16.41 29.45 20.06
CA LYS H 299 -15.11 28.86 19.75
C LYS H 299 -14.01 29.88 20.03
N ASP H 300 -14.27 31.12 19.62
CA ASP H 300 -13.36 32.23 19.88
C ASP H 300 -13.20 32.45 21.38
N VAL H 301 -14.31 32.31 22.10
CA VAL H 301 -14.30 32.45 23.55
C VAL H 301 -13.40 31.41 24.19
N LEU H 302 -13.59 30.15 23.80
CA LEU H 302 -12.75 29.06 24.31
C LEU H 302 -11.29 29.35 24.00
N LYS H 303 -11.04 29.85 22.80
CA LYS H 303 -9.71 30.25 22.40
C LYS H 303 -9.14 31.29 23.36
N TYR H 304 -9.97 32.26 23.74
CA TYR H 304 -9.56 33.28 24.71
C TYR H 304 -9.20 32.67 26.05
N LEU H 305 -10.00 31.70 26.48
CA LEU H 305 -9.78 31.09 27.80
C LEU H 305 -8.48 30.29 27.84
N ILE H 306 -8.22 29.47 26.82
CA ILE H 306 -7.06 28.57 26.88
C ILE H 306 -5.69 29.26 26.67
N SER H 307 -5.66 30.38 25.94
CA SER H 307 -4.38 30.95 25.52
C SER H 307 -3.66 31.82 26.55
N ASP H 308 -2.34 31.68 26.60
CA ASP H 308 -1.47 32.42 27.51
C ASP H 308 -1.21 33.87 27.07
N ASN H 309 -1.31 34.79 28.03
CA ASN H 309 -1.01 36.22 27.83
C ASN H 309 0.11 36.49 26.83
N SER H 312 -1.07 41.94 29.23
CA SER H 312 -2.35 41.62 28.62
C SER H 312 -3.16 40.66 29.47
N LYS H 313 -3.06 40.85 30.79
CA LYS H 313 -3.77 40.03 31.77
C LYS H 313 -5.25 39.80 31.45
N LYS H 314 -5.71 38.57 31.65
CA LYS H 314 -7.09 38.20 31.35
C LYS H 314 -8.06 38.89 32.30
N SER H 315 -9.03 39.60 31.74
CA SER H 315 -10.00 40.33 32.55
C SER H 315 -11.42 39.80 32.33
N ILE H 316 -12.26 39.97 33.33
CA ILE H 316 -13.68 39.67 33.21
C ILE H 316 -14.28 40.52 32.09
N HIS H 317 -13.74 41.73 31.97
CA HIS H 317 -14.17 42.72 30.99
C HIS H 317 -14.13 42.18 29.56
N ASP H 318 -12.98 41.63 29.15
CA ASP H 318 -12.83 41.12 27.78
C ASP H 318 -13.70 39.91 27.50
N LEU H 319 -13.70 38.98 28.45
CA LEU H 319 -14.45 37.74 28.31
C LEU H 319 -15.93 38.03 28.14
N THR H 320 -16.47 38.86 29.02
CA THR H 320 -17.86 39.27 28.90
C THR H 320 -18.06 40.09 27.63
N SER H 321 -17.03 40.84 27.25
CA SER H 321 -17.06 41.66 26.04
C SER H 321 -17.20 40.87 24.76
N HIS H 322 -16.79 39.61 24.77
CA HIS H 322 -16.93 38.79 23.57
C HIS H 322 -18.38 38.53 23.17
N PHE H 323 -19.23 38.17 24.12
CA PHE H 323 -20.62 37.88 23.81
C PHE H 323 -21.58 38.77 24.59
N TYR H 324 -22.15 39.76 23.93
CA TYR H 324 -23.21 40.54 24.56
C TYR H 324 -24.60 39.95 24.27
N ASP H 325 -24.83 39.60 23.01
CA ASP H 325 -26.15 39.17 22.57
C ASP H 325 -26.64 37.94 23.30
N LYS H 326 -25.76 36.95 23.41
CA LYS H 326 -26.12 35.67 24.01
C LYS H 326 -26.41 35.85 25.50
N MET H 327 -25.76 36.83 26.11
CA MET H 327 -26.05 37.19 27.50
C MET H 327 -27.51 37.61 27.63
N PHE H 328 -27.94 38.49 26.72
CA PHE H 328 -29.34 38.89 26.63
C PHE H 328 -30.25 37.70 26.36
N MET H 329 -29.78 36.76 25.54
CA MET H 329 -30.52 35.54 25.26
C MET H 329 -30.80 34.77 26.56
N VAL H 330 -29.74 34.58 27.34
CA VAL H 330 -29.81 33.84 28.59
C VAL H 330 -30.78 34.55 29.55
N LEU H 331 -30.65 35.87 29.64
CA LEU H 331 -31.56 36.66 30.46
C LEU H 331 -33.00 36.43 30.02
N GLU H 332 -33.22 36.48 28.72
CA GLU H 332 -34.54 36.28 28.12
C GLU H 332 -35.13 34.94 28.53
N SER H 333 -34.33 33.88 28.41
CA SER H 333 -34.77 32.54 28.74
C SER H 333 -35.14 32.45 30.21
N SER H 334 -34.27 32.98 31.06
CA SER H 334 -34.50 32.96 32.49
C SER H 334 -35.83 33.65 32.85
N GLN H 335 -36.02 34.85 32.31
CA GLN H 335 -37.23 35.62 32.58
C GLN H 335 -38.49 34.91 32.10
N THR H 336 -38.43 34.36 30.88
CA THR H 336 -39.55 33.60 30.34
C THR H 336 -39.92 32.47 31.28
N TYR H 337 -38.91 31.72 31.72
CA TYR H 337 -39.17 30.60 32.61
C TYR H 337 -39.80 31.08 33.90
N THR H 338 -39.32 32.21 34.42
CA THR H 338 -39.91 32.78 35.63
C THR H 338 -41.40 33.03 35.46
N GLU H 339 -41.78 33.64 34.33
CA GLU H 339 -43.19 33.88 34.09
C GLU H 339 -43.95 32.56 34.03
N TYR H 340 -43.37 31.56 33.38
CA TYR H 340 -43.97 30.24 33.28
C TYR H 340 -44.29 29.67 34.66
N MET H 341 -43.28 29.68 35.53
CA MET H 341 -43.42 29.16 36.88
C MET H 341 -44.48 29.94 37.67
N GLU H 342 -44.49 31.25 37.51
CA GLU H 342 -45.53 32.06 38.17
C GLU H 342 -46.90 31.63 37.72
N SER H 343 -47.05 31.40 36.42
CA SER H 343 -48.32 30.99 35.85
C SER H 343 -48.79 29.68 36.49
N VAL H 344 -47.92 28.68 36.49
CA VAL H 344 -48.27 27.38 37.03
C VAL H 344 -48.63 27.47 38.52
N LEU H 345 -47.85 28.26 39.26
CA LEU H 345 -48.09 28.44 40.68
C LEU H 345 -49.47 29.08 40.94
N SER H 346 -49.77 30.10 40.14
CA SER H 346 -51.04 30.81 40.24
C SER H 346 -52.19 29.85 40.02
N ARG H 347 -52.06 29.07 38.95
CA ARG H 347 -53.11 28.13 38.60
C ARG H 347 -53.31 27.10 39.70
N GLU H 348 -52.24 26.58 40.28
CA GLU H 348 -52.45 25.51 41.27
C GLU H 348 -52.95 26.07 42.61
N LEU H 349 -52.53 27.28 42.95
CA LEU H 349 -52.98 27.90 44.19
C LEU H 349 -54.48 28.10 44.05
N GLU H 350 -54.86 28.50 42.85
CA GLU H 350 -56.25 28.75 42.50
C GLU H 350 -56.99 27.44 42.66
N ASN H 351 -56.36 26.37 42.20
CA ASN H 351 -56.96 25.05 42.27
C ASN H 351 -57.24 24.67 43.71
N GLY H 352 -56.32 25.00 44.60
CA GLY H 352 -56.50 24.74 46.02
C GLY H 352 -57.71 25.45 46.61
N ARG H 353 -57.76 26.76 46.38
CA ARG H 353 -58.88 27.56 46.85
C ARG H 353 -60.20 27.01 46.33
N LEU H 354 -60.23 26.78 45.03
CA LEU H 354 -61.40 26.23 44.35
C LEU H 354 -61.78 24.90 45.00
N PHE H 355 -60.78 24.11 45.38
CA PHE H 355 -61.02 22.84 46.04
C PHE H 355 -61.79 23.03 47.32
N ARG H 356 -61.29 23.93 48.16
CA ARG H 356 -61.95 24.25 49.41
C ARG H 356 -63.42 24.65 49.17
N LEU H 357 -63.61 25.47 48.15
CA LEU H 357 -64.95 25.94 47.80
C LEU H 357 -65.85 24.74 47.51
N VAL H 358 -65.33 23.83 46.67
CA VAL H 358 -66.06 22.63 46.30
C VAL H 358 -66.37 21.80 47.54
N ASN H 359 -65.48 21.84 48.53
CA ASN H 359 -65.74 21.13 49.77
C ASN H 359 -66.92 21.72 50.53
N LYS H 360 -66.98 23.05 50.62
CA LYS H 360 -68.11 23.68 51.31
C LYS H 360 -69.43 23.38 50.58
N LEU H 361 -69.41 23.56 49.26
CA LEU H 361 -70.58 23.33 48.42
C LEU H 361 -71.05 21.91 48.61
N ASN H 362 -70.09 20.99 48.64
CA ASN H 362 -70.37 19.58 48.83
C ASN H 362 -70.97 19.33 50.20
N CYS H 363 -70.46 20.04 51.19
CA CYS H 363 -70.93 19.89 52.56
C CYS H 363 -72.41 20.20 52.64
N ILE H 364 -72.83 21.29 52.00
CA ILE H 364 -74.24 21.63 52.07
C ILE H 364 -75.11 20.67 51.24
N PHE H 365 -74.62 20.30 50.06
CA PHE H 365 -75.42 19.54 49.11
C PHE H 365 -75.68 18.09 49.54
N GLY H 366 -76.76 17.51 49.03
CA GLY H 366 -77.07 16.11 49.25
C GLY H 366 -77.25 15.58 50.65
N ARG H 367 -77.52 16.45 51.61
CA ARG H 367 -77.68 16.04 53.00
C ARG H 367 -78.71 14.93 53.13
N ILE H 368 -78.43 13.96 53.99
CA ILE H 368 -79.29 12.81 54.20
C ILE H 368 -80.66 13.28 54.65
N GLU H 369 -80.66 14.30 55.50
CA GLU H 369 -81.86 14.91 56.02
C GLU H 369 -82.74 15.43 54.89
N SER H 370 -82.07 15.85 53.82
CA SER H 370 -82.72 16.46 52.66
C SER H 370 -83.30 15.54 51.57
N ARG H 371 -83.00 14.25 51.64
CA ARG H 371 -83.28 13.32 50.53
C ARG H 371 -84.70 12.78 50.33
N ILE H 372 -85.70 13.25 51.08
CA ILE H 372 -87.04 12.65 50.96
C ILE H 372 -88.00 13.37 50.02
N ASP H 373 -87.48 14.30 49.23
CA ASP H 373 -88.26 14.96 48.18
C ASP H 373 -87.68 14.55 46.82
N ILE H 374 -88.48 14.59 45.75
CA ILE H 374 -87.97 14.17 44.45
C ILE H 374 -86.82 15.08 44.00
N ASN H 375 -86.93 16.37 44.31
CA ASN H 375 -85.81 17.28 44.25
C ASN H 375 -85.17 17.23 45.63
N TRP H 376 -83.86 17.40 45.72
CA TRP H 376 -83.18 17.16 47.00
C TRP H 376 -83.03 18.28 48.02
N SER H 377 -83.70 19.42 47.83
CA SER H 377 -83.55 20.49 48.81
C SER H 377 -84.48 20.31 50.01
N GLU H 378 -83.89 20.22 51.20
CA GLU H 378 -84.67 20.04 52.43
C GLU H 378 -85.53 21.26 52.74
N SER H 379 -84.91 22.43 52.69
CA SER H 379 -85.62 23.68 52.96
C SER H 379 -85.76 24.47 51.66
N GLY H 380 -86.35 25.65 51.75
CA GLY H 380 -86.51 26.48 50.57
C GLY H 380 -85.37 27.46 50.42
N THR H 381 -84.72 27.78 51.54
CA THR H 381 -83.59 28.71 51.54
C THR H 381 -82.38 28.07 50.87
N LYS H 382 -82.18 26.79 51.11
CA LYS H 382 -81.00 26.08 50.61
C LYS H 382 -81.15 25.70 49.15
N PHE H 383 -82.38 25.70 48.65
CA PHE H 383 -82.69 25.25 47.29
C PHE H 383 -81.81 25.85 46.18
N PRO H 384 -81.62 27.18 46.16
CA PRO H 384 -80.82 27.74 45.06
C PRO H 384 -79.37 27.21 44.98
N ILE H 385 -78.70 27.07 46.12
CA ILE H 385 -77.33 26.59 46.11
C ILE H 385 -77.29 25.15 45.57
N ILE H 386 -78.22 24.32 46.03
CA ILE H 386 -78.32 22.93 45.59
C ILE H 386 -78.55 22.86 44.08
N LEU H 387 -79.46 23.70 43.60
CA LEU H 387 -79.73 23.80 42.18
C LEU H 387 -78.42 24.14 41.47
N PHE H 388 -77.67 25.08 42.04
CA PHE H 388 -76.38 25.47 41.48
C PHE H 388 -75.42 24.30 41.41
N TYR H 389 -75.43 23.47 42.45
CA TYR H 389 -74.60 22.28 42.52
C TYR H 389 -74.91 21.39 41.34
N ASP H 390 -76.20 21.14 41.15
CA ASP H 390 -76.67 20.37 40.02
C ASP H 390 -76.17 21.00 38.72
N TYR H 391 -76.23 22.33 38.64
CA TYR H 391 -75.80 23.07 37.47
C TYR H 391 -74.34 22.87 37.11
N VAL H 392 -73.46 22.99 38.11
CA VAL H 392 -72.03 22.89 37.86
C VAL H 392 -71.56 21.43 37.70
N PHE H 393 -71.91 20.58 38.66
CA PHE H 393 -71.37 19.22 38.70
C PHE H 393 -72.13 18.23 37.84
N HIS H 394 -73.44 18.37 37.78
CA HIS H 394 -74.21 17.40 37.03
C HIS H 394 -74.49 18.05 35.68
N GLN H 395 -73.64 17.75 34.73
CA GLN H 395 -73.70 18.38 33.42
C GLN H 395 -74.32 17.46 32.39
N VAL H 396 -75.07 18.04 31.46
CA VAL H 396 -75.63 17.28 30.36
C VAL H 396 -75.11 17.83 29.05
N ASP H 397 -74.67 16.94 28.18
CA ASP H 397 -74.21 17.36 26.87
C ASP H 397 -75.45 17.74 26.07
N SER H 398 -75.27 18.47 24.98
CA SER H 398 -76.37 18.62 24.06
C SER H 398 -76.60 17.22 23.47
N ASN H 399 -77.74 17.04 22.80
CA ASN H 399 -78.24 15.75 22.33
C ASN H 399 -78.82 14.93 23.51
N GLY H 400 -78.65 15.44 24.73
CA GLY H 400 -79.05 14.69 25.92
C GLY H 400 -78.26 13.46 26.33
N LYS H 401 -76.97 13.63 26.58
CA LYS H 401 -76.16 12.58 27.20
C LYS H 401 -75.28 13.19 28.30
N PRO H 402 -75.09 12.46 29.40
CA PRO H 402 -74.30 13.11 30.45
C PRO H 402 -72.81 13.19 30.11
N ILE H 403 -72.19 14.30 30.52
CA ILE H 403 -70.77 14.52 30.33
C ILE H 403 -70.28 15.41 31.47
N MET H 404 -69.02 15.26 31.84
CA MET H 404 -68.41 16.17 32.80
C MET H 404 -67.25 16.95 32.21
N ASP H 405 -67.43 18.25 32.14
CA ASP H 405 -66.37 19.12 31.71
C ASP H 405 -65.69 19.59 33.00
N LEU H 406 -64.59 20.31 32.89
CA LEU H 406 -63.84 20.75 34.05
C LEU H 406 -63.69 22.26 33.94
N THR H 407 -63.24 22.70 32.77
CA THR H 407 -63.00 24.12 32.54
C THR H 407 -64.30 24.89 32.79
N HIS H 408 -65.44 24.31 32.42
CA HIS H 408 -66.74 24.87 32.81
C HIS H 408 -66.82 25.00 34.32
N VAL H 409 -66.48 23.91 35.02
CA VAL H 409 -66.53 23.85 36.47
C VAL H 409 -65.61 24.90 37.04
N LEU H 410 -64.41 24.99 36.45
CA LEU H 410 -63.44 25.97 36.88
C LEU H 410 -64.00 27.38 36.73
N ARG H 411 -64.65 27.65 35.60
CA ARG H 411 -65.22 28.97 35.36
C ARG H 411 -66.29 29.31 36.38
N CYS H 412 -67.26 28.41 36.57
CA CYS H 412 -68.34 28.66 37.51
C CYS H 412 -67.81 28.87 38.94
N LEU H 413 -66.91 27.99 39.37
CA LEU H 413 -66.36 28.06 40.72
C LEU H 413 -65.56 29.35 40.92
N ASN H 414 -64.73 29.66 39.94
CA ASN H 414 -63.88 30.84 39.99
C ASN H 414 -64.74 32.09 40.09
N LYS H 415 -65.74 32.16 39.20
CA LYS H 415 -66.70 33.27 39.20
C LYS H 415 -67.47 33.39 40.51
N LEU H 416 -67.80 32.25 41.11
CA LEU H 416 -68.54 32.25 42.37
C LEU H 416 -67.67 32.77 43.50
N ASP H 417 -66.40 32.42 43.46
CA ASP H 417 -65.49 32.85 44.52
C ASP H 417 -65.45 34.36 44.52
N ALA H 418 -65.38 34.96 43.34
CA ALA H 418 -65.44 36.42 43.27
C ALA H 418 -66.84 36.98 43.50
N GLY H 419 -66.91 38.30 43.62
CA GLY H 419 -68.16 39.00 43.88
C GLY H 419 -68.93 39.53 42.69
N ILE H 420 -68.76 38.95 41.50
CA ILE H 420 -69.24 39.62 40.29
C ILE H 420 -70.73 39.41 40.00
N GLN H 421 -71.32 40.41 39.37
CA GLN H 421 -72.77 40.56 39.23
C GLN H 421 -73.40 39.79 38.08
N GLU H 422 -72.62 38.99 37.36
CA GLU H 422 -73.16 38.20 36.26
C GLU H 422 -74.31 37.36 36.80
N LYS H 423 -75.37 37.21 36.00
CA LYS H 423 -76.61 36.60 36.46
C LYS H 423 -76.79 35.20 35.92
N LEU H 424 -77.46 34.36 36.72
CA LEU H 424 -77.72 33.00 36.31
C LEU H 424 -79.19 32.63 36.33
N MET H 425 -79.56 31.89 35.28
CA MET H 425 -80.85 31.26 35.13
C MET H 425 -80.61 29.85 35.63
N LEU H 426 -81.18 29.51 36.78
CA LEU H 426 -80.97 28.18 37.32
C LEU H 426 -82.25 27.41 37.09
N VAL H 427 -82.16 26.16 36.63
CA VAL H 427 -83.37 25.44 36.30
C VAL H 427 -83.65 24.25 37.21
N THR H 428 -84.92 24.09 37.57
CA THR H 428 -85.35 23.06 38.50
C THR H 428 -85.33 21.72 37.79
N PRO H 429 -85.35 20.62 38.56
CA PRO H 429 -85.30 19.31 37.90
C PRO H 429 -86.59 18.95 37.16
N ASP H 430 -87.62 19.76 37.34
CA ASP H 430 -88.85 19.61 36.58
C ASP H 430 -88.69 20.09 35.15
N GLU H 431 -87.75 21.02 34.94
CA GLU H 431 -87.62 21.84 33.74
C GLU H 431 -88.80 22.82 33.59
N LEU H 432 -89.77 22.72 34.49
CA LEU H 432 -90.90 23.63 34.49
C LEU H 432 -90.50 25.01 35.00
N ASN H 433 -89.68 25.02 36.05
CA ASN H 433 -89.39 26.23 36.79
C ASN H 433 -87.94 26.69 36.79
N CYS H 434 -87.74 27.97 37.11
CA CYS H 434 -86.39 28.53 37.23
C CYS H 434 -86.24 29.56 38.36
N ILE H 435 -84.99 29.86 38.70
CA ILE H 435 -84.65 30.89 39.68
C ILE H 435 -83.55 31.79 39.12
N ILE H 436 -83.69 33.10 39.29
CA ILE H 436 -82.67 34.04 38.82
C ILE H 436 -81.81 34.54 39.97
N ILE H 437 -80.49 34.36 39.86
CA ILE H 437 -79.64 34.76 40.97
C ILE H 437 -78.25 35.26 40.55
N SER H 438 -77.70 36.21 41.30
CA SER H 438 -76.40 36.79 41.01
C SER H 438 -75.32 36.19 41.89
N TYR H 439 -74.11 36.04 41.33
CA TYR H 439 -73.00 35.38 42.01
C TYR H 439 -72.66 35.95 43.39
N LYS H 440 -72.81 37.25 43.57
CA LYS H 440 -72.57 37.84 44.88
C LYS H 440 -73.52 37.21 45.90
N GLU H 441 -74.79 37.16 45.54
CA GLU H 441 -75.81 36.55 46.39
C GLU H 441 -75.53 35.08 46.61
N LEU H 442 -74.97 34.41 45.61
CA LEU H 442 -74.61 32.99 45.75
C LEU H 442 -73.45 32.78 46.73
N LYS H 443 -72.42 33.60 46.64
CA LYS H 443 -71.29 33.48 47.55
C LYS H 443 -71.75 33.75 48.97
N ASP H 444 -72.49 34.85 49.14
CA ASP H 444 -72.97 35.22 50.45
C ASP H 444 -73.85 34.11 51.02
N LEU H 445 -74.71 33.56 50.18
CA LEU H 445 -75.66 32.51 50.58
C LEU H 445 -74.91 31.25 51.00
N ILE H 446 -73.97 30.82 50.17
CA ILE H 446 -73.22 29.60 50.42
C ILE H 446 -72.42 29.71 51.70
N GLU H 447 -71.69 30.81 51.87
CA GLU H 447 -70.90 30.98 53.08
C GLU H 447 -71.77 31.07 54.33
N SER H 448 -72.87 31.83 54.25
CA SER H 448 -73.78 32.00 55.38
C SER H 448 -74.41 30.68 55.79
N THR H 449 -74.89 29.95 54.79
CA THR H 449 -75.52 28.65 54.98
C THR H 449 -74.54 27.67 55.60
N PHE H 450 -73.33 27.62 55.03
CA PHE H 450 -72.29 26.73 55.49
C PHE H 450 -72.02 27.00 56.96
N ARG H 451 -71.85 28.28 57.29
CA ARG H 451 -71.61 28.69 58.65
C ARG H 451 -72.75 28.28 59.58
N SER H 452 -73.98 28.40 59.08
CA SER H 452 -75.17 28.05 59.85
C SER H 452 -75.19 26.55 60.17
N ILE H 453 -74.87 25.73 59.17
CA ILE H 453 -74.86 24.29 59.34
C ILE H 453 -73.75 23.85 60.29
N THR H 454 -72.58 24.46 60.11
CA THR H 454 -71.38 24.11 60.86
C THR H 454 -71.43 24.64 62.30
N GLN H 455 -72.24 25.69 62.48
CA GLN H 455 -72.45 26.43 63.74
C GLN H 455 -71.49 27.60 63.83
N MET I 1 -32.03 -33.38 -26.02
CA MET I 1 -33.04 -33.88 -25.08
C MET I 1 -34.31 -33.03 -25.11
N LEU I 2 -34.20 -31.83 -24.55
CA LEU I 2 -35.34 -30.94 -24.36
C LEU I 2 -35.73 -30.28 -25.67
N ALA I 3 -35.16 -30.80 -26.74
CA ALA I 3 -35.36 -30.28 -28.09
C ALA I 3 -36.55 -30.98 -28.72
N TYR I 4 -37.28 -30.25 -29.57
CA TYR I 4 -38.56 -30.74 -30.06
C TYR I 4 -38.44 -32.00 -30.90
N PRO I 5 -39.34 -32.97 -30.66
CA PRO I 5 -40.31 -32.89 -29.56
C PRO I 5 -39.74 -33.34 -28.22
N ASP I 6 -40.20 -32.72 -27.13
CA ASP I 6 -39.86 -33.15 -25.79
C ASP I 6 -40.78 -34.28 -25.35
N TYR I 7 -40.29 -35.17 -24.50
CA TYR I 7 -41.16 -36.21 -23.93
C TYR I 7 -42.01 -35.67 -22.81
N PHE I 8 -41.55 -34.59 -22.17
CA PHE I 8 -42.26 -34.04 -21.03
C PHE I 8 -43.54 -33.35 -21.48
N ASN I 9 -43.38 -32.27 -22.24
CA ASN I 9 -44.52 -31.51 -22.66
C ASN I 9 -45.06 -31.86 -24.06
N ASP I 10 -44.17 -32.04 -25.02
CA ASP I 10 -44.55 -32.17 -26.44
C ASP I 10 -45.25 -33.48 -26.79
N ILE I 11 -45.20 -34.43 -25.86
CA ILE I 11 -45.62 -35.80 -26.11
C ILE I 11 -47.06 -35.89 -26.66
N THR I 12 -47.90 -34.92 -26.34
CA THR I 12 -49.28 -34.91 -26.79
C THR I 12 -49.49 -34.49 -28.26
N SER I 13 -48.69 -33.55 -28.73
CA SER I 13 -48.91 -32.90 -30.02
C SER I 13 -48.37 -33.67 -31.22
N ASP I 14 -49.25 -33.92 -32.20
CA ASP I 14 -48.90 -34.60 -33.44
C ASP I 14 -48.40 -33.64 -34.51
N GLY I 15 -48.15 -32.41 -34.11
CA GLY I 15 -47.62 -31.39 -35.00
C GLY I 15 -47.79 -30.03 -34.35
N PRO I 16 -47.00 -29.04 -34.79
CA PRO I 16 -47.05 -27.72 -34.16
C PRO I 16 -48.30 -26.92 -34.53
N ILE I 17 -48.94 -26.33 -33.53
CA ILE I 17 -49.90 -25.28 -33.79
C ILE I 17 -49.11 -23.99 -33.88
N SER I 18 -49.37 -23.18 -34.90
CA SER I 18 -48.58 -21.98 -35.08
C SER I 18 -49.04 -20.88 -34.13
N VAL I 19 -48.10 -20.04 -33.71
CA VAL I 19 -48.38 -18.95 -32.79
C VAL I 19 -49.34 -17.95 -33.45
N ASP I 20 -49.34 -17.97 -34.78
CA ASP I 20 -50.10 -17.02 -35.59
C ASP I 20 -51.49 -17.56 -35.92
N ASP I 21 -51.85 -18.70 -35.34
CA ASP I 21 -53.13 -19.31 -35.67
C ASP I 21 -54.28 -18.74 -34.84
N GLU I 22 -55.24 -18.13 -35.53
CA GLU I 22 -56.40 -17.54 -34.87
C GLU I 22 -57.50 -18.56 -34.68
N THR I 23 -57.41 -19.67 -35.42
CA THR I 23 -58.39 -20.74 -35.32
C THR I 23 -58.20 -21.49 -34.00
N TYR I 24 -56.96 -21.53 -33.54
CA TYR I 24 -56.60 -22.23 -32.32
C TYR I 24 -56.62 -21.27 -31.13
N PRO I 25 -57.63 -21.40 -30.26
CA PRO I 25 -57.78 -20.54 -29.08
C PRO I 25 -56.81 -20.90 -27.96
N LEU I 26 -56.37 -19.92 -27.19
CA LEU I 26 -55.41 -20.14 -26.11
C LEU I 26 -55.98 -20.95 -24.95
N SER I 27 -57.30 -20.92 -24.82
CA SER I 27 -57.98 -21.61 -23.73
C SER I 27 -58.01 -23.13 -23.95
N SER I 28 -57.52 -23.56 -25.09
CA SER I 28 -57.62 -24.95 -25.53
C SER I 28 -57.02 -25.96 -24.55
N VAL I 29 -56.05 -25.52 -23.76
CA VAL I 29 -55.45 -26.37 -22.75
C VAL I 29 -55.71 -25.84 -21.33
N GLY I 30 -56.53 -26.62 -20.61
CA GLY I 30 -57.00 -26.27 -19.30
C GLY I 30 -55.94 -26.39 -18.22
N MET I 31 -56.10 -25.63 -17.14
CA MET I 31 -55.21 -25.78 -15.99
C MET I 31 -55.51 -27.15 -15.40
N PRO I 32 -54.47 -27.86 -14.93
CA PRO I 32 -54.86 -29.13 -14.35
C PRO I 32 -55.60 -29.00 -13.01
N TYR I 33 -54.94 -28.43 -12.00
CA TYR I 33 -55.55 -28.15 -10.70
C TYR I 33 -54.70 -27.17 -9.91
N TYR I 34 -55.30 -26.20 -9.25
CA TYR I 34 -54.48 -25.36 -8.39
C TYR I 34 -55.08 -25.23 -6.99
N LEU I 35 -54.28 -25.61 -5.99
CA LEU I 35 -54.70 -25.55 -4.59
C LEU I 35 -54.11 -24.31 -3.91
N ASP I 36 -53.27 -23.58 -4.64
CA ASP I 36 -52.54 -22.47 -4.06
C ASP I 36 -52.63 -21.24 -4.97
N LYS I 37 -52.31 -20.07 -4.40
CA LYS I 37 -52.41 -18.81 -5.13
C LYS I 37 -51.60 -18.87 -6.42
N LEU I 38 -52.22 -18.45 -7.51
CA LEU I 38 -51.57 -18.52 -8.82
C LEU I 38 -50.44 -17.52 -8.94
N LEU I 39 -49.48 -17.82 -9.82
CA LEU I 39 -48.39 -16.90 -10.09
C LEU I 39 -48.89 -15.66 -10.83
N SER I 40 -49.75 -15.90 -11.81
CA SER I 40 -50.24 -14.84 -12.69
C SER I 40 -51.02 -13.75 -11.95
N ALA I 41 -51.43 -14.05 -10.72
CA ALA I 41 -52.06 -13.05 -9.88
C ALA I 41 -51.12 -11.87 -9.71
N TRP I 42 -51.66 -10.66 -9.78
CA TRP I 42 -50.82 -9.47 -9.73
C TRP I 42 -50.96 -8.74 -8.41
N PRO I 43 -49.83 -8.50 -7.74
CA PRO I 43 -49.82 -7.79 -6.47
C PRO I 43 -50.37 -6.38 -6.64
N PRO I 44 -50.97 -5.81 -5.60
CA PRO I 44 -51.54 -4.46 -5.77
C PRO I 44 -50.46 -3.41 -6.04
N VAL I 45 -50.63 -2.65 -7.12
CA VAL I 45 -49.72 -1.56 -7.45
C VAL I 45 -50.44 -0.45 -8.20
N VAL I 46 -50.10 0.79 -7.90
CA VAL I 46 -50.68 1.93 -8.60
C VAL I 46 -50.04 2.10 -9.96
N PHE I 47 -50.85 2.37 -10.99
CA PHE I 47 -50.31 2.56 -12.33
C PHE I 47 -50.45 4.02 -12.75
N LYS I 48 -49.32 4.72 -12.80
CA LYS I 48 -49.33 6.17 -13.05
C LYS I 48 -49.00 6.56 -14.49
N SER I 49 -48.72 5.59 -15.34
CA SER I 49 -48.16 5.87 -16.66
C SER I 49 -49.15 6.39 -17.70
N GLU I 50 -50.40 5.96 -17.65
CA GLU I 50 -51.33 6.30 -18.72
C GLU I 50 -51.69 7.78 -18.67
N GLY I 51 -51.89 8.37 -19.85
CA GLY I 51 -52.23 9.79 -19.96
C GLY I 51 -51.14 10.75 -19.52
N THR I 52 -49.94 10.61 -20.08
CA THR I 52 -48.86 11.54 -19.78
C THR I 52 -48.48 12.32 -21.03
N ILE I 53 -48.46 13.64 -20.92
CA ILE I 53 -48.07 14.48 -22.04
C ILE I 53 -46.59 14.28 -22.37
N PRO I 54 -46.30 13.73 -23.55
CA PRO I 54 -44.93 13.43 -23.96
C PRO I 54 -44.06 14.68 -24.05
N GLN I 55 -44.67 15.79 -24.45
CA GLN I 55 -43.95 17.05 -24.63
C GLN I 55 -44.57 18.17 -23.80
N SER I 76 -19.30 8.71 -35.09
CA SER I 76 -19.16 8.99 -33.67
C SER I 76 -19.89 7.96 -32.81
N SER I 77 -19.79 6.70 -33.21
CA SER I 77 -20.49 5.62 -32.51
C SER I 77 -19.49 4.89 -31.63
N GLN I 78 -19.78 4.84 -30.33
CA GLN I 78 -18.81 4.44 -29.32
C GLN I 78 -18.34 2.99 -29.50
N ASN I 79 -17.16 2.72 -28.96
CA ASN I 79 -16.52 1.41 -29.08
C ASN I 79 -17.14 0.35 -28.17
N GLU I 80 -16.84 -0.91 -28.50
CA GLU I 80 -17.39 -2.13 -27.88
C GLU I 80 -18.87 -2.30 -28.21
N LYS I 81 -19.43 -1.25 -28.80
CA LYS I 81 -20.81 -1.20 -29.25
C LYS I 81 -20.97 -1.52 -30.72
N LEU I 82 -19.89 -1.76 -31.44
CA LEU I 82 -20.04 -1.73 -32.88
C LEU I 82 -20.39 -3.09 -33.46
N SER I 83 -21.68 -3.20 -33.72
CA SER I 83 -22.26 -4.01 -34.77
C SER I 83 -23.32 -3.05 -35.30
N THR I 84 -23.15 -2.54 -36.51
CA THR I 84 -24.06 -1.48 -36.95
C THR I 84 -24.58 -1.64 -38.37
N GLN I 85 -25.91 -1.60 -38.48
CA GLN I 85 -26.58 -1.46 -39.75
C GLN I 85 -26.72 0.05 -39.98
N GLU I 86 -27.53 0.41 -40.95
CA GLU I 86 -27.83 1.80 -41.31
C GLU I 86 -28.30 2.71 -40.17
N PHE I 87 -28.89 2.12 -39.14
CA PHE I 87 -29.65 2.86 -38.13
C PHE I 87 -28.95 3.80 -37.09
N PRO I 88 -27.91 3.33 -36.39
CA PRO I 88 -27.44 4.10 -35.21
C PRO I 88 -26.88 5.50 -35.40
N LEU I 89 -27.31 6.40 -34.51
CA LEU I 89 -26.73 7.74 -34.32
C LEU I 89 -26.65 8.05 -32.82
N LEU I 90 -25.53 8.55 -32.31
CA LEU I 90 -25.41 8.61 -30.85
C LEU I 90 -25.52 10.03 -30.29
N ARG I 91 -26.74 10.40 -29.92
CA ARG I 91 -27.05 11.75 -29.42
C ARG I 91 -27.26 11.88 -27.90
N TYR I 92 -27.18 10.78 -27.16
CA TYR I 92 -27.59 10.79 -25.74
C TYR I 92 -26.70 11.56 -24.76
N ASP I 93 -27.37 12.24 -23.82
CA ASP I 93 -26.74 13.00 -22.75
C ASP I 93 -27.76 13.38 -21.69
N ARG I 94 -27.32 14.18 -20.72
CA ARG I 94 -28.20 14.73 -19.69
C ARG I 94 -29.28 15.62 -20.28
N THR I 95 -28.96 16.26 -21.40
CA THR I 95 -29.87 17.18 -22.09
C THR I 95 -31.21 16.54 -22.45
N LYS I 96 -31.20 15.33 -23.03
CA LYS I 96 -32.45 14.70 -23.43
C LYS I 96 -32.71 13.41 -22.67
N TYR I 97 -33.83 13.42 -21.94
CA TYR I 97 -34.31 12.28 -21.15
C TYR I 97 -33.26 11.78 -20.17
N GLY I 98 -33.09 10.45 -20.12
CA GLY I 98 -32.14 9.85 -19.20
C GLY I 98 -32.54 8.50 -18.63
N MET I 99 -31.72 8.05 -17.68
CA MET I 99 -31.94 6.85 -16.88
C MET I 99 -32.40 5.54 -17.59
N ARG I 100 -31.84 5.26 -18.76
CA ARG I 100 -32.07 3.96 -19.43
C ARG I 100 -33.52 3.46 -19.45
N ASN I 101 -34.35 4.03 -20.32
CA ASN I 101 -35.73 3.57 -20.50
C ASN I 101 -36.62 3.83 -19.29
N ALA I 102 -36.23 4.80 -18.47
CA ALA I 102 -37.00 5.16 -17.30
C ALA I 102 -38.38 5.65 -17.69
N ILE I 103 -39.38 5.33 -16.88
CA ILE I 103 -40.72 5.81 -17.15
C ILE I 103 -40.80 7.28 -16.77
N PRO I 104 -41.41 8.09 -17.65
CA PRO I 104 -41.54 9.52 -17.35
C PRO I 104 -42.56 9.76 -16.25
N ASP I 105 -42.27 10.71 -15.37
CA ASP I 105 -43.17 11.02 -14.26
C ASP I 105 -44.46 11.62 -14.82
N TYR I 106 -45.56 11.41 -14.10
CA TYR I 106 -46.86 11.83 -14.60
C TYR I 106 -47.34 13.12 -13.95
N VAL I 107 -47.81 14.05 -14.77
CA VAL I 107 -48.37 15.30 -14.29
C VAL I 107 -49.72 15.58 -14.91
N CYS I 108 -50.71 15.90 -14.09
CA CYS I 108 -52.02 16.30 -14.59
C CYS I 108 -52.14 17.82 -14.63
N LEU I 109 -52.41 18.35 -15.82
CA LEU I 109 -52.42 19.78 -16.03
C LEU I 109 -53.48 20.49 -15.21
N ARG I 110 -54.64 19.86 -15.08
CA ARG I 110 -55.78 20.47 -14.39
C ARG I 110 -55.46 20.84 -12.95
N ASP I 111 -54.83 19.92 -12.23
CA ASP I 111 -54.45 20.17 -10.84
C ASP I 111 -53.35 21.23 -10.73
N ILE I 112 -52.47 21.28 -11.73
CA ILE I 112 -51.41 22.27 -11.73
C ILE I 112 -52.00 23.65 -11.94
N ARG I 113 -52.98 23.72 -12.84
CA ARG I 113 -53.66 24.95 -13.22
C ARG I 113 -54.51 25.52 -12.08
N LYS I 114 -55.28 24.67 -11.42
CA LYS I 114 -56.05 25.05 -10.23
C LYS I 114 -55.22 25.81 -9.18
N GLN I 115 -54.01 25.31 -8.94
CA GLN I 115 -53.01 25.86 -8.02
C GLN I 115 -53.31 25.63 -6.54
N ILE I 116 -54.60 25.59 -6.18
CA ILE I 116 -55.04 25.65 -4.78
C ILE I 116 -54.62 26.94 -4.07
N THR I 117 -53.83 27.76 -4.77
CA THR I 117 -53.33 29.04 -4.30
C THR I 117 -54.34 29.97 -3.64
N SER I 118 -55.25 30.51 -4.44
CA SER I 118 -56.39 31.24 -3.90
C SER I 118 -57.24 30.34 -3.02
N GLY I 119 -57.61 30.90 -1.88
CA GLY I 119 -58.37 30.22 -0.82
C GLY I 119 -57.57 29.51 0.25
N LEU I 120 -56.34 29.12 -0.06
CA LEU I 120 -55.45 28.61 0.99
C LEU I 120 -55.36 29.79 1.92
N GLU I 121 -55.73 29.60 3.17
CA GLU I 121 -55.74 30.70 4.11
C GLU I 121 -54.32 31.24 4.13
N THR I 122 -54.17 32.52 3.80
CA THR I 122 -52.82 32.95 3.50
C THR I 122 -52.23 33.36 4.83
N SER I 123 -51.42 32.44 5.34
CA SER I 123 -50.89 32.46 6.69
C SER I 123 -50.09 31.18 6.90
N ASP I 124 -49.15 31.21 7.85
CA ASP I 124 -48.26 30.09 8.17
C ASP I 124 -47.72 29.37 6.94
N ILE I 125 -47.60 30.12 5.85
CA ILE I 125 -47.09 29.60 4.59
C ILE I 125 -45.58 29.55 4.71
N GLN I 126 -45.11 30.19 5.79
CA GLN I 126 -43.71 30.39 6.06
C GLN I 126 -43.16 29.19 6.81
N THR I 127 -43.97 28.13 6.92
CA THR I 127 -43.56 26.94 7.64
C THR I 127 -42.82 26.01 6.68
N TYR I 128 -41.53 25.86 6.95
CA TYR I 128 -40.65 25.05 6.11
C TYR I 128 -40.58 23.60 6.54
N THR I 129 -41.10 23.30 7.72
CA THR I 129 -41.02 21.95 8.26
C THR I 129 -42.37 21.24 8.33
N SER I 130 -42.40 19.99 7.93
CA SER I 130 -43.59 19.16 8.03
C SER I 130 -43.27 17.86 8.76
N ILE I 131 -44.21 17.39 9.58
CA ILE I 131 -43.98 16.19 10.37
C ILE I 131 -43.75 14.98 9.45
N ASN I 132 -44.47 14.94 8.33
CA ASN I 132 -44.27 13.90 7.33
C ASN I 132 -43.01 14.18 6.52
N LYS I 133 -42.18 13.15 6.33
CA LYS I 133 -40.97 13.29 5.52
C LYS I 133 -41.31 13.50 4.05
N TYR I 134 -42.27 12.71 3.56
CA TYR I 134 -42.61 12.69 2.14
C TYR I 134 -43.40 13.94 1.74
N GLU I 135 -44.15 14.47 2.69
CA GLU I 135 -44.99 15.64 2.42
C GLU I 135 -44.14 16.87 2.12
N VAL I 136 -44.53 17.63 1.10
CA VAL I 136 -43.83 18.85 0.74
C VAL I 136 -44.42 20.04 1.50
N PRO I 137 -43.60 20.70 2.32
CA PRO I 137 -44.02 21.82 3.16
C PRO I 137 -44.62 22.97 2.33
N PRO I 138 -45.48 23.79 2.95
CA PRO I 138 -46.20 24.88 2.27
C PRO I 138 -45.26 25.89 1.63
N ALA I 139 -44.15 26.18 2.28
CA ALA I 139 -43.19 27.14 1.76
C ALA I 139 -42.68 26.74 0.38
N TYR I 140 -42.48 25.44 0.18
CA TYR I 140 -41.95 24.95 -1.08
C TYR I 140 -43.02 24.87 -2.17
N SER I 141 -44.28 24.92 -1.78
CA SER I 141 -45.39 24.79 -2.72
C SER I 141 -45.41 25.95 -3.71
N ARG I 142 -45.97 25.71 -4.90
CA ARG I 142 -46.06 26.73 -5.93
C ARG I 142 -46.91 27.91 -5.45
N LEU I 143 -46.37 29.11 -5.62
CA LEU I 143 -47.05 30.33 -5.17
C LEU I 143 -47.96 30.87 -6.28
N PRO I 144 -49.02 31.59 -5.90
CA PRO I 144 -49.97 32.16 -6.87
C PRO I 144 -49.34 33.18 -7.80
N LEU I 145 -49.93 33.35 -8.97
CA LEU I 145 -49.44 34.32 -9.95
C LEU I 145 -49.61 35.73 -9.43
N THR I 146 -48.86 36.66 -10.02
CA THR I 146 -48.83 38.05 -9.58
C THR I 146 -49.69 38.98 -10.43
N SER I 147 -50.39 38.43 -11.41
CA SER I 147 -51.30 39.21 -12.25
C SER I 147 -52.38 39.92 -11.42
N GLY I 151 -58.82 39.77 -13.60
CA GLY I 151 -59.77 40.85 -13.86
C GLY I 151 -59.42 42.12 -13.12
N THR I 152 -58.80 41.97 -11.95
CA THR I 152 -58.39 43.12 -11.14
C THR I 152 -56.93 42.99 -10.74
N ASP I 153 -56.34 44.10 -10.31
CA ASP I 153 -54.92 44.13 -9.94
C ASP I 153 -54.71 44.78 -8.58
N ASN I 154 -53.89 44.17 -7.74
CA ASN I 154 -53.60 44.69 -6.42
C ASN I 154 -52.23 44.23 -5.92
N PHE I 155 -51.85 44.65 -4.73
CA PHE I 155 -50.60 44.19 -4.15
C PHE I 155 -50.81 43.70 -2.71
N ASP I 156 -50.73 42.39 -2.53
CA ASP I 156 -50.94 41.76 -1.23
C ASP I 156 -49.68 41.23 -0.54
N PHE I 157 -48.49 41.51 -1.06
CA PHE I 157 -47.38 40.56 -0.95
C PHE I 157 -46.63 40.62 0.39
N THR I 158 -47.22 41.30 1.38
CA THR I 158 -46.61 41.41 2.71
C THR I 158 -46.40 40.07 3.46
N PRO I 159 -47.43 39.19 3.54
CA PRO I 159 -47.26 38.03 4.41
C PRO I 159 -46.22 37.03 3.94
N PHE I 160 -45.85 37.09 2.66
CA PHE I 160 -44.90 36.12 2.13
C PHE I 160 -43.51 36.39 2.67
N ASN I 161 -43.20 37.67 2.90
CA ASN I 161 -41.87 38.03 3.37
C ASN I 161 -41.90 38.98 4.55
N ASN I 162 -41.43 38.50 5.71
CA ASN I 162 -41.22 39.36 6.87
C ASN I 162 -39.77 39.80 7.01
N THR I 163 -38.93 39.26 6.14
CA THR I 163 -37.50 39.54 6.19
C THR I 163 -37.19 40.88 5.53
N GLU I 164 -35.92 41.27 5.57
CA GLU I 164 -35.50 42.54 5.02
C GLU I 164 -34.97 42.42 3.59
N TYR I 165 -34.89 41.19 3.07
CA TYR I 165 -34.28 40.94 1.77
C TYR I 165 -35.30 40.57 0.70
N SER I 166 -35.15 41.16 -0.49
CA SER I 166 -36.14 41.05 -1.56
C SER I 166 -36.26 39.68 -2.21
N GLY I 167 -37.47 39.36 -2.64
CA GLY I 167 -37.72 38.17 -3.43
C GLY I 167 -37.95 38.60 -4.87
N LEU I 168 -38.00 37.64 -5.77
CA LEU I 168 -38.17 37.95 -7.19
C LEU I 168 -39.54 37.55 -7.75
N ASP I 169 -39.99 38.32 -8.73
CA ASP I 169 -41.29 38.08 -9.36
C ASP I 169 -41.28 36.83 -10.24
N PRO I 170 -42.31 35.98 -10.08
CA PRO I 170 -42.44 34.72 -10.82
C PRO I 170 -42.77 34.91 -12.30
N ASP I 171 -43.20 36.09 -12.70
CA ASP I 171 -43.58 36.28 -14.09
C ASP I 171 -42.45 36.94 -14.88
N VAL I 172 -41.78 36.09 -15.64
CA VAL I 172 -40.74 36.44 -16.61
C VAL I 172 -40.82 35.35 -17.67
N ASP I 173 -39.96 35.41 -18.69
CA ASP I 173 -40.03 34.41 -19.74
C ASP I 173 -39.65 33.01 -19.21
N ASN I 174 -38.57 32.92 -18.43
CA ASN I 174 -38.25 31.70 -17.70
C ASN I 174 -37.88 31.99 -16.26
N HIS I 175 -38.71 31.53 -15.33
CA HIS I 175 -38.64 31.95 -13.94
C HIS I 175 -37.50 31.34 -13.12
N TYR I 176 -37.07 30.14 -13.46
CA TYR I 176 -36.09 29.42 -12.65
C TYR I 176 -34.83 30.24 -12.40
N THR I 177 -34.50 31.07 -13.39
CA THR I 177 -33.31 31.92 -13.36
C THR I 177 -33.25 32.74 -12.08
N ASN I 178 -34.43 33.18 -11.61
CA ASN I 178 -34.51 33.99 -10.40
C ASN I 178 -33.71 33.37 -9.29
N ALA I 179 -33.91 32.07 -9.08
CA ALA I 179 -33.23 31.36 -8.00
C ALA I 179 -31.74 31.57 -8.11
N ILE I 180 -31.21 31.30 -9.31
CA ILE I 180 -29.80 31.43 -9.57
C ILE I 180 -29.37 32.86 -9.29
N ILE I 181 -30.14 33.81 -9.80
CA ILE I 181 -29.80 35.21 -9.62
C ILE I 181 -29.72 35.47 -8.13
N GLN I 182 -30.77 35.05 -7.44
CA GLN I 182 -30.89 35.32 -6.02
C GLN I 182 -29.67 34.77 -5.31
N LEU I 183 -29.20 33.61 -5.76
CA LEU I 183 -28.02 33.01 -5.17
C LEU I 183 -26.82 33.93 -5.33
N TYR I 184 -26.50 34.24 -6.59
CA TYR I 184 -25.25 34.94 -6.91
C TYR I 184 -25.14 36.31 -6.27
N ARG I 185 -26.28 36.93 -5.99
CA ARG I 185 -26.29 38.26 -5.39
C ARG I 185 -25.60 38.26 -4.02
N PHE I 186 -25.66 37.13 -3.30
CA PHE I 186 -25.11 37.10 -1.96
C PHE I 186 -23.62 36.75 -1.93
N ILE I 187 -23.05 36.45 -3.08
CA ILE I 187 -21.61 36.28 -3.18
C ILE I 187 -20.95 37.66 -3.19
N PRO I 188 -20.22 37.99 -2.11
CA PRO I 188 -19.70 39.34 -1.88
C PRO I 188 -18.86 39.88 -3.04
N GLU I 189 -17.93 39.07 -3.52
CA GLU I 189 -17.08 39.46 -4.64
C GLU I 189 -17.94 39.77 -5.86
N MET I 190 -18.82 38.83 -6.21
CA MET I 190 -19.69 38.97 -7.38
C MET I 190 -20.53 40.24 -7.33
N PHE I 191 -21.32 40.36 -6.25
CA PHE I 191 -22.22 41.49 -6.06
C PHE I 191 -21.47 42.81 -6.09
N ASN I 192 -20.50 42.94 -5.19
CA ASN I 192 -19.74 44.18 -5.06
C ASN I 192 -19.05 44.55 -6.37
N PHE I 193 -18.58 43.53 -7.09
CA PHE I 193 -17.95 43.77 -8.39
C PHE I 193 -18.92 44.35 -9.37
N VAL I 194 -20.03 43.67 -9.59
CA VAL I 194 -20.95 44.08 -10.64
C VAL I 194 -21.59 45.44 -10.35
N VAL I 195 -22.05 45.60 -9.11
CA VAL I 195 -22.62 46.88 -8.67
C VAL I 195 -21.58 47.99 -8.73
N GLY I 196 -20.33 47.66 -8.41
CA GLY I 196 -19.25 48.63 -8.48
C GLY I 196 -19.00 49.06 -9.91
N CYS I 197 -18.95 48.07 -10.81
CA CYS I 197 -18.66 48.29 -12.21
C CYS I 197 -19.84 48.95 -12.93
N LEU I 198 -20.97 49.02 -12.26
CA LEU I 198 -22.13 49.74 -12.80
C LEU I 198 -21.79 51.23 -12.87
N LYS I 199 -20.87 51.66 -12.01
CA LYS I 199 -20.48 53.07 -11.90
C LYS I 199 -20.05 53.70 -13.23
N ASP I 200 -19.42 52.91 -14.09
CA ASP I 200 -18.99 53.42 -15.39
C ASP I 200 -20.06 53.17 -16.45
N GLU I 201 -19.83 53.69 -17.66
CA GLU I 201 -20.80 53.58 -18.73
C GLU I 201 -21.10 52.13 -19.12
N ASN I 202 -20.11 51.48 -19.74
CA ASN I 202 -20.19 50.07 -20.11
C ASN I 202 -21.44 49.68 -20.90
N PHE I 203 -21.85 50.55 -21.82
CA PHE I 203 -23.08 50.32 -22.57
C PHE I 203 -23.00 49.11 -23.49
N GLU I 204 -21.78 48.75 -23.88
CA GLU I 204 -21.57 47.64 -24.81
C GLU I 204 -21.90 46.28 -24.19
N THR I 205 -21.73 46.17 -22.87
CA THR I 205 -21.96 44.91 -22.17
C THR I 205 -23.38 44.85 -21.61
N THR I 206 -24.20 44.00 -22.22
CA THR I 206 -25.61 43.90 -21.84
C THR I 206 -25.83 43.22 -20.51
N LEU I 207 -25.32 41.99 -20.39
CA LEU I 207 -25.60 41.14 -19.24
C LEU I 207 -25.06 41.71 -17.93
N LEU I 208 -23.77 42.08 -17.92
CA LEU I 208 -23.13 42.58 -16.72
C LEU I 208 -23.86 43.81 -16.20
N THR I 209 -24.19 44.73 -17.09
CA THR I 209 -24.89 45.97 -16.73
C THR I 209 -26.31 45.71 -16.23
N ASP I 210 -27.11 45.01 -17.02
CA ASP I 210 -28.50 44.75 -16.64
C ASP I 210 -28.57 43.99 -15.32
N LEU I 211 -27.70 42.99 -15.17
CA LEU I 211 -27.59 42.24 -13.93
C LEU I 211 -27.15 43.17 -12.80
N GLY I 212 -26.34 44.16 -13.15
CA GLY I 212 -25.93 45.18 -12.20
C GLY I 212 -27.14 45.90 -11.68
N TYR I 213 -28.05 46.24 -12.59
CA TYR I 213 -29.30 46.88 -12.21
C TYR I 213 -30.13 45.98 -11.32
N LEU I 214 -30.18 44.69 -11.65
CA LEU I 214 -30.95 43.75 -10.86
C LEU I 214 -30.41 43.66 -9.43
N PHE I 215 -29.10 43.48 -9.29
CA PHE I 215 -28.46 43.39 -7.97
C PHE I 215 -28.65 44.67 -7.19
N ASP I 216 -28.43 45.80 -7.86
CA ASP I 216 -28.55 47.11 -7.23
C ASP I 216 -29.98 47.30 -6.74
N MET I 217 -30.93 46.76 -7.49
CA MET I 217 -32.34 46.84 -7.11
C MET I 217 -32.59 46.03 -5.85
N MET I 218 -32.21 44.76 -5.90
CA MET I 218 -32.46 43.82 -4.79
C MET I 218 -31.80 44.28 -3.50
N GLU I 219 -30.65 44.92 -3.61
CA GLU I 219 -30.02 45.52 -2.45
C GLU I 219 -30.85 46.72 -2.03
N ARG I 220 -31.17 47.56 -3.01
CA ARG I 220 -31.83 48.83 -2.78
C ARG I 220 -33.22 48.61 -2.21
N SER I 221 -33.96 47.71 -2.86
CA SER I 221 -35.38 47.50 -2.56
C SER I 221 -35.62 46.98 -1.16
N HIS I 222 -34.63 46.32 -0.58
CA HIS I 222 -34.79 45.67 0.72
C HIS I 222 -36.02 44.77 0.68
N GLY I 223 -37.03 45.10 1.47
CA GLY I 223 -38.20 44.25 1.59
C GLY I 223 -38.96 44.07 0.28
N LYS I 224 -39.10 45.14 -0.49
CA LYS I 224 -40.04 45.15 -1.62
C LYS I 224 -39.59 44.23 -2.76
N ILE I 225 -40.55 43.83 -3.59
CA ILE I 225 -40.35 42.85 -4.65
C ILE I 225 -39.58 43.45 -5.83
N CYS I 226 -38.87 42.62 -6.59
CA CYS I 226 -38.15 43.06 -7.78
C CYS I 226 -38.33 42.07 -8.93
N SER I 227 -38.31 42.57 -10.16
CA SER I 227 -38.48 41.71 -11.33
C SER I 227 -37.20 41.64 -12.15
N SER I 228 -36.97 40.49 -12.79
CA SER I 228 -35.78 40.27 -13.60
C SER I 228 -36.01 40.56 -15.08
N SER I 229 -37.19 41.09 -15.40
CA SER I 229 -37.70 41.19 -16.77
C SER I 229 -36.70 41.74 -17.79
N ASN I 230 -36.10 42.89 -17.51
CA ASN I 230 -35.13 43.49 -18.43
C ASN I 230 -33.92 42.59 -18.68
N PHE I 231 -33.45 41.94 -17.63
CA PHE I 231 -32.35 40.99 -17.74
C PHE I 231 -32.73 39.90 -18.75
N GLN I 232 -33.87 39.26 -18.52
CA GLN I 232 -34.35 38.20 -19.40
C GLN I 232 -34.46 38.69 -20.84
N ALA I 233 -34.95 39.91 -21.00
CA ALA I 233 -35.08 40.52 -22.32
C ALA I 233 -33.72 40.62 -23.01
N SER I 234 -32.74 41.12 -22.27
CA SER I 234 -31.39 41.29 -22.80
C SER I 234 -30.76 39.96 -23.21
N LEU I 235 -30.92 38.95 -22.36
CA LEU I 235 -30.39 37.61 -22.65
C LEU I 235 -31.04 37.05 -23.90
N LYS I 236 -32.36 37.17 -23.96
CA LYS I 236 -33.13 36.67 -25.08
C LYS I 236 -32.70 37.37 -26.37
N SER I 237 -32.35 38.65 -26.27
CA SER I 237 -31.83 39.40 -27.40
C SER I 237 -30.45 38.87 -27.77
N LEU I 238 -29.68 38.46 -26.76
CA LEU I 238 -28.31 37.99 -26.94
C LEU I 238 -28.26 36.66 -27.67
N THR I 239 -29.25 35.80 -27.44
CA THR I 239 -29.21 34.45 -28.00
C THR I 239 -29.44 34.43 -29.52
N ASP I 240 -29.74 35.60 -30.09
CA ASP I 240 -30.01 35.71 -31.53
C ASP I 240 -28.85 35.26 -32.40
N LYS I 241 -27.62 35.54 -31.96
CA LYS I 241 -26.41 35.18 -32.71
C LYS I 241 -26.37 33.70 -33.09
N LEU I 257 -18.56 30.95 -28.21
CA LEU I 257 -18.42 29.50 -28.28
C LEU I 257 -19.34 28.81 -27.27
N GLU I 258 -19.48 29.42 -26.10
CA GLU I 258 -20.35 28.89 -25.06
C GLU I 258 -21.81 29.09 -25.46
N SER I 259 -22.05 30.15 -26.23
CA SER I 259 -23.38 30.45 -26.73
C SER I 259 -23.91 29.28 -27.57
N LEU I 260 -23.01 28.63 -28.30
CA LEU I 260 -23.38 27.44 -29.06
C LEU I 260 -23.83 26.33 -28.11
N CYS I 261 -23.18 26.25 -26.95
CA CYS I 261 -23.51 25.24 -25.95
C CYS I 261 -24.89 25.50 -25.35
N ILE I 262 -25.14 26.73 -24.87
CA ILE I 262 -26.44 27.05 -24.29
C ILE I 262 -27.52 26.90 -25.35
N ARG I 263 -27.16 27.17 -26.61
CA ARG I 263 -28.10 26.98 -27.72
C ARG I 263 -28.41 25.51 -27.89
N GLU I 264 -27.40 24.67 -27.68
CA GLU I 264 -27.57 23.23 -27.76
C GLU I 264 -28.49 22.73 -26.64
N SER I 265 -28.36 23.33 -25.46
CA SER I 265 -29.17 22.94 -24.32
C SER I 265 -30.65 23.26 -24.55
N ILE I 266 -30.90 24.38 -25.23
CA ILE I 266 -32.26 24.80 -25.53
C ILE I 266 -32.92 23.87 -26.52
N SER I 271 -46.70 26.32 -17.24
CA SER I 271 -45.99 27.27 -18.07
C SER I 271 -45.48 26.62 -19.36
N SER I 272 -45.06 27.45 -20.30
CA SER I 272 -44.53 26.98 -21.58
C SER I 272 -43.29 26.14 -21.38
N GLU I 273 -42.43 26.55 -20.45
CA GLU I 273 -41.23 25.78 -20.13
C GLU I 273 -41.16 25.39 -18.65
N SER I 274 -41.32 24.09 -18.42
CA SER I 274 -40.90 23.44 -17.18
C SER I 274 -39.38 23.41 -17.14
N ILE I 275 -38.82 23.15 -15.96
CA ILE I 275 -37.37 23.25 -15.71
C ILE I 275 -36.55 22.53 -16.77
N LYS I 276 -37.16 21.50 -17.36
CA LYS I 276 -36.60 20.78 -18.50
C LYS I 276 -35.26 20.12 -18.23
N ARG I 277 -35.25 19.14 -17.33
CA ARG I 277 -34.07 18.33 -17.02
C ARG I 277 -32.81 19.02 -16.48
N ASN I 278 -31.76 18.95 -17.30
CA ASN I 278 -30.40 19.43 -17.02
C ASN I 278 -30.08 20.87 -17.45
N MET I 279 -31.10 21.67 -17.74
CA MET I 279 -30.89 23.04 -18.21
C MET I 279 -30.18 23.99 -17.21
N PRO I 280 -30.61 24.01 -15.93
CA PRO I 280 -30.07 25.06 -15.06
C PRO I 280 -28.54 25.12 -14.93
N GLN I 281 -27.88 23.96 -14.77
CA GLN I 281 -26.42 23.95 -14.72
C GLN I 281 -25.82 24.63 -15.93
N LYS I 282 -26.31 24.25 -17.10
CA LYS I 282 -25.81 24.83 -18.34
C LYS I 282 -25.96 26.33 -18.29
N PHE I 283 -27.13 26.80 -17.86
CA PHE I 283 -27.38 28.23 -17.80
C PHE I 283 -26.32 28.88 -16.93
N ASN I 284 -26.07 28.24 -15.79
CA ASN I 284 -25.08 28.73 -14.86
C ASN I 284 -23.78 28.94 -15.60
N ARG I 285 -23.32 27.87 -16.24
CA ARG I 285 -22.06 27.92 -16.98
C ARG I 285 -22.14 29.05 -17.97
N PHE I 286 -23.21 29.04 -18.76
CA PHE I 286 -23.37 30.03 -19.82
C PHE I 286 -23.27 31.42 -19.24
N LEU I 287 -23.94 31.63 -18.12
CA LEU I 287 -23.92 32.95 -17.53
C LEU I 287 -22.48 33.33 -17.18
N LEU I 288 -21.84 32.48 -16.37
CA LEU I 288 -20.54 32.83 -15.80
C LEU I 288 -19.54 33.22 -16.86
N SER I 289 -19.31 32.30 -17.80
CA SER I 289 -18.33 32.52 -18.84
C SER I 289 -18.66 33.80 -19.59
N GLN I 290 -19.94 33.95 -19.96
CA GLN I 290 -20.36 35.10 -20.72
C GLN I 290 -20.05 36.37 -19.96
N LEU I 291 -20.32 36.36 -18.66
CA LEU I 291 -20.08 37.54 -17.85
C LEU I 291 -18.61 37.88 -17.88
N ILE I 292 -17.77 36.85 -17.80
CA ILE I 292 -16.33 37.06 -17.87
C ILE I 292 -16.00 37.64 -19.23
N LYS I 293 -16.60 37.05 -20.26
CA LYS I 293 -16.40 37.51 -21.62
C LYS I 293 -16.75 39.00 -21.72
N GLU I 294 -17.75 39.42 -20.95
CA GLU I 294 -18.16 40.82 -20.97
C GLU I 294 -17.26 41.70 -20.11
N GLU I 295 -16.74 41.15 -19.01
CA GLU I 295 -15.93 41.95 -18.10
C GLU I 295 -14.58 42.32 -18.71
N ALA I 296 -14.20 41.63 -19.77
CA ALA I 296 -13.05 42.01 -20.56
C ALA I 296 -13.30 43.35 -21.25
N GLN I 297 -14.51 43.49 -21.79
CA GLN I 297 -14.87 44.64 -22.60
C GLN I 297 -15.03 45.95 -21.83
N THR I 298 -15.13 45.87 -20.51
CA THR I 298 -15.31 47.06 -19.69
C THR I 298 -14.06 47.94 -19.73
N VAL I 299 -14.23 49.23 -19.39
CA VAL I 299 -13.15 50.21 -19.49
C VAL I 299 -11.90 49.84 -18.70
N ASN I 300 -12.09 49.43 -17.45
CA ASN I 300 -10.96 49.14 -16.57
C ASN I 300 -10.30 47.79 -16.86
N HIS I 301 -11.00 46.93 -17.60
CA HIS I 301 -10.53 45.57 -17.88
C HIS I 301 -10.28 44.83 -16.59
N ASN I 302 -11.21 44.98 -15.64
CA ASN I 302 -11.00 44.52 -14.27
C ASN I 302 -10.71 43.02 -14.17
N ILE I 303 -11.44 42.24 -14.98
CA ILE I 303 -11.33 40.78 -15.07
C ILE I 303 -11.20 40.12 -13.68
N THR I 304 -11.88 40.71 -12.71
CA THR I 304 -11.83 40.21 -11.34
C THR I 304 -12.48 38.84 -11.22
N LEU I 305 -13.58 38.64 -11.94
CA LEU I 305 -14.29 37.36 -11.95
C LEU I 305 -13.40 36.21 -12.41
N ASN I 306 -12.58 36.47 -13.43
CA ASN I 306 -11.67 35.48 -13.97
C ASN I 306 -10.72 34.98 -12.90
N GLN I 307 -10.34 35.87 -11.99
CA GLN I 307 -9.53 35.47 -10.83
C GLN I 307 -10.41 34.76 -9.78
N CYS I 308 -11.61 35.29 -9.57
CA CYS I 308 -12.44 34.82 -8.45
C CYS I 308 -13.11 33.48 -8.70
N PHE I 309 -13.76 33.34 -9.85
CA PHE I 309 -14.42 32.06 -10.17
C PHE I 309 -13.55 31.18 -11.05
N GLY I 310 -12.43 31.74 -11.53
CA GLY I 310 -11.61 31.05 -12.50
C GLY I 310 -10.82 29.89 -11.95
N LEU I 311 -10.88 28.75 -12.63
CA LEU I 311 -10.01 27.64 -12.29
C LEU I 311 -9.31 27.18 -13.57
N GLU I 312 -7.98 27.21 -13.55
CA GLU I 312 -7.20 26.77 -14.70
C GLU I 312 -7.21 25.26 -14.78
N THR I 313 -7.72 24.76 -15.89
CA THR I 313 -7.91 23.33 -16.10
C THR I 313 -6.88 22.79 -17.09
N GLU I 314 -6.07 21.85 -16.62
CA GLU I 314 -5.04 21.24 -17.43
C GLU I 314 -5.49 19.87 -17.89
N ILE I 315 -5.70 19.75 -19.19
CA ILE I 315 -6.17 18.52 -19.80
C ILE I 315 -5.08 17.93 -20.67
N ARG I 316 -4.72 16.68 -20.37
CA ARG I 316 -3.72 15.96 -21.13
C ARG I 316 -4.39 14.83 -21.90
N THR I 317 -4.16 14.79 -23.20
CA THR I 317 -4.75 13.77 -24.04
C THR I 317 -3.70 12.75 -24.48
N GLU I 318 -4.01 11.48 -24.26
CA GLU I 318 -3.14 10.39 -24.67
C GLU I 318 -3.85 9.39 -25.56
N CYS I 319 -3.22 9.09 -26.70
CA CYS I 319 -3.78 8.25 -27.74
C CYS I 319 -2.66 7.91 -28.73
N SER I 320 -2.96 7.11 -29.74
CA SER I 320 -1.92 6.69 -30.68
C SER I 320 -2.18 7.02 -32.14
N CYS I 321 -1.17 7.61 -32.79
CA CYS I 321 -1.21 7.89 -34.24
C CYS I 321 -2.25 8.91 -34.73
N ASP I 322 -3.14 9.40 -33.87
CA ASP I 322 -3.94 10.56 -34.28
C ASP I 322 -3.16 11.86 -34.08
N HIS I 323 -2.59 12.04 -32.89
CA HIS I 323 -1.94 13.29 -32.47
C HIS I 323 -1.60 13.19 -30.99
N TYR I 324 -0.72 14.08 -30.51
CA TYR I 324 -0.67 14.30 -29.08
C TYR I 324 -0.76 15.81 -28.87
N ASP I 325 -1.58 16.21 -27.90
CA ASP I 325 -1.75 17.60 -27.53
C ASP I 325 -2.12 17.75 -26.07
N THR I 326 -1.59 18.78 -25.43
CA THR I 326 -1.92 19.06 -24.04
C THR I 326 -2.42 20.50 -23.99
N THR I 327 -3.55 20.71 -23.33
CA THR I 327 -4.18 22.03 -23.32
C THR I 327 -4.52 22.52 -21.93
N VAL I 328 -4.60 23.84 -21.78
CA VAL I 328 -5.03 24.45 -20.53
C VAL I 328 -6.08 25.53 -20.79
N LYS I 329 -7.22 25.42 -20.11
CA LYS I 329 -8.29 26.40 -20.29
C LYS I 329 -8.91 26.80 -18.97
N LEU I 330 -9.23 28.08 -18.83
CA LEU I 330 -9.83 28.60 -17.60
C LEU I 330 -11.34 28.42 -17.61
N LEU I 331 -11.86 27.73 -16.60
CA LEU I 331 -13.29 27.47 -16.51
C LEU I 331 -13.87 28.05 -15.22
N PRO I 332 -15.07 28.63 -15.31
CA PRO I 332 -15.77 29.24 -14.18
C PRO I 332 -16.30 28.23 -13.17
N SER I 333 -16.79 27.10 -13.67
CA SER I 333 -17.44 26.09 -12.83
C SER I 333 -17.06 24.69 -13.26
N LEU I 334 -17.13 23.75 -12.33
CA LEU I 334 -16.82 22.35 -12.62
C LEU I 334 -18.05 21.46 -12.50
N SER I 335 -18.21 20.55 -13.46
CA SER I 335 -19.33 19.63 -13.46
C SER I 335 -18.92 18.31 -12.81
N ILE I 336 -19.70 17.85 -11.85
CA ILE I 336 -19.30 16.66 -11.09
C ILE I 336 -20.06 15.42 -11.53
N SER I 337 -19.32 14.32 -11.63
CA SER I 337 -19.89 13.00 -11.87
C SER I 337 -19.18 12.03 -10.95
N GLY I 338 -19.53 10.75 -11.01
CA GLY I 338 -18.85 9.80 -10.16
C GLY I 338 -19.25 8.34 -10.23
N ILE I 339 -18.43 7.54 -9.56
CA ILE I 339 -18.66 6.12 -9.30
C ILE I 339 -17.89 5.85 -8.01
N ASN I 340 -18.45 5.05 -7.11
CA ASN I 340 -17.77 4.74 -5.85
C ASN I 340 -16.38 4.18 -6.12
N LYS I 341 -15.38 4.84 -5.56
CA LYS I 341 -13.98 4.47 -5.74
C LYS I 341 -13.09 5.28 -4.81
N GLN I 354 -18.68 8.82 1.46
CA GLN I 354 -19.64 9.12 2.52
C GLN I 354 -20.28 10.49 2.30
N ASN I 355 -19.48 11.45 1.84
CA ASN I 355 -19.97 12.80 1.64
C ASN I 355 -19.51 13.41 0.31
N ILE I 356 -19.83 14.69 0.11
CA ILE I 356 -19.61 15.39 -1.15
C ILE I 356 -18.13 15.62 -1.50
N LEU I 357 -17.30 15.83 -0.48
CA LEU I 357 -15.89 16.21 -0.69
C LEU I 357 -15.16 15.30 -1.69
N PRO I 358 -15.26 13.97 -1.55
CA PRO I 358 -14.62 13.11 -2.55
C PRO I 358 -15.12 13.40 -3.96
N TYR I 359 -16.41 13.67 -4.10
CA TYR I 359 -16.97 14.07 -5.39
C TYR I 359 -16.25 15.30 -5.93
N ILE I 360 -16.09 16.33 -5.09
CA ILE I 360 -15.37 17.53 -5.53
C ILE I 360 -13.94 17.19 -5.97
N GLU I 361 -13.23 16.43 -5.14
CA GLU I 361 -11.86 16.04 -5.44
C GLU I 361 -11.75 15.33 -6.79
N TYR I 362 -12.62 14.33 -6.99
CA TYR I 362 -12.65 13.56 -8.23
C TYR I 362 -12.94 14.49 -9.40
N ALA I 363 -13.80 15.48 -9.16
CA ALA I 363 -14.11 16.48 -10.16
C ALA I 363 -12.86 17.28 -10.51
N MET I 364 -12.01 17.49 -9.51
CA MET I 364 -10.81 18.30 -9.71
C MET I 364 -9.76 17.55 -10.51
N LYS I 365 -9.67 16.24 -10.28
CA LYS I 365 -8.78 15.37 -11.05
C LYS I 365 -9.47 14.10 -11.52
N ASN I 366 -9.60 13.94 -12.83
CA ASN I 366 -10.23 12.71 -13.34
C ASN I 366 -9.67 12.24 -14.66
N VAL I 367 -9.60 10.92 -14.83
CA VAL I 367 -9.18 10.31 -16.08
C VAL I 367 -10.30 9.47 -16.66
N THR I 368 -10.70 9.80 -17.89
CA THR I 368 -11.76 9.07 -18.56
C THR I 368 -11.33 8.61 -19.94
N GLN I 369 -11.98 7.55 -20.43
CA GLN I 369 -11.67 6.99 -21.74
C GLN I 369 -12.87 7.22 -22.65
N LYS I 370 -12.67 7.99 -23.72
CA LYS I 370 -13.79 8.35 -24.58
C LYS I 370 -13.64 7.88 -26.02
N ASN I 371 -14.73 7.36 -26.57
CA ASN I 371 -14.77 6.87 -27.94
C ASN I 371 -13.70 5.82 -28.20
N THR I 382 -9.76 4.35 -29.39
CA THR I 382 -10.02 4.68 -28.00
C THR I 382 -8.94 5.61 -27.43
N ILE I 383 -9.35 6.73 -26.87
CA ILE I 383 -8.41 7.70 -26.33
C ILE I 383 -8.66 7.96 -24.85
N THR I 384 -7.59 8.30 -24.14
CA THR I 384 -7.68 8.57 -22.71
C THR I 384 -7.36 10.03 -22.41
N GLN I 385 -8.25 10.69 -21.67
CA GLN I 385 -8.04 12.08 -21.28
C GLN I 385 -7.95 12.20 -19.77
N GLU I 386 -6.97 12.97 -19.30
CA GLU I 386 -6.80 13.19 -17.86
C GLU I 386 -6.77 14.69 -17.57
N CYS I 387 -7.69 15.14 -16.72
CA CYS I 387 -7.78 16.56 -16.41
C CYS I 387 -7.58 16.83 -14.92
N THR I 388 -6.73 17.81 -14.63
CA THR I 388 -6.45 18.24 -13.27
C THR I 388 -6.46 19.76 -13.16
N VAL I 389 -6.89 20.28 -12.02
CA VAL I 389 -6.93 21.73 -11.83
C VAL I 389 -5.78 22.19 -10.95
N LYS I 390 -5.10 23.25 -11.39
CA LYS I 390 -3.88 23.71 -10.73
C LYS I 390 -4.14 24.56 -9.48
N ASN I 391 -5.13 25.43 -9.54
CA ASN I 391 -5.29 26.45 -8.50
C ASN I 391 -6.63 26.35 -7.79
N LEU I 392 -6.71 26.94 -6.60
CA LEU I 392 -7.96 27.02 -5.87
C LEU I 392 -8.46 28.46 -5.82
N PRO I 393 -9.58 28.73 -6.50
CA PRO I 393 -10.19 30.06 -6.66
C PRO I 393 -10.70 30.60 -5.34
N SER I 394 -10.98 31.91 -5.29
CA SER I 394 -11.58 32.50 -4.10
C SER I 394 -12.98 31.94 -3.91
N VAL I 395 -13.68 31.73 -5.01
CA VAL I 395 -15.01 31.14 -4.98
C VAL I 395 -15.13 30.06 -6.06
N LEU I 396 -15.69 28.92 -5.69
CA LEU I 396 -15.84 27.83 -6.64
C LEU I 396 -17.30 27.43 -6.78
N SER I 397 -17.68 27.12 -8.02
CA SER I 397 -19.04 26.74 -8.35
C SER I 397 -19.11 25.30 -8.83
N LEU I 398 -20.02 24.54 -8.23
CA LEU I 398 -20.17 23.12 -8.52
C LEU I 398 -21.52 22.84 -9.19
N GLU I 399 -21.46 22.23 -10.36
CA GLU I 399 -22.68 21.84 -11.08
C GLU I 399 -22.88 20.33 -10.97
N LEU I 400 -23.99 19.92 -10.37
CA LEU I 400 -24.21 18.52 -10.07
C LEU I 400 -24.98 17.83 -11.20
N SER I 401 -24.30 16.96 -11.93
CA SER I 401 -24.96 16.08 -12.89
C SER I 401 -24.70 14.64 -12.52
N LEU I 402 -25.75 13.97 -12.05
CA LEU I 402 -25.62 12.59 -11.57
C LEU I 402 -26.76 11.72 -12.06
N LEU I 403 -26.51 10.42 -12.10
CA LEU I 403 -27.58 9.46 -12.26
C LEU I 403 -28.45 9.50 -11.01
N ASP I 404 -29.76 9.48 -11.19
CA ASP I 404 -30.70 9.67 -10.08
C ASP I 404 -30.52 8.65 -8.96
N THR I 405 -30.01 7.47 -9.32
CA THR I 405 -29.69 6.45 -8.34
C THR I 405 -28.71 6.99 -7.31
N GLU I 406 -27.71 7.71 -7.81
CA GLU I 406 -26.74 8.35 -6.95
C GLU I 406 -27.42 9.37 -6.05
N PHE I 407 -28.42 10.06 -6.57
CA PHE I 407 -29.19 11.00 -5.78
C PHE I 407 -29.89 10.30 -4.63
N SER I 408 -30.47 9.14 -4.91
CA SER I 408 -31.10 8.33 -3.87
C SER I 408 -30.10 7.93 -2.79
N ASN I 409 -28.98 7.33 -3.23
CA ASN I 409 -27.96 6.86 -2.30
C ASN I 409 -27.35 7.96 -1.44
N ILE I 410 -27.13 9.14 -2.01
CA ILE I 410 -26.62 10.27 -1.24
C ILE I 410 -27.70 10.81 -0.29
N ARG I 411 -28.94 10.83 -0.77
CA ARG I 411 -30.07 11.27 0.07
C ARG I 411 -30.19 10.38 1.30
N SER I 412 -29.85 9.10 1.12
CA SER I 412 -29.84 8.14 2.22
C SER I 412 -28.80 8.53 3.27
N SER I 413 -27.66 9.03 2.81
CA SER I 413 -26.53 9.35 3.69
C SER I 413 -26.79 10.59 4.56
N LYS I 414 -26.04 10.69 5.65
CA LYS I 414 -26.18 11.81 6.59
C LYS I 414 -25.12 12.87 6.37
N ASN I 415 -25.53 14.14 6.46
CA ASN I 415 -24.66 15.28 6.25
C ASN I 415 -23.82 15.18 4.99
N TRP I 416 -24.45 14.70 3.92
CA TRP I 416 -23.76 14.48 2.65
C TRP I 416 -23.09 15.74 2.11
N LEU I 417 -23.76 16.87 2.28
CA LEU I 417 -23.18 18.16 1.92
C LEU I 417 -22.43 18.73 3.11
N THR I 418 -21.20 19.16 2.88
CA THR I 418 -20.34 19.63 3.95
C THR I 418 -20.48 21.12 4.20
N SER I 419 -20.73 21.48 5.46
CA SER I 419 -20.89 22.89 5.83
C SER I 419 -19.64 23.71 5.50
N GLU I 420 -18.48 23.20 5.92
CA GLU I 420 -17.21 23.87 5.66
C GLU I 420 -16.11 22.83 5.49
N PHE I 421 -15.08 23.16 4.70
CA PHE I 421 -13.96 22.25 4.56
C PHE I 421 -12.67 23.00 4.23
N TYR I 422 -11.54 22.36 4.47
CA TYR I 422 -10.25 22.97 4.19
C TYR I 422 -9.59 22.21 3.05
N GLY I 423 -8.99 22.93 2.11
CA GLY I 423 -8.36 22.24 1.00
C GLY I 423 -7.22 23.00 0.36
N SER I 424 -6.29 22.26 -0.24
CA SER I 424 -5.15 22.85 -0.93
C SER I 424 -4.55 21.84 -1.92
N ILE I 425 -3.58 22.30 -2.70
CA ILE I 425 -2.91 21.43 -3.65
C ILE I 425 -1.54 20.95 -3.18
N ILE I 426 -1.27 19.67 -3.38
CA ILE I 426 0.06 19.10 -3.21
C ILE I 426 0.31 18.22 -4.42
N LYS I 427 1.56 18.10 -4.83
CA LYS I 427 1.90 17.55 -6.15
C LYS I 427 1.12 18.32 -7.21
N ASN I 428 0.52 17.61 -8.15
CA ASN I 428 -0.41 18.22 -9.08
C ASN I 428 -1.86 18.01 -8.63
N LYS I 429 -1.99 17.42 -7.45
CA LYS I 429 -3.28 16.95 -6.94
C LYS I 429 -3.93 17.96 -5.99
N ALA I 430 -5.23 18.13 -6.13
CA ALA I 430 -5.99 18.99 -5.24
C ALA I 430 -6.72 18.18 -4.18
N VAL I 431 -6.28 18.29 -2.93
CA VAL I 431 -6.94 17.57 -1.86
C VAL I 431 -7.77 18.51 -1.00
N LEU I 432 -9.00 18.10 -0.70
CA LEU I 432 -9.89 18.89 0.13
C LEU I 432 -10.56 17.97 1.14
N ARG I 433 -10.36 18.26 2.42
CA ARG I 433 -10.91 17.41 3.49
C ARG I 433 -11.51 18.25 4.60
N SER I 434 -12.29 17.59 5.46
CA SER I 434 -13.16 18.30 6.40
C SER I 434 -12.44 18.98 7.56
N THR I 435 -11.22 18.56 7.88
CA THR I 435 -10.54 19.10 9.05
C THR I 435 -9.07 19.44 8.79
N ALA I 436 -8.63 20.51 9.43
CA ALA I 436 -7.25 20.99 9.32
C ALA I 436 -6.26 19.92 9.73
N SER I 437 -6.53 19.27 10.86
CA SER I 437 -5.65 18.24 11.38
C SER I 437 -5.54 17.07 10.42
N GLU I 438 -6.62 16.78 9.70
CA GLU I 438 -6.60 15.64 8.80
C GLU I 438 -5.60 15.83 7.65
N LEU I 439 -5.38 17.09 7.28
CA LEU I 439 -4.37 17.42 6.28
C LEU I 439 -3.40 18.49 6.77
N LYS I 440 -2.14 18.13 6.97
CA LYS I 440 -1.15 19.16 7.28
C LYS I 440 -0.03 19.18 6.27
N GLY I 441 0.23 20.35 5.69
CA GLY I 441 1.43 20.54 4.91
C GLY I 441 1.82 21.99 4.70
N THR I 442 2.92 22.17 3.97
CA THR I 442 3.52 23.48 3.74
C THR I 442 2.73 24.39 2.79
N SER I 443 1.76 23.82 2.09
CA SER I 443 1.12 24.50 0.97
C SER I 443 0.11 25.59 1.32
N HIS I 444 -0.06 25.89 2.60
CA HIS I 444 -0.90 27.01 3.04
C HIS I 444 -2.34 26.77 2.59
N ILE I 445 -2.97 25.81 3.25
CA ILE I 445 -4.30 25.35 2.91
C ILE I 445 -5.34 26.48 2.96
N PHE I 446 -6.34 26.41 2.09
CA PHE I 446 -7.36 27.42 1.97
C PHE I 446 -8.68 26.93 2.53
N LYS I 447 -9.37 27.81 3.27
CA LYS I 447 -10.64 27.48 3.90
C LYS I 447 -11.83 27.85 3.03
N TYR I 448 -12.62 26.84 2.69
CA TYR I 448 -13.84 27.05 1.92
C TYR I 448 -15.06 26.80 2.79
N GLU I 449 -15.96 27.77 2.80
CA GLU I 449 -17.20 27.67 3.56
C GLU I 449 -18.35 27.62 2.56
N LEU I 450 -19.47 27.03 2.94
CA LEU I 450 -20.59 26.97 2.02
C LEU I 450 -21.31 28.31 1.96
N ASN I 451 -21.29 28.95 0.80
CA ASN I 451 -22.01 30.19 0.64
C ASN I 451 -23.48 29.92 0.36
N GLY I 452 -23.76 28.97 -0.52
CA GLY I 452 -25.15 28.65 -0.79
C GLY I 452 -25.37 27.60 -1.86
N TYR I 453 -26.63 27.20 -2.06
CA TYR I 453 -26.92 26.31 -3.18
C TYR I 453 -28.38 26.39 -3.66
N VAL I 454 -28.58 26.09 -4.94
CA VAL I 454 -29.91 26.04 -5.54
C VAL I 454 -30.31 24.60 -5.76
N ALA I 455 -31.50 24.27 -5.28
CA ALA I 455 -32.01 22.91 -5.31
C ALA I 455 -33.34 22.81 -6.04
N LYS I 456 -33.48 21.75 -6.83
CA LYS I 456 -34.74 21.44 -7.52
C LYS I 456 -35.69 20.71 -6.58
N ILE I 457 -36.95 21.10 -6.64
CA ILE I 457 -38.00 20.50 -5.83
C ILE I 457 -39.10 19.91 -6.71
N THR I 458 -39.44 18.65 -6.45
CA THR I 458 -40.54 17.97 -7.13
C THR I 458 -41.64 17.62 -6.15
N ASP I 459 -42.79 18.27 -6.27
CA ASP I 459 -43.88 18.09 -5.33
C ASP I 459 -44.66 16.81 -5.59
N ASN I 460 -45.66 16.54 -4.75
CA ASN I 460 -46.51 15.38 -4.89
C ASN I 460 -47.25 15.35 -6.21
N ASN I 461 -47.47 16.53 -6.78
CA ASN I 461 -48.11 16.67 -8.09
C ASN I 461 -47.14 16.38 -9.22
N ASN I 462 -45.88 16.12 -8.86
CA ASN I 462 -44.80 15.84 -9.81
C ASN I 462 -44.50 17.08 -10.65
N GLU I 463 -44.84 18.25 -10.12
CA GLU I 463 -44.44 19.51 -10.71
C GLU I 463 -42.99 19.83 -10.33
N THR I 464 -42.34 20.65 -11.13
CA THR I 464 -40.94 20.97 -10.90
C THR I 464 -40.73 22.45 -10.62
N ARG I 465 -40.00 22.74 -9.55
CA ARG I 465 -39.67 24.12 -9.19
C ARG I 465 -38.21 24.22 -8.75
N LEU I 466 -37.69 25.43 -8.68
CA LEU I 466 -36.33 25.64 -8.21
C LEU I 466 -36.35 26.55 -6.98
N VAL I 467 -35.46 26.32 -6.03
CA VAL I 467 -35.45 27.13 -4.82
C VAL I 467 -34.01 27.40 -4.39
N THR I 468 -33.79 28.51 -3.68
CA THR I 468 -32.44 28.88 -3.28
C THR I 468 -32.22 28.92 -1.78
N TYR I 469 -31.18 28.23 -1.32
CA TYR I 469 -30.74 28.34 0.05
C TYR I 469 -29.47 29.17 0.08
N VAL I 470 -29.39 30.13 1.00
CA VAL I 470 -28.21 30.98 1.08
C VAL I 470 -27.93 31.38 2.52
N LYS I 471 -26.69 31.78 2.79
CA LYS I 471 -26.28 32.19 4.12
C LYS I 471 -25.60 33.55 4.09
N LYS I 472 -25.99 34.44 5.00
CA LYS I 472 -25.41 35.77 5.04
C LYS I 472 -24.79 36.08 6.40
N TYR I 473 -23.68 36.81 6.37
CA TYR I 473 -22.97 37.22 7.57
C TYR I 473 -23.67 38.39 8.26
N ASN I 474 -23.74 38.30 9.59
CA ASN I 474 -24.13 39.41 10.45
C ASN I 474 -22.88 39.87 11.19
N PRO I 475 -22.40 41.08 10.85
CA PRO I 475 -21.15 41.66 11.33
C PRO I 475 -21.12 41.79 12.85
N LYS I 476 -22.19 42.31 13.43
CA LYS I 476 -22.31 42.31 14.88
C LYS I 476 -22.71 40.90 15.30
N GLU I 477 -22.21 40.48 16.45
CA GLU I 477 -22.42 39.14 17.00
C GLU I 477 -21.67 38.06 16.22
N ASN I 478 -21.04 38.44 15.11
CA ASN I 478 -20.26 37.49 14.30
C ASN I 478 -21.09 36.26 13.96
N CYS I 479 -22.27 36.47 13.38
CA CYS I 479 -23.22 35.37 13.26
C CYS I 479 -23.57 35.06 11.81
N PHE I 480 -24.12 33.88 11.58
CA PHE I 480 -24.60 33.53 10.24
C PHE I 480 -26.10 33.34 10.25
N LYS I 481 -26.77 33.85 9.22
CA LYS I 481 -28.21 33.63 9.09
C LYS I 481 -28.50 32.90 7.80
N TRP I 482 -29.46 31.98 7.84
CA TRP I 482 -29.80 31.21 6.65
C TRP I 482 -31.16 31.64 6.11
N LEU I 483 -31.25 31.79 4.80
CA LEU I 483 -32.49 32.20 4.15
C LEU I 483 -32.82 31.30 2.97
N MET I 484 -34.12 31.11 2.76
CA MET I 484 -34.62 30.43 1.57
C MET I 484 -35.43 31.38 0.71
N PHE I 485 -35.15 31.37 -0.59
CA PHE I 485 -35.89 32.16 -1.54
C PHE I 485 -36.56 31.24 -2.54
N ASN I 486 -37.89 31.20 -2.48
CA ASN I 486 -38.70 30.63 -3.55
C ASN I 486 -39.56 31.73 -4.16
N ASP I 487 -39.18 32.17 -5.36
CA ASP I 487 -39.86 33.26 -6.04
C ASP I 487 -39.94 34.50 -5.14
N TYR I 488 -41.16 34.93 -4.81
CA TYR I 488 -41.33 36.12 -3.97
C TYR I 488 -41.48 35.78 -2.49
N LEU I 489 -41.27 34.50 -2.16
CA LEU I 489 -41.32 34.04 -0.77
C LEU I 489 -39.93 33.90 -0.18
N VAL I 490 -39.72 34.52 0.98
CA VAL I 490 -38.43 34.50 1.68
C VAL I 490 -38.61 34.02 3.11
N VAL I 491 -37.81 33.05 3.54
CA VAL I 491 -37.93 32.53 4.90
C VAL I 491 -36.60 32.37 5.62
N GLU I 492 -36.51 32.89 6.84
CA GLU I 492 -35.35 32.64 7.68
C GLU I 492 -35.44 31.24 8.25
N ILE I 493 -34.37 30.45 8.09
CA ILE I 493 -34.42 29.03 8.40
C ILE I 493 -33.25 28.61 9.29
N THR I 494 -33.41 27.52 10.02
CA THR I 494 -32.37 26.95 10.86
C THR I 494 -31.37 26.16 10.02
N GLU I 495 -30.13 26.11 10.49
CA GLU I 495 -29.04 25.48 9.75
C GLU I 495 -29.30 24.00 9.44
N GLU I 496 -29.77 23.27 10.44
CA GLU I 496 -30.01 21.84 10.32
C GLU I 496 -30.96 21.53 9.17
N GLU I 497 -32.01 22.34 9.05
CA GLU I 497 -32.97 22.21 7.96
C GLU I 497 -32.35 22.59 6.63
N ALA I 498 -31.49 23.61 6.66
CA ALA I 498 -30.85 24.11 5.46
C ALA I 498 -29.96 23.05 4.83
N LEU I 499 -29.25 22.31 5.67
CA LEU I 499 -28.28 21.33 5.20
C LEU I 499 -28.92 19.98 4.89
N LYS I 500 -30.16 19.78 5.32
CA LYS I 500 -30.81 18.48 5.21
C LYS I 500 -30.98 18.01 3.77
N MET I 501 -30.41 16.84 3.46
CA MET I 501 -30.60 16.18 2.17
C MET I 501 -31.61 15.03 2.23
N THR I 502 -32.13 14.76 3.42
CA THR I 502 -32.93 13.57 3.67
C THR I 502 -34.20 13.52 2.82
N TYR I 503 -34.78 14.68 2.54
CA TYR I 503 -36.04 14.75 1.81
C TYR I 503 -35.92 14.21 0.38
N PRO I 504 -36.89 13.37 -0.02
CA PRO I 504 -36.89 12.74 -1.34
C PRO I 504 -37.23 13.72 -2.46
N TRP I 505 -38.02 14.74 -2.14
CA TRP I 505 -38.42 15.73 -3.13
C TRP I 505 -37.31 16.75 -3.38
N LYS I 506 -36.59 17.13 -2.33
CA LYS I 506 -35.50 18.06 -2.48
C LYS I 506 -34.29 17.36 -3.10
N THR I 507 -33.77 17.91 -4.18
CA THR I 507 -32.52 17.40 -4.73
C THR I 507 -31.60 18.57 -5.03
N PRO I 508 -30.31 18.43 -4.70
CA PRO I 508 -29.41 19.53 -5.03
C PRO I 508 -29.12 19.57 -6.52
N GLU I 509 -29.00 20.77 -7.06
CA GLU I 509 -28.69 20.94 -8.48
C GLU I 509 -27.37 21.68 -8.60
N ILE I 510 -27.32 22.88 -8.05
CA ILE I 510 -26.08 23.67 -8.14
C ILE I 510 -25.62 24.10 -6.75
N ILE I 511 -24.33 23.94 -6.46
CA ILE I 511 -23.82 24.31 -5.14
C ILE I 511 -22.60 25.22 -5.24
N ILE I 512 -22.63 26.35 -4.55
CA ILE I 512 -21.53 27.30 -4.61
C ILE I 512 -20.85 27.55 -3.25
N TYR I 513 -19.54 27.34 -3.27
CA TYR I 513 -18.67 27.46 -2.10
C TYR I 513 -17.78 28.69 -2.22
N CYS I 514 -17.51 29.35 -1.10
CA CYS I 514 -16.73 30.58 -1.10
C CYS I 514 -15.67 30.58 -0.01
N ASP I 515 -14.67 31.45 -0.15
CA ASP I 515 -13.60 31.58 0.83
C ASP I 515 -14.14 32.18 2.12
N ALA I 516 -13.78 31.57 3.24
CA ALA I 516 -14.31 31.96 4.55
C ALA I 516 -14.01 33.41 4.90
N GLU I 517 -12.73 33.78 4.83
CA GLU I 517 -12.31 35.14 5.13
C GLU I 517 -12.93 36.12 4.15
N GLU I 518 -13.01 35.71 2.89
CA GLU I 518 -13.53 36.55 1.83
C GLU I 518 -15.05 36.72 1.93
N LEU I 519 -15.73 35.67 2.37
CA LEU I 519 -17.19 35.69 2.47
C LEU I 519 -17.64 36.67 3.54
N ARG I 520 -16.91 36.73 4.64
CA ARG I 520 -17.28 37.56 5.78
C ARG I 520 -17.10 39.05 5.52
N LYS I 521 -16.51 39.38 4.37
CA LYS I 521 -16.35 40.77 3.97
C LYS I 521 -17.72 41.40 3.71
N PRO I 522 -17.88 42.69 4.02
CA PRO I 522 -19.19 43.35 3.97
C PRO I 522 -19.67 43.64 2.55
N PHE I 523 -20.98 43.86 2.40
CA PHE I 523 -21.57 44.22 1.13
C PHE I 523 -21.48 45.73 0.87
N PHE I 524 -21.20 46.11 -0.37
CA PHE I 524 -21.08 47.51 -0.71
C PHE I 524 -21.98 47.90 -1.88
N SER I 525 -22.89 48.83 -1.63
CA SER I 525 -23.72 49.41 -2.67
C SER I 525 -22.90 50.38 -3.51
N VAL I 526 -23.37 50.70 -4.71
CA VAL I 526 -22.64 51.57 -5.62
C VAL I 526 -22.47 52.98 -5.04
N ASP I 527 -23.26 53.30 -4.02
CA ASP I 527 -23.29 54.64 -3.43
C ASP I 527 -21.93 55.10 -2.90
N THR I 528 -21.10 54.16 -2.47
CA THR I 528 -19.79 54.51 -1.94
C THR I 528 -18.86 55.07 -3.01
N TYR I 529 -18.98 54.57 -4.23
CA TYR I 529 -18.16 55.02 -5.34
C TYR I 529 -18.66 56.34 -5.92
N SER I 530 -17.76 57.11 -6.51
CA SER I 530 -18.17 58.29 -7.24
C SER I 530 -18.72 57.83 -8.57
N ILE I 531 -19.86 58.38 -8.98
CA ILE I 531 -20.58 57.84 -10.13
C ILE I 531 -20.55 58.80 -11.30
N ASN I 532 -20.43 58.24 -12.50
CA ASN I 532 -20.43 59.06 -13.71
C ASN I 532 -21.85 59.46 -14.10
N TYR I 533 -22.12 60.76 -14.10
CA TYR I 533 -23.45 61.29 -14.43
C TYR I 533 -23.55 61.81 -15.87
N ASP I 534 -22.48 61.64 -16.63
CA ASP I 534 -22.30 62.25 -17.95
C ASP I 534 -23.45 62.04 -18.93
N ILE I 535 -24.07 60.85 -18.87
CA ILE I 535 -25.12 60.48 -19.81
C ILE I 535 -26.33 61.40 -19.74
N LEU I 536 -26.55 62.00 -18.56
CA LEU I 536 -27.62 62.97 -18.39
C LEU I 536 -27.39 64.25 -19.20
N PHE I 537 -26.16 64.75 -19.18
CA PHE I 537 -25.84 66.05 -19.75
C PHE I 537 -25.55 66.03 -21.24
N ARG I 538 -25.35 64.84 -21.81
CA ARG I 538 -25.05 64.73 -23.23
C ARG I 538 -26.02 63.79 -23.94
N ASP I 539 -25.76 63.52 -25.21
CA ASP I 539 -26.63 62.66 -26.02
C ASP I 539 -25.90 61.42 -26.49
N TYR I 540 -26.51 60.25 -26.28
CA TYR I 540 -26.00 59.04 -26.88
C TYR I 540 -27.14 58.43 -27.68
N PHE I 541 -27.01 58.43 -29.01
CA PHE I 541 -28.07 57.95 -29.89
C PHE I 541 -27.54 56.97 -30.93
N ALA I 542 -28.44 56.23 -31.57
CA ALA I 542 -28.06 55.34 -32.65
C ALA I 542 -28.22 56.06 -33.99
N ASN I 543 -28.73 57.29 -33.93
CA ASN I 543 -28.87 58.12 -35.11
C ASN I 543 -28.22 59.50 -34.91
N GLY I 544 -27.30 59.85 -35.80
CA GLY I 544 -26.64 61.14 -35.72
C GLY I 544 -27.59 62.26 -36.13
N ILE I 545 -27.78 63.23 -35.23
CA ILE I 545 -28.69 64.34 -35.47
C ILE I 545 -28.37 65.52 -34.56
N ALA I 549 -30.75 70.00 -33.78
CA ALA I 549 -30.23 70.13 -32.42
C ALA I 549 -31.05 71.15 -31.63
N ARG I 550 -31.25 70.86 -30.35
CA ARG I 550 -31.98 71.74 -29.43
C ARG I 550 -33.37 72.08 -29.94
N ARG I 551 -34.22 71.07 -30.08
CA ARG I 551 -35.56 71.27 -30.62
C ARG I 551 -36.68 71.02 -29.61
N GLU I 552 -36.94 69.75 -29.33
CA GLU I 552 -38.02 69.36 -28.42
C GLU I 552 -37.64 69.53 -26.96
N TYR I 553 -36.39 69.22 -26.67
CA TYR I 553 -35.87 69.21 -25.32
C TYR I 553 -34.68 70.13 -25.15
N LYS I 554 -34.38 70.45 -23.90
CA LYS I 554 -33.20 71.23 -23.58
C LYS I 554 -32.36 70.39 -22.65
N LEU I 555 -31.15 70.07 -23.10
CA LEU I 555 -30.24 69.25 -22.31
C LEU I 555 -29.87 69.98 -21.04
N LEU I 556 -29.47 69.23 -20.03
CA LEU I 556 -29.12 69.87 -18.77
C LEU I 556 -27.78 70.55 -18.93
N THR I 557 -27.53 71.53 -18.09
CA THR I 557 -26.22 72.14 -17.97
C THR I 557 -25.79 71.93 -16.53
N HIS I 558 -24.53 72.16 -16.22
CA HIS I 558 -24.07 71.98 -14.86
C HIS I 558 -24.64 73.07 -13.94
N ASP I 559 -25.20 74.13 -14.52
CA ASP I 559 -25.87 75.14 -13.72
C ASP I 559 -27.08 74.49 -13.05
N GLU I 560 -27.93 73.85 -13.83
CA GLU I 560 -29.01 73.07 -13.24
C GLU I 560 -28.50 71.65 -12.98
N ALA I 561 -28.27 71.35 -11.71
CA ALA I 561 -27.73 70.06 -11.31
C ALA I 561 -28.73 69.31 -10.45
N PRO I 562 -29.42 68.31 -11.03
CA PRO I 562 -30.38 67.52 -10.27
C PRO I 562 -29.75 66.88 -9.04
N LYS I 563 -30.44 67.02 -7.90
CA LYS I 563 -29.94 66.56 -6.61
C LYS I 563 -31.09 66.04 -5.76
N SER I 564 -30.82 65.76 -4.49
CA SER I 564 -31.79 65.14 -3.59
C SER I 564 -33.14 65.84 -3.53
N GLY I 565 -33.11 67.15 -3.27
CA GLY I 565 -34.35 67.90 -3.11
C GLY I 565 -35.11 68.19 -4.38
N THR I 566 -34.43 68.15 -5.51
CA THR I 566 -35.03 68.54 -6.79
C THR I 566 -36.20 67.65 -7.19
N LEU I 567 -37.17 68.22 -7.89
CA LEU I 567 -38.33 67.47 -8.36
C LEU I 567 -38.45 67.55 -9.88
N VAL I 568 -38.73 66.41 -10.50
CA VAL I 568 -38.95 66.35 -11.94
C VAL I 568 -40.20 65.51 -12.22
N ALA I 569 -40.74 65.61 -13.44
CA ALA I 569 -41.95 64.87 -13.79
C ALA I 569 -41.64 63.90 -14.93
N ILE I 570 -42.37 62.78 -15.00
CA ILE I 570 -42.06 61.78 -16.01
C ILE I 570 -43.30 60.97 -16.42
N ASP I 571 -43.32 60.53 -17.67
CA ASP I 571 -44.29 59.52 -18.09
C ASP I 571 -43.72 58.69 -19.24
N ALA I 572 -44.20 57.45 -19.36
CA ALA I 572 -43.70 56.53 -20.37
C ALA I 572 -44.85 55.80 -21.05
N GLU I 573 -44.57 55.31 -22.25
CA GLU I 573 -45.56 54.60 -23.05
C GLU I 573 -44.97 53.29 -23.57
N PHE I 574 -45.81 52.25 -23.62
CA PHE I 574 -45.33 50.90 -23.87
C PHE I 574 -45.96 50.27 -25.11
N VAL I 575 -45.32 49.22 -25.63
CA VAL I 575 -45.89 48.44 -26.72
C VAL I 575 -45.94 46.96 -26.34
N SER I 576 -47.03 46.30 -26.70
CA SER I 576 -47.24 44.91 -26.31
C SER I 576 -46.56 43.92 -27.27
N LEU I 577 -45.66 43.12 -26.73
CA LEU I 577 -44.99 42.07 -27.50
C LEU I 577 -45.82 40.80 -27.54
N GLN I 578 -46.72 40.68 -26.55
CA GLN I 578 -47.57 39.52 -26.44
C GLN I 578 -48.89 39.92 -25.78
N SER I 579 -49.95 39.21 -26.11
CA SER I 579 -51.25 39.46 -25.49
C SER I 579 -51.48 38.46 -24.37
N GLU I 580 -52.07 38.91 -23.27
CA GLU I 580 -52.41 37.99 -22.21
C GLU I 580 -53.52 37.11 -22.77
N LEU I 581 -53.33 35.81 -22.65
CA LEU I 581 -54.20 34.86 -23.32
C LEU I 581 -54.88 33.90 -22.35
N CYS I 582 -56.20 33.77 -22.46
CA CYS I 582 -56.97 32.99 -21.49
C CYS I 582 -57.67 31.75 -22.05
N GLU I 583 -57.90 30.78 -21.18
CA GLU I 583 -58.72 29.62 -21.52
C GLU I 583 -59.76 29.41 -20.44
N ILE I 584 -60.96 28.97 -20.82
CA ILE I 584 -62.05 28.80 -19.85
C ILE I 584 -62.50 27.35 -19.71
N ASP I 585 -62.39 26.82 -18.50
CA ASP I 585 -62.82 25.45 -18.19
C ASP I 585 -64.34 25.43 -18.04
N HIS I 586 -64.91 24.24 -17.90
CA HIS I 586 -66.36 24.14 -17.76
C HIS I 586 -66.83 25.01 -16.60
N GLN I 587 -66.15 24.93 -15.46
CA GLN I 587 -66.32 25.89 -14.39
C GLN I 587 -65.58 27.13 -14.85
N GLY I 588 -66.21 28.30 -14.85
CA GLY I 588 -65.53 29.47 -15.37
C GLY I 588 -64.24 29.77 -14.62
N ILE I 589 -63.14 29.65 -15.35
CA ILE I 589 -61.80 29.94 -14.85
C ILE I 589 -60.96 30.48 -16.00
N ARG I 590 -60.28 31.61 -15.81
CA ARG I 590 -59.51 32.22 -16.89
C ARG I 590 -58.18 31.51 -17.15
N SER I 591 -57.54 31.04 -16.08
CA SER I 591 -56.33 30.22 -16.12
C SER I 591 -55.08 30.92 -16.67
N ILE I 592 -55.27 32.02 -17.40
CA ILE I 592 -54.15 32.85 -17.88
C ILE I 592 -52.97 32.04 -18.41
N ILE I 593 -53.22 31.12 -19.34
CA ILE I 593 -52.17 30.18 -19.78
C ILE I 593 -50.91 30.86 -20.34
N ARG I 594 -51.05 31.86 -21.21
CA ARG I 594 -49.88 32.53 -21.79
C ARG I 594 -49.85 34.01 -21.38
N PRO I 595 -48.85 34.39 -20.57
CA PRO I 595 -48.78 35.74 -19.98
C PRO I 595 -48.50 36.85 -20.99
N LYS I 596 -48.87 38.06 -20.59
CA LYS I 596 -48.65 39.27 -21.39
C LYS I 596 -47.17 39.65 -21.34
N ARG I 597 -46.57 39.90 -22.50
CA ARG I 597 -45.21 40.40 -22.52
C ARG I 597 -45.18 41.82 -23.05
N THR I 598 -44.84 42.76 -22.18
CA THR I 598 -44.83 44.17 -22.56
C THR I 598 -43.43 44.75 -22.46
N ALA I 599 -43.08 45.60 -23.42
CA ALA I 599 -41.77 46.25 -23.45
C ALA I 599 -41.92 47.76 -23.52
N LEU I 600 -40.87 48.45 -23.09
CA LEU I 600 -40.85 49.91 -23.13
C LEU I 600 -40.88 50.38 -24.57
N ALA I 601 -41.49 51.53 -24.82
CA ALA I 601 -41.57 52.11 -26.16
C ALA I 601 -40.99 53.52 -26.18
N ARG I 602 -41.61 54.42 -25.42
CA ARG I 602 -41.16 55.80 -25.34
C ARG I 602 -41.09 56.27 -23.89
N ILE I 603 -40.13 57.11 -23.57
CA ILE I 603 -40.07 57.73 -22.25
C ILE I 603 -39.89 59.24 -22.37
N SER I 604 -40.58 60.00 -21.53
CA SER I 604 -40.43 61.45 -21.56
C SER I 604 -40.31 61.98 -20.14
N ILE I 605 -39.24 62.72 -19.87
CA ILE I 605 -39.07 63.28 -18.54
C ILE I 605 -38.72 64.76 -18.61
N ILE I 606 -39.39 65.53 -17.76
CA ILE I 606 -39.42 66.99 -17.80
C ILE I 606 -39.03 67.63 -16.47
N ARG I 607 -38.60 68.90 -16.52
CA ARG I 607 -38.14 69.61 -15.33
C ARG I 607 -39.31 70.06 -14.45
N GLY I 608 -39.15 69.94 -13.15
CA GLY I 608 -40.17 70.39 -12.22
C GLY I 608 -39.73 71.55 -11.35
N GLU I 609 -38.50 72.01 -11.54
CA GLU I 609 -37.92 73.09 -10.73
C GLU I 609 -38.59 74.42 -11.02
N GLU I 610 -38.55 75.32 -10.05
CA GLU I 610 -39.11 76.65 -10.26
C GLU I 610 -38.13 77.48 -11.11
N GLY I 611 -38.58 78.66 -11.52
CA GLY I 611 -37.82 79.59 -12.34
C GLY I 611 -37.92 79.25 -13.82
N GLU I 612 -36.91 79.67 -14.59
CA GLU I 612 -36.90 79.43 -16.03
C GLU I 612 -36.60 77.96 -16.32
N LEU I 613 -36.80 77.53 -17.56
CA LEU I 613 -36.60 76.14 -17.98
C LEU I 613 -37.66 75.22 -17.37
N TYR I 614 -38.53 75.80 -16.53
CA TYR I 614 -39.64 75.06 -15.97
C TYR I 614 -40.50 74.50 -17.09
N GLY I 615 -40.94 73.26 -16.92
CA GLY I 615 -41.76 72.60 -17.92
C GLY I 615 -40.98 72.16 -19.15
N VAL I 616 -39.71 72.53 -19.24
CA VAL I 616 -38.89 72.08 -20.36
C VAL I 616 -38.27 70.70 -20.09
N PRO I 617 -38.48 69.74 -21.01
CA PRO I 617 -37.95 68.39 -20.83
C PRO I 617 -36.43 68.33 -20.96
N PHE I 618 -35.74 67.64 -20.05
CA PHE I 618 -34.31 67.41 -20.26
C PHE I 618 -34.11 66.34 -21.33
N VAL I 619 -34.83 65.23 -21.21
CA VAL I 619 -34.79 64.21 -22.24
C VAL I 619 -36.12 63.51 -22.53
N ASP I 620 -36.32 63.28 -23.82
CA ASP I 620 -37.42 62.49 -24.35
C ASP I 620 -36.83 61.49 -25.32
N ASP I 621 -36.91 60.20 -24.98
CA ASP I 621 -36.17 59.18 -25.69
C ASP I 621 -37.04 57.99 -26.12
N TYR I 622 -36.70 57.43 -27.28
CA TYR I 622 -37.33 56.22 -27.78
C TYR I 622 -36.38 55.02 -27.67
N VAL I 623 -36.92 53.84 -27.36
CA VAL I 623 -36.14 52.63 -27.13
C VAL I 623 -36.13 51.81 -28.43
N VAL I 624 -35.01 51.15 -28.69
CA VAL I 624 -34.63 50.71 -30.03
C VAL I 624 -35.29 49.54 -30.77
N ASN I 625 -35.35 48.36 -30.19
CA ASN I 625 -35.68 47.19 -30.99
C ASN I 625 -37.00 46.50 -30.77
N THR I 626 -37.45 45.83 -31.82
CA THR I 626 -38.69 45.08 -31.77
C THR I 626 -38.38 43.60 -31.90
N ASN I 627 -38.37 42.90 -30.77
CA ASN I 627 -38.23 41.45 -30.74
C ASN I 627 -39.21 40.90 -31.75
N HIS I 628 -40.45 41.35 -31.57
CA HIS I 628 -41.57 41.10 -32.42
C HIS I 628 -42.72 41.82 -31.72
N ILE I 629 -43.64 42.36 -32.50
CA ILE I 629 -44.81 43.00 -31.94
C ILE I 629 -46.08 42.26 -32.31
N GLU I 630 -47.00 42.11 -31.36
CA GLU I 630 -48.32 41.60 -31.69
C GLU I 630 -49.16 42.81 -32.08
N ASP I 631 -49.27 43.75 -31.15
CA ASP I 631 -49.96 45.01 -31.41
C ASP I 631 -49.27 46.15 -30.66
N TYR I 632 -49.21 47.32 -31.30
CA TYR I 632 -48.46 48.45 -30.77
C TYR I 632 -49.26 49.34 -29.83
N LEU I 633 -50.54 49.04 -29.69
CA LEU I 633 -51.45 49.86 -28.88
C LEU I 633 -51.38 51.31 -29.34
N THR I 634 -51.39 51.50 -30.66
CA THR I 634 -51.26 52.82 -31.28
C THR I 634 -52.37 53.77 -30.81
N ARG I 635 -53.56 53.21 -30.58
CA ARG I 635 -54.70 54.01 -30.13
C ARG I 635 -54.45 54.61 -28.76
N TYR I 636 -54.11 53.76 -27.79
CA TYR I 636 -53.92 54.20 -26.42
C TYR I 636 -52.66 55.04 -26.27
N SER I 637 -51.63 54.74 -27.08
CA SER I 637 -50.44 55.57 -27.17
C SER I 637 -49.86 55.58 -28.58
N GLY I 638 -49.48 56.76 -29.06
CA GLY I 638 -48.91 56.89 -30.39
C GLY I 638 -47.55 56.24 -30.55
N ILE I 639 -47.45 55.30 -31.50
CA ILE I 639 -46.20 54.65 -31.87
C ILE I 639 -46.22 54.55 -33.40
N LEU I 640 -45.04 54.55 -34.02
CA LEU I 640 -44.91 54.94 -35.44
C LEU I 640 -45.77 54.15 -36.45
N PRO I 641 -45.57 52.83 -36.64
CA PRO I 641 -44.57 51.80 -36.32
C PRO I 641 -43.38 51.94 -37.26
N GLY I 642 -42.45 50.99 -37.23
CA GLY I 642 -41.20 51.22 -37.92
C GLY I 642 -40.26 51.88 -36.93
N ASP I 643 -40.43 51.48 -35.68
CA ASP I 643 -39.60 51.91 -34.56
C ASP I 643 -38.17 51.37 -34.71
N LEU I 644 -38.02 50.35 -35.55
CA LEU I 644 -36.75 49.65 -35.71
C LEU I 644 -35.67 50.51 -36.35
N ASP I 645 -34.44 50.24 -35.95
CA ASP I 645 -33.26 51.04 -36.28
C ASP I 645 -32.95 51.42 -37.74
N PRO I 646 -33.18 50.52 -38.73
CA PRO I 646 -32.64 50.89 -40.04
C PRO I 646 -33.19 52.20 -40.59
N GLU I 647 -34.50 52.40 -40.50
CA GLU I 647 -35.02 53.74 -40.64
C GLU I 647 -36.20 53.93 -39.70
N LYS I 648 -36.03 54.84 -38.76
CA LYS I 648 -37.08 55.26 -37.87
C LYS I 648 -36.91 56.75 -37.78
N SER I 649 -37.89 57.52 -38.23
CA SER I 649 -37.70 58.95 -38.14
C SER I 649 -38.25 59.34 -36.80
N THR I 650 -37.31 59.47 -35.87
CA THR I 650 -37.56 59.79 -34.48
C THR I 650 -36.17 59.72 -33.84
N LYS I 651 -35.99 60.26 -32.65
CA LYS I 651 -34.74 60.04 -31.96
C LYS I 651 -34.80 58.62 -31.40
N ARG I 652 -33.98 57.73 -31.92
CA ARG I 652 -33.94 56.36 -31.39
C ARG I 652 -32.60 56.01 -30.75
N LEU I 653 -32.62 55.72 -29.46
CA LEU I 653 -31.43 55.29 -28.76
C LEU I 653 -31.64 53.92 -28.13
N VAL I 654 -30.68 53.03 -28.31
CA VAL I 654 -30.76 51.72 -27.68
C VAL I 654 -30.78 51.88 -26.19
N ARG I 655 -31.77 51.26 -25.54
CA ARG I 655 -31.99 51.51 -24.13
C ARG I 655 -30.76 51.10 -23.33
N ARG I 656 -30.10 50.01 -23.76
CA ARG I 656 -28.91 49.51 -23.10
C ARG I 656 -29.11 49.62 -21.60
N ASN I 657 -28.22 50.37 -20.97
CA ASN I 657 -28.53 50.99 -19.70
C ASN I 657 -29.05 52.43 -19.84
N VAL I 658 -28.94 53.03 -21.01
CA VAL I 658 -28.90 54.49 -21.11
C VAL I 658 -30.16 55.20 -20.59
N VAL I 659 -31.34 54.79 -21.02
CA VAL I 659 -32.57 55.41 -20.52
C VAL I 659 -32.70 55.05 -19.06
N TYR I 660 -32.52 53.76 -18.82
CA TYR I 660 -32.64 53.18 -17.51
C TYR I 660 -31.58 53.85 -16.64
N ARG I 661 -30.41 54.12 -17.22
CA ARG I 661 -29.34 54.81 -16.49
C ARG I 661 -29.74 56.23 -16.14
N LYS I 662 -30.46 56.89 -17.03
CA LYS I 662 -30.88 58.26 -16.77
C LYS I 662 -31.81 58.25 -15.56
N VAL I 663 -32.86 57.44 -15.64
CA VAL I 663 -33.84 57.36 -14.57
C VAL I 663 -33.20 56.85 -13.26
N TRP I 664 -32.28 55.90 -13.39
CA TRP I 664 -31.64 55.27 -12.23
C TRP I 664 -30.75 56.28 -11.51
N LEU I 665 -29.95 57.02 -12.27
CA LEU I 665 -29.10 58.05 -11.71
C LEU I 665 -29.97 59.12 -11.07
N LEU I 666 -31.12 59.37 -11.69
CA LEU I 666 -32.07 60.33 -11.13
C LEU I 666 -32.55 59.88 -9.75
N MET I 667 -33.11 58.68 -9.65
CA MET I 667 -33.66 58.19 -8.40
C MET I 667 -32.56 58.00 -7.35
N GLN I 668 -31.36 57.70 -7.83
CA GLN I 668 -30.19 57.56 -6.97
C GLN I 668 -29.86 58.92 -6.40
N LEU I 669 -29.96 59.94 -7.24
CA LEU I 669 -29.75 61.32 -6.80
C LEU I 669 -30.85 61.68 -5.82
N GLY I 670 -31.98 61.01 -5.94
CA GLY I 670 -33.07 61.15 -4.99
C GLY I 670 -34.05 62.23 -5.38
N CYS I 671 -34.05 62.62 -6.65
CA CYS I 671 -35.00 63.62 -7.12
C CYS I 671 -36.39 63.04 -7.24
N VAL I 672 -37.37 63.74 -6.69
CA VAL I 672 -38.74 63.24 -6.68
C VAL I 672 -39.34 63.20 -8.08
N PHE I 673 -40.24 62.26 -8.31
CA PHE I 673 -40.89 62.12 -9.61
C PHE I 673 -42.37 62.51 -9.48
N VAL I 674 -42.89 63.17 -10.50
CA VAL I 674 -44.33 63.46 -10.55
C VAL I 674 -44.93 62.93 -11.84
N GLY I 675 -46.09 62.31 -11.75
CA GLY I 675 -46.76 61.82 -12.95
C GLY I 675 -48.06 61.11 -12.68
N HIS I 676 -48.84 60.90 -13.73
CA HIS I 676 -50.11 60.19 -13.61
C HIS I 676 -49.86 58.69 -13.69
N GLY I 677 -50.22 57.97 -12.62
CA GLY I 677 -50.17 56.53 -12.67
C GLY I 677 -48.75 56.05 -12.84
N LEU I 678 -47.89 56.37 -11.88
CA LEU I 678 -46.47 56.10 -11.98
C LEU I 678 -46.16 54.62 -11.77
N ASN I 679 -46.93 53.98 -10.90
CA ASN I 679 -46.65 52.62 -10.49
C ASN I 679 -46.56 51.64 -11.65
N ASN I 680 -47.54 51.67 -12.55
CA ASN I 680 -47.53 50.81 -13.71
C ASN I 680 -46.32 51.05 -14.59
N ASP I 681 -46.03 52.33 -14.81
CA ASP I 681 -44.94 52.73 -15.68
C ASP I 681 -43.62 52.20 -15.13
N PHE I 682 -43.34 52.54 -13.87
CA PHE I 682 -42.14 52.07 -13.19
C PHE I 682 -42.06 50.55 -13.19
N LYS I 683 -43.21 49.90 -13.03
CA LYS I 683 -43.27 48.45 -13.04
C LYS I 683 -42.83 47.87 -14.37
N HIS I 684 -43.22 48.53 -15.46
CA HIS I 684 -42.86 48.03 -16.79
C HIS I 684 -41.48 48.51 -17.25
N ILE I 685 -40.94 49.52 -16.58
CA ILE I 685 -39.57 49.96 -16.80
C ILE I 685 -38.62 49.00 -16.07
N ASN I 686 -39.20 48.19 -15.18
CA ASN I 686 -38.46 47.23 -14.39
C ASN I 686 -37.53 47.94 -13.40
N ILE I 687 -38.04 49.02 -12.81
CA ILE I 687 -37.35 49.70 -11.72
C ILE I 687 -38.36 50.10 -10.64
N ASN I 688 -37.93 50.08 -9.38
CA ASN I 688 -38.76 50.55 -8.29
C ASN I 688 -38.12 51.70 -7.53
N VAL I 689 -38.94 52.65 -7.11
CA VAL I 689 -38.45 53.83 -6.40
C VAL I 689 -39.30 54.00 -5.15
N PRO I 690 -38.70 54.54 -4.07
CA PRO I 690 -39.46 54.71 -2.83
C PRO I 690 -40.66 55.63 -2.96
N ARG I 691 -41.63 55.43 -2.07
CA ARG I 691 -42.86 56.21 -2.02
C ARG I 691 -42.54 57.64 -1.63
N ASN I 692 -41.39 57.83 -1.00
CA ASN I 692 -40.94 59.18 -0.67
C ASN I 692 -40.82 59.99 -1.96
N GLN I 693 -40.36 59.31 -3.00
CA GLN I 693 -40.17 59.94 -4.30
C GLN I 693 -41.40 60.00 -5.21
N ILE I 694 -42.42 59.17 -4.96
CA ILE I 694 -43.47 58.93 -5.96
C ILE I 694 -44.36 60.14 -6.29
N ARG I 695 -44.90 60.80 -5.26
CA ARG I 695 -45.85 61.92 -5.40
C ARG I 695 -46.79 61.81 -6.62
N ASP I 696 -47.58 60.74 -6.67
CA ASP I 696 -48.41 60.46 -7.83
C ASP I 696 -49.64 61.37 -7.86
N THR I 697 -50.11 61.69 -9.06
CA THR I 697 -51.30 62.53 -9.24
C THR I 697 -52.60 61.79 -8.93
N ALA I 698 -52.73 60.60 -9.51
CA ALA I 698 -53.97 59.81 -9.45
C ALA I 698 -54.37 59.34 -8.05
N ILE I 699 -53.39 59.22 -7.16
CA ILE I 699 -53.65 58.68 -5.81
C ILE I 699 -54.09 59.79 -4.86
N TYR I 700 -53.64 61.00 -5.11
CA TYR I 700 -54.04 62.14 -4.30
C TYR I 700 -55.52 62.40 -4.54
N PHE I 701 -55.92 62.32 -5.80
CA PHE I 701 -57.32 62.51 -6.18
C PHE I 701 -58.14 61.24 -5.93
N LEU I 702 -57.50 60.10 -6.13
CA LEU I 702 -58.13 58.78 -5.94
C LEU I 702 -59.49 58.67 -6.64
N LYS I 705 -60.22 53.69 -3.27
CA LYS I 705 -61.24 54.30 -4.11
C LYS I 705 -61.36 53.55 -5.44
N ARG I 706 -62.46 53.79 -6.17
CA ARG I 706 -62.74 53.01 -7.37
C ARG I 706 -61.77 53.28 -8.52
N TYR I 707 -61.71 54.52 -9.01
CA TYR I 707 -60.79 54.86 -10.11
C TYR I 707 -60.55 56.36 -10.30
N LEU I 708 -59.61 56.69 -11.17
CA LEU I 708 -59.37 58.07 -11.62
C LEU I 708 -58.95 58.16 -13.09
N SER I 709 -59.46 59.15 -13.82
CA SER I 709 -59.08 59.35 -15.22
C SER I 709 -58.26 60.63 -15.42
N LEU I 710 -57.22 60.56 -16.26
CA LEU I 710 -56.35 61.72 -16.47
C LEU I 710 -57.04 62.82 -17.26
N ARG I 711 -57.59 62.45 -18.41
CA ARG I 711 -58.23 63.39 -19.32
C ARG I 711 -59.44 64.06 -18.68
N TYR I 712 -60.14 63.32 -17.83
CA TYR I 712 -61.28 63.87 -17.11
C TYR I 712 -60.86 65.02 -16.21
N LEU I 713 -59.83 64.77 -15.39
CA LEU I 713 -59.32 65.78 -14.47
C LEU I 713 -58.77 66.95 -15.25
N ALA I 714 -58.20 66.66 -16.42
CA ALA I 714 -57.70 67.69 -17.31
C ALA I 714 -58.84 68.60 -17.75
N TYR I 715 -59.91 67.98 -18.23
CA TYR I 715 -61.10 68.68 -18.70
C TYR I 715 -61.77 69.52 -17.61
N VAL I 716 -61.78 69.01 -16.38
CA VAL I 716 -62.36 69.76 -15.29
C VAL I 716 -61.55 71.01 -14.97
N LEU I 717 -60.23 70.88 -15.09
CA LEU I 717 -59.32 72.01 -14.88
C LEU I 717 -58.87 72.63 -16.20
N LEU I 718 -59.48 72.17 -17.29
CA LEU I 718 -59.27 72.74 -18.62
C LEU I 718 -57.82 72.57 -19.07
N ASN I 726 -54.37 60.65 -31.83
CA ASN I 726 -52.98 60.49 -31.41
C ASN I 726 -52.77 61.09 -30.01
N HIS I 727 -52.34 60.26 -29.06
CA HIS I 727 -52.03 60.74 -27.70
C HIS I 727 -50.54 60.77 -27.33
N ASP I 728 -49.97 61.98 -27.25
CA ASP I 728 -48.58 62.18 -26.86
C ASP I 728 -48.33 61.74 -25.39
N SER I 729 -47.07 61.44 -25.05
CA SER I 729 -46.63 61.19 -23.66
C SER I 729 -46.35 62.47 -22.86
N ILE I 730 -45.55 63.35 -23.46
CA ILE I 730 -45.05 64.58 -22.83
C ILE I 730 -46.15 65.46 -22.28
N GLU I 731 -47.22 65.56 -23.08
CA GLU I 731 -48.39 66.31 -22.70
C GLU I 731 -48.94 65.83 -21.35
N ASP I 732 -49.07 64.51 -21.23
CA ASP I 732 -49.57 63.90 -19.99
C ASP I 732 -48.67 64.21 -18.80
N ALA I 733 -47.37 64.15 -19.01
CA ALA I 733 -46.40 64.45 -17.96
C ALA I 733 -46.56 65.88 -17.49
N HIS I 734 -46.66 66.79 -18.45
CA HIS I 734 -46.84 68.21 -18.14
C HIS I 734 -48.11 68.45 -17.36
N THR I 735 -49.23 67.98 -17.91
CA THR I 735 -50.51 68.13 -17.24
C THR I 735 -50.42 67.58 -15.83
N ALA I 736 -49.67 66.49 -15.66
CA ALA I 736 -49.45 65.92 -14.35
C ALA I 736 -48.75 66.92 -13.45
N LEU I 737 -47.70 67.56 -13.97
CA LEU I 737 -46.94 68.55 -13.20
C LEU I 737 -47.84 69.71 -12.74
N ILE I 738 -48.58 70.27 -13.70
CA ILE I 738 -49.48 71.38 -13.42
C ILE I 738 -50.52 70.97 -12.39
N LEU I 739 -51.07 69.77 -12.55
CA LEU I 739 -52.03 69.23 -11.59
C LEU I 739 -51.40 69.12 -10.21
N TYR I 740 -50.12 68.76 -10.15
CA TYR I 740 -49.42 68.72 -8.86
C TYR I 740 -49.34 70.11 -8.27
N LYS I 741 -49.07 71.10 -9.11
CA LYS I 741 -49.05 72.48 -8.65
C LYS I 741 -50.42 72.85 -8.07
N LYS I 742 -51.47 72.36 -8.71
CA LYS I 742 -52.83 72.56 -8.24
C LYS I 742 -53.02 71.92 -6.88
N TYR I 743 -52.52 70.70 -6.71
CA TYR I 743 -52.62 70.00 -5.45
C TYR I 743 -51.89 70.78 -4.36
N LEU I 744 -50.81 71.45 -4.74
CA LEU I 744 -50.03 72.27 -3.82
C LEU I 744 -50.82 73.51 -3.37
N HIS I 745 -51.30 74.28 -4.33
CA HIS I 745 -52.03 75.51 -4.03
C HIS I 745 -53.33 75.20 -3.29
N LEU I 746 -53.90 74.05 -3.60
CA LEU I 746 -55.11 73.58 -2.93
C LEU I 746 -54.76 73.11 -1.54
N LYS I 747 -53.54 72.59 -1.36
CA LYS I 747 -53.06 72.21 -0.04
C LYS I 747 -52.92 73.46 0.82
N GLU I 748 -52.47 74.55 0.20
CA GLU I 748 -52.46 75.85 0.86
C GLU I 748 -53.90 76.25 1.19
N LYS I 749 -54.82 75.90 0.30
CA LYS I 749 -56.23 76.15 0.54
C LYS I 749 -56.93 75.08 1.38
N ALA I 750 -56.35 73.89 1.44
CA ALA I 750 -57.06 72.68 1.90
C ALA I 750 -58.37 72.59 1.13
N ILE I 751 -59.45 72.24 1.81
CA ILE I 751 -60.80 72.36 1.25
C ILE I 751 -61.00 71.77 -0.15
N PHE I 752 -60.51 70.55 -0.38
CA PHE I 752 -60.62 69.93 -1.70
C PHE I 752 -62.08 69.84 -2.12
N GLU I 753 -62.40 70.39 -3.28
CA GLU I 753 -63.78 70.35 -3.79
C GLU I 753 -64.09 68.99 -4.42
N LYS I 754 -65.34 68.58 -4.34
CA LYS I 754 -65.76 67.28 -4.87
C LYS I 754 -65.91 67.33 -6.38
N VAL I 755 -65.32 66.35 -7.06
CA VAL I 755 -65.45 66.23 -8.50
C VAL I 755 -66.58 65.29 -8.88
N LEU I 756 -67.32 64.83 -7.88
CA LEU I 756 -68.36 63.83 -8.05
C LEU I 756 -69.36 64.18 -9.15
N ASN I 757 -69.74 63.18 -9.95
CA ASN I 757 -70.65 63.38 -11.07
C ASN I 757 -71.31 62.06 -11.44
N SER J 3 98.14 3.92 18.28
CA SER J 3 96.96 3.19 18.70
C SER J 3 97.27 1.71 18.87
N LEU J 4 96.23 0.90 19.09
CA LEU J 4 96.40 -0.53 19.24
C LEU J 4 96.66 -1.20 17.89
N LEU J 5 96.57 -0.40 16.83
CA LEU J 5 96.72 -0.88 15.46
C LEU J 5 95.75 -2.02 15.19
N GLN J 6 94.53 -1.86 15.71
CA GLN J 6 93.52 -2.89 15.57
C GLN J 6 92.77 -2.77 14.25
N TYR J 7 92.90 -3.79 13.41
CA TYR J 7 92.01 -3.89 12.27
C TYR J 7 91.02 -5.00 12.57
N HIS J 8 89.87 -4.60 13.12
CA HIS J 8 88.79 -5.50 13.50
C HIS J 8 89.30 -6.80 14.15
N LEU J 9 90.43 -6.75 14.86
CA LEU J 9 91.00 -8.00 15.34
C LEU J 9 90.63 -8.28 16.79
N TYR J 10 89.98 -7.31 17.44
CA TYR J 10 89.50 -7.52 18.80
C TYR J 10 88.41 -8.58 18.73
N ALA J 11 87.43 -8.30 17.88
CA ALA J 11 86.38 -9.25 17.52
C ALA J 11 85.92 -9.01 16.09
N PRO J 12 86.51 -9.73 15.13
CA PRO J 12 86.08 -9.53 13.74
C PRO J 12 84.63 -9.97 13.53
N GLU J 13 83.86 -9.11 12.87
CA GLU J 13 82.44 -9.35 12.64
C GLU J 13 82.19 -10.46 11.64
N GLN J 14 81.10 -11.20 11.83
CA GLN J 14 80.70 -12.26 10.92
C GLN J 14 80.38 -11.68 9.56
N PRO J 15 80.59 -12.47 8.49
CA PRO J 15 80.26 -12.03 7.13
C PRO J 15 78.81 -11.58 7.04
N SER J 16 78.54 -10.58 6.20
CA SER J 16 77.21 -9.99 6.10
C SER J 16 76.16 -11.00 5.66
N SER J 17 76.54 -11.92 4.78
CA SER J 17 75.63 -12.94 4.28
C SER J 17 75.03 -13.78 5.42
N LEU J 18 75.87 -14.16 6.37
CA LEU J 18 75.41 -14.92 7.53
C LEU J 18 74.38 -14.14 8.34
N LYS J 19 74.69 -12.87 8.63
CA LYS J 19 73.77 -12.02 9.37
C LYS J 19 72.43 -11.85 8.65
N SER J 20 72.49 -11.80 7.32
CA SER J 20 71.27 -11.69 6.53
C SER J 20 70.44 -12.97 6.55
N LEU J 21 71.09 -14.11 6.35
CA LEU J 21 70.38 -15.40 6.25
C LEU J 21 69.81 -15.95 7.55
N LEU J 22 70.40 -15.58 8.70
CA LEU J 22 69.96 -16.15 9.97
C LEU J 22 68.50 -15.84 10.26
N LYS J 23 67.75 -16.86 10.66
CA LYS J 23 66.35 -16.72 11.04
C LYS J 23 66.23 -16.23 12.50
N PRO J 24 65.06 -15.67 12.88
CA PRO J 24 64.94 -14.92 14.14
C PRO J 24 65.36 -15.67 15.41
N ASN J 25 64.98 -16.94 15.56
CA ASN J 25 65.40 -17.68 16.75
C ASN J 25 66.91 -17.79 16.82
N GLU J 26 67.54 -17.93 15.66
CA GLU J 26 68.99 -18.07 15.57
C GLU J 26 69.72 -16.77 15.96
N ARG J 27 70.74 -16.92 16.80
CA ARG J 27 71.55 -15.80 17.26
C ARG J 27 72.98 -15.90 16.72
N SER J 28 73.71 -14.80 16.78
CA SER J 28 75.08 -14.74 16.29
C SER J 28 75.99 -14.17 17.37
N ALA J 29 77.29 -14.41 17.25
CA ALA J 29 78.23 -14.12 18.32
C ALA J 29 78.30 -12.64 18.65
N ASP J 30 78.21 -11.80 17.63
CA ASP J 30 78.25 -10.36 17.86
C ASP J 30 77.02 -9.88 18.61
N GLN J 31 75.90 -10.58 18.45
CA GLN J 31 74.65 -10.07 19.00
C GLN J 31 74.51 -10.37 20.49
N LEU J 32 75.27 -11.33 20.98
CA LEU J 32 75.25 -11.66 22.39
C LEU J 32 75.95 -10.58 23.21
N PHE J 33 77.03 -10.06 22.62
CA PHE J 33 77.92 -9.13 23.30
C PHE J 33 77.78 -7.67 22.86
N ILE J 34 78.64 -6.82 23.43
CA ILE J 34 78.73 -5.41 23.06
C ILE J 34 79.12 -5.23 21.61
N PRO J 35 78.43 -4.35 20.87
CA PRO J 35 78.85 -4.20 19.48
C PRO J 35 80.20 -3.48 19.41
N ASN J 36 80.92 -3.70 18.31
CA ASN J 36 82.31 -3.26 18.18
C ASN J 36 82.55 -1.76 18.16
N ASN J 37 81.81 -1.02 17.35
CA ASN J 37 81.99 0.43 17.25
C ASN J 37 81.96 1.17 18.60
N ILE J 38 81.03 0.78 19.46
CA ILE J 38 80.87 1.46 20.74
C ILE J 38 82.08 1.16 21.61
N ARG J 39 82.47 -0.11 21.65
CA ARG J 39 83.58 -0.55 22.48
C ARG J 39 84.89 0.08 22.04
N GLU J 40 85.08 0.14 20.72
CA GLU J 40 86.29 0.70 20.15
C GLU J 40 86.39 2.19 20.43
N ASP J 41 85.29 2.89 20.20
CA ASP J 41 85.24 4.33 20.45
C ASP J 41 85.55 4.62 21.91
N LEU J 42 84.83 3.95 22.79
CA LEU J 42 85.01 4.13 24.23
C LEU J 42 86.43 3.77 24.66
N THR J 43 87.00 2.75 24.03
CA THR J 43 88.35 2.32 24.33
C THR J 43 89.35 3.42 23.97
N LYS J 44 89.19 3.98 22.78
CA LYS J 44 90.05 5.09 22.36
C LYS J 44 89.92 6.24 23.35
N LYS J 45 88.69 6.47 23.80
CA LYS J 45 88.42 7.51 24.79
C LYS J 45 89.19 7.23 26.07
N ASN J 46 89.09 6.00 26.55
CA ASN J 46 89.73 5.60 27.79
C ASN J 46 91.24 5.75 27.73
N LEU J 47 91.83 5.30 26.63
CA LEU J 47 93.27 5.43 26.45
C LEU J 47 93.66 6.89 26.41
N SER J 48 92.90 7.69 25.68
CA SER J 48 93.18 9.11 25.54
C SER J 48 93.14 9.83 26.87
N ILE J 49 92.20 9.44 27.73
CA ILE J 49 92.10 10.00 29.07
C ILE J 49 93.28 9.54 29.92
N LEU J 50 93.58 8.25 29.80
CA LEU J 50 94.55 7.58 30.67
C LEU J 50 96.00 7.93 30.37
N GLN J 51 96.29 8.32 29.13
CA GLN J 51 97.68 8.47 28.71
C GLN J 51 98.39 9.54 29.53
N VAL J 52 99.51 9.16 30.12
CA VAL J 52 100.33 10.06 30.92
C VAL J 52 101.76 10.19 30.40
N PHE J 53 102.16 11.42 30.12
CA PHE J 53 103.45 11.67 29.51
C PHE J 53 104.42 12.19 30.57
N PRO J 54 105.72 11.92 30.39
CA PRO J 54 106.67 12.38 31.41
C PRO J 54 106.89 13.88 31.31
N SER J 55 107.24 14.48 32.44
CA SER J 55 107.35 15.92 32.54
C SER J 55 108.72 16.27 33.12
N SER J 56 109.38 17.24 32.51
CA SER J 56 110.71 17.63 32.95
C SER J 56 110.67 18.62 34.10
N GLY J 57 109.68 19.51 34.03
CA GLY J 57 109.43 20.56 35.01
C GLY J 57 110.04 21.91 34.67
N LYS J 58 111.16 21.92 33.97
CA LYS J 58 111.70 23.19 33.52
C LYS J 58 111.03 23.62 32.23
N VAL J 59 110.54 22.65 31.49
CA VAL J 59 109.85 22.92 30.23
C VAL J 59 108.36 23.23 30.45
N ILE J 60 107.77 22.61 31.46
CA ILE J 60 106.32 22.63 31.68
C ILE J 60 106.06 22.75 33.18
N PRO J 61 104.99 23.47 33.56
CA PRO J 61 104.79 23.60 35.01
C PRO J 61 104.53 22.24 35.65
N SER J 62 105.20 21.96 36.76
CA SER J 62 105.05 20.70 37.45
C SER J 62 103.64 20.48 37.98
N ILE J 63 103.17 21.41 38.80
CA ILE J 63 101.85 21.31 39.39
C ILE J 63 101.16 22.68 39.44
N VAL J 64 99.85 22.67 39.28
CA VAL J 64 99.02 23.87 39.38
C VAL J 64 97.94 23.53 40.39
N GLN J 65 97.76 24.36 41.41
CA GLN J 65 97.38 23.88 42.75
C GLN J 65 96.36 22.75 42.85
N ASP J 66 95.27 22.81 42.09
CA ASP J 66 94.32 21.70 42.12
C ASP J 66 94.50 20.75 40.95
N TYR J 67 95.45 21.06 40.07
CA TYR J 67 95.68 20.30 38.85
C TYR J 67 97.11 19.77 38.71
N PHE J 68 97.29 18.58 38.15
CA PHE J 68 98.65 18.07 37.97
C PHE J 68 98.76 17.07 36.83
N ASN J 69 99.98 16.55 36.61
CA ASN J 69 100.26 15.63 35.52
C ASN J 69 99.83 16.20 34.19
N LEU J 70 100.24 17.44 33.92
CA LEU J 70 99.82 18.13 32.72
C LEU J 70 100.43 17.52 31.47
N VAL J 71 99.62 17.42 30.43
CA VAL J 71 100.10 17.05 29.12
C VAL J 71 99.44 17.97 28.11
N PRO J 72 100.23 18.49 27.16
CA PRO J 72 99.72 19.40 26.13
C PRO J 72 98.96 18.68 25.03
N LEU J 73 98.06 19.38 24.36
CA LEU J 73 97.52 18.82 23.14
C LEU J 73 98.09 19.68 22.03
N ASN J 74 99.10 19.12 21.38
CA ASN J 74 99.90 19.85 20.41
C ASN J 74 99.14 19.99 19.10
N PHE J 75 98.23 19.06 18.85
CA PHE J 75 97.57 18.95 17.57
C PHE J 75 96.47 19.99 17.44
N ASN J 76 95.86 20.35 18.56
CA ASN J 76 94.85 21.40 18.54
C ASN J 76 95.51 22.73 18.85
N ASN J 77 95.71 23.55 17.81
CA ASN J 77 96.20 24.90 18.01
C ASN J 77 95.74 25.84 16.90
N ASN J 78 95.37 27.07 17.28
CA ASN J 78 95.02 28.09 16.31
C ASN J 78 96.22 28.99 16.03
N ASP J 79 96.72 29.65 17.06
CA ASP J 79 97.86 30.56 16.90
C ASP J 79 99.11 29.71 16.74
N PHE J 80 100.01 30.13 15.84
CA PHE J 80 101.17 29.32 15.50
C PHE J 80 102.44 29.59 16.31
N LEU J 81 102.97 30.81 16.24
CA LEU J 81 104.27 31.15 16.84
C LEU J 81 104.40 30.63 18.28
N ASN J 82 103.35 30.76 19.08
CA ASN J 82 103.42 30.32 20.47
C ASN J 82 103.14 28.82 20.62
N LYS J 83 103.66 28.24 21.69
CA LYS J 83 103.41 26.84 22.05
C LYS J 83 101.93 26.63 22.35
N THR J 84 101.44 25.40 22.15
CA THR J 84 100.01 25.11 22.24
C THR J 84 99.42 25.61 23.56
N THR J 85 98.25 26.25 23.47
CA THR J 85 97.60 26.88 24.62
C THR J 85 96.93 25.92 25.60
N LEU J 86 96.29 24.88 25.09
CA LEU J 86 95.46 24.01 25.91
C LEU J 86 96.11 22.66 26.20
N PHE J 87 95.93 22.20 27.44
CA PHE J 87 96.58 21.01 27.95
C PHE J 87 95.55 20.07 28.57
N LYS J 88 95.86 18.78 28.60
CA LYS J 88 95.01 17.81 29.28
C LYS J 88 95.53 17.70 30.70
N VAL J 89 94.63 17.72 31.68
CA VAL J 89 95.09 17.78 33.05
C VAL J 89 94.29 16.85 33.99
N PHE J 90 94.96 16.36 35.02
CA PHE J 90 94.33 15.62 36.11
C PHE J 90 94.12 16.50 37.32
N SER J 91 92.89 16.54 37.83
CA SER J 91 92.60 17.35 39.01
C SER J 91 93.20 16.68 40.23
N ASN J 92 93.43 17.45 41.29
CA ASN J 92 93.98 16.89 42.52
C ASN J 92 92.90 16.29 43.39
N TYR J 93 91.96 17.12 43.79
CA TYR J 93 90.88 16.71 44.68
C TYR J 93 89.85 15.76 44.05
N ASP J 94 89.27 16.16 42.92
CA ASP J 94 88.31 15.31 42.22
C ASP J 94 88.90 13.95 41.83
N GLY J 95 90.12 13.98 41.30
CA GLY J 95 90.73 12.79 40.75
C GLY J 95 90.23 12.47 39.35
N LYS J 96 89.40 13.36 38.81
CA LYS J 96 88.91 13.20 37.44
C LYS J 96 89.83 13.85 36.42
N ALA J 97 89.46 13.74 35.15
CA ALA J 97 90.24 14.35 34.08
C ALA J 97 89.49 15.57 33.54
N TYR J 98 90.24 16.65 33.31
CA TYR J 98 89.69 17.89 32.78
C TYR J 98 90.62 18.50 31.74
N VAL J 99 90.17 19.54 31.04
CA VAL J 99 91.03 20.27 30.12
C VAL J 99 91.30 21.65 30.68
N LEU J 100 92.50 22.17 30.42
CA LEU J 100 92.86 23.49 30.89
C LEU J 100 93.36 24.31 29.71
N LYS J 101 92.89 25.55 29.58
CA LYS J 101 93.38 26.42 28.52
C LYS J 101 94.15 27.59 29.09
N ARG J 102 95.38 27.74 28.62
CA ARG J 102 96.29 28.76 29.10
C ARG J 102 96.08 30.04 28.29
N LEU J 103 96.02 31.17 28.98
CA LEU J 103 95.94 32.46 28.31
C LEU J 103 97.09 33.34 28.78
N PRO J 104 98.21 33.29 28.04
CA PRO J 104 99.53 33.83 28.34
C PRO J 104 99.65 35.35 28.15
N ASN J 105 100.73 35.92 28.69
CA ASN J 105 101.11 37.31 28.47
C ASN J 105 100.04 38.33 28.89
N ILE J 106 99.64 38.28 30.15
CA ILE J 106 98.70 39.27 30.66
C ILE J 106 99.39 40.64 30.73
N ASP J 107 98.89 41.60 29.96
CA ASP J 107 99.39 42.97 30.03
C ASP J 107 99.58 43.43 31.47
N LYS J 108 98.64 43.03 32.34
CA LYS J 108 98.62 43.46 33.73
C LYS J 108 97.85 42.50 34.64
N SER J 109 98.30 42.37 35.89
CA SER J 109 97.59 41.64 36.94
C SER J 109 96.29 42.35 37.35
N MET J 110 95.17 41.63 37.30
CA MET J 110 93.86 42.22 37.59
C MET J 110 93.18 41.72 38.88
N ASN J 111 92.25 42.51 39.37
CA ASN J 111 91.47 42.29 40.60
C ASN J 111 90.75 40.96 40.83
N PRO J 112 90.95 40.34 42.00
CA PRO J 112 90.36 39.05 42.37
C PRO J 112 88.83 39.09 42.33
N ASN J 113 88.26 40.23 42.68
CA ASN J 113 86.82 40.43 42.67
C ASN J 113 86.16 40.18 41.32
N LYS J 114 86.76 40.69 40.25
CA LYS J 114 86.22 40.50 38.91
C LYS J 114 86.24 39.04 38.48
N ILE J 115 87.36 38.37 38.69
CA ILE J 115 87.47 36.96 38.34
C ILE J 115 86.47 36.13 39.17
N SER J 116 86.34 36.44 40.46
CA SER J 116 85.37 35.75 41.30
C SER J 116 83.94 35.94 40.79
N LYS J 117 83.64 37.18 40.39
CA LYS J 117 82.32 37.53 39.85
C LYS J 117 82.05 36.73 38.58
N ILE J 118 83.03 36.73 37.68
CA ILE J 118 82.95 36.00 36.42
C ILE J 118 82.69 34.53 36.71
N TYR J 119 83.43 34.00 37.68
CA TYR J 119 83.26 32.62 38.11
C TYR J 119 81.83 32.37 38.49
N GLN J 120 81.29 33.22 39.36
CA GLN J 120 79.89 33.07 39.80
C GLN J 120 78.96 33.05 38.60
N ILE J 121 79.21 33.96 37.67
CA ILE J 121 78.37 34.12 36.50
C ILE J 121 78.37 32.89 35.58
N TRP J 122 79.55 32.37 35.26
CA TRP J 122 79.61 31.30 34.27
C TRP J 122 79.35 29.94 34.91
N SER J 123 79.63 29.84 36.21
CA SER J 123 79.39 28.61 36.95
C SER J 123 77.92 28.44 37.27
N LYS J 124 77.23 29.54 37.56
CA LYS J 124 75.83 29.48 37.93
C LYS J 124 75.03 28.80 36.83
N ILE J 125 75.34 29.14 35.58
CA ILE J 125 74.62 28.57 34.46
C ILE J 125 75.09 27.13 34.22
N ASN J 126 74.15 26.19 34.15
CA ASN J 126 74.49 24.82 33.81
C ASN J 126 73.58 24.33 32.70
N CYS J 127 74.15 24.05 31.54
CA CYS J 127 73.37 23.48 30.46
C CYS J 127 74.22 22.52 29.62
N THR J 128 73.63 21.38 29.28
CA THR J 128 74.26 20.43 28.36
C THR J 128 74.24 21.02 26.97
N ASN J 129 75.06 20.47 26.08
CA ASN J 129 75.29 20.97 24.71
C ASN J 129 76.23 22.16 24.77
N LEU J 130 76.52 22.59 25.99
CA LEU J 130 77.56 23.57 26.26
C LEU J 130 78.55 22.91 27.20
N ILE J 131 79.81 22.82 26.77
CA ILE J 131 80.83 22.20 27.59
C ILE J 131 80.92 22.94 28.92
N LYS J 132 80.85 22.21 30.03
CA LYS J 132 80.78 22.84 31.33
C LYS J 132 82.05 23.62 31.63
N PHE J 133 81.90 24.79 32.24
CA PHE J 133 83.04 25.62 32.58
C PHE J 133 83.34 25.54 34.08
N ARG J 134 84.50 24.99 34.42
CA ARG J 134 84.84 24.78 35.83
C ARG J 134 86.07 25.54 36.33
N ASP J 135 85.96 26.16 37.50
CA ASP J 135 87.11 26.71 38.23
C ASP J 135 88.17 27.52 37.43
N ILE J 136 87.90 28.78 37.12
CA ILE J 136 88.91 29.60 36.47
C ILE J 136 89.74 30.42 37.45
N PHE J 137 91.05 30.50 37.19
CA PHE J 137 91.98 31.26 38.02
C PHE J 137 93.26 31.63 37.28
N GLN J 138 93.98 32.63 37.79
CA GLN J 138 95.25 33.06 37.21
C GLN J 138 96.39 32.77 38.19
N THR J 139 97.44 32.12 37.69
CA THR J 139 98.56 31.67 38.52
C THR J 139 99.92 31.95 37.86
N THR J 140 100.97 31.98 38.67
CA THR J 140 102.31 32.29 38.18
C THR J 140 103.15 31.07 37.85
N LYS J 141 102.59 29.87 38.05
CA LYS J 141 103.34 28.64 37.91
C LYS J 141 103.78 28.44 36.44
N PHE J 142 103.05 29.08 35.53
CA PHE J 142 103.40 29.06 34.11
C PHE J 142 104.69 29.84 33.85
N GLY J 143 105.13 29.91 32.60
CA GLY J 143 106.40 30.53 32.31
C GLY J 143 106.38 32.01 32.64
N ASP J 144 105.36 32.72 32.14
CA ASP J 144 105.11 34.08 32.56
C ASP J 144 103.67 34.51 32.30
N LEU J 145 103.18 35.40 33.14
CA LEU J 145 101.88 36.07 32.97
C LEU J 145 100.73 35.23 32.40
N SER J 146 100.18 34.30 33.18
CA SER J 146 99.12 33.46 32.63
C SER J 146 97.81 33.46 33.44
N ILE J 147 96.70 33.50 32.71
CA ILE J 147 95.38 33.33 33.30
C ILE J 147 94.77 32.09 32.65
N CYS J 148 94.21 31.16 33.42
CA CYS J 148 93.81 29.90 32.81
C CYS J 148 92.37 29.51 33.12
N LEU J 149 91.73 28.86 32.15
CA LEU J 149 90.34 28.43 32.31
C LEU J 149 90.27 26.92 32.25
N VAL J 150 89.23 26.32 32.84
CA VAL J 150 89.11 24.86 32.81
C VAL J 150 87.74 24.38 32.31
N PHE J 151 87.80 23.37 31.42
CA PHE J 151 86.62 22.80 30.77
C PHE J 151 86.55 21.31 31.03
N ASP J 152 85.36 20.75 30.81
CA ASP J 152 85.16 19.30 30.80
C ASP J 152 85.93 18.74 29.61
N TYR J 153 86.30 17.45 29.66
CA TYR J 153 87.19 16.92 28.64
C TYR J 153 86.50 16.53 27.34
N TYR J 154 85.61 15.54 27.41
CA TYR J 154 84.88 15.06 26.24
C TYR J 154 85.83 14.65 25.11
N PRO J 155 86.48 13.49 25.25
CA PRO J 155 87.56 12.99 24.38
C PRO J 155 87.11 12.71 22.95
N ASN J 156 88.05 12.81 22.01
CA ASN J 156 87.80 12.51 20.62
C ASN J 156 86.61 13.29 20.07
N SER J 157 86.40 14.49 20.61
CA SER J 157 85.34 15.33 20.12
C SER J 157 85.83 15.98 18.83
N LEU J 158 85.01 15.91 17.80
CA LEU J 158 85.38 16.45 16.49
C LEU J 158 84.50 17.62 16.11
N SER J 159 85.08 18.57 15.39
CA SER J 159 84.28 19.68 14.86
C SER J 159 83.45 19.10 13.73
N LEU J 160 82.27 19.67 13.50
CA LEU J 160 81.37 19.21 12.45
C LEU J 160 82.09 19.22 11.10
N TYR J 161 82.85 20.28 10.87
CA TYR J 161 83.70 20.41 9.69
C TYR J 161 84.60 19.22 9.52
N ASP J 162 85.34 18.88 10.58
CA ASP J 162 86.25 17.74 10.51
C ASP J 162 85.47 16.45 10.45
N TYR J 163 84.33 16.42 11.14
CA TYR J 163 83.52 15.21 11.26
C TYR J 163 83.02 14.74 9.90
N HIS J 164 82.32 15.62 9.20
CA HIS J 164 81.66 15.26 7.94
C HIS J 164 82.59 15.32 6.74
N PHE J 165 83.41 16.37 6.68
CA PHE J 165 84.24 16.65 5.51
C PHE J 165 85.65 16.05 5.55
N VAL J 166 86.30 16.12 6.71
CA VAL J 166 87.72 15.83 6.83
C VAL J 166 88.10 14.40 7.21
N ASN J 167 87.57 13.92 8.32
CA ASN J 167 88.07 12.72 8.98
C ASN J 167 87.85 11.45 8.16
N PHE J 168 88.20 10.30 8.71
CA PHE J 168 88.31 9.04 7.96
C PHE J 168 86.97 8.53 7.42
N PRO J 169 85.89 8.58 8.21
CA PRO J 169 84.64 8.13 7.57
C PRO J 169 84.05 9.08 6.52
N LYS J 170 84.20 10.40 6.72
CA LYS J 170 83.55 11.38 5.85
C LYS J 170 82.03 11.17 5.86
N PHE J 171 81.38 11.60 6.93
CA PHE J 171 79.96 11.34 7.18
C PHE J 171 78.97 12.25 6.44
N PRO J 172 77.84 11.67 5.99
CA PRO J 172 76.95 12.14 4.92
C PRO J 172 76.14 13.41 5.21
N ILE J 173 76.13 13.89 6.46
CA ILE J 173 75.40 15.10 6.86
C ILE J 173 73.97 15.02 6.29
N THR J 174 73.20 14.09 6.84
CA THR J 174 71.83 13.93 6.42
C THR J 174 70.92 14.85 7.20
N ASN J 175 69.88 15.33 6.53
CA ASN J 175 68.94 16.31 7.09
C ASN J 175 68.41 15.88 8.46
N ASN J 176 68.13 14.59 8.60
CA ASN J 176 67.64 14.04 9.86
C ASN J 176 68.56 14.47 11.01
N TYR J 177 69.86 14.25 10.85
CA TYR J 177 70.85 14.71 11.83
C TYR J 177 70.82 16.22 12.00
N LEU J 178 70.69 16.93 10.88
CA LEU J 178 70.69 18.39 10.87
C LEU J 178 69.62 18.92 11.82
N TRP J 179 68.43 18.34 11.77
CA TRP J 179 67.35 18.72 12.68
C TRP J 179 67.81 18.62 14.14
N ILE J 180 68.47 17.52 14.47
CA ILE J 180 68.95 17.27 15.82
C ILE J 180 69.94 18.36 16.23
N TYR J 181 70.90 18.64 15.35
CA TYR J 181 71.84 19.72 15.56
C TYR J 181 71.09 21.02 15.90
N LEU J 182 70.11 21.35 15.07
CA LEU J 182 69.34 22.58 15.20
C LEU J 182 68.71 22.64 16.60
N VAL J 183 68.09 21.54 16.99
CA VAL J 183 67.42 21.45 18.29
C VAL J 183 68.40 21.67 19.44
N GLN J 184 69.54 21.00 19.40
CA GLN J 184 70.51 21.12 20.49
C GLN J 184 71.05 22.55 20.61
N LEU J 185 71.45 23.13 19.48
CA LEU J 185 71.93 24.50 19.45
C LEU J 185 70.84 25.45 19.94
N THR J 186 69.60 25.14 19.59
CA THR J 186 68.46 25.92 20.07
C THR J 186 68.37 25.87 21.59
N ASN J 187 68.59 24.68 22.14
CA ASN J 187 68.59 24.50 23.59
C ASN J 187 69.65 25.33 24.28
N VAL J 188 70.89 25.24 23.82
CA VAL J 188 71.95 26.00 24.47
C VAL J 188 71.71 27.51 24.32
N ILE J 189 71.25 27.93 23.15
CA ILE J 189 70.95 29.35 22.92
C ILE J 189 69.89 29.87 23.89
N ASN J 190 68.77 29.15 23.99
CA ASN J 190 67.71 29.54 24.90
C ASN J 190 68.20 29.58 26.35
N SER J 191 68.98 28.55 26.72
CA SER J 191 69.46 28.46 28.10
C SER J 191 70.42 29.59 28.46
N ILE J 192 71.31 29.96 27.55
CA ILE J 192 72.24 31.05 27.83
C ILE J 192 71.52 32.40 27.82
N HIS J 193 70.63 32.62 26.85
CA HIS J 193 69.89 33.89 26.78
C HIS J 193 68.93 34.06 27.96
N SER J 194 68.50 32.94 28.54
CA SER J 194 67.65 32.98 29.72
C SER J 194 68.36 33.68 30.87
N GLN J 195 69.69 33.63 30.84
CA GLN J 195 70.52 34.31 31.82
C GLN J 195 71.07 35.65 31.31
N ASN J 196 70.48 36.14 30.23
CA ASN J 196 70.81 37.47 29.68
C ASN J 196 72.27 37.64 29.31
N LEU J 197 72.88 36.58 28.78
CA LEU J 197 74.26 36.64 28.31
C LEU J 197 74.33 36.45 26.80
N SER J 198 75.41 36.91 26.19
CA SER J 198 75.60 36.75 24.75
C SER J 198 76.51 35.55 24.44
N ILE J 199 76.14 34.79 23.42
CA ILE J 199 76.88 33.61 23.02
C ILE J 199 78.15 33.90 22.19
N GLY J 200 78.18 35.04 21.51
CA GLY J 200 79.35 35.41 20.72
C GLY J 200 79.51 34.81 19.34
N ASN J 201 80.75 34.81 18.86
CA ASN J 201 81.10 34.41 17.49
C ASN J 201 81.51 32.94 17.34
N THR J 202 81.61 32.23 18.46
CA THR J 202 82.00 30.82 18.44
C THR J 202 81.02 29.85 17.77
N LEU J 203 79.88 30.36 17.31
CA LEU J 203 78.82 29.47 16.86
C LEU J 203 79.14 28.78 15.52
N ASN J 204 80.22 29.19 14.84
CA ASN J 204 80.59 28.56 13.56
C ASN J 204 81.09 27.11 13.73
N TRP J 205 81.43 26.48 12.61
CA TRP J 205 81.79 25.06 12.57
C TRP J 205 82.88 24.64 13.53
N ARG J 206 83.96 25.40 13.56
CA ARG J 206 85.16 25.05 14.33
C ARG J 206 84.98 24.91 15.83
N LYS J 207 84.23 25.80 16.46
CA LYS J 207 84.06 25.78 17.91
C LYS J 207 82.94 24.85 18.38
N VAL J 208 82.18 24.28 17.45
CA VAL J 208 81.16 23.31 17.82
C VAL J 208 81.65 21.88 17.62
N LEU J 209 81.83 21.17 18.73
CA LEU J 209 82.37 19.82 18.72
C LEU J 209 81.28 18.78 18.90
N ILE J 210 81.50 17.58 18.38
CA ILE J 210 80.55 16.49 18.53
C ILE J 210 81.05 15.42 19.51
N THR J 211 80.11 14.77 20.18
CA THR J 211 80.40 13.69 21.12
C THR J 211 79.65 12.48 20.58
N GLY J 212 79.70 11.34 21.28
CA GLY J 212 79.12 10.11 20.78
C GLY J 212 77.70 10.20 20.22
N ASP J 213 77.53 9.65 19.02
CA ASP J 213 76.28 9.74 18.26
C ASP J 213 75.08 9.06 18.96
N PRO J 214 73.87 9.15 18.38
CA PRO J 214 73.40 9.89 17.20
C PRO J 214 73.40 11.40 17.41
N GLY J 215 74.05 12.09 16.48
CA GLY J 215 74.12 13.55 16.47
C GLY J 215 74.18 14.26 17.81
N ARG J 216 75.06 13.84 18.72
CA ARG J 216 75.13 14.60 19.97
C ARG J 216 76.11 15.74 19.84
N ILE J 217 75.58 16.96 19.79
CA ILE J 217 76.37 18.16 19.55
C ILE J 217 76.58 18.95 20.83
N LYS J 218 77.75 19.54 20.97
CA LYS J 218 78.04 20.38 22.11
C LYS J 218 78.96 21.52 21.68
N LEU J 219 78.74 22.70 22.25
CA LEU J 219 79.55 23.87 21.90
C LEU J 219 80.55 24.13 23.02
N SER J 220 81.66 24.75 22.66
CA SER J 220 82.79 24.88 23.55
C SER J 220 82.90 26.26 24.18
N HIS J 221 83.05 27.29 23.36
CA HIS J 221 83.37 28.61 23.87
C HIS J 221 82.20 29.58 23.70
N CYS J 222 82.01 30.46 24.68
CA CYS J 222 80.95 31.46 24.62
C CYS J 222 81.45 32.81 24.11
N ASN J 223 82.67 32.85 23.59
CA ASN J 223 83.28 34.09 23.09
C ASN J 223 83.16 35.09 24.23
N PHE J 224 83.56 34.61 25.40
CA PHE J 224 83.52 35.35 26.65
C PHE J 224 84.63 36.39 26.82
N MET J 225 85.58 36.42 25.90
CA MET J 225 86.75 37.28 26.03
C MET J 225 86.36 38.75 26.26
N ASP J 226 85.20 39.14 25.73
CA ASP J 226 84.71 40.49 25.92
C ASP J 226 84.54 40.81 27.40
N LEU J 227 84.03 39.85 28.16
CA LEU J 227 83.86 40.06 29.60
C LEU J 227 85.21 40.27 30.28
N LEU J 228 86.25 39.68 29.69
CA LEU J 228 87.61 39.88 30.15
C LEU J 228 88.10 41.26 29.75
N PHE J 229 89.07 41.78 30.51
CA PHE J 229 89.60 43.13 30.28
C PHE J 229 88.52 44.19 30.21
N THR J 243 73.57 47.22 24.53
CA THR J 243 73.73 46.54 23.25
C THR J 243 73.55 45.04 23.40
N ILE J 244 73.07 44.63 24.57
CA ILE J 244 72.88 43.22 24.87
C ILE J 244 71.85 42.58 23.93
N GLU J 245 70.73 43.26 23.73
CA GLU J 245 69.67 42.80 22.84
C GLU J 245 70.21 42.62 21.42
N GLY J 246 71.03 43.58 20.99
CA GLY J 246 71.62 43.55 19.67
C GLY J 246 72.44 42.31 19.40
N GLN J 247 73.32 41.96 20.33
CA GLN J 247 74.13 40.74 20.21
C GLN J 247 73.26 39.49 20.29
N GLN J 248 72.32 39.49 21.24
CA GLN J 248 71.44 38.35 21.45
C GLN J 248 70.65 38.03 20.19
N GLN J 249 70.21 39.07 19.49
CA GLN J 249 69.53 38.89 18.21
C GLN J 249 70.52 38.52 17.12
N LEU J 250 71.71 39.12 17.20
CA LEU J 250 72.77 38.93 16.20
C LEU J 250 73.21 37.48 16.03
N ASP J 251 73.30 36.74 17.12
CA ASP J 251 73.76 35.35 17.07
C ASP J 251 72.85 34.45 16.21
N TYR J 252 71.55 34.74 16.21
CA TYR J 252 70.59 34.00 15.39
C TYR J 252 71.12 33.90 13.95
N LYS J 253 71.62 35.02 13.45
CA LYS J 253 72.22 35.06 12.12
C LYS J 253 73.37 34.06 12.02
N TYR J 254 74.18 33.97 13.07
CA TYR J 254 75.32 33.06 13.10
C TYR J 254 74.85 31.61 12.97
N LEU J 255 73.77 31.31 13.69
CA LEU J 255 73.13 29.99 13.64
C LEU J 255 72.72 29.68 12.21
N GLY J 256 72.12 30.70 11.58
CA GLY J 256 71.71 30.63 10.20
C GLY J 256 72.90 30.30 9.31
N GLU J 257 74.03 30.93 9.59
CA GLU J 257 75.26 30.72 8.82
C GLU J 257 75.74 29.28 8.90
N LEU J 258 75.86 28.76 10.12
CA LEU J 258 76.31 27.38 10.31
C LEU J 258 75.39 26.44 9.53
N LEU J 259 74.12 26.44 9.92
CA LEU J 259 73.17 25.51 9.31
C LEU J 259 73.07 25.65 7.80
N PHE J 260 73.14 26.89 7.30
CA PHE J 260 73.11 27.13 5.86
C PHE J 260 74.30 26.49 5.17
N ASN J 261 75.48 26.81 5.66
CA ASN J 261 76.72 26.30 5.08
C ASN J 261 76.71 24.76 5.02
N LEU J 262 76.30 24.15 6.12
CA LEU J 262 76.15 22.70 6.15
C LEU J 262 75.16 22.26 5.06
N SER J 263 74.01 22.90 5.07
CA SER J 263 72.89 22.56 4.17
C SER J 263 73.28 22.62 2.70
N ILE J 264 74.10 23.60 2.33
CA ILE J 264 74.49 23.75 0.94
C ILE J 264 75.59 22.74 0.66
N ASN J 265 76.39 22.44 1.67
CA ASN J 265 77.51 21.52 1.47
C ASN J 265 77.16 20.03 1.59
N ILE J 266 75.88 19.71 1.81
CA ILE J 266 75.46 18.29 1.93
C ILE J 266 75.86 17.39 0.75
N GLU J 267 75.57 17.82 -0.48
CA GLU J 267 75.88 17.04 -1.67
C GLU J 267 77.38 16.90 -1.80
N ASN J 268 78.06 17.98 -1.46
CA ASN J 268 79.51 18.02 -1.46
C ASN J 268 80.09 17.03 -0.46
N SER J 269 79.35 16.78 0.61
CA SER J 269 79.77 15.83 1.64
C SER J 269 79.54 14.37 1.24
N ASN J 270 78.40 14.10 0.64
CA ASN J 270 78.04 12.73 0.28
C ASN J 270 79.01 12.10 -0.70
N ASN J 271 79.42 12.88 -1.70
CA ASN J 271 80.42 12.45 -2.69
C ASN J 271 81.88 12.67 -2.29
N ASN J 272 82.09 13.06 -1.03
CA ASN J 272 83.37 13.38 -0.37
C ASN J 272 84.16 14.54 -0.98
N THR J 273 83.46 15.43 -1.66
CA THR J 273 84.07 16.59 -2.30
C THR J 273 84.40 17.61 -1.21
N ALA J 274 85.29 18.56 -1.49
CA ALA J 274 85.68 19.55 -0.48
C ALA J 274 84.65 20.66 -0.44
N PRO J 275 84.36 21.18 0.76
CA PRO J 275 83.27 22.14 0.94
C PRO J 275 83.55 23.58 0.54
N LYS J 276 82.47 24.33 0.33
CA LYS J 276 82.53 25.76 0.17
C LYS J 276 81.89 26.42 1.38
N GLU J 277 82.46 27.54 1.82
CA GLU J 277 81.95 28.23 2.99
C GLU J 277 81.38 29.60 2.63
N TYR J 278 80.35 30.01 3.36
CA TYR J 278 79.67 31.28 3.11
C TYR J 278 79.53 32.10 4.39
N ARG J 279 79.72 33.41 4.25
CA ARG J 279 79.60 34.35 5.36
C ARG J 279 78.24 35.04 5.29
N LEU J 280 77.79 35.57 6.43
CA LEU J 280 76.45 36.17 6.52
C LEU J 280 76.22 37.30 5.54
N GLU J 281 77.30 37.89 5.06
CA GLU J 281 77.19 38.91 4.02
C GLU J 281 76.79 38.24 2.72
N GLU J 282 77.35 37.06 2.48
CA GLU J 282 77.14 36.33 1.24
C GLU J 282 75.77 35.64 1.16
N ILE J 283 75.14 35.45 2.31
CA ILE J 283 73.88 34.69 2.37
C ILE J 283 72.70 35.38 1.70
N THR J 284 72.04 34.64 0.81
CA THR J 284 70.83 35.12 0.12
C THR J 284 69.68 34.13 0.27
N PRO J 285 68.47 34.65 0.54
CA PRO J 285 67.24 33.84 0.69
C PRO J 285 66.95 33.03 -0.56
N GLN J 286 67.24 33.62 -1.71
CA GLN J 286 67.03 32.95 -2.99
C GLN J 286 67.87 31.67 -3.05
N SER J 287 69.08 31.73 -2.52
CA SER J 287 69.96 30.58 -2.47
C SER J 287 69.35 29.50 -1.58
N ILE J 288 68.68 29.92 -0.50
CA ILE J 288 67.98 29.00 0.37
C ILE J 288 66.87 28.28 -0.39
N ASP J 289 66.06 29.04 -1.12
CA ASP J 289 65.01 28.48 -1.93
C ASP J 289 65.54 27.56 -3.04
N ASP J 290 66.76 27.85 -3.49
CA ASP J 290 67.37 27.13 -4.60
C ASP J 290 67.82 25.71 -4.28
N MET J 291 68.43 25.53 -3.12
CA MET J 291 68.99 24.23 -2.74
C MET J 291 67.95 23.14 -2.57
N ARG J 292 68.37 21.89 -2.79
CA ARG J 292 67.50 20.73 -2.65
C ARG J 292 67.95 19.82 -1.51
N GLN J 293 67.29 18.67 -1.38
CA GLN J 293 67.61 17.66 -0.36
C GLN J 293 67.20 18.15 1.03
N ILE J 294 66.64 19.36 1.10
CA ILE J 294 66.25 19.96 2.36
C ILE J 294 64.73 20.02 2.53
N ASP J 295 64.28 19.79 3.76
CA ASP J 295 62.87 19.90 4.13
C ASP J 295 62.42 21.35 4.11
N ASP J 296 61.45 21.66 3.27
CA ASP J 296 60.94 23.03 3.13
C ASP J 296 60.70 23.75 4.46
N LYS J 297 60.36 22.98 5.49
CA LYS J 297 60.21 23.55 6.83
C LYS J 297 61.54 24.10 7.34
N PHE J 298 62.60 23.33 7.15
CA PHE J 298 63.93 23.74 7.57
C PHE J 298 64.42 24.93 6.75
N LYS J 299 64.04 24.96 5.47
CA LYS J 299 64.39 26.09 4.61
C LYS J 299 63.73 27.34 5.15
N ASP J 300 62.47 27.18 5.57
CA ASP J 300 61.73 28.27 6.20
C ASP J 300 62.41 28.70 7.49
N VAL J 301 62.95 27.74 8.23
CA VAL J 301 63.66 28.04 9.47
C VAL J 301 64.87 28.92 9.18
N LEU J 302 65.69 28.51 8.22
CA LEU J 302 66.85 29.32 7.82
C LEU J 302 66.42 30.71 7.36
N LYS J 303 65.32 30.75 6.61
CA LYS J 303 64.75 32.01 6.13
C LYS J 303 64.44 32.92 7.32
N TYR J 304 63.85 32.34 8.36
CA TYR J 304 63.58 33.07 9.59
C TYR J 304 64.87 33.59 10.20
N LEU J 305 65.89 32.75 10.20
CA LEU J 305 67.14 33.08 10.86
C LEU J 305 67.93 34.22 10.19
N ILE J 306 68.14 34.15 8.88
CA ILE J 306 69.04 35.12 8.25
C ILE J 306 68.47 36.54 7.99
N SER J 307 67.19 36.66 7.66
CA SER J 307 66.63 37.96 7.26
C SER J 307 66.08 38.77 8.43
N ASP J 308 66.38 40.08 8.44
CA ASP J 308 65.81 40.99 9.44
C ASP J 308 64.67 41.84 8.87
N ASN J 309 63.55 41.91 9.57
CA ASN J 309 62.45 42.79 9.16
C ASN J 309 62.15 43.85 10.22
N GLY J 310 62.10 45.12 9.80
CA GLY J 310 61.84 46.24 10.69
C GLY J 310 62.78 46.05 11.86
N ASP J 311 62.33 46.31 13.09
CA ASP J 311 63.05 45.72 14.20
C ASP J 311 62.04 45.12 15.17
N SER J 312 61.87 43.81 15.07
CA SER J 312 61.15 43.03 16.06
C SER J 312 62.14 41.96 16.46
N LYS J 313 62.60 42.00 17.71
CA LYS J 313 63.57 41.01 18.17
C LYS J 313 63.17 39.60 17.77
N LYS J 314 64.09 38.91 17.10
CA LYS J 314 63.83 37.55 16.66
C LYS J 314 63.74 36.76 17.94
N SER J 315 62.66 36.03 18.12
CA SER J 315 62.52 35.35 19.40
C SER J 315 62.67 33.86 19.24
N ILE J 316 63.20 33.27 20.30
CA ILE J 316 63.35 31.84 20.42
C ILE J 316 61.97 31.17 20.30
N HIS J 317 60.96 31.87 20.82
CA HIS J 317 59.57 31.39 20.78
C HIS J 317 59.14 31.11 19.35
N ASP J 318 59.38 32.06 18.46
CA ASP J 318 58.98 31.94 17.06
C ASP J 318 59.74 30.82 16.36
N LEU J 319 61.05 30.77 16.62
CA LEU J 319 61.93 29.78 16.00
C LEU J 319 61.47 28.38 16.33
N THR J 320 61.23 28.12 17.62
CA THR J 320 60.73 26.81 18.04
C THR J 320 59.33 26.57 17.52
N SER J 321 58.56 27.66 17.43
CA SER J 321 57.19 27.61 16.93
C SER J 321 57.15 27.13 15.50
N HIS J 322 58.24 27.34 14.78
CA HIS J 322 58.32 26.86 13.40
C HIS J 322 58.24 25.33 13.38
N PHE J 323 58.99 24.67 14.26
CA PHE J 323 58.96 23.22 14.27
C PHE J 323 58.71 22.66 15.67
N TYR J 324 57.52 22.14 15.90
CA TYR J 324 57.28 21.40 17.13
C TYR J 324 57.57 19.92 16.92
N ASP J 325 57.08 19.39 15.80
CA ASP J 325 57.17 17.96 15.51
C ASP J 325 58.60 17.45 15.48
N LYS J 326 59.48 18.19 14.82
CA LYS J 326 60.86 17.74 14.66
C LYS J 326 61.55 17.62 16.02
N MET J 327 61.16 18.49 16.95
CA MET J 327 61.66 18.40 18.32
C MET J 327 61.27 17.08 18.96
N PHE J 328 60.00 16.71 18.81
CA PHE J 328 59.53 15.40 19.25
C PHE J 328 60.30 14.26 18.58
N MET J 329 60.61 14.42 17.30
CA MET J 329 61.40 13.43 16.58
C MET J 329 62.75 13.27 17.27
N VAL J 330 63.40 14.39 17.55
CA VAL J 330 64.71 14.40 18.18
C VAL J 330 64.64 13.73 19.55
N LEU J 331 63.62 14.07 20.34
CA LEU J 331 63.40 13.43 21.63
C LEU J 331 63.28 11.92 21.46
N GLU J 332 62.52 11.51 20.45
CA GLU J 332 62.31 10.10 20.13
C GLU J 332 63.64 9.40 19.91
N SER J 333 64.49 10.03 19.10
CA SER J 333 65.79 9.47 18.78
C SER J 333 66.70 9.36 20.01
N SER J 334 66.77 10.45 20.78
CA SER J 334 67.60 10.49 21.98
C SER J 334 67.19 9.42 22.98
N GLN J 335 65.88 9.34 23.24
CA GLN J 335 65.33 8.34 24.16
C GLN J 335 65.61 6.93 23.67
N THR J 336 65.39 6.72 22.38
CA THR J 336 65.63 5.42 21.75
C THR J 336 67.07 4.98 21.99
N TYR J 337 68.00 5.89 21.71
CA TYR J 337 69.42 5.57 21.89
C TYR J 337 69.70 5.28 23.35
N THR J 338 69.08 6.05 24.22
CA THR J 338 69.23 5.84 25.66
C THR J 338 68.84 4.41 26.07
N GLU J 339 67.68 3.95 25.59
CA GLU J 339 67.25 2.59 25.89
C GLU J 339 68.23 1.57 25.33
N TYR J 340 68.68 1.81 24.11
CA TYR J 340 69.64 0.92 23.44
C TYR J 340 70.90 0.77 24.32
N MET J 341 71.45 1.91 24.74
CA MET J 341 72.64 1.92 25.58
C MET J 341 72.44 1.22 26.91
N GLU J 342 71.28 1.43 27.53
CA GLU J 342 70.95 0.73 28.77
C GLU J 342 70.97 -0.77 28.53
N SER J 343 70.39 -1.19 27.42
CA SER J 343 70.31 -2.60 27.06
C SER J 343 71.71 -3.19 26.96
N VAL J 344 72.56 -2.54 26.18
CA VAL J 344 73.92 -3.04 25.95
C VAL J 344 74.73 -3.09 27.26
N LEU J 345 74.59 -2.05 28.08
CA LEU J 345 75.28 -1.99 29.36
C LEU J 345 74.84 -3.14 30.25
N SER J 346 73.54 -3.38 30.25
CA SER J 346 72.95 -4.47 31.03
C SER J 346 73.57 -5.79 30.59
N ARG J 347 73.66 -5.95 29.27
CA ARG J 347 74.21 -7.16 28.69
C ARG J 347 75.65 -7.38 29.13
N GLU J 348 76.46 -6.33 29.14
CA GLU J 348 77.87 -6.55 29.47
C GLU J 348 78.08 -6.70 30.96
N LEU J 349 77.24 -6.05 31.76
CA LEU J 349 77.34 -6.23 33.21
C LEU J 349 77.08 -7.70 33.45
N GLU J 350 76.13 -8.22 32.69
CA GLU J 350 75.76 -9.63 32.77
C GLU J 350 76.95 -10.48 32.39
N ASN J 351 77.62 -10.09 31.33
CA ASN J 351 78.75 -10.87 30.84
C ASN J 351 79.84 -10.94 31.91
N GLY J 352 80.09 -9.81 32.56
CA GLY J 352 81.09 -9.74 33.62
C GLY J 352 80.78 -10.59 34.85
N ARG J 353 79.60 -10.39 35.42
CA ARG J 353 79.20 -11.14 36.59
C ARG J 353 79.21 -12.65 36.27
N LEU J 354 78.59 -13.00 35.15
CA LEU J 354 78.56 -14.38 34.70
C LEU J 354 79.98 -14.91 34.56
N PHE J 355 80.88 -14.05 34.09
CA PHE J 355 82.29 -14.39 33.91
C PHE J 355 82.92 -14.82 35.21
N ARG J 356 82.75 -13.96 36.20
CA ARG J 356 83.24 -14.20 37.56
C ARG J 356 82.73 -15.54 38.05
N LEU J 357 81.44 -15.77 37.82
CA LEU J 357 80.78 -16.99 38.25
C LEU J 357 81.48 -18.18 37.60
N VAL J 358 81.75 -18.07 36.29
CA VAL J 358 82.42 -19.11 35.53
C VAL J 358 83.79 -19.39 36.12
N ASN J 359 84.44 -18.36 36.64
CA ASN J 359 85.72 -18.55 37.30
C ASN J 359 85.54 -19.39 38.56
N LYS J 360 84.52 -19.05 39.35
CA LYS J 360 84.25 -19.78 40.59
C LYS J 360 83.97 -21.25 40.31
N LEU J 361 83.09 -21.49 39.35
CA LEU J 361 82.71 -22.83 38.93
C LEU J 361 83.92 -23.59 38.43
N ASN J 362 84.74 -22.90 37.65
CA ASN J 362 85.93 -23.46 37.03
C ASN J 362 87.02 -23.90 38.02
N CYS J 363 87.15 -23.17 39.12
CA CYS J 363 88.16 -23.48 40.12
C CYS J 363 88.02 -24.93 40.60
N ILE J 364 86.78 -25.34 40.85
CA ILE J 364 86.53 -26.68 41.37
C ILE J 364 86.79 -27.77 40.33
N PHE J 365 86.39 -27.55 39.10
CA PHE J 365 86.45 -28.59 38.09
C PHE J 365 87.91 -28.88 37.69
N GLY J 366 88.17 -30.10 37.23
CA GLY J 366 89.49 -30.46 36.76
C GLY J 366 90.67 -30.43 37.70
N ARG J 367 90.43 -30.38 39.01
CA ARG J 367 91.53 -30.38 39.97
C ARG J 367 92.35 -31.63 39.68
N ILE J 368 93.67 -31.51 39.76
CA ILE J 368 94.53 -32.63 39.41
C ILE J 368 94.26 -33.86 40.27
N GLU J 369 94.12 -33.65 41.57
CA GLU J 369 93.84 -34.73 42.51
C GLU J 369 92.54 -35.43 42.16
N SER J 370 91.63 -34.71 41.52
CA SER J 370 90.34 -35.25 41.14
C SER J 370 90.40 -36.12 39.89
N ARG J 371 91.52 -36.07 39.17
CA ARG J 371 91.61 -36.68 37.84
C ARG J 371 91.83 -38.21 37.79
N ILE J 372 91.80 -38.90 38.93
CA ILE J 372 92.17 -40.33 38.92
C ILE J 372 91.04 -41.37 38.80
N ASP J 373 89.83 -40.92 38.52
CA ASP J 373 88.70 -41.82 38.21
C ASP J 373 88.27 -41.56 36.76
N ILE J 374 87.60 -42.51 36.11
CA ILE J 374 87.19 -42.29 34.72
C ILE J 374 86.24 -41.10 34.66
N ASN J 375 85.37 -40.98 35.68
CA ASN J 375 84.68 -39.73 35.95
C ASN J 375 85.65 -38.92 36.80
N TRP J 376 85.63 -37.61 36.71
CA TRP J 376 86.68 -36.80 37.34
C TRP J 376 86.48 -36.32 38.77
N SER J 377 85.50 -36.87 39.50
CA SER J 377 85.25 -36.38 40.86
C SER J 377 86.21 -36.89 41.94
N GLU J 378 86.79 -35.94 42.66
CA GLU J 378 87.69 -36.22 43.77
C GLU J 378 86.98 -36.89 44.93
N SER J 379 85.93 -36.21 45.41
CA SER J 379 85.12 -36.69 46.51
C SER J 379 83.72 -36.98 45.98
N GLY J 380 82.79 -37.28 46.88
CA GLY J 380 81.41 -37.53 46.47
C GLY J 380 80.60 -36.26 46.53
N THR J 381 81.05 -35.31 47.36
CA THR J 381 80.35 -34.04 47.52
C THR J 381 80.48 -33.14 46.29
N LYS J 382 81.66 -33.13 45.68
CA LYS J 382 81.94 -32.23 44.56
C LYS J 382 81.35 -32.69 43.24
N PHE J 383 81.00 -33.97 43.15
CA PHE J 383 80.53 -34.57 41.90
C PHE J 383 79.44 -33.79 41.16
N PRO J 384 78.40 -33.32 41.88
CA PRO J 384 77.34 -32.62 41.14
C PRO J 384 77.83 -31.38 40.39
N ILE J 385 78.75 -30.64 40.99
CA ILE J 385 79.27 -29.42 40.39
C ILE J 385 80.00 -29.69 39.07
N ILE J 386 80.93 -30.63 39.10
CA ILE J 386 81.67 -31.02 37.90
C ILE J 386 80.73 -31.61 36.83
N LEU J 387 79.79 -32.43 37.28
CA LEU J 387 78.79 -33.00 36.37
C LEU J 387 78.08 -31.86 35.66
N PHE J 388 77.72 -30.83 36.44
CA PHE J 388 77.08 -29.64 35.91
C PHE J 388 77.99 -28.98 34.88
N TYR J 389 79.29 -28.95 35.17
CA TYR J 389 80.26 -28.38 34.25
C TYR J 389 80.24 -29.10 32.92
N ASP J 390 80.30 -30.44 32.96
CA ASP J 390 80.19 -31.24 31.75
C ASP J 390 78.90 -30.90 31.00
N TYR J 391 77.81 -30.77 31.74
CA TYR J 391 76.52 -30.46 31.13
C TYR J 391 76.56 -29.16 30.36
N VAL J 392 77.09 -28.11 30.97
CA VAL J 392 77.09 -26.80 30.34
C VAL J 392 78.13 -26.63 29.25
N PHE J 393 79.37 -26.93 29.57
CA PHE J 393 80.49 -26.64 28.67
C PHE J 393 80.76 -27.71 27.62
N HIS J 394 80.57 -28.98 27.95
CA HIS J 394 80.91 -30.01 26.98
C HIS J 394 79.64 -30.45 26.30
N GLN J 395 79.38 -29.84 25.16
CA GLN J 395 78.14 -30.03 24.43
C GLN J 395 78.29 -30.91 23.21
N VAL J 396 77.29 -31.75 22.97
CA VAL J 396 77.22 -32.54 21.75
C VAL J 396 75.88 -32.26 21.10
N ASP J 397 75.87 -32.03 19.79
CA ASP J 397 74.59 -31.86 19.09
C ASP J 397 73.92 -33.22 18.99
N SER J 398 72.68 -33.27 18.52
CA SER J 398 72.10 -34.56 18.17
C SER J 398 72.91 -35.06 16.99
N ASN J 399 72.81 -36.35 16.67
CA ASN J 399 73.77 -36.95 15.75
C ASN J 399 75.14 -36.53 16.24
N GLY J 400 75.49 -36.98 17.43
CA GLY J 400 76.57 -36.35 18.18
C GLY J 400 78.00 -36.26 17.69
N LYS J 401 78.41 -35.01 17.51
CA LYS J 401 79.78 -34.59 17.38
C LYS J 401 79.82 -33.29 18.18
N PRO J 402 80.91 -33.02 18.91
CA PRO J 402 80.80 -31.84 19.76
C PRO J 402 80.79 -30.51 19.00
N ILE J 403 80.08 -29.56 19.58
CA ILE J 403 79.96 -28.20 19.08
C ILE J 403 79.82 -27.29 20.29
N MET J 404 80.20 -26.03 20.15
CA MET J 404 80.02 -25.09 21.24
C MET J 404 79.00 -24.02 20.92
N ASP J 405 77.87 -24.12 21.60
CA ASP J 405 76.84 -23.13 21.51
C ASP J 405 77.02 -22.25 22.74
N LEU J 406 77.07 -20.95 22.53
CA LEU J 406 77.29 -20.01 23.63
C LEU J 406 76.02 -19.71 24.41
N THR J 407 74.92 -19.50 23.70
CA THR J 407 73.67 -19.09 24.34
C THR J 407 73.17 -20.10 25.36
N HIS J 408 73.35 -21.39 25.12
CA HIS J 408 73.06 -22.40 26.13
C HIS J 408 73.83 -22.10 27.40
N VAL J 409 75.13 -21.84 27.24
CA VAL J 409 76.02 -21.60 28.36
C VAL J 409 75.53 -20.39 29.13
N LEU J 410 75.20 -19.33 28.40
CA LEU J 410 74.69 -18.12 29.04
C LEU J 410 73.39 -18.42 29.80
N ARG J 411 72.51 -19.22 29.22
CA ARG J 411 71.25 -19.54 29.88
C ARG J 411 71.48 -20.29 31.19
N CYS J 412 72.26 -21.37 31.14
CA CYS J 412 72.52 -22.16 32.33
C CYS J 412 73.22 -21.33 33.42
N LEU J 413 74.25 -20.59 33.02
CA LEU J 413 75.01 -19.79 33.98
C LEU J 413 74.14 -18.72 34.62
N ASN J 414 73.35 -18.03 33.80
CA ASN J 414 72.49 -16.96 34.27
C ASN J 414 71.47 -17.51 35.25
N LYS J 415 70.80 -18.58 34.84
CA LYS J 415 69.81 -19.23 35.67
C LYS J 415 70.43 -19.69 37.00
N LEU J 416 71.68 -20.15 36.94
CA LEU J 416 72.37 -20.57 38.16
C LEU J 416 72.63 -19.37 39.07
N ASP J 417 73.01 -18.26 38.46
CA ASP J 417 73.31 -17.05 39.23
C ASP J 417 72.08 -16.55 39.96
N ALA J 418 70.96 -16.53 39.26
CA ALA J 418 69.73 -16.11 39.91
C ALA J 418 69.27 -17.16 40.92
N GLY J 419 69.33 -18.41 40.48
CA GLY J 419 68.84 -19.53 41.27
C GLY J 419 67.36 -19.60 40.94
N ILE J 420 66.80 -20.80 40.90
CA ILE J 420 65.45 -21.04 40.37
C ILE J 420 65.10 -22.47 40.69
N GLN J 421 63.81 -22.76 40.83
CA GLN J 421 63.38 -24.07 41.29
C GLN J 421 63.36 -25.02 40.11
N GLU J 422 63.71 -24.51 38.93
CA GLU J 422 63.79 -25.33 37.73
C GLU J 422 64.84 -26.40 37.96
N LYS J 423 64.56 -27.62 37.53
CA LYS J 423 65.43 -28.75 37.84
C LYS J 423 66.17 -29.29 36.63
N LEU J 424 67.37 -29.80 36.88
CA LEU J 424 68.15 -30.42 35.80
C LEU J 424 68.50 -31.85 36.15
N MET J 425 68.40 -32.70 35.14
CA MET J 425 68.86 -34.07 35.25
C MET J 425 70.25 -34.09 34.63
N LEU J 426 71.25 -34.35 35.47
CA LEU J 426 72.61 -34.36 34.98
C LEU J 426 73.01 -35.81 34.82
N VAL J 427 73.70 -36.12 33.73
CA VAL J 427 74.00 -37.50 33.43
C VAL J 427 75.47 -37.88 33.56
N THR J 428 75.69 -39.09 34.04
CA THR J 428 77.00 -39.65 34.35
C THR J 428 77.63 -39.99 33.00
N PRO J 429 78.97 -40.08 32.95
CA PRO J 429 79.53 -40.67 31.72
C PRO J 429 79.28 -42.17 31.64
N ASP J 430 78.71 -42.74 32.69
CA ASP J 430 78.26 -44.13 32.62
C ASP J 430 77.02 -44.16 31.76
N GLU J 431 76.25 -43.07 31.82
CA GLU J 431 74.88 -43.01 31.32
C GLU J 431 73.96 -43.95 32.12
N LEU J 432 74.55 -44.68 33.05
CA LEU J 432 73.79 -45.56 33.93
C LEU J 432 73.01 -44.72 34.95
N ASN J 433 73.65 -43.64 35.43
CA ASN J 433 73.07 -42.81 36.48
C ASN J 433 72.75 -41.40 36.06
N CYS J 434 71.89 -40.77 36.84
CA CYS J 434 71.64 -39.35 36.71
C CYS J 434 71.42 -38.77 38.10
N ILE J 435 71.53 -37.46 38.22
CA ILE J 435 71.21 -36.80 39.47
C ILE J 435 70.30 -35.63 39.13
N ILE J 436 69.23 -35.45 39.90
CA ILE J 436 68.33 -34.33 39.66
C ILE J 436 68.55 -33.26 40.72
N ILE J 437 68.79 -32.04 40.26
CA ILE J 437 69.14 -30.97 41.18
C ILE J 437 68.54 -29.64 40.75
N SER J 438 68.19 -28.82 41.74
CA SER J 438 67.57 -27.52 41.52
C SER J 438 68.61 -26.42 41.66
N TYR J 439 68.48 -25.39 40.84
CA TYR J 439 69.49 -24.34 40.76
C TYR J 439 69.82 -23.66 42.09
N LYS J 440 68.84 -23.50 42.96
CA LYS J 440 69.12 -22.90 44.26
C LYS J 440 70.15 -23.72 45.02
N GLU J 441 69.89 -25.03 45.09
CA GLU J 441 70.79 -25.95 45.76
C GLU J 441 72.15 -25.99 45.09
N LEU J 442 72.17 -25.82 43.77
CA LEU J 442 73.42 -25.76 43.02
C LEU J 442 74.23 -24.52 43.35
N LYS J 443 73.55 -23.37 43.45
CA LYS J 443 74.20 -22.12 43.77
C LYS J 443 74.80 -22.23 45.16
N ASP J 444 73.98 -22.72 46.10
CA ASP J 444 74.44 -22.88 47.47
C ASP J 444 75.64 -23.82 47.54
N LEU J 445 75.56 -24.93 46.80
CA LEU J 445 76.61 -25.95 46.79
C LEU J 445 77.91 -25.40 46.21
N ILE J 446 77.81 -24.76 45.06
CA ILE J 446 78.98 -24.22 44.37
C ILE J 446 79.64 -23.18 45.25
N GLU J 447 78.86 -22.25 45.79
CA GLU J 447 79.45 -21.23 46.65
C GLU J 447 80.09 -21.84 47.90
N SER J 448 79.41 -22.78 48.53
CA SER J 448 79.93 -23.41 49.74
C SER J 448 81.25 -24.14 49.48
N THR J 449 81.25 -24.94 48.42
CA THR J 449 82.42 -25.70 48.02
C THR J 449 83.57 -24.76 47.70
N PHE J 450 83.26 -23.72 46.92
CA PHE J 450 84.28 -22.75 46.52
C PHE J 450 84.93 -22.13 47.75
N ARG J 451 84.09 -21.71 48.68
CA ARG J 451 84.56 -21.10 49.93
C ARG J 451 85.42 -22.08 50.70
N SER J 452 85.02 -23.36 50.70
CA SER J 452 85.77 -24.39 51.40
C SER J 452 87.16 -24.53 50.78
N ILE J 453 87.22 -24.49 49.46
CA ILE J 453 88.47 -24.62 48.72
C ILE J 453 89.44 -23.45 48.91
N THR J 454 88.93 -22.23 48.80
CA THR J 454 89.80 -21.05 48.84
C THR J 454 90.31 -20.60 50.21
N GLN J 455 89.58 -20.94 51.27
CA GLN J 455 89.96 -20.54 52.63
C GLN J 455 91.37 -20.94 53.06
N HIS J 456 92.00 -21.81 52.28
CA HIS J 456 93.35 -22.31 52.55
C HIS J 456 93.36 -23.15 53.83
N HIS J 457 92.31 -23.94 54.00
CA HIS J 457 92.19 -24.81 55.16
C HIS J 457 92.69 -26.22 54.84
N HIS J 458 93.14 -26.41 53.60
CA HIS J 458 93.58 -27.72 53.12
C HIS J 458 94.74 -28.27 53.94
N HIS J 459 95.76 -27.44 54.15
CA HIS J 459 96.94 -27.85 54.91
C HIS J 459 96.60 -28.06 56.38
N MET K 1 98.75 -2.08 26.17
CA MET K 1 97.85 -2.07 27.32
C MET K 1 96.82 -0.95 27.17
N HIS K 2 95.83 -1.21 26.32
CA HIS K 2 94.89 -0.19 25.87
C HIS K 2 93.78 0.14 26.87
N SER K 3 93.42 -0.83 27.71
CA SER K 3 92.25 -0.65 28.57
C SER K 3 92.56 -0.81 30.05
N LEU K 4 92.24 0.22 30.82
CA LEU K 4 92.30 0.18 32.28
C LEU K 4 91.19 1.06 32.84
N LEU K 5 90.88 0.89 34.14
CA LEU K 5 89.83 1.66 34.78
C LEU K 5 90.24 3.13 34.88
N GLN K 6 89.28 4.03 34.65
CA GLN K 6 89.59 5.46 34.67
C GLN K 6 89.58 6.02 36.09
N TYR K 7 89.81 7.33 36.20
CA TYR K 7 89.79 8.04 37.46
C TYR K 7 90.73 7.42 38.49
N ARG K 27 67.03 15.40 42.89
CA ARG K 27 66.76 16.76 43.32
C ARG K 27 67.62 17.77 42.58
N SER K 28 67.91 17.47 41.30
CA SER K 28 68.78 18.31 40.50
C SER K 28 68.29 18.39 39.05
N ALA K 29 68.71 19.45 38.35
CA ALA K 29 68.30 19.68 36.96
C ALA K 29 69.22 18.95 35.99
N ASP K 30 68.62 18.36 34.95
CA ASP K 30 69.31 17.64 33.87
C ASP K 30 69.81 16.28 34.37
N GLN K 31 69.96 16.17 35.68
CA GLN K 31 70.47 14.98 36.35
C GLN K 31 69.30 14.03 36.60
N LEU K 32 68.16 14.45 36.09
CA LEU K 32 66.85 13.80 36.28
C LEU K 32 66.82 12.30 36.04
N PHE K 33 67.61 11.79 35.09
CA PHE K 33 67.57 10.35 34.82
C PHE K 33 68.68 9.53 35.46
N ILE K 34 69.58 10.16 36.21
CA ILE K 34 70.55 9.37 36.94
C ILE K 34 69.84 8.56 38.03
N PRO K 35 69.98 7.24 38.00
CA PRO K 35 69.40 6.31 38.98
C PRO K 35 70.16 6.33 40.29
N ASN K 36 69.54 5.90 41.38
CA ASN K 36 70.19 5.98 42.68
C ASN K 36 71.41 5.06 42.64
N ASN K 37 71.16 3.80 42.28
CA ASN K 37 72.22 2.82 42.06
C ASN K 37 71.87 2.01 40.80
N ILE K 38 72.66 2.18 39.75
CA ILE K 38 72.33 1.56 38.47
C ILE K 38 72.54 0.04 38.39
N ARG K 39 73.69 -0.42 38.86
CA ARG K 39 74.06 -1.83 38.76
C ARG K 39 73.10 -2.71 39.53
N GLU K 40 72.71 -2.22 40.69
CA GLU K 40 71.84 -2.96 41.60
C GLU K 40 70.49 -3.18 40.93
N ASP K 41 69.95 -2.09 40.41
CA ASP K 41 68.66 -2.10 39.73
C ASP K 41 68.69 -3.04 38.54
N LEU K 42 69.68 -2.86 37.68
CA LEU K 42 69.77 -3.69 36.48
C LEU K 42 69.95 -5.18 36.77
N THR K 43 70.78 -5.53 37.77
CA THR K 43 70.97 -6.94 38.08
C THR K 43 69.64 -7.51 38.59
N LYS K 44 68.98 -6.78 39.49
CA LYS K 44 67.68 -7.23 39.98
C LYS K 44 66.69 -7.40 38.82
N LYS K 45 66.75 -6.50 37.85
CA LYS K 45 65.89 -6.58 36.67
C LYS K 45 66.12 -7.87 35.89
N ASN K 46 67.39 -8.17 35.59
CA ASN K 46 67.73 -9.35 34.82
C ASN K 46 67.28 -10.62 35.57
N LEU K 47 67.52 -10.62 36.88
CA LEU K 47 67.11 -11.73 37.73
C LEU K 47 65.59 -11.90 37.61
N SER K 48 64.88 -10.78 37.64
CA SER K 48 63.42 -10.79 37.53
C SER K 48 63.00 -11.38 36.20
N ILE K 49 63.79 -11.11 35.16
CA ILE K 49 63.51 -11.63 33.83
C ILE K 49 63.65 -13.15 33.78
N LEU K 50 64.67 -13.69 34.43
CA LEU K 50 64.95 -15.12 34.30
C LEU K 50 63.98 -16.08 35.01
N GLN K 51 63.41 -15.63 36.12
CA GLN K 51 62.67 -16.51 37.04
C GLN K 51 61.38 -17.16 36.55
N VAL K 52 61.28 -18.49 36.70
CA VAL K 52 60.03 -19.18 36.46
C VAL K 52 59.64 -19.90 37.73
N PHE K 53 58.68 -19.36 38.47
CA PHE K 53 58.34 -19.89 39.79
C PHE K 53 57.33 -21.06 39.89
N PRO K 54 56.11 -20.89 39.33
CA PRO K 54 55.08 -21.90 39.57
C PRO K 54 55.22 -23.23 38.85
N SER K 55 56.04 -23.28 37.80
CA SER K 55 56.02 -24.39 36.86
C SER K 55 54.61 -24.34 36.26
N SER K 56 53.91 -25.48 36.24
CA SER K 56 52.54 -25.42 35.74
C SER K 56 51.55 -26.36 36.41
N GLY K 57 50.39 -25.81 36.74
CA GLY K 57 49.27 -26.59 37.20
C GLY K 57 48.48 -26.78 35.92
N LYS K 58 47.21 -27.17 36.01
CA LYS K 58 46.37 -27.19 34.83
C LYS K 58 45.75 -25.80 34.63
N VAL K 59 45.80 -24.99 35.67
CA VAL K 59 45.27 -23.63 35.66
C VAL K 59 46.04 -22.76 34.66
N ILE K 60 47.37 -22.87 34.70
CA ILE K 60 48.22 -22.21 33.73
C ILE K 60 48.95 -23.22 32.86
N PRO K 61 48.60 -23.27 31.56
CA PRO K 61 49.08 -24.30 30.65
C PRO K 61 50.54 -24.16 30.23
N SER K 62 51.12 -25.26 29.77
CA SER K 62 52.53 -25.33 29.41
C SER K 62 52.86 -24.40 28.25
N ILE K 63 52.09 -24.49 27.17
CA ILE K 63 52.38 -23.72 25.98
C ILE K 63 51.11 -23.19 25.30
N VAL K 64 51.10 -21.89 25.05
CA VAL K 64 49.98 -21.26 24.36
C VAL K 64 50.39 -20.37 23.18
N GLN K 65 49.79 -20.64 22.01
CA GLN K 65 50.01 -19.87 20.79
C GLN K 65 51.45 -19.44 20.53
N ASP K 66 52.38 -20.41 20.56
CA ASP K 66 53.80 -20.19 20.25
C ASP K 66 54.56 -19.61 21.45
N TYR K 67 53.85 -19.42 22.55
CA TYR K 67 54.44 -18.83 23.76
C TYR K 67 54.44 -19.86 24.90
N PHE K 68 55.42 -19.75 25.81
CA PHE K 68 55.51 -20.72 26.92
C PHE K 68 56.13 -20.17 28.19
N ASN K 69 56.23 -21.04 29.21
CA ASN K 69 56.74 -20.70 30.52
C ASN K 69 56.03 -19.52 31.19
N LEU K 70 54.69 -19.59 31.26
CA LEU K 70 53.91 -18.51 31.83
C LEU K 70 54.14 -18.40 33.34
N VAL K 71 54.30 -17.18 33.83
CA VAL K 71 54.38 -16.92 35.27
C VAL K 71 53.56 -15.68 35.62
N PRO K 72 52.86 -15.71 36.76
CA PRO K 72 52.02 -14.57 37.16
C PRO K 72 52.84 -13.40 37.71
N LEU K 73 52.33 -12.18 37.51
CA LEU K 73 52.92 -10.99 38.11
C LEU K 73 52.12 -10.38 39.26
N ASN K 74 51.01 -11.00 39.63
CA ASN K 74 50.17 -10.44 40.70
C ASN K 74 49.28 -11.49 41.35
N PHE K 75 48.55 -11.08 42.38
CA PHE K 75 47.72 -11.99 43.16
C PHE K 75 46.23 -11.66 43.05
N ASN K 76 45.49 -12.52 42.38
CA ASN K 76 44.03 -12.44 42.30
C ASN K 76 43.51 -11.05 41.90
N ASN K 77 44.10 -10.49 40.85
CA ASN K 77 43.71 -9.18 40.33
C ASN K 77 43.76 -8.09 41.39
N LYS K 83 47.13 -17.52 38.87
CA LYS K 83 46.72 -16.19 39.28
C LYS K 83 45.99 -15.47 38.15
N THR K 84 45.45 -14.29 38.47
CA THR K 84 44.54 -13.60 37.58
C THR K 84 45.22 -12.68 36.56
N THR K 85 44.65 -12.64 35.37
CA THR K 85 45.12 -11.84 34.24
C THR K 85 46.58 -11.99 33.80
N LEU K 86 47.30 -10.88 33.81
CA LEU K 86 48.66 -10.78 33.26
C LEU K 86 49.68 -11.82 33.72
N PHE K 87 50.43 -12.33 32.73
CA PHE K 87 51.45 -13.35 32.93
C PHE K 87 52.72 -12.96 32.19
N LYS K 88 53.86 -13.45 32.69
CA LYS K 88 55.13 -13.27 32.01
C LYS K 88 55.40 -14.49 31.13
N VAL K 89 55.84 -14.28 29.90
CA VAL K 89 55.98 -15.40 28.99
C VAL K 89 57.26 -15.37 28.15
N PHE K 90 57.80 -16.55 27.85
CA PHE K 90 58.91 -16.68 26.90
C PHE K 90 58.39 -17.15 25.55
N SER K 91 58.65 -16.38 24.50
CA SER K 91 58.21 -16.77 23.17
C SER K 91 59.11 -17.85 22.54
N ASN K 92 58.55 -18.60 21.61
CA ASN K 92 59.28 -19.61 20.87
C ASN K 92 60.01 -19.01 19.67
N TYR K 93 59.27 -18.18 18.94
CA TYR K 93 59.72 -17.59 17.69
C TYR K 93 60.88 -16.60 17.86
N ASP K 94 61.02 -16.03 19.05
CA ASP K 94 62.10 -15.09 19.37
C ASP K 94 63.02 -15.61 20.46
N GLY K 95 62.42 -16.07 21.55
CA GLY K 95 63.15 -16.40 22.75
C GLY K 95 63.21 -15.16 23.61
N LYS K 96 63.18 -13.99 22.99
CA LYS K 96 63.04 -12.72 23.72
C LYS K 96 61.83 -12.82 24.65
N ALA K 97 61.91 -12.21 25.82
CA ALA K 97 60.79 -12.24 26.77
C ALA K 97 59.67 -11.28 26.42
N TYR K 98 58.42 -11.71 26.64
CA TYR K 98 57.26 -10.85 26.41
C TYR K 98 56.26 -10.99 27.57
N VAL K 99 55.25 -10.11 27.62
CA VAL K 99 54.17 -10.26 28.59
C VAL K 99 52.84 -10.54 27.90
N LEU K 100 51.97 -11.29 28.56
CA LEU K 100 50.69 -11.67 27.98
C LEU K 100 49.52 -11.33 28.90
N LYS K 101 48.46 -10.75 28.34
CA LYS K 101 47.25 -10.50 29.10
C LYS K 101 46.11 -11.34 28.54
N ARG K 102 45.38 -11.96 29.45
CA ARG K 102 44.39 -13.01 29.21
C ARG K 102 43.00 -12.65 28.66
N LEU K 103 42.33 -11.66 29.24
CA LEU K 103 41.00 -11.24 28.76
C LEU K 103 40.04 -12.42 28.62
N PRO K 104 39.48 -12.88 29.75
CA PRO K 104 38.77 -14.15 29.81
C PRO K 104 37.35 -14.17 29.22
N ASN K 105 36.97 -15.34 28.73
CA ASN K 105 35.62 -15.73 28.31
C ASN K 105 34.73 -14.76 27.53
N ILE K 106 35.14 -14.42 26.31
CA ILE K 106 34.27 -13.57 25.52
C ILE K 106 33.60 -14.56 24.58
N ASP K 107 32.33 -14.84 24.87
CA ASP K 107 31.50 -15.80 24.14
C ASP K 107 31.59 -15.80 22.60
N LYS K 108 31.21 -14.69 21.95
CA LYS K 108 31.11 -14.65 20.49
C LYS K 108 32.37 -15.13 19.80
N SER K 109 32.19 -16.00 18.80
CA SER K 109 33.28 -16.32 17.90
C SER K 109 33.80 -14.94 17.51
N MET K 110 35.09 -14.70 17.72
CA MET K 110 35.62 -13.35 17.60
C MET K 110 35.52 -12.72 16.21
N ASN K 111 35.23 -13.53 15.19
CA ASN K 111 35.19 -13.02 13.81
C ASN K 111 36.53 -12.35 13.52
N PRO K 112 37.55 -13.18 13.23
CA PRO K 112 38.98 -12.91 13.14
C PRO K 112 39.36 -11.70 12.30
N ASN K 113 38.56 -11.32 11.32
CA ASN K 113 38.85 -10.14 10.51
C ASN K 113 39.13 -8.91 11.37
N LYS K 114 38.34 -8.73 12.42
CA LYS K 114 38.55 -7.64 13.38
C LYS K 114 39.91 -7.76 14.09
N ILE K 115 40.27 -8.99 14.47
CA ILE K 115 41.56 -9.23 15.11
C ILE K 115 42.68 -8.81 14.19
N SER K 116 42.54 -9.18 12.92
CA SER K 116 43.50 -8.81 11.90
C SER K 116 43.58 -7.30 11.82
N LYS K 117 42.43 -6.63 11.91
CA LYS K 117 42.40 -5.18 11.88
C LYS K 117 43.20 -4.59 13.04
N ILE K 118 42.96 -5.09 14.24
CA ILE K 118 43.67 -4.62 15.42
C ILE K 118 45.17 -4.79 15.28
N TYR K 119 45.58 -6.00 14.86
CA TYR K 119 46.99 -6.29 14.68
C TYR K 119 47.61 -5.33 13.67
N GLN K 120 47.00 -5.23 12.50
CA GLN K 120 47.51 -4.38 11.45
C GLN K 120 47.66 -2.93 11.92
N ILE K 121 46.64 -2.45 12.61
CA ILE K 121 46.62 -1.06 13.08
C ILE K 121 47.72 -0.79 14.11
N TRP K 122 47.79 -1.62 15.14
CA TRP K 122 48.71 -1.37 16.25
C TRP K 122 50.15 -1.88 16.11
N SER K 123 50.38 -2.80 15.18
CA SER K 123 51.73 -3.31 14.96
C SER K 123 52.62 -2.26 14.31
N LYS K 124 52.00 -1.42 13.47
CA LYS K 124 52.74 -0.40 12.74
C LYS K 124 53.18 0.75 13.66
N ILE K 125 52.38 1.02 14.69
CA ILE K 125 52.67 2.16 15.57
C ILE K 125 53.91 1.91 16.41
N ASN K 126 54.85 2.85 16.37
CA ASN K 126 56.06 2.79 17.17
C ASN K 126 56.29 4.06 17.97
N CYS K 127 56.38 3.93 19.29
CA CYS K 127 56.68 5.06 20.16
C CYS K 127 57.59 4.65 21.31
N THR K 128 58.52 5.53 21.67
CA THR K 128 59.42 5.27 22.78
C THR K 128 58.67 5.22 24.10
N ASN K 129 57.65 6.07 24.20
CA ASN K 129 56.93 6.25 25.45
C ASN K 129 55.65 5.43 25.51
N LEU K 130 55.37 4.70 24.44
CA LEU K 130 54.25 3.77 24.41
C LEU K 130 54.73 2.34 24.19
N ILE K 131 54.39 1.46 25.12
CA ILE K 131 54.78 0.05 25.04
C ILE K 131 54.31 -0.61 23.75
N LYS K 132 55.25 -1.19 23.02
CA LYS K 132 54.98 -1.77 21.70
C LYS K 132 54.05 -2.97 21.76
N PHE K 133 53.17 -3.09 20.76
CA PHE K 133 52.26 -4.22 20.67
C PHE K 133 52.72 -5.23 19.62
N ARG K 134 53.10 -6.43 20.06
CA ARG K 134 53.66 -7.42 19.16
C ARG K 134 52.68 -8.45 18.58
N ASP K 135 51.76 -8.98 19.38
CA ASP K 135 50.82 -9.98 18.88
C ASP K 135 49.51 -10.09 19.67
N ILE K 136 48.40 -10.14 18.96
CA ILE K 136 47.08 -10.45 19.54
C ILE K 136 46.62 -11.80 19.00
N PHE K 137 45.98 -12.62 19.85
CA PHE K 137 45.48 -13.90 19.36
C PHE K 137 44.33 -14.42 20.22
N GLN K 138 43.52 -15.32 19.69
CA GLN K 138 42.44 -15.89 20.50
C GLN K 138 42.65 -17.38 20.72
N THR K 139 42.68 -17.79 21.98
CA THR K 139 42.86 -19.19 22.31
C THR K 139 41.97 -19.63 23.47
N THR K 140 41.54 -20.88 23.41
CA THR K 140 40.67 -21.47 24.44
C THR K 140 41.39 -22.37 25.44
N LYS K 141 42.71 -22.47 25.33
CA LYS K 141 43.50 -23.43 26.11
C LYS K 141 43.33 -23.25 27.60
N PHE K 142 42.92 -22.05 27.99
CA PHE K 142 42.56 -21.71 29.36
C PHE K 142 41.24 -22.38 29.78
N GLY K 143 40.70 -23.23 28.91
CA GLY K 143 39.42 -23.86 29.15
C GLY K 143 38.21 -22.96 29.17
N ASP K 144 38.43 -21.70 28.81
CA ASP K 144 37.36 -20.84 28.32
C ASP K 144 37.97 -20.07 27.15
N LEU K 145 37.18 -19.54 26.22
CA LEU K 145 37.82 -18.90 25.07
C LEU K 145 38.20 -17.44 25.36
N SER K 146 39.50 -17.21 25.43
CA SER K 146 40.06 -15.92 25.82
C SER K 146 40.95 -15.35 24.73
N ILE K 147 40.92 -14.03 24.59
CA ILE K 147 41.76 -13.38 23.61
C ILE K 147 42.87 -12.66 24.36
N CYS K 148 44.09 -12.82 23.87
CA CYS K 148 45.25 -12.40 24.61
C CYS K 148 46.13 -11.45 23.83
N LEU K 149 46.77 -10.56 24.58
CA LEU K 149 47.64 -9.55 24.00
C LEU K 149 49.07 -9.79 24.47
N VAL K 150 50.05 -9.42 23.65
CA VAL K 150 51.43 -9.56 24.10
C VAL K 150 52.21 -8.25 23.89
N PHE K 151 52.95 -7.85 24.92
CA PHE K 151 53.67 -6.58 24.90
C PHE K 151 55.14 -6.84 25.24
N ASP K 152 56.02 -5.90 24.90
CA ASP K 152 57.42 -6.03 25.32
C ASP K 152 57.55 -5.96 26.83
N TYR K 153 58.56 -6.66 27.37
CA TYR K 153 58.72 -6.73 28.81
C TYR K 153 59.56 -5.59 29.37
N TYR K 154 59.05 -4.95 30.40
CA TYR K 154 59.76 -3.89 31.11
C TYR K 154 59.67 -4.21 32.59
N PRO K 155 60.53 -5.13 33.07
CA PRO K 155 60.43 -5.75 34.39
C PRO K 155 60.53 -4.78 35.56
N ASN K 156 59.92 -5.17 36.68
CA ASN K 156 59.92 -4.41 37.92
C ASN K 156 59.43 -2.97 37.73
N SER K 157 58.60 -2.78 36.72
CA SER K 157 57.98 -1.48 36.48
C SER K 157 56.74 -1.32 37.35
N LEU K 158 56.64 -0.18 38.02
CA LEU K 158 55.51 0.10 38.88
C LEU K 158 54.67 1.27 38.35
N SER K 159 53.37 1.22 38.66
CA SER K 159 52.48 2.33 38.31
C SER K 159 52.78 3.53 39.18
N LEU K 160 52.51 4.71 38.66
CA LEU K 160 52.77 5.96 39.37
C LEU K 160 52.14 5.97 40.75
N TYR K 161 50.91 5.46 40.83
CA TYR K 161 50.20 5.33 42.09
C TYR K 161 51.02 4.61 43.14
N ASP K 162 51.53 3.45 42.80
CA ASP K 162 52.31 2.68 43.74
C ASP K 162 53.66 3.34 43.98
N TYR K 163 54.21 3.92 42.93
CA TYR K 163 55.55 4.50 42.98
C TYR K 163 55.62 5.63 43.99
N HIS K 164 54.77 6.63 43.83
CA HIS K 164 54.83 7.82 44.66
C HIS K 164 54.09 7.68 46.00
N PHE K 165 52.96 6.98 46.00
CA PHE K 165 52.07 6.97 47.15
C PHE K 165 52.28 5.82 48.13
N VAL K 166 52.18 4.59 47.63
CA VAL K 166 52.13 3.41 48.48
C VAL K 166 53.47 2.79 48.77
N ASN K 167 54.19 2.44 47.71
CA ASN K 167 55.39 1.63 47.85
C ASN K 167 56.60 2.35 48.49
N PHE K 168 57.08 1.84 49.61
CA PHE K 168 58.19 2.42 50.35
C PHE K 168 59.50 1.94 49.70
N PRO K 169 60.51 2.80 49.59
CA PRO K 169 60.51 4.25 49.83
C PRO K 169 59.83 5.02 48.72
N LYS K 170 59.18 6.12 49.06
CA LYS K 170 58.44 6.89 48.07
C LYS K 170 59.27 8.07 47.58
N PHE K 171 59.33 8.24 46.27
CA PHE K 171 59.98 9.39 45.67
C PHE K 171 59.00 10.55 45.58
N PRO K 172 59.28 11.64 46.32
CA PRO K 172 58.35 12.78 46.37
C PRO K 172 58.24 13.46 45.01
N ILE K 173 57.11 14.10 44.75
CA ILE K 173 56.89 14.74 43.45
C ILE K 173 57.47 16.14 43.32
N THR K 174 58.53 16.22 42.52
CA THR K 174 59.16 17.49 42.16
C THR K 174 58.48 18.05 40.93
N ASN K 175 58.36 19.37 40.88
CA ASN K 175 57.69 20.05 39.78
C ASN K 175 58.24 19.64 38.42
N ASN K 176 59.56 19.59 38.35
CA ASN K 176 60.28 19.18 37.14
C ASN K 176 59.77 17.84 36.63
N TYR K 177 59.65 16.89 37.54
CA TYR K 177 59.16 15.57 37.17
C TYR K 177 57.79 15.69 36.51
N LEU K 178 56.91 16.50 37.10
CA LEU K 178 55.57 16.70 36.54
C LEU K 178 55.70 17.16 35.10
N TRP K 179 56.60 18.12 34.89
CA TRP K 179 56.88 18.58 33.53
C TRP K 179 57.27 17.40 32.62
N ILE K 180 58.17 16.55 33.10
CA ILE K 180 58.65 15.41 32.29
C ILE K 180 57.54 14.42 31.92
N TYR K 181 56.80 13.97 32.93
CA TYR K 181 55.65 13.08 32.72
C TYR K 181 54.77 13.67 31.65
N LEU K 182 54.42 14.95 31.85
CA LEU K 182 53.51 15.64 30.95
C LEU K 182 54.06 15.64 29.51
N VAL K 183 55.33 15.98 29.36
CA VAL K 183 55.96 16.04 28.04
C VAL K 183 55.93 14.70 27.34
N GLN K 184 56.33 13.64 28.04
CA GLN K 184 56.38 12.32 27.43
C GLN K 184 54.98 11.86 27.03
N LEU K 185 54.02 12.09 27.92
CA LEU K 185 52.63 11.74 27.65
C LEU K 185 52.10 12.46 26.42
N THR K 186 52.48 13.73 26.28
CA THR K 186 52.14 14.52 25.10
C THR K 186 52.77 13.90 23.87
N ASN K 187 53.99 13.38 24.03
CA ASN K 187 54.67 12.70 22.94
C ASN K 187 53.81 11.53 22.47
N VAL K 188 53.32 10.74 23.43
CA VAL K 188 52.50 9.58 23.09
C VAL K 188 51.25 10.06 22.36
N ILE K 189 50.68 11.15 22.84
CA ILE K 189 49.50 11.75 22.22
C ILE K 189 49.80 12.12 20.76
N ASN K 190 50.94 12.77 20.54
CA ASN K 190 51.34 13.17 19.21
C ASN K 190 51.50 11.97 18.28
N SER K 191 52.19 10.94 18.76
CA SER K 191 52.48 9.77 17.95
C SER K 191 51.20 9.02 17.59
N ILE K 192 50.28 8.91 18.55
CA ILE K 192 49.02 8.22 18.32
C ILE K 192 48.09 9.03 17.39
N HIS K 193 47.93 10.31 17.70
CA HIS K 193 47.04 11.19 16.95
C HIS K 193 47.53 11.43 15.52
N SER K 194 48.84 11.42 15.32
CA SER K 194 49.42 11.57 13.98
C SER K 194 48.92 10.44 13.09
N GLN K 195 48.59 9.32 13.72
CA GLN K 195 48.01 8.16 13.05
C GLN K 195 46.49 8.18 13.21
N ASN K 196 45.96 9.35 13.60
CA ASN K 196 44.53 9.65 13.70
C ASN K 196 43.78 8.64 14.57
N LEU K 197 44.46 8.14 15.59
CA LEU K 197 43.84 7.20 16.52
C LEU K 197 43.71 7.83 17.91
N SER K 198 42.77 7.32 18.68
CA SER K 198 42.57 7.75 20.06
C SER K 198 43.17 6.76 21.03
N ILE K 199 43.77 7.27 22.11
CA ILE K 199 44.37 6.43 23.13
C ILE K 199 43.27 5.82 24.01
N GLY K 200 42.07 6.38 23.97
CA GLY K 200 40.97 5.88 24.77
C GLY K 200 41.33 5.98 26.24
N ASN K 201 40.68 5.20 27.10
CA ASN K 201 41.00 5.35 28.50
C ASN K 201 41.98 4.31 29.00
N THR K 202 43.27 4.60 28.83
CA THR K 202 44.35 3.97 29.58
C THR K 202 45.08 5.04 30.40
N LEU K 203 44.65 6.29 30.24
CA LEU K 203 45.42 7.41 30.75
C LEU K 203 45.45 7.52 32.26
N ASN K 204 44.68 6.70 32.96
CA ASN K 204 44.76 6.76 34.40
C ASN K 204 46.15 6.31 34.82
N TRP K 205 46.65 6.91 35.88
CA TRP K 205 48.03 6.73 36.32
C TRP K 205 48.34 5.26 36.65
N ARG K 206 47.38 4.58 37.26
CA ARG K 206 47.56 3.20 37.64
C ARG K 206 47.86 2.34 36.42
N LYS K 207 47.42 2.78 35.25
CA LYS K 207 47.66 2.04 34.02
C LYS K 207 48.90 2.49 33.25
N VAL K 208 49.48 3.63 33.64
CA VAL K 208 50.75 4.07 33.06
C VAL K 208 51.92 3.84 34.01
N LEU K 209 52.85 2.98 33.61
CA LEU K 209 53.97 2.62 34.46
C LEU K 209 55.23 3.36 34.03
N ILE K 210 56.31 3.20 34.78
CA ILE K 210 57.58 3.78 34.40
C ILE K 210 58.46 2.64 33.93
N THR K 211 59.34 2.91 32.97
CA THR K 211 60.24 1.87 32.49
C THR K 211 61.42 1.69 33.42
N GLY K 212 61.75 2.73 34.15
CA GLY K 212 62.90 2.73 35.03
C GLY K 212 62.73 3.67 36.19
N ASP K 213 63.53 3.45 37.23
CA ASP K 213 63.40 4.22 38.47
C ASP K 213 63.59 5.75 38.36
N PRO K 214 64.48 6.23 37.47
CA PRO K 214 64.63 7.68 37.31
C PRO K 214 63.40 8.39 36.73
N GLY K 215 62.42 7.61 36.28
CA GLY K 215 61.21 8.18 35.71
C GLY K 215 61.04 8.26 34.21
N ARG K 216 61.56 7.25 33.48
CA ARG K 216 61.28 7.19 32.06
C ARG K 216 59.92 6.50 32.01
N ILE K 217 58.92 7.21 31.54
CA ILE K 217 57.54 6.75 31.62
C ILE K 217 56.98 6.12 30.35
N LYS K 218 56.15 5.10 30.52
CA LYS K 218 55.49 4.44 29.41
C LYS K 218 54.10 3.93 29.77
N LEU K 219 53.19 4.00 28.80
CA LEU K 219 51.83 3.54 28.99
C LEU K 219 51.68 2.20 28.26
N SER K 220 50.79 1.34 28.74
CA SER K 220 50.70 -0.03 28.24
C SER K 220 49.52 -0.30 27.31
N HIS K 221 48.34 -0.54 27.87
CA HIS K 221 47.17 -0.96 27.08
C HIS K 221 46.74 -0.08 25.94
N CYS K 222 46.70 1.22 26.19
CA CYS K 222 46.29 2.21 25.21
C CYS K 222 44.84 2.00 24.76
N ASN K 223 44.07 1.25 25.56
CA ASN K 223 42.63 1.09 25.41
C ASN K 223 42.07 0.83 24.00
N PHE K 224 42.67 -0.08 23.25
CA PHE K 224 42.09 -0.41 21.94
C PHE K 224 40.94 -1.39 22.05
N MET K 225 40.75 -1.92 23.25
CA MET K 225 39.79 -2.99 23.51
C MET K 225 38.37 -2.70 23.00
N ASP K 226 37.96 -1.44 23.06
CA ASP K 226 36.62 -1.09 22.62
C ASP K 226 36.42 -1.52 21.17
N LEU K 227 37.43 -1.24 20.35
CA LEU K 227 37.38 -1.47 18.92
C LEU K 227 37.10 -2.93 18.61
N LEU K 228 37.49 -3.81 19.53
CA LEU K 228 37.16 -5.20 19.32
C LEU K 228 35.67 -5.43 19.58
N PHE K 229 35.21 -5.25 20.82
CA PHE K 229 33.83 -5.62 21.16
C PHE K 229 32.69 -4.99 20.35
N ASN K 230 32.69 -3.68 20.13
CA ASN K 230 31.57 -3.14 19.37
C ASN K 230 31.97 -2.94 17.91
N ASP K 231 31.05 -3.26 17.01
CA ASP K 231 31.33 -3.20 15.58
C ASP K 231 30.72 -1.99 14.89
N ASP K 232 31.57 -1.05 14.50
CA ASP K 232 31.13 0.11 13.72
C ASP K 232 32.17 0.49 12.67
N THR K 233 31.72 0.65 11.43
CA THR K 233 32.60 0.92 10.29
C THR K 233 33.12 2.35 10.28
N ASP K 234 34.18 2.56 9.50
CA ASP K 234 34.94 3.81 9.52
C ASP K 234 34.27 5.00 8.82
N THR K 235 33.50 4.74 7.77
CA THR K 235 32.98 5.81 6.91
C THR K 235 32.13 6.85 7.67
N VAL K 236 32.21 8.10 7.23
CA VAL K 236 31.54 9.21 7.91
C VAL K 236 30.59 10.00 7.00
N VAL K 237 29.30 9.96 7.29
CA VAL K 237 28.33 10.71 6.50
C VAL K 237 27.95 12.05 7.14
N SER K 238 28.54 12.35 8.30
CA SER K 238 28.18 13.57 9.03
C SER K 238 28.64 14.82 8.30
N SER K 242 34.95 11.37 11.48
CA SER K 242 33.99 10.66 12.31
C SER K 242 34.01 11.17 13.74
N THR K 243 33.86 10.24 14.69
CA THR K 243 33.87 10.57 16.12
C THR K 243 35.29 10.50 16.67
N ILE K 244 36.25 10.31 15.78
CA ILE K 244 37.66 10.17 16.18
C ILE K 244 38.18 11.41 16.89
N GLU K 245 37.89 12.60 16.35
CA GLU K 245 38.33 13.84 16.98
C GLU K 245 37.82 13.98 18.41
N GLY K 246 36.54 13.65 18.60
CA GLY K 246 35.91 13.74 19.92
C GLY K 246 36.66 12.91 20.92
N GLN K 247 37.00 11.70 20.51
CA GLN K 247 37.79 10.79 21.33
C GLN K 247 39.18 11.39 21.59
N GLN K 248 39.78 12.00 20.57
CA GLN K 248 41.10 12.61 20.70
C GLN K 248 41.11 13.71 21.77
N GLN K 249 40.05 14.51 21.76
CA GLN K 249 39.93 15.59 22.74
C GLN K 249 39.67 14.96 24.10
N LEU K 250 38.92 13.86 24.10
CA LEU K 250 38.66 13.14 25.34
C LEU K 250 40.00 12.71 25.94
N ASP K 251 40.90 12.28 25.08
CA ASP K 251 42.24 11.86 25.49
C ASP K 251 42.97 13.05 26.11
N TYR K 252 42.83 14.21 25.47
CA TYR K 252 43.37 15.44 26.07
C TYR K 252 42.84 15.61 27.50
N LYS K 253 41.52 15.44 27.64
CA LYS K 253 40.87 15.57 28.94
C LYS K 253 41.43 14.59 29.98
N TYR K 254 41.62 13.35 29.57
CA TYR K 254 42.20 12.36 30.48
C TYR K 254 43.60 12.75 30.90
N LEU K 255 44.38 13.26 29.95
CA LEU K 255 45.72 13.75 30.29
C LEU K 255 45.57 14.84 31.36
N GLY K 256 44.60 15.73 31.16
CA GLY K 256 44.32 16.78 32.14
C GLY K 256 43.99 16.25 33.53
N GLU K 257 43.11 15.26 33.60
CA GLU K 257 42.71 14.67 34.87
C GLU K 257 43.92 14.05 35.55
N LEU K 258 44.63 13.26 34.77
CA LEU K 258 45.84 12.57 35.21
C LEU K 258 46.82 13.52 35.85
N LEU K 259 47.29 14.46 35.02
CA LEU K 259 48.27 15.44 35.44
C LEU K 259 47.77 16.25 36.62
N PHE K 260 46.48 16.57 36.63
CA PHE K 260 45.92 17.32 37.76
C PHE K 260 46.05 16.57 39.06
N ASN K 261 45.50 15.36 39.08
CA ASN K 261 45.48 14.54 40.28
C ASN K 261 46.88 14.32 40.79
N LEU K 262 47.78 13.98 39.88
CA LEU K 262 49.18 13.82 40.26
C LEU K 262 49.75 15.12 40.82
N SER K 263 49.65 16.20 40.06
CA SER K 263 50.29 17.44 40.45
C SER K 263 49.84 18.01 41.80
N ILE K 264 48.54 18.12 42.00
CA ILE K 264 48.06 18.69 43.25
C ILE K 264 47.97 17.69 44.40
N ASN K 265 47.44 16.50 44.11
CA ASN K 265 47.20 15.57 45.21
C ASN K 265 48.44 14.78 45.61
N ILE K 266 49.38 14.58 44.70
CA ILE K 266 50.63 13.92 45.11
C ILE K 266 51.41 14.89 45.96
N GLU K 267 51.32 16.17 45.58
CA GLU K 267 51.99 17.23 46.31
C GLU K 267 51.47 17.27 47.73
N ASN K 268 50.15 17.32 47.90
CA ASN K 268 49.58 17.43 49.24
C ASN K 268 49.85 16.14 50.02
N SER K 269 49.44 15.02 49.42
CA SER K 269 49.61 13.67 49.98
C SER K 269 51.05 13.20 50.16
N ASN K 270 52.02 14.00 49.76
CA ASN K 270 53.45 13.63 49.79
C ASN K 270 53.94 12.89 51.05
N ASN K 271 53.48 13.29 52.23
CA ASN K 271 53.80 12.56 53.46
C ASN K 271 53.13 11.18 53.42
N ASN K 272 53.54 10.26 54.29
CA ASN K 272 53.08 8.88 54.21
C ASN K 272 51.56 8.68 54.05
N THR K 273 50.77 9.69 54.39
CA THR K 273 49.32 9.63 54.27
C THR K 273 48.86 9.42 52.82
N ALA K 274 47.66 8.90 52.65
CA ALA K 274 47.12 8.55 51.33
C ALA K 274 46.39 9.66 50.60
N PRO K 275 46.52 9.68 49.25
CA PRO K 275 45.92 10.64 48.31
C PRO K 275 44.46 10.36 48.00
N LYS K 276 43.73 11.37 47.54
CA LYS K 276 42.34 11.23 47.12
C LYS K 276 42.15 11.57 45.64
N GLU K 277 41.24 10.86 44.97
CA GLU K 277 41.05 11.02 43.53
C GLU K 277 40.03 12.08 43.13
N TYR K 278 40.31 12.72 42.00
CA TYR K 278 39.44 13.73 41.43
C TYR K 278 39.26 13.37 39.96
N ARG K 279 38.02 13.49 39.47
CA ARG K 279 37.71 13.10 38.10
C ARG K 279 37.14 14.21 37.24
N LEU K 280 37.13 13.95 35.94
CA LEU K 280 36.68 14.90 34.92
C LEU K 280 35.24 15.32 35.23
N GLU K 281 34.56 14.51 36.03
CA GLU K 281 33.25 14.87 36.54
C GLU K 281 33.36 15.97 37.59
N GLU K 282 34.19 15.74 38.61
CA GLU K 282 34.45 16.79 39.60
C GLU K 282 35.15 17.98 38.99
N ILE K 283 36.28 17.73 38.33
CA ILE K 283 36.93 18.69 37.43
C ILE K 283 36.96 20.14 37.91
N THR K 284 37.37 20.39 39.15
CA THR K 284 37.24 21.76 39.68
C THR K 284 38.37 22.70 39.27
N PRO K 285 38.03 23.76 38.50
CA PRO K 285 38.98 24.79 38.06
C PRO K 285 39.52 25.68 39.17
N GLN K 286 38.63 26.07 40.09
CA GLN K 286 38.98 26.96 41.17
C GLN K 286 39.98 26.37 42.16
N SER K 287 39.80 25.11 42.52
CA SER K 287 40.71 24.42 43.42
C SER K 287 42.06 24.26 42.73
N ILE K 288 42.01 24.03 41.42
CA ILE K 288 43.22 23.92 40.62
C ILE K 288 44.00 25.23 40.65
N ASP K 289 43.30 26.33 40.45
CA ASP K 289 43.91 27.66 40.56
C ASP K 289 44.39 27.91 41.98
N ASP K 290 43.83 27.14 42.92
CA ASP K 290 44.14 27.25 44.34
C ASP K 290 45.30 26.33 44.73
N MET K 291 45.92 25.70 43.74
CA MET K 291 47.04 24.77 43.97
C MET K 291 48.14 25.40 44.83
N ARG K 292 48.65 24.61 45.77
CA ARG K 292 49.51 25.13 46.83
C ARG K 292 50.97 25.40 46.47
N GLN K 293 51.76 24.35 46.23
CA GLN K 293 53.20 24.51 46.03
C GLN K 293 53.69 24.45 44.58
N ILE K 294 52.78 24.29 43.63
CA ILE K 294 53.15 24.31 42.22
C ILE K 294 53.38 25.74 41.74
N ASP K 295 54.35 25.94 40.82
CA ASP K 295 54.59 27.27 40.26
C ASP K 295 53.39 27.69 39.43
N ASP K 296 52.66 26.68 38.97
CA ASP K 296 51.41 26.84 38.22
C ASP K 296 51.51 27.62 36.90
N LYS K 297 52.68 27.70 36.30
CA LYS K 297 52.75 28.29 34.97
C LYS K 297 52.00 27.35 34.04
N PHE K 298 52.33 26.07 34.15
CA PHE K 298 51.66 25.03 33.37
C PHE K 298 50.26 24.75 33.89
N LYS K 299 49.87 25.40 34.98
CA LYS K 299 48.51 25.26 35.48
C LYS K 299 47.55 25.77 34.41
N ASP K 300 47.96 26.81 33.71
CA ASP K 300 47.20 27.33 32.59
C ASP K 300 47.09 26.26 31.50
N VAL K 301 48.16 25.51 31.29
CA VAL K 301 48.17 24.41 30.31
C VAL K 301 47.20 23.28 30.70
N LEU K 302 47.31 22.80 31.93
CA LEU K 302 46.39 21.77 32.41
C LEU K 302 44.98 22.31 32.32
N LYS K 303 44.82 23.60 32.62
CA LYS K 303 43.55 24.29 32.48
C LYS K 303 43.06 24.18 31.04
N TYR K 304 44.00 24.34 30.11
CA TYR K 304 43.73 24.23 28.68
C TYR K 304 43.20 22.84 28.41
N LEU K 305 43.79 21.86 29.07
CA LEU K 305 43.39 20.46 28.91
C LEU K 305 41.99 20.19 29.46
N ILE K 306 41.73 20.64 30.68
CA ILE K 306 40.49 20.32 31.37
C ILE K 306 39.31 21.15 30.83
N SER K 307 39.60 22.35 30.37
CA SER K 307 38.55 23.27 29.95
C SER K 307 38.15 22.98 28.51
N ASP K 308 36.86 22.99 28.23
CA ASP K 308 36.41 22.82 26.86
C ASP K 308 35.44 23.91 26.44
N ASN K 309 35.74 24.52 25.30
CA ASN K 309 34.91 25.55 24.66
C ASN K 309 35.09 25.42 23.15
N GLY K 310 33.98 25.51 22.42
CA GLY K 310 34.00 25.45 20.96
C GLY K 310 35.11 26.24 20.30
N ASP K 311 35.61 25.68 19.20
CA ASP K 311 36.52 26.34 18.25
C ASP K 311 37.98 26.26 18.72
N SER K 312 38.18 25.78 19.94
CA SER K 312 39.54 25.52 20.42
C SER K 312 40.18 24.46 19.53
N LYS K 313 39.50 23.32 19.39
CA LYS K 313 39.98 22.16 18.63
C LYS K 313 41.44 21.96 18.97
N LYS K 314 41.69 21.43 20.15
CA LYS K 314 43.05 21.35 20.67
C LYS K 314 43.95 20.44 19.85
N SER K 315 45.05 21.04 19.42
CA SER K 315 46.06 20.40 18.59
C SER K 315 47.37 20.32 19.34
N ILE K 316 48.22 19.37 18.96
CA ILE K 316 49.54 19.24 19.56
C ILE K 316 50.34 20.53 19.48
N HIS K 317 50.17 21.29 18.39
CA HIS K 317 50.89 22.56 18.21
C HIS K 317 50.60 23.56 19.34
N ASP K 318 49.32 23.81 19.57
CA ASP K 318 48.87 24.78 20.55
C ASP K 318 49.28 24.37 21.95
N LEU K 319 49.04 23.10 22.26
CA LEU K 319 49.36 22.54 23.57
C LEU K 319 50.86 22.58 23.87
N THR K 320 51.67 22.16 22.90
CA THR K 320 53.12 22.17 23.03
C THR K 320 53.67 23.58 23.15
N SER K 321 52.97 24.54 22.52
CA SER K 321 53.42 25.92 22.57
C SER K 321 53.48 26.42 24.01
N HIS K 322 52.64 25.86 24.87
CA HIS K 322 52.70 26.17 26.30
C HIS K 322 53.95 25.57 26.94
N PHE K 323 54.24 24.31 26.59
CA PHE K 323 55.37 23.59 27.15
C PHE K 323 56.69 24.25 26.88
N TYR K 324 56.94 24.44 25.59
CA TYR K 324 58.11 25.16 25.19
C TYR K 324 59.39 24.49 25.72
N ASP K 325 60.05 25.18 26.64
CA ASP K 325 61.38 24.83 27.14
C ASP K 325 61.55 23.41 27.73
N LYS K 326 60.56 22.89 28.43
CA LYS K 326 60.70 21.64 29.20
C LYS K 326 61.18 20.43 28.37
N MET K 327 60.89 20.44 27.07
CA MET K 327 61.42 19.43 26.17
C MET K 327 62.96 19.46 26.22
N PHE K 328 63.52 20.66 26.26
CA PHE K 328 64.96 20.80 26.48
C PHE K 328 65.38 20.11 27.78
N MET K 329 64.57 20.22 28.83
CA MET K 329 64.88 19.54 30.09
C MET K 329 64.98 18.03 29.92
N VAL K 330 63.94 17.43 29.34
CA VAL K 330 63.94 15.98 29.15
C VAL K 330 65.09 15.54 28.24
N LEU K 331 65.31 16.24 27.14
CA LEU K 331 66.43 15.92 26.24
C LEU K 331 67.77 15.97 26.98
N GLU K 332 67.97 17.04 27.74
CA GLU K 332 69.20 17.24 28.51
C GLU K 332 69.40 16.05 29.43
N SER K 333 68.33 15.65 30.10
CA SER K 333 68.38 14.53 31.02
C SER K 333 68.76 13.25 30.29
N SER K 334 68.15 13.03 29.12
CA SER K 334 68.43 11.84 28.31
C SER K 334 69.90 11.75 27.95
N GLN K 335 70.46 12.86 27.45
CA GLN K 335 71.88 12.88 27.08
C GLN K 335 72.78 12.65 28.29
N THR K 336 72.45 13.31 29.40
CA THR K 336 73.22 13.17 30.63
C THR K 336 73.28 11.71 31.08
N TYR K 337 72.11 11.07 31.12
CA TYR K 337 72.04 9.67 31.53
C TYR K 337 72.80 8.77 30.57
N THR K 338 72.64 9.02 29.28
CA THR K 338 73.34 8.26 28.26
C THR K 338 74.85 8.33 28.50
N GLU K 339 75.35 9.54 28.76
CA GLU K 339 76.76 9.75 29.03
C GLU K 339 77.23 9.00 30.27
N TYR K 340 76.43 9.04 31.33
CA TYR K 340 76.74 8.32 32.56
C TYR K 340 76.92 6.82 32.29
N MET K 341 75.93 6.27 31.61
CA MET K 341 75.94 4.85 31.28
C MET K 341 77.16 4.54 30.43
N GLU K 342 77.49 5.43 29.50
CA GLU K 342 78.67 5.26 28.69
C GLU K 342 79.91 5.19 29.55
N SER K 343 79.99 6.03 30.58
CA SER K 343 81.13 6.01 31.49
C SER K 343 81.30 4.67 32.23
N VAL K 344 80.25 4.24 32.92
CA VAL K 344 80.35 3.01 33.69
C VAL K 344 80.62 1.81 32.76
N LEU K 345 79.93 1.82 31.62
CA LEU K 345 80.14 0.80 30.59
C LEU K 345 81.59 0.84 30.17
N SER K 346 82.13 2.04 30.07
CA SER K 346 83.52 2.25 29.69
C SER K 346 84.41 1.48 30.65
N ARG K 347 84.17 1.60 31.95
CA ARG K 347 84.97 0.80 32.87
C ARG K 347 84.80 -0.70 32.65
N GLU K 348 83.55 -1.13 32.45
CA GLU K 348 83.21 -2.57 32.39
C GLU K 348 83.46 -3.36 31.06
N LEU K 349 83.59 -2.67 29.94
CA LEU K 349 83.53 -3.26 28.59
C LEU K 349 84.39 -4.48 28.21
N GLU K 350 85.60 -4.60 28.76
CA GLU K 350 86.50 -5.70 28.40
C GLU K 350 85.97 -7.12 28.62
N ASN K 351 85.14 -7.31 29.64
CA ASN K 351 84.70 -8.65 30.09
C ASN K 351 84.13 -9.62 29.07
N GLY K 352 83.39 -9.14 28.08
CA GLY K 352 82.79 -10.01 27.07
C GLY K 352 83.81 -10.89 26.39
N ARG K 353 84.89 -10.27 25.94
CA ARG K 353 86.01 -10.97 25.32
C ARG K 353 86.50 -12.09 26.23
N LEU K 354 86.72 -11.73 27.49
CA LEU K 354 87.17 -12.66 28.51
C LEU K 354 86.23 -13.85 28.60
N PHE K 355 84.94 -13.56 28.50
CA PHE K 355 83.91 -14.58 28.55
C PHE K 355 84.15 -15.56 27.42
N ARG K 356 84.32 -15.00 26.23
CA ARG K 356 84.58 -15.80 25.03
C ARG K 356 85.77 -16.72 25.24
N LEU K 357 86.86 -16.14 25.74
CA LEU K 357 88.11 -16.85 25.92
C LEU K 357 87.97 -18.01 26.86
N VAL K 358 87.43 -17.73 28.04
CA VAL K 358 87.24 -18.75 29.06
C VAL K 358 86.29 -19.83 28.59
N ASN K 359 85.28 -19.47 27.80
CA ASN K 359 84.38 -20.49 27.26
C ASN K 359 85.07 -21.42 26.26
N LYS K 360 85.78 -20.85 25.29
CA LYS K 360 86.46 -21.67 24.29
C LYS K 360 87.50 -22.55 24.94
N LEU K 361 88.31 -21.94 25.81
CA LEU K 361 89.36 -22.62 26.53
C LEU K 361 88.77 -23.77 27.35
N ASN K 362 87.63 -23.50 27.98
CA ASN K 362 86.92 -24.51 28.75
C ASN K 362 86.40 -25.67 27.94
N CYS K 363 85.99 -25.39 26.70
CA CYS K 363 85.39 -26.41 25.85
C CYS K 363 86.28 -27.65 25.67
N ILE K 364 87.55 -27.44 25.37
CA ILE K 364 88.49 -28.53 25.11
C ILE K 364 88.97 -29.34 26.32
N PHE K 365 89.13 -28.68 27.47
CA PHE K 365 89.87 -29.25 28.59
C PHE K 365 89.36 -30.55 29.23
N GLY K 366 88.22 -30.49 29.90
CA GLY K 366 87.71 -31.64 30.64
C GLY K 366 86.87 -32.65 29.88
N ARG K 367 86.91 -32.62 28.56
CA ARG K 367 86.07 -33.48 27.74
C ARG K 367 86.18 -34.96 28.05
N ILE K 368 85.04 -35.64 28.06
CA ILE K 368 84.99 -37.07 28.36
C ILE K 368 85.78 -37.87 27.34
N GLU K 369 85.61 -37.54 26.07
CA GLU K 369 86.32 -38.20 24.98
C GLU K 369 87.80 -38.01 25.18
N SER K 370 88.13 -36.85 25.76
CA SER K 370 89.50 -36.45 26.01
C SER K 370 90.08 -37.04 27.29
N ARG K 371 89.23 -37.64 28.13
CA ARG K 371 89.71 -37.99 29.46
C ARG K 371 90.65 -39.19 29.41
N ILE K 372 90.53 -40.03 28.38
CA ILE K 372 91.48 -41.11 28.25
C ILE K 372 91.91 -41.33 26.80
N ASP K 373 93.13 -40.89 26.52
CA ASP K 373 93.83 -41.20 25.28
C ASP K 373 95.30 -40.83 25.49
N ILE K 374 96.20 -41.48 24.77
CA ILE K 374 97.64 -41.27 24.96
C ILE K 374 98.16 -39.87 24.59
N ASN K 375 97.50 -39.18 23.66
CA ASN K 375 97.93 -37.82 23.32
C ASN K 375 97.55 -36.77 24.36
N TRP K 376 96.53 -37.02 25.16
CA TRP K 376 96.16 -36.06 26.19
C TRP K 376 96.86 -36.43 27.49
N SER K 377 97.74 -37.41 27.40
CA SER K 377 98.51 -37.91 28.53
C SER K 377 99.77 -37.08 28.72
N GLU K 378 100.68 -37.58 29.54
CA GLU K 378 101.93 -36.91 29.85
C GLU K 378 102.86 -36.74 28.64
N SER K 379 102.91 -37.76 27.79
CA SER K 379 103.81 -37.75 26.65
C SER K 379 103.15 -37.33 25.35
N GLY K 380 101.91 -36.85 25.41
CA GLY K 380 101.20 -36.45 24.21
C GLY K 380 101.36 -34.99 23.83
N THR K 381 100.85 -34.64 22.65
CA THR K 381 100.93 -33.29 22.09
C THR K 381 100.08 -32.30 22.87
N LYS K 382 98.91 -32.76 23.30
CA LYS K 382 97.95 -31.88 23.94
C LYS K 382 98.28 -31.58 25.40
N PHE K 383 99.17 -32.36 26.00
CA PHE K 383 99.43 -32.29 27.44
C PHE K 383 99.63 -30.88 28.03
N PRO K 384 100.40 -29.99 27.36
CA PRO K 384 100.65 -28.67 27.94
C PRO K 384 99.38 -27.89 28.33
N ILE K 385 98.29 -28.05 27.58
CA ILE K 385 97.06 -27.33 27.91
C ILE K 385 96.60 -27.67 29.34
N ILE K 386 96.63 -28.94 29.72
CA ILE K 386 96.21 -29.33 31.06
C ILE K 386 97.09 -28.65 32.12
N LEU K 387 98.40 -28.68 31.92
CA LEU K 387 99.33 -28.03 32.83
C LEU K 387 99.06 -26.54 32.98
N PHE K 388 98.89 -25.86 31.85
CA PHE K 388 98.61 -24.44 31.83
C PHE K 388 97.29 -24.12 32.51
N TYR K 389 96.29 -24.93 32.22
CA TYR K 389 94.95 -24.77 32.75
C TYR K 389 95.04 -24.84 34.26
N ASP K 390 95.74 -25.86 34.75
CA ASP K 390 95.99 -25.99 36.17
C ASP K 390 96.70 -24.74 36.68
N TYR K 391 97.71 -24.29 35.95
CA TYR K 391 98.50 -23.15 36.37
C TYR K 391 97.67 -21.89 36.59
N VAL K 392 96.80 -21.58 35.63
CA VAL K 392 96.01 -20.37 35.74
C VAL K 392 94.91 -20.55 36.76
N PHE K 393 94.10 -21.60 36.58
CA PHE K 393 92.92 -21.77 37.42
C PHE K 393 93.18 -22.52 38.73
N HIS K 394 93.97 -23.60 38.67
CA HIS K 394 94.18 -24.41 39.86
C HIS K 394 95.55 -24.15 40.43
N GLN K 395 95.67 -23.25 41.39
CA GLN K 395 97.01 -22.91 41.84
C GLN K 395 97.04 -22.96 43.34
N VAL K 396 98.17 -23.41 43.86
CA VAL K 396 98.32 -23.52 45.29
C VAL K 396 99.43 -22.66 45.83
N ASP K 397 99.07 -21.87 46.83
CA ASP K 397 100.00 -21.03 47.54
C ASP K 397 100.76 -21.96 48.46
N SER K 398 102.02 -21.62 48.72
CA SER K 398 102.95 -22.44 49.48
C SER K 398 102.30 -22.95 50.76
N ASN K 399 102.79 -24.11 51.22
CA ASN K 399 102.14 -24.99 52.18
C ASN K 399 101.04 -25.76 51.44
N GLY K 400 100.94 -25.52 50.14
CA GLY K 400 100.09 -26.32 49.28
C GLY K 400 98.61 -26.21 49.56
N LYS K 401 98.08 -24.99 49.48
CA LYS K 401 96.63 -24.85 49.54
C LYS K 401 96.15 -23.94 48.43
N PRO K 402 95.00 -24.27 47.83
CA PRO K 402 94.57 -23.53 46.64
C PRO K 402 94.10 -22.12 46.93
N ILE K 403 94.37 -21.25 45.97
CA ILE K 403 93.95 -19.85 46.02
C ILE K 403 93.63 -19.45 44.59
N MET K 404 92.65 -18.56 44.44
CA MET K 404 92.33 -18.02 43.14
C MET K 404 92.56 -16.52 43.18
N ASP K 405 93.58 -16.09 42.45
CA ASP K 405 93.89 -14.67 42.34
C ASP K 405 93.26 -14.22 41.03
N LEU K 406 92.57 -13.09 41.05
CA LEU K 406 91.87 -12.62 39.86
C LEU K 406 92.89 -12.02 38.91
N THR K 407 93.81 -11.24 39.45
CA THR K 407 94.83 -10.58 38.65
C THR K 407 95.70 -11.60 37.92
N HIS K 408 96.01 -12.70 38.61
CA HIS K 408 96.70 -13.84 38.01
C HIS K 408 95.97 -14.36 36.77
N VAL K 409 94.68 -14.66 36.95
CA VAL K 409 93.86 -15.21 35.88
C VAL K 409 93.76 -14.26 34.71
N LEU K 410 93.52 -13.00 35.02
CA LEU K 410 93.37 -11.96 34.01
C LEU K 410 94.66 -11.79 33.20
N ARG K 411 95.79 -11.76 33.90
CA ARG K 411 97.08 -11.60 33.26
C ARG K 411 97.38 -12.79 32.34
N CYS K 412 97.21 -13.99 32.87
CA CYS K 412 97.48 -15.19 32.09
C CYS K 412 96.61 -15.24 30.84
N LEU K 413 95.32 -14.98 31.01
CA LEU K 413 94.40 -15.04 29.88
C LEU K 413 94.72 -13.98 28.83
N ASN K 414 94.99 -12.76 29.29
CA ASN K 414 95.29 -11.67 28.36
C ASN K 414 96.56 -11.97 27.59
N LYS K 415 97.60 -12.34 28.32
CA LYS K 415 98.88 -12.70 27.72
C LYS K 415 98.73 -13.83 26.73
N LEU K 416 97.87 -14.79 27.04
CA LEU K 416 97.62 -15.90 26.12
C LEU K 416 96.90 -15.45 24.87
N ASP K 417 95.90 -14.59 25.06
CA ASP K 417 95.08 -14.13 23.95
C ASP K 417 95.87 -13.32 22.95
N ALA K 418 96.73 -12.45 23.45
CA ALA K 418 97.53 -11.62 22.56
C ALA K 418 98.57 -12.42 21.79
N GLY K 419 98.85 -13.63 22.27
CA GLY K 419 99.86 -14.49 21.69
C GLY K 419 101.25 -13.89 21.77
N ILE K 420 101.65 -13.51 22.98
CA ILE K 420 102.90 -12.79 23.18
C ILE K 420 103.99 -13.83 23.37
N GLN K 421 105.21 -13.52 22.94
CA GLN K 421 106.25 -14.55 22.87
C GLN K 421 106.97 -14.81 24.19
N GLU K 422 106.55 -14.17 25.28
CA GLU K 422 107.15 -14.43 26.58
C GLU K 422 107.02 -15.92 26.89
N LYS K 423 108.02 -16.50 27.53
CA LYS K 423 108.08 -17.95 27.69
C LYS K 423 107.71 -18.36 29.11
N LEU K 424 107.05 -19.51 29.23
CA LEU K 424 106.62 -20.01 30.53
C LEU K 424 107.11 -21.45 30.78
N MET K 425 107.52 -21.69 32.03
CA MET K 425 107.97 -22.99 32.51
C MET K 425 106.88 -23.77 33.25
N LEU K 426 106.43 -24.87 32.68
CA LEU K 426 105.37 -25.71 33.28
C LEU K 426 105.87 -27.03 33.89
N VAL K 427 105.27 -27.44 35.00
CA VAL K 427 105.67 -28.63 35.76
C VAL K 427 104.69 -29.81 35.60
N THR K 428 105.22 -31.03 35.69
CA THR K 428 104.53 -32.25 35.26
C THR K 428 103.25 -32.74 35.96
N PRO K 429 103.10 -32.55 37.29
CA PRO K 429 103.74 -32.03 38.51
C PRO K 429 104.83 -32.86 39.19
N ASP K 430 105.14 -34.07 38.76
CA ASP K 430 106.25 -34.76 39.42
C ASP K 430 107.57 -34.08 39.07
N GLU K 431 108.41 -33.93 40.08
CA GLU K 431 109.54 -33.01 40.04
C GLU K 431 110.60 -33.35 39.01
N LEU K 432 110.44 -34.47 38.33
CA LEU K 432 111.43 -34.90 37.36
C LEU K 432 111.50 -34.08 36.07
N ASN K 433 110.37 -33.76 35.46
CA ASN K 433 110.39 -33.07 34.18
C ASN K 433 109.70 -31.71 34.16
N CYS K 434 110.06 -30.93 33.14
CA CYS K 434 109.45 -29.62 32.90
C CYS K 434 109.25 -29.40 31.42
N ILE K 435 108.44 -28.42 31.06
CA ILE K 435 108.28 -28.05 29.66
C ILE K 435 108.37 -26.53 29.53
N ILE K 436 109.17 -26.06 28.58
CA ILE K 436 109.24 -24.63 28.33
C ILE K 436 108.46 -24.33 27.06
N ILE K 437 107.48 -23.44 27.16
CA ILE K 437 106.63 -23.17 26.01
C ILE K 437 106.22 -21.70 25.98
N SER K 438 106.04 -21.16 24.79
CA SER K 438 105.71 -19.75 24.65
C SER K 438 104.22 -19.55 24.37
N TYR K 439 103.69 -18.46 24.91
CA TYR K 439 102.26 -18.16 24.88
C TYR K 439 101.69 -18.22 23.46
N LYS K 440 102.50 -17.80 22.49
CA LYS K 440 102.10 -17.87 21.08
C LYS K 440 101.81 -19.31 20.70
N GLU K 441 102.73 -20.20 21.05
CA GLU K 441 102.60 -21.62 20.76
C GLU K 441 101.39 -22.20 21.47
N LEU K 442 101.10 -21.68 22.66
CA LEU K 442 99.93 -22.09 23.43
C LEU K 442 98.63 -21.67 22.76
N LYS K 443 98.58 -20.44 22.27
CA LYS K 443 97.39 -19.93 21.60
C LYS K 443 97.17 -20.76 20.35
N ASP K 444 98.24 -20.95 19.58
CA ASP K 444 98.11 -21.72 18.35
C ASP K 444 97.62 -23.13 18.65
N LEU K 445 98.17 -23.74 19.69
CA LEU K 445 97.81 -25.11 20.04
C LEU K 445 96.35 -25.20 20.47
N ILE K 446 95.95 -24.31 21.36
CA ILE K 446 94.60 -24.28 21.92
C ILE K 446 93.57 -24.08 20.83
N GLU K 447 93.79 -23.06 20.01
CA GLU K 447 92.87 -22.76 18.93
C GLU K 447 92.83 -23.92 17.93
N SER K 448 93.99 -24.51 17.64
CA SER K 448 94.04 -25.63 16.71
C SER K 448 93.20 -26.80 17.21
N THR K 449 93.37 -27.11 18.50
CA THR K 449 92.61 -28.20 19.12
C THR K 449 91.12 -27.90 19.04
N PHE K 450 90.75 -26.69 19.42
CA PHE K 450 89.35 -26.26 19.38
C PHE K 450 88.78 -26.44 17.98
N ARG K 451 89.55 -26.00 16.99
CA ARG K 451 89.14 -26.10 15.60
C ARG K 451 88.91 -27.56 15.22
N SER K 452 89.79 -28.44 15.67
CA SER K 452 89.66 -29.86 15.36
C SER K 452 88.40 -30.44 15.98
N ILE K 453 88.14 -30.06 17.23
CA ILE K 453 86.97 -30.52 17.97
C ILE K 453 85.62 -30.02 17.43
N THR K 454 85.56 -28.74 17.08
CA THR K 454 84.30 -28.10 16.72
C THR K 454 83.79 -28.46 15.32
N GLN K 455 84.69 -28.82 14.41
CA GLN K 455 84.25 -29.17 13.06
C GLN K 455 84.77 -30.55 12.67
N HIS K 456 83.97 -31.26 11.89
CA HIS K 456 84.25 -32.64 11.50
C HIS K 456 84.38 -33.54 12.72
N MET L 1 107.57 -24.73 42.45
CA MET L 1 107.85 -23.59 41.58
C MET L 1 106.62 -22.72 41.43
N LEU L 2 105.65 -23.18 40.64
CA LEU L 2 104.52 -22.33 40.34
C LEU L 2 103.55 -22.41 41.49
N ALA L 3 103.58 -21.37 42.31
CA ALA L 3 102.79 -21.27 43.51
C ALA L 3 102.70 -19.79 43.81
N TYR L 4 101.59 -19.31 44.36
CA TYR L 4 101.48 -17.86 44.52
C TYR L 4 102.44 -17.39 45.60
N PRO L 5 103.16 -16.29 45.34
CA PRO L 5 103.25 -15.66 44.02
C PRO L 5 104.33 -16.28 43.13
N ASP L 6 104.04 -16.59 41.87
CA ASP L 6 105.09 -16.94 40.93
C ASP L 6 105.73 -15.67 40.40
N TYR L 7 106.95 -15.77 39.89
CA TYR L 7 107.63 -14.60 39.34
C TYR L 7 107.17 -14.23 37.93
N PHE L 8 106.58 -15.16 37.21
CA PHE L 8 106.20 -14.90 35.83
C PHE L 8 105.08 -13.86 35.72
N ASN L 9 103.96 -14.15 36.37
CA ASN L 9 102.78 -13.30 36.31
C ASN L 9 102.48 -12.52 37.59
N ASP L 10 102.48 -13.21 38.72
CA ASP L 10 102.07 -12.62 40.00
C ASP L 10 103.03 -11.59 40.55
N ILE L 11 104.22 -11.51 39.97
CA ILE L 11 105.29 -10.66 40.52
C ILE L 11 104.80 -9.22 40.72
N THR L 12 103.85 -8.79 39.90
CA THR L 12 103.31 -7.43 40.01
C THR L 12 102.31 -7.26 41.16
N SER L 13 101.47 -8.26 41.40
CA SER L 13 100.39 -8.14 42.38
C SER L 13 100.78 -8.52 43.81
N ASP L 14 100.62 -7.58 44.72
CA ASP L 14 100.86 -7.84 46.14
C ASP L 14 99.54 -8.24 46.81
N GLY L 15 99.46 -9.50 47.23
CA GLY L 15 98.25 -9.98 47.88
C GLY L 15 97.18 -10.43 46.91
N PRO L 16 96.33 -11.36 47.36
CA PRO L 16 95.27 -12.01 46.57
C PRO L 16 94.01 -11.18 46.38
N ILE L 17 93.99 -10.30 45.38
CA ILE L 17 92.71 -9.73 44.94
C ILE L 17 91.83 -10.90 44.52
N SER L 18 90.65 -11.00 45.11
CA SER L 18 89.86 -12.21 44.99
C SER L 18 88.69 -12.07 44.05
N VAL L 19 88.33 -13.17 43.39
CA VAL L 19 87.21 -13.20 42.46
C VAL L 19 85.95 -12.91 43.30
N ASP L 20 84.86 -12.56 42.63
CA ASP L 20 83.60 -12.11 43.23
C ASP L 20 83.72 -10.74 43.88
N ASP L 21 84.82 -10.05 43.58
CA ASP L 21 85.02 -8.68 44.05
C ASP L 21 84.49 -7.74 42.98
N GLU L 22 83.47 -6.93 43.28
CA GLU L 22 82.90 -6.04 42.28
C GLU L 22 83.65 -4.71 42.17
N THR L 23 84.47 -4.41 43.17
CA THR L 23 85.24 -3.16 43.15
C THR L 23 86.34 -3.22 42.10
N TYR L 24 86.88 -4.41 41.88
CA TYR L 24 87.97 -4.62 40.93
C TYR L 24 87.44 -4.99 39.56
N PRO L 25 87.52 -4.06 38.60
CA PRO L 25 87.01 -4.31 37.25
C PRO L 25 87.95 -5.22 36.46
N LEU L 26 87.38 -6.01 35.56
CA LEU L 26 88.16 -6.95 34.77
C LEU L 26 89.09 -6.22 33.81
N SER L 27 88.76 -4.97 33.51
CA SER L 27 89.54 -4.17 32.60
C SER L 27 90.86 -3.69 33.21
N SER L 28 91.06 -3.99 34.49
CA SER L 28 92.18 -3.42 35.26
C SER L 28 93.57 -3.71 34.72
N VAL L 29 93.77 -4.85 34.08
CA VAL L 29 95.05 -5.14 33.44
C VAL L 29 94.88 -5.36 31.94
N GLY L 30 95.42 -4.42 31.16
CA GLY L 30 95.23 -4.41 29.72
C GLY L 30 96.04 -5.45 28.97
N MET L 31 95.49 -5.89 27.84
CA MET L 31 96.23 -6.78 26.93
C MET L 31 97.36 -6.01 26.28
N PRO L 32 98.49 -6.67 26.03
CA PRO L 32 99.57 -5.96 25.33
C PRO L 32 99.21 -5.76 23.85
N TYR L 33 100.11 -5.13 23.11
CA TYR L 33 99.92 -4.90 21.69
C TYR L 33 99.80 -6.25 20.97
N TYR L 34 98.85 -6.35 20.05
CA TYR L 34 98.69 -7.60 19.32
C TYR L 34 98.79 -7.35 17.81
N LEU L 35 99.67 -8.11 17.15
CA LEU L 35 99.88 -7.95 15.73
C LEU L 35 99.10 -8.97 14.91
N ASP L 36 98.40 -9.86 15.60
CA ASP L 36 97.58 -10.87 14.95
C ASP L 36 96.21 -11.02 15.62
N LYS L 37 95.40 -11.92 15.08
CA LYS L 37 94.04 -12.15 15.57
C LYS L 37 94.05 -12.72 16.98
N LEU L 38 93.10 -12.28 17.81
CA LEU L 38 92.95 -12.79 19.16
C LEU L 38 92.40 -14.21 19.12
N LEU L 39 92.70 -14.99 20.17
CA LEU L 39 92.14 -16.32 20.30
C LEU L 39 90.66 -16.18 20.61
N SER L 40 90.35 -15.21 21.45
CA SER L 40 88.99 -14.98 21.93
C SER L 40 88.01 -14.64 20.81
N ALA L 41 88.53 -14.29 19.65
CA ALA L 41 87.69 -14.08 18.48
C ALA L 41 86.93 -15.36 18.17
N TRP L 42 85.65 -15.22 17.84
CA TRP L 42 84.80 -16.39 17.64
C TRP L 42 84.47 -16.58 16.18
N PRO L 43 84.74 -17.78 15.67
CA PRO L 43 84.47 -18.11 14.27
C PRO L 43 82.99 -18.00 13.98
N PRO L 44 82.60 -17.68 12.74
CA PRO L 44 81.17 -17.55 12.48
C PRO L 44 80.43 -18.86 12.64
N VAL L 45 79.39 -18.85 13.47
CA VAL L 45 78.54 -20.02 13.66
C VAL L 45 77.13 -19.62 14.03
N VAL L 46 76.14 -20.34 13.50
CA VAL L 46 74.75 -20.09 13.84
C VAL L 46 74.42 -20.69 15.22
N PHE L 47 73.61 -19.98 16.00
CA PHE L 47 73.22 -20.47 17.32
C PHE L 47 71.73 -20.81 17.35
N LYS L 48 71.40 -22.09 17.24
CA LYS L 48 70.02 -22.52 17.09
C LYS L 48 69.36 -22.92 18.40
N SER L 49 70.08 -22.82 19.50
CA SER L 49 69.63 -23.42 20.76
C SER L 49 68.61 -22.61 21.56
N GLU L 50 68.72 -21.28 21.54
CA GLU L 50 67.87 -20.44 22.38
C GLU L 50 66.43 -20.43 21.88
N GLY L 51 65.48 -20.29 22.81
CA GLY L 51 64.06 -20.30 22.49
C GLY L 51 63.58 -21.64 22.02
N THR L 52 63.84 -22.67 22.81
CA THR L 52 63.38 -24.02 22.51
C THR L 52 62.34 -24.47 23.52
N ILE L 53 61.25 -25.04 23.01
CA ILE L 53 60.19 -25.56 23.87
C ILE L 53 60.80 -26.67 24.70
N PRO L 54 60.78 -26.51 26.03
CA PRO L 54 61.50 -27.41 26.94
C PRO L 54 61.12 -28.88 26.77
N GLN L 55 59.88 -29.15 26.37
CA GLN L 55 59.46 -30.52 26.07
C GLN L 55 59.76 -31.44 27.24
N LEU L 56 59.36 -31.01 28.42
CA LEU L 56 59.58 -31.77 29.67
C LEU L 56 61.07 -31.88 29.96
N LEU L 72 66.19 -59.35 37.49
CA LEU L 72 66.55 -58.56 38.66
C LEU L 72 66.49 -57.07 38.37
N ALA L 73 67.23 -56.30 39.14
CA ALA L 73 67.32 -54.85 38.95
C ALA L 73 68.56 -54.33 39.66
N VAL L 74 68.83 -53.04 39.55
CA VAL L 74 70.00 -52.49 40.21
C VAL L 74 69.96 -50.98 40.43
N ILE L 75 70.78 -50.55 41.39
CA ILE L 75 71.22 -49.16 41.47
C ILE L 75 72.68 -49.21 40.98
N SER L 76 73.07 -48.27 40.14
CA SER L 76 74.19 -48.43 39.20
C SER L 76 75.60 -48.58 39.78
N SER L 77 76.49 -49.03 38.91
CA SER L 77 77.89 -49.37 39.25
C SER L 77 78.92 -48.34 38.82
N GLN L 78 80.05 -48.38 39.54
CA GLN L 78 81.28 -47.64 39.22
C GLN L 78 81.18 -46.20 39.70
N ASN L 79 79.97 -45.75 39.97
CA ASN L 79 79.75 -44.48 40.65
C ASN L 79 79.45 -44.69 42.13
N GLU L 80 79.44 -45.96 42.55
CA GLU L 80 78.87 -46.31 43.85
C GLU L 80 79.64 -45.80 45.07
N LYS L 81 80.82 -45.19 44.87
CA LYS L 81 81.56 -44.70 46.03
C LYS L 81 81.27 -43.23 46.40
N LEU L 82 80.60 -42.49 45.52
CA LEU L 82 80.42 -41.04 45.73
C LEU L 82 79.03 -40.61 46.26
N SER L 83 78.13 -41.58 46.43
CA SER L 83 76.69 -41.34 46.36
C SER L 83 75.97 -40.47 47.41
N THR L 84 76.37 -40.56 48.67
CA THR L 84 75.45 -40.35 49.81
C THR L 84 74.46 -39.18 49.80
N GLN L 85 74.94 -37.94 49.98
CA GLN L 85 74.06 -36.85 50.42
C GLN L 85 72.86 -36.60 49.52
N GLU L 86 73.11 -36.27 48.26
CA GLU L 86 72.03 -36.10 47.30
C GLU L 86 71.99 -37.32 46.39
N PHE L 87 70.77 -37.79 46.13
CA PHE L 87 70.57 -39.09 45.50
C PHE L 87 70.93 -39.21 44.03
N PRO L 88 71.95 -40.02 43.72
CA PRO L 88 72.10 -40.51 42.34
C PRO L 88 70.96 -41.47 42.02
N LEU L 89 70.58 -41.62 40.76
CA LEU L 89 69.44 -42.46 40.42
C LEU L 89 69.68 -43.31 39.18
N LEU L 90 69.06 -44.49 39.14
CA LEU L 90 68.96 -45.25 37.89
C LEU L 90 68.29 -44.32 36.90
N ARG L 91 68.82 -44.23 35.69
CA ARG L 91 68.35 -43.19 34.79
C ARG L 91 67.91 -43.53 33.35
N TYR L 92 68.83 -43.97 32.50
CA TYR L 92 68.94 -43.32 31.19
C TYR L 92 68.87 -44.15 29.91
N ASP L 93 69.32 -43.51 28.84
CA ASP L 93 69.22 -43.93 27.44
C ASP L 93 67.79 -43.94 26.91
N ARG L 94 67.41 -45.02 26.23
CA ARG L 94 66.28 -45.00 25.31
C ARG L 94 64.98 -44.47 25.90
N THR L 95 64.76 -44.76 27.18
CA THR L 95 63.55 -44.29 27.86
C THR L 95 63.47 -42.76 27.98
N LYS L 96 64.53 -42.15 28.49
CA LYS L 96 64.53 -40.71 28.70
C LYS L 96 65.68 -40.04 27.96
N TYR L 97 65.35 -39.03 27.16
CA TYR L 97 66.37 -38.25 26.43
C TYR L 97 67.20 -39.09 25.48
N GLY L 98 68.51 -39.13 25.70
CA GLY L 98 69.42 -39.71 24.73
C GLY L 98 70.85 -39.29 25.01
N MET L 99 71.62 -39.07 23.94
CA MET L 99 73.03 -38.68 24.03
C MET L 99 73.30 -37.72 25.19
N ARG L 100 74.32 -38.04 25.99
CA ARG L 100 74.68 -37.26 27.17
C ARG L 100 74.96 -35.80 26.86
N ASN L 101 74.18 -34.92 27.50
CA ASN L 101 74.35 -33.48 27.40
C ASN L 101 74.10 -32.97 25.99
N ALA L 102 73.38 -33.78 25.22
CA ALA L 102 73.06 -33.42 23.85
C ALA L 102 72.16 -32.20 23.81
N ILE L 103 72.39 -31.34 22.82
CA ILE L 103 71.54 -30.19 22.62
C ILE L 103 70.28 -30.65 21.90
N PRO L 104 69.11 -30.29 22.43
CA PRO L 104 67.89 -30.69 21.73
C PRO L 104 67.71 -29.86 20.47
N ASP L 105 67.27 -30.48 19.38
CA ASP L 105 67.06 -29.75 18.14
C ASP L 105 65.88 -28.81 18.32
N TYR L 106 65.90 -27.70 17.59
CA TYR L 106 64.89 -26.66 17.78
C TYR L 106 63.82 -26.68 16.71
N VAL L 107 62.57 -26.75 17.15
CA VAL L 107 61.43 -26.71 16.25
C VAL L 107 60.49 -25.58 16.66
N CYS L 108 60.06 -24.79 15.69
CA CYS L 108 59.15 -23.68 15.93
C CYS L 108 57.74 -24.01 15.49
N LEU L 109 56.79 -23.89 16.41
CA LEU L 109 55.41 -24.31 16.19
C LEU L 109 54.73 -23.56 15.06
N ARG L 110 55.01 -22.27 14.95
CA ARG L 110 54.37 -21.44 13.93
C ARG L 110 54.67 -21.98 12.54
N ASP L 111 55.93 -22.31 12.29
CA ASP L 111 56.35 -22.90 11.02
C ASP L 111 55.80 -24.31 10.85
N ILE L 112 55.59 -24.99 11.98
CA ILE L 112 55.09 -26.36 12.01
C ILE L 112 53.68 -26.47 11.44
N ARG L 113 52.83 -25.48 11.72
CA ARG L 113 51.42 -25.55 11.40
C ARG L 113 51.09 -25.18 9.95
N LYS L 114 52.08 -24.74 9.19
CA LYS L 114 51.86 -24.22 7.85
C LYS L 114 51.27 -25.25 6.88
N GLN L 115 50.40 -24.75 6.00
CA GLN L 115 49.71 -25.55 4.98
C GLN L 115 50.56 -25.72 3.71
N ILE L 116 50.47 -26.89 3.10
CA ILE L 116 51.17 -27.18 1.85
C ILE L 116 50.41 -26.54 0.67
N THR L 117 49.16 -26.15 0.94
CA THR L 117 48.26 -25.55 -0.04
C THR L 117 48.00 -26.44 -1.25
N SER L 118 47.97 -25.84 -2.44
CA SER L 118 47.46 -26.53 -3.63
C SER L 118 48.35 -26.50 -4.87
N GLY L 119 48.61 -25.31 -5.43
CA GLY L 119 49.28 -25.24 -6.72
C GLY L 119 50.61 -25.96 -6.77
N LEU L 120 51.28 -26.07 -5.63
CA LEU L 120 52.43 -26.94 -5.54
C LEU L 120 51.93 -28.11 -4.72
N GLU L 121 52.44 -29.30 -5.03
CA GLU L 121 52.04 -30.57 -4.42
C GLU L 121 50.72 -31.08 -5.01
N THR L 122 50.11 -30.30 -5.90
CA THR L 122 49.08 -30.88 -6.74
C THR L 122 49.77 -31.92 -7.60
N SER L 123 50.94 -31.53 -8.12
CA SER L 123 51.76 -32.32 -9.05
C SER L 123 53.01 -32.98 -8.46
N ASP L 124 53.87 -32.14 -7.90
CA ASP L 124 55.22 -32.53 -7.48
C ASP L 124 55.41 -33.29 -6.16
N ILE L 125 54.33 -33.60 -5.47
CA ILE L 125 54.46 -34.24 -4.16
C ILE L 125 54.84 -35.72 -4.26
N GLN L 126 54.65 -36.32 -5.43
CA GLN L 126 54.93 -37.75 -5.56
C GLN L 126 56.37 -38.01 -5.97
N THR L 127 57.18 -36.96 -6.01
CA THR L 127 58.58 -37.10 -6.38
C THR L 127 59.38 -37.41 -5.13
N TYR L 128 59.93 -38.62 -5.06
CA TYR L 128 60.65 -39.07 -3.88
C TYR L 128 62.13 -38.71 -3.93
N THR L 129 62.60 -38.28 -5.10
CA THR L 129 64.01 -37.98 -5.27
C THR L 129 64.26 -36.49 -5.46
N SER L 130 65.29 -35.99 -4.77
CA SER L 130 65.74 -34.62 -4.94
C SER L 130 67.23 -34.61 -5.24
N ILE L 131 67.67 -33.72 -6.13
CA ILE L 131 69.07 -33.67 -6.53
C ILE L 131 69.97 -33.34 -5.34
N ASN L 132 69.48 -32.49 -4.45
CA ASN L 132 70.20 -32.18 -3.23
C ASN L 132 70.09 -33.32 -2.23
N LYS L 133 71.22 -33.68 -1.62
CA LYS L 133 71.25 -34.72 -0.60
C LYS L 133 70.50 -34.28 0.65
N TYR L 134 70.74 -33.04 1.06
CA TYR L 134 70.21 -32.51 2.32
C TYR L 134 68.72 -32.18 2.23
N GLU L 135 68.26 -31.82 1.04
CA GLU L 135 66.86 -31.44 0.87
C GLU L 135 65.92 -32.62 1.09
N VAL L 136 64.84 -32.39 1.83
CA VAL L 136 63.84 -33.42 2.06
C VAL L 136 62.77 -33.38 0.98
N PRO L 137 62.64 -34.47 0.21
CA PRO L 137 61.71 -34.55 -0.92
C PRO L 137 60.26 -34.35 -0.48
N PRO L 138 59.40 -33.92 -1.41
CA PRO L 138 57.99 -33.59 -1.13
C PRO L 138 57.21 -34.77 -0.58
N ALA L 139 57.48 -35.97 -1.08
CA ALA L 139 56.78 -37.16 -0.61
C ALA L 139 56.97 -37.37 0.88
N TYR L 140 58.17 -37.07 1.36
CA TYR L 140 58.51 -37.24 2.76
C TYR L 140 57.99 -36.13 3.66
N SER L 141 57.63 -35.00 3.04
CA SER L 141 57.19 -33.82 3.79
C SER L 141 55.87 -34.08 4.53
N ARG L 142 55.64 -33.33 5.59
CA ARG L 142 54.41 -33.48 6.37
C ARG L 142 53.20 -33.17 5.50
N LEU L 143 52.21 -34.06 5.53
CA LEU L 143 51.02 -33.92 4.71
C LEU L 143 49.96 -33.11 5.45
N PRO L 144 49.10 -32.41 4.69
CA PRO L 144 48.04 -31.58 5.26
C PRO L 144 47.01 -32.40 6.03
N LEU L 145 46.33 -31.76 6.97
CA LEU L 145 45.31 -32.42 7.79
C LEU L 145 44.11 -32.83 6.95
N THR L 146 43.31 -33.75 7.48
CA THR L 146 42.16 -34.28 6.76
C THR L 146 40.85 -33.99 7.49
N PHE L 155 37.93 -34.44 1.90
CA PHE L 155 39.17 -34.14 1.19
C PHE L 155 39.32 -35.06 -0.02
N ASP L 156 40.12 -34.64 -1.00
CA ASP L 156 40.35 -35.44 -2.20
C ASP L 156 41.70 -36.12 -2.12
N PHE L 157 41.67 -37.43 -1.88
CA PHE L 157 42.87 -38.24 -1.75
C PHE L 157 43.34 -38.77 -3.10
N THR L 158 42.74 -38.26 -4.16
CA THR L 158 43.09 -38.67 -5.52
C THR L 158 44.55 -38.40 -5.91
N PRO L 159 45.05 -37.16 -5.74
CA PRO L 159 46.37 -36.93 -6.31
C PRO L 159 47.49 -37.65 -5.57
N PHE L 160 47.24 -38.04 -4.32
CA PHE L 160 48.26 -38.65 -3.49
C PHE L 160 48.60 -40.09 -3.82
N ASN L 161 47.61 -40.88 -4.24
CA ASN L 161 47.87 -42.29 -4.49
C ASN L 161 47.32 -42.80 -5.83
N ASN L 162 48.23 -43.20 -6.71
CA ASN L 162 47.83 -43.88 -7.94
C ASN L 162 47.94 -45.38 -7.86
N THR L 163 48.45 -45.87 -6.73
CA THR L 163 48.63 -47.30 -6.54
C THR L 163 47.32 -47.96 -6.12
N GLU L 164 47.35 -49.28 -6.03
CA GLU L 164 46.17 -50.04 -5.65
C GLU L 164 46.13 -50.38 -4.17
N TYR L 165 47.16 -50.02 -3.42
CA TYR L 165 47.25 -50.42 -2.03
C TYR L 165 46.98 -49.24 -1.11
N SER L 166 46.10 -49.45 -0.12
CA SER L 166 45.59 -48.37 0.72
C SER L 166 46.60 -47.77 1.70
N GLY L 167 46.44 -46.48 1.96
CA GLY L 167 47.20 -45.78 2.99
C GLY L 167 46.33 -45.52 4.20
N LEU L 168 46.91 -45.05 5.29
CA LEU L 168 46.16 -44.81 6.52
C LEU L 168 45.98 -43.33 6.81
N ASP L 169 44.87 -43.00 7.46
CA ASP L 169 44.53 -41.64 7.82
C ASP L 169 45.43 -41.12 8.94
N PRO L 170 45.95 -39.90 8.78
CA PRO L 170 46.86 -39.29 9.75
C PRO L 170 46.18 -38.88 11.05
N ASP L 171 44.85 -38.84 11.07
CA ASP L 171 44.18 -38.39 12.29
C ASP L 171 43.70 -39.60 13.08
N VAL L 172 44.45 -39.89 14.15
CA VAL L 172 44.15 -40.91 15.15
C VAL L 172 44.80 -40.40 16.42
N ASP L 173 44.72 -41.15 17.52
CA ASP L 173 45.30 -40.66 18.77
C ASP L 173 46.81 -40.52 18.67
N ASN L 174 47.48 -41.54 18.15
CA ASN L 174 48.89 -41.43 17.79
C ASN L 174 49.15 -42.01 16.40
N HIS L 175 49.52 -41.15 15.47
CA HIS L 175 49.57 -41.53 14.06
C HIS L 175 50.75 -42.41 13.68
N TYR L 176 51.87 -42.28 14.39
CA TYR L 176 53.10 -43.00 14.03
C TYR L 176 52.85 -44.49 13.92
N THR L 177 51.92 -44.98 14.73
CA THR L 177 51.56 -46.38 14.79
C THR L 177 51.24 -46.93 13.40
N ASN L 178 50.57 -46.10 12.61
CA ASN L 178 50.16 -46.46 11.25
C ASN L 178 51.34 -47.05 10.49
N ALA L 179 52.48 -46.37 10.57
CA ALA L 179 53.68 -46.78 9.85
C ALA L 179 53.98 -48.23 10.14
N ILE L 180 53.99 -48.57 11.42
CA ILE L 180 54.24 -49.94 11.84
C ILE L 180 53.17 -50.87 11.30
N ILE L 181 51.90 -50.49 11.47
CA ILE L 181 50.79 -51.34 11.10
C ILE L 181 50.88 -51.74 9.64
N GLN L 182 51.05 -50.75 8.78
CA GLN L 182 51.10 -50.96 7.35
C GLN L 182 52.17 -51.99 7.03
N LEU L 183 53.30 -51.86 7.72
CA LEU L 183 54.43 -52.75 7.52
C LEU L 183 53.97 -54.17 7.77
N TYR L 184 53.42 -54.39 8.96
CA TYR L 184 53.03 -55.73 9.36
C TYR L 184 51.99 -56.29 8.40
N ARG L 185 51.24 -55.39 7.75
CA ARG L 185 50.20 -55.84 6.84
C ARG L 185 50.79 -56.69 5.71
N PHE L 186 52.00 -56.36 5.29
CA PHE L 186 52.60 -57.04 4.14
C PHE L 186 53.38 -58.30 4.49
N ILE L 187 53.52 -58.61 5.78
CA ILE L 187 54.10 -59.89 6.15
C ILE L 187 53.06 -60.98 5.92
N PRO L 188 53.30 -61.85 4.93
CA PRO L 188 52.30 -62.83 4.48
C PRO L 188 51.75 -63.71 5.58
N GLU L 189 52.63 -64.27 6.40
CA GLU L 189 52.23 -65.11 7.52
C GLU L 189 51.34 -64.35 8.48
N MET L 190 51.80 -63.18 8.90
CA MET L 190 51.09 -62.33 9.85
C MET L 190 49.68 -62.01 9.36
N PHE L 191 49.62 -61.41 8.17
CA PHE L 191 48.36 -60.99 7.57
C PHE L 191 47.41 -62.16 7.43
N ASN L 192 47.85 -63.19 6.68
CA ASN L 192 47.01 -64.34 6.41
C ASN L 192 46.53 -65.01 7.69
N PHE L 193 47.40 -65.04 8.70
CA PHE L 193 47.02 -65.61 9.99
C PHE L 193 45.91 -64.83 10.65
N VAL L 194 46.13 -63.53 10.85
CA VAL L 194 45.18 -62.74 11.62
C VAL L 194 43.82 -62.65 10.91
N VAL L 195 43.87 -62.37 9.61
CA VAL L 195 42.65 -62.33 8.80
C VAL L 195 41.97 -63.70 8.80
N GLY L 196 42.78 -64.76 8.84
CA GLY L 196 42.24 -66.10 8.91
C GLY L 196 41.51 -66.32 10.22
N CYS L 197 42.13 -65.87 11.31
CA CYS L 197 41.60 -66.04 12.65
C CYS L 197 40.39 -65.17 12.88
N LEU L 198 40.14 -64.25 11.95
CA LEU L 198 38.90 -63.48 12.01
C LEU L 198 37.67 -64.37 11.80
N LYS L 199 37.89 -65.50 11.12
CA LYS L 199 36.81 -66.43 10.78
C LYS L 199 35.99 -66.90 11.99
N ASP L 200 36.64 -67.07 13.13
CA ASP L 200 35.93 -67.49 14.33
C ASP L 200 35.52 -66.29 15.18
N GLU L 201 34.77 -66.56 16.25
CA GLU L 201 34.26 -65.50 17.10
C GLU L 201 35.39 -64.69 17.74
N ASN L 202 36.09 -65.32 18.67
CA ASN L 202 37.26 -64.73 19.32
C ASN L 202 37.03 -63.33 19.90
N PHE L 203 35.87 -63.12 20.50
CA PHE L 203 35.49 -61.80 20.99
C PHE L 203 36.38 -61.31 22.13
N GLU L 204 36.97 -62.25 22.86
CA GLU L 204 37.78 -61.94 24.04
C GLU L 204 39.09 -61.23 23.73
N THR L 205 39.67 -61.51 22.56
CA THR L 205 40.96 -60.93 22.20
C THR L 205 40.78 -59.65 21.40
N THR L 206 41.09 -58.52 22.03
CA THR L 206 40.86 -57.21 21.44
C THR L 206 41.80 -56.88 20.28
N LEU L 207 43.10 -56.93 20.54
CA LEU L 207 44.09 -56.47 19.57
C LEU L 207 44.10 -57.32 18.30
N LEU L 208 44.16 -58.63 18.46
CA LEU L 208 44.23 -59.54 17.33
C LEU L 208 43.01 -59.35 16.42
N THR L 209 41.83 -59.28 17.02
CA THR L 209 40.60 -59.11 16.28
C THR L 209 40.51 -57.76 15.57
N ASP L 210 40.68 -56.67 16.33
CA ASP L 210 40.58 -55.33 15.75
C ASP L 210 41.61 -55.13 14.64
N LEU L 211 42.82 -55.59 14.89
CA LEU L 211 43.88 -55.57 13.89
C LEU L 211 43.46 -56.41 12.69
N GLY L 212 42.72 -57.48 12.94
CA GLY L 212 42.16 -58.31 11.90
C GLY L 212 41.22 -57.51 11.01
N TYR L 213 40.36 -56.73 11.64
CA TYR L 213 39.43 -55.86 10.92
C TYR L 213 40.21 -54.87 10.09
N LEU L 214 41.27 -54.33 10.68
CA LEU L 214 42.12 -53.35 9.99
C LEU L 214 42.75 -53.96 8.74
N PHE L 215 43.35 -55.15 8.89
CA PHE L 215 43.95 -55.84 7.76
C PHE L 215 42.93 -56.14 6.68
N ASP L 216 41.77 -56.65 7.10
CA ASP L 216 40.71 -56.98 6.16
C ASP L 216 40.25 -55.74 5.41
N MET L 217 40.27 -54.60 6.08
CA MET L 217 39.90 -53.34 5.44
C MET L 217 40.93 -52.90 4.41
N MET L 218 42.18 -52.81 4.85
CA MET L 218 43.25 -52.32 4.00
C MET L 218 43.40 -53.21 2.78
N GLU L 219 43.13 -54.50 2.97
CA GLU L 219 43.11 -55.40 1.83
C GLU L 219 41.87 -55.15 0.96
N ARG L 220 40.69 -55.18 1.59
CA ARG L 220 39.43 -55.17 0.86
C ARG L 220 39.26 -53.89 0.09
N SER L 221 39.47 -52.79 0.79
CA SER L 221 39.40 -51.53 0.15
C SER L 221 40.81 -51.38 -0.35
N HIS L 222 40.97 -51.57 -1.66
CA HIS L 222 42.30 -51.61 -2.26
C HIS L 222 42.75 -50.16 -2.32
N GLY L 223 42.05 -49.38 -3.12
CA GLY L 223 42.42 -47.99 -3.37
C GLY L 223 42.16 -47.06 -2.18
N LYS L 224 40.94 -47.09 -1.65
CA LYS L 224 40.47 -46.04 -0.74
C LYS L 224 41.16 -46.04 0.62
N ILE L 225 41.08 -44.89 1.29
CA ILE L 225 41.79 -44.64 2.54
C ILE L 225 41.15 -45.41 3.69
N CYS L 226 41.93 -45.73 4.72
CA CYS L 226 41.39 -46.43 5.89
C CYS L 226 41.94 -45.85 7.20
N SER L 227 41.14 -45.93 8.26
CA SER L 227 41.54 -45.40 9.55
C SER L 227 41.78 -46.50 10.58
N SER L 228 42.71 -46.27 11.49
CA SER L 228 43.06 -47.25 12.52
C SER L 228 42.31 -47.00 13.83
N SER L 229 41.36 -46.07 13.79
CA SER L 229 40.73 -45.50 14.98
C SER L 229 40.24 -46.53 16.02
N ASN L 230 39.47 -47.51 15.58
CA ASN L 230 38.95 -48.54 16.49
C ASN L 230 40.06 -49.33 17.16
N PHE L 231 41.10 -49.66 16.39
CA PHE L 231 42.29 -50.32 16.91
C PHE L 231 42.90 -49.50 18.05
N GLN L 232 43.20 -48.25 17.75
CA GLN L 232 43.78 -47.34 18.73
C GLN L 232 42.94 -47.26 19.98
N ALA L 233 41.62 -47.19 19.78
CA ALA L 233 40.68 -47.14 20.90
C ALA L 233 40.82 -48.38 21.78
N SER L 234 40.85 -49.54 21.14
CA SER L 234 40.96 -50.79 21.87
C SER L 234 42.27 -50.86 22.67
N LEU L 235 43.37 -50.43 22.05
CA LEU L 235 44.67 -50.43 22.71
C LEU L 235 44.64 -49.52 23.93
N LYS L 236 44.09 -48.32 23.72
CA LYS L 236 43.99 -47.32 24.79
C LYS L 236 43.16 -47.88 25.93
N SER L 237 42.15 -48.68 25.60
CA SER L 237 41.34 -49.34 26.60
C SER L 237 42.15 -50.40 27.32
N LEU L 238 43.06 -51.04 26.58
CA LEU L 238 43.88 -52.12 27.09
C LEU L 238 44.91 -51.64 28.12
N THR L 239 45.40 -50.42 27.95
CA THR L 239 46.49 -49.94 28.81
C THR L 239 46.03 -49.64 30.24
N ASP L 240 44.73 -49.75 30.49
CA ASP L 240 44.16 -49.45 31.80
C ASP L 240 44.72 -50.31 32.94
N LYS L 241 45.00 -51.58 32.64
CA LYS L 241 45.52 -52.52 33.62
C LYS L 241 46.79 -52.00 34.31
N LEU L 257 52.52 -58.20 31.83
CA LEU L 257 53.86 -57.80 32.28
C LEU L 257 54.52 -56.86 31.28
N GLU L 258 54.28 -57.10 29.99
CA GLU L 258 54.81 -56.26 28.91
C GLU L 258 54.07 -54.92 28.87
N SER L 259 52.79 -54.96 29.25
CA SER L 259 51.99 -53.74 29.32
C SER L 259 52.62 -52.77 30.30
N LEU L 260 53.19 -53.31 31.38
CA LEU L 260 53.92 -52.52 32.34
C LEU L 260 55.12 -51.86 31.69
N CYS L 261 55.75 -52.56 30.76
CA CYS L 261 56.90 -52.05 30.04
C CYS L 261 56.52 -50.89 29.13
N ILE L 262 55.53 -51.09 28.28
CA ILE L 262 55.10 -50.01 27.37
C ILE L 262 54.56 -48.82 28.16
N ARG L 263 53.91 -49.10 29.29
CA ARG L 263 53.43 -48.04 30.17
C ARG L 263 54.61 -47.28 30.78
N GLU L 264 55.67 -48.02 31.09
CA GLU L 264 56.88 -47.45 31.65
C GLU L 264 57.59 -46.55 30.65
N SER L 265 57.51 -46.92 29.37
CA SER L 265 58.15 -46.14 28.32
C SER L 265 57.47 -44.78 28.16
N ILE L 266 56.15 -44.79 28.07
CA ILE L 266 55.39 -43.56 27.89
C ILE L 266 55.31 -42.73 29.17
N GLU L 267 55.29 -41.41 29.01
CA GLU L 267 54.97 -40.48 30.10
C GLU L 267 54.32 -39.24 29.50
N ASP L 268 53.61 -38.49 30.34
CA ASP L 268 52.92 -37.29 29.89
C ASP L 268 53.90 -36.23 29.37
N SER L 271 52.64 -31.04 19.72
CA SER L 271 51.51 -31.95 19.67
C SER L 271 51.48 -32.81 20.93
N SER L 272 50.35 -33.49 21.16
CA SER L 272 50.22 -34.37 22.30
C SER L 272 51.22 -35.50 22.19
N GLU L 273 51.32 -36.09 21.01
CA GLU L 273 52.36 -37.09 20.77
C GLU L 273 53.17 -36.80 19.52
N SER L 274 54.42 -36.39 19.72
CA SER L 274 55.46 -36.51 18.72
C SER L 274 56.67 -36.96 19.52
N ILE L 275 57.17 -38.15 19.26
CA ILE L 275 58.15 -38.72 20.17
C ILE L 275 59.38 -39.33 19.52
N LYS L 276 60.52 -38.71 19.80
CA LYS L 276 61.82 -39.22 19.39
C LYS L 276 62.38 -40.16 20.44
N ARG L 277 61.74 -40.19 21.61
CA ARG L 277 62.14 -41.10 22.68
C ARG L 277 61.89 -42.44 22.01
N ASN L 278 62.52 -43.53 22.43
CA ASN L 278 62.24 -44.65 21.56
C ASN L 278 61.03 -45.42 22.01
N MET L 279 59.91 -44.91 21.53
CA MET L 279 58.57 -45.48 21.61
C MET L 279 58.33 -46.59 20.57
N PRO L 280 58.61 -46.33 19.27
CA PRO L 280 58.19 -47.28 18.24
C PRO L 280 58.72 -48.70 18.42
N GLN L 281 59.97 -48.83 18.84
CA GLN L 281 60.53 -50.12 19.19
C GLN L 281 59.69 -50.77 20.28
N LYS L 282 59.41 -50.01 21.34
CA LYS L 282 58.64 -50.51 22.47
C LYS L 282 57.26 -50.98 22.02
N PHE L 283 56.61 -50.18 21.18
CA PHE L 283 55.31 -50.53 20.64
C PHE L 283 55.40 -51.81 19.85
N ASN L 284 56.46 -51.94 19.05
CA ASN L 284 56.68 -53.13 18.25
C ASN L 284 56.71 -54.36 19.15
N ARG L 285 57.60 -54.33 20.14
CA ARG L 285 57.75 -55.44 21.08
C ARG L 285 56.44 -55.76 21.79
N PHE L 286 55.82 -54.73 22.35
CA PHE L 286 54.57 -54.86 23.08
C PHE L 286 53.49 -55.49 22.22
N LEU L 287 53.36 -54.98 21.00
CA LEU L 287 52.36 -55.47 20.06
C LEU L 287 52.59 -56.94 19.81
N LEU L 288 53.81 -57.30 19.44
CA LEU L 288 54.11 -58.68 19.11
C LEU L 288 53.78 -59.60 20.28
N SER L 289 54.37 -59.31 21.44
CA SER L 289 54.18 -60.14 22.62
C SER L 289 52.71 -60.27 23.01
N GLN L 290 52.01 -59.14 23.06
CA GLN L 290 50.60 -59.11 23.42
C GLN L 290 49.77 -59.93 22.42
N LEU L 291 50.06 -59.76 21.15
CA LEU L 291 49.34 -60.46 20.09
C LEU L 291 49.53 -61.97 20.19
N ILE L 292 50.74 -62.41 20.53
CA ILE L 292 50.98 -63.82 20.74
C ILE L 292 50.18 -64.29 21.97
N LYS L 293 50.24 -63.49 23.03
CA LYS L 293 49.49 -63.80 24.24
C LYS L 293 48.00 -63.97 23.94
N GLU L 294 47.50 -63.19 22.98
CA GLU L 294 46.10 -63.26 22.59
C GLU L 294 45.84 -64.45 21.66
N GLU L 295 46.82 -64.80 20.84
CA GLU L 295 46.64 -65.94 19.93
C GLU L 295 46.60 -67.20 20.78
N ALA L 296 47.12 -67.08 22.01
CA ALA L 296 46.96 -68.16 22.98
C ALA L 296 45.49 -68.29 23.37
N GLN L 297 44.84 -67.16 23.61
CA GLN L 297 43.47 -67.12 24.12
C GLN L 297 42.41 -67.52 23.09
N THR L 298 42.77 -67.53 21.81
CA THR L 298 41.81 -67.88 20.77
C THR L 298 41.43 -69.36 20.87
N VAL L 299 40.30 -69.72 20.27
CA VAL L 299 39.75 -71.07 20.37
C VAL L 299 40.73 -72.16 19.92
N ASN L 300 41.38 -71.96 18.79
CA ASN L 300 42.25 -72.98 18.22
C ASN L 300 43.61 -73.12 18.91
N HIS L 301 44.00 -72.11 19.67
CA HIS L 301 45.31 -72.09 20.34
C HIS L 301 46.42 -72.26 19.30
N ASN L 302 46.29 -71.54 18.20
CA ASN L 302 47.10 -71.73 17.00
C ASN L 302 48.61 -71.60 17.17
N ILE L 303 49.03 -70.66 18.03
CA ILE L 303 50.44 -70.35 18.32
C ILE L 303 51.32 -70.27 17.07
N THR L 304 50.73 -69.83 15.96
CA THR L 304 51.46 -69.72 14.71
C THR L 304 52.48 -68.59 14.81
N LEU L 305 52.09 -67.47 15.43
CA LEU L 305 52.98 -66.34 15.64
C LEU L 305 54.20 -66.72 16.48
N ASN L 306 53.93 -67.50 17.51
CA ASN L 306 54.96 -67.95 18.43
C ASN L 306 56.04 -68.75 17.69
N GLN L 307 55.62 -69.51 16.68
CA GLN L 307 56.56 -70.22 15.82
C GLN L 307 57.24 -69.29 14.80
N CYS L 308 56.46 -68.39 14.22
CA CYS L 308 56.94 -67.59 13.09
C CYS L 308 57.88 -66.47 13.51
N PHE L 309 57.49 -65.70 14.52
CA PHE L 309 58.32 -64.60 14.99
C PHE L 309 59.18 -65.03 16.17
N GLY L 310 58.92 -66.22 16.67
CA GLY L 310 59.58 -66.68 17.89
C GLY L 310 61.04 -67.00 17.72
N LEU L 311 61.87 -66.47 18.60
CA LEU L 311 63.27 -66.86 18.67
C LEU L 311 63.59 -67.24 20.10
N GLU L 312 64.08 -68.47 20.28
CA GLU L 312 64.43 -68.98 21.61
C GLU L 312 65.72 -68.35 22.09
N THR L 313 65.65 -67.64 23.21
CA THR L 313 66.82 -66.95 23.74
C THR L 313 67.29 -67.60 25.03
N GLU L 314 68.52 -68.12 25.00
CA GLU L 314 69.11 -68.80 26.14
C GLU L 314 70.15 -67.91 26.81
N ILE L 315 69.83 -67.51 28.04
CA ILE L 315 70.67 -66.61 28.81
C ILE L 315 71.33 -67.30 30.00
N ARG L 316 72.65 -67.20 30.03
CA ARG L 316 73.48 -67.78 31.09
C ARG L 316 74.10 -66.66 31.92
N THR L 317 73.94 -66.78 33.24
CA THR L 317 74.47 -65.79 34.17
C THR L 317 75.72 -66.32 34.85
N GLU L 318 76.77 -65.51 34.87
CA GLU L 318 77.99 -65.86 35.57
C GLU L 318 78.21 -64.80 36.63
N CYS L 319 78.33 -65.27 37.87
CA CYS L 319 78.35 -64.41 39.04
C CYS L 319 78.75 -65.19 40.28
N SER L 320 78.74 -64.48 41.42
CA SER L 320 79.17 -65.06 42.69
C SER L 320 78.08 -65.09 43.76
N CYS L 321 77.52 -63.92 44.07
CA CYS L 321 76.60 -63.76 45.22
C CYS L 321 75.58 -64.88 45.37
N ASP L 322 74.54 -64.87 44.56
CA ASP L 322 73.83 -66.10 44.36
C ASP L 322 74.58 -66.69 43.20
N HIS L 323 74.94 -67.97 43.25
CA HIS L 323 75.88 -68.46 42.25
C HIS L 323 75.37 -68.34 40.82
N TYR L 324 74.40 -69.17 40.46
CA TYR L 324 74.09 -69.36 39.04
C TYR L 324 72.61 -69.61 38.75
N ASP L 325 72.17 -69.04 37.63
CA ASP L 325 70.84 -69.26 37.10
C ASP L 325 70.91 -69.16 35.58
N THR L 326 70.19 -70.06 34.91
CA THR L 326 70.13 -70.07 33.47
C THR L 326 68.68 -70.07 33.05
N THR L 327 68.32 -69.18 32.12
CA THR L 327 66.93 -69.05 31.73
C THR L 327 66.80 -69.10 30.23
N VAL L 328 65.65 -69.54 29.75
CA VAL L 328 65.37 -69.52 28.32
C VAL L 328 63.99 -68.92 28.08
N LYS L 329 63.93 -67.92 27.22
CA LYS L 329 62.67 -67.26 26.94
C LYS L 329 62.47 -67.01 25.45
N LEU L 330 61.25 -67.19 25.01
CA LEU L 330 60.90 -66.99 23.61
C LEU L 330 60.63 -65.51 23.37
N LEU L 331 61.35 -64.90 22.44
CA LEU L 331 61.15 -63.48 22.18
C LEU L 331 60.75 -63.25 20.74
N PRO L 332 59.79 -62.34 20.52
CA PRO L 332 59.27 -61.99 19.20
C PRO L 332 60.26 -61.18 18.36
N SER L 333 60.98 -60.27 18.99
CA SER L 333 61.88 -59.36 18.29
C SER L 333 63.16 -59.15 19.08
N LEU L 334 64.24 -58.82 18.39
CA LEU L 334 65.51 -58.56 19.06
C LEU L 334 65.95 -57.11 18.89
N SER L 335 66.43 -56.53 19.98
CA SER L 335 66.91 -55.15 19.95
C SER L 335 68.43 -55.15 19.78
N ILE L 336 68.90 -54.39 18.81
CA ILE L 336 70.32 -54.40 18.44
C ILE L 336 71.03 -53.18 19.02
N SER L 337 72.27 -53.38 19.44
CA SER L 337 73.09 -52.26 19.89
C SER L 337 74.48 -52.27 19.24
N GLY L 338 75.28 -51.27 19.61
CA GLY L 338 76.61 -51.13 19.06
C GLY L 338 77.66 -52.14 19.49
N ILE L 339 78.41 -52.64 18.51
CA ILE L 339 79.60 -53.44 18.74
C ILE L 339 80.84 -52.56 18.65
N ASN L 340 81.62 -52.57 19.72
CA ASN L 340 82.87 -51.80 19.80
C ASN L 340 83.71 -51.96 18.53
N LYS L 341 83.70 -53.16 17.95
CA LYS L 341 84.44 -53.42 16.72
C LYS L 341 83.83 -52.64 15.56
N GLN L 354 81.21 -53.24 8.36
CA GLN L 354 80.88 -52.59 7.09
C GLN L 354 79.38 -52.52 6.87
N ASN L 355 78.68 -53.58 7.26
CA ASN L 355 77.24 -53.65 7.06
C ASN L 355 76.46 -54.15 8.28
N ILE L 356 75.16 -54.33 8.10
CA ILE L 356 74.21 -54.68 9.17
C ILE L 356 74.40 -56.09 9.76
N LEU L 357 74.80 -57.04 8.91
CA LEU L 357 74.84 -58.46 9.29
C LEU L 357 75.59 -58.71 10.62
N PRO L 358 76.81 -58.15 10.79
CA PRO L 358 77.48 -58.33 12.07
C PRO L 358 76.65 -57.84 13.25
N TYR L 359 75.95 -56.72 13.07
CA TYR L 359 75.00 -56.23 14.07
C TYR L 359 73.97 -57.29 14.41
N ILE L 360 73.35 -57.89 13.39
CA ILE L 360 72.37 -58.94 13.67
C ILE L 360 72.99 -60.12 14.43
N GLU L 361 74.13 -60.62 13.94
CA GLU L 361 74.80 -61.75 14.56
C GLU L 361 75.11 -61.49 16.03
N TYR L 362 75.72 -60.35 16.30
CA TYR L 362 76.07 -59.96 17.65
C TYR L 362 74.81 -59.81 18.50
N ALA L 363 73.74 -59.31 17.90
CA ALA L 363 72.47 -59.19 18.61
C ALA L 363 71.93 -60.55 19.02
N MET L 364 72.11 -61.54 18.16
CA MET L 364 71.58 -62.87 18.42
C MET L 364 72.42 -63.62 19.44
N LYS L 365 73.73 -63.39 19.42
CA LYS L 365 74.62 -63.95 20.44
C LYS L 365 75.51 -62.85 20.98
N ASN L 366 75.32 -62.50 22.25
CA ASN L 366 76.11 -61.45 22.87
C ASN L 366 76.33 -61.64 24.36
N VAL L 367 77.50 -61.19 24.82
CA VAL L 367 77.80 -61.22 26.23
C VAL L 367 77.99 -59.78 26.71
N THR L 368 77.21 -59.39 27.72
CA THR L 368 77.30 -58.05 28.27
C THR L 368 77.52 -58.16 29.77
N GLN L 369 78.16 -57.16 30.35
CA GLN L 369 78.45 -57.18 31.77
C GLN L 369 77.69 -56.08 32.47
N LYS L 370 76.76 -56.48 33.32
CA LYS L 370 75.92 -55.52 34.01
C LYS L 370 76.02 -55.68 35.52
N ASN L 371 75.94 -54.57 36.23
CA ASN L 371 75.87 -54.62 37.67
C ASN L 371 74.42 -54.83 38.06
N SER L 372 74.16 -55.96 38.71
CA SER L 372 72.83 -56.30 39.16
C SER L 372 72.91 -56.56 40.64
N ILE L 373 71.79 -56.40 41.34
CA ILE L 373 71.80 -56.86 42.70
C ILE L 373 71.37 -58.29 42.56
N CYS L 374 72.33 -59.16 42.85
CA CYS L 374 72.22 -60.58 42.55
C CYS L 374 71.13 -61.16 43.41
N PRO L 375 70.35 -62.11 42.86
CA PRO L 375 69.06 -62.48 43.45
C PRO L 375 69.10 -62.77 44.95
N THR L 376 68.01 -62.40 45.61
CA THR L 376 67.82 -62.51 47.05
C THR L 376 68.77 -61.64 47.89
N CYS L 377 69.32 -62.23 48.95
CA CYS L 377 70.25 -61.55 49.87
C CYS L 377 71.73 -61.91 49.74
N GLY L 378 72.11 -62.67 48.71
CA GLY L 378 73.45 -63.20 48.64
C GLY L 378 74.58 -62.18 48.65
N LYS L 379 74.53 -61.21 47.74
CA LYS L 379 75.47 -60.08 47.68
C LYS L 379 75.16 -59.23 46.45
N THR L 380 75.79 -58.07 46.36
CA THR L 380 75.70 -57.27 45.14
C THR L 380 77.08 -56.97 44.55
N GLU L 381 77.27 -57.39 43.30
CA GLU L 381 78.53 -57.24 42.59
C GLU L 381 78.27 -57.25 41.08
N THR L 382 79.26 -56.79 40.32
CA THR L 382 79.17 -56.82 38.86
C THR L 382 79.06 -58.25 38.34
N ILE L 383 78.05 -58.50 37.52
CA ILE L 383 77.81 -59.84 37.01
C ILE L 383 77.85 -59.85 35.48
N THR L 384 78.20 -60.98 34.89
CA THR L 384 78.24 -61.03 33.43
C THR L 384 77.16 -61.96 32.90
N GLN L 385 76.37 -61.47 31.96
CA GLN L 385 75.32 -62.28 31.36
C GLN L 385 75.58 -62.48 29.88
N GLU L 386 75.43 -63.72 29.42
CA GLU L 386 75.63 -64.03 28.01
C GLU L 386 74.41 -64.74 27.43
N CYS L 387 73.83 -64.15 26.39
CA CYS L 387 72.64 -64.73 25.78
C CYS L 387 72.87 -65.08 24.31
N THR L 388 72.46 -66.29 23.95
CA THR L 388 72.56 -66.76 22.56
C THR L 388 71.23 -67.38 22.16
N VAL L 389 70.87 -67.24 20.89
CA VAL L 389 69.58 -67.79 20.44
C VAL L 389 69.75 -69.08 19.64
N LYS L 390 68.90 -70.05 19.93
CA LYS L 390 69.01 -71.38 19.36
C LYS L 390 68.47 -71.48 17.93
N ASN L 391 67.37 -70.79 17.67
CA ASN L 391 66.64 -71.01 16.41
C ASN L 391 66.54 -69.78 15.53
N LEU L 392 66.31 -70.01 14.25
CA LEU L 392 66.09 -68.94 13.28
C LEU L 392 64.64 -68.93 12.81
N PRO L 393 63.89 -67.88 13.18
CA PRO L 393 62.46 -67.78 12.90
C PRO L 393 62.16 -67.66 11.41
N SER L 394 60.92 -67.89 11.02
CA SER L 394 60.51 -67.69 9.63
C SER L 394 60.59 -66.21 9.29
N VAL L 395 60.23 -65.38 10.25
CA VAL L 395 60.32 -63.94 10.10
C VAL L 395 60.93 -63.33 11.36
N LEU L 396 61.90 -62.43 11.20
CA LEU L 396 62.53 -61.81 12.35
C LEU L 396 62.43 -60.29 12.30
N SER L 397 62.28 -59.72 13.49
CA SER L 397 62.08 -58.29 13.67
C SER L 397 63.26 -57.64 14.38
N LEU L 398 63.74 -56.55 13.80
CA LEU L 398 64.91 -55.83 14.28
C LEU L 398 64.50 -54.47 14.81
N GLU L 399 64.81 -54.23 16.08
CA GLU L 399 64.56 -52.92 16.67
C GLU L 399 65.89 -52.22 16.81
N LEU L 400 66.06 -51.10 16.11
CA LEU L 400 67.36 -50.45 16.10
C LEU L 400 67.44 -49.37 17.16
N SER L 401 68.21 -49.64 18.20
CA SER L 401 68.55 -48.63 19.19
C SER L 401 70.06 -48.46 19.23
N LEU L 402 70.53 -47.32 18.74
CA LEU L 402 71.97 -47.07 18.63
C LEU L 402 72.30 -45.66 19.11
N LEU L 403 73.55 -45.49 19.54
CA LEU L 403 74.08 -44.16 19.77
C LEU L 403 74.18 -43.46 18.42
N ASP L 404 73.78 -42.19 18.37
CA ASP L 404 73.60 -41.47 17.11
C ASP L 404 74.85 -41.42 16.24
N THR L 405 76.02 -41.46 16.87
CA THR L 405 77.29 -41.51 16.15
C THR L 405 77.35 -42.74 15.25
N GLU L 406 76.85 -43.86 15.76
CA GLU L 406 76.79 -45.11 15.00
C GLU L 406 75.92 -44.91 13.76
N PHE L 407 74.86 -44.13 13.93
CA PHE L 407 73.98 -43.77 12.82
C PHE L 407 74.74 -42.96 11.77
N SER L 408 75.58 -42.04 12.25
CA SER L 408 76.43 -41.28 11.35
C SER L 408 77.28 -42.25 10.54
N ASN L 409 77.91 -43.19 11.24
CA ASN L 409 78.78 -44.17 10.60
C ASN L 409 78.06 -45.04 9.57
N ILE L 410 76.82 -45.43 9.84
CA ILE L 410 76.08 -46.23 8.87
C ILE L 410 75.71 -45.36 7.66
N ARG L 411 75.33 -44.10 7.90
CA ARG L 411 75.01 -43.20 6.80
C ARG L 411 76.22 -42.97 5.89
N SER L 412 77.40 -42.95 6.49
CA SER L 412 78.65 -42.81 5.74
C SER L 412 78.89 -44.00 4.82
N SER L 413 78.60 -45.19 5.32
CA SER L 413 78.86 -46.43 4.60
C SER L 413 77.90 -46.64 3.43
N LYS L 414 78.31 -47.46 2.48
CA LYS L 414 77.50 -47.77 1.30
C LYS L 414 76.79 -49.11 1.46
N ASN L 415 75.53 -49.16 1.03
CA ASN L 415 74.71 -50.37 1.12
C ASN L 415 74.75 -51.05 2.48
N TRP L 416 74.70 -50.26 3.55
CA TRP L 416 74.78 -50.77 4.91
C TRP L 416 73.71 -51.83 5.19
N LEU L 417 72.53 -51.62 4.63
CA LEU L 417 71.45 -52.60 4.74
C LEU L 417 71.52 -53.60 3.59
N THR L 418 71.47 -54.88 3.94
CA THR L 418 71.61 -55.95 2.96
C THR L 418 70.25 -56.39 2.42
N SER L 419 70.11 -56.41 1.10
CA SER L 419 68.86 -56.82 0.47
C SER L 419 68.45 -58.24 0.88
N GLU L 420 69.38 -59.17 0.77
CA GLU L 420 69.14 -60.56 1.15
C GLU L 420 70.44 -61.16 1.69
N PHE L 421 70.31 -62.16 2.57
CA PHE L 421 71.47 -62.85 3.10
C PHE L 421 71.15 -64.29 3.48
N TYR L 422 72.18 -65.11 3.59
CA TYR L 422 71.99 -66.50 3.95
C TYR L 422 72.56 -66.73 5.34
N GLY L 423 71.88 -67.53 6.16
CA GLY L 423 72.35 -67.76 7.51
C GLY L 423 71.96 -69.10 8.07
N SER L 424 72.76 -69.57 9.03
CA SER L 424 72.54 -70.84 9.70
C SER L 424 73.24 -70.85 11.04
N ILE L 425 72.94 -71.83 11.89
CA ILE L 425 73.60 -71.91 13.17
C ILE L 425 74.70 -72.97 13.16
N ILE L 426 75.85 -72.60 13.71
CA ILE L 426 76.96 -73.52 13.92
C ILE L 426 77.54 -73.21 15.30
N LYS L 427 78.16 -74.21 15.94
CA LYS L 427 78.47 -74.13 17.36
C LYS L 427 77.16 -73.88 18.09
N ASN L 428 77.18 -72.99 19.07
CA ASN L 428 75.96 -72.49 19.67
C ASN L 428 75.58 -71.14 19.08
N LYS L 429 76.38 -70.71 18.10
CA LYS L 429 76.29 -69.36 17.53
C LYS L 429 75.53 -69.33 16.21
N ALA L 430 74.81 -68.25 15.97
CA ALA L 430 74.11 -68.07 14.70
C ALA L 430 74.94 -67.21 13.77
N VAL L 431 75.45 -67.81 12.69
CA VAL L 431 76.23 -67.05 11.72
C VAL L 431 75.42 -66.79 10.46
N LEU L 432 75.44 -65.54 10.00
CA LEU L 432 74.74 -65.14 8.78
C LEU L 432 75.62 -64.24 7.94
N ARG L 433 75.81 -64.63 6.67
CA ARG L 433 76.67 -63.90 5.77
C ARG L 433 76.00 -63.74 4.41
N SER L 434 76.56 -62.86 3.58
CA SER L 434 75.86 -62.38 2.39
C SER L 434 75.70 -63.40 1.28
N THR L 435 76.49 -64.45 1.30
CA THR L 435 76.42 -65.44 0.23
C THR L 435 76.43 -66.86 0.79
N ALA L 436 75.74 -67.75 0.09
CA ALA L 436 75.60 -69.14 0.52
C ALA L 436 76.97 -69.78 0.72
N SER L 437 77.86 -69.59 -0.24
CA SER L 437 79.19 -70.16 -0.19
C SER L 437 80.01 -69.64 0.99
N GLU L 438 79.73 -68.42 1.41
CA GLU L 438 80.51 -67.79 2.48
C GLU L 438 80.42 -68.58 3.78
N LEU L 439 79.37 -69.38 3.93
CA LEU L 439 79.25 -70.27 5.06
C LEU L 439 79.15 -71.70 4.58
N LYS L 440 79.81 -72.62 5.28
CA LYS L 440 79.77 -74.02 4.91
C LYS L 440 79.42 -74.87 6.13
N GLY L 441 78.65 -75.92 5.94
CA GLY L 441 78.18 -76.72 7.05
C GLY L 441 77.13 -77.76 6.76
N THR L 442 77.00 -78.70 7.69
CA THR L 442 76.10 -79.85 7.56
C THR L 442 74.63 -79.51 7.74
N SER L 443 74.35 -78.35 8.31
CA SER L 443 72.97 -78.01 8.69
C SER L 443 72.25 -77.24 7.60
N HIS L 444 70.94 -77.50 7.46
CA HIS L 444 70.06 -76.77 6.56
C HIS L 444 70.29 -75.27 6.68
N ILE L 445 70.47 -74.61 5.54
CA ILE L 445 70.79 -73.19 5.52
C ILE L 445 69.52 -72.41 5.19
N PHE L 446 69.36 -71.25 5.82
CA PHE L 446 68.13 -70.46 5.64
C PHE L 446 68.37 -69.17 4.86
N LYS L 447 67.50 -68.91 3.90
CA LYS L 447 67.58 -67.69 3.09
C LYS L 447 66.66 -66.60 3.61
N TYR L 448 67.23 -65.47 3.99
CA TYR L 448 66.43 -64.35 4.48
C TYR L 448 66.45 -63.16 3.52
N GLU L 449 65.27 -62.66 3.18
CA GLU L 449 65.12 -61.50 2.31
C GLU L 449 64.51 -60.33 3.09
N LEU L 450 64.74 -59.11 2.64
CA LEU L 450 64.17 -57.96 3.32
C LEU L 450 62.71 -57.83 2.97
N ASN L 451 61.85 -57.96 3.98
CA ASN L 451 60.42 -57.80 3.76
C ASN L 451 60.08 -56.33 3.74
N GLY L 452 60.62 -55.57 4.70
CA GLY L 452 60.36 -54.14 4.73
C GLY L 452 61.00 -53.47 5.91
N TYR L 453 60.92 -52.14 6.00
CA TYR L 453 61.37 -51.47 7.21
C TYR L 453 60.70 -50.11 7.42
N VAL L 454 60.58 -49.70 8.67
CA VAL L 454 60.02 -48.40 9.02
C VAL L 454 61.14 -47.48 9.48
N ALA L 455 61.18 -46.29 8.87
CA ALA L 455 62.25 -45.34 9.13
C ALA L 455 61.73 -44.02 9.67
N LYS L 456 62.41 -43.50 10.67
CA LYS L 456 62.12 -42.17 11.19
C LYS L 456 62.83 -41.12 10.35
N ILE L 457 62.10 -40.05 10.02
CA ILE L 457 62.64 -38.95 9.25
C ILE L 457 62.52 -37.64 10.00
N THR L 458 63.62 -36.90 10.03
CA THR L 458 63.67 -35.57 10.61
C THR L 458 63.92 -34.56 9.50
N ASP L 459 62.92 -33.74 9.23
CA ASP L 459 63.00 -32.80 8.13
C ASP L 459 63.82 -31.57 8.49
N ASN L 460 63.98 -30.67 7.52
CA ASN L 460 64.77 -29.47 7.73
C ASN L 460 64.24 -28.57 8.84
N ASN L 461 62.94 -28.64 9.10
CA ASN L 461 62.32 -27.89 10.19
C ASN L 461 62.53 -28.58 11.55
N ASN L 462 63.18 -29.73 11.52
CA ASN L 462 63.44 -30.56 12.70
C ASN L 462 62.17 -31.14 13.29
N GLU L 463 61.14 -31.26 12.46
CA GLU L 463 59.95 -31.99 12.82
C GLU L 463 60.22 -33.48 12.64
N THR L 464 59.47 -34.33 13.33
CA THR L 464 59.72 -35.76 13.28
C THR L 464 58.52 -36.52 12.72
N ARG L 465 58.76 -37.37 11.73
CA ARG L 465 57.72 -38.21 11.15
C ARG L 465 58.23 -39.64 10.94
N LEU L 466 57.33 -40.58 10.71
CA LEU L 466 57.71 -41.95 10.42
C LEU L 466 57.18 -42.37 9.06
N VAL L 467 57.93 -43.22 8.36
CA VAL L 467 57.53 -43.63 7.02
C VAL L 467 57.81 -45.12 6.84
N THR L 468 57.07 -45.79 5.96
CA THR L 468 57.24 -47.23 5.79
C THR L 468 57.68 -47.62 4.39
N TYR L 469 58.75 -48.38 4.31
CA TYR L 469 59.17 -48.98 3.05
C TYR L 469 58.80 -50.44 3.07
N VAL L 470 58.24 -50.94 1.97
CA VAL L 470 57.86 -52.34 1.93
C VAL L 470 58.02 -52.90 0.51
N LYS L 471 58.13 -54.22 0.42
CA LYS L 471 58.28 -54.87 -0.87
C LYS L 471 57.25 -55.98 -1.03
N LYS L 472 56.59 -56.02 -2.18
CA LYS L 472 55.59 -57.05 -2.43
C LYS L 472 55.90 -57.88 -3.67
N TYR L 473 55.58 -59.17 -3.58
CA TYR L 473 55.76 -60.11 -4.67
C TYR L 473 54.67 -59.95 -5.73
N ASN L 474 55.09 -59.94 -6.98
CA ASN L 474 54.19 -60.10 -8.11
C ASN L 474 54.48 -61.46 -8.72
N PRO L 475 53.52 -62.38 -8.60
CA PRO L 475 53.65 -63.78 -9.02
C PRO L 475 53.96 -63.90 -10.49
N LYS L 476 53.25 -63.13 -11.33
CA LYS L 476 53.59 -63.07 -12.74
C LYS L 476 54.84 -62.22 -12.89
N GLU L 477 55.67 -62.60 -13.86
CA GLU L 477 56.96 -61.97 -14.13
C GLU L 477 57.96 -62.28 -13.01
N ASN L 478 57.47 -62.92 -11.95
CA ASN L 478 58.28 -63.30 -10.80
C ASN L 478 59.07 -62.11 -10.26
N CYS L 479 58.38 -61.01 -9.98
CA CYS L 479 59.07 -59.76 -9.71
C CYS L 479 58.77 -59.20 -8.32
N PHE L 480 59.61 -58.29 -7.86
CA PHE L 480 59.37 -57.61 -6.60
C PHE L 480 59.13 -56.13 -6.86
N LYS L 481 58.16 -55.54 -6.17
CA LYS L 481 57.91 -54.11 -6.29
C LYS L 481 58.07 -53.43 -4.95
N TRP L 482 58.61 -52.21 -4.96
CA TRP L 482 58.85 -51.47 -3.74
C TRP L 482 57.88 -50.29 -3.58
N LEU L 483 57.37 -50.14 -2.36
CA LEU L 483 56.41 -49.08 -2.07
C LEU L 483 56.78 -48.30 -0.82
N MET L 484 56.44 -47.01 -0.85
CA MET L 484 56.58 -46.13 0.30
C MET L 484 55.22 -45.65 0.80
N PHE L 485 55.01 -45.74 2.11
CA PHE L 485 53.79 -45.27 2.74
C PHE L 485 54.13 -44.16 3.73
N ASN L 486 53.75 -42.94 3.41
CA ASN L 486 53.73 -41.87 4.39
C ASN L 486 52.29 -41.42 4.57
N ASP L 487 51.69 -41.78 5.70
CA ASP L 487 50.28 -41.50 5.98
C ASP L 487 49.39 -41.98 4.85
N TYR L 488 48.69 -41.07 4.18
CA TYR L 488 47.78 -41.45 3.09
C TYR L 488 48.46 -41.39 1.73
N LEU L 489 49.76 -41.16 1.73
CA LEU L 489 50.53 -41.10 0.50
C LEU L 489 51.27 -42.42 0.23
N VAL L 490 51.06 -42.98 -0.96
CA VAL L 490 51.72 -44.21 -1.35
C VAL L 490 52.45 -44.05 -2.67
N VAL L 491 53.71 -44.45 -2.74
CA VAL L 491 54.48 -44.29 -3.97
C VAL L 491 55.27 -45.54 -4.36
N GLU L 492 55.14 -45.95 -5.61
CA GLU L 492 55.98 -47.03 -6.13
C GLU L 492 57.36 -46.47 -6.45
N ILE L 493 58.39 -47.10 -5.90
CA ILE L 493 59.74 -46.55 -5.96
C ILE L 493 60.79 -47.57 -6.40
N THR L 494 61.94 -47.07 -6.86
CA THR L 494 63.05 -47.91 -7.30
C THR L 494 63.86 -48.49 -6.14
N GLU L 495 64.48 -49.65 -6.38
CA GLU L 495 65.20 -50.40 -5.36
C GLU L 495 66.34 -49.59 -4.72
N GLU L 496 67.15 -48.97 -5.56
CA GLU L 496 68.32 -48.22 -5.10
C GLU L 496 67.91 -47.15 -4.11
N GLU L 497 66.81 -46.48 -4.40
CA GLU L 497 66.28 -45.44 -3.52
C GLU L 497 65.77 -46.06 -2.22
N ALA L 498 65.17 -47.23 -2.32
CA ALA L 498 64.62 -47.92 -1.16
C ALA L 498 65.72 -48.29 -0.18
N LEU L 499 66.85 -48.73 -0.71
CA LEU L 499 67.92 -49.25 0.12
C LEU L 499 68.88 -48.17 0.65
N LYS L 500 68.82 -46.97 0.09
CA LYS L 500 69.78 -45.92 0.46
C LYS L 500 69.73 -45.46 1.91
N MET L 501 70.88 -45.53 2.58
CA MET L 501 71.05 -44.96 3.92
C MET L 501 71.76 -43.63 3.87
N THR L 502 72.14 -43.21 2.67
CA THR L 502 73.01 -42.06 2.47
C THR L 502 72.42 -40.75 2.98
N TYR L 503 71.11 -40.61 2.89
CA TYR L 503 70.43 -39.38 3.30
C TYR L 503 70.56 -39.11 4.80
N PRO L 504 70.90 -37.87 5.17
CA PRO L 504 71.10 -37.47 6.57
C PRO L 504 69.80 -37.42 7.35
N TRP L 505 68.70 -37.12 6.65
CA TRP L 505 67.39 -37.04 7.28
C TRP L 505 66.80 -38.43 7.54
N LYS L 506 67.10 -39.38 6.66
CA LYS L 506 66.61 -40.74 6.83
C LYS L 506 67.35 -41.46 7.95
N THR L 507 66.59 -42.04 8.88
CA THR L 507 67.21 -42.90 9.89
C THR L 507 66.38 -44.16 9.98
N PRO L 508 67.05 -45.32 10.04
CA PRO L 508 66.28 -46.57 10.20
C PRO L 508 65.79 -46.74 11.62
N GLU L 509 64.59 -47.30 11.78
CA GLU L 509 64.05 -47.56 13.11
C GLU L 509 63.79 -49.05 13.32
N ILE L 510 62.92 -49.60 12.49
CA ILE L 510 62.53 -50.99 12.63
C ILE L 510 62.74 -51.71 11.30
N ILE L 511 63.31 -52.91 11.34
CA ILE L 511 63.57 -53.65 10.12
C ILE L 511 62.98 -55.05 10.19
N ILE L 512 62.23 -55.43 9.15
CA ILE L 512 61.58 -56.73 9.14
C ILE L 512 62.10 -57.60 8.00
N TYR L 513 62.65 -58.75 8.41
CA TYR L 513 63.26 -59.72 7.50
C TYR L 513 62.41 -60.99 7.47
N CYS L 514 62.30 -61.59 6.30
CA CYS L 514 61.49 -62.80 6.16
C CYS L 514 62.20 -63.85 5.31
N ASP L 515 61.78 -65.10 5.45
CA ASP L 515 62.37 -66.19 4.66
C ASP L 515 61.91 -66.04 3.21
N ALA L 516 62.86 -66.19 2.28
CA ALA L 516 62.62 -65.94 0.86
C ALA L 516 61.50 -66.82 0.29
N GLU L 517 61.63 -68.13 0.49
CA GLU L 517 60.63 -69.07 0.03
C GLU L 517 59.30 -68.80 0.72
N GLU L 518 59.39 -68.45 1.99
CA GLU L 518 58.21 -68.21 2.83
C GLU L 518 57.51 -66.91 2.42
N LEU L 519 58.31 -65.92 2.03
CA LEU L 519 57.79 -64.59 1.66
C LEU L 519 56.96 -64.61 0.38
N ARG L 520 57.40 -65.37 -0.61
CA ARG L 520 56.79 -65.37 -1.93
C ARG L 520 55.42 -66.03 -1.99
N LYS L 521 54.98 -66.60 -0.88
CA LYS L 521 53.64 -67.17 -0.81
C LYS L 521 52.62 -66.06 -0.99
N PRO L 522 51.49 -66.36 -1.65
CA PRO L 522 50.51 -65.32 -1.98
C PRO L 522 49.71 -64.84 -0.78
N PHE L 523 49.11 -63.66 -0.89
CA PHE L 523 48.25 -63.14 0.17
C PHE L 523 46.84 -63.69 0.02
N PHE L 524 46.22 -64.02 1.15
CA PHE L 524 44.88 -64.59 1.14
C PHE L 524 43.89 -63.85 2.04
N SER L 525 42.82 -63.35 1.45
CA SER L 525 41.73 -62.73 2.19
C SER L 525 40.90 -63.79 2.90
N VAL L 526 40.14 -63.38 3.92
CA VAL L 526 39.35 -64.32 4.73
C VAL L 526 38.29 -65.06 3.91
N ASP L 527 37.97 -64.52 2.73
CA ASP L 527 36.90 -65.06 1.89
C ASP L 527 37.09 -66.53 1.52
N THR L 528 38.33 -66.98 1.45
CA THR L 528 38.61 -68.38 1.12
C THR L 528 38.13 -69.33 2.21
N TYR L 529 38.24 -68.88 3.47
CA TYR L 529 37.80 -69.66 4.62
C TYR L 529 36.29 -69.57 4.81
N SER L 530 35.71 -70.61 5.41
CA SER L 530 34.30 -70.57 5.78
C SER L 530 34.14 -69.77 7.07
N ILE L 531 33.14 -68.91 7.10
CA ILE L 531 33.01 -67.93 8.19
C ILE L 531 31.81 -68.21 9.08
N ASN L 532 31.98 -68.02 10.38
CA ASN L 532 30.88 -68.21 11.31
C ASN L 532 29.94 -67.00 11.33
N TYR L 533 28.69 -67.22 10.94
CA TYR L 533 27.71 -66.15 10.89
C TYR L 533 26.77 -66.14 12.09
N ASP L 534 27.02 -67.06 13.02
CA ASP L 534 26.09 -67.36 14.12
C ASP L 534 25.71 -66.11 14.91
N ILE L 535 26.66 -65.19 15.09
CA ILE L 535 26.44 -64.01 15.91
C ILE L 535 25.31 -63.13 15.36
N LEU L 536 25.07 -63.23 14.06
CA LEU L 536 23.94 -62.54 13.44
C LEU L 536 22.61 -63.11 13.93
N PHE L 537 22.53 -64.43 13.97
CA PHE L 537 21.26 -65.11 14.24
C PHE L 537 20.96 -65.25 15.73
N ARG L 538 21.97 -65.04 16.57
CA ARG L 538 21.79 -65.21 18.02
C ARG L 538 22.21 -63.97 18.79
N ASP L 539 22.17 -64.07 20.11
CA ASP L 539 22.52 -62.94 20.97
C ASP L 539 23.69 -63.21 21.90
N TYR L 540 24.64 -62.29 21.88
CA TYR L 540 25.68 -62.23 22.90
C TYR L 540 25.56 -60.85 23.52
N PHE L 541 25.08 -60.78 24.76
CA PHE L 541 24.86 -59.49 25.40
C PHE L 541 25.37 -59.40 26.84
N ALA L 542 25.93 -58.25 27.17
CA ALA L 542 26.35 -57.96 28.54
C ALA L 542 25.24 -57.17 29.24
N ASN L 543 24.87 -57.60 30.44
CA ASN L 543 23.79 -56.95 31.17
C ASN L 543 24.18 -55.53 31.59
N ALA L 549 10.72 -60.34 25.62
CA ALA L 549 11.14 -61.21 24.53
C ALA L 549 10.75 -60.61 23.18
N ARG L 550 9.46 -60.63 22.89
CA ARG L 550 8.92 -60.26 21.58
C ARG L 550 9.13 -58.79 21.22
N ARG L 551 9.23 -57.94 22.24
CA ARG L 551 9.26 -56.49 22.03
C ARG L 551 10.49 -56.03 21.25
N GLU L 552 10.38 -54.86 20.64
CA GLU L 552 11.45 -54.24 19.84
C GLU L 552 11.90 -55.08 18.65
N TYR L 553 13.21 -55.27 18.53
CA TYR L 553 13.78 -55.97 17.38
C TYR L 553 13.32 -57.43 17.26
N LYS L 554 13.44 -57.96 16.06
CA LYS L 554 13.12 -59.36 15.79
C LYS L 554 14.36 -60.05 15.21
N LEU L 555 14.84 -61.06 15.91
CA LEU L 555 16.04 -61.78 15.49
C LEU L 555 15.84 -62.50 14.17
N LEU L 556 16.94 -62.75 13.47
CA LEU L 556 16.89 -63.44 12.20
C LEU L 556 16.62 -64.91 12.41
N THR L 557 16.11 -65.57 11.38
CA THR L 557 16.00 -67.02 11.38
C THR L 557 16.81 -67.53 10.19
N HIS L 558 17.06 -68.82 10.14
CA HIS L 558 17.81 -69.37 9.02
C HIS L 558 16.97 -69.37 7.75
N ASP L 559 15.66 -69.19 7.90
CA ASP L 559 14.78 -69.08 6.74
C ASP L 559 15.12 -67.80 5.96
N GLU L 560 15.12 -66.67 6.66
CA GLU L 560 15.59 -65.45 6.02
C GLU L 560 17.11 -65.43 6.18
N ALA L 561 17.79 -65.62 5.06
CA ALA L 561 19.24 -65.69 5.02
C ALA L 561 19.84 -64.56 4.22
N PRO L 562 20.44 -63.57 4.92
CA PRO L 562 21.07 -62.47 4.20
C PRO L 562 22.13 -63.00 3.23
N LYS L 563 22.08 -62.50 2.01
CA LYS L 563 22.93 -63.00 0.93
C LYS L 563 23.33 -61.88 0.00
N SER L 564 23.94 -62.25 -1.12
CA SER L 564 24.48 -61.28 -2.08
C SER L 564 23.48 -60.23 -2.54
N GLY L 565 22.21 -60.61 -2.66
CA GLY L 565 21.19 -59.70 -3.17
C GLY L 565 20.35 -58.94 -2.16
N THR L 566 20.30 -59.41 -0.92
CA THR L 566 19.42 -58.85 0.09
C THR L 566 19.68 -57.39 0.40
N LEU L 567 18.64 -56.67 0.79
CA LEU L 567 18.74 -55.25 1.13
C LEU L 567 18.36 -55.03 2.60
N VAL L 568 19.16 -54.24 3.29
CA VAL L 568 18.87 -53.89 4.69
C VAL L 568 19.04 -52.40 4.91
N ALA L 569 18.51 -51.90 6.02
CA ALA L 569 18.61 -50.49 6.35
C ALA L 569 19.40 -50.33 7.64
N ILE L 570 20.08 -49.19 7.77
CA ILE L 570 20.98 -48.96 8.89
C ILE L 570 21.08 -47.48 9.27
N ASP L 571 21.27 -47.24 10.56
CA ASP L 571 21.69 -45.92 11.00
C ASP L 571 22.45 -46.05 12.31
N ALA L 572 23.30 -45.08 12.57
CA ALA L 572 24.14 -45.11 13.77
C ALA L 572 24.11 -43.75 14.43
N GLU L 573 24.38 -43.75 15.74
CA GLU L 573 24.37 -42.52 16.52
C GLU L 573 25.62 -42.45 17.39
N PHE L 574 26.17 -41.25 17.52
CA PHE L 574 27.47 -41.08 18.14
C PHE L 574 27.46 -40.15 19.35
N VAL L 575 28.49 -40.28 20.17
CA VAL L 575 28.72 -39.37 21.29
C VAL L 575 30.14 -38.83 21.18
N SER L 576 30.32 -37.54 21.45
CA SER L 576 31.63 -36.94 21.31
C SER L 576 32.50 -37.17 22.54
N LEU L 577 33.65 -37.82 22.34
CA LEU L 577 34.59 -38.06 23.42
C LEU L 577 35.50 -36.84 23.59
N GLN L 578 35.65 -36.07 22.52
CA GLN L 578 36.49 -34.88 22.51
C GLN L 578 35.93 -33.85 21.54
N SER L 579 36.17 -32.58 21.83
CA SER L 579 35.76 -31.49 20.97
C SER L 579 36.91 -30.98 20.13
N GLU L 580 36.64 -30.59 18.89
CA GLU L 580 37.66 -29.99 18.04
C GLU L 580 38.01 -28.65 18.66
N LEU L 581 39.28 -28.38 18.86
CA LEU L 581 39.61 -27.16 19.57
C LEU L 581 40.47 -26.32 18.65
N CYS L 582 40.07 -25.07 18.43
CA CYS L 582 40.81 -24.28 17.47
C CYS L 582 41.48 -23.12 18.15
N GLU L 583 42.57 -22.69 17.55
CA GLU L 583 43.24 -21.50 18.01
C GLU L 583 43.42 -20.60 16.78
N ILE L 584 43.22 -19.30 16.93
CA ILE L 584 43.25 -18.41 15.78
C ILE L 584 44.33 -17.35 15.90
N ASP L 585 45.25 -17.36 14.93
CA ASP L 585 46.34 -16.39 14.91
C ASP L 585 45.90 -15.02 14.44
N HIS L 586 46.75 -14.03 14.70
CA HIS L 586 46.51 -12.64 14.34
C HIS L 586 46.24 -12.41 12.85
N GLN L 587 46.96 -13.14 12.00
CA GLN L 587 46.77 -13.06 10.54
C GLN L 587 45.42 -13.62 10.10
N GLY L 588 44.66 -14.15 11.06
CA GLY L 588 43.39 -14.78 10.78
C GLY L 588 43.61 -16.14 10.18
N ILE L 589 44.39 -16.94 10.89
CA ILE L 589 44.65 -18.32 10.54
C ILE L 589 44.08 -19.21 11.64
N ARG L 590 43.05 -19.98 11.32
CA ARG L 590 42.47 -20.89 12.29
C ARG L 590 43.19 -22.23 12.21
N SER L 591 43.88 -22.59 13.30
CA SER L 591 44.66 -23.81 13.35
C SER L 591 44.09 -24.78 14.38
N ILE L 592 44.02 -26.05 13.99
CA ILE L 592 43.36 -27.06 14.81
C ILE L 592 44.30 -27.72 15.81
N ILE L 593 43.75 -27.99 16.98
CA ILE L 593 44.44 -28.63 18.08
C ILE L 593 43.38 -29.45 18.83
N ARG L 594 43.79 -30.59 19.37
CA ARG L 594 42.86 -31.52 20.01
C ARG L 594 41.72 -31.81 19.04
N PRO L 595 41.97 -32.67 18.04
CA PRO L 595 41.00 -32.95 16.98
C PRO L 595 39.79 -33.68 17.53
N LYS L 596 38.69 -33.71 16.78
CA LYS L 596 37.50 -34.35 17.31
C LYS L 596 37.72 -35.84 17.42
N ARG L 597 37.47 -36.35 18.61
CA ARG L 597 37.50 -37.79 18.85
C ARG L 597 36.09 -38.22 19.18
N THR L 598 35.51 -39.01 18.29
CA THR L 598 34.14 -39.46 18.46
C THR L 598 34.09 -40.97 18.58
N ALA L 599 33.20 -41.46 19.42
CA ALA L 599 33.07 -42.89 19.62
C ALA L 599 31.65 -43.33 19.30
N LEU L 600 31.51 -44.60 18.94
CA LEU L 600 30.21 -45.16 18.63
C LEU L 600 29.33 -45.20 19.87
N ALA L 601 28.04 -44.98 19.68
CA ALA L 601 27.08 -44.97 20.78
C ALA L 601 25.97 -46.00 20.53
N ARG L 602 25.23 -45.81 19.44
CA ARG L 602 24.14 -46.71 19.11
C ARG L 602 24.21 -47.18 17.67
N ILE L 603 23.82 -48.44 17.44
CA ILE L 603 23.72 -49.00 16.09
C ILE L 603 22.35 -49.63 15.87
N SER L 604 21.75 -49.37 14.72
CA SER L 604 20.46 -49.98 14.43
C SER L 604 20.37 -50.48 12.98
N ILE L 605 20.06 -51.76 12.83
CA ILE L 605 19.89 -52.36 11.52
C ILE L 605 18.61 -53.19 11.42
N ILE L 606 17.88 -52.88 10.35
CA ILE L 606 16.53 -53.39 10.10
C ILE L 606 16.39 -53.99 8.71
N ARG L 607 15.38 -54.84 8.52
CA ARG L 607 15.20 -55.55 7.27
C ARG L 607 14.66 -54.62 6.17
N GLY L 608 15.19 -54.74 4.96
CA GLY L 608 14.67 -53.94 3.87
C GLY L 608 14.03 -54.73 2.75
N GLU L 609 14.07 -56.06 2.85
CA GLU L 609 13.46 -56.90 1.82
C GLU L 609 11.94 -56.93 1.97
N GLU L 610 11.26 -57.16 0.87
CA GLU L 610 9.79 -57.23 0.83
C GLU L 610 9.19 -58.51 1.40
N GLY L 611 7.86 -58.47 1.62
CA GLY L 611 7.12 -59.55 2.24
C GLY L 611 7.02 -59.41 3.75
N GLU L 612 6.92 -60.53 4.46
CA GLU L 612 6.71 -60.48 5.91
C GLU L 612 7.92 -59.93 6.65
N LEU L 613 7.64 -59.33 7.79
CA LEU L 613 8.64 -58.72 8.67
C LEU L 613 9.38 -57.59 7.96
N TYR L 614 8.72 -56.93 7.02
CA TYR L 614 9.31 -55.78 6.35
C TYR L 614 9.50 -54.66 7.37
N GLY L 615 10.65 -53.99 7.32
CA GLY L 615 10.95 -52.89 8.21
C GLY L 615 11.21 -53.21 9.68
N VAL L 616 11.02 -54.46 10.10
CA VAL L 616 11.30 -54.83 11.49
C VAL L 616 12.81 -55.06 11.65
N PRO L 617 13.42 -54.43 12.66
CA PRO L 617 14.87 -54.54 12.84
C PRO L 617 15.35 -55.93 13.24
N PHE L 618 16.41 -56.43 12.61
CA PHE L 618 16.99 -57.66 13.09
C PHE L 618 17.73 -57.36 14.38
N VAL L 619 18.56 -56.31 14.39
CA VAL L 619 19.19 -55.94 15.66
C VAL L 619 19.37 -54.45 15.89
N ASP L 620 19.14 -54.06 17.14
CA ASP L 620 19.38 -52.70 17.62
C ASP L 620 20.17 -52.78 18.92
N ASP L 621 21.40 -52.26 18.89
CA ASP L 621 22.33 -52.45 19.98
C ASP L 621 22.96 -51.15 20.44
N TYR L 622 23.21 -51.06 21.75
CA TYR L 622 23.98 -49.95 22.29
C TYR L 622 25.36 -50.48 22.64
N VAL L 623 26.39 -49.72 22.30
CA VAL L 623 27.75 -50.15 22.53
C VAL L 623 28.39 -49.46 23.72
N VAL L 624 29.04 -50.23 24.58
CA VAL L 624 29.50 -49.68 25.85
C VAL L 624 30.93 -49.14 25.77
N ASN L 625 31.07 -47.82 25.78
CA ASN L 625 32.39 -47.21 25.77
C ASN L 625 32.58 -46.54 27.13
N THR L 626 33.25 -47.24 28.03
CA THR L 626 33.44 -46.78 29.40
C THR L 626 34.33 -45.57 29.70
N ASN L 627 35.37 -45.35 28.90
CA ASN L 627 36.42 -44.38 29.23
C ASN L 627 36.00 -43.00 29.75
N HIS L 628 35.22 -42.25 28.98
CA HIS L 628 34.76 -40.91 29.38
C HIS L 628 34.04 -40.21 28.22
N ILE L 629 33.23 -39.21 28.56
CA ILE L 629 32.54 -38.37 27.58
C ILE L 629 32.59 -36.91 28.01
N GLU L 630 32.78 -36.00 27.04
CA GLU L 630 32.68 -34.57 27.31
C GLU L 630 31.21 -34.18 27.25
N ASP L 631 30.59 -34.43 26.10
CA ASP L 631 29.16 -34.21 25.94
C ASP L 631 28.58 -35.30 25.06
N TYR L 632 27.37 -35.73 25.39
CA TYR L 632 26.77 -36.91 24.77
C TYR L 632 25.98 -36.58 23.50
N LEU L 633 25.87 -35.30 23.20
CA LEU L 633 25.07 -34.83 22.06
C LEU L 633 23.65 -35.38 22.13
N THR L 634 23.07 -35.34 23.33
CA THR L 634 21.75 -35.90 23.60
C THR L 634 20.67 -35.26 22.73
N ARG L 635 20.81 -33.97 22.46
CA ARG L 635 19.83 -33.25 21.66
C ARG L 635 19.80 -33.75 20.21
N TYR L 636 20.96 -33.74 19.57
CA TYR L 636 21.07 -34.15 18.17
C TYR L 636 20.88 -35.64 17.97
N SER L 637 21.19 -36.44 18.98
CA SER L 637 20.84 -37.85 18.99
C SER L 637 20.52 -38.32 20.40
N GLY L 638 19.45 -39.09 20.57
CA GLY L 638 19.11 -39.56 21.89
C GLY L 638 20.13 -40.57 22.42
N ILE L 639 20.74 -40.22 23.54
CA ILE L 639 21.67 -41.08 24.28
C ILE L 639 21.36 -40.82 25.75
N LEU L 640 21.57 -41.81 26.62
CA LEU L 640 20.91 -41.88 27.92
C LEU L 640 21.07 -40.64 28.82
N PRO L 641 22.30 -40.28 29.28
CA PRO L 641 23.65 -40.85 29.36
C PRO L 641 23.76 -41.86 30.50
N GLY L 642 24.96 -42.36 30.78
CA GLY L 642 25.10 -43.48 31.69
C GLY L 642 24.97 -44.76 30.90
N ASP L 643 25.44 -44.68 29.65
CA ASP L 643 25.45 -45.80 28.72
C ASP L 643 26.41 -46.94 29.09
N LEU L 644 27.46 -46.58 29.82
CA LEU L 644 28.52 -47.49 30.25
C LEU L 644 28.06 -48.36 31.44
N ASP L 645 28.65 -49.53 31.61
CA ASP L 645 28.72 -50.12 32.96
C ASP L 645 27.37 -50.72 33.44
N PRO L 646 27.35 -51.43 34.59
CA PRO L 646 26.17 -52.20 34.97
C PRO L 646 24.82 -51.48 35.07
N GLU L 647 24.78 -50.19 35.36
CA GLU L 647 23.48 -49.52 35.52
C GLU L 647 22.92 -48.88 34.25
N LYS L 648 23.42 -49.31 33.10
CA LYS L 648 22.82 -48.82 31.88
C LYS L 648 21.73 -49.82 31.51
N SER L 649 20.47 -49.38 31.54
CA SER L 649 19.38 -50.28 31.22
C SER L 649 19.09 -50.22 29.73
N THR L 650 19.62 -51.21 29.04
CA THR L 650 19.50 -51.36 27.60
C THR L 650 20.34 -52.60 27.31
N LYS L 651 20.21 -53.20 26.14
CA LYS L 651 21.15 -54.25 25.81
C LYS L 651 22.43 -53.53 25.46
N ARG L 652 23.46 -53.75 26.26
CA ARG L 652 24.77 -53.15 26.02
C ARG L 652 25.73 -54.24 25.62
N LEU L 653 26.31 -54.09 24.44
CA LEU L 653 27.24 -55.08 23.94
C LEU L 653 28.59 -54.42 23.79
N VAL L 654 29.62 -55.03 24.38
CA VAL L 654 30.97 -54.52 24.19
C VAL L 654 31.31 -54.66 22.72
N ARG L 655 31.79 -53.55 22.14
CA ARG L 655 31.98 -53.47 20.70
C ARG L 655 32.91 -54.55 20.20
N ARG L 656 33.82 -54.98 21.09
CA ARG L 656 35.17 -55.37 20.72
C ARG L 656 35.16 -56.04 19.37
N ASN L 657 34.61 -57.23 19.24
CA ASN L 657 34.44 -57.71 17.88
C ASN L 657 33.00 -57.66 17.36
N VAL L 658 32.01 -57.45 18.23
CA VAL L 658 30.62 -57.86 17.91
C VAL L 658 29.76 -57.02 16.92
N VAL L 659 29.53 -55.75 17.20
CA VAL L 659 28.67 -54.92 16.36
C VAL L 659 29.34 -54.75 15.02
N TYR L 660 30.62 -54.47 15.10
CA TYR L 660 31.46 -54.26 13.95
C TYR L 660 31.40 -55.58 13.15
N ARG L 661 31.35 -56.70 13.87
CA ARG L 661 31.27 -58.01 13.21
C ARG L 661 29.96 -58.17 12.47
N LYS L 662 28.87 -57.64 13.04
CA LYS L 662 27.57 -57.74 12.40
C LYS L 662 27.59 -56.97 11.09
N VAL L 663 28.01 -55.71 11.16
CA VAL L 663 28.07 -54.88 9.96
C VAL L 663 29.05 -55.49 8.95
N TRP L 664 30.16 -56.03 9.45
CA TRP L 664 31.21 -56.58 8.60
C TRP L 664 30.74 -57.83 7.86
N LEU L 665 30.08 -58.74 8.57
CA LEU L 665 29.53 -59.94 7.96
C LEU L 665 28.48 -59.54 6.94
N LEU L 666 27.74 -58.48 7.27
CA LEU L 666 26.75 -57.96 6.33
C LEU L 666 27.41 -57.53 5.01
N MET L 667 28.37 -56.63 5.09
CA MET L 667 29.01 -56.11 3.89
C MET L 667 29.81 -57.19 3.15
N GLN L 668 30.34 -58.15 3.91
CA GLN L 668 31.08 -59.27 3.34
C GLN L 668 30.15 -60.15 2.53
N LEU L 669 28.94 -60.37 3.07
CA LEU L 669 27.93 -61.14 2.35
C LEU L 669 27.49 -60.40 1.10
N GLY L 670 27.66 -59.09 1.11
CA GLY L 670 27.40 -58.25 -0.04
C GLY L 670 25.98 -57.70 -0.09
N CYS L 671 25.29 -57.71 1.04
CA CYS L 671 23.94 -57.16 1.12
C CYS L 671 23.96 -55.64 1.14
N VAL L 672 23.11 -55.03 0.33
CA VAL L 672 23.08 -53.59 0.19
C VAL L 672 22.56 -52.88 1.45
N PHE L 673 23.07 -51.67 1.68
CA PHE L 673 22.71 -50.87 2.84
C PHE L 673 21.88 -49.66 2.41
N VAL L 674 20.88 -49.30 3.20
CA VAL L 674 20.13 -48.08 2.95
C VAL L 674 20.11 -47.18 4.19
N GLY L 675 20.32 -45.89 3.98
CA GLY L 675 20.24 -44.95 5.08
C GLY L 675 20.55 -43.52 4.68
N HIS L 676 20.21 -42.58 5.54
CA HIS L 676 20.51 -41.17 5.30
C HIS L 676 21.91 -40.85 5.76
N GLY L 677 22.77 -40.40 4.85
CA GLY L 677 24.09 -39.92 5.23
C GLY L 677 24.93 -41.06 5.77
N LEU L 678 25.18 -42.06 4.93
CA LEU L 678 25.87 -43.27 5.35
C LEU L 678 27.36 -43.07 5.53
N ASN L 679 27.94 -42.22 4.68
CA ASN L 679 29.39 -42.06 4.63
C ASN L 679 30.00 -41.68 5.98
N ASN L 680 29.44 -40.67 6.63
CA ASN L 680 29.93 -40.25 7.93
C ASN L 680 29.84 -41.37 8.96
N ASP L 681 28.69 -42.04 8.98
CA ASP L 681 28.45 -43.10 9.95
C ASP L 681 29.45 -44.23 9.78
N PHE L 682 29.54 -44.78 8.57
CA PHE L 682 30.50 -45.83 8.26
C PHE L 682 31.92 -45.38 8.58
N LYS L 683 32.20 -44.11 8.32
CA LYS L 683 33.51 -43.55 8.62
C LYS L 683 33.80 -43.60 10.11
N HIS L 684 32.76 -43.39 10.92
CA HIS L 684 32.93 -43.38 12.37
C HIS L 684 32.85 -44.78 12.96
N ILE L 685 32.34 -45.72 12.18
CA ILE L 685 32.36 -47.13 12.55
C ILE L 685 33.77 -47.64 12.20
N ASN L 686 34.49 -46.83 11.45
CA ASN L 686 35.83 -47.15 10.98
C ASN L 686 35.79 -48.32 10.03
N ILE L 687 34.81 -48.32 9.13
CA ILE L 687 34.76 -49.31 8.07
C ILE L 687 34.38 -48.66 6.74
N ASN L 688 34.88 -49.22 5.64
CA ASN L 688 34.50 -48.72 4.33
C ASN L 688 33.80 -49.80 3.52
N VAL L 689 32.82 -49.38 2.73
CA VAL L 689 32.01 -50.30 1.93
C VAL L 689 32.00 -49.77 0.50
N PRO L 690 31.98 -50.67 -0.49
CA PRO L 690 31.98 -50.14 -1.86
C PRO L 690 30.73 -49.32 -2.16
N ARG L 691 30.85 -48.42 -3.14
CA ARG L 691 29.75 -47.54 -3.52
C ARG L 691 28.59 -48.35 -4.07
N ASN L 692 28.90 -49.55 -4.54
CA ASN L 692 27.91 -50.48 -5.03
C ASN L 692 26.86 -50.82 -3.98
N GLN L 693 27.32 -50.98 -2.74
CA GLN L 693 26.46 -51.31 -1.61
C GLN L 693 25.76 -50.13 -0.94
N ILE L 694 26.26 -48.92 -1.18
CA ILE L 694 25.92 -47.78 -0.34
C ILE L 694 24.44 -47.40 -0.37
N ARG L 695 23.89 -47.24 -1.57
CA ARG L 695 22.49 -46.82 -1.77
C ARG L 695 22.01 -45.72 -0.82
N ASP L 696 22.77 -44.64 -0.71
CA ASP L 696 22.44 -43.61 0.27
C ASP L 696 21.27 -42.77 -0.25
N THR L 697 20.46 -42.26 0.67
CA THR L 697 19.35 -41.38 0.31
C THR L 697 19.86 -39.99 -0.04
N ALA L 698 20.74 -39.48 0.81
CA ALA L 698 21.21 -38.09 0.72
C ALA L 698 21.95 -37.78 -0.58
N ILE L 699 22.34 -38.82 -1.32
CA ILE L 699 23.10 -38.64 -2.55
C ILE L 699 22.18 -38.39 -3.73
N TYR L 700 21.01 -39.04 -3.72
CA TYR L 700 20.02 -38.91 -4.78
C TYR L 700 19.40 -37.51 -4.88
N PHE L 701 19.09 -36.94 -3.72
CA PHE L 701 18.36 -35.68 -3.67
C PHE L 701 19.20 -34.44 -3.35
N LEU L 702 20.50 -34.61 -3.17
CA LEU L 702 21.38 -33.48 -2.84
C LEU L 702 21.27 -32.33 -3.83
N GLN L 703 21.31 -31.10 -3.31
CA GLN L 703 21.44 -29.90 -4.13
C GLN L 703 22.89 -29.64 -4.48
N GLY L 704 23.79 -30.14 -3.64
CA GLY L 704 25.20 -29.89 -3.82
C GLY L 704 25.63 -28.78 -2.88
N LYS L 705 24.65 -27.98 -2.46
CA LYS L 705 24.88 -26.90 -1.51
C LYS L 705 23.91 -27.05 -0.35
N ARG L 706 24.18 -26.34 0.74
CA ARG L 706 23.45 -26.50 2.00
C ARG L 706 23.38 -27.96 2.39
N TYR L 707 22.17 -28.45 2.62
CA TYR L 707 21.99 -29.84 3.00
C TYR L 707 20.54 -30.24 2.80
N LEU L 708 20.27 -31.52 3.05
CA LEU L 708 18.91 -32.03 3.07
C LEU L 708 18.79 -32.86 4.34
N SER L 709 17.66 -32.70 5.02
CA SER L 709 17.47 -33.38 6.28
C SER L 709 16.42 -34.47 6.21
N LEU L 710 16.52 -35.40 7.14
CA LEU L 710 15.61 -36.53 7.18
C LEU L 710 14.24 -35.98 7.51
N ARG L 711 14.17 -35.18 8.56
CA ARG L 711 12.92 -34.58 9.01
C ARG L 711 12.32 -33.64 7.96
N TYR L 712 13.19 -32.98 7.20
CA TYR L 712 12.76 -32.07 6.14
C TYR L 712 12.01 -32.82 5.03
N LEU L 713 12.67 -33.84 4.49
CA LEU L 713 12.09 -34.65 3.41
C LEU L 713 10.89 -35.42 3.92
N ALA L 714 10.95 -35.84 5.19
CA ALA L 714 9.85 -36.53 5.83
C ALA L 714 8.65 -35.61 5.85
N TYR L 715 8.87 -34.39 6.31
CA TYR L 715 7.83 -33.38 6.36
C TYR L 715 7.25 -33.16 4.97
N VAL L 716 8.10 -33.25 3.95
CA VAL L 716 7.58 -33.12 2.60
C VAL L 716 6.70 -34.34 2.22
N LEU L 717 7.11 -35.55 2.59
CA LEU L 717 6.23 -36.69 2.34
C LEU L 717 5.68 -37.32 3.64
N LEU L 718 4.46 -36.94 4.00
CA LEU L 718 3.70 -37.56 5.09
C LEU L 718 4.40 -37.60 6.45
N GLY L 719 5.40 -36.76 6.65
CA GLY L 719 6.09 -36.75 7.93
C GLY L 719 5.83 -35.71 9.00
N MET L 720 6.02 -36.14 10.25
CA MET L 720 6.75 -35.36 11.22
C MET L 720 7.70 -36.39 11.81
N ASN L 721 8.98 -36.30 11.48
CA ASN L 721 9.88 -37.42 11.77
C ASN L 721 10.33 -37.42 13.22
N ILE L 722 10.81 -36.26 13.66
CA ILE L 722 11.23 -36.08 15.04
C ILE L 722 10.44 -34.94 15.67
N GLN L 723 9.60 -35.27 16.64
CA GLN L 723 8.82 -34.27 17.35
C GLN L 723 9.78 -33.32 18.04
N GLU L 724 10.63 -33.87 18.90
CA GLU L 724 11.73 -33.14 19.54
C GLU L 724 12.55 -34.07 20.43
N GLY L 725 13.77 -33.65 20.71
CA GLY L 725 14.61 -34.25 21.74
C GLY L 725 15.13 -35.64 21.46
N ASN L 726 14.61 -36.29 20.41
CA ASN L 726 15.08 -37.61 20.04
C ASN L 726 15.23 -37.76 18.52
N HIS L 727 16.47 -38.00 18.13
CA HIS L 727 16.86 -38.27 16.76
C HIS L 727 17.03 -39.76 16.57
N ASP L 728 16.40 -40.53 17.46
CA ASP L 728 16.60 -41.97 17.57
C ASP L 728 16.60 -42.63 16.19
N SER L 729 17.45 -43.65 16.07
CA SER L 729 17.91 -44.14 14.77
C SER L 729 16.90 -44.95 13.97
N ILE L 730 16.19 -45.85 14.63
CA ILE L 730 15.26 -46.75 13.96
C ILE L 730 14.28 -45.96 13.08
N GLU L 731 13.81 -44.83 13.61
CA GLU L 731 12.95 -43.93 12.85
C GLU L 731 13.62 -43.47 11.56
N ASP L 732 14.87 -43.00 11.68
CA ASP L 732 15.65 -42.52 10.55
C ASP L 732 15.87 -43.62 9.50
N ALA L 733 16.18 -44.81 9.97
CA ALA L 733 16.41 -45.97 9.11
C ALA L 733 15.14 -46.30 8.32
N HIS L 734 14.01 -46.35 9.03
CA HIS L 734 12.74 -46.63 8.41
C HIS L 734 12.40 -45.60 7.34
N THR L 735 12.42 -44.33 7.73
CA THR L 735 12.15 -43.24 6.81
C THR L 735 13.07 -43.31 5.60
N ALA L 736 14.32 -43.69 5.84
CA ALA L 736 15.29 -43.86 4.77
C ALA L 736 14.85 -44.94 3.80
N LEU L 737 14.40 -46.08 4.34
CA LEU L 737 13.94 -47.19 3.52
C LEU L 737 12.75 -46.78 2.65
N ILE L 738 11.76 -46.15 3.27
CA ILE L 738 10.56 -45.70 2.56
C ILE L 738 10.94 -44.70 1.47
N LEU L 739 11.81 -43.76 1.81
CA LEU L 739 12.30 -42.77 0.84
C LEU L 739 13.00 -43.46 -0.33
N TYR L 740 13.73 -44.54 -0.04
CA TYR L 740 14.38 -45.31 -1.09
C TYR L 740 13.35 -45.94 -2.03
N LYS L 741 12.28 -46.50 -1.45
CA LYS L 741 11.21 -47.07 -2.25
C LYS L 741 10.60 -45.99 -3.15
N LYS L 742 10.47 -44.80 -2.58
CA LYS L 742 9.96 -43.65 -3.32
C LYS L 742 10.89 -43.33 -4.48
N TYR L 743 12.19 -43.35 -4.22
CA TYR L 743 13.18 -43.08 -5.25
C TYR L 743 13.10 -44.10 -6.37
N LEU L 744 12.77 -45.34 -6.01
CA LEU L 744 12.63 -46.41 -7.00
C LEU L 744 11.41 -46.17 -7.90
N HIS L 745 10.25 -45.98 -7.28
CA HIS L 745 9.02 -45.79 -8.05
C HIS L 745 9.07 -44.51 -8.88
N LEU L 746 9.80 -43.53 -8.36
CA LEU L 746 9.98 -42.27 -9.06
C LEU L 746 10.97 -42.48 -10.20
N LYS L 747 11.92 -43.40 -10.02
CA LYS L 747 12.82 -43.76 -11.09
C LYS L 747 12.00 -44.35 -12.23
N GLU L 748 11.00 -45.15 -11.85
CA GLU L 748 10.07 -45.71 -12.83
C GLU L 748 9.30 -44.62 -13.56
N LYS L 749 8.72 -43.69 -12.81
CA LYS L 749 7.87 -42.65 -13.40
C LYS L 749 8.64 -41.38 -13.80
N ALA L 750 9.94 -41.36 -13.49
CA ALA L 750 10.83 -40.23 -13.75
C ALA L 750 10.33 -38.90 -13.17
N ILE L 751 10.55 -37.83 -13.94
CA ILE L 751 10.01 -36.49 -13.65
C ILE L 751 10.25 -36.03 -12.21
N PHE L 752 11.44 -36.29 -11.67
CA PHE L 752 11.74 -35.92 -10.29
C PHE L 752 11.67 -34.40 -10.07
N GLU L 753 10.97 -34.00 -9.02
CA GLU L 753 10.67 -32.60 -8.77
C GLU L 753 11.38 -32.08 -7.52
N LYS L 754 11.94 -30.87 -7.62
CA LYS L 754 12.60 -30.22 -6.49
C LYS L 754 11.56 -29.58 -5.58
N VAL L 755 10.32 -29.50 -6.08
CA VAL L 755 9.17 -28.98 -5.34
C VAL L 755 9.42 -27.56 -4.77
N LEU L 756 10.16 -26.75 -5.52
CA LEU L 756 10.41 -25.35 -5.16
C LEU L 756 10.93 -25.24 -3.72
N ASN L 757 12.03 -25.92 -3.45
CA ASN L 757 12.62 -25.94 -2.11
C ASN L 757 12.87 -24.52 -1.60
N SER L 758 13.43 -23.69 -2.47
CA SER L 758 13.66 -22.28 -2.16
C SER L 758 13.90 -21.50 -3.44
#